data_1XCK
#
_entry.id   1XCK
#
_cell.length_a   262.800
_cell.length_b   283.600
_cell.length_c   135.720
_cell.angle_alpha   90.00
_cell.angle_beta   90.00
_cell.angle_gamma   90.00
#
_symmetry.space_group_name_H-M   'P 21 21 21'
#
loop_
_entity.id
_entity.type
_entity.pdbx_description
1 polymer '60 kDa chaperonin'
2 non-polymer 'SULFATE ION'
3 non-polymer 'POTASSIUM ION'
4 non-polymer (4S)-2-METHYL-2,4-PENTANEDIOL
5 non-polymer DI(HYDROXYETHYL)ETHER
6 water water
#
_entity_poly.entity_id   1
_entity_poly.type   'polypeptide(L)'
_entity_poly.pdbx_seq_one_letter_code
;AAKDVKFGNDARVKMLRGVNVLADAVKVTLGPKGRNVVLDKSFGAPTITKDGVSVAREIELEDKFENMGAQMVKEVASKA
NDAAGDGTTTATVLAQAIITEGLKAVAAGMNPMDLKRGIDKAVTAAVEELKALSVPCSDSKAIAQVGTISANSDETVGKL
IAEAMDKVGKEGVITVEDGTGLQDELDVVEGMQFDRGYLSPYFINKPETGAVELESPFILLADKKISNIREMLPVLEAVA
KAGKPLLIIAEDVEGEALATLVVNTMRGIVKVAAVKAPGFGDRRKAMLQDIATLTGGTVISEEIGMELEKATLEDLGQAK
RVVINKDTTTIIDGVGEEAAIQGRVAQIRQQIEEATSDYDREKLQERVAKLAGGVAVIKVGAATEVEMKEKKARVEDALH
ATRAAVEEGVVAGGGVALIRVASKLADLRGQNEDQNVGIKVALRAMEAPLRQIVLNCGEEPSVVANTVKGGDGNYGYNAA
TEEYGNMIDMGILDPTKVTRSALQYAASVAGLMITTECMVTDLPKNDAADLGAAGGMGGMGGMGGMM
;
_entity_poly.pdbx_strand_id   A,B,C,D,E,F,G,H,I,J,K,L,M,N
#
loop_
_chem_comp.id
_chem_comp.type
_chem_comp.name
_chem_comp.formula
K non-polymer 'POTASSIUM ION' 'K 1'
MPD non-polymer (4S)-2-METHYL-2,4-PENTANEDIOL 'C6 H14 O2'
PEG non-polymer DI(HYDROXYETHYL)ETHER 'C4 H10 O3'
SO4 non-polymer 'SULFATE ION' 'O4 S -2'
#
# COMPACT_ATOMS: atom_id res chain seq x y z
N ALA A 1 16.27 32.56 5.87
CA ALA A 1 15.82 31.14 5.77
C ALA A 1 15.16 30.94 4.43
N ALA A 2 15.11 29.70 3.95
CA ALA A 2 14.47 29.44 2.68
C ALA A 2 13.06 29.99 2.78
N LYS A 3 12.64 30.71 1.74
CA LYS A 3 11.32 31.31 1.71
C LYS A 3 10.41 30.58 0.78
N ASP A 4 9.11 30.90 0.86
CA ASP A 4 8.11 30.33 -0.01
C ASP A 4 7.58 31.58 -0.73
N VAL A 5 7.73 31.63 -2.05
CA VAL A 5 7.28 32.80 -2.77
C VAL A 5 6.11 32.51 -3.71
N LYS A 6 5.06 33.32 -3.63
CA LYS A 6 3.92 33.13 -4.49
C LYS A 6 3.66 34.38 -5.31
N PHE A 7 3.17 34.16 -6.53
CA PHE A 7 2.92 35.27 -7.43
C PHE A 7 1.48 35.38 -7.90
N GLY A 8 1.20 36.53 -8.49
CA GLY A 8 -0.10 36.84 -9.03
C GLY A 8 -1.29 36.18 -8.36
N ASN A 9 -2.16 35.65 -9.21
CA ASN A 9 -3.37 35.02 -8.76
C ASN A 9 -3.25 34.00 -7.64
N ASP A 10 -2.23 33.16 -7.72
CA ASP A 10 -2.03 32.16 -6.68
C ASP A 10 -1.88 32.82 -5.31
N ALA A 11 -1.17 33.95 -5.28
CA ALA A 11 -0.96 34.68 -4.04
C ALA A 11 -2.25 35.32 -3.60
N ARG A 12 -2.92 35.99 -4.51
CA ARG A 12 -4.17 36.66 -4.18
C ARG A 12 -5.29 35.79 -3.62
N VAL A 13 -5.48 34.59 -4.15
CA VAL A 13 -6.53 33.75 -3.60
C VAL A 13 -6.20 33.41 -2.15
N LYS A 14 -4.91 33.17 -1.87
CA LYS A 14 -4.49 32.86 -0.50
C LYS A 14 -4.84 34.01 0.43
N MET A 15 -4.54 35.24 0.00
CA MET A 15 -4.85 36.37 0.84
C MET A 15 -6.35 36.46 1.09
N LEU A 16 -7.12 36.44 0.01
CA LEU A 16 -8.56 36.54 0.11
C LEU A 16 -9.09 35.49 1.08
N ARG A 17 -8.68 34.25 0.84
CA ARG A 17 -9.07 33.12 1.67
C ARG A 17 -8.85 33.45 3.14
N GLY A 18 -7.70 34.09 3.42
CA GLY A 18 -7.35 34.47 4.78
C GLY A 18 -8.21 35.58 5.34
N VAL A 19 -8.48 36.61 4.55
CA VAL A 19 -9.31 37.68 5.09
C VAL A 19 -10.75 37.20 5.23
N ASN A 20 -11.13 36.17 4.46
CA ASN A 20 -12.49 35.66 4.57
C ASN A 20 -12.71 34.97 5.93
N VAL A 21 -11.70 34.28 6.44
CA VAL A 21 -11.84 33.64 7.73
C VAL A 21 -12.02 34.76 8.74
N LEU A 22 -11.13 35.74 8.70
CA LEU A 22 -11.20 36.87 9.63
C LEU A 22 -12.55 37.60 9.55
N ALA A 23 -12.93 38.01 8.35
CA ALA A 23 -14.19 38.71 8.16
C ALA A 23 -15.40 37.88 8.56
N ASP A 24 -15.46 36.62 8.14
CA ASP A 24 -16.59 35.78 8.47
C ASP A 24 -16.76 35.56 9.97
N ALA A 25 -15.64 35.44 10.68
CA ALA A 25 -15.71 35.23 12.11
C ALA A 25 -16.18 36.48 12.80
N VAL A 26 -15.72 37.61 12.33
CA VAL A 26 -16.05 38.89 12.94
C VAL A 26 -17.42 39.46 12.60
N LYS A 27 -17.83 39.39 11.33
CA LYS A 27 -19.09 39.97 10.89
C LYS A 27 -20.38 39.37 11.44
N VAL A 28 -20.32 38.15 11.97
CA VAL A 28 -21.50 37.53 12.54
C VAL A 28 -21.97 38.33 13.76
N THR A 29 -21.03 39.02 14.40
CA THR A 29 -21.37 39.82 15.58
C THR A 29 -21.99 41.16 15.21
N LEU A 30 -21.66 41.67 14.04
CA LEU A 30 -22.17 42.96 13.59
C LEU A 30 -23.69 43.12 13.73
N GLY A 31 -24.14 44.29 14.17
CA GLY A 31 -25.58 44.51 14.33
C GLY A 31 -26.14 44.21 15.70
N PRO A 32 -27.40 44.60 15.99
CA PRO A 32 -28.03 44.36 17.28
C PRO A 32 -28.48 42.91 17.45
N LYS A 33 -28.63 42.20 16.33
CA LYS A 33 -29.02 40.81 16.41
C LYS A 33 -27.77 39.97 16.15
N GLY A 34 -26.62 40.55 16.47
CA GLY A 34 -25.35 39.86 16.27
C GLY A 34 -25.29 38.57 17.05
N ARG A 35 -24.55 37.60 16.52
CA ARG A 35 -24.39 36.30 17.14
C ARG A 35 -23.19 36.24 18.08
N ASN A 36 -23.08 35.13 18.80
CA ASN A 36 -21.99 34.92 19.75
C ASN A 36 -20.87 34.15 19.10
N VAL A 37 -19.64 34.48 19.46
CA VAL A 37 -18.48 33.77 18.96
C VAL A 37 -17.83 33.18 20.22
N VAL A 38 -17.52 31.89 20.17
CA VAL A 38 -16.90 31.27 21.33
C VAL A 38 -15.39 31.19 21.13
N LEU A 39 -14.67 31.84 22.03
CA LEU A 39 -13.22 31.87 21.99
C LEU A 39 -12.66 30.98 23.07
N ASP A 40 -11.96 29.93 22.66
CA ASP A 40 -11.37 28.98 23.58
C ASP A 40 -10.12 29.48 24.29
N LYS A 41 -10.04 29.18 25.58
CA LYS A 41 -8.90 29.55 26.41
C LYS A 41 -8.35 28.23 26.90
N SER A 42 -7.02 28.06 26.84
CA SER A 42 -6.42 26.81 27.30
C SER A 42 -6.88 26.46 28.72
N PHE A 43 -7.11 27.49 29.54
CA PHE A 43 -7.53 27.30 30.92
C PHE A 43 -9.00 27.60 31.21
N GLY A 44 -9.71 26.60 31.71
CA GLY A 44 -11.11 26.79 32.07
C GLY A 44 -12.15 26.71 30.98
N ALA A 45 -13.21 27.49 31.15
CA ALA A 45 -14.32 27.53 30.20
C ALA A 45 -14.07 28.53 29.10
N PRO A 46 -14.65 28.30 27.91
CA PRO A 46 -14.48 29.22 26.79
C PRO A 46 -15.10 30.56 27.10
N THR A 47 -14.76 31.54 26.28
CA THR A 47 -15.29 32.89 26.42
C THR A 47 -16.35 33.06 25.35
N ILE A 48 -17.53 33.52 25.74
CA ILE A 48 -18.56 33.74 24.74
C ILE A 48 -18.61 35.24 24.59
N THR A 49 -18.55 35.73 23.35
CA THR A 49 -18.54 37.16 23.12
C THR A 49 -19.22 37.60 21.83
N LYS A 50 -19.60 38.87 21.78
CA LYS A 50 -20.23 39.46 20.60
C LYS A 50 -19.40 40.67 20.20
N ASP A 51 -18.18 40.72 20.75
CA ASP A 51 -17.26 41.81 20.48
C ASP A 51 -16.31 41.46 19.34
N GLY A 52 -16.54 42.10 18.21
CA GLY A 52 -15.70 41.86 17.05
C GLY A 52 -14.23 42.06 17.31
N VAL A 53 -13.87 43.02 18.16
CA VAL A 53 -12.47 43.26 18.44
C VAL A 53 -11.83 42.08 19.17
N SER A 54 -12.56 41.49 20.11
CA SER A 54 -12.04 40.33 20.84
C SER A 54 -11.81 39.17 19.88
N VAL A 55 -12.81 38.91 19.05
CA VAL A 55 -12.72 37.83 18.09
C VAL A 55 -11.55 38.05 17.14
N ALA A 56 -11.42 39.25 16.59
CA ALA A 56 -10.34 39.52 15.67
C ALA A 56 -8.98 39.26 16.29
N ARG A 57 -8.82 39.66 17.55
CA ARG A 57 -7.55 39.47 18.25
C ARG A 57 -7.09 38.03 18.18
N GLU A 58 -8.03 37.11 18.33
CA GLU A 58 -7.75 35.68 18.34
C GLU A 58 -7.47 35.02 17.01
N ILE A 59 -7.76 35.71 15.90
CA ILE A 59 -7.56 35.10 14.60
C ILE A 59 -6.15 35.07 14.05
N GLU A 60 -5.66 33.85 13.85
CA GLU A 60 -4.33 33.58 13.28
C GLU A 60 -4.50 32.28 12.53
N LEU A 61 -4.12 32.26 11.26
CA LEU A 61 -4.27 31.08 10.42
C LEU A 61 -2.99 30.28 10.24
N GLU A 62 -3.13 28.96 10.08
CA GLU A 62 -1.97 28.10 9.92
C GLU A 62 -1.25 28.28 8.59
N ASP A 63 -1.98 28.43 7.49
CA ASP A 63 -1.34 28.65 6.20
C ASP A 63 -0.67 30.02 6.25
N LYS A 64 0.63 30.06 6.00
CA LYS A 64 1.37 31.32 6.08
C LYS A 64 0.81 32.44 5.21
N PHE A 65 0.45 32.13 3.97
CA PHE A 65 -0.07 33.13 3.07
C PHE A 65 -1.46 33.61 3.50
N GLU A 66 -2.37 32.68 3.77
CA GLU A 66 -3.69 33.04 4.21
C GLU A 66 -3.56 33.90 5.46
N ASN A 67 -2.63 33.56 6.33
CA ASN A 67 -2.44 34.32 7.54
C ASN A 67 -1.99 35.75 7.28
N MET A 68 -1.17 35.95 6.26
CA MET A 68 -0.70 37.29 5.94
C MET A 68 -1.90 38.15 5.56
N GLY A 69 -2.85 37.54 4.85
CA GLY A 69 -4.03 38.28 4.44
C GLY A 69 -4.85 38.71 5.64
N ALA A 70 -5.07 37.79 6.57
CA ALA A 70 -5.83 38.11 7.76
C ALA A 70 -5.10 39.16 8.59
N GLN A 71 -3.81 38.98 8.81
CA GLN A 71 -3.06 39.94 9.61
C GLN A 71 -3.06 41.32 9.00
N MET A 72 -3.06 41.40 7.68
CA MET A 72 -3.06 42.69 7.01
C MET A 72 -4.31 43.54 7.28
N VAL A 73 -5.51 43.00 7.06
CA VAL A 73 -6.69 43.82 7.28
C VAL A 73 -6.88 43.96 8.79
N LYS A 74 -6.47 42.94 9.53
CA LYS A 74 -6.58 42.95 10.99
C LYS A 74 -5.85 44.18 11.56
N GLU A 75 -4.65 44.44 11.06
CA GLU A 75 -3.83 45.55 11.53
C GLU A 75 -4.42 46.91 11.18
N VAL A 76 -4.88 47.06 9.95
CA VAL A 76 -5.44 48.33 9.51
C VAL A 76 -6.79 48.57 10.16
N ALA A 77 -7.63 47.54 10.24
CA ALA A 77 -8.93 47.72 10.87
C ALA A 77 -8.78 48.15 12.33
N SER A 78 -7.73 47.66 12.99
CA SER A 78 -7.53 47.98 14.39
C SER A 78 -7.32 49.47 14.55
N LYS A 79 -6.71 50.10 13.55
CA LYS A 79 -6.45 51.53 13.61
C LYS A 79 -7.73 52.34 13.66
N ALA A 80 -8.79 51.86 13.02
CA ALA A 80 -10.06 52.56 13.04
C ALA A 80 -10.53 52.68 14.49
N ASN A 81 -10.43 51.58 15.23
CA ASN A 81 -10.84 51.58 16.62
C ASN A 81 -9.98 52.54 17.44
N ASP A 82 -8.67 52.51 17.19
CA ASP A 82 -7.74 53.39 17.91
C ASP A 82 -8.11 54.85 17.66
N ALA A 83 -8.38 55.17 16.40
CA ALA A 83 -8.72 56.53 16.01
C ALA A 83 -10.06 57.09 16.53
N ALA A 84 -11.14 56.31 16.45
CA ALA A 84 -12.43 56.80 16.89
C ALA A 84 -13.13 56.00 17.99
N GLY A 85 -12.45 54.98 18.50
CA GLY A 85 -13.04 54.18 19.56
C GLY A 85 -14.06 53.17 19.08
N ASP A 86 -14.14 52.95 17.77
CA ASP A 86 -15.09 52.00 17.22
C ASP A 86 -14.90 51.87 15.71
N GLY A 87 -15.58 50.90 15.11
CA GLY A 87 -15.48 50.71 13.67
C GLY A 87 -14.58 49.61 13.16
N THR A 88 -13.89 48.90 14.04
CA THR A 88 -13.02 47.82 13.59
C THR A 88 -13.75 46.75 12.79
N THR A 89 -14.83 46.21 13.36
CA THR A 89 -15.59 45.20 12.67
C THR A 89 -16.08 45.74 11.32
N THR A 90 -16.61 46.95 11.33
CA THR A 90 -17.12 47.57 10.11
C THR A 90 -16.04 47.63 9.04
N ALA A 91 -14.90 48.21 9.40
CA ALA A 91 -13.77 48.33 8.51
C ALA A 91 -13.42 46.96 7.93
N THR A 92 -13.49 45.93 8.77
CA THR A 92 -13.20 44.57 8.32
C THR A 92 -14.21 44.09 7.30
N VAL A 93 -15.52 44.19 7.57
CA VAL A 93 -16.48 43.71 6.56
C VAL A 93 -16.41 44.57 5.28
N LEU A 94 -16.08 45.85 5.43
CA LEU A 94 -15.94 46.71 4.26
C LEU A 94 -14.75 46.21 3.46
N ALA A 95 -13.64 45.97 4.14
CA ALA A 95 -12.44 45.50 3.49
C ALA A 95 -12.70 44.19 2.74
N GLN A 96 -13.47 43.30 3.34
CA GLN A 96 -13.77 42.03 2.69
C GLN A 96 -14.51 42.29 1.40
N ALA A 97 -15.52 43.15 1.49
CA ALA A 97 -16.35 43.50 0.34
C ALA A 97 -15.50 44.09 -0.78
N ILE A 98 -14.67 45.08 -0.46
CA ILE A 98 -13.85 45.72 -1.47
C ILE A 98 -12.87 44.72 -2.08
N ILE A 99 -12.17 43.97 -1.24
CA ILE A 99 -11.18 43.00 -1.73
C ILE A 99 -11.77 41.92 -2.62
N THR A 100 -12.93 41.41 -2.24
CA THR A 100 -13.57 40.36 -3.02
C THR A 100 -13.88 40.79 -4.43
N GLU A 101 -14.63 41.88 -4.59
CA GLU A 101 -14.98 42.36 -5.92
C GLU A 101 -13.76 42.88 -6.66
N GLY A 102 -12.90 43.57 -5.93
CA GLY A 102 -11.70 44.09 -6.55
C GLY A 102 -10.91 42.98 -7.21
N LEU A 103 -10.73 41.85 -6.51
CA LEU A 103 -9.96 40.73 -7.07
C LEU A 103 -10.67 40.13 -8.28
N LYS A 104 -12.00 40.04 -8.24
CA LYS A 104 -12.73 39.49 -9.37
C LYS A 104 -12.39 40.33 -10.58
N ALA A 105 -12.43 41.65 -10.41
CA ALA A 105 -12.15 42.57 -11.51
C ALA A 105 -10.74 42.31 -12.02
N VAL A 106 -9.80 42.10 -11.10
CA VAL A 106 -8.41 41.86 -11.48
C VAL A 106 -8.29 40.59 -12.32
N ALA A 107 -9.02 39.56 -11.91
CA ALA A 107 -9.01 38.27 -12.59
C ALA A 107 -9.61 38.39 -13.99
N ALA A 108 -10.59 39.27 -14.11
CA ALA A 108 -11.25 39.49 -15.39
C ALA A 108 -10.28 40.22 -16.33
N GLY A 109 -9.15 40.66 -15.79
CA GLY A 109 -8.15 41.35 -16.59
C GLY A 109 -8.07 42.86 -16.47
N MET A 110 -8.82 43.45 -15.54
CA MET A 110 -8.77 44.90 -15.40
C MET A 110 -7.51 45.30 -14.65
N ASN A 111 -7.02 46.52 -14.90
CA ASN A 111 -5.79 46.96 -14.25
C ASN A 111 -5.92 47.28 -12.76
N PRO A 112 -5.11 46.60 -11.93
CA PRO A 112 -5.12 46.80 -10.48
C PRO A 112 -4.93 48.25 -10.06
N MET A 113 -3.94 48.93 -10.64
CA MET A 113 -3.69 50.32 -10.27
C MET A 113 -4.88 51.20 -10.57
N ASP A 114 -5.58 50.94 -11.68
CA ASP A 114 -6.75 51.76 -12.01
C ASP A 114 -7.90 51.45 -11.07
N LEU A 115 -8.09 50.16 -10.77
CA LEU A 115 -9.15 49.74 -9.86
C LEU A 115 -8.98 50.44 -8.54
N LYS A 116 -7.73 50.49 -8.07
CA LYS A 116 -7.43 51.14 -6.80
C LYS A 116 -7.74 52.63 -6.87
N ARG A 117 -7.29 53.28 -7.94
CA ARG A 117 -7.52 54.70 -8.09
C ARG A 117 -9.01 55.03 -8.07
N GLY A 118 -9.80 54.18 -8.71
CA GLY A 118 -11.24 54.38 -8.73
C GLY A 118 -11.83 54.22 -7.35
N ILE A 119 -11.40 53.17 -6.63
CA ILE A 119 -11.87 52.91 -5.28
C ILE A 119 -11.57 54.13 -4.39
N ASP A 120 -10.37 54.67 -4.54
CA ASP A 120 -9.96 55.81 -3.77
C ASP A 120 -10.79 57.04 -4.09
N LYS A 121 -11.04 57.24 -5.37
CA LYS A 121 -11.84 58.39 -5.78
C LYS A 121 -13.22 58.32 -5.14
N ALA A 122 -13.84 57.14 -5.24
CA ALA A 122 -15.15 56.90 -4.67
C ALA A 122 -15.15 57.18 -3.17
N VAL A 123 -14.12 56.69 -2.48
CA VAL A 123 -13.99 56.91 -1.04
C VAL A 123 -13.83 58.38 -0.69
N THR A 124 -13.02 59.09 -1.46
CA THR A 124 -12.82 60.52 -1.20
C THR A 124 -14.15 61.27 -1.31
N ALA A 125 -14.94 60.91 -2.31
CA ALA A 125 -16.22 61.52 -2.53
C ALA A 125 -17.14 61.12 -1.39
N ALA A 126 -17.11 59.83 -1.03
CA ALA A 126 -17.95 59.32 0.04
C ALA A 126 -17.68 60.05 1.36
N VAL A 127 -16.41 60.35 1.63
CA VAL A 127 -16.06 61.03 2.87
C VAL A 127 -16.63 62.43 2.89
N GLU A 128 -16.65 63.08 1.73
CA GLU A 128 -17.17 64.43 1.68
C GLU A 128 -18.68 64.41 1.84
N GLU A 129 -19.29 63.40 1.25
CA GLU A 129 -20.74 63.26 1.32
C GLU A 129 -21.12 62.99 2.77
N LEU A 130 -20.22 62.33 3.47
CA LEU A 130 -20.43 61.97 4.87
C LEU A 130 -20.44 63.24 5.74
N LYS A 131 -19.59 64.21 5.41
CA LYS A 131 -19.53 65.43 6.18
C LYS A 131 -20.84 66.16 5.99
N ALA A 132 -21.33 66.17 4.75
CA ALA A 132 -22.57 66.84 4.44
C ALA A 132 -23.77 66.19 5.10
N LEU A 133 -23.72 64.86 5.25
CA LEU A 133 -24.81 64.08 5.85
C LEU A 133 -24.81 64.33 7.36
N SER A 134 -23.60 64.54 7.87
CA SER A 134 -23.34 64.75 9.28
C SER A 134 -24.08 65.88 10.01
N VAL A 135 -24.60 65.56 11.19
CA VAL A 135 -25.30 66.52 12.06
C VAL A 135 -24.33 66.89 13.18
N PRO A 136 -24.16 68.20 13.45
CA PRO A 136 -23.26 68.73 14.47
C PRO A 136 -23.65 68.44 15.91
N CYS A 137 -22.63 68.24 16.73
CA CYS A 137 -22.82 67.97 18.14
C CYS A 137 -21.96 68.98 18.89
N SER A 138 -22.52 70.16 19.19
CA SER A 138 -21.75 71.20 19.86
C SER A 138 -22.27 71.72 21.18
N ASP A 139 -23.55 72.02 21.29
CA ASP A 139 -24.05 72.51 22.56
C ASP A 139 -23.99 71.34 23.55
N SER A 140 -23.82 71.62 24.84
CA SER A 140 -23.72 70.53 25.80
C SER A 140 -25.02 69.74 25.98
N LYS A 141 -26.08 70.16 25.32
CA LYS A 141 -27.33 69.43 25.42
C LYS A 141 -27.19 68.20 24.54
N ALA A 142 -26.58 68.43 23.38
CA ALA A 142 -26.32 67.37 22.41
C ALA A 142 -25.23 66.43 22.92
N ILE A 143 -24.19 67.02 23.50
CA ILE A 143 -23.07 66.25 24.05
C ILE A 143 -23.62 65.22 25.02
N ALA A 144 -24.53 65.65 25.87
CA ALA A 144 -25.14 64.76 26.84
C ALA A 144 -25.98 63.67 26.16
N GLN A 145 -26.68 64.02 25.08
CA GLN A 145 -27.52 63.06 24.36
C GLN A 145 -26.68 61.97 23.75
N VAL A 146 -25.61 62.37 23.09
CA VAL A 146 -24.71 61.42 22.45
C VAL A 146 -24.07 60.51 23.52
N GLY A 147 -23.72 61.09 24.67
CA GLY A 147 -23.12 60.29 25.72
C GLY A 147 -24.11 59.31 26.30
N THR A 148 -25.37 59.72 26.37
CA THR A 148 -26.42 58.85 26.91
C THR A 148 -26.63 57.65 26.00
N ILE A 149 -26.68 57.91 24.69
CA ILE A 149 -26.86 56.85 23.70
C ILE A 149 -25.66 55.90 23.72
N SER A 150 -24.47 56.47 23.79
CA SER A 150 -23.26 55.67 23.82
C SER A 150 -23.13 54.87 25.11
N ALA A 151 -23.88 55.25 26.13
CA ALA A 151 -23.80 54.56 27.42
C ALA A 151 -25.01 53.67 27.62
N ASN A 152 -25.60 53.27 26.50
CA ASN A 152 -26.76 52.39 26.53
C ASN A 152 -27.97 53.05 27.22
N SER A 153 -28.26 54.27 26.82
CA SER A 153 -29.40 55.03 27.33
C SER A 153 -29.32 55.43 28.79
N ASP A 154 -28.11 55.53 29.33
CA ASP A 154 -27.91 55.92 30.71
C ASP A 154 -27.74 57.43 30.76
N GLU A 155 -28.81 58.16 31.02
CA GLU A 155 -28.76 59.62 31.07
C GLU A 155 -27.65 60.12 32.00
N THR A 156 -27.42 59.39 33.08
CA THR A 156 -26.41 59.74 34.06
C THR A 156 -25.05 59.95 33.41
N VAL A 157 -24.64 58.98 32.60
CA VAL A 157 -23.35 59.05 31.92
C VAL A 157 -23.28 60.29 31.00
N GLY A 158 -24.35 60.52 30.26
CA GLY A 158 -24.39 61.67 29.37
C GLY A 158 -24.19 62.95 30.17
N LYS A 159 -24.91 63.05 31.27
CA LYS A 159 -24.82 64.21 32.17
C LYS A 159 -23.38 64.38 32.68
N LEU A 160 -22.80 63.27 33.12
CA LEU A 160 -21.43 63.29 33.63
C LEU A 160 -20.46 63.83 32.60
N ILE A 161 -20.51 63.28 31.40
CA ILE A 161 -19.60 63.71 30.35
C ILE A 161 -19.80 65.17 29.97
N ALA A 162 -21.06 65.58 29.86
CA ALA A 162 -21.35 66.96 29.48
C ALA A 162 -20.76 67.91 30.52
N GLU A 163 -20.95 67.59 31.80
CA GLU A 163 -20.42 68.39 32.89
C GLU A 163 -18.89 68.49 32.80
N ALA A 164 -18.25 67.36 32.59
CA ALA A 164 -16.81 67.31 32.48
C ALA A 164 -16.32 68.18 31.33
N MET A 165 -16.91 68.00 30.15
CA MET A 165 -16.50 68.77 28.98
C MET A 165 -16.73 70.25 29.21
N ASP A 166 -17.74 70.59 29.99
CA ASP A 166 -18.04 71.98 30.29
C ASP A 166 -16.93 72.59 31.16
N LYS A 167 -16.42 71.79 32.10
CA LYS A 167 -15.34 72.21 33.00
C LYS A 167 -14.05 72.50 32.24
N VAL A 168 -13.51 71.46 31.60
CA VAL A 168 -12.24 71.58 30.89
C VAL A 168 -12.32 71.99 29.42
N GLY A 169 -13.53 72.17 28.89
CA GLY A 169 -13.67 72.54 27.50
C GLY A 169 -13.68 71.34 26.57
N LYS A 170 -14.17 71.51 25.35
CA LYS A 170 -14.21 70.42 24.38
C LYS A 170 -12.84 69.82 24.05
N GLU A 171 -11.81 70.66 24.11
CA GLU A 171 -10.45 70.20 23.84
C GLU A 171 -9.80 69.64 25.10
N GLY A 172 -10.37 69.96 26.25
CA GLY A 172 -9.82 69.51 27.52
C GLY A 172 -9.51 68.04 27.63
N VAL A 173 -8.70 67.69 28.63
CA VAL A 173 -8.32 66.31 28.88
C VAL A 173 -9.27 65.76 29.95
N ILE A 174 -9.92 64.65 29.66
CA ILE A 174 -10.85 64.07 30.62
C ILE A 174 -10.46 62.64 30.94
N THR A 175 -10.28 62.36 32.23
CA THR A 175 -9.89 61.04 32.71
C THR A 175 -11.03 60.43 33.52
N VAL A 176 -11.08 59.11 33.57
CA VAL A 176 -12.13 58.46 34.37
C VAL A 176 -11.53 57.30 35.18
N GLU A 177 -11.86 57.26 36.47
CA GLU A 177 -11.35 56.21 37.35
C GLU A 177 -12.40 55.73 38.37
N ASP A 178 -12.09 54.65 39.08
CA ASP A 178 -13.02 54.10 40.08
C ASP A 178 -13.50 55.14 41.09
N GLY A 179 -14.75 55.00 41.51
CA GLY A 179 -15.30 55.91 42.48
C GLY A 179 -15.05 55.41 43.88
N THR A 180 -15.21 56.30 44.86
CA THR A 180 -15.00 55.93 46.26
C THR A 180 -16.30 55.44 46.86
N GLY A 181 -17.34 55.31 46.04
CA GLY A 181 -18.61 54.84 46.56
C GLY A 181 -19.87 55.58 46.16
N LEU A 182 -20.84 54.82 45.64
CA LEU A 182 -22.15 55.32 45.22
C LEU A 182 -22.31 56.83 45.15
N GLN A 183 -21.68 57.44 44.16
CA GLN A 183 -21.72 58.89 43.94
C GLN A 183 -20.54 59.34 43.12
N ASP A 184 -20.82 59.99 42.00
CA ASP A 184 -19.78 60.46 41.11
C ASP A 184 -19.14 61.72 41.64
N GLU A 185 -17.92 61.99 41.20
CA GLU A 185 -17.21 63.19 41.61
C GLU A 185 -16.52 63.71 40.36
N LEU A 186 -16.46 65.02 40.22
CA LEU A 186 -15.79 65.62 39.08
C LEU A 186 -14.86 66.69 39.60
N ASP A 187 -13.58 66.55 39.31
CA ASP A 187 -12.60 67.54 39.76
C ASP A 187 -11.55 67.79 38.70
N VAL A 188 -11.03 69.01 38.66
CA VAL A 188 -9.99 69.34 37.70
C VAL A 188 -8.72 69.45 38.52
N VAL A 189 -7.67 68.74 38.09
CA VAL A 189 -6.41 68.76 38.81
C VAL A 189 -5.24 69.13 37.90
N GLU A 190 -4.10 69.45 38.52
CA GLU A 190 -2.90 69.78 37.76
C GLU A 190 -2.55 68.54 36.97
N GLY A 191 -2.58 68.63 35.65
CA GLY A 191 -2.28 67.45 34.87
C GLY A 191 -1.87 67.82 33.48
N MET A 192 -1.60 66.79 32.68
CA MET A 192 -1.17 67.00 31.31
C MET A 192 -1.22 65.68 30.56
N GLN A 193 -1.18 65.75 29.23
CA GLN A 193 -1.21 64.56 28.39
C GLN A 193 -0.45 64.80 27.10
N PHE A 194 0.42 63.86 26.72
CA PHE A 194 1.16 63.99 25.47
C PHE A 194 1.03 62.76 24.57
N ASP A 195 1.39 62.92 23.30
CA ASP A 195 1.28 61.84 22.32
C ASP A 195 2.44 60.85 22.27
N ARG A 196 2.58 60.06 23.34
CA ARG A 196 3.61 59.04 23.43
C ARG A 196 3.02 57.90 24.24
N GLY A 197 3.12 56.69 23.71
CA GLY A 197 2.59 55.52 24.40
C GLY A 197 3.69 54.71 25.03
N TYR A 198 3.32 53.54 25.57
CA TYR A 198 4.31 52.68 26.20
C TYR A 198 5.35 52.28 25.17
N LEU A 199 6.62 52.25 25.58
CA LEU A 199 7.70 51.87 24.68
C LEU A 199 7.71 50.36 24.46
N SER A 200 6.69 49.69 24.98
CA SER A 200 6.56 48.24 24.86
C SER A 200 5.32 47.78 25.60
N PRO A 201 4.58 46.81 25.04
CA PRO A 201 3.39 46.33 25.75
C PRO A 201 3.97 45.71 26.99
N TYR A 202 3.36 44.67 27.54
CA TYR A 202 3.94 44.07 28.75
C TYR A 202 3.85 45.03 29.93
N PHE A 203 4.22 46.29 29.72
CA PHE A 203 4.13 47.30 30.76
C PHE A 203 2.64 47.38 31.10
N ILE A 204 1.81 46.96 30.15
CA ILE A 204 0.36 46.97 30.30
C ILE A 204 -0.06 46.17 31.53
N ASN A 205 -0.86 46.77 32.41
CA ASN A 205 -1.32 46.07 33.59
C ASN A 205 -2.84 46.15 33.70
N LYS A 206 -3.47 46.52 32.59
CA LYS A 206 -4.92 46.62 32.51
C LYS A 206 -5.32 46.11 31.13
N PRO A 207 -5.01 44.83 30.85
CA PRO A 207 -5.31 44.17 29.57
C PRO A 207 -6.66 44.58 28.97
N GLU A 208 -7.65 44.76 29.83
CA GLU A 208 -9.00 45.17 29.42
C GLU A 208 -8.90 46.35 28.46
N THR A 209 -8.40 47.47 28.98
CA THR A 209 -8.24 48.70 28.20
C THR A 209 -6.88 48.74 27.49
N GLY A 210 -6.07 47.70 27.70
CA GLY A 210 -4.75 47.62 27.08
C GLY A 210 -3.87 48.80 27.44
N ALA A 211 -3.97 49.23 28.69
CA ALA A 211 -3.21 50.37 29.16
C ALA A 211 -2.38 50.07 30.39
N VAL A 212 -1.45 50.98 30.68
CA VAL A 212 -0.58 50.87 31.84
C VAL A 212 -1.20 51.86 32.83
N GLU A 213 -1.31 51.49 34.08
CA GLU A 213 -1.91 52.38 35.05
C GLU A 213 -1.13 52.32 36.36
N LEU A 214 -0.33 53.35 36.61
CA LEU A 214 0.48 53.38 37.81
C LEU A 214 -0.14 54.34 38.81
N GLU A 215 -0.07 54.02 40.10
CA GLU A 215 -0.64 54.90 41.14
C GLU A 215 0.43 55.49 42.05
N SER A 216 0.32 56.80 42.29
CA SER A 216 1.30 57.51 43.11
C SER A 216 2.72 57.16 42.66
N PRO A 217 2.97 57.19 41.33
CA PRO A 217 4.30 56.87 40.79
C PRO A 217 5.29 58.01 40.84
N PHE A 218 6.56 57.67 40.69
CA PHE A 218 7.63 58.67 40.64
C PHE A 218 7.84 58.82 39.13
N ILE A 219 8.35 59.97 38.71
CA ILE A 219 8.57 60.18 37.29
C ILE A 219 10.00 60.60 37.03
N LEU A 220 10.75 59.78 36.32
CA LEU A 220 12.13 60.13 36.02
C LEU A 220 12.14 60.86 34.68
N LEU A 221 12.66 62.08 34.68
CA LEU A 221 12.74 62.86 33.46
C LEU A 221 14.19 62.93 33.04
N ALA A 222 14.52 62.22 31.96
CA ALA A 222 15.89 62.20 31.48
C ALA A 222 16.00 62.67 30.04
N ASP A 223 16.72 63.76 29.82
CA ASP A 223 16.91 64.32 28.49
C ASP A 223 18.07 63.60 27.81
N LYS A 224 17.82 62.36 27.41
CA LYS A 224 18.83 61.53 26.75
C LYS A 224 18.25 60.18 26.46
N LYS A 225 19.02 59.35 25.78
CA LYS A 225 18.58 58.01 25.45
C LYS A 225 19.22 57.02 26.43
N ILE A 226 18.39 56.19 27.05
CA ILE A 226 18.87 55.21 28.00
C ILE A 226 18.92 53.84 27.33
N SER A 227 20.14 53.30 27.17
CA SER A 227 20.33 52.01 26.51
C SER A 227 20.82 50.90 27.44
N ASN A 228 21.39 51.28 28.58
CA ASN A 228 21.91 50.31 29.53
C ASN A 228 21.37 50.59 30.91
N ILE A 229 20.81 49.57 31.53
CA ILE A 229 20.22 49.72 32.85
C ILE A 229 21.26 49.96 33.93
N ARG A 230 22.50 50.19 33.52
CA ARG A 230 23.57 50.44 34.47
C ARG A 230 23.38 51.79 35.16
N GLU A 231 22.95 52.78 34.39
CA GLU A 231 22.74 54.13 34.91
C GLU A 231 21.51 54.17 35.81
N MET A 232 20.59 53.26 35.53
CA MET A 232 19.33 53.17 36.26
C MET A 232 19.45 52.68 37.69
N LEU A 233 20.18 51.59 37.89
CA LEU A 233 20.36 50.98 39.20
C LEU A 233 20.20 51.90 40.42
N PRO A 234 21.04 52.94 40.55
CA PRO A 234 20.90 53.83 41.71
C PRO A 234 19.49 54.35 41.92
N VAL A 235 18.88 54.86 40.86
CA VAL A 235 17.52 55.40 40.96
C VAL A 235 16.48 54.30 41.10
N LEU A 236 16.69 53.16 40.46
CA LEU A 236 15.74 52.05 40.56
C LEU A 236 15.66 51.48 41.97
N GLU A 237 16.78 51.55 42.70
CA GLU A 237 16.81 51.02 44.06
C GLU A 237 16.14 51.98 45.04
N ALA A 238 16.29 53.27 44.82
CA ALA A 238 15.66 54.24 45.69
C ALA A 238 14.15 54.10 45.50
N VAL A 239 13.75 53.69 44.30
CA VAL A 239 12.35 53.49 43.97
C VAL A 239 11.89 52.13 44.52
N ALA A 240 12.83 51.22 44.70
CA ALA A 240 12.54 49.90 45.27
C ALA A 240 12.06 50.14 46.69
N LYS A 241 12.82 50.94 47.44
CA LYS A 241 12.44 51.32 48.79
C LYS A 241 11.29 52.28 48.51
N ALA A 242 10.67 52.84 49.54
CA ALA A 242 9.54 53.74 49.29
C ALA A 242 8.37 52.93 48.71
N GLY A 243 8.72 51.88 47.94
CA GLY A 243 7.73 50.99 47.35
C GLY A 243 6.69 51.58 46.42
N LYS A 244 7.12 52.45 45.52
CA LYS A 244 6.21 53.07 44.56
C LYS A 244 6.63 52.72 43.15
N PRO A 245 5.70 52.83 42.19
CA PRO A 245 6.02 52.53 40.80
C PRO A 245 6.82 53.67 40.14
N LEU A 246 7.28 53.46 38.92
CA LEU A 246 8.08 54.47 38.24
C LEU A 246 7.75 54.67 36.77
N LEU A 247 7.73 55.93 36.36
CA LEU A 247 7.50 56.27 34.96
C LEU A 247 8.80 56.88 34.47
N ILE A 248 9.34 56.30 33.39
CA ILE A 248 10.57 56.79 32.79
C ILE A 248 10.22 57.55 31.53
N ILE A 249 10.51 58.84 31.51
CA ILE A 249 10.25 59.64 30.33
C ILE A 249 11.62 60.11 29.90
N ALA A 250 12.14 59.54 28.81
CA ALA A 250 13.45 59.93 28.33
C ALA A 250 13.34 60.14 26.84
N GLU A 251 14.44 60.53 26.20
CA GLU A 251 14.43 60.75 24.75
C GLU A 251 14.03 59.43 24.12
N ASP A 252 14.47 58.33 24.73
CA ASP A 252 14.16 56.98 24.28
C ASP A 252 14.74 56.00 25.29
N VAL A 253 14.24 54.78 25.27
CA VAL A 253 14.73 53.72 26.15
C VAL A 253 14.93 52.53 25.22
N GLU A 254 16.19 52.15 25.02
CA GLU A 254 16.55 51.09 24.11
C GLU A 254 17.10 49.78 24.69
N GLY A 255 17.25 48.83 23.80
CA GLY A 255 17.78 47.49 24.09
C GLY A 255 17.88 46.97 25.51
N GLU A 256 19.11 46.74 25.96
CA GLU A 256 19.36 46.20 27.29
C GLU A 256 18.49 46.83 28.39
N ALA A 257 18.52 48.15 28.50
CA ALA A 257 17.72 48.85 29.51
C ALA A 257 16.22 48.54 29.40
N LEU A 258 15.66 48.70 28.21
CA LEU A 258 14.24 48.44 27.99
C LEU A 258 13.93 46.98 28.31
N ALA A 259 14.73 46.09 27.73
CA ALA A 259 14.58 44.66 27.93
C ALA A 259 14.51 44.37 29.43
N THR A 260 15.52 44.84 30.16
CA THR A 260 15.59 44.65 31.61
C THR A 260 14.33 45.16 32.31
N LEU A 261 13.87 46.35 31.93
CA LEU A 261 12.68 46.93 32.51
C LEU A 261 11.45 46.08 32.22
N VAL A 262 11.30 45.67 30.96
CA VAL A 262 10.16 44.86 30.54
C VAL A 262 10.07 43.62 31.42
N VAL A 263 11.22 43.04 31.71
CA VAL A 263 11.28 41.85 32.54
C VAL A 263 10.96 42.13 34.01
N ASN A 264 11.86 42.83 34.68
CA ASN A 264 11.66 43.15 36.09
C ASN A 264 10.26 43.56 36.49
N THR A 265 9.65 44.46 35.73
CA THR A 265 8.29 44.91 36.05
C THR A 265 7.29 43.78 35.83
N MET A 266 7.68 42.85 34.97
CA MET A 266 6.86 41.69 34.63
C MET A 266 7.14 40.55 35.60
N ARG A 267 7.73 40.90 36.73
CA ARG A 267 8.07 39.95 37.79
C ARG A 267 7.82 40.61 39.15
N GLY A 268 6.93 41.58 39.19
CA GLY A 268 6.63 42.26 40.44
C GLY A 268 7.83 42.90 41.10
N ILE A 269 8.99 42.83 40.45
CA ILE A 269 10.22 43.42 40.97
C ILE A 269 10.21 44.90 40.59
N VAL A 270 9.32 45.66 41.23
CA VAL A 270 9.16 47.10 40.97
C VAL A 270 8.37 47.33 39.66
N LYS A 271 7.26 48.06 39.76
CA LYS A 271 6.40 48.37 38.61
C LYS A 271 6.95 49.59 37.89
N VAL A 272 7.36 49.41 36.63
CA VAL A 272 7.91 50.50 35.85
C VAL A 272 7.34 50.53 34.44
N ALA A 273 7.34 51.72 33.84
CA ALA A 273 6.84 51.91 32.47
C ALA A 273 7.68 53.03 31.86
N ALA A 274 8.07 52.87 30.60
CA ALA A 274 8.87 53.89 29.94
C ALA A 274 8.21 54.39 28.67
N VAL A 275 8.35 55.69 28.41
CA VAL A 275 7.77 56.32 27.22
C VAL A 275 8.72 57.40 26.71
N LYS A 276 8.69 57.64 25.41
CA LYS A 276 9.53 58.67 24.84
C LYS A 276 9.04 60.05 25.28
N ALA A 277 9.96 61.00 25.43
CA ALA A 277 9.58 62.36 25.81
C ALA A 277 8.80 62.87 24.60
N PRO A 278 7.84 63.78 24.82
CA PRO A 278 7.05 64.31 23.71
C PRO A 278 7.82 65.23 22.75
N GLY A 279 7.44 65.20 21.48
CA GLY A 279 8.06 66.05 20.48
C GLY A 279 9.48 65.66 20.14
N PHE A 280 10.19 66.60 19.51
CA PHE A 280 11.59 66.35 19.12
C PHE A 280 12.35 67.69 19.02
N GLY A 281 13.64 67.61 18.70
CA GLY A 281 14.42 68.82 18.58
C GLY A 281 14.52 69.58 19.88
N ASP A 282 14.49 70.90 19.77
CA ASP A 282 14.58 71.79 20.93
C ASP A 282 13.32 71.79 21.77
N ARG A 283 12.17 71.95 21.11
CA ARG A 283 10.89 72.00 21.82
C ARG A 283 10.63 70.75 22.68
N ARG A 284 11.40 69.69 22.43
CA ARG A 284 11.27 68.45 23.20
C ARG A 284 11.86 68.69 24.59
N LYS A 285 12.96 69.43 24.60
CA LYS A 285 13.64 69.75 25.82
C LYS A 285 12.83 70.72 26.67
N ALA A 286 12.01 71.53 26.01
CA ALA A 286 11.19 72.50 26.71
C ALA A 286 9.99 71.83 27.36
N MET A 287 9.42 70.86 26.64
CA MET A 287 8.28 70.12 27.15
C MET A 287 8.67 69.22 28.29
N LEU A 288 9.86 68.66 28.24
CA LEU A 288 10.31 67.82 29.34
C LEU A 288 10.29 68.67 30.59
N GLN A 289 10.78 69.91 30.49
CA GLN A 289 10.79 70.80 31.63
C GLN A 289 9.36 71.09 32.09
N ASP A 290 8.44 71.26 31.15
CA ASP A 290 7.06 71.53 31.50
C ASP A 290 6.55 70.42 32.42
N ILE A 291 6.84 69.17 32.05
CA ILE A 291 6.43 68.02 32.83
C ILE A 291 7.12 68.04 34.19
N ALA A 292 8.38 68.44 34.20
CA ALA A 292 9.13 68.53 35.43
C ALA A 292 8.38 69.48 36.36
N THR A 293 8.10 70.69 35.87
CA THR A 293 7.39 71.68 36.67
C THR A 293 6.12 71.09 37.25
N LEU A 294 5.26 70.62 36.35
CA LEU A 294 3.97 70.03 36.71
C LEU A 294 4.04 68.92 37.76
N THR A 295 5.09 68.11 37.72
CA THR A 295 5.26 67.00 38.66
C THR A 295 6.25 67.28 39.79
N GLY A 296 6.81 68.47 39.82
CA GLY A 296 7.79 68.79 40.85
C GLY A 296 9.03 67.92 40.76
N GLY A 297 9.41 67.62 39.52
CA GLY A 297 10.58 66.79 39.30
C GLY A 297 11.67 67.63 38.66
N THR A 298 12.85 67.02 38.51
CA THR A 298 13.99 67.71 37.92
C THR A 298 14.44 66.97 36.67
N VAL A 299 14.65 67.70 35.58
CA VAL A 299 15.09 67.09 34.34
C VAL A 299 16.58 66.79 34.45
N ILE A 300 16.98 65.56 34.12
CA ILE A 300 18.38 65.18 34.19
C ILE A 300 18.98 65.20 32.79
N SER A 301 19.49 66.36 32.40
CA SER A 301 20.08 66.53 31.07
C SER A 301 21.59 66.42 31.07
N GLU A 302 22.12 65.73 30.07
CA GLU A 302 23.55 65.56 29.94
C GLU A 302 24.20 66.91 29.67
N GLU A 303 23.56 67.73 28.85
CA GLU A 303 24.10 69.05 28.52
C GLU A 303 24.70 69.70 29.75
N ILE A 304 23.86 70.00 30.73
CA ILE A 304 24.30 70.62 31.99
C ILE A 304 25.34 69.74 32.72
N GLY A 305 25.57 68.54 32.18
CA GLY A 305 26.53 67.64 32.79
C GLY A 305 25.97 66.80 33.93
N MET A 306 24.70 66.46 33.86
CA MET A 306 24.08 65.66 34.90
C MET A 306 24.12 64.17 34.59
N GLU A 307 24.28 63.36 35.63
CA GLU A 307 24.34 61.92 35.47
C GLU A 307 23.17 61.23 36.17
N LEU A 308 22.63 60.20 35.53
CA LEU A 308 21.52 59.43 36.09
C LEU A 308 21.94 58.69 37.35
N GLU A 309 23.22 58.36 37.45
CA GLU A 309 23.71 57.65 38.61
C GLU A 309 23.58 58.56 39.83
N LYS A 310 23.83 59.84 39.63
CA LYS A 310 23.76 60.79 40.73
C LYS A 310 22.33 61.27 40.98
N ALA A 311 21.35 60.65 40.33
CA ALA A 311 19.95 61.03 40.49
C ALA A 311 19.36 60.48 41.78
N THR A 312 18.72 61.36 42.56
CA THR A 312 18.11 61.00 43.83
C THR A 312 16.60 61.05 43.78
N LEU A 313 15.95 60.33 44.69
CA LEU A 313 14.50 60.29 44.76
C LEU A 313 13.89 61.67 44.70
N GLU A 314 14.63 62.69 45.14
CA GLU A 314 14.08 64.03 45.12
C GLU A 314 14.04 64.62 43.72
N ASP A 315 14.94 64.16 42.85
CA ASP A 315 14.98 64.67 41.47
C ASP A 315 13.75 64.17 40.74
N LEU A 316 13.16 63.09 41.25
CA LEU A 316 11.97 62.50 40.65
C LEU A 316 10.69 63.31 40.78
N GLY A 317 9.89 63.30 39.73
CA GLY A 317 8.64 64.02 39.74
C GLY A 317 7.64 63.11 40.42
N GLN A 318 6.41 63.59 40.60
CA GLN A 318 5.43 62.77 41.26
C GLN A 318 3.98 63.20 40.96
N ALA A 319 3.09 62.22 40.81
CA ALA A 319 1.69 62.48 40.52
C ALA A 319 0.82 61.35 41.06
N LYS A 320 -0.43 61.66 41.41
CA LYS A 320 -1.34 60.66 41.92
C LYS A 320 -1.59 59.49 40.99
N ARG A 321 -1.54 59.73 39.68
CA ARG A 321 -1.82 58.65 38.75
C ARG A 321 -1.33 58.97 37.34
N VAL A 322 -1.01 57.93 36.57
CA VAL A 322 -0.58 58.10 35.18
C VAL A 322 -1.17 56.95 34.39
N VAL A 323 -1.67 57.24 33.19
CA VAL A 323 -2.27 56.22 32.35
C VAL A 323 -1.56 56.27 31.01
N ILE A 324 -1.22 55.09 30.48
CA ILE A 324 -0.49 55.01 29.22
C ILE A 324 -1.11 54.08 28.18
N ASN A 325 -1.39 54.65 27.00
CA ASN A 325 -1.96 53.91 25.87
C ASN A 325 -0.87 53.37 24.98
N LYS A 326 -1.31 53.03 23.77
CA LYS A 326 -0.45 52.52 22.73
C LYS A 326 0.24 53.76 22.17
N ASP A 327 -0.40 54.90 22.37
CA ASP A 327 0.14 56.16 21.86
C ASP A 327 -0.27 57.42 22.64
N THR A 328 -0.51 57.26 23.94
CA THR A 328 -0.88 58.38 24.78
C THR A 328 -0.46 58.20 26.22
N THR A 329 0.18 59.23 26.77
CA THR A 329 0.59 59.19 28.17
C THR A 329 -0.11 60.36 28.83
N THR A 330 -0.78 60.11 29.94
CA THR A 330 -1.46 61.19 30.61
C THR A 330 -1.15 61.18 32.10
N ILE A 331 -0.57 62.28 32.58
CA ILE A 331 -0.18 62.45 33.96
C ILE A 331 -1.32 63.13 34.71
N ILE A 332 -1.85 62.45 35.72
CA ILE A 332 -2.97 62.98 36.46
C ILE A 332 -2.63 63.43 37.88
N ASP A 333 -2.78 64.73 38.11
CA ASP A 333 -2.54 65.35 39.40
C ASP A 333 -1.10 65.37 39.88
N GLY A 334 -0.34 66.29 39.32
CA GLY A 334 1.06 66.44 39.67
C GLY A 334 1.20 67.16 40.98
N VAL A 335 2.37 67.02 41.59
CA VAL A 335 2.64 67.63 42.87
C VAL A 335 3.23 69.03 42.76
N GLY A 336 3.69 69.40 41.58
CA GLY A 336 4.26 70.73 41.39
C GLY A 336 3.47 71.83 42.10
N GLU A 337 4.19 72.75 42.73
CA GLU A 337 3.56 73.86 43.45
C GLU A 337 2.94 74.86 42.49
N GLU A 338 1.72 75.29 42.79
CA GLU A 338 1.04 76.26 41.93
C GLU A 338 1.98 77.40 41.61
N ALA A 339 2.78 77.80 42.60
CA ALA A 339 3.73 78.87 42.40
C ALA A 339 4.58 78.57 41.18
N ALA A 340 5.17 77.39 41.16
CA ALA A 340 6.02 76.96 40.05
C ALA A 340 5.26 76.91 38.74
N ILE A 341 4.26 76.04 38.71
CA ILE A 341 3.43 75.84 37.54
C ILE A 341 2.90 77.13 36.97
N GLN A 342 2.38 77.99 37.81
CA GLN A 342 1.83 79.24 37.33
C GLN A 342 2.88 80.21 36.82
N GLY A 343 4.12 80.05 37.27
CA GLY A 343 5.19 80.94 36.83
C GLY A 343 5.71 80.45 35.50
N ARG A 344 5.63 79.14 35.30
CA ARG A 344 6.06 78.50 34.07
C ARG A 344 5.10 78.99 33.01
N VAL A 345 3.81 78.94 33.33
CA VAL A 345 2.77 79.40 32.40
C VAL A 345 3.07 80.84 32.05
N ALA A 346 3.45 81.62 33.07
CA ALA A 346 3.79 83.02 32.89
C ALA A 346 4.89 83.18 31.84
N GLN A 347 5.98 82.43 31.98
CA GLN A 347 7.10 82.48 31.04
C GLN A 347 6.64 82.21 29.62
N ILE A 348 6.10 81.01 29.41
CA ILE A 348 5.63 80.58 28.10
C ILE A 348 4.70 81.62 27.51
N ARG A 349 3.79 82.08 28.35
CA ARG A 349 2.82 83.06 27.93
C ARG A 349 3.49 84.32 27.40
N GLN A 350 4.58 84.74 28.02
CA GLN A 350 5.30 85.94 27.56
C GLN A 350 6.06 85.63 26.28
N GLN A 351 6.63 84.44 26.20
CA GLN A 351 7.38 84.03 25.02
C GLN A 351 6.48 84.11 23.80
N ILE A 352 5.18 83.96 24.02
CA ILE A 352 4.21 84.02 22.95
C ILE A 352 4.14 85.42 22.40
N GLU A 353 4.62 86.38 23.17
CA GLU A 353 4.64 87.77 22.75
C GLU A 353 5.82 87.93 21.81
N GLU A 354 6.99 87.61 22.32
CA GLU A 354 8.25 87.70 21.59
C GLU A 354 8.27 86.79 20.38
N ALA A 355 7.28 85.91 20.27
CA ALA A 355 7.20 84.98 19.15
C ALA A 355 7.31 85.70 17.81
N THR A 356 8.35 85.36 17.05
CA THR A 356 8.59 85.98 15.74
C THR A 356 8.17 85.08 14.60
N SER A 357 7.39 84.06 14.92
CA SER A 357 6.92 83.12 13.91
C SER A 357 5.55 82.57 14.26
N ASP A 358 4.63 82.57 13.29
CA ASP A 358 3.30 82.06 13.55
C ASP A 358 3.39 80.64 14.07
N TYR A 359 4.30 79.86 13.49
CA TYR A 359 4.51 78.47 13.89
C TYR A 359 4.98 78.38 15.33
N ASP A 360 5.98 79.18 15.69
CA ASP A 360 6.51 79.18 17.03
C ASP A 360 5.48 79.64 18.06
N ARG A 361 4.65 80.60 17.67
CA ARG A 361 3.61 81.10 18.56
C ARG A 361 2.59 80.01 18.87
N GLU A 362 2.19 79.27 17.84
CA GLU A 362 1.21 78.19 18.01
C GLU A 362 1.72 77.10 18.92
N LYS A 363 2.95 76.68 18.68
CA LYS A 363 3.56 75.63 19.49
C LYS A 363 3.59 76.03 20.95
N LEU A 364 3.93 77.28 21.23
CA LEU A 364 3.96 77.78 22.59
C LEU A 364 2.56 77.75 23.15
N GLN A 365 1.59 78.18 22.36
CA GLN A 365 0.19 78.20 22.79
C GLN A 365 -0.26 76.79 23.17
N GLU A 366 0.22 75.81 22.43
CA GLU A 366 -0.12 74.41 22.72
C GLU A 366 0.31 74.10 24.14
N ARG A 367 1.58 74.40 24.42
CA ARG A 367 2.18 74.14 25.72
C ARG A 367 1.51 74.81 26.90
N VAL A 368 1.17 76.09 26.82
CA VAL A 368 0.51 76.72 27.97
C VAL A 368 -0.82 76.05 28.17
N ALA A 369 -1.49 75.78 27.04
CA ALA A 369 -2.80 75.14 27.07
C ALA A 369 -2.74 73.88 27.91
N LYS A 370 -1.76 73.03 27.64
CA LYS A 370 -1.59 71.78 28.37
C LYS A 370 -1.38 72.03 29.85
N LEU A 371 -0.41 72.90 30.15
CA LEU A 371 -0.06 73.25 31.50
C LEU A 371 -1.19 73.88 32.30
N ALA A 372 -1.69 75.01 31.79
CA ALA A 372 -2.77 75.74 32.43
C ALA A 372 -4.08 74.96 32.41
N GLY A 373 -4.25 74.14 31.38
CA GLY A 373 -5.48 73.37 31.26
C GLY A 373 -5.83 72.41 32.37
N GLY A 374 -4.87 71.60 32.78
CA GLY A 374 -5.15 70.64 33.84
C GLY A 374 -5.80 69.40 33.25
N VAL A 375 -6.46 68.62 34.10
CA VAL A 375 -7.11 67.39 33.68
C VAL A 375 -8.39 67.16 34.46
N ALA A 376 -9.47 66.84 33.76
CA ALA A 376 -10.73 66.59 34.44
C ALA A 376 -10.66 65.15 34.92
N VAL A 377 -11.16 64.89 36.12
CA VAL A 377 -11.14 63.53 36.65
C VAL A 377 -12.53 63.12 37.07
N ILE A 378 -13.07 62.11 36.41
CA ILE A 378 -14.41 61.63 36.71
C ILE A 378 -14.29 60.37 37.54
N LYS A 379 -14.88 60.38 38.74
CA LYS A 379 -14.85 59.20 39.58
C LYS A 379 -16.26 58.61 39.54
N VAL A 380 -16.40 57.39 39.03
CA VAL A 380 -17.72 56.77 38.92
C VAL A 380 -18.19 56.03 40.19
N GLY A 381 -19.25 56.54 40.80
CA GLY A 381 -19.80 55.91 42.00
C GLY A 381 -20.87 54.89 41.63
N ALA A 382 -21.20 53.96 42.54
CA ALA A 382 -22.19 52.97 42.20
C ALA A 382 -22.87 52.11 43.29
N ALA A 383 -22.22 51.90 44.43
CA ALA A 383 -22.80 51.05 45.48
C ALA A 383 -22.72 49.61 44.97
N THR A 384 -21.62 48.95 45.31
CA THR A 384 -21.23 47.58 44.94
C THR A 384 -20.16 47.73 43.87
N GLU A 385 -18.98 47.25 44.18
CA GLU A 385 -17.85 47.33 43.28
C GLU A 385 -18.20 46.94 41.85
N VAL A 386 -19.00 45.88 41.70
CA VAL A 386 -19.39 45.39 40.39
C VAL A 386 -20.10 46.43 39.52
N GLU A 387 -21.20 46.98 40.04
CA GLU A 387 -21.94 47.99 39.30
C GLU A 387 -21.03 49.16 38.97
N MET A 388 -20.15 49.49 39.89
CA MET A 388 -19.19 50.58 39.74
C MET A 388 -18.23 50.31 38.59
N LYS A 389 -17.62 49.14 38.59
CA LYS A 389 -16.68 48.78 37.53
C LYS A 389 -17.38 48.75 36.18
N GLU A 390 -18.63 48.32 36.18
CA GLU A 390 -19.43 48.20 34.97
C GLU A 390 -19.73 49.58 34.39
N LYS A 391 -20.25 50.46 35.24
CA LYS A 391 -20.59 51.81 34.85
C LYS A 391 -19.35 52.55 34.39
N LYS A 392 -18.26 52.37 35.12
CA LYS A 392 -16.99 53.02 34.79
C LYS A 392 -16.63 52.72 33.34
N ALA A 393 -16.81 51.47 32.93
CA ALA A 393 -16.54 51.03 31.57
C ALA A 393 -17.46 51.74 30.58
N ARG A 394 -18.75 51.81 30.90
CA ARG A 394 -19.69 52.48 30.02
C ARG A 394 -19.33 53.96 29.91
N VAL A 395 -18.83 54.54 31.00
CA VAL A 395 -18.44 55.95 30.98
C VAL A 395 -17.25 56.17 30.05
N GLU A 396 -16.23 55.32 30.18
CA GLU A 396 -15.05 55.41 29.35
C GLU A 396 -15.43 55.34 27.87
N ASP A 397 -16.31 54.41 27.52
CA ASP A 397 -16.75 54.27 26.14
C ASP A 397 -17.49 55.50 25.66
N ALA A 398 -18.57 55.85 26.35
CA ALA A 398 -19.37 57.00 26.00
C ALA A 398 -18.47 58.22 25.86
N LEU A 399 -17.46 58.33 26.71
CA LEU A 399 -16.55 59.45 26.65
C LEU A 399 -15.83 59.49 25.31
N HIS A 400 -15.29 58.35 24.90
CA HIS A 400 -14.56 58.23 23.63
C HIS A 400 -15.48 58.53 22.44
N ALA A 401 -16.70 58.05 22.52
CA ALA A 401 -17.69 58.25 21.48
C ALA A 401 -18.05 59.73 21.36
N THR A 402 -18.37 60.36 22.48
CA THR A 402 -18.74 61.77 22.54
C THR A 402 -17.58 62.66 22.08
N ARG A 403 -16.37 62.24 22.41
CA ARG A 403 -15.19 63.00 22.01
C ARG A 403 -15.22 63.12 20.49
N ALA A 404 -15.43 61.99 19.83
CA ALA A 404 -15.49 61.90 18.38
C ALA A 404 -16.69 62.62 17.79
N ALA A 405 -17.82 62.55 18.48
CA ALA A 405 -19.02 63.23 18.01
C ALA A 405 -18.79 64.76 18.01
N VAL A 406 -18.20 65.27 19.08
CA VAL A 406 -17.91 66.69 19.18
C VAL A 406 -16.96 67.14 18.06
N GLU A 407 -16.09 66.24 17.64
CA GLU A 407 -15.13 66.56 16.60
C GLU A 407 -15.68 66.63 15.20
N GLU A 408 -16.38 65.58 14.79
CA GLU A 408 -16.90 65.54 13.44
C GLU A 408 -18.38 65.29 13.31
N GLY A 409 -19.12 65.43 14.40
CA GLY A 409 -20.56 65.24 14.35
C GLY A 409 -21.00 63.80 14.34
N VAL A 410 -22.29 63.59 14.08
CA VAL A 410 -22.87 62.24 14.03
C VAL A 410 -23.67 62.02 12.74
N VAL A 411 -23.78 60.75 12.33
CA VAL A 411 -24.54 60.38 11.16
C VAL A 411 -25.37 59.15 11.54
N ALA A 412 -26.32 58.79 10.67
CA ALA A 412 -27.16 57.63 10.92
C ALA A 412 -26.31 56.37 11.07
N GLY A 413 -26.63 55.56 12.07
CA GLY A 413 -25.90 54.33 12.29
C GLY A 413 -26.53 53.16 11.58
N GLY A 414 -26.28 51.95 12.08
CA GLY A 414 -26.86 50.76 11.47
C GLY A 414 -26.47 50.56 10.02
N GLY A 415 -25.35 51.14 9.64
CA GLY A 415 -24.90 51.01 8.28
C GLY A 415 -25.63 51.86 7.26
N VAL A 416 -26.60 52.68 7.66
CA VAL A 416 -27.31 53.46 6.67
C VAL A 416 -26.55 54.68 6.15
N ALA A 417 -25.74 55.33 6.97
CA ALA A 417 -24.99 56.48 6.47
C ALA A 417 -24.18 56.05 5.25
N LEU A 418 -23.45 54.94 5.37
CA LEU A 418 -22.63 54.44 4.26
C LEU A 418 -23.44 54.14 3.02
N ILE A 419 -24.61 53.54 3.21
CA ILE A 419 -25.43 53.21 2.06
C ILE A 419 -26.05 54.47 1.46
N ARG A 420 -26.36 55.44 2.32
CA ARG A 420 -26.94 56.72 1.88
C ARG A 420 -25.93 57.46 1.00
N VAL A 421 -24.73 57.61 1.55
CA VAL A 421 -23.64 58.29 0.88
C VAL A 421 -23.30 57.61 -0.46
N ALA A 422 -23.36 56.29 -0.50
CA ALA A 422 -23.08 55.55 -1.73
C ALA A 422 -24.16 55.83 -2.80
N SER A 423 -25.42 55.87 -2.38
CA SER A 423 -26.50 56.13 -3.32
C SER A 423 -26.37 57.49 -3.99
N LYS A 424 -25.65 58.41 -3.34
CA LYS A 424 -25.48 59.75 -3.89
C LYS A 424 -24.36 59.86 -4.91
N LEU A 425 -23.51 58.84 -5.01
CA LEU A 425 -22.38 58.88 -5.93
C LEU A 425 -22.53 58.02 -7.19
N ALA A 426 -23.76 57.73 -7.58
CA ALA A 426 -24.02 56.90 -8.76
C ALA A 426 -23.39 57.38 -10.06
N ASP A 427 -23.36 58.69 -10.30
CA ASP A 427 -22.79 59.22 -11.53
C ASP A 427 -21.29 59.46 -11.47
N LEU A 428 -20.68 59.20 -10.31
CA LEU A 428 -19.25 59.43 -10.16
C LEU A 428 -18.47 58.56 -11.12
N ARG A 429 -17.57 59.16 -11.88
CA ARG A 429 -16.76 58.41 -12.85
C ARG A 429 -15.27 58.76 -12.77
N GLY A 430 -14.45 57.92 -13.37
CA GLY A 430 -13.01 58.15 -13.36
C GLY A 430 -12.49 58.41 -14.75
N GLN A 431 -11.20 58.14 -14.97
CA GLN A 431 -10.58 58.38 -16.26
C GLN A 431 -10.67 57.26 -17.29
N ASN A 432 -11.09 56.08 -16.88
CA ASN A 432 -11.25 54.96 -17.80
C ASN A 432 -12.16 53.92 -17.21
N GLU A 433 -12.56 52.95 -18.02
CA GLU A 433 -13.49 51.94 -17.54
C GLU A 433 -12.98 51.16 -16.33
N ASP A 434 -11.67 50.98 -16.25
CA ASP A 434 -11.14 50.25 -15.11
C ASP A 434 -11.37 51.05 -13.84
N GLN A 435 -11.12 52.36 -13.88
CA GLN A 435 -11.34 53.18 -12.69
C GLN A 435 -12.82 53.25 -12.36
N ASN A 436 -13.66 53.19 -13.39
CA ASN A 436 -15.10 53.24 -13.18
C ASN A 436 -15.59 52.01 -12.45
N VAL A 437 -14.99 50.88 -12.76
CA VAL A 437 -15.34 49.63 -12.11
C VAL A 437 -14.88 49.73 -10.68
N GLY A 438 -13.68 50.29 -10.50
CA GLY A 438 -13.13 50.45 -9.16
C GLY A 438 -14.10 51.25 -8.31
N ILE A 439 -14.68 52.29 -8.91
CA ILE A 439 -15.62 53.14 -8.21
C ILE A 439 -16.85 52.35 -7.81
N LYS A 440 -17.37 51.57 -8.74
CA LYS A 440 -18.56 50.78 -8.44
C LYS A 440 -18.24 49.71 -7.38
N VAL A 441 -17.04 49.16 -7.43
CA VAL A 441 -16.67 48.16 -6.44
C VAL A 441 -16.80 48.77 -5.05
N ALA A 442 -16.30 49.99 -4.90
CA ALA A 442 -16.34 50.69 -3.63
C ALA A 442 -17.76 51.04 -3.22
N LEU A 443 -18.55 51.57 -4.16
CA LEU A 443 -19.93 51.94 -3.85
C LEU A 443 -20.74 50.73 -3.39
N ARG A 444 -20.53 49.60 -4.06
CA ARG A 444 -21.22 48.38 -3.70
C ARG A 444 -20.81 47.95 -2.29
N ALA A 445 -19.50 47.95 -2.05
CA ALA A 445 -18.95 47.54 -0.76
C ALA A 445 -19.56 48.34 0.39
N MET A 446 -19.88 49.59 0.13
CA MET A 446 -20.45 50.44 1.18
C MET A 446 -21.80 49.95 1.70
N GLU A 447 -22.38 48.97 1.01
CA GLU A 447 -23.66 48.41 1.43
C GLU A 447 -23.46 47.19 2.32
N ALA A 448 -22.22 46.72 2.36
CA ALA A 448 -21.85 45.53 3.12
C ALA A 448 -22.34 45.56 4.57
N PRO A 449 -21.94 46.59 5.34
CA PRO A 449 -22.34 46.71 6.74
C PRO A 449 -23.85 46.56 6.98
N LEU A 450 -24.66 47.42 6.35
CA LEU A 450 -26.11 47.34 6.53
C LEU A 450 -26.63 45.96 6.18
N ARG A 451 -26.24 45.49 4.99
CA ARG A 451 -26.68 44.18 4.54
C ARG A 451 -26.35 43.10 5.55
N GLN A 452 -25.14 43.12 6.10
CA GLN A 452 -24.76 42.13 7.09
C GLN A 452 -25.64 42.22 8.32
N ILE A 453 -25.87 43.44 8.81
CA ILE A 453 -26.72 43.66 9.96
C ILE A 453 -28.09 43.06 9.68
N VAL A 454 -28.70 43.45 8.57
CA VAL A 454 -30.02 42.92 8.21
C VAL A 454 -29.99 41.39 8.13
N LEU A 455 -28.90 40.85 7.60
CA LEU A 455 -28.76 39.41 7.48
C LEU A 455 -28.76 38.76 8.85
N ASN A 456 -27.99 39.32 9.79
CA ASN A 456 -27.95 38.77 11.12
C ASN A 456 -29.34 38.81 11.78
N CYS A 457 -30.19 39.73 11.32
CA CYS A 457 -31.53 39.87 11.88
C CYS A 457 -32.48 38.90 11.24
N GLY A 458 -32.04 38.22 10.20
CA GLY A 458 -32.90 37.28 9.52
C GLY A 458 -33.87 37.92 8.54
N GLU A 459 -33.53 39.10 8.04
CA GLU A 459 -34.38 39.78 7.06
C GLU A 459 -33.68 39.76 5.70
N GLU A 460 -34.40 40.11 4.63
CA GLU A 460 -33.79 40.10 3.31
C GLU A 460 -32.97 41.37 3.09
N PRO A 461 -31.64 41.26 3.06
CA PRO A 461 -30.74 42.38 2.87
C PRO A 461 -31.06 43.27 1.68
N SER A 462 -31.20 42.65 0.51
CA SER A 462 -31.49 43.39 -0.70
C SER A 462 -32.79 44.21 -0.60
N VAL A 463 -33.78 43.72 0.14
CA VAL A 463 -35.01 44.48 0.27
C VAL A 463 -34.81 45.70 1.17
N VAL A 464 -34.27 45.49 2.37
CA VAL A 464 -34.01 46.59 3.28
C VAL A 464 -33.06 47.58 2.61
N ALA A 465 -31.96 47.07 2.04
CA ALA A 465 -31.00 47.93 1.37
C ALA A 465 -31.70 48.80 0.35
N ASN A 466 -32.51 48.14 -0.49
CA ASN A 466 -33.24 48.83 -1.54
C ASN A 466 -34.14 49.95 -1.01
N THR A 467 -34.88 49.67 0.06
CA THR A 467 -35.75 50.66 0.65
C THR A 467 -34.98 51.86 1.19
N VAL A 468 -33.96 51.59 2.01
CA VAL A 468 -33.15 52.64 2.60
C VAL A 468 -32.58 53.54 1.49
N LYS A 469 -32.13 52.95 0.40
CA LYS A 469 -31.59 53.76 -0.69
C LYS A 469 -32.67 54.72 -1.21
N GLY A 470 -33.89 54.23 -1.28
CA GLY A 470 -34.99 55.03 -1.78
C GLY A 470 -35.27 56.29 -0.99
N GLY A 471 -34.84 56.32 0.27
CA GLY A 471 -35.07 57.47 1.12
C GLY A 471 -34.05 58.58 1.01
N ASP A 472 -34.00 59.46 2.01
CA ASP A 472 -33.07 60.58 2.03
C ASP A 472 -32.46 60.85 3.39
N GLY A 473 -31.45 61.72 3.41
CA GLY A 473 -30.80 62.09 4.65
C GLY A 473 -30.51 60.91 5.56
N ASN A 474 -30.91 61.03 6.82
CA ASN A 474 -30.67 59.95 7.78
C ASN A 474 -31.86 59.03 7.94
N TYR A 475 -32.58 58.81 6.84
CA TYR A 475 -33.72 57.91 6.85
C TYR A 475 -33.10 56.54 6.70
N GLY A 476 -33.54 55.60 7.52
CA GLY A 476 -32.97 54.27 7.43
C GLY A 476 -33.76 53.20 8.15
N TYR A 477 -33.20 52.00 8.19
CA TYR A 477 -33.83 50.87 8.83
C TYR A 477 -33.29 50.69 10.24
N ASN A 478 -34.19 50.59 11.21
CA ASN A 478 -33.79 50.36 12.59
C ASN A 478 -33.83 48.85 12.77
N ALA A 479 -32.69 48.19 12.54
CA ALA A 479 -32.59 46.75 12.65
C ALA A 479 -33.19 46.16 13.94
N ALA A 480 -33.05 46.90 15.05
CA ALA A 480 -33.57 46.48 16.34
C ALA A 480 -35.09 46.36 16.38
N THR A 481 -35.79 47.34 15.83
CA THR A 481 -37.25 47.37 15.84
C THR A 481 -37.90 47.05 14.49
N GLU A 482 -37.09 46.88 13.46
CA GLU A 482 -37.60 46.58 12.12
C GLU A 482 -38.44 47.73 11.59
N GLU A 483 -38.18 48.94 12.06
CA GLU A 483 -38.94 50.09 11.61
C GLU A 483 -38.07 51.08 10.87
N TYR A 484 -38.58 51.61 9.77
CA TYR A 484 -37.84 52.61 9.03
C TYR A 484 -38.17 53.96 9.65
N GLY A 485 -37.31 54.95 9.45
CA GLY A 485 -37.56 56.25 10.03
C GLY A 485 -36.26 57.02 10.10
N ASN A 486 -36.23 58.09 10.88
CA ASN A 486 -35.03 58.90 11.02
C ASN A 486 -34.11 58.22 12.01
N MET A 487 -32.97 57.73 11.52
CA MET A 487 -32.02 57.03 12.37
C MET A 487 -31.57 57.84 13.58
N ILE A 488 -31.35 59.15 13.40
CA ILE A 488 -30.90 59.98 14.52
C ILE A 488 -32.02 60.12 15.54
N ASP A 489 -33.23 60.42 15.07
CA ASP A 489 -34.37 60.54 15.97
C ASP A 489 -34.54 59.24 16.75
N MET A 490 -34.41 58.10 16.08
CA MET A 490 -34.55 56.81 16.75
C MET A 490 -33.36 56.48 17.63
N GLY A 491 -32.41 57.41 17.68
CA GLY A 491 -31.23 57.22 18.51
C GLY A 491 -30.24 56.16 18.04
N ILE A 492 -30.17 55.93 16.75
CA ILE A 492 -29.25 54.94 16.22
C ILE A 492 -28.25 55.69 15.36
N LEU A 493 -27.14 56.09 15.96
CA LEU A 493 -26.14 56.86 15.26
C LEU A 493 -24.71 56.39 15.46
N ASP A 494 -23.80 56.99 14.71
CA ASP A 494 -22.37 56.70 14.80
C ASP A 494 -21.63 58.02 14.69
N PRO A 495 -20.52 58.17 15.43
CA PRO A 495 -19.81 59.43 15.26
C PRO A 495 -19.35 59.42 13.81
N THR A 496 -19.53 60.52 13.09
CA THR A 496 -19.11 60.58 11.70
C THR A 496 -17.66 60.12 11.57
N LYS A 497 -16.87 60.42 12.59
CA LYS A 497 -15.47 60.07 12.61
C LYS A 497 -15.23 58.56 12.52
N VAL A 498 -16.04 57.76 13.22
CA VAL A 498 -15.81 56.31 13.14
C VAL A 498 -16.25 55.73 11.79
N THR A 499 -17.31 56.26 11.19
CA THR A 499 -17.72 55.77 9.90
C THR A 499 -16.68 56.20 8.88
N ARG A 500 -16.24 57.45 8.96
CA ARG A 500 -15.23 57.92 8.02
C ARG A 500 -13.96 57.06 8.11
N SER A 501 -13.47 56.85 9.33
CA SER A 501 -12.28 56.05 9.57
C SER A 501 -12.40 54.62 9.07
N ALA A 502 -13.51 53.96 9.43
CA ALA A 502 -13.73 52.60 9.02
C ALA A 502 -13.63 52.46 7.49
N LEU A 503 -14.26 53.38 6.78
CA LEU A 503 -14.22 53.33 5.34
C LEU A 503 -12.82 53.58 4.80
N GLN A 504 -12.19 54.66 5.23
CA GLN A 504 -10.85 54.97 4.73
C GLN A 504 -9.83 53.89 4.99
N TYR A 505 -9.85 53.33 6.20
CA TYR A 505 -8.89 52.29 6.52
C TYR A 505 -9.17 51.02 5.72
N ALA A 506 -10.44 50.65 5.61
CA ALA A 506 -10.80 49.45 4.88
C ALA A 506 -10.33 49.58 3.43
N ALA A 507 -10.62 50.73 2.83
CA ALA A 507 -10.25 50.98 1.45
C ALA A 507 -8.73 50.97 1.33
N SER A 508 -8.05 51.45 2.35
CA SER A 508 -6.60 51.48 2.32
C SER A 508 -5.98 50.11 2.15
N VAL A 509 -6.30 49.18 3.05
CA VAL A 509 -5.74 47.85 2.97
C VAL A 509 -6.25 47.08 1.75
N ALA A 510 -7.49 47.34 1.34
CA ALA A 510 -8.06 46.69 0.17
C ALA A 510 -7.29 47.15 -1.07
N GLY A 511 -6.98 48.43 -1.13
CA GLY A 511 -6.23 48.94 -2.27
C GLY A 511 -4.87 48.25 -2.39
N LEU A 512 -4.21 48.09 -1.25
CA LEU A 512 -2.91 47.46 -1.21
C LEU A 512 -2.95 46.03 -1.67
N MET A 513 -3.95 45.29 -1.21
CA MET A 513 -4.06 43.89 -1.59
C MET A 513 -4.39 43.72 -3.06
N ILE A 514 -5.29 44.54 -3.58
CA ILE A 514 -5.66 44.47 -4.98
C ILE A 514 -4.42 44.71 -5.87
N THR A 515 -3.48 45.48 -5.36
CA THR A 515 -2.28 45.77 -6.12
C THR A 515 -1.04 44.96 -5.69
N THR A 516 -1.26 43.76 -5.17
CA THR A 516 -0.17 42.90 -4.71
C THR A 516 0.05 41.86 -5.78
N GLU A 517 1.31 41.64 -6.14
CA GLU A 517 1.66 40.66 -7.17
C GLU A 517 2.52 39.57 -6.63
N CYS A 518 3.15 39.81 -5.49
CA CYS A 518 4.03 38.80 -4.94
C CYS A 518 3.97 38.75 -3.42
N MET A 519 4.15 37.57 -2.86
CA MET A 519 4.15 37.38 -1.42
C MET A 519 5.32 36.48 -1.02
N VAL A 520 6.06 36.91 -0.02
CA VAL A 520 7.21 36.13 0.45
C VAL A 520 7.05 35.77 1.92
N THR A 521 7.23 34.50 2.27
CA THR A 521 7.10 34.08 3.65
C THR A 521 7.98 32.88 3.94
N ASP A 522 8.05 32.49 5.20
CA ASP A 522 8.86 31.33 5.57
C ASP A 522 8.29 30.00 5.14
N LEU A 523 9.17 29.03 4.99
CA LEU A 523 8.79 27.70 4.59
C LEU A 523 8.15 27.05 5.79
N PRO A 524 7.01 26.36 5.61
CA PRO A 524 6.35 25.70 6.74
C PRO A 524 7.23 24.71 7.54
N ALA B 1 -1.24 31.62 18.40
CA ALA B 1 -0.93 30.33 17.73
C ALA B 1 -1.96 30.11 16.62
N ALA B 2 -1.61 29.35 15.60
CA ALA B 2 -2.56 29.08 14.54
C ALA B 2 -3.81 28.49 15.19
N LYS B 3 -4.96 29.01 14.77
CA LYS B 3 -6.23 28.57 15.31
C LYS B 3 -7.00 27.70 14.35
N ASP B 4 -8.03 27.04 14.86
CA ASP B 4 -8.90 26.20 14.06
C ASP B 4 -10.24 26.92 14.22
N VAL B 5 -10.81 27.41 13.13
CA VAL B 5 -12.07 28.13 13.19
C VAL B 5 -13.21 27.41 12.51
N LYS B 6 -14.33 27.25 13.22
CA LYS B 6 -15.48 26.59 12.66
C LYS B 6 -16.66 27.53 12.65
N PHE B 7 -17.50 27.39 11.64
CA PHE B 7 -18.65 28.25 11.47
C PHE B 7 -19.97 27.52 11.46
N GLY B 8 -21.03 28.30 11.61
CA GLY B 8 -22.38 27.79 11.58
C GLY B 8 -22.61 26.38 12.07
N ASN B 9 -23.37 25.64 11.28
CA ASN B 9 -23.74 24.28 11.60
C ASN B 9 -22.60 23.36 11.99
N ASP B 10 -21.50 23.44 11.26
CA ASP B 10 -20.36 22.60 11.56
C ASP B 10 -19.92 22.79 13.01
N ALA B 11 -19.93 24.04 13.46
CA ALA B 11 -19.54 24.37 14.83
C ALA B 11 -20.59 23.84 15.81
N ARG B 12 -21.86 24.16 15.54
CA ARG B 12 -22.92 23.73 16.43
C ARG B 12 -23.04 22.24 16.66
N VAL B 13 -22.85 21.40 15.64
CA VAL B 13 -22.93 19.96 15.91
C VAL B 13 -21.81 19.57 16.87
N LYS B 14 -20.64 20.15 16.69
CA LYS B 14 -19.52 19.85 17.57
C LYS B 14 -19.91 20.17 19.00
N MET B 15 -20.48 21.35 19.23
CA MET B 15 -20.88 21.73 20.56
C MET B 15 -21.87 20.75 21.15
N LEU B 16 -22.95 20.50 20.41
CA LEU B 16 -23.99 19.58 20.83
C LEU B 16 -23.41 18.23 21.22
N ARG B 17 -22.61 17.68 20.31
CA ARG B 17 -21.94 16.41 20.51
C ARG B 17 -21.23 16.42 21.86
N GLY B 18 -20.55 17.53 22.15
CA GLY B 18 -19.84 17.70 23.41
C GLY B 18 -20.72 17.77 24.65
N VAL B 19 -21.81 18.53 24.60
CA VAL B 19 -22.67 18.59 25.76
C VAL B 19 -23.42 17.27 25.91
N ASN B 20 -23.55 16.51 24.82
CA ASN B 20 -24.23 15.22 24.93
C ASN B 20 -23.42 14.26 25.78
N VAL B 21 -22.10 14.27 25.62
CA VAL B 21 -21.26 13.38 26.42
C VAL B 21 -21.41 13.77 27.88
N LEU B 22 -21.29 15.06 28.17
CA LEU B 22 -21.44 15.55 29.54
C LEU B 22 -22.82 15.18 30.10
N ALA B 23 -23.87 15.57 29.39
CA ALA B 23 -25.22 15.29 29.86
C ALA B 23 -25.52 13.79 30.01
N ASP B 24 -25.15 12.98 29.02
CA ASP B 24 -25.41 11.56 29.11
C ASP B 24 -24.69 10.91 30.29
N ALA B 25 -23.47 11.37 30.57
CA ALA B 25 -22.71 10.81 31.67
C ALA B 25 -23.35 11.19 33.01
N VAL B 26 -23.80 12.42 33.09
CA VAL B 26 -24.40 12.92 34.31
C VAL B 26 -25.84 12.52 34.58
N LYS B 27 -26.69 12.54 33.57
CA LYS B 27 -28.10 12.21 33.77
C LYS B 27 -28.46 10.79 34.23
N VAL B 28 -27.56 9.84 34.12
CA VAL B 28 -27.87 8.49 34.57
C VAL B 28 -27.90 8.40 36.10
N THR B 29 -27.55 9.50 36.78
CA THR B 29 -27.55 9.55 38.24
C THR B 29 -28.80 10.20 38.82
N LEU B 30 -29.53 10.89 37.95
CA LEU B 30 -30.73 11.61 38.34
C LEU B 30 -31.83 10.78 38.99
N GLY B 31 -32.38 11.28 40.09
CA GLY B 31 -33.45 10.59 40.80
C GLY B 31 -33.00 9.53 41.79
N PRO B 32 -33.97 8.83 42.44
CA PRO B 32 -33.61 7.78 43.41
C PRO B 32 -33.27 6.41 42.80
N LYS B 33 -33.48 6.20 41.50
CA LYS B 33 -33.07 4.91 40.90
C LYS B 33 -31.87 5.16 39.98
N GLY B 34 -31.15 6.25 40.28
CA GLY B 34 -29.99 6.63 39.51
C GLY B 34 -28.91 5.57 39.52
N ARG B 35 -28.18 5.49 38.42
CA ARG B 35 -27.11 4.52 38.27
C ARG B 35 -25.75 5.00 38.81
N ASN B 36 -24.77 4.10 38.79
CA ASN B 36 -23.43 4.41 39.24
C ASN B 36 -22.55 4.79 38.06
N VAL B 37 -21.65 5.73 38.28
CA VAL B 37 -20.71 6.12 37.25
C VAL B 37 -19.36 5.83 37.89
N VAL B 38 -18.49 5.13 37.18
CA VAL B 38 -17.18 4.79 37.69
C VAL B 38 -16.15 5.76 37.15
N LEU B 39 -15.51 6.47 38.07
CA LEU B 39 -14.51 7.45 37.71
C LEU B 39 -13.13 6.90 38.05
N ASP B 40 -12.30 6.77 37.04
CA ASP B 40 -10.96 6.23 37.20
C ASP B 40 -9.94 7.22 37.76
N LYS B 41 -9.15 6.74 38.71
CA LYS B 41 -8.09 7.53 39.35
C LYS B 41 -6.80 6.82 39.00
N SER B 42 -5.80 7.58 38.57
CA SER B 42 -4.52 6.97 38.20
C SER B 42 -3.98 6.05 39.30
N PHE B 43 -4.28 6.39 40.55
CA PHE B 43 -3.82 5.61 41.70
C PHE B 43 -4.89 4.78 42.40
N GLY B 44 -4.67 3.47 42.44
CA GLY B 44 -5.61 2.59 43.12
C GLY B 44 -6.85 2.14 42.37
N ALA B 45 -7.92 1.93 43.15
CA ALA B 45 -9.20 1.49 42.60
C ALA B 45 -10.04 2.66 42.15
N PRO B 46 -10.90 2.43 41.15
CA PRO B 46 -11.75 3.49 40.65
C PRO B 46 -12.73 3.96 41.73
N THR B 47 -13.37 5.09 41.48
CA THR B 47 -14.35 5.64 42.40
C THR B 47 -15.72 5.34 41.81
N ILE B 48 -16.60 4.79 42.62
CA ILE B 48 -17.94 4.55 42.11
C ILE B 48 -18.78 5.64 42.75
N THR B 49 -19.60 6.31 41.96
CA THR B 49 -20.41 7.39 42.50
C THR B 49 -21.76 7.58 41.79
N LYS B 50 -22.68 8.26 42.47
CA LYS B 50 -23.98 8.56 41.91
C LYS B 50 -24.16 10.04 41.98
N ASP B 51 -23.05 10.73 42.24
CA ASP B 51 -23.05 12.19 42.36
C ASP B 51 -22.74 12.89 41.05
N GLY B 52 -23.77 13.50 40.47
CA GLY B 52 -23.61 14.19 39.20
C GLY B 52 -22.53 15.24 39.20
N VAL B 53 -22.33 15.89 40.33
CA VAL B 53 -21.31 16.91 40.40
C VAL B 53 -19.91 16.33 40.27
N SER B 54 -19.68 15.16 40.88
CA SER B 54 -18.38 14.51 40.80
C SER B 54 -18.12 14.09 39.37
N VAL B 55 -19.12 13.45 38.76
CA VAL B 55 -18.99 13.01 37.39
C VAL B 55 -18.68 14.20 36.50
N ALA B 56 -19.48 15.25 36.58
CA ALA B 56 -19.27 16.41 35.73
C ALA B 56 -17.84 16.98 35.83
N ARG B 57 -17.30 17.02 37.05
CA ARG B 57 -15.96 17.56 37.25
C ARG B 57 -14.94 16.87 36.38
N GLU B 58 -15.11 15.56 36.23
CA GLU B 58 -14.20 14.72 35.45
C GLU B 58 -14.33 14.77 33.94
N ILE B 59 -15.38 15.39 33.42
CA ILE B 59 -15.58 15.42 31.99
C ILE B 59 -14.80 16.47 31.22
N GLU B 60 -13.95 15.99 30.33
CA GLU B 60 -13.13 16.81 29.45
C GLU B 60 -12.96 15.98 28.17
N LEU B 61 -13.29 16.55 27.02
CA LEU B 61 -13.20 15.84 25.77
C LEU B 61 -11.94 16.15 24.96
N GLU B 62 -11.50 15.18 24.16
CA GLU B 62 -10.31 15.37 23.34
C GLU B 62 -10.50 16.34 22.18
N ASP B 63 -11.62 16.24 21.49
CA ASP B 63 -11.90 17.16 20.38
C ASP B 63 -12.07 18.56 20.98
N LYS B 64 -11.25 19.51 20.55
CA LYS B 64 -11.32 20.85 21.10
C LYS B 64 -12.72 21.49 21.05
N PHE B 65 -13.41 21.35 19.93
CA PHE B 65 -14.74 21.96 19.78
C PHE B 65 -15.76 21.30 20.68
N GLU B 66 -15.83 19.97 20.63
CA GLU B 66 -16.77 19.24 21.49
C GLU B 66 -16.51 19.58 22.94
N ASN B 67 -15.24 19.72 23.30
CA ASN B 67 -14.87 20.07 24.66
C ASN B 67 -15.39 21.45 25.07
N MET B 68 -15.36 22.41 24.15
CA MET B 68 -15.86 23.75 24.44
C MET B 68 -17.33 23.68 24.80
N GLY B 69 -18.05 22.80 24.10
CA GLY B 69 -19.46 22.62 24.35
C GLY B 69 -19.72 22.08 25.75
N ALA B 70 -18.96 21.07 26.12
CA ALA B 70 -19.09 20.47 27.44
C ALA B 70 -18.70 21.48 28.52
N GLN B 71 -17.56 22.12 28.37
CA GLN B 71 -17.11 23.09 29.37
C GLN B 71 -18.08 24.25 29.56
N MET B 72 -18.76 24.65 28.48
CA MET B 72 -19.70 25.74 28.58
C MET B 72 -20.90 25.45 29.47
N VAL B 73 -21.60 24.34 29.26
CA VAL B 73 -22.75 24.06 30.11
C VAL B 73 -22.26 23.64 31.50
N LYS B 74 -21.11 22.99 31.51
CA LYS B 74 -20.50 22.55 32.74
C LYS B 74 -20.31 23.74 33.68
N GLU B 75 -19.78 24.83 33.14
CA GLU B 75 -19.52 26.03 33.93
C GLU B 75 -20.77 26.72 34.46
N VAL B 76 -21.77 26.82 33.61
CA VAL B 76 -23.03 27.45 34.00
C VAL B 76 -23.79 26.57 34.97
N ALA B 77 -23.84 25.27 34.71
CA ALA B 77 -24.56 24.38 35.60
C ALA B 77 -23.96 24.39 37.00
N SER B 78 -22.65 24.55 37.08
CA SER B 78 -22.00 24.55 38.38
C SER B 78 -22.50 25.72 39.22
N LYS B 79 -22.84 26.84 38.56
CA LYS B 79 -23.35 27.99 39.28
C LYS B 79 -24.66 27.70 40.00
N ALA B 80 -25.49 26.83 39.43
CA ALA B 80 -26.76 26.49 40.08
C ALA B 80 -26.44 25.89 41.44
N ASN B 81 -25.47 24.99 41.49
CA ASN B 81 -25.10 24.34 42.74
C ASN B 81 -24.53 25.35 43.72
N ASP B 82 -23.72 26.28 43.22
CA ASP B 82 -23.13 27.30 44.08
C ASP B 82 -24.23 28.17 44.67
N ALA B 83 -25.20 28.55 43.85
CA ALA B 83 -26.29 29.38 44.30
C ALA B 83 -27.28 28.73 45.28
N ALA B 84 -27.71 27.50 45.01
CA ALA B 84 -28.69 26.87 45.87
C ALA B 84 -28.27 25.57 46.54
N GLY B 85 -27.03 25.17 46.33
CA GLY B 85 -26.54 23.94 46.93
C GLY B 85 -27.03 22.67 46.26
N ASP B 86 -27.57 22.80 45.06
CA ASP B 86 -28.06 21.65 44.33
C ASP B 86 -28.58 22.09 42.96
N GLY B 87 -28.91 21.12 42.11
CA GLY B 87 -29.45 21.45 40.79
C GLY B 87 -28.50 21.40 39.63
N THR B 88 -27.24 21.06 39.86
CA THR B 88 -26.28 21.02 38.78
C THR B 88 -26.64 20.00 37.70
N THR B 89 -26.93 18.77 38.11
CA THR B 89 -27.31 17.73 37.17
C THR B 89 -28.57 18.14 36.41
N THR B 90 -29.55 18.65 37.15
CA THR B 90 -30.80 19.09 36.57
C THR B 90 -30.56 20.13 35.48
N ALA B 91 -29.82 21.18 35.85
CA ALA B 91 -29.49 22.26 34.93
C ALA B 91 -28.88 21.67 33.65
N THR B 92 -28.00 20.69 33.85
CA THR B 92 -27.34 20.01 32.74
C THR B 92 -28.32 19.27 31.84
N VAL B 93 -29.19 18.42 32.40
CA VAL B 93 -30.14 17.73 31.52
C VAL B 93 -31.10 18.72 30.85
N LEU B 94 -31.46 19.78 31.56
CA LEU B 94 -32.33 20.81 31.00
C LEU B 94 -31.63 21.47 29.82
N ALA B 95 -30.37 21.86 30.04
CA ALA B 95 -29.57 22.48 29.00
C ALA B 95 -29.51 21.59 27.76
N GLN B 96 -29.27 20.29 27.95
CA GLN B 96 -29.21 19.38 26.81
C GLN B 96 -30.53 19.38 26.04
N ALA B 97 -31.63 19.33 26.79
CA ALA B 97 -32.95 19.33 26.17
C ALA B 97 -33.19 20.61 25.37
N ILE B 98 -32.89 21.76 25.98
CA ILE B 98 -33.10 23.00 25.27
C ILE B 98 -32.19 23.11 24.03
N ILE B 99 -30.91 22.81 24.20
CA ILE B 99 -29.95 22.92 23.10
C ILE B 99 -30.27 22.01 21.93
N THR B 100 -30.64 20.77 22.24
CA THR B 100 -30.99 19.83 21.20
C THR B 100 -32.13 20.30 20.31
N GLU B 101 -33.28 20.63 20.90
CA GLU B 101 -34.41 21.09 20.11
C GLU B 101 -34.15 22.45 19.51
N GLY B 102 -33.46 23.30 20.26
CA GLY B 102 -33.16 24.62 19.76
C GLY B 102 -32.35 24.54 18.47
N LEU B 103 -31.34 23.67 18.44
CA LEU B 103 -30.50 23.52 17.27
C LEU B 103 -31.29 22.93 16.08
N LYS B 104 -32.20 22.00 16.35
CA LYS B 104 -33.00 21.44 15.26
C LYS B 104 -33.76 22.58 14.60
N ALA B 105 -34.37 23.43 15.43
CA ALA B 105 -35.13 24.55 14.94
C ALA B 105 -34.24 25.42 14.06
N VAL B 106 -33.03 25.69 14.53
CA VAL B 106 -32.09 26.51 13.78
C VAL B 106 -31.79 25.91 12.42
N ALA B 107 -31.55 24.60 12.40
CA ALA B 107 -31.24 23.89 11.17
C ALA B 107 -32.41 23.96 10.20
N ALA B 108 -33.61 23.94 10.74
CA ALA B 108 -34.82 24.01 9.94
C ALA B 108 -34.95 25.40 9.34
N GLY B 109 -34.08 26.31 9.76
CA GLY B 109 -34.13 27.65 9.21
C GLY B 109 -34.78 28.73 10.05
N MET B 110 -35.12 28.43 11.30
CA MET B 110 -35.73 29.43 12.16
C MET B 110 -34.66 30.36 12.73
N ASN B 111 -35.02 31.60 13.03
CA ASN B 111 -34.03 32.56 13.53
C ASN B 111 -33.56 32.29 14.93
N PRO B 112 -32.23 32.15 15.11
CA PRO B 112 -31.65 31.89 16.43
C PRO B 112 -32.02 32.93 17.48
N MET B 113 -31.95 34.21 17.11
CA MET B 113 -32.27 35.25 18.06
C MET B 113 -33.73 35.17 18.53
N ASP B 114 -34.65 34.82 17.64
CA ASP B 114 -36.06 34.72 18.03
C ASP B 114 -36.30 33.48 18.89
N LEU B 115 -35.65 32.36 18.55
CA LEU B 115 -35.77 31.13 19.31
C LEU B 115 -35.32 31.39 20.75
N LYS B 116 -34.22 32.13 20.89
CA LYS B 116 -33.70 32.44 22.20
C LYS B 116 -34.68 33.33 22.95
N ARG B 117 -35.21 34.34 22.28
CA ARG B 117 -36.15 35.25 22.93
C ARG B 117 -37.39 34.50 23.43
N GLY B 118 -37.84 33.54 22.64
CA GLY B 118 -38.99 32.74 23.03
C GLY B 118 -38.67 31.86 24.23
N ILE B 119 -37.51 31.23 24.21
CA ILE B 119 -37.09 30.38 25.31
C ILE B 119 -37.05 31.20 26.59
N ASP B 120 -36.49 32.40 26.50
CA ASP B 120 -36.39 33.29 27.63
C ASP B 120 -37.75 33.69 28.16
N LYS B 121 -38.65 34.06 27.25
CA LYS B 121 -39.98 34.46 27.68
C LYS B 121 -40.62 33.32 28.46
N ALA B 122 -40.51 32.11 27.92
CA ALA B 122 -41.07 30.91 28.54
C ALA B 122 -40.48 30.71 29.94
N VAL B 123 -39.17 30.89 30.06
CA VAL B 123 -38.52 30.71 31.34
C VAL B 123 -38.97 31.77 32.33
N THR B 124 -39.10 33.01 31.87
CA THR B 124 -39.54 34.07 32.77
C THR B 124 -40.91 33.75 33.33
N ALA B 125 -41.79 33.23 32.47
CA ALA B 125 -43.13 32.87 32.89
C ALA B 125 -43.04 31.68 33.83
N ALA B 126 -42.18 30.72 33.48
CA ALA B 126 -41.99 29.52 34.28
C ALA B 126 -41.56 29.86 35.70
N VAL B 127 -40.64 30.80 35.82
CA VAL B 127 -40.14 31.21 37.14
C VAL B 127 -41.25 31.83 37.99
N GLU B 128 -42.11 32.62 37.37
CA GLU B 128 -43.21 33.23 38.09
C GLU B 128 -44.22 32.17 38.52
N GLU B 129 -44.45 31.19 37.65
CA GLU B 129 -45.39 30.12 37.93
C GLU B 129 -44.83 29.27 39.07
N LEU B 130 -43.51 29.25 39.17
CA LEU B 130 -42.82 28.50 40.20
C LEU B 130 -43.01 29.15 41.59
N LYS B 131 -43.02 30.46 41.63
CA LYS B 131 -43.21 31.16 42.91
C LYS B 131 -44.64 30.92 43.38
N ALA B 132 -45.60 30.95 42.46
CA ALA B 132 -47.00 30.76 42.80
C ALA B 132 -47.15 29.33 43.30
N LEU B 133 -46.27 28.51 42.79
CA LEU B 133 -46.26 27.11 43.12
C LEU B 133 -45.62 26.91 44.49
N SER B 134 -44.59 27.71 44.75
CA SER B 134 -43.82 27.65 45.99
C SER B 134 -44.57 27.78 47.30
N VAL B 135 -44.20 26.93 48.24
CA VAL B 135 -44.75 26.92 49.60
C VAL B 135 -43.66 27.50 50.50
N PRO B 136 -44.00 28.49 51.34
CA PRO B 136 -43.07 29.15 52.26
C PRO B 136 -42.50 28.26 53.34
N CYS B 137 -41.29 28.59 53.78
CA CYS B 137 -40.64 27.83 54.82
C CYS B 137 -40.12 28.87 55.82
N SER B 138 -40.96 29.21 56.80
CA SER B 138 -40.60 30.24 57.77
C SER B 138 -40.55 29.89 59.25
N ASP B 139 -41.59 29.22 59.76
CA ASP B 139 -41.57 28.84 61.17
C ASP B 139 -40.48 27.77 61.35
N SER B 140 -39.89 27.70 62.54
CA SER B 140 -38.83 26.72 62.74
C SER B 140 -39.32 25.28 62.73
N LYS B 141 -40.62 25.09 62.64
CA LYS B 141 -41.14 23.73 62.57
C LYS B 141 -40.87 23.24 61.15
N ALA B 142 -41.13 24.11 60.18
CA ALA B 142 -40.93 23.82 58.77
C ALA B 142 -39.44 23.69 58.46
N ILE B 143 -38.66 24.62 59.01
CA ILE B 143 -37.21 24.62 58.82
C ILE B 143 -36.66 23.26 59.24
N ALA B 144 -37.13 22.75 60.37
CA ALA B 144 -36.67 21.45 60.83
C ALA B 144 -37.04 20.36 59.82
N GLN B 145 -38.28 20.41 59.32
CA GLN B 145 -38.75 19.41 58.35
C GLN B 145 -37.88 19.39 57.10
N VAL B 146 -37.63 20.58 56.55
CA VAL B 146 -36.81 20.70 55.35
C VAL B 146 -35.39 20.20 55.62
N GLY B 147 -34.91 20.47 56.83
CA GLY B 147 -33.58 20.02 57.21
C GLY B 147 -33.54 18.51 57.33
N THR B 148 -34.62 17.94 57.86
CA THR B 148 -34.72 16.50 58.03
C THR B 148 -34.74 15.80 56.66
N ILE B 149 -35.57 16.30 55.75
CA ILE B 149 -35.66 15.73 54.41
C ILE B 149 -34.33 15.83 53.67
N SER B 150 -33.66 16.96 53.82
CA SER B 150 -32.39 17.20 53.16
C SER B 150 -31.25 16.37 53.76
N ALA B 151 -31.51 15.80 54.94
CA ALA B 151 -30.52 15.01 55.65
C ALA B 151 -30.89 13.53 55.58
N ASN B 152 -31.65 13.18 54.54
CA ASN B 152 -32.09 11.82 54.32
C ASN B 152 -32.99 11.31 55.47
N SER B 153 -33.97 12.12 55.84
CA SER B 153 -34.92 11.77 56.88
C SER B 153 -34.34 11.67 58.29
N ASP B 154 -33.20 12.31 58.53
CA ASP B 154 -32.57 12.30 59.85
C ASP B 154 -33.15 13.46 60.66
N GLU B 155 -34.16 13.18 61.48
CA GLU B 155 -34.78 14.24 62.28
C GLU B 155 -33.77 15.05 63.09
N THR B 156 -32.71 14.38 63.54
CA THR B 156 -31.66 15.01 64.34
C THR B 156 -31.08 16.23 63.65
N VAL B 157 -30.74 16.05 62.38
CA VAL B 157 -30.16 17.14 61.59
C VAL B 157 -31.13 18.31 61.50
N GLY B 158 -32.38 18.02 61.17
CA GLY B 158 -33.38 19.06 61.07
C GLY B 158 -33.46 19.83 62.38
N LYS B 159 -33.51 19.09 63.48
CA LYS B 159 -33.58 19.68 64.81
C LYS B 159 -32.35 20.57 65.04
N LEU B 160 -31.18 20.06 64.68
CA LEU B 160 -29.95 20.80 64.85
C LEU B 160 -29.98 22.14 64.13
N ILE B 161 -30.33 22.09 62.85
CA ILE B 161 -30.37 23.29 62.03
C ILE B 161 -31.41 24.31 62.53
N ALA B 162 -32.59 23.82 62.89
CA ALA B 162 -33.64 24.69 63.38
C ALA B 162 -33.14 25.44 64.62
N GLU B 163 -32.49 24.70 65.52
CA GLU B 163 -31.94 25.28 66.75
C GLU B 163 -30.92 26.38 66.46
N ALA B 164 -29.99 26.09 65.56
CA ALA B 164 -28.96 27.06 65.21
C ALA B 164 -29.60 28.29 64.58
N MET B 165 -30.52 28.09 63.64
CA MET B 165 -31.16 29.22 62.98
C MET B 165 -31.94 30.06 64.00
N ASP B 166 -32.44 29.39 65.03
CA ASP B 166 -33.18 30.08 66.07
C ASP B 166 -32.23 30.99 66.88
N LYS B 167 -31.01 30.52 67.10
CA LYS B 167 -30.00 31.27 67.85
C LYS B 167 -29.53 32.51 67.11
N VAL B 168 -28.96 32.33 65.94
CA VAL B 168 -28.42 33.44 65.16
C VAL B 168 -29.39 34.07 64.17
N GLY B 169 -30.63 33.57 64.11
CA GLY B 169 -31.62 34.11 63.19
C GLY B 169 -31.47 33.57 61.78
N LYS B 170 -32.51 33.74 60.97
CA LYS B 170 -32.50 33.24 59.58
C LYS B 170 -31.36 33.81 58.74
N GLU B 171 -30.98 35.05 59.01
CA GLU B 171 -29.90 35.69 58.28
C GLU B 171 -28.55 35.36 58.91
N GLY B 172 -28.59 34.82 60.12
CA GLY B 172 -27.37 34.51 60.85
C GLY B 172 -26.34 33.68 60.11
N VAL B 173 -25.11 33.69 60.59
CA VAL B 173 -24.05 32.92 60.01
C VAL B 173 -23.97 31.59 60.77
N ILE B 174 -24.08 30.47 60.06
CA ILE B 174 -24.01 29.17 60.73
C ILE B 174 -22.85 28.34 60.16
N THR B 175 -21.99 27.85 61.05
CA THR B 175 -20.82 27.03 60.70
C THR B 175 -20.96 25.62 61.28
N VAL B 176 -20.34 24.65 60.63
CA VAL B 176 -20.40 23.28 61.13
C VAL B 176 -19.01 22.65 61.08
N GLU B 177 -18.65 21.99 62.18
CA GLU B 177 -17.34 21.32 62.28
C GLU B 177 -17.40 20.01 63.07
N ASP B 178 -16.33 19.22 62.96
CA ASP B 178 -16.24 17.93 63.66
C ASP B 178 -16.59 18.05 65.12
N GLY B 179 -17.25 17.02 65.64
CA GLY B 179 -17.63 17.00 67.04
C GLY B 179 -16.51 16.45 67.90
N THR B 180 -16.59 16.69 69.20
CA THR B 180 -15.58 16.19 70.12
C THR B 180 -15.97 14.81 70.63
N GLY B 181 -17.13 14.31 70.18
CA GLY B 181 -17.58 13.00 70.58
C GLY B 181 -19.06 12.79 70.83
N LEU B 182 -19.61 11.75 70.22
CA LEU B 182 -21.01 11.38 70.36
C LEU B 182 -21.88 12.36 71.14
N GLN B 183 -22.19 13.49 70.53
CA GLN B 183 -23.03 14.53 71.13
C GLN B 183 -22.77 15.86 70.46
N ASP B 184 -23.84 16.46 69.96
CA ASP B 184 -23.74 17.72 69.26
C ASP B 184 -23.59 18.89 70.23
N GLU B 185 -23.03 19.99 69.73
CA GLU B 185 -22.85 21.18 70.53
C GLU B 185 -23.18 22.37 69.63
N LEU B 186 -23.85 23.35 70.20
CA LEU B 186 -24.24 24.54 69.45
C LEU B 186 -23.84 25.74 70.28
N ASP B 187 -22.96 26.58 69.74
CA ASP B 187 -22.50 27.76 70.46
C ASP B 187 -22.33 28.93 69.51
N VAL B 188 -22.64 30.14 69.99
CA VAL B 188 -22.47 31.32 69.18
C VAL B 188 -21.18 31.98 69.65
N VAL B 189 -20.30 32.34 68.73
CA VAL B 189 -19.05 32.96 69.12
C VAL B 189 -18.83 34.27 68.38
N GLU B 190 -18.10 35.19 69.01
CA GLU B 190 -17.77 36.46 68.37
C GLU B 190 -17.23 36.09 67.00
N GLY B 191 -17.91 36.51 65.95
CA GLY B 191 -17.45 36.16 64.62
C GLY B 191 -18.09 37.02 63.57
N MET B 192 -17.69 36.79 62.33
CA MET B 192 -18.19 37.60 61.23
C MET B 192 -17.93 36.87 59.92
N GLN B 193 -18.52 37.35 58.84
CA GLN B 193 -18.30 36.76 57.51
C GLN B 193 -18.52 37.76 56.38
N PHE B 194 -17.55 37.86 55.47
CA PHE B 194 -17.71 38.78 54.35
C PHE B 194 -17.58 38.06 53.01
N ASP B 195 -17.99 38.73 51.94
CA ASP B 195 -17.97 38.16 50.59
C ASP B 195 -16.67 38.32 49.83
N ARG B 196 -15.62 37.70 50.34
CA ARG B 196 -14.32 37.76 49.68
C ARG B 196 -13.72 36.38 49.83
N GLY B 197 -13.28 35.81 48.71
CA GLY B 197 -12.67 34.50 48.75
C GLY B 197 -11.16 34.56 48.72
N TYR B 198 -10.54 33.39 48.63
CA TYR B 198 -9.08 33.31 48.57
C TYR B 198 -8.59 34.02 47.31
N LEU B 199 -7.52 34.79 47.43
CA LEU B 199 -6.99 35.49 46.27
C LEU B 199 -6.27 34.51 45.36
N SER B 200 -6.45 33.21 45.63
CA SER B 200 -5.80 32.18 44.84
C SER B 200 -6.05 30.83 45.46
N PRO B 201 -6.34 29.80 44.62
CA PRO B 201 -6.57 28.48 45.23
C PRO B 201 -5.20 28.14 45.88
N TYR B 202 -4.77 26.89 45.84
CA TYR B 202 -3.48 26.57 46.43
C TYR B 202 -3.48 26.84 47.94
N PHE B 203 -4.05 27.99 48.33
CA PHE B 203 -4.15 28.31 49.76
C PHE B 203 -5.09 27.26 50.32
N ILE B 204 -5.84 26.60 49.41
CA ILE B 204 -6.78 25.57 49.77
C ILE B 204 -6.05 24.40 50.43
N ASN B 205 -6.51 24.03 51.62
CA ASN B 205 -5.92 22.92 52.36
C ASN B 205 -7.00 21.93 52.73
N LYS B 206 -8.16 22.08 52.10
CA LYS B 206 -9.30 21.19 52.33
C LYS B 206 -9.95 20.89 50.99
N PRO B 207 -9.18 20.31 50.06
CA PRO B 207 -9.67 19.96 48.72
C PRO B 207 -11.10 19.42 48.66
N GLU B 208 -11.50 18.69 49.71
CA GLU B 208 -12.84 18.14 49.77
C GLU B 208 -13.85 19.26 49.56
N THR B 209 -13.82 20.23 50.46
CA THR B 209 -14.73 21.39 50.43
C THR B 209 -14.16 22.56 49.62
N GLY B 210 -12.96 22.37 49.09
CA GLY B 210 -12.32 23.42 48.31
C GLY B 210 -12.14 24.71 49.08
N ALA B 211 -11.93 24.60 50.39
CA ALA B 211 -11.78 25.77 51.24
C ALA B 211 -10.48 25.78 52.01
N VAL B 212 -10.11 26.96 52.51
CA VAL B 212 -8.91 27.17 53.32
C VAL B 212 -9.39 27.19 54.76
N GLU B 213 -8.69 26.44 55.62
CA GLU B 213 -9.10 26.40 57.01
C GLU B 213 -7.87 26.56 57.90
N LEU B 214 -7.78 27.72 58.56
CA LEU B 214 -6.64 28.04 59.44
C LEU B 214 -7.05 28.05 60.90
N GLU B 215 -6.23 27.46 61.77
CA GLU B 215 -6.57 27.43 63.18
C GLU B 215 -5.71 28.34 64.04
N SER B 216 -6.36 29.07 64.94
CA SER B 216 -5.71 30.06 65.81
C SER B 216 -4.74 30.94 65.04
N PRO B 217 -5.15 31.39 63.83
CA PRO B 217 -4.28 32.23 63.00
C PRO B 217 -4.22 33.69 63.40
N PHE B 218 -3.17 34.35 62.94
CA PHE B 218 -2.99 35.78 63.18
C PHE B 218 -3.64 36.47 61.99
N ILE B 219 -4.19 37.65 62.22
CA ILE B 219 -4.82 38.36 61.12
C ILE B 219 -4.18 39.72 60.89
N LEU B 220 -3.61 39.89 59.69
CA LEU B 220 -2.98 41.14 59.29
C LEU B 220 -3.95 42.00 58.51
N LEU B 221 -4.32 43.14 59.10
CA LEU B 221 -5.25 44.07 58.46
C LEU B 221 -4.44 45.24 57.91
N ALA B 222 -4.29 45.26 56.59
CA ALA B 222 -3.52 46.31 55.92
C ALA B 222 -4.36 47.06 54.89
N ASP B 223 -4.61 48.33 55.18
CA ASP B 223 -5.39 49.19 54.29
C ASP B 223 -4.49 49.67 53.16
N LYS B 224 -4.35 48.82 52.14
CA LYS B 224 -3.52 49.10 50.97
C LYS B 224 -3.33 47.86 50.12
N LYS B 225 -2.59 47.99 49.02
CA LYS B 225 -2.34 46.87 48.12
C LYS B 225 -0.91 46.37 48.31
N ILE B 226 -0.77 45.07 48.54
CA ILE B 226 0.55 44.48 48.73
C ILE B 226 0.97 43.78 47.45
N SER B 227 2.06 44.27 46.85
CA SER B 227 2.57 43.71 45.60
C SER B 227 3.98 43.16 45.68
N ASN B 228 4.68 43.48 46.76
CA ASN B 228 6.07 43.03 46.97
C ASN B 228 6.23 42.49 48.38
N ILE B 229 6.57 41.21 48.49
CA ILE B 229 6.73 40.57 49.80
C ILE B 229 7.83 41.16 50.67
N ARG B 230 8.45 42.24 50.22
CA ARG B 230 9.51 42.87 51.00
C ARG B 230 8.96 43.52 52.27
N GLU B 231 7.78 44.13 52.16
CA GLU B 231 7.16 44.80 53.31
C GLU B 231 6.72 43.75 54.33
N MET B 232 6.42 42.57 53.80
CA MET B 232 5.93 41.45 54.59
C MET B 232 6.95 40.83 55.55
N LEU B 233 8.09 40.44 55.01
CA LEU B 233 9.17 39.80 55.76
C LEU B 233 9.17 40.01 57.28
N PRO B 234 9.30 41.26 57.76
CA PRO B 234 9.29 41.44 59.21
C PRO B 234 8.11 40.75 59.89
N VAL B 235 6.90 40.99 59.38
CA VAL B 235 5.69 40.40 59.95
C VAL B 235 5.63 38.88 59.75
N LEU B 236 6.09 38.42 58.59
CA LEU B 236 6.09 36.98 58.29
C LEU B 236 7.06 36.21 59.20
N GLU B 237 8.10 36.88 59.67
CA GLU B 237 9.09 36.24 60.55
C GLU B 237 8.59 36.20 61.98
N ALA B 238 7.74 37.16 62.35
CA ALA B 238 7.16 37.19 63.69
C ALA B 238 6.11 36.09 63.76
N VAL B 239 5.50 35.81 62.60
CA VAL B 239 4.48 34.77 62.46
C VAL B 239 5.17 33.41 62.35
N ALA B 240 6.39 33.40 61.82
CA ALA B 240 7.18 32.17 61.68
C ALA B 240 7.39 31.64 63.10
N LYS B 241 7.89 32.51 63.99
CA LYS B 241 8.07 32.16 65.39
C LYS B 241 6.63 32.09 65.89
N ALA B 242 6.41 31.64 67.12
CA ALA B 242 5.03 31.53 67.64
C ALA B 242 4.31 30.39 66.91
N GLY B 243 4.80 30.04 65.72
CA GLY B 243 4.25 28.95 64.94
C GLY B 243 2.75 28.91 64.69
N LYS B 244 2.18 30.03 64.26
CA LYS B 244 0.75 30.09 63.96
C LYS B 244 0.53 30.59 62.53
N PRO B 245 -0.57 30.15 61.89
CA PRO B 245 -0.83 30.61 60.52
C PRO B 245 -1.20 32.11 60.45
N LEU B 246 -1.35 32.61 59.23
CA LEU B 246 -1.65 34.02 59.02
C LEU B 246 -2.68 34.28 57.93
N LEU B 247 -3.61 35.17 58.24
CA LEU B 247 -4.64 35.57 57.31
C LEU B 247 -4.36 37.03 56.92
N ILE B 248 -4.00 37.24 55.66
CA ILE B 248 -3.71 38.60 55.14
C ILE B 248 -4.99 39.21 54.56
N ILE B 249 -5.46 40.29 55.17
CA ILE B 249 -6.65 40.98 54.68
C ILE B 249 -6.24 42.39 54.26
N ALA B 250 -6.04 42.59 52.96
CA ALA B 250 -5.62 43.89 52.44
C ALA B 250 -6.52 44.32 51.29
N GLU B 251 -6.31 45.53 50.78
CA GLU B 251 -7.10 46.03 49.65
C GLU B 251 -6.98 45.02 48.50
N ASP B 252 -5.84 44.36 48.44
CA ASP B 252 -5.54 43.34 47.43
C ASP B 252 -4.11 42.89 47.66
N VAL B 253 -3.75 41.75 47.08
CA VAL B 253 -2.41 41.17 47.18
C VAL B 253 -2.07 40.71 45.77
N GLU B 254 -1.13 41.42 45.14
CA GLU B 254 -0.73 41.17 43.75
C GLU B 254 0.67 40.63 43.49
N GLY B 255 0.89 40.33 42.21
CA GLY B 255 2.16 39.82 41.71
C GLY B 255 3.13 39.11 42.63
N GLU B 256 4.35 39.64 42.67
CA GLU B 256 5.44 39.09 43.47
C GLU B 256 5.05 38.63 44.88
N ALA B 257 4.33 39.49 45.60
CA ALA B 257 3.90 39.18 46.96
C ALA B 257 3.00 37.94 46.99
N LEU B 258 1.91 37.99 46.23
CA LEU B 258 0.96 36.88 46.18
C LEU B 258 1.71 35.63 45.73
N ALA B 259 2.41 35.74 44.61
CA ALA B 259 3.17 34.62 44.08
C ALA B 259 4.04 34.00 45.16
N THR B 260 4.77 34.83 45.90
CA THR B 260 5.64 34.32 46.95
C THR B 260 4.82 33.61 48.04
N LEU B 261 3.67 34.20 48.39
CA LEU B 261 2.81 33.61 49.41
C LEU B 261 2.26 32.26 48.95
N VAL B 262 1.79 32.19 47.71
CA VAL B 262 1.25 30.95 47.16
C VAL B 262 2.26 29.81 47.24
N VAL B 263 3.53 30.13 47.03
CA VAL B 263 4.63 29.17 47.08
C VAL B 263 4.99 28.74 48.51
N ASN B 264 5.50 29.67 49.31
CA ASN B 264 5.89 29.36 50.69
C ASN B 264 4.89 28.55 51.51
N THR B 265 3.61 28.92 51.47
CA THR B 265 2.60 28.18 52.22
C THR B 265 2.41 26.80 51.59
N MET B 266 2.75 26.70 50.31
CA MET B 266 2.65 25.46 49.55
C MET B 266 3.94 24.65 49.71
N ARG B 267 4.69 24.97 50.77
CA ARG B 267 5.94 24.29 51.11
C ARG B 267 6.09 24.18 52.62
N GLY B 268 4.97 24.32 53.34
CA GLY B 268 5.02 24.22 54.79
C GLY B 268 5.82 25.31 55.47
N ILE B 269 6.31 26.26 54.67
CA ILE B 269 7.10 27.38 55.17
C ILE B 269 6.11 28.45 55.63
N VAL B 270 5.39 28.16 56.72
CA VAL B 270 4.38 29.07 57.28
C VAL B 270 3.08 29.04 56.46
N LYS B 271 1.97 28.69 57.10
CA LYS B 271 0.66 28.63 56.44
C LYS B 271 0.06 30.04 56.41
N VAL B 272 -0.24 30.52 55.20
CA VAL B 272 -0.82 31.85 55.01
C VAL B 272 -1.92 31.85 53.95
N ALA B 273 -2.86 32.76 54.12
CA ALA B 273 -3.97 32.90 53.18
C ALA B 273 -4.34 34.39 53.11
N ALA B 274 -4.49 34.91 51.90
CA ALA B 274 -4.83 36.31 51.73
C ALA B 274 -6.15 36.49 51.00
N VAL B 275 -6.90 37.51 51.42
CA VAL B 275 -8.20 37.84 50.80
C VAL B 275 -8.39 39.35 50.75
N LYS B 276 -9.11 39.82 49.74
CA LYS B 276 -9.37 41.26 49.63
C LYS B 276 -10.24 41.72 50.79
N ALA B 277 -10.01 42.94 51.26
CA ALA B 277 -10.83 43.46 52.34
C ALA B 277 -12.24 43.54 51.74
N PRO B 278 -13.28 43.51 52.57
CA PRO B 278 -14.65 43.57 52.07
C PRO B 278 -15.06 44.96 51.54
N GLY B 279 -15.92 44.97 50.52
CA GLY B 279 -16.39 46.22 49.92
C GLY B 279 -15.33 47.05 49.24
N PHE B 280 -15.64 48.33 49.00
CA PHE B 280 -14.70 49.24 48.34
C PHE B 280 -14.87 50.68 48.85
N GLY B 281 -14.04 51.57 48.34
CA GLY B 281 -14.12 52.96 48.72
C GLY B 281 -14.01 53.22 50.20
N ASP B 282 -14.71 54.22 50.69
CA ASP B 282 -14.64 54.55 52.10
C ASP B 282 -15.12 53.40 52.98
N ARG B 283 -16.36 52.96 52.74
CA ARG B 283 -16.94 51.90 53.56
C ARG B 283 -16.02 50.67 53.72
N ARG B 284 -15.06 50.51 52.81
CA ARG B 284 -14.12 49.39 52.89
C ARG B 284 -13.15 49.60 54.06
N LYS B 285 -12.84 50.85 54.33
CA LYS B 285 -11.93 51.19 55.41
C LYS B 285 -12.65 51.04 56.76
N ALA B 286 -13.94 51.31 56.76
CA ALA B 286 -14.74 51.21 57.98
C ALA B 286 -14.85 49.74 58.39
N MET B 287 -14.99 48.87 57.40
CA MET B 287 -15.13 47.43 57.65
C MET B 287 -13.83 46.81 58.15
N LEU B 288 -12.71 47.20 57.56
CA LEU B 288 -11.42 46.68 57.99
C LEU B 288 -11.27 46.90 59.48
N GLN B 289 -11.76 48.04 59.96
CA GLN B 289 -11.69 48.38 61.37
C GLN B 289 -12.68 47.52 62.16
N ASP B 290 -13.83 47.20 61.55
CA ASP B 290 -14.81 46.36 62.21
C ASP B 290 -14.11 45.05 62.54
N ILE B 291 -13.45 44.48 61.53
CA ILE B 291 -12.72 43.22 61.66
C ILE B 291 -11.66 43.36 62.75
N ALA B 292 -10.88 44.44 62.66
CA ALA B 292 -9.84 44.72 63.65
C ALA B 292 -10.41 44.58 65.05
N THR B 293 -11.47 45.34 65.34
CA THR B 293 -12.12 45.33 66.66
C THR B 293 -12.51 43.92 67.11
N LEU B 294 -13.13 43.18 66.20
CA LEU B 294 -13.59 41.82 66.43
C LEU B 294 -12.41 40.88 66.73
N THR B 295 -11.33 41.03 65.99
CA THR B 295 -10.15 40.19 66.18
C THR B 295 -9.07 40.83 67.05
N GLY B 296 -9.44 41.90 67.76
CA GLY B 296 -8.50 42.61 68.62
C GLY B 296 -7.19 42.94 67.90
N GLY B 297 -7.30 43.35 66.64
CA GLY B 297 -6.10 43.69 65.89
C GLY B 297 -6.02 45.18 65.64
N THR B 298 -5.04 45.58 64.82
CA THR B 298 -4.86 46.98 64.47
C THR B 298 -4.66 47.16 62.96
N VAL B 299 -5.52 47.96 62.36
CA VAL B 299 -5.44 48.22 60.93
C VAL B 299 -4.19 49.03 60.62
N ILE B 300 -3.42 48.59 59.63
CA ILE B 300 -2.21 49.30 59.23
C ILE B 300 -2.49 50.06 57.93
N SER B 301 -2.95 51.30 58.10
CA SER B 301 -3.28 52.18 56.98
C SER B 301 -2.16 53.18 56.67
N GLU B 302 -1.86 53.34 55.39
CA GLU B 302 -0.83 54.27 54.95
C GLU B 302 -1.22 55.70 55.31
N GLU B 303 -2.50 56.01 55.17
CA GLU B 303 -3.02 57.35 55.48
C GLU B 303 -2.43 57.90 56.77
N ILE B 304 -2.60 57.17 57.86
CA ILE B 304 -2.07 57.58 59.15
C ILE B 304 -0.52 57.52 59.13
N GLY B 305 0.02 57.07 57.99
CA GLY B 305 1.46 56.98 57.83
C GLY B 305 2.13 55.74 58.41
N MET B 306 1.35 54.67 58.56
CA MET B 306 1.91 53.44 59.10
C MET B 306 2.57 52.60 58.03
N GLU B 307 3.54 51.79 58.44
CA GLU B 307 4.29 50.94 57.52
C GLU B 307 4.21 49.48 57.92
N LEU B 308 4.08 48.60 56.93
CA LEU B 308 4.01 47.17 57.18
C LEU B 308 5.31 46.62 57.78
N GLU B 309 6.41 47.32 57.56
CA GLU B 309 7.69 46.86 58.10
C GLU B 309 7.69 47.02 59.61
N LYS B 310 7.10 48.11 60.10
CA LYS B 310 7.06 48.37 61.53
C LYS B 310 5.88 47.69 62.22
N ALA B 311 5.28 46.70 61.55
CA ALA B 311 4.14 45.97 62.10
C ALA B 311 4.59 44.82 62.98
N THR B 312 4.15 44.82 64.24
CA THR B 312 4.54 43.76 65.17
C THR B 312 3.42 42.75 65.39
N LEU B 313 3.77 41.59 65.95
CA LEU B 313 2.79 40.53 66.22
C LEU B 313 1.58 41.01 67.00
N GLU B 314 1.71 42.13 67.70
CA GLU B 314 0.60 42.62 68.48
C GLU B 314 -0.41 43.42 67.67
N ASP B 315 0.02 43.98 66.55
CA ASP B 315 -0.88 44.74 65.68
C ASP B 315 -1.82 43.74 65.00
N LEU B 316 -1.38 42.49 64.95
CA LEU B 316 -2.14 41.40 64.33
C LEU B 316 -3.41 41.03 65.09
N GLY B 317 -4.45 40.66 64.33
CA GLY B 317 -5.71 40.25 64.92
C GLY B 317 -5.65 38.77 65.21
N GLN B 318 -6.66 38.24 65.87
CA GLN B 318 -6.62 36.82 66.21
C GLN B 318 -8.01 36.20 66.46
N ALA B 319 -8.21 35.01 65.91
CA ALA B 319 -9.47 34.27 66.06
C ALA B 319 -9.19 32.78 66.02
N LYS B 320 -10.01 32.01 66.75
CA LYS B 320 -9.86 30.56 66.82
C LYS B 320 -9.84 29.85 65.49
N ARG B 321 -10.57 30.38 64.51
CA ARG B 321 -10.62 29.71 63.24
C ARG B 321 -11.16 30.60 62.11
N VAL B 322 -10.67 30.32 60.90
CA VAL B 322 -11.12 31.06 59.72
C VAL B 322 -11.27 30.06 58.58
N VAL B 323 -12.34 30.23 57.82
CA VAL B 323 -12.61 29.36 56.68
C VAL B 323 -12.76 30.29 55.49
N ILE B 324 -12.15 29.91 54.37
CA ILE B 324 -12.18 30.73 53.16
C ILE B 324 -12.61 29.97 51.91
N ASN B 325 -13.72 30.43 51.33
CA ASN B 325 -14.25 29.83 50.11
C ASN B 325 -13.60 30.46 48.90
N LYS B 326 -14.22 30.19 47.76
CA LYS B 326 -13.77 30.73 46.49
C LYS B 326 -14.22 32.18 46.54
N ASP B 327 -15.28 32.43 47.30
CA ASP B 327 -15.84 33.77 47.40
C ASP B 327 -16.40 34.17 48.78
N THR B 328 -15.96 33.46 49.83
CA THR B 328 -16.42 33.76 51.18
C THR B 328 -15.32 33.57 52.23
N THR B 329 -15.23 34.51 53.16
CA THR B 329 -14.27 34.40 54.24
C THR B 329 -15.09 34.56 55.50
N THR B 330 -14.93 33.64 56.44
CA THR B 330 -15.68 33.69 57.68
C THR B 330 -14.76 33.52 58.87
N ILE B 331 -14.70 34.55 59.71
CA ILE B 331 -13.86 34.58 60.91
C ILE B 331 -14.66 34.06 62.10
N ILE B 332 -14.14 33.01 62.71
CA ILE B 332 -14.80 32.36 63.85
C ILE B 332 -14.11 32.54 65.20
N ASP B 333 -14.80 33.20 66.10
CA ASP B 333 -14.33 33.46 67.46
C ASP B 333 -13.11 34.39 67.57
N GLY B 334 -13.38 35.69 67.47
CA GLY B 334 -12.33 36.68 67.56
C GLY B 334 -11.96 36.95 69.01
N VAL B 335 -10.74 37.45 69.18
CA VAL B 335 -10.21 37.76 70.51
C VAL B 335 -10.68 39.10 71.06
N GLY B 336 -11.12 39.99 70.18
CA GLY B 336 -11.59 41.30 70.63
C GLY B 336 -12.38 41.26 71.92
N GLU B 337 -12.11 42.20 72.81
CA GLU B 337 -12.80 42.26 74.08
C GLU B 337 -14.24 42.70 73.85
N GLU B 338 -15.16 42.14 74.64
CA GLU B 338 -16.56 42.51 74.51
C GLU B 338 -16.67 44.01 74.60
N ALA B 339 -15.88 44.58 75.50
CA ALA B 339 -15.85 46.01 75.73
C ALA B 339 -15.63 46.76 74.42
N ALA B 340 -14.59 46.38 73.69
CA ALA B 340 -14.24 47.00 72.43
C ALA B 340 -15.33 46.77 71.38
N ILE B 341 -15.61 45.49 71.12
CA ILE B 341 -16.61 45.11 70.13
C ILE B 341 -17.97 45.73 70.40
N GLN B 342 -18.40 45.72 71.66
CA GLN B 342 -19.69 46.29 72.01
C GLN B 342 -19.72 47.82 71.89
N GLY B 343 -18.56 48.45 72.09
CA GLY B 343 -18.49 49.90 71.97
C GLY B 343 -18.54 50.28 70.50
N ARG B 344 -17.96 49.41 69.67
CA ARG B 344 -17.91 49.58 68.22
C ARG B 344 -19.34 49.51 67.67
N VAL B 345 -20.14 48.60 68.23
CA VAL B 345 -21.53 48.45 67.81
C VAL B 345 -22.27 49.73 68.21
N ALA B 346 -21.95 50.24 69.40
CA ALA B 346 -22.55 51.46 69.92
C ALA B 346 -22.34 52.62 68.93
N GLN B 347 -21.10 52.78 68.48
CA GLN B 347 -20.74 53.83 67.51
C GLN B 347 -21.61 53.74 66.26
N ILE B 348 -21.43 52.65 65.53
CA ILE B 348 -22.15 52.39 64.28
C ILE B 348 -23.65 52.56 64.51
N ARG B 349 -24.12 52.00 65.62
CA ARG B 349 -25.52 52.05 65.98
C ARG B 349 -26.03 53.50 66.06
N GLN B 350 -25.19 54.39 66.60
CA GLN B 350 -25.58 55.80 66.72
C GLN B 350 -25.48 56.51 65.37
N GLN B 351 -24.53 56.06 64.55
CA GLN B 351 -24.35 56.66 63.23
C GLN B 351 -25.60 56.40 62.41
N ILE B 352 -26.31 55.33 62.76
CA ILE B 352 -27.54 54.96 62.06
C ILE B 352 -28.61 56.02 62.32
N GLU B 353 -28.40 56.81 63.37
CA GLU B 353 -29.34 57.87 63.72
C GLU B 353 -29.04 59.07 62.82
N GLU B 354 -27.77 59.46 62.82
CA GLU B 354 -27.29 60.59 62.04
C GLU B 354 -27.35 60.29 60.53
N ALA B 355 -27.81 59.09 60.20
CA ALA B 355 -27.92 58.65 58.81
C ALA B 355 -28.90 59.55 58.06
N THR B 356 -28.35 60.32 57.12
CA THR B 356 -29.14 61.24 56.30
C THR B 356 -29.52 60.61 54.96
N SER B 357 -29.46 59.29 54.87
CA SER B 357 -29.77 58.59 53.64
C SER B 357 -30.20 57.15 53.92
N ASP B 358 -31.26 56.70 53.25
CA ASP B 358 -31.76 55.33 53.42
C ASP B 358 -30.64 54.34 53.15
N TYR B 359 -29.93 54.55 52.03
CA TYR B 359 -28.82 53.69 51.63
C TYR B 359 -27.75 53.64 52.73
N ASP B 360 -27.28 54.80 53.16
CA ASP B 360 -26.25 54.88 54.21
C ASP B 360 -26.69 54.17 55.48
N ARG B 361 -27.96 54.35 55.83
CA ARG B 361 -28.51 53.73 57.02
C ARG B 361 -28.47 52.21 56.86
N GLU B 362 -28.88 51.71 55.70
CA GLU B 362 -28.89 50.28 55.46
C GLU B 362 -27.49 49.70 55.53
N LYS B 363 -26.53 50.40 54.93
CA LYS B 363 -25.15 49.93 54.93
C LYS B 363 -24.63 49.79 56.36
N LEU B 364 -24.98 50.76 57.20
CA LEU B 364 -24.58 50.76 58.60
C LEU B 364 -25.23 49.61 59.37
N GLN B 365 -26.52 49.40 59.14
CA GLN B 365 -27.23 48.30 59.78
C GLN B 365 -26.53 46.99 59.41
N GLU B 366 -26.09 46.89 58.16
CA GLU B 366 -25.39 45.71 57.68
C GLU B 366 -24.20 45.37 58.55
N ARG B 367 -23.41 46.39 58.83
CA ARG B 367 -22.22 46.20 59.64
C ARG B 367 -22.53 45.85 61.09
N VAL B 368 -23.46 46.55 61.73
CA VAL B 368 -23.76 46.22 63.12
C VAL B 368 -24.23 44.77 63.18
N ALA B 369 -25.05 44.37 62.22
CA ALA B 369 -25.58 43.01 62.18
C ALA B 369 -24.45 41.98 62.19
N LYS B 370 -23.41 42.23 61.39
CA LYS B 370 -22.29 41.31 61.32
C LYS B 370 -21.53 41.21 62.66
N LEU B 371 -21.18 42.38 63.20
CA LEU B 371 -20.44 42.45 64.45
C LEU B 371 -21.22 41.89 65.64
N ALA B 372 -22.40 42.45 65.87
CA ALA B 372 -23.27 42.03 66.97
C ALA B 372 -23.86 40.62 66.76
N GLY B 373 -24.03 40.21 65.50
CA GLY B 373 -24.61 38.92 65.19
C GLY B 373 -23.79 37.72 65.60
N GLY B 374 -22.49 37.79 65.42
CA GLY B 374 -21.65 36.67 65.78
C GLY B 374 -21.82 35.50 64.84
N VAL B 375 -21.31 34.33 65.25
CA VAL B 375 -21.38 33.13 64.42
C VAL B 375 -21.80 31.85 65.16
N ALA B 376 -22.78 31.13 64.62
CA ALA B 376 -23.23 29.89 65.23
C ALA B 376 -22.26 28.78 64.82
N VAL B 377 -21.95 27.88 65.75
CA VAL B 377 -21.02 26.81 65.45
C VAL B 377 -21.61 25.48 65.88
N ILE B 378 -21.89 24.62 64.89
CA ILE B 378 -22.46 23.30 65.15
C ILE B 378 -21.33 22.27 65.15
N LYS B 379 -21.23 21.51 66.23
CA LYS B 379 -20.23 20.46 66.30
C LYS B 379 -21.02 19.16 66.25
N VAL B 380 -20.80 18.36 65.21
CA VAL B 380 -21.52 17.11 65.04
C VAL B 380 -20.92 15.91 65.76
N GLY B 381 -21.60 15.43 66.80
CA GLY B 381 -21.11 14.28 67.55
C GLY B 381 -21.60 12.98 66.94
N ALA B 382 -20.99 11.84 67.27
CA ALA B 382 -21.44 10.58 66.68
C ALA B 382 -20.98 9.23 67.26
N ALA B 383 -19.84 9.17 67.94
CA ALA B 383 -19.34 7.88 68.47
C ALA B 383 -18.85 7.05 67.27
N THR B 384 -17.57 7.23 66.97
CA THR B 384 -16.83 6.62 65.85
C THR B 384 -16.64 7.72 64.83
N GLU B 385 -15.39 8.08 64.59
CA GLU B 385 -15.01 9.12 63.65
C GLU B 385 -15.75 9.02 62.33
N VAL B 386 -15.95 7.80 61.85
CA VAL B 386 -16.63 7.59 60.58
C VAL B 386 -18.04 8.15 60.58
N GLU B 387 -18.89 7.65 61.49
CA GLU B 387 -20.27 8.11 61.56
C GLU B 387 -20.30 9.63 61.73
N MET B 388 -19.37 10.16 62.53
CA MET B 388 -19.25 11.59 62.79
C MET B 388 -18.99 12.35 61.50
N LYS B 389 -17.94 11.96 60.78
CA LYS B 389 -17.61 12.61 59.52
C LYS B 389 -18.80 12.53 58.54
N GLU B 390 -19.45 11.37 58.51
CA GLU B 390 -20.59 11.13 57.64
C GLU B 390 -21.72 12.10 57.96
N LYS B 391 -22.19 12.07 59.20
CA LYS B 391 -23.28 12.95 59.63
C LYS B 391 -22.92 14.43 59.43
N LYS B 392 -21.66 14.79 59.67
CA LYS B 392 -21.21 16.16 59.52
C LYS B 392 -21.50 16.64 58.11
N ALA B 393 -21.25 15.77 57.14
CA ALA B 393 -21.50 16.09 55.74
C ALA B 393 -23.00 16.27 55.52
N ARG B 394 -23.80 15.33 56.02
CA ARG B 394 -25.24 15.45 55.87
C ARG B 394 -25.75 16.75 56.48
N VAL B 395 -25.14 17.17 57.59
CA VAL B 395 -25.56 18.39 58.23
C VAL B 395 -25.22 19.55 57.32
N GLU B 396 -23.99 19.58 56.81
CA GLU B 396 -23.56 20.67 55.94
C GLU B 396 -24.51 20.82 54.76
N ASP B 397 -24.89 19.70 54.15
CA ASP B 397 -25.79 19.73 53.02
C ASP B 397 -27.16 20.26 53.40
N ALA B 398 -27.78 19.63 54.39
CA ALA B 398 -29.09 20.02 54.86
C ALA B 398 -29.07 21.48 55.24
N LEU B 399 -27.95 21.95 55.72
CA LEU B 399 -27.84 23.35 56.11
C LEU B 399 -28.01 24.25 54.91
N HIS B 400 -27.26 23.93 53.85
CA HIS B 400 -27.29 24.70 52.61
C HIS B 400 -28.66 24.65 51.94
N ALA B 401 -29.31 23.50 52.04
CA ALA B 401 -30.63 23.29 51.47
C ALA B 401 -31.65 24.15 52.21
N THR B 402 -31.64 24.02 53.54
CA THR B 402 -32.55 24.77 54.41
C THR B 402 -32.37 26.28 54.27
N ARG B 403 -31.13 26.68 54.08
CA ARG B 403 -30.82 28.09 53.90
C ARG B 403 -31.65 28.60 52.72
N ALA B 404 -31.54 27.88 51.61
CA ALA B 404 -32.25 28.20 50.38
C ALA B 404 -33.76 28.11 50.54
N ALA B 405 -34.21 27.09 51.28
CA ALA B 405 -35.63 26.89 51.52
C ALA B 405 -36.20 28.10 52.27
N VAL B 406 -35.44 28.61 53.23
CA VAL B 406 -35.88 29.75 54.02
C VAL B 406 -35.97 31.00 53.15
N GLU B 407 -35.16 31.03 52.10
CA GLU B 407 -35.17 32.18 51.20
C GLU B 407 -36.32 32.22 50.18
N GLU B 408 -36.69 31.09 49.55
CA GLU B 408 -37.76 31.05 48.52
C GLU B 408 -38.81 29.93 48.59
N GLY B 409 -38.88 29.22 49.70
CA GLY B 409 -39.87 28.18 49.84
C GLY B 409 -39.51 26.86 49.19
N VAL B 410 -40.47 25.95 49.10
CA VAL B 410 -40.28 24.65 48.49
C VAL B 410 -41.36 24.33 47.45
N VAL B 411 -41.01 23.46 46.51
CA VAL B 411 -41.95 23.01 45.47
C VAL B 411 -41.79 21.50 45.31
N ALA B 412 -42.73 20.87 44.63
CA ALA B 412 -42.67 19.43 44.41
C ALA B 412 -41.35 19.07 43.76
N GLY B 413 -40.73 17.98 44.23
CA GLY B 413 -39.46 17.55 43.66
C GLY B 413 -39.67 16.50 42.58
N GLY B 414 -38.65 15.67 42.37
CA GLY B 414 -38.75 14.61 41.38
C GLY B 414 -39.10 15.10 40.00
N GLY B 415 -38.75 16.34 39.71
CA GLY B 415 -39.02 16.90 38.40
C GLY B 415 -40.46 17.28 38.13
N VAL B 416 -41.36 17.14 39.09
CA VAL B 416 -42.75 17.48 38.80
C VAL B 416 -43.06 18.98 38.84
N ALA B 417 -42.37 19.76 39.66
CA ALA B 417 -42.64 21.18 39.70
C ALA B 417 -42.43 21.78 38.30
N LEU B 418 -41.32 21.42 37.65
CA LEU B 418 -41.01 21.90 36.31
C LEU B 418 -42.03 21.45 35.28
N ILE B 419 -42.50 20.22 35.39
CA ILE B 419 -43.48 19.76 34.42
C ILE B 419 -44.83 20.42 34.72
N ARG B 420 -45.11 20.64 35.98
CA ARG B 420 -46.37 21.28 36.37
C ARG B 420 -46.42 22.69 35.81
N VAL B 421 -45.35 23.42 36.05
CA VAL B 421 -45.25 24.79 35.60
C VAL B 421 -45.32 24.87 34.08
N ALA B 422 -44.73 23.90 33.40
CA ALA B 422 -44.76 23.89 31.94
C ALA B 422 -46.16 23.67 31.42
N SER B 423 -46.89 22.75 32.04
CA SER B 423 -48.27 22.49 31.61
C SER B 423 -49.17 23.74 31.73
N LYS B 424 -48.82 24.65 32.62
CA LYS B 424 -49.61 25.85 32.81
C LYS B 424 -49.33 26.93 31.78
N LEU B 425 -48.26 26.80 31.00
CA LEU B 425 -47.92 27.82 30.02
C LEU B 425 -48.21 27.47 28.55
N ALA B 426 -49.15 26.55 28.33
CA ALA B 426 -49.50 26.13 26.97
C ALA B 426 -49.90 27.23 26.01
N ASP B 427 -50.64 28.22 26.49
CA ASP B 427 -51.08 29.31 25.62
C ASP B 427 -50.08 30.45 25.48
N LEU B 428 -48.96 30.37 26.19
CA LEU B 428 -47.97 31.42 26.11
C LEU B 428 -47.45 31.56 24.69
N ARG B 429 -47.46 32.79 24.17
CA ARG B 429 -46.96 33.06 22.81
C ARG B 429 -46.01 34.25 22.74
N GLY B 430 -45.31 34.35 21.63
CA GLY B 430 -44.36 35.44 21.44
C GLY B 430 -44.76 36.34 20.29
N GLN B 431 -43.81 37.06 19.72
CA GLN B 431 -44.11 37.98 18.64
C GLN B 431 -44.12 37.41 17.23
N ASN B 432 -43.68 36.17 17.07
CA ASN B 432 -43.68 35.55 15.76
C ASN B 432 -43.55 34.06 15.93
N GLU B 433 -43.75 33.33 14.85
CA GLU B 433 -43.69 31.89 14.94
C GLU B 433 -42.36 31.37 15.46
N ASP B 434 -41.26 32.03 15.11
CA ASP B 434 -39.96 31.58 15.59
C ASP B 434 -39.91 31.65 17.11
N GLN B 435 -40.40 32.75 17.69
CA GLN B 435 -40.40 32.88 19.14
C GLN B 435 -41.36 31.87 19.77
N ASN B 436 -42.43 31.54 19.05
CA ASN B 436 -43.39 30.58 19.56
C ASN B 436 -42.79 29.20 19.64
N VAL B 437 -41.91 28.88 18.70
CA VAL B 437 -41.24 27.59 18.69
C VAL B 437 -40.26 27.60 19.85
N GLY B 438 -39.57 28.73 20.01
CA GLY B 438 -38.61 28.86 21.09
C GLY B 438 -39.31 28.57 22.40
N ILE B 439 -40.52 29.10 22.55
CA ILE B 439 -41.28 28.87 23.76
C ILE B 439 -41.60 27.39 23.95
N LYS B 440 -42.05 26.73 22.90
CA LYS B 440 -42.36 25.31 22.99
C LYS B 440 -41.10 24.49 23.28
N VAL B 441 -39.97 24.91 22.70
CA VAL B 441 -38.72 24.19 22.94
C VAL B 441 -38.45 24.17 24.45
N ALA B 442 -38.64 25.32 25.09
CA ALA B 442 -38.41 25.46 26.52
C ALA B 442 -39.43 24.66 27.34
N LEU B 443 -40.70 24.76 26.96
CA LEU B 443 -41.72 24.03 27.71
C LEU B 443 -41.46 22.53 27.61
N ARG B 444 -41.06 22.06 26.44
CA ARG B 444 -40.78 20.64 26.27
C ARG B 444 -39.61 20.23 27.13
N ALA B 445 -38.54 21.03 27.07
CA ALA B 445 -37.34 20.76 27.84
C ALA B 445 -37.61 20.62 29.34
N MET B 446 -38.60 21.36 29.84
CA MET B 446 -38.94 21.32 31.25
C MET B 446 -39.43 19.95 31.72
N GLU B 447 -39.67 19.04 30.79
CA GLU B 447 -40.13 17.70 31.11
C GLU B 447 -38.94 16.75 31.19
N ALA B 448 -37.78 17.24 30.73
CA ALA B 448 -36.58 16.42 30.70
C ALA B 448 -36.27 15.74 32.01
N PRO B 449 -36.13 16.51 33.10
CA PRO B 449 -35.81 15.94 34.42
C PRO B 449 -36.72 14.79 34.84
N LEU B 450 -38.02 15.04 34.93
CA LEU B 450 -38.94 13.98 35.35
C LEU B 450 -38.79 12.78 34.46
N ARG B 451 -38.90 12.99 33.16
CA ARG B 451 -38.77 11.90 32.19
C ARG B 451 -37.51 11.08 32.44
N GLN B 452 -36.38 11.74 32.64
CA GLN B 452 -35.11 11.04 32.90
C GLN B 452 -35.19 10.21 34.17
N ILE B 453 -35.74 10.80 35.23
CA ILE B 453 -35.91 10.10 36.50
C ILE B 453 -36.74 8.82 36.26
N VAL B 454 -37.90 8.98 35.63
CA VAL B 454 -38.77 7.85 35.33
C VAL B 454 -38.02 6.83 34.47
N LEU B 455 -37.21 7.31 33.53
CA LEU B 455 -36.47 6.42 32.67
C LEU B 455 -35.48 5.61 33.50
N ASN B 456 -34.77 6.25 34.39
CA ASN B 456 -33.81 5.53 35.23
C ASN B 456 -34.50 4.47 36.09
N CYS B 457 -35.79 4.67 36.37
CA CYS B 457 -36.56 3.73 37.17
C CYS B 457 -37.09 2.58 36.35
N GLY B 458 -36.94 2.67 35.03
CA GLY B 458 -37.41 1.63 34.16
C GLY B 458 -38.90 1.72 33.87
N GLU B 459 -39.47 2.91 33.96
CA GLU B 459 -40.89 3.08 33.67
C GLU B 459 -41.05 3.88 32.37
N GLU B 460 -42.24 3.91 31.79
CA GLU B 460 -42.44 4.67 30.56
C GLU B 460 -42.58 6.16 30.88
N PRO B 461 -41.57 6.96 30.52
CA PRO B 461 -41.56 8.39 30.77
C PRO B 461 -42.81 9.13 30.27
N SER B 462 -43.15 8.89 29.01
CA SER B 462 -44.30 9.54 28.41
C SER B 462 -45.59 9.26 29.15
N VAL B 463 -45.73 8.07 29.72
CA VAL B 463 -46.95 7.76 30.46
C VAL B 463 -46.98 8.52 31.78
N VAL B 464 -45.91 8.43 32.57
CA VAL B 464 -45.85 9.14 33.85
C VAL B 464 -45.97 10.62 33.59
N ALA B 465 -45.21 11.11 32.61
CA ALA B 465 -45.24 12.52 32.27
C ALA B 465 -46.66 12.95 32.00
N ASN B 466 -47.34 12.19 31.16
CA ASN B 466 -48.72 12.47 30.77
C ASN B 466 -49.68 12.54 31.96
N THR B 467 -49.59 11.58 32.87
CA THR B 467 -50.44 11.55 34.06
C THR B 467 -50.18 12.77 34.96
N VAL B 468 -48.91 13.02 35.30
CA VAL B 468 -48.55 14.15 36.15
C VAL B 468 -49.12 15.44 35.56
N LYS B 469 -49.04 15.59 34.25
CA LYS B 469 -49.57 16.80 33.64
C LYS B 469 -51.07 16.93 33.86
N GLY B 470 -51.78 15.81 33.81
CA GLY B 470 -53.21 15.85 34.02
C GLY B 470 -53.65 16.33 35.41
N GLY B 471 -52.73 16.31 36.38
CA GLY B 471 -53.06 16.73 37.73
C GLY B 471 -52.91 18.22 38.01
N ASP B 472 -52.82 18.57 39.30
CA ASP B 472 -52.66 19.96 39.71
C ASP B 472 -51.72 20.19 40.87
N GLY B 473 -51.40 21.46 41.09
CA GLY B 473 -50.54 21.81 42.20
C GLY B 473 -49.32 20.91 42.28
N ASN B 474 -49.05 20.40 43.49
CA ASN B 474 -47.89 19.56 43.67
C ASN B 474 -48.20 18.07 43.57
N TYR B 475 -49.18 17.75 42.73
CA TYR B 475 -49.56 16.36 42.47
C TYR B 475 -48.53 15.81 41.51
N GLY B 476 -47.98 14.65 41.82
CA GLY B 476 -46.97 14.11 40.93
C GLY B 476 -46.66 12.64 41.16
N TYR B 477 -45.58 12.19 40.55
CA TYR B 477 -45.16 10.81 40.67
C TYR B 477 -44.01 10.69 41.63
N ASN B 478 -44.11 9.75 42.57
CA ASN B 478 -43.06 9.48 43.53
C ASN B 478 -42.27 8.35 42.92
N ALA B 479 -41.20 8.68 42.20
CA ALA B 479 -40.38 7.69 41.52
C ALA B 479 -39.89 6.56 42.42
N ALA B 480 -39.64 6.89 43.69
CA ALA B 480 -39.18 5.92 44.68
C ALA B 480 -40.20 4.81 44.95
N THR B 481 -41.46 5.21 45.15
CA THR B 481 -42.53 4.25 45.45
C THR B 481 -43.47 3.94 44.28
N GLU B 482 -43.29 4.62 43.15
CA GLU B 482 -44.15 4.43 41.98
C GLU B 482 -45.60 4.82 42.27
N GLU B 483 -45.80 5.72 43.23
CA GLU B 483 -47.13 6.13 43.58
C GLU B 483 -47.36 7.59 43.25
N TYR B 484 -48.55 7.92 42.77
CA TYR B 484 -48.86 9.32 42.49
C TYR B 484 -49.47 9.90 43.76
N GLY B 485 -49.43 11.22 43.89
CA GLY B 485 -50.00 11.84 45.07
C GLY B 485 -49.42 13.22 45.26
N ASN B 486 -49.54 13.77 46.46
CA ASN B 486 -49.00 15.09 46.73
C ASN B 486 -47.53 14.96 47.04
N MET B 487 -46.70 15.52 46.16
CA MET B 487 -45.28 15.45 46.32
C MET B 487 -44.77 15.98 47.67
N ILE B 488 -45.36 17.08 48.13
CA ILE B 488 -44.93 17.67 49.40
C ILE B 488 -45.26 16.71 50.55
N ASP B 489 -46.51 16.26 50.56
CA ASP B 489 -46.97 15.33 51.58
C ASP B 489 -46.06 14.12 51.63
N MET B 490 -45.72 13.60 50.45
CA MET B 490 -44.86 12.43 50.39
C MET B 490 -43.42 12.77 50.74
N GLY B 491 -43.17 14.05 51.05
CA GLY B 491 -41.84 14.51 51.43
C GLY B 491 -40.80 14.50 50.32
N ILE B 492 -41.26 14.75 49.10
CA ILE B 492 -40.37 14.78 47.95
C ILE B 492 -40.42 16.19 47.41
N LEU B 493 -39.51 17.02 47.90
CA LEU B 493 -39.47 18.42 47.49
C LEU B 493 -38.09 18.98 47.16
N ASP B 494 -38.09 20.19 46.63
CA ASP B 494 -36.86 20.87 46.26
C ASP B 494 -37.02 22.32 46.66
N PRO B 495 -35.93 22.96 47.12
CA PRO B 495 -36.12 24.36 47.47
C PRO B 495 -36.47 25.07 46.16
N THR B 496 -37.50 25.90 46.17
CA THR B 496 -37.90 26.59 44.96
C THR B 496 -36.69 27.22 44.29
N LYS B 497 -35.78 27.72 45.12
CA LYS B 497 -34.57 28.36 44.63
C LYS B 497 -33.70 27.45 43.77
N VAL B 498 -33.56 26.17 44.11
CA VAL B 498 -32.73 25.34 43.27
C VAL B 498 -33.39 25.03 41.93
N THR B 499 -34.71 24.81 41.92
CA THR B 499 -35.39 24.54 40.66
C THR B 499 -35.32 25.79 39.79
N ARG B 500 -35.58 26.95 40.39
CA ARG B 500 -35.52 28.20 39.64
C ARG B 500 -34.13 28.40 39.02
N SER B 501 -33.09 28.24 39.84
CA SER B 501 -31.71 28.41 39.37
C SER B 501 -31.33 27.43 38.26
N ALA B 502 -31.62 26.15 38.48
CA ALA B 502 -31.31 25.14 37.50
C ALA B 502 -31.91 25.52 36.16
N LEU B 503 -33.17 25.96 36.16
CA LEU B 503 -33.82 26.34 34.92
C LEU B 503 -33.21 27.57 34.27
N GLN B 504 -33.05 28.66 35.04
CA GLN B 504 -32.49 29.89 34.50
C GLN B 504 -31.07 29.75 33.97
N TYR B 505 -30.24 29.01 34.70
CA TYR B 505 -28.87 28.81 34.23
C TYR B 505 -28.84 27.95 32.98
N ALA B 506 -29.63 26.87 32.98
CA ALA B 506 -29.67 25.97 31.84
C ALA B 506 -30.09 26.77 30.62
N ALA B 507 -31.18 27.51 30.74
CA ALA B 507 -31.69 28.31 29.63
C ALA B 507 -30.66 29.33 29.17
N SER B 508 -29.88 29.84 30.13
CA SER B 508 -28.87 30.84 29.80
C SER B 508 -27.81 30.32 28.85
N VAL B 509 -27.18 29.22 29.22
CA VAL B 509 -26.15 28.65 28.36
C VAL B 509 -26.75 28.10 27.05
N ALA B 510 -27.97 27.58 27.11
CA ALA B 510 -28.60 27.05 25.91
C ALA B 510 -28.85 28.19 24.93
N GLY B 511 -29.31 29.32 25.45
CA GLY B 511 -29.57 30.47 24.59
C GLY B 511 -28.29 30.94 23.91
N LEU B 512 -27.18 30.90 24.63
CA LEU B 512 -25.91 31.34 24.07
C LEU B 512 -25.44 30.44 22.96
N MET B 513 -25.61 29.14 23.16
CA MET B 513 -25.17 28.19 22.16
C MET B 513 -26.02 28.26 20.91
N ILE B 514 -27.33 28.35 21.10
CA ILE B 514 -28.26 28.44 19.98
C ILE B 514 -27.90 29.64 19.10
N THR B 515 -27.33 30.68 19.70
CA THR B 515 -26.97 31.88 18.97
C THR B 515 -25.48 32.01 18.67
N THR B 516 -24.78 30.87 18.60
CA THR B 516 -23.34 30.86 18.29
C THR B 516 -23.16 30.55 16.80
N GLU B 517 -22.34 31.35 16.13
CA GLU B 517 -22.10 31.15 14.70
C GLU B 517 -20.65 30.79 14.42
N CYS B 518 -19.78 31.09 15.36
CA CYS B 518 -18.38 30.82 15.13
C CYS B 518 -17.67 30.35 16.39
N MET B 519 -16.69 29.47 16.21
CA MET B 519 -15.91 28.94 17.32
C MET B 519 -14.44 28.98 16.95
N VAL B 520 -13.62 29.51 17.85
CA VAL B 520 -12.18 29.59 17.62
C VAL B 520 -11.44 28.83 18.69
N THR B 521 -10.49 27.99 18.29
CA THR B 521 -9.72 27.21 19.25
C THR B 521 -8.34 26.87 18.69
N ASP B 522 -7.47 26.32 19.53
CA ASP B 522 -6.15 25.95 19.09
C ASP B 522 -6.11 24.73 18.20
N LEU B 523 -5.09 24.68 17.37
CA LEU B 523 -4.88 23.58 16.45
C LEU B 523 -4.44 22.37 17.26
N PRO B 524 -5.01 21.20 16.98
CA PRO B 524 -4.62 20.00 17.73
C PRO B 524 -3.11 19.67 17.74
N ALA C 1 -7.63 16.17 32.30
CA ALA C 1 -7.10 15.65 31.00
C ALA C 1 -8.27 15.09 30.21
N ALA C 2 -8.13 15.08 28.89
CA ALA C 2 -9.19 14.55 28.06
C ALA C 2 -9.48 13.16 28.54
N LYS C 3 -10.76 12.84 28.68
CA LYS C 3 -11.19 11.53 29.16
C LYS C 3 -11.78 10.68 28.05
N ASP C 4 -11.96 9.40 28.36
CA ASP C 4 -12.56 8.48 27.43
C ASP C 4 -13.80 8.03 28.21
N VAL C 5 -14.98 8.31 27.67
CA VAL C 5 -16.20 7.96 28.36
C VAL C 5 -16.99 6.85 27.67
N LYS C 6 -17.35 5.81 28.41
CA LYS C 6 -18.13 4.73 27.84
C LYS C 6 -19.44 4.60 28.59
N PHE C 7 -20.47 4.21 27.85
CA PHE C 7 -21.80 4.08 28.40
C PHE C 7 -22.40 2.68 28.27
N GLY C 8 -23.46 2.47 29.04
CA GLY C 8 -24.18 1.21 29.02
C GLY C 8 -23.41 -0.06 28.71
N ASN C 9 -24.00 -0.86 27.84
CA ASN C 9 -23.43 -2.12 27.47
C ASN C 9 -21.95 -2.07 27.08
N ASP C 10 -21.57 -1.11 26.26
CA ASP C 10 -20.19 -1.03 25.83
C ASP C 10 -19.26 -0.98 27.06
N ALA C 11 -19.66 -0.25 28.09
CA ALA C 11 -18.87 -0.13 29.31
C ALA C 11 -18.86 -1.44 30.09
N ARG C 12 -20.05 -2.03 30.26
CA ARG C 12 -20.17 -3.27 30.98
C ARG C 12 -19.41 -4.48 30.41
N VAL C 13 -19.31 -4.62 29.09
CA VAL C 13 -18.55 -5.76 28.58
C VAL C 13 -17.08 -5.54 28.94
N LYS C 14 -16.61 -4.30 28.87
CA LYS C 14 -15.23 -3.99 29.21
C LYS C 14 -14.93 -4.40 30.64
N MET C 15 -15.84 -4.07 31.56
CA MET C 15 -15.63 -4.43 32.96
C MET C 15 -15.59 -5.94 33.11
N LEU C 16 -16.60 -6.59 32.58
CA LEU C 16 -16.69 -8.05 32.65
C LEU C 16 -15.40 -8.66 32.15
N ARG C 17 -15.02 -8.25 30.94
CA ARG C 17 -13.80 -8.73 30.31
C ARG C 17 -12.62 -8.61 31.28
N GLY C 18 -12.57 -7.49 31.99
CA GLY C 18 -11.51 -7.26 32.95
C GLY C 18 -11.62 -8.16 34.18
N VAL C 19 -12.81 -8.34 34.73
CA VAL C 19 -12.87 -9.20 35.90
C VAL C 19 -12.68 -10.66 35.49
N ASN C 20 -12.90 -10.97 34.23
CA ASN C 20 -12.70 -12.34 33.78
C ASN C 20 -11.22 -12.68 33.78
N VAL C 21 -10.36 -11.73 33.43
CA VAL C 21 -8.93 -12.02 33.45
C VAL C 21 -8.51 -12.25 34.90
N LEU C 22 -8.98 -11.38 35.79
CA LEU C 22 -8.65 -11.51 37.20
C LEU C 22 -9.14 -12.84 37.76
N ALA C 23 -10.42 -13.11 37.58
CA ALA C 23 -11.01 -14.34 38.10
C ALA C 23 -10.38 -15.60 37.50
N ASP C 24 -10.22 -15.64 36.19
CA ASP C 24 -9.64 -16.82 35.56
C ASP C 24 -8.22 -17.10 36.06
N ALA C 25 -7.44 -16.05 36.27
CA ALA C 25 -6.07 -16.23 36.73
C ALA C 25 -6.04 -16.74 38.17
N VAL C 26 -6.95 -16.22 38.98
CA VAL C 26 -7.02 -16.60 40.37
C VAL C 26 -7.73 -17.93 40.67
N LYS C 27 -8.84 -18.21 39.99
CA LYS C 27 -9.58 -19.43 40.29
C LYS C 27 -8.90 -20.76 39.98
N VAL C 28 -7.82 -20.74 39.22
CA VAL C 28 -7.13 -22.00 38.93
C VAL C 28 -6.41 -22.50 40.17
N THR C 29 -6.23 -21.64 41.17
CA THR C 29 -5.54 -22.03 42.40
C THR C 29 -6.54 -22.34 43.51
N LEU C 30 -7.69 -22.89 43.16
CA LEU C 30 -8.67 -23.15 44.19
C LEU C 30 -8.83 -24.62 44.56
N GLY C 31 -8.81 -24.88 45.86
CA GLY C 31 -8.98 -26.25 46.33
C GLY C 31 -7.71 -27.08 46.38
N PRO C 32 -7.79 -28.29 46.94
CA PRO C 32 -6.63 -29.17 47.05
C PRO C 32 -5.93 -29.52 45.73
N LYS C 33 -6.62 -29.45 44.60
CA LYS C 33 -5.98 -29.79 43.32
C LYS C 33 -5.72 -28.53 42.48
N GLY C 34 -5.59 -27.40 43.17
CA GLY C 34 -5.34 -26.13 42.51
C GLY C 34 -4.05 -26.15 41.70
N ARG C 35 -4.03 -25.38 40.62
CA ARG C 35 -2.86 -25.31 39.75
C ARG C 35 -1.86 -24.24 40.17
N ASN C 36 -0.73 -24.21 39.48
CA ASN C 36 0.30 -23.22 39.74
C ASN C 36 0.16 -22.05 38.79
N VAL C 37 0.45 -20.85 39.28
CA VAL C 37 0.43 -19.67 38.43
C VAL C 37 1.86 -19.16 38.51
N VAL C 38 2.45 -18.84 37.37
CA VAL C 38 3.82 -18.35 37.36
C VAL C 38 3.82 -16.84 37.24
N LEU C 39 4.37 -16.16 38.24
CA LEU C 39 4.41 -14.72 38.26
C LEU C 39 5.83 -14.27 37.99
N ASP C 40 6.00 -13.52 36.91
CA ASP C 40 7.30 -13.03 36.50
C ASP C 40 7.81 -11.83 37.30
N LYS C 41 9.09 -11.88 37.63
CA LYS C 41 9.76 -10.82 38.37
C LYS C 41 10.86 -10.36 37.42
N SER C 42 11.01 -9.05 37.26
CA SER C 42 12.03 -8.51 36.36
C SER C 42 13.41 -9.10 36.67
N PHE C 43 13.66 -9.38 37.95
CA PHE C 43 14.93 -9.92 38.40
C PHE C 43 14.93 -11.41 38.75
N GLY C 44 15.72 -12.18 38.02
CA GLY C 44 15.83 -13.61 38.31
C GLY C 44 14.81 -14.56 37.73
N ALA C 45 14.53 -15.62 38.50
CA ALA C 45 13.59 -16.64 38.08
C ALA C 45 12.19 -16.25 38.49
N PRO C 46 11.19 -16.75 37.74
CA PRO C 46 9.80 -16.43 38.05
C PRO C 46 9.43 -17.04 39.37
N THR C 47 8.26 -16.64 39.87
CA THR C 47 7.72 -17.15 41.13
C THR C 47 6.60 -18.12 40.76
N ILE C 48 6.61 -19.31 41.32
CA ILE C 48 5.55 -20.24 41.03
C ILE C 48 4.74 -20.23 42.30
N THR C 49 3.43 -20.08 42.20
CA THR C 49 2.59 -20.02 43.39
C THR C 49 1.19 -20.57 43.18
N LYS C 50 0.54 -20.95 44.28
CA LYS C 50 -0.84 -21.46 44.25
C LYS C 50 -1.69 -20.55 45.12
N ASP C 51 -1.12 -19.40 45.48
CA ASP C 51 -1.77 -18.43 46.34
C ASP C 51 -2.56 -17.38 45.55
N GLY C 52 -3.89 -17.52 45.60
CA GLY C 52 -4.74 -16.59 44.89
C GLY C 52 -4.49 -15.14 45.22
N VAL C 53 -4.08 -14.85 46.45
CA VAL C 53 -3.82 -13.47 46.83
C VAL C 53 -2.57 -12.90 46.13
N SER C 54 -1.54 -13.71 46.00
CA SER C 54 -0.32 -13.26 45.34
C SER C 54 -0.64 -12.99 43.89
N VAL C 55 -1.35 -13.93 43.25
CA VAL C 55 -1.72 -13.78 41.85
C VAL C 55 -2.53 -12.50 41.66
N ALA C 56 -3.61 -12.33 42.42
CA ALA C 56 -4.43 -11.15 42.29
C ALA C 56 -3.62 -9.86 42.40
N ARG C 57 -2.68 -9.80 43.34
CA ARG C 57 -1.86 -8.60 43.51
C ARG C 57 -1.22 -8.16 42.19
N GLU C 58 -0.76 -9.12 41.42
CA GLU C 58 -0.07 -8.87 40.17
C GLU C 58 -0.92 -8.47 38.98
N ILE C 59 -2.23 -8.63 39.08
CA ILE C 59 -3.11 -8.34 37.95
C ILE C 59 -3.45 -6.89 37.70
N GLU C 60 -3.03 -6.42 36.54
CA GLU C 60 -3.28 -5.06 36.08
C GLU C 60 -3.40 -5.18 34.57
N LEU C 61 -4.49 -4.67 34.00
CA LEU C 61 -4.68 -4.79 32.56
C LEU C 61 -4.37 -3.50 31.78
N GLU C 62 -3.93 -3.66 30.54
CA GLU C 62 -3.59 -2.52 29.71
C GLU C 62 -4.77 -1.66 29.28
N ASP C 63 -5.89 -2.29 28.91
CA ASP C 63 -7.07 -1.53 28.53
C ASP C 63 -7.60 -0.82 29.80
N LYS C 64 -7.70 0.50 29.76
CA LYS C 64 -8.15 1.21 30.96
C LYS C 64 -9.47 0.73 31.54
N PHE C 65 -10.46 0.50 30.69
CA PHE C 65 -11.78 0.08 31.16
C PHE C 65 -11.74 -1.31 31.77
N GLU C 66 -11.14 -2.25 31.04
CA GLU C 66 -11.04 -3.61 31.53
C GLU C 66 -10.34 -3.60 32.87
N ASN C 67 -9.31 -2.76 32.97
CA ASN C 67 -8.54 -2.67 34.20
C ASN C 67 -9.38 -2.18 35.37
N MET C 68 -10.29 -1.24 35.11
CA MET C 68 -11.15 -0.72 36.17
C MET C 68 -12.00 -1.85 36.72
N GLY C 69 -12.41 -2.76 35.84
CA GLY C 69 -13.22 -3.88 36.27
C GLY C 69 -12.45 -4.80 37.18
N ALA C 70 -11.21 -5.11 36.80
CA ALA C 70 -10.37 -5.98 37.60
C ALA C 70 -10.04 -5.31 38.93
N GLN C 71 -9.64 -4.06 38.90
CA GLN C 71 -9.31 -3.36 40.13
C GLN C 71 -10.49 -3.26 41.09
N MET C 72 -11.69 -3.15 40.56
CA MET C 72 -12.86 -3.07 41.40
C MET C 72 -13.14 -4.31 42.23
N VAL C 73 -13.17 -5.49 41.63
CA VAL C 73 -13.45 -6.68 42.44
C VAL C 73 -12.21 -7.02 43.25
N LYS C 74 -11.06 -6.69 42.67
CA LYS C 74 -9.79 -6.94 43.33
C LYS C 74 -9.77 -6.25 44.71
N GLU C 75 -10.23 -5.00 44.74
CA GLU C 75 -10.25 -4.21 45.97
C GLU C 75 -11.24 -4.71 47.00
N VAL C 76 -12.42 -5.09 46.57
CA VAL C 76 -13.44 -5.59 47.48
C VAL C 76 -13.10 -6.98 47.97
N ALA C 77 -12.63 -7.84 47.09
CA ALA C 77 -12.28 -9.19 47.52
C ALA C 77 -11.14 -9.15 48.55
N SER C 78 -10.22 -8.20 48.41
CA SER C 78 -9.11 -8.11 49.34
C SER C 78 -9.64 -7.90 50.75
N LYS C 79 -10.75 -7.18 50.88
CA LYS C 79 -11.36 -6.91 52.17
C LYS C 79 -11.80 -8.19 52.89
N ALA C 80 -12.19 -9.21 52.12
CA ALA C 80 -12.59 -10.47 52.73
C ALA C 80 -11.42 -11.05 53.50
N ASN C 81 -10.26 -11.06 52.85
CA ASN C 81 -9.06 -11.58 53.48
C ASN C 81 -8.68 -10.75 54.71
N ASP C 82 -8.76 -9.44 54.60
CA ASP C 82 -8.44 -8.56 55.72
C ASP C 82 -9.38 -8.86 56.90
N ALA C 83 -10.65 -9.03 56.60
CA ALA C 83 -11.64 -9.30 57.64
C ALA C 83 -11.54 -10.66 58.33
N ALA C 84 -11.37 -11.74 57.56
CA ALA C 84 -11.32 -13.08 58.18
C ALA C 84 -10.05 -13.89 57.93
N GLY C 85 -9.05 -13.27 57.31
CA GLY C 85 -7.81 -13.97 57.07
C GLY C 85 -7.87 -14.97 55.93
N ASP C 86 -8.94 -14.91 55.14
CA ASP C 86 -9.10 -15.84 54.02
C ASP C 86 -10.37 -15.52 53.23
N GLY C 87 -10.50 -16.14 52.05
CA GLY C 87 -11.69 -15.93 51.24
C GLY C 87 -11.59 -14.97 50.07
N THR C 88 -10.42 -14.40 49.83
CA THR C 88 -10.27 -13.48 48.70
C THR C 88 -10.54 -14.17 47.35
N THR C 89 -9.89 -15.30 47.09
CA THR C 89 -10.10 -16.02 45.85
C THR C 89 -11.57 -16.37 45.70
N THR C 90 -12.15 -16.89 46.78
CA THR C 90 -13.57 -17.27 46.77
C THR C 90 -14.44 -16.08 46.38
N ALA C 91 -14.28 -14.98 47.11
CA ALA C 91 -15.02 -13.76 46.83
C ALA C 91 -14.89 -13.42 45.35
N THR C 92 -13.68 -13.58 44.81
CA THR C 92 -13.42 -13.29 43.42
C THR C 92 -14.21 -14.21 42.49
N VAL C 93 -14.16 -15.52 42.69
CA VAL C 93 -14.91 -16.38 41.77
C VAL C 93 -16.41 -16.17 41.95
N LEU C 94 -16.85 -15.84 43.16
CA LEU C 94 -18.26 -15.60 43.38
C LEU C 94 -18.66 -14.33 42.62
N ALA C 95 -17.82 -13.30 42.74
CA ALA C 95 -18.09 -12.04 42.06
C ALA C 95 -18.22 -12.26 40.56
N GLN C 96 -17.33 -13.08 40.00
CA GLN C 96 -17.37 -13.33 38.56
C GLN C 96 -18.70 -13.97 38.18
N ALA C 97 -19.11 -14.95 38.99
CA ALA C 97 -20.34 -15.67 38.76
C ALA C 97 -21.57 -14.76 38.82
N ILE C 98 -21.63 -13.90 39.83
CA ILE C 98 -22.76 -13.01 39.98
C ILE C 98 -22.77 -11.99 38.86
N ILE C 99 -21.63 -11.38 38.57
CA ILE C 99 -21.52 -10.37 37.53
C ILE C 99 -21.89 -10.91 36.14
N THR C 100 -21.38 -12.07 35.81
CA THR C 100 -21.65 -12.67 34.51
C THR C 100 -23.14 -12.85 34.25
N GLU C 101 -23.83 -13.56 35.14
CA GLU C 101 -25.25 -13.79 34.95
C GLU C 101 -26.04 -12.49 35.12
N GLY C 102 -25.59 -11.67 36.05
CA GLY C 102 -26.26 -10.41 36.29
C GLY C 102 -26.29 -9.58 35.04
N LEU C 103 -25.16 -9.49 34.35
CA LEU C 103 -25.07 -8.70 33.12
C LEU C 103 -25.92 -9.31 31.99
N LYS C 104 -25.99 -10.63 31.91
CA LYS C 104 -26.82 -11.27 30.89
C LYS C 104 -28.25 -10.80 31.09
N ALA C 105 -28.70 -10.85 32.34
CA ALA C 105 -30.05 -10.44 32.69
C ALA C 105 -30.28 -8.99 32.27
N VAL C 106 -29.31 -8.13 32.52
CA VAL C 106 -29.41 -6.72 32.15
C VAL C 106 -29.56 -6.56 30.64
N ALA C 107 -28.76 -7.31 29.89
CA ALA C 107 -28.77 -7.27 28.44
C ALA C 107 -30.13 -7.73 27.92
N ALA C 108 -30.71 -8.71 28.60
CA ALA C 108 -32.01 -9.26 28.22
C ALA C 108 -33.09 -8.20 28.47
N GLY C 109 -32.70 -7.09 29.11
CA GLY C 109 -33.67 -6.04 29.37
C GLY C 109 -34.24 -5.94 30.77
N MET C 110 -33.76 -6.77 31.69
CA MET C 110 -34.26 -6.71 33.07
C MET C 110 -33.67 -5.51 33.80
N ASN C 111 -34.39 -4.99 34.80
CA ASN C 111 -33.91 -3.81 35.51
C ASN C 111 -32.75 -4.05 36.46
N PRO C 112 -31.63 -3.32 36.25
CA PRO C 112 -30.44 -3.45 37.08
C PRO C 112 -30.69 -3.26 38.57
N MET C 113 -31.44 -2.23 38.93
CA MET C 113 -31.72 -2.00 40.33
C MET C 113 -32.50 -3.16 40.95
N ASP C 114 -33.44 -3.75 40.21
CA ASP C 114 -34.18 -4.87 40.78
C ASP C 114 -33.31 -6.11 40.89
N LEU C 115 -32.47 -6.34 39.88
CA LEU C 115 -31.57 -7.49 39.88
C LEU C 115 -30.69 -7.42 41.12
N LYS C 116 -30.20 -6.21 41.40
CA LYS C 116 -29.35 -6.01 42.56
C LYS C 116 -30.12 -6.27 43.85
N ARG C 117 -31.31 -5.72 43.96
CA ARG C 117 -32.11 -5.92 45.15
C ARG C 117 -32.35 -7.41 45.40
N GLY C 118 -32.62 -8.16 44.34
CA GLY C 118 -32.85 -9.59 44.47
C GLY C 118 -31.61 -10.31 44.95
N ILE C 119 -30.47 -9.97 44.35
CA ILE C 119 -29.19 -10.57 44.72
C ILE C 119 -28.95 -10.34 46.21
N ASP C 120 -29.18 -9.10 46.64
CA ASP C 120 -28.97 -8.75 48.03
C ASP C 120 -29.91 -9.54 48.94
N LYS C 121 -31.18 -9.65 48.54
CA LYS C 121 -32.12 -10.38 49.36
C LYS C 121 -31.63 -11.81 49.54
N ALA C 122 -31.22 -12.44 48.44
CA ALA C 122 -30.74 -13.81 48.47
C ALA C 122 -29.53 -13.93 49.41
N VAL C 123 -28.62 -12.98 49.32
CA VAL C 123 -27.43 -12.98 50.14
C VAL C 123 -27.76 -12.82 51.62
N THR C 124 -28.72 -11.95 51.93
CA THR C 124 -29.09 -11.74 53.31
C THR C 124 -29.64 -13.03 53.89
N ALA C 125 -30.46 -13.72 53.09
CA ALA C 125 -31.03 -14.98 53.53
C ALA C 125 -29.91 -16.00 53.66
N ALA C 126 -29.00 -16.02 52.68
CA ALA C 126 -27.89 -16.97 52.68
C ALA C 126 -27.06 -16.82 53.94
N VAL C 127 -26.81 -15.58 54.35
CA VAL C 127 -25.99 -15.34 55.53
C VAL C 127 -26.66 -15.86 56.80
N GLU C 128 -27.97 -15.76 56.85
CA GLU C 128 -28.68 -16.25 58.01
C GLU C 128 -28.66 -17.76 58.02
N GLU C 129 -28.84 -18.35 56.85
CA GLU C 129 -28.82 -19.81 56.72
C GLU C 129 -27.44 -20.33 57.12
N LEU C 130 -26.43 -19.51 56.85
CA LEU C 130 -25.04 -19.84 57.15
C LEU C 130 -24.82 -19.90 58.67
N LYS C 131 -25.48 -19.00 59.41
CA LYS C 131 -25.35 -18.99 60.86
C LYS C 131 -25.98 -20.26 61.43
N ALA C 132 -27.11 -20.65 60.87
CA ALA C 132 -27.83 -21.83 61.31
C ALA C 132 -27.04 -23.12 61.08
N LEU C 133 -26.26 -23.14 60.01
CA LEU C 133 -25.48 -24.32 59.65
C LEU C 133 -24.25 -24.44 60.53
N SER C 134 -23.76 -23.28 60.95
CA SER C 134 -22.58 -23.13 61.76
C SER C 134 -22.50 -23.91 63.09
N VAL C 135 -21.34 -24.51 63.34
CA VAL C 135 -21.07 -25.26 64.57
C VAL C 135 -20.17 -24.35 65.40
N PRO C 136 -20.45 -24.20 66.70
CA PRO C 136 -19.67 -23.34 67.59
C PRO C 136 -18.26 -23.83 67.88
N CYS C 137 -17.39 -22.87 68.17
CA CYS C 137 -16.00 -23.17 68.51
C CYS C 137 -15.70 -22.32 69.74
N SER C 138 -15.91 -22.90 70.93
CA SER C 138 -15.71 -22.16 72.18
C SER C 138 -14.76 -22.75 73.24
N ASP C 139 -14.90 -24.03 73.57
CA ASP C 139 -14.01 -24.62 74.55
C ASP C 139 -12.63 -24.71 73.90
N SER C 140 -11.57 -24.63 74.71
CA SER C 140 -10.22 -24.66 74.16
C SER C 140 -9.85 -25.98 73.51
N LYS C 141 -10.72 -26.97 73.62
CA LYS C 141 -10.43 -28.26 73.00
C LYS C 141 -10.70 -28.07 71.52
N ALA C 142 -11.80 -27.39 71.22
CA ALA C 142 -12.22 -27.12 69.86
C ALA C 142 -11.24 -26.13 69.26
N ILE C 143 -10.94 -25.08 70.01
CA ILE C 143 -10.00 -24.08 69.54
C ILE C 143 -8.73 -24.76 69.02
N ALA C 144 -8.23 -25.72 69.78
CA ALA C 144 -7.02 -26.45 69.39
C ALA C 144 -7.23 -27.24 68.10
N GLN C 145 -8.41 -27.85 67.96
CA GLN C 145 -8.71 -28.65 66.77
C GLN C 145 -8.75 -27.77 65.53
N VAL C 146 -9.41 -26.63 65.64
CA VAL C 146 -9.52 -25.72 64.51
C VAL C 146 -8.12 -25.22 64.12
N GLY C 147 -7.29 -24.95 65.14
CA GLY C 147 -5.94 -24.48 64.87
C GLY C 147 -5.13 -25.55 64.18
N THR C 148 -5.30 -26.79 64.64
CA THR C 148 -4.58 -27.92 64.07
C THR C 148 -4.92 -28.11 62.59
N ILE C 149 -6.21 -28.03 62.28
CA ILE C 149 -6.65 -28.18 60.90
C ILE C 149 -6.12 -27.04 60.04
N SER C 150 -6.15 -25.84 60.58
CA SER C 150 -5.67 -24.66 59.86
C SER C 150 -4.15 -24.66 59.74
N ALA C 151 -3.48 -25.52 60.50
CA ALA C 151 -2.04 -25.58 60.45
C ALA C 151 -1.59 -26.83 59.72
N ASN C 152 -2.47 -27.32 58.86
CA ASN C 152 -2.19 -28.51 58.06
C ASN C 152 -2.00 -29.76 58.93
N SER C 153 -2.90 -29.95 59.89
CA SER C 153 -2.87 -31.10 60.79
C SER C 153 -1.71 -31.13 61.78
N ASP C 154 -1.14 -29.96 62.07
CA ASP C 154 -0.04 -29.86 63.03
C ASP C 154 -0.63 -29.62 64.42
N GLU C 155 -0.76 -30.69 65.20
CA GLU C 155 -1.33 -30.58 66.55
C GLU C 155 -0.62 -29.54 67.40
N THR C 156 0.68 -29.41 67.17
CA THR C 156 1.50 -28.46 67.90
C THR C 156 0.98 -27.04 67.80
N VAL C 157 0.70 -26.62 66.58
CA VAL C 157 0.18 -25.27 66.36
C VAL C 157 -1.16 -25.09 67.07
N GLY C 158 -2.02 -26.10 66.98
CA GLY C 158 -3.31 -26.00 67.64
C GLY C 158 -3.12 -25.80 69.13
N LYS C 159 -2.25 -26.64 69.69
CA LYS C 159 -1.94 -26.57 71.10
C LYS C 159 -1.44 -25.18 71.46
N LEU C 160 -0.52 -24.68 70.66
CA LEU C 160 0.07 -23.35 70.87
C LEU C 160 -0.96 -22.24 70.94
N ILE C 161 -1.87 -22.25 69.97
CA ILE C 161 -2.94 -21.26 69.87
C ILE C 161 -3.93 -21.35 71.03
N ALA C 162 -4.31 -22.58 71.37
CA ALA C 162 -5.23 -22.79 72.47
C ALA C 162 -4.65 -22.23 73.76
N GLU C 163 -3.36 -22.50 73.99
CA GLU C 163 -2.65 -22.03 75.18
C GLU C 163 -2.60 -20.52 75.26
N ALA C 164 -2.30 -19.87 74.14
CA ALA C 164 -2.21 -18.42 74.10
C ALA C 164 -3.58 -17.82 74.33
N MET C 165 -4.60 -18.38 73.69
CA MET C 165 -5.94 -17.85 73.86
C MET C 165 -6.40 -18.01 75.30
N ASP C 166 -5.92 -19.07 75.94
CA ASP C 166 -6.27 -19.32 77.34
C ASP C 166 -5.64 -18.24 78.23
N LYS C 167 -4.42 -17.84 77.89
CA LYS C 167 -3.69 -16.82 78.62
C LYS C 167 -4.36 -15.45 78.58
N VAL C 168 -4.46 -14.88 77.38
CA VAL C 168 -5.04 -13.57 77.19
C VAL C 168 -6.55 -13.50 76.95
N GLY C 169 -7.20 -14.66 76.90
CA GLY C 169 -8.64 -14.69 76.65
C GLY C 169 -8.97 -14.66 75.17
N LYS C 170 -10.20 -15.01 74.80
CA LYS C 170 -10.59 -15.03 73.39
C LYS C 170 -10.48 -13.66 72.73
N GLU C 171 -10.74 -12.61 73.52
CA GLU C 171 -10.66 -11.23 73.03
C GLU C 171 -9.24 -10.69 73.09
N GLY C 172 -8.35 -11.42 73.77
CA GLY C 172 -6.98 -10.99 73.91
C GLY C 172 -6.16 -10.82 72.64
N VAL C 173 -5.13 -9.99 72.72
CA VAL C 173 -4.24 -9.75 71.60
C VAL C 173 -3.14 -10.81 71.57
N ILE C 174 -2.99 -11.50 70.45
CA ILE C 174 -1.96 -12.53 70.33
C ILE C 174 -1.04 -12.22 69.16
N THR C 175 0.25 -12.19 69.45
CA THR C 175 1.28 -11.90 68.46
C THR C 175 2.16 -13.12 68.24
N VAL C 176 2.77 -13.22 67.07
CA VAL C 176 3.67 -14.32 66.79
C VAL C 176 4.95 -13.83 66.09
N GLU C 177 6.11 -14.27 66.59
CA GLU C 177 7.41 -13.89 66.05
C GLU C 177 8.41 -15.04 66.07
N ASP C 178 9.54 -14.85 65.40
CA ASP C 178 10.57 -15.89 65.32
C ASP C 178 11.00 -16.40 66.68
N GLY C 179 11.31 -17.68 66.74
CA GLY C 179 11.74 -18.27 67.99
C GLY C 179 13.25 -18.13 68.14
N THR C 180 13.74 -18.37 69.35
CA THR C 180 15.17 -18.26 69.62
C THR C 180 15.81 -19.62 69.43
N GLY C 181 15.01 -20.62 69.06
CA GLY C 181 15.56 -21.94 68.82
C GLY C 181 14.71 -23.12 69.26
N LEU C 182 14.61 -24.11 68.38
CA LEU C 182 13.86 -25.36 68.65
C LEU C 182 13.13 -25.42 69.98
N GLN C 183 12.03 -24.70 70.11
CA GLN C 183 11.22 -24.65 71.33
C GLN C 183 10.41 -23.37 71.39
N ASP C 184 9.09 -23.53 71.50
CA ASP C 184 8.20 -22.40 71.53
C ASP C 184 8.24 -21.73 72.89
N GLU C 185 7.81 -20.47 72.92
CA GLU C 185 7.75 -19.71 74.16
C GLU C 185 6.47 -18.86 74.10
N LEU C 186 5.78 -18.77 75.22
CA LEU C 186 4.56 -17.99 75.28
C LEU C 186 4.65 -17.07 76.48
N ASP C 187 4.58 -15.76 76.25
CA ASP C 187 4.67 -14.78 77.34
C ASP C 187 3.75 -13.60 77.10
N VAL C 188 3.11 -13.12 78.16
CA VAL C 188 2.22 -11.97 78.03
C VAL C 188 3.02 -10.76 78.45
N VAL C 189 3.01 -9.72 77.64
CA VAL C 189 3.80 -8.53 77.93
C VAL C 189 3.01 -7.23 77.83
N GLU C 190 3.70 -6.13 78.08
CA GLU C 190 3.08 -4.81 78.02
C GLU C 190 2.83 -4.51 76.56
N GLY C 191 1.57 -4.28 76.22
CA GLY C 191 1.25 -4.02 74.83
C GLY C 191 -0.15 -3.53 74.61
N MET C 192 -0.48 -3.27 73.35
CA MET C 192 -1.79 -2.75 73.02
C MET C 192 -2.03 -2.85 71.51
N GLN C 193 -3.29 -2.74 71.11
CA GLN C 193 -3.64 -2.79 69.70
C GLN C 193 -4.87 -1.92 69.45
N PHE C 194 -4.80 -1.09 68.41
CA PHE C 194 -5.93 -0.22 68.06
C PHE C 194 -6.32 -0.35 66.59
N ASP C 195 -7.53 0.08 66.25
CA ASP C 195 -8.05 -0.03 64.89
C ASP C 195 -7.62 1.08 63.94
N ARG C 196 -6.35 1.04 63.54
CA ARG C 196 -5.80 2.02 62.61
C ARG C 196 -4.68 1.33 61.82
N GLY C 197 -4.83 1.28 60.49
CA GLY C 197 -3.81 0.64 59.67
C GLY C 197 -2.81 1.65 59.13
N TYR C 198 -2.00 1.19 58.18
CA TYR C 198 -1.00 2.06 57.57
C TYR C 198 -1.67 3.16 56.73
N LEU C 199 -1.17 4.39 56.86
CA LEU C 199 -1.71 5.52 56.11
C LEU C 199 -1.34 5.43 54.64
N SER C 200 -0.74 4.30 54.26
CA SER C 200 -0.29 4.07 52.90
C SER C 200 0.42 2.72 52.80
N PRO C 201 0.15 1.95 51.73
CA PRO C 201 0.88 0.67 51.66
C PRO C 201 2.33 1.11 51.43
N TYR C 202 3.12 0.38 50.66
CA TYR C 202 4.51 0.80 50.47
C TYR C 202 5.23 0.68 51.81
N PHE C 203 4.64 1.22 52.88
CA PHE C 203 5.21 1.12 54.21
C PHE C 203 5.36 -0.38 54.48
N ILE C 204 4.54 -1.16 53.78
CA ILE C 204 4.55 -2.62 53.89
C ILE C 204 5.93 -3.19 53.56
N ASN C 205 6.46 -4.00 54.46
CA ASN C 205 7.76 -4.65 54.25
C ASN C 205 7.64 -6.16 54.42
N LYS C 206 6.40 -6.64 54.47
CA LYS C 206 6.10 -8.07 54.59
C LYS C 206 4.99 -8.37 53.62
N PRO C 207 5.23 -8.14 52.32
CA PRO C 207 4.23 -8.39 51.27
C PRO C 207 3.43 -9.67 51.45
N GLU C 208 4.06 -10.68 52.04
CA GLU C 208 3.42 -11.97 52.29
C GLU C 208 2.13 -11.75 53.08
N THR C 209 2.27 -11.16 54.26
CA THR C 209 1.13 -10.86 55.13
C THR C 209 0.61 -9.46 54.83
N GLY C 210 1.32 -8.75 53.95
CA GLY C 210 0.92 -7.39 53.58
C GLY C 210 0.91 -6.46 54.77
N ALA C 211 1.83 -6.69 55.70
CA ALA C 211 1.90 -5.89 56.90
C ALA C 211 3.21 -5.13 57.01
N VAL C 212 3.23 -4.12 57.89
CA VAL C 212 4.42 -3.35 58.16
C VAL C 212 4.93 -3.95 59.46
N GLU C 213 6.22 -4.21 59.54
CA GLU C 213 6.79 -4.82 60.75
C GLU C 213 8.10 -4.15 61.14
N LEU C 214 8.04 -3.30 62.16
CA LEU C 214 9.22 -2.58 62.62
C LEU C 214 9.73 -3.19 63.92
N GLU C 215 11.06 -3.27 64.05
CA GLU C 215 11.65 -3.85 65.26
C GLU C 215 12.40 -2.79 66.07
N SER C 216 12.15 -2.77 67.39
CA SER C 216 12.76 -1.79 68.30
C SER C 216 12.59 -0.38 67.75
N PRO C 217 11.38 -0.03 67.30
CA PRO C 217 11.15 1.30 66.76
C PRO C 217 10.90 2.39 67.81
N PHE C 218 11.01 3.64 67.35
CA PHE C 218 10.77 4.82 68.16
C PHE C 218 9.36 5.26 67.77
N ILE C 219 8.54 5.60 68.75
CA ILE C 219 7.17 6.00 68.44
C ILE C 219 6.91 7.48 68.69
N LEU C 220 6.59 8.20 67.62
CA LEU C 220 6.28 9.62 67.74
C LEU C 220 4.76 9.79 67.95
N LEU C 221 4.41 10.37 69.09
CA LEU C 221 3.01 10.62 69.42
C LEU C 221 2.73 12.12 69.26
N ALA C 222 2.01 12.47 68.19
CA ALA C 222 1.72 13.86 67.93
C ALA C 222 0.22 14.12 67.82
N ASP C 223 -0.29 14.91 68.76
CA ASP C 223 -1.68 15.29 68.80
C ASP C 223 -1.88 16.46 67.82
N LYS C 224 -2.02 16.12 66.54
CA LYS C 224 -2.20 17.10 65.47
C LYS C 224 -2.02 16.41 64.12
N LYS C 225 -2.27 17.15 63.04
CA LYS C 225 -2.13 16.62 61.68
C LYS C 225 -0.82 17.07 61.08
N ILE C 226 -0.04 16.12 60.58
CA ILE C 226 1.26 16.44 59.97
C ILE C 226 1.15 16.45 58.46
N SER C 227 1.32 17.63 57.87
CA SER C 227 1.22 17.78 56.42
C SER C 227 2.51 18.19 55.74
N ASN C 228 3.46 18.70 56.52
CA ASN C 228 4.75 19.13 55.97
C ASN C 228 5.89 18.52 56.76
N ILE C 229 6.71 17.72 56.07
CA ILE C 229 7.83 17.04 56.71
C ILE C 229 8.86 18.02 57.26
N ARG C 230 8.59 19.31 57.15
CA ARG C 230 9.52 20.30 57.65
C ARG C 230 9.57 20.20 59.18
N GLU C 231 8.43 19.94 59.80
CA GLU C 231 8.37 19.81 61.25
C GLU C 231 9.12 18.55 61.68
N MET C 232 9.07 17.55 60.81
CA MET C 232 9.69 16.24 61.04
C MET C 232 11.21 16.22 61.11
N LEU C 233 11.84 16.79 60.10
CA LEU C 233 13.29 16.84 59.98
C LEU C 233 14.10 16.69 61.28
N PRO C 234 13.88 17.57 62.28
CA PRO C 234 14.65 17.43 63.52
C PRO C 234 14.53 16.04 64.16
N VAL C 235 13.30 15.55 64.26
CA VAL C 235 13.03 14.24 64.83
C VAL C 235 13.49 13.11 63.91
N LEU C 236 13.34 13.31 62.61
CA LEU C 236 13.78 12.31 61.64
C LEU C 236 15.29 12.10 61.65
N GLU C 237 16.02 13.16 61.97
CA GLU C 237 17.48 13.08 62.00
C GLU C 237 17.97 12.41 63.27
N ALA C 238 17.23 12.58 64.36
CA ALA C 238 17.59 11.97 65.64
C ALA C 238 17.39 10.45 65.51
N VAL C 239 16.42 10.07 64.67
CA VAL C 239 16.08 8.68 64.41
C VAL C 239 17.04 8.11 63.35
N ALA C 240 17.59 8.99 62.52
CA ALA C 240 18.55 8.57 61.50
C ALA C 240 19.75 8.03 62.28
N LYS C 241 20.20 8.81 63.26
CA LYS C 241 21.29 8.38 64.14
C LYS C 241 20.58 7.28 64.94
N ALA C 242 21.27 6.65 65.87
CA ALA C 242 20.65 5.57 66.65
C ALA C 242 20.27 4.41 65.71
N GLY C 243 20.01 4.74 64.45
CA GLY C 243 19.68 3.77 63.43
C GLY C 243 18.49 2.85 63.68
N LYS C 244 17.40 3.39 64.20
CA LYS C 244 16.21 2.60 64.47
C LYS C 244 15.02 3.09 63.63
N PRO C 245 14.03 2.21 63.39
CA PRO C 245 12.86 2.62 62.60
C PRO C 245 11.93 3.57 63.39
N LEU C 246 10.92 4.11 62.74
CA LEU C 246 10.02 5.05 63.40
C LEU C 246 8.54 4.93 63.06
N LEU C 247 7.70 4.85 64.10
CA LEU C 247 6.26 4.78 63.92
C LEU C 247 5.65 6.13 64.27
N ILE C 248 4.97 6.75 63.30
CA ILE C 248 4.35 8.04 63.50
C ILE C 248 2.87 7.86 63.79
N ILE C 249 2.45 8.22 65.01
CA ILE C 249 1.04 8.11 65.36
C ILE C 249 0.57 9.54 65.61
N ALA C 250 -0.10 10.11 64.62
CA ALA C 250 -0.62 11.48 64.69
C ALA C 250 -2.12 11.48 64.39
N GLU C 251 -2.74 12.66 64.45
CA GLU C 251 -4.17 12.79 64.15
C GLU C 251 -4.31 12.37 62.69
N ASP C 252 -3.26 12.64 61.91
CA ASP C 252 -3.21 12.28 60.51
C ASP C 252 -1.87 12.72 59.93
N VAL C 253 -1.49 12.13 58.81
CA VAL C 253 -0.27 12.47 58.10
C VAL C 253 -0.69 12.62 56.65
N GLU C 254 -0.68 13.87 56.18
CA GLU C 254 -1.12 14.20 54.84
C GLU C 254 -0.09 14.64 53.82
N GLY C 255 -0.56 14.72 52.57
CA GLY C 255 0.22 15.16 51.42
C GLY C 255 1.74 15.13 51.45
N GLU C 256 2.35 16.30 51.40
CA GLU C 256 3.81 16.43 51.39
C GLU C 256 4.52 15.53 52.40
N ALA C 257 4.13 15.60 53.67
CA ALA C 257 4.74 14.78 54.72
C ALA C 257 4.60 13.29 54.43
N LEU C 258 3.38 12.83 54.16
CA LEU C 258 3.12 11.42 53.86
C LEU C 258 3.89 10.99 52.62
N ALA C 259 3.80 11.81 51.57
CA ALA C 259 4.50 11.54 50.31
C ALA C 259 6.00 11.37 50.51
N THR C 260 6.60 12.28 51.28
CA THR C 260 8.04 12.22 51.56
C THR C 260 8.42 10.97 52.36
N LEU C 261 7.61 10.62 53.35
CA LEU C 261 7.87 9.44 54.16
C LEU C 261 7.76 8.18 53.30
N VAL C 262 6.68 8.05 52.54
CA VAL C 262 6.48 6.89 51.69
C VAL C 262 7.68 6.68 50.76
N VAL C 263 8.32 7.77 50.37
CA VAL C 263 9.49 7.71 49.51
C VAL C 263 10.74 7.32 50.27
N ASN C 264 11.13 8.14 51.24
CA ASN C 264 12.34 7.88 52.06
C ASN C 264 12.46 6.45 52.57
N THR C 265 11.40 5.94 53.18
CA THR C 265 11.42 4.58 53.72
C THR C 265 11.53 3.57 52.58
N MET C 266 11.06 3.98 51.42
CA MET C 266 11.07 3.12 50.23
C MET C 266 12.41 3.25 49.51
N ARG C 267 13.43 3.71 50.23
CA ARG C 267 14.77 3.88 49.69
C ARG C 267 15.79 3.57 50.79
N GLY C 268 15.34 2.88 51.84
CA GLY C 268 16.23 2.53 52.92
C GLY C 268 16.72 3.73 53.72
N ILE C 269 16.29 4.93 53.33
CA ILE C 269 16.70 6.15 54.03
C ILE C 269 15.82 6.29 55.27
N VAL C 270 15.99 5.37 56.22
CA VAL C 270 15.21 5.37 57.45
C VAL C 270 13.83 4.70 57.26
N LYS C 271 13.60 3.58 57.94
CA LYS C 271 12.33 2.86 57.87
C LYS C 271 11.29 3.57 58.72
N VAL C 272 10.21 4.02 58.10
CA VAL C 272 9.15 4.71 58.82
C VAL C 272 7.78 4.22 58.38
N ALA C 273 6.79 4.46 59.23
CA ALA C 273 5.42 4.07 58.98
C ALA C 273 4.53 4.99 59.82
N ALA C 274 3.47 5.52 59.20
CA ALA C 274 2.56 6.43 59.90
C ALA C 274 1.14 5.91 59.93
N VAL C 275 0.47 6.15 61.05
CA VAL C 275 -0.92 5.71 61.24
C VAL C 275 -1.68 6.75 62.07
N LYS C 276 -2.97 6.86 61.82
CA LYS C 276 -3.81 7.80 62.55
C LYS C 276 -3.91 7.37 64.00
N ALA C 277 -4.05 8.33 64.91
CA ALA C 277 -4.20 7.98 66.32
C ALA C 277 -5.57 7.31 66.36
N PRO C 278 -5.81 6.48 67.39
CA PRO C 278 -7.08 5.79 67.52
C PRO C 278 -8.24 6.70 67.94
N GLY C 279 -9.42 6.43 67.42
CA GLY C 279 -10.59 7.22 67.78
C GLY C 279 -10.60 8.64 67.24
N PHE C 280 -11.43 9.47 67.86
CA PHE C 280 -11.54 10.87 67.47
C PHE C 280 -12.00 11.71 68.66
N GLY C 281 -12.07 13.02 68.46
CA GLY C 281 -12.51 13.90 69.52
C GLY C 281 -11.62 13.91 70.75
N ASP C 282 -12.26 13.98 71.93
CA ASP C 282 -11.53 14.01 73.18
C ASP C 282 -10.89 12.68 73.54
N ARG C 283 -11.68 11.61 73.45
CA ARG C 283 -11.17 10.29 73.80
C ARG C 283 -9.96 9.89 72.94
N ARG C 284 -9.82 10.51 71.77
CA ARG C 284 -8.67 10.22 70.91
C ARG C 284 -7.42 10.73 71.62
N LYS C 285 -7.57 11.85 72.32
CA LYS C 285 -6.43 12.43 73.02
C LYS C 285 -6.08 11.61 74.25
N ALA C 286 -7.09 11.04 74.91
CA ALA C 286 -6.84 10.22 76.09
C ALA C 286 -6.07 8.97 75.72
N MET C 287 -6.44 8.35 74.60
CA MET C 287 -5.77 7.15 74.14
C MET C 287 -4.34 7.46 73.67
N LEU C 288 -4.14 8.64 73.10
CA LEU C 288 -2.81 9.01 72.65
C LEU C 288 -1.90 9.02 73.88
N GLN C 289 -2.49 9.33 75.03
CA GLN C 289 -1.72 9.36 76.27
C GLN C 289 -1.50 7.93 76.73
N ASP C 290 -2.56 7.12 76.69
CA ASP C 290 -2.45 5.72 77.09
C ASP C 290 -1.24 5.11 76.37
N ILE C 291 -1.17 5.31 75.06
CA ILE C 291 -0.06 4.78 74.28
C ILE C 291 1.28 5.35 74.76
N ALA C 292 1.30 6.66 75.08
CA ALA C 292 2.52 7.31 75.57
C ALA C 292 3.00 6.59 76.84
N THR C 293 2.10 6.45 77.80
CA THR C 293 2.41 5.77 79.04
C THR C 293 3.03 4.40 78.75
N LEU C 294 2.26 3.56 78.06
CA LEU C 294 2.66 2.21 77.69
C LEU C 294 4.04 2.15 77.02
N THR C 295 4.36 3.11 76.16
CA THR C 295 5.64 3.09 75.45
C THR C 295 6.71 4.00 76.06
N GLY C 296 6.37 4.65 77.17
CA GLY C 296 7.34 5.55 77.80
C GLY C 296 7.72 6.70 76.90
N GLY C 297 6.75 7.23 76.18
CA GLY C 297 7.00 8.36 75.29
C GLY C 297 6.20 9.55 75.79
N THR C 298 6.38 10.70 75.12
CA THR C 298 5.67 11.92 75.48
C THR C 298 4.83 12.41 74.31
N VAL C 299 3.57 12.74 74.58
CA VAL C 299 2.69 13.23 73.52
C VAL C 299 3.00 14.70 73.24
N ILE C 300 3.17 15.03 71.97
CA ILE C 300 3.48 16.39 71.54
C ILE C 300 2.21 17.10 71.04
N SER C 301 1.45 17.64 71.99
CA SER C 301 0.20 18.33 71.71
C SER C 301 0.37 19.84 71.52
N GLU C 302 -0.26 20.38 70.48
CA GLU C 302 -0.20 21.80 70.20
C GLU C 302 -0.89 22.60 71.29
N GLU C 303 -1.96 22.06 71.85
CA GLU C 303 -2.69 22.73 72.92
C GLU C 303 -1.74 23.21 74.01
N ILE C 304 -0.93 22.29 74.54
CA ILE C 304 0.03 22.63 75.57
C ILE C 304 1.12 23.55 74.99
N GLY C 305 1.07 23.77 73.69
CA GLY C 305 2.04 24.63 73.03
C GLY C 305 3.36 23.99 72.64
N MET C 306 3.35 22.68 72.44
CA MET C 306 4.56 21.96 72.06
C MET C 306 4.72 21.97 70.54
N GLU C 307 5.97 21.92 70.10
CA GLU C 307 6.30 21.92 68.67
C GLU C 307 7.10 20.65 68.31
N LEU C 308 6.82 20.09 67.14
CA LEU C 308 7.52 18.89 66.68
C LEU C 308 9.00 19.13 66.42
N GLU C 309 9.36 20.38 66.14
CA GLU C 309 10.75 20.72 65.88
C GLU C 309 11.55 20.59 67.18
N LYS C 310 10.91 20.92 68.29
CA LYS C 310 11.54 20.87 69.60
C LYS C 310 11.42 19.48 70.23
N ALA C 311 11.13 18.48 69.40
CA ALA C 311 11.00 17.11 69.89
C ALA C 311 12.35 16.42 69.83
N THR C 312 12.69 15.75 70.92
CA THR C 312 13.96 15.04 71.02
C THR C 312 13.74 13.53 71.15
N LEU C 313 14.79 12.76 70.85
CA LEU C 313 14.70 11.31 70.93
C LEU C 313 14.13 10.80 72.24
N GLU C 314 14.13 11.62 73.28
CA GLU C 314 13.59 11.15 74.54
C GLU C 314 12.07 11.27 74.64
N ASP C 315 11.49 12.17 73.85
CA ASP C 315 10.04 12.32 73.88
C ASP C 315 9.41 11.09 73.25
N LEU C 316 10.11 10.54 72.26
CA LEU C 316 9.64 9.35 71.55
C LEU C 316 9.40 8.12 72.41
N GLY C 317 8.40 7.34 72.00
CA GLY C 317 8.04 6.12 72.70
C GLY C 317 8.90 4.99 72.17
N GLN C 318 8.72 3.80 72.72
CA GLN C 318 9.54 2.68 72.28
C GLN C 318 8.98 1.32 72.69
N ALA C 319 9.08 0.37 71.77
CA ALA C 319 8.60 -1.00 71.98
C ALA C 319 9.55 -1.93 71.26
N LYS C 320 9.48 -3.22 71.56
CA LYS C 320 10.35 -4.17 70.89
C LYS C 320 9.86 -4.43 69.48
N ARG C 321 8.56 -4.24 69.24
CA ARG C 321 8.02 -4.52 67.93
C ARG C 321 6.61 -3.93 67.73
N VAL C 322 6.30 -3.59 66.47
CA VAL C 322 4.98 -3.08 66.10
C VAL C 322 4.60 -3.69 64.75
N VAL C 323 3.34 -4.09 64.62
CA VAL C 323 2.88 -4.69 63.39
C VAL C 323 1.68 -3.89 62.92
N ILE C 324 1.69 -3.52 61.65
CA ILE C 324 0.60 -2.73 61.09
C ILE C 324 -0.12 -3.34 59.89
N ASN C 325 -1.43 -3.49 60.00
CA ASN C 325 -2.27 -4.03 58.94
C ASN C 325 -2.78 -2.91 58.09
N LYS C 326 -3.73 -3.29 57.23
CA LYS C 326 -4.40 -2.35 56.37
C LYS C 326 -5.30 -1.57 57.30
N ASP C 327 -5.68 -2.19 58.42
CA ASP C 327 -6.57 -1.54 59.39
C ASP C 327 -6.32 -1.86 60.87
N THR C 328 -5.07 -2.20 61.20
CA THR C 328 -4.73 -2.49 62.59
C THR C 328 -3.28 -2.20 62.91
N THR C 329 -3.06 -1.59 64.06
CA THR C 329 -1.71 -1.29 64.53
C THR C 329 -1.61 -1.89 65.91
N THR C 330 -0.62 -2.76 66.09
CA THR C 330 -0.44 -3.41 67.37
C THR C 330 0.99 -3.23 67.91
N ILE C 331 1.07 -2.59 69.07
CA ILE C 331 2.35 -2.31 69.72
C ILE C 331 2.72 -3.40 70.71
N ILE C 332 3.82 -4.10 70.41
CA ILE C 332 4.29 -5.23 71.22
C ILE C 332 5.49 -4.94 72.14
N ASP C 333 5.25 -5.06 73.43
CA ASP C 333 6.27 -4.85 74.47
C ASP C 333 6.82 -3.45 74.57
N GLY C 334 6.04 -2.57 75.20
CA GLY C 334 6.45 -1.20 75.37
C GLY C 334 7.43 -1.07 76.52
N VAL C 335 8.18 0.03 76.51
CA VAL C 335 9.20 0.30 77.53
C VAL C 335 8.63 0.90 78.81
N GLY C 336 7.47 1.54 78.71
CA GLY C 336 6.86 2.17 79.87
C GLY C 336 7.00 1.37 81.16
N GLU C 337 7.35 2.06 82.25
CA GLU C 337 7.52 1.44 83.57
C GLU C 337 6.20 0.96 84.14
N GLU C 338 6.17 -0.25 84.67
CA GLU C 338 4.95 -0.78 85.25
C GLU C 338 4.37 0.27 86.18
N ALA C 339 5.26 0.97 86.89
CA ALA C 339 4.85 2.02 87.81
C ALA C 339 3.85 2.94 87.10
N ALA C 340 4.31 3.53 86.00
CA ALA C 340 3.50 4.44 85.21
C ALA C 340 2.23 3.76 84.68
N ILE C 341 2.43 2.71 83.90
CA ILE C 341 1.33 1.96 83.30
C ILE C 341 0.29 1.53 84.33
N GLN C 342 0.73 1.08 85.49
CA GLN C 342 -0.22 0.66 86.50
C GLN C 342 -0.94 1.84 87.13
N GLY C 343 -0.25 2.99 87.22
CA GLY C 343 -0.87 4.16 87.78
C GLY C 343 -1.89 4.70 86.80
N ARG C 344 -1.60 4.56 85.52
CA ARG C 344 -2.50 5.01 84.46
C ARG C 344 -3.78 4.19 84.49
N VAL C 345 -3.65 2.87 84.69
CA VAL C 345 -4.82 1.99 84.77
C VAL C 345 -5.63 2.40 85.99
N ALA C 346 -4.90 2.74 87.05
CA ALA C 346 -5.52 3.18 88.29
C ALA C 346 -6.42 4.39 88.04
N GLN C 347 -5.90 5.39 87.30
CA GLN C 347 -6.67 6.59 86.98
C GLN C 347 -7.98 6.25 86.26
N ILE C 348 -7.84 5.67 85.06
CA ILE C 348 -8.98 5.31 84.23
C ILE C 348 -9.98 4.48 85.04
N ARG C 349 -9.45 3.52 85.77
CA ARG C 349 -10.25 2.62 86.59
C ARG C 349 -11.13 3.41 87.56
N GLN C 350 -10.59 4.49 88.10
CA GLN C 350 -11.33 5.33 89.03
C GLN C 350 -12.37 6.17 88.26
N GLN C 351 -11.98 6.69 87.10
CA GLN C 351 -12.89 7.50 86.29
C GLN C 351 -14.15 6.71 85.97
N ILE C 352 -14.00 5.39 85.89
CA ILE C 352 -15.12 4.51 85.59
C ILE C 352 -16.15 4.58 86.72
N GLU C 353 -15.71 5.02 87.90
CA GLU C 353 -16.57 5.17 89.06
C GLU C 353 -17.39 6.45 88.87
N GLU C 354 -16.65 7.52 88.62
CA GLU C 354 -17.22 8.85 88.39
C GLU C 354 -18.03 8.86 87.08
N ALA C 355 -17.99 7.76 86.35
CA ALA C 355 -18.71 7.61 85.08
C ALA C 355 -20.20 7.86 85.27
N THR C 356 -20.69 8.95 84.69
CA THR C 356 -22.10 9.33 84.80
C THR C 356 -22.92 8.89 83.59
N SER C 357 -22.37 8.00 82.79
CA SER C 357 -23.02 7.50 81.59
C SER C 357 -22.60 6.07 81.26
N ASP C 358 -23.54 5.24 80.83
CA ASP C 358 -23.22 3.86 80.48
C ASP C 358 -22.19 3.84 79.36
N TYR C 359 -22.45 4.63 78.32
CA TYR C 359 -21.54 4.74 77.19
C TYR C 359 -20.13 5.11 77.65
N ASP C 360 -20.02 6.22 78.39
CA ASP C 360 -18.74 6.71 78.91
C ASP C 360 -18.04 5.63 79.70
N ARG C 361 -18.82 4.89 80.48
CA ARG C 361 -18.28 3.82 81.31
C ARG C 361 -17.64 2.75 80.46
N GLU C 362 -18.39 2.25 79.47
CA GLU C 362 -17.88 1.21 78.57
C GLU C 362 -16.62 1.63 77.83
N LYS C 363 -16.59 2.88 77.33
CA LYS C 363 -15.43 3.38 76.62
C LYS C 363 -14.20 3.30 77.51
N LEU C 364 -14.36 3.66 78.78
CA LEU C 364 -13.25 3.62 79.73
C LEU C 364 -12.80 2.18 79.97
N GLN C 365 -13.78 1.28 80.09
CA GLN C 365 -13.48 -0.12 80.32
C GLN C 365 -12.70 -0.67 79.14
N GLU C 366 -12.97 -0.14 77.96
CA GLU C 366 -12.26 -0.56 76.77
C GLU C 366 -10.79 -0.25 76.98
N ARG C 367 -10.50 1.01 77.30
CA ARG C 367 -9.15 1.47 77.50
C ARG C 367 -8.36 0.72 78.58
N VAL C 368 -8.95 0.50 79.75
CA VAL C 368 -8.22 -0.24 80.79
C VAL C 368 -7.93 -1.65 80.27
N ALA C 369 -8.93 -2.27 79.66
CA ALA C 369 -8.79 -3.61 79.12
C ALA C 369 -7.57 -3.68 78.18
N LYS C 370 -7.40 -2.66 77.35
CA LYS C 370 -6.27 -2.63 76.44
C LYS C 370 -4.95 -2.51 77.19
N LEU C 371 -4.85 -1.47 78.03
CA LEU C 371 -3.65 -1.22 78.83
C LEU C 371 -3.33 -2.41 79.73
N ALA C 372 -4.30 -2.78 80.57
CA ALA C 372 -4.17 -3.88 81.52
C ALA C 372 -3.99 -5.27 80.89
N GLY C 373 -4.68 -5.54 79.79
CA GLY C 373 -4.59 -6.85 79.16
C GLY C 373 -3.27 -7.29 78.56
N GLY C 374 -2.48 -6.34 78.09
CA GLY C 374 -1.20 -6.70 77.50
C GLY C 374 -1.35 -7.41 76.16
N VAL C 375 -0.29 -8.09 75.75
CA VAL C 375 -0.28 -8.79 74.47
C VAL C 375 0.44 -10.12 74.57
N ALA C 376 -0.22 -11.21 74.17
CA ALA C 376 0.42 -12.51 74.21
C ALA C 376 1.47 -12.55 73.10
N VAL C 377 2.61 -13.19 73.34
CA VAL C 377 3.66 -13.29 72.33
C VAL C 377 4.10 -14.72 72.16
N ILE C 378 3.86 -15.27 70.97
CA ILE C 378 4.22 -16.64 70.68
C ILE C 378 5.52 -16.62 69.91
N LYS C 379 6.53 -17.34 70.40
CA LYS C 379 7.79 -17.42 69.68
C LYS C 379 7.85 -18.84 69.16
N VAL C 380 7.93 -18.99 67.84
CA VAL C 380 7.95 -20.31 67.24
C VAL C 380 9.34 -20.91 67.08
N GLY C 381 9.61 -22.00 67.82
CA GLY C 381 10.91 -22.67 67.75
C GLY C 381 10.92 -23.76 66.69
N ALA C 382 12.10 -24.22 66.27
CA ALA C 382 12.12 -25.23 65.24
C ALA C 382 13.39 -26.02 64.95
N ALA C 383 14.57 -25.47 65.22
CA ALA C 383 15.80 -26.21 64.91
C ALA C 383 16.00 -26.17 63.40
N THR C 384 16.64 -25.11 62.94
CA THR C 384 16.96 -24.75 61.53
C THR C 384 16.01 -23.59 61.21
N GLU C 385 16.62 -22.47 60.86
CA GLU C 385 15.90 -21.26 60.54
C GLU C 385 14.76 -21.54 59.57
N VAL C 386 15.00 -22.39 58.58
CA VAL C 386 13.97 -22.68 57.59
C VAL C 386 12.68 -23.23 58.20
N GLU C 387 12.79 -24.36 58.88
CA GLU C 387 11.63 -24.97 59.50
C GLU C 387 10.93 -23.97 60.42
N MET C 388 11.74 -23.16 61.09
CA MET C 388 11.23 -22.14 62.01
C MET C 388 10.37 -21.12 61.27
N LYS C 389 10.92 -20.53 60.23
CA LYS C 389 10.21 -19.53 59.43
C LYS C 389 8.94 -20.12 58.83
N GLU C 390 9.02 -21.38 58.41
CA GLU C 390 7.91 -22.10 57.81
C GLU C 390 6.77 -22.29 58.81
N LYS C 391 7.10 -22.89 59.96
CA LYS C 391 6.11 -23.12 61.00
C LYS C 391 5.52 -21.80 61.51
N LYS C 392 6.36 -20.76 61.62
CA LYS C 392 5.90 -19.45 62.09
C LYS C 392 4.73 -19.01 61.22
N ALA C 393 4.89 -19.20 59.92
CA ALA C 393 3.88 -18.84 58.95
C ALA C 393 2.60 -19.62 59.21
N ARG C 394 2.72 -20.95 59.34
CA ARG C 394 1.56 -21.78 59.61
C ARG C 394 0.87 -21.38 60.90
N VAL C 395 1.64 -20.91 61.87
CA VAL C 395 1.09 -20.48 63.15
C VAL C 395 0.28 -19.22 62.93
N GLU C 396 0.88 -18.24 62.26
CA GLU C 396 0.20 -16.98 61.97
C GLU C 396 -1.13 -17.23 61.27
N ASP C 397 -1.13 -18.14 60.31
CA ASP C 397 -2.33 -18.46 59.56
C ASP C 397 -3.39 -19.11 60.42
N ALA C 398 -3.01 -20.20 61.10
CA ALA C 398 -3.94 -20.92 61.96
C ALA C 398 -4.49 -19.97 63.02
N LEU C 399 -3.66 -19.02 63.46
CA LEU C 399 -4.09 -18.08 64.47
C LEU C 399 -5.25 -17.24 63.96
N HIS C 400 -5.10 -16.70 62.76
CA HIS C 400 -6.11 -15.86 62.13
C HIS C 400 -7.38 -16.67 61.86
N ALA C 401 -7.21 -17.94 61.49
CA ALA C 401 -8.33 -18.80 61.22
C ALA C 401 -9.12 -19.04 62.49
N THR C 402 -8.41 -19.51 63.51
CA THR C 402 -9.00 -19.80 64.83
C THR C 402 -9.69 -18.60 65.44
N ARG C 403 -9.08 -17.43 65.28
CA ARG C 403 -9.67 -16.20 65.78
C ARG C 403 -11.11 -16.11 65.23
N ALA C 404 -11.22 -16.26 63.91
CA ALA C 404 -12.48 -16.20 63.19
C ALA C 404 -13.44 -17.31 63.60
N ALA C 405 -12.88 -18.50 63.80
CA ALA C 405 -13.70 -19.65 64.18
C ALA C 405 -14.35 -19.38 65.54
N VAL C 406 -13.58 -18.83 66.46
CA VAL C 406 -14.08 -18.53 67.79
C VAL C 406 -15.19 -17.49 67.70
N GLU C 407 -15.08 -16.59 66.73
CA GLU C 407 -16.06 -15.53 66.57
C GLU C 407 -17.41 -15.96 66.03
N GLU C 408 -17.40 -16.65 64.90
CA GLU C 408 -18.67 -17.04 64.28
C GLU C 408 -18.84 -18.51 64.00
N GLY C 409 -17.97 -19.33 64.57
CA GLY C 409 -18.06 -20.77 64.37
C GLY C 409 -17.48 -21.24 63.07
N VAL C 410 -17.74 -22.50 62.73
CA VAL C 410 -17.25 -23.09 61.50
C VAL C 410 -18.36 -23.77 60.69
N VAL C 411 -18.16 -23.88 59.37
CA VAL C 411 -19.10 -24.54 58.47
C VAL C 411 -18.30 -25.41 57.52
N ALA C 412 -19.00 -26.29 56.81
CA ALA C 412 -18.34 -27.18 55.86
C ALA C 412 -17.55 -26.38 54.82
N GLY C 413 -16.31 -26.82 54.56
CA GLY C 413 -15.46 -26.15 53.60
C GLY C 413 -15.61 -26.72 52.21
N GLY C 414 -14.59 -26.55 51.37
CA GLY C 414 -14.63 -27.07 50.01
C GLY C 414 -15.81 -26.56 49.19
N GLY C 415 -16.30 -25.37 49.55
CA GLY C 415 -17.41 -24.79 48.84
C GLY C 415 -18.77 -25.40 49.08
N VAL C 416 -18.88 -26.37 50.00
CA VAL C 416 -20.19 -26.98 50.21
C VAL C 416 -21.14 -26.17 51.09
N ALA C 417 -20.62 -25.40 52.04
CA ALA C 417 -21.53 -24.60 52.87
C ALA C 417 -22.36 -23.67 51.98
N LEU C 418 -21.69 -23.02 51.03
CA LEU C 418 -22.38 -22.10 50.11
C LEU C 418 -23.41 -22.81 49.24
N ILE C 419 -23.09 -24.02 48.79
CA ILE C 419 -24.02 -24.72 47.95
C ILE C 419 -25.18 -25.24 48.80
N ARG C 420 -24.87 -25.62 50.05
CA ARG C 420 -25.88 -26.12 50.98
C ARG C 420 -26.91 -25.05 51.24
N VAL C 421 -26.40 -23.92 51.69
CA VAL C 421 -27.22 -22.77 52.00
C VAL C 421 -28.05 -22.32 50.79
N ALA C 422 -27.48 -22.41 49.59
CA ALA C 422 -28.21 -22.01 48.41
C ALA C 422 -29.37 -22.97 48.14
N SER C 423 -29.12 -24.25 48.34
CA SER C 423 -30.16 -25.25 48.09
C SER C 423 -31.39 -25.02 49.01
N LYS C 424 -31.16 -24.38 50.15
CA LYS C 424 -32.24 -24.14 51.09
C LYS C 424 -33.11 -22.93 50.75
N LEU C 425 -32.64 -22.08 49.83
CA LEU C 425 -33.38 -20.87 49.47
C LEU C 425 -34.13 -20.91 48.14
N ALA C 426 -34.45 -22.11 47.66
CA ALA C 426 -35.15 -22.28 46.39
C ALA C 426 -36.47 -21.51 46.24
N ASP C 427 -37.29 -21.48 47.29
CA ASP C 427 -38.55 -20.78 47.22
C ASP C 427 -38.47 -19.28 47.50
N LEU C 428 -37.28 -18.79 47.81
CA LEU C 428 -37.12 -17.39 48.12
C LEU C 428 -37.53 -16.54 46.93
N ARG C 429 -38.39 -15.55 47.16
CA ARG C 429 -38.83 -14.67 46.08
C ARG C 429 -38.75 -13.19 46.48
N GLY C 430 -38.87 -12.31 45.49
CA GLY C 430 -38.81 -10.89 45.74
C GLY C 430 -40.12 -10.24 45.37
N GLN C 431 -40.08 -8.95 45.00
CA GLN C 431 -41.28 -8.23 44.65
C GLN C 431 -41.70 -8.21 43.19
N ASN C 432 -40.85 -8.72 42.31
CA ASN C 432 -41.19 -8.79 40.90
C ASN C 432 -40.27 -9.79 40.21
N GLU C 433 -40.59 -10.13 38.98
CA GLU C 433 -39.78 -11.11 38.28
C GLU C 433 -38.32 -10.72 38.15
N ASP C 434 -38.04 -9.42 38.01
CA ASP C 434 -36.65 -8.99 37.90
C ASP C 434 -35.89 -9.33 39.18
N GLN C 435 -36.51 -9.08 40.34
CA GLN C 435 -35.85 -9.38 41.60
C GLN C 435 -35.73 -10.89 41.79
N ASN C 436 -36.70 -11.62 41.25
CA ASN C 436 -36.65 -13.07 41.35
C ASN C 436 -35.47 -13.63 40.58
N VAL C 437 -35.16 -13.00 39.45
CA VAL C 437 -34.05 -13.44 38.62
C VAL C 437 -32.77 -13.12 39.37
N GLY C 438 -32.73 -11.92 39.94
CA GLY C 438 -31.58 -11.49 40.72
C GLY C 438 -31.29 -12.52 41.81
N ILE C 439 -32.35 -13.01 42.46
CA ILE C 439 -32.20 -14.00 43.50
C ILE C 439 -31.61 -15.29 42.93
N LYS C 440 -32.12 -15.73 41.79
CA LYS C 440 -31.60 -16.96 41.19
C LYS C 440 -30.15 -16.77 40.73
N VAL C 441 -29.83 -15.56 40.28
CA VAL C 441 -28.47 -15.30 39.84
C VAL C 441 -27.53 -15.54 41.00
N ALA C 442 -27.92 -15.06 42.18
CA ALA C 442 -27.11 -15.22 43.38
C ALA C 442 -27.05 -16.67 43.84
N LEU C 443 -28.20 -17.35 43.84
CA LEU C 443 -28.20 -18.74 44.28
C LEU C 443 -27.33 -19.59 43.38
N ARG C 444 -27.37 -19.33 42.08
CA ARG C 444 -26.56 -20.08 41.13
C ARG C 444 -25.08 -19.79 41.38
N ALA C 445 -24.75 -18.51 41.56
CA ALA C 445 -23.37 -18.10 41.80
C ALA C 445 -22.78 -18.79 43.01
N MET C 446 -23.61 -19.08 44.00
CA MET C 446 -23.12 -19.74 45.21
C MET C 446 -22.56 -21.14 44.99
N GLU C 447 -22.75 -21.66 43.78
CA GLU C 447 -22.24 -22.98 43.43
C GLU C 447 -20.88 -22.86 42.75
N ALA C 448 -20.51 -21.64 42.38
CA ALA C 448 -19.24 -21.40 41.68
C ALA C 448 -18.02 -21.99 42.36
N PRO C 449 -17.79 -21.67 43.65
CA PRO C 449 -16.63 -22.19 44.37
C PRO C 449 -16.48 -23.73 44.30
N LEU C 450 -17.50 -24.46 44.76
CA LEU C 450 -17.45 -25.91 44.74
C LEU C 450 -17.19 -26.42 43.33
N ARG C 451 -17.99 -25.96 42.38
CA ARG C 451 -17.84 -26.37 41.00
C ARG C 451 -16.40 -26.16 40.51
N GLN C 452 -15.82 -25.01 40.82
CA GLN C 452 -14.45 -24.71 40.40
C GLN C 452 -13.47 -25.71 41.00
N ILE C 453 -13.62 -25.95 42.31
CA ILE C 453 -12.76 -26.90 43.01
C ILE C 453 -12.85 -28.24 42.30
N VAL C 454 -14.07 -28.74 42.13
CA VAL C 454 -14.26 -30.02 41.47
C VAL C 454 -13.63 -29.98 40.08
N LEU C 455 -13.78 -28.87 39.39
CA LEU C 455 -13.23 -28.75 38.05
C LEU C 455 -11.71 -28.89 38.10
N ASN C 456 -11.07 -28.18 39.02
CA ASN C 456 -9.62 -28.28 39.14
C ASN C 456 -9.18 -29.70 39.44
N CYS C 457 -10.06 -30.50 40.03
CA CYS C 457 -9.75 -31.89 40.37
C CYS C 457 -9.97 -32.81 39.17
N GLY C 458 -10.54 -32.29 38.10
CA GLY C 458 -10.79 -33.11 36.95
C GLY C 458 -12.03 -33.97 37.07
N GLU C 459 -13.01 -33.54 37.87
CA GLU C 459 -14.26 -34.29 38.03
C GLU C 459 -15.40 -33.49 37.38
N GLU C 460 -16.56 -34.10 37.23
CA GLU C 460 -17.68 -33.37 36.63
C GLU C 460 -18.38 -32.52 37.68
N PRO C 461 -18.21 -31.19 37.62
CA PRO C 461 -18.81 -30.27 38.57
C PRO C 461 -20.30 -30.47 38.80
N SER C 462 -21.05 -30.52 37.70
CA SER C 462 -22.50 -30.68 37.79
C SER C 462 -22.91 -31.94 38.54
N VAL C 463 -22.11 -33.01 38.43
CA VAL C 463 -22.44 -34.25 39.12
C VAL C 463 -22.18 -34.10 40.62
N VAL C 464 -20.98 -33.69 41.00
CA VAL C 464 -20.68 -33.50 42.41
C VAL C 464 -21.66 -32.49 42.99
N ALA C 465 -21.80 -31.35 42.32
CA ALA C 465 -22.71 -30.31 42.79
C ALA C 465 -24.09 -30.90 43.09
N ASN C 466 -24.61 -31.64 42.12
CA ASN C 466 -25.92 -32.26 42.23
C ASN C 466 -26.04 -33.19 43.43
N THR C 467 -25.02 -34.00 43.66
CA THR C 467 -25.03 -34.93 44.78
C THR C 467 -25.01 -34.20 46.14
N VAL C 468 -24.08 -33.24 46.27
CA VAL C 468 -23.96 -32.48 47.50
C VAL C 468 -25.31 -31.81 47.82
N LYS C 469 -25.98 -31.28 46.80
CA LYS C 469 -27.27 -30.63 47.02
C LYS C 469 -28.26 -31.62 47.62
N GLY C 470 -28.22 -32.84 47.11
CA GLY C 470 -29.12 -33.88 47.58
C GLY C 470 -29.01 -34.21 49.06
N GLY C 471 -27.87 -33.89 49.66
CA GLY C 471 -27.65 -34.17 51.07
C GLY C 471 -28.15 -33.11 52.05
N ASP C 472 -27.65 -33.16 53.29
CA ASP C 472 -28.05 -32.20 54.32
C ASP C 472 -26.91 -31.71 55.22
N GLY C 473 -27.21 -30.69 56.01
CA GLY C 473 -26.21 -30.15 56.92
C GLY C 473 -24.84 -29.97 56.29
N ASN C 474 -23.81 -30.48 56.94
CA ASN C 474 -22.47 -30.34 56.41
C ASN C 474 -22.01 -31.54 55.61
N TYR C 475 -22.96 -32.19 54.96
CA TYR C 475 -22.66 -33.33 54.10
C TYR C 475 -22.11 -32.73 52.82
N GLY C 476 -21.00 -33.26 52.32
CA GLY C 476 -20.43 -32.69 51.11
C GLY C 476 -19.37 -33.56 50.50
N TYR C 477 -18.72 -33.02 49.48
CA TYR C 477 -17.68 -33.74 48.75
C TYR C 477 -16.30 -33.30 49.23
N ASN C 478 -15.46 -34.28 49.56
CA ASN C 478 -14.10 -34.02 50.00
C ASN C 478 -13.25 -34.11 48.73
N ALA C 479 -13.05 -32.98 48.07
CA ALA C 479 -12.30 -32.93 46.81
C ALA C 479 -10.95 -33.65 46.88
N ALA C 480 -10.31 -33.60 48.05
CA ALA C 480 -9.01 -34.23 48.23
C ALA C 480 -9.05 -35.75 48.10
N THR C 481 -10.05 -36.36 48.71
CA THR C 481 -10.18 -37.82 48.70
C THR C 481 -11.29 -38.37 47.79
N GLU C 482 -12.05 -37.47 47.17
CA GLU C 482 -13.16 -37.86 46.29
C GLU C 482 -14.21 -38.64 47.05
N GLU C 483 -14.34 -38.39 48.34
CA GLU C 483 -15.32 -39.10 49.14
C GLU C 483 -16.36 -38.17 49.72
N TYR C 484 -17.62 -38.58 49.68
CA TYR C 484 -18.67 -37.76 50.25
C TYR C 484 -18.79 -38.12 51.72
N GLY C 485 -19.32 -37.21 52.52
CA GLY C 485 -19.45 -37.48 53.95
C GLY C 485 -19.61 -36.19 54.71
N ASN C 486 -19.40 -36.21 56.01
CA ASN C 486 -19.54 -35.01 56.80
C ASN C 486 -18.25 -34.19 56.69
N MET C 487 -18.36 -33.03 56.06
CA MET C 487 -17.21 -32.17 55.86
C MET C 487 -16.47 -31.81 57.15
N ILE C 488 -17.20 -31.56 58.24
CA ILE C 488 -16.54 -31.19 59.50
C ILE C 488 -15.78 -32.39 60.04
N ASP C 489 -16.44 -33.55 60.07
CA ASP C 489 -15.81 -34.77 60.54
C ASP C 489 -14.52 -35.02 59.75
N MET C 490 -14.60 -34.88 58.43
CA MET C 490 -13.43 -35.10 57.59
C MET C 490 -12.40 -33.98 57.74
N GLY C 491 -12.69 -33.02 58.62
CA GLY C 491 -11.77 -31.93 58.86
C GLY C 491 -11.59 -30.93 57.73
N ILE C 492 -12.64 -30.76 56.92
CA ILE C 492 -12.60 -29.80 55.82
C ILE C 492 -13.60 -28.70 56.10
N LEU C 493 -13.14 -27.64 56.77
CA LEU C 493 -14.02 -26.56 57.15
C LEU C 493 -13.48 -25.16 56.90
N ASP C 494 -14.35 -24.17 57.11
CA ASP C 494 -14.01 -22.75 56.94
C ASP C 494 -14.64 -21.97 58.07
N PRO C 495 -13.94 -20.95 58.58
CA PRO C 495 -14.60 -20.20 59.65
C PRO C 495 -15.84 -19.59 58.98
N THR C 496 -17.00 -19.74 59.61
CA THR C 496 -18.23 -19.19 59.05
C THR C 496 -18.00 -17.73 58.63
N LYS C 497 -17.18 -17.03 59.41
CA LYS C 497 -16.89 -15.64 59.10
C LYS C 497 -16.27 -15.44 57.72
N VAL C 498 -15.35 -16.32 57.29
CA VAL C 498 -14.74 -16.10 55.98
C VAL C 498 -15.73 -16.38 54.86
N THR C 499 -16.56 -17.41 55.01
CA THR C 499 -17.53 -17.70 53.97
C THR C 499 -18.54 -16.55 53.93
N ARG C 500 -19.00 -16.12 55.09
CA ARG C 500 -19.95 -15.02 55.09
C ARG C 500 -19.35 -13.78 54.41
N SER C 501 -18.12 -13.43 54.77
CA SER C 501 -17.44 -12.27 54.20
C SER C 501 -17.26 -12.38 52.70
N ALA C 502 -16.72 -13.51 52.26
CA ALA C 502 -16.49 -13.72 50.84
C ALA C 502 -17.76 -13.48 50.03
N LEU C 503 -18.89 -14.01 50.52
CA LEU C 503 -20.16 -13.84 49.83
C LEU C 503 -20.64 -12.40 49.82
N GLN C 504 -20.69 -11.78 51.00
CA GLN C 504 -21.17 -10.40 51.09
C GLN C 504 -20.33 -9.43 50.27
N TYR C 505 -19.01 -9.56 50.34
CA TYR C 505 -18.15 -8.67 49.57
C TYR C 505 -18.32 -8.90 48.08
N ALA C 506 -18.33 -10.16 47.66
CA ALA C 506 -18.50 -10.46 46.24
C ALA C 506 -19.80 -9.84 45.74
N ALA C 507 -20.89 -10.10 46.46
CA ALA C 507 -22.20 -9.58 46.10
C ALA C 507 -22.21 -8.07 46.06
N SER C 508 -21.43 -7.46 46.95
CA SER C 508 -21.36 -6.01 47.01
C SER C 508 -20.80 -5.38 45.72
N VAL C 509 -19.63 -5.83 45.29
CA VAL C 509 -19.03 -5.30 44.08
C VAL C 509 -19.83 -5.72 42.86
N ALA C 510 -20.41 -6.93 42.90
CA ALA C 510 -21.20 -7.38 41.75
C ALA C 510 -22.42 -6.49 41.60
N GLY C 511 -23.03 -6.13 42.72
CA GLY C 511 -24.19 -5.27 42.67
C GLY C 511 -23.84 -3.94 42.05
N LEU C 512 -22.71 -3.38 42.44
CA LEU C 512 -22.27 -2.08 41.92
C LEU C 512 -22.05 -2.09 40.44
N MET C 513 -21.38 -3.13 39.95
CA MET C 513 -21.12 -3.22 38.52
C MET C 513 -22.40 -3.43 37.72
N ILE C 514 -23.29 -4.30 38.20
CA ILE C 514 -24.53 -4.54 37.51
C ILE C 514 -25.31 -3.22 37.36
N THR C 515 -25.10 -2.31 38.28
CA THR C 515 -25.81 -1.03 38.21
C THR C 515 -24.96 0.13 37.74
N THR C 516 -23.96 -0.16 36.92
CA THR C 516 -23.10 0.89 36.38
C THR C 516 -23.55 1.21 34.95
N GLU C 517 -23.70 2.49 34.65
CA GLU C 517 -24.13 2.90 33.32
C GLU C 517 -23.06 3.69 32.57
N CYS C 518 -22.09 4.22 33.31
CA CYS C 518 -21.07 5.02 32.67
C CYS C 518 -19.72 4.82 33.34
N MET C 519 -18.66 4.92 32.53
CA MET C 519 -17.30 4.79 33.01
C MET C 519 -16.45 5.90 32.41
N VAL C 520 -15.66 6.56 33.24
CA VAL C 520 -14.80 7.64 32.79
C VAL C 520 -13.35 7.32 33.14
N THR C 521 -12.46 7.45 32.16
CA THR C 521 -11.06 7.17 32.42
C THR C 521 -10.17 8.00 31.49
N ASP C 522 -8.88 7.97 31.73
CA ASP C 522 -7.97 8.74 30.90
C ASP C 522 -7.79 8.16 29.52
N LEU C 523 -7.42 9.05 28.60
CA LEU C 523 -7.20 8.67 27.22
C LEU C 523 -5.87 7.93 27.16
N PRO C 524 -5.82 6.79 26.45
CA PRO C 524 -4.57 6.01 26.34
C PRO C 524 -3.36 6.81 25.82
N ALA D 1 2.40 -2.55 36.85
CA ALA D 1 2.37 -2.19 35.39
C ALA D 1 1.42 -3.15 34.67
N ALA D 2 0.86 -2.70 33.55
CA ALA D 2 -0.04 -3.56 32.81
C ALA D 2 0.69 -4.86 32.54
N LYS D 3 0.00 -5.97 32.79
CA LYS D 3 0.59 -7.29 32.61
C LYS D 3 0.04 -7.97 31.39
N ASP D 4 0.68 -9.06 31.01
CA ASP D 4 0.25 -9.87 29.87
C ASP D 4 -0.02 -11.22 30.51
N VAL D 5 -1.28 -11.66 30.49
CA VAL D 5 -1.61 -12.93 31.13
C VAL D 5 -1.97 -14.03 30.14
N LYS D 6 -1.36 -15.20 30.28
CA LYS D 6 -1.68 -16.33 29.40
C LYS D 6 -2.17 -17.49 30.21
N PHE D 7 -3.12 -18.23 29.64
CA PHE D 7 -3.72 -19.36 30.33
C PHE D 7 -3.53 -20.67 29.62
N GLY D 8 -3.79 -21.74 30.38
CA GLY D 8 -3.68 -23.08 29.87
C GLY D 8 -2.65 -23.36 28.79
N ASN D 9 -3.10 -24.09 27.77
CA ASN D 9 -2.25 -24.49 26.68
C ASN D 9 -1.42 -23.38 26.05
N ASP D 10 -2.03 -22.22 25.82
CA ASP D 10 -1.30 -21.13 25.23
C ASP D 10 -0.06 -20.80 26.06
N ALA D 11 -0.22 -20.85 27.37
CA ALA D 11 0.90 -20.55 28.27
C ALA D 11 1.94 -21.67 28.22
N ARG D 12 1.48 -22.91 28.30
CA ARG D 12 2.37 -24.05 28.29
C ARG D 12 3.23 -24.20 27.04
N VAL D 13 2.70 -23.91 25.85
CA VAL D 13 3.57 -24.06 24.68
C VAL D 13 4.70 -23.04 24.78
N LYS D 14 4.37 -21.83 25.23
CA LYS D 14 5.37 -20.79 25.40
C LYS D 14 6.50 -21.28 26.30
N MET D 15 6.14 -21.86 27.45
CA MET D 15 7.14 -22.36 28.36
C MET D 15 8.01 -23.42 27.70
N LEU D 16 7.35 -24.43 27.13
CA LEU D 16 8.06 -25.51 26.48
C LEU D 16 9.03 -24.94 25.46
N ARG D 17 8.51 -24.09 24.59
CA ARG D 17 9.29 -23.45 23.55
C ARG D 17 10.55 -22.84 24.14
N GLY D 18 10.39 -22.23 25.32
CA GLY D 18 11.49 -21.60 26.02
C GLY D 18 12.51 -22.58 26.57
N VAL D 19 12.05 -23.67 27.19
CA VAL D 19 13.02 -24.63 27.73
C VAL D 19 13.68 -25.40 26.59
N ASN D 20 13.03 -25.45 25.43
CA ASN D 20 13.62 -26.15 24.29
C ASN D 20 14.84 -25.40 23.82
N VAL D 21 14.80 -24.07 23.83
CA VAL D 21 15.96 -23.29 23.41
C VAL D 21 17.10 -23.58 24.38
N LEU D 22 16.78 -23.52 25.66
CA LEU D 22 17.77 -23.78 26.70
C LEU D 22 18.34 -25.19 26.59
N ALA D 23 17.46 -26.18 26.56
CA ALA D 23 17.91 -27.55 26.48
C ALA D 23 18.67 -27.84 25.19
N ASP D 24 18.15 -27.41 24.05
CA ASP D 24 18.86 -27.68 22.80
C ASP D 24 20.25 -27.05 22.75
N ALA D 25 20.39 -25.88 23.34
CA ALA D 25 21.68 -25.20 23.34
C ALA D 25 22.67 -25.93 24.24
N VAL D 26 22.17 -26.41 25.37
CA VAL D 26 23.01 -27.08 26.34
C VAL D 26 23.32 -28.56 26.07
N LYS D 27 22.34 -29.32 25.60
CA LYS D 27 22.55 -30.75 25.37
C LYS D 27 23.52 -31.15 24.26
N VAL D 28 23.84 -30.23 23.38
CA VAL D 28 24.75 -30.55 22.30
C VAL D 28 26.15 -30.77 22.83
N THR D 29 26.35 -30.46 24.12
CA THR D 29 27.67 -30.59 24.74
C THR D 29 27.85 -31.92 25.48
N LEU D 30 26.73 -32.56 25.81
CA LEU D 30 26.70 -33.78 26.62
C LEU D 30 27.76 -34.87 26.61
N GLY D 31 27.74 -35.79 25.67
CA GLY D 31 28.73 -36.87 25.74
C GLY D 31 30.22 -36.55 25.64
N PRO D 32 31.07 -37.57 25.39
CA PRO D 32 32.51 -37.33 25.26
C PRO D 32 32.76 -36.86 23.82
N LYS D 33 31.68 -36.79 23.05
CA LYS D 33 31.76 -36.33 21.68
C LYS D 33 30.89 -35.07 21.58
N GLY D 34 30.75 -34.38 22.70
CA GLY D 34 29.97 -33.15 22.76
C GLY D 34 30.52 -32.08 21.84
N ARG D 35 29.62 -31.27 21.31
CA ARG D 35 29.98 -30.20 20.40
C ARG D 35 30.35 -28.88 21.09
N ASN D 36 30.82 -27.93 20.30
CA ASN D 36 31.20 -26.63 20.82
C ASN D 36 30.06 -25.65 20.68
N VAL D 37 29.93 -24.74 21.64
CA VAL D 37 28.92 -23.71 21.56
C VAL D 37 29.72 -22.43 21.60
N VAL D 38 29.42 -21.51 20.70
CA VAL D 38 30.15 -20.26 20.66
C VAL D 38 29.33 -19.17 21.33
N LEU D 39 29.87 -18.61 22.39
CA LEU D 39 29.21 -17.56 23.15
C LEU D 39 29.86 -16.22 22.88
N ASP D 40 29.07 -15.31 22.32
CA ASP D 40 29.55 -14.00 21.95
C ASP D 40 29.74 -13.06 23.12
N LYS D 41 30.83 -12.31 23.08
CA LYS D 41 31.14 -11.32 24.10
C LYS D 41 31.22 -10.02 23.33
N SER D 42 30.61 -8.96 23.86
CA SER D 42 30.62 -7.68 23.19
C SER D 42 32.05 -7.24 22.86
N PHE D 43 33.01 -7.63 23.71
CA PHE D 43 34.41 -7.27 23.51
C PHE D 43 35.32 -8.40 23.04
N GLY D 44 35.93 -8.21 21.88
CA GLY D 44 36.87 -9.18 21.35
C GLY D 44 36.30 -10.38 20.59
N ALA D 45 37.00 -11.51 20.73
CA ALA D 45 36.63 -12.75 20.07
C ALA D 45 35.64 -13.52 20.91
N PRO D 46 34.79 -14.32 20.24
CA PRO D 46 33.79 -15.10 20.96
C PRO D 46 34.49 -16.14 21.82
N THR D 47 33.71 -16.76 22.70
CA THR D 47 34.20 -17.83 23.57
C THR D 47 33.70 -19.15 23.01
N ILE D 48 34.59 -20.10 22.84
CA ILE D 48 34.14 -21.39 22.35
C ILE D 48 34.19 -22.28 23.59
N THR D 49 33.11 -23.00 23.85
CA THR D 49 33.06 -23.86 25.02
C THR D 49 32.24 -25.12 24.85
N LYS D 50 32.49 -26.10 25.73
CA LYS D 50 31.74 -27.34 25.71
C LYS D 50 31.13 -27.51 27.08
N ASP D 51 31.17 -26.42 27.85
CA ASP D 51 30.65 -26.42 29.21
C ASP D 51 29.17 -26.01 29.26
N GLY D 52 28.31 -26.97 29.51
CA GLY D 52 26.89 -26.70 29.59
C GLY D 52 26.52 -25.61 30.57
N VAL D 53 27.27 -25.47 31.66
CA VAL D 53 26.96 -24.47 32.65
C VAL D 53 27.21 -23.06 32.11
N SER D 54 28.29 -22.88 31.36
CA SER D 54 28.59 -21.58 30.77
C SER D 54 27.50 -21.22 29.78
N VAL D 55 27.17 -22.17 28.91
CA VAL D 55 26.14 -21.96 27.92
C VAL D 55 24.83 -21.56 28.57
N ALA D 56 24.40 -22.33 29.55
CA ALA D 56 23.14 -22.04 30.23
C ALA D 56 23.08 -20.63 30.83
N ARG D 57 24.18 -20.19 31.43
CA ARG D 57 24.27 -18.87 32.03
C ARG D 57 23.88 -17.78 31.04
N GLU D 58 24.28 -17.96 29.78
CA GLU D 58 24.03 -16.99 28.72
C GLU D 58 22.64 -16.98 28.10
N ILE D 59 21.85 -17.99 28.39
CA ILE D 59 20.53 -18.08 27.78
C ILE D 59 19.45 -17.23 28.41
N GLU D 60 18.91 -16.32 27.61
CA GLU D 60 17.83 -15.42 28.00
C GLU D 60 17.05 -15.17 26.71
N LEU D 61 15.75 -15.38 26.74
CA LEU D 61 14.95 -15.21 25.55
C LEU D 61 14.17 -13.90 25.52
N GLU D 62 13.92 -13.38 24.32
CA GLU D 62 13.20 -12.12 24.16
C GLU D 62 11.72 -12.20 24.50
N ASP D 63 11.05 -13.29 24.11
CA ASP D 63 9.64 -13.46 24.43
C ASP D 63 9.58 -13.67 25.93
N LYS D 64 8.80 -12.83 26.61
CA LYS D 64 8.70 -12.91 28.07
C LYS D 64 8.28 -14.30 28.60
N PHE D 65 7.28 -14.90 27.97
CA PHE D 65 6.78 -16.19 28.39
C PHE D 65 7.81 -17.29 28.16
N GLU D 66 8.34 -17.36 26.95
CA GLU D 66 9.34 -18.35 26.65
C GLU D 66 10.50 -18.21 27.62
N ASN D 67 10.87 -16.96 27.90
CA ASN D 67 11.98 -16.71 28.81
C ASN D 67 11.70 -17.25 30.20
N MET D 68 10.46 -17.15 30.64
CA MET D 68 10.11 -17.66 31.97
C MET D 68 10.32 -19.17 32.02
N GLY D 69 10.03 -19.84 30.92
CA GLY D 69 10.23 -21.28 30.89
C GLY D 69 11.71 -21.61 30.99
N ALA D 70 12.54 -20.90 30.23
CA ALA D 70 13.97 -21.15 30.28
C ALA D 70 14.54 -20.86 31.67
N GLN D 71 14.23 -19.69 32.21
CA GLN D 71 14.75 -19.32 33.52
C GLN D 71 14.33 -20.31 34.62
N MET D 72 13.14 -20.88 34.49
CA MET D 72 12.68 -21.81 35.50
C MET D 72 13.52 -23.09 35.58
N VAL D 73 13.77 -23.76 34.47
CA VAL D 73 14.54 -25.00 34.57
C VAL D 73 15.99 -24.62 34.82
N LYS D 74 16.39 -23.48 34.25
CA LYS D 74 17.74 -22.97 34.41
C LYS D 74 18.06 -22.82 35.90
N GLU D 75 17.14 -22.25 36.66
CA GLU D 75 17.36 -22.06 38.08
C GLU D 75 17.45 -23.36 38.89
N VAL D 76 16.54 -24.29 38.61
CA VAL D 76 16.51 -25.57 39.31
C VAL D 76 17.68 -26.46 38.91
N ALA D 77 18.02 -26.51 37.64
CA ALA D 77 19.15 -27.33 37.21
C ALA D 77 20.46 -26.82 37.82
N SER D 78 20.56 -25.51 38.04
CA SER D 78 21.78 -24.95 38.62
C SER D 78 21.99 -25.51 40.00
N LYS D 79 20.90 -25.78 40.72
CA LYS D 79 20.99 -26.34 42.06
C LYS D 79 21.67 -27.71 42.07
N ALA D 80 21.50 -28.49 41.01
CA ALA D 80 22.13 -29.81 40.95
C ALA D 80 23.63 -29.67 41.03
N ASN D 81 24.15 -28.71 40.27
CA ASN D 81 25.59 -28.44 40.25
C ASN D 81 26.06 -27.94 41.63
N ASP D 82 25.28 -27.05 42.23
CA ASP D 82 25.61 -26.51 43.54
C ASP D 82 25.70 -27.64 44.55
N ALA D 83 24.72 -28.53 44.51
CA ALA D 83 24.67 -29.67 45.43
C ALA D 83 25.75 -30.75 45.25
N ALA D 84 26.01 -31.18 44.02
CA ALA D 84 27.01 -32.24 43.81
C ALA D 84 28.21 -31.90 42.93
N GLY D 85 28.31 -30.64 42.51
CA GLY D 85 29.42 -30.22 41.67
C GLY D 85 29.32 -30.66 40.22
N ASP D 86 28.13 -31.09 39.82
CA ASP D 86 27.91 -31.54 38.45
C ASP D 86 26.45 -31.97 38.23
N GLY D 87 26.08 -32.19 36.97
CA GLY D 87 24.73 -32.61 36.68
C GLY D 87 23.76 -31.56 36.17
N THR D 88 24.20 -30.32 36.03
CA THR D 88 23.30 -29.29 35.53
C THR D 88 22.76 -29.58 34.14
N THR D 89 23.67 -29.85 33.19
CA THR D 89 23.25 -30.16 31.85
C THR D 89 22.30 -31.34 31.85
N THR D 90 22.66 -32.40 32.57
CA THR D 90 21.84 -33.59 32.67
C THR D 90 20.44 -33.24 33.14
N ALA D 91 20.36 -32.56 34.28
CA ALA D 91 19.11 -32.14 34.87
C ALA D 91 18.28 -31.40 33.82
N THR D 92 18.97 -30.59 33.02
CA THR D 92 18.29 -29.85 31.97
C THR D 92 17.73 -30.78 30.89
N VAL D 93 18.54 -31.70 30.36
CA VAL D 93 17.98 -32.56 29.31
C VAL D 93 16.89 -33.46 29.87
N LEU D 94 17.02 -33.82 31.14
CA LEU D 94 16.00 -34.67 31.77
C LEU D 94 14.72 -33.84 31.85
N ALA D 95 14.86 -32.61 32.34
CA ALA D 95 13.70 -31.73 32.47
C ALA D 95 12.97 -31.56 31.15
N GLN D 96 13.73 -31.37 30.07
CA GLN D 96 13.12 -31.21 28.76
C GLN D 96 12.31 -32.44 28.39
N ALA D 97 12.89 -33.61 28.62
CA ALA D 97 12.24 -34.87 28.30
C ALA D 97 10.95 -35.04 29.09
N ILE D 98 11.01 -34.78 30.39
CA ILE D 98 9.81 -34.93 31.22
C ILE D 98 8.74 -33.93 30.83
N ILE D 99 9.12 -32.68 30.67
CA ILE D 99 8.17 -31.63 30.31
C ILE D 99 7.48 -31.87 28.97
N THR D 100 8.24 -32.28 27.97
CA THR D 100 7.71 -32.52 26.64
C THR D 100 6.61 -33.58 26.65
N GLU D 101 6.92 -34.77 27.14
CA GLU D 101 5.93 -35.83 27.18
C GLU D 101 4.81 -35.49 28.16
N GLY D 102 5.19 -34.86 29.28
CA GLY D 102 4.19 -34.50 30.27
C GLY D 102 3.13 -33.60 29.67
N LEU D 103 3.56 -32.60 28.92
CA LEU D 103 2.63 -31.68 28.31
C LEU D 103 1.76 -32.37 27.25
N LYS D 104 2.32 -33.31 26.49
CA LYS D 104 1.54 -34.04 25.49
C LYS D 104 0.40 -34.73 26.22
N ALA D 105 0.74 -35.38 27.33
CA ALA D 105 -0.24 -36.08 28.11
C ALA D 105 -1.35 -35.12 28.55
N VAL D 106 -0.95 -33.94 29.00
CA VAL D 106 -1.92 -32.93 29.44
C VAL D 106 -2.84 -32.50 28.30
N ALA D 107 -2.28 -32.31 27.12
CA ALA D 107 -3.04 -31.90 25.95
C ALA D 107 -4.03 -33.00 25.58
N ALA D 108 -3.63 -34.25 25.77
CA ALA D 108 -4.49 -35.38 25.45
C ALA D 108 -5.66 -35.42 26.44
N GLY D 109 -5.60 -34.59 27.46
CA GLY D 109 -6.68 -34.55 28.44
C GLY D 109 -6.42 -35.23 29.78
N MET D 110 -5.22 -35.75 30.00
CA MET D 110 -4.94 -36.41 31.26
C MET D 110 -4.76 -35.36 32.37
N ASN D 111 -5.04 -35.74 33.61
CA ASN D 111 -4.93 -34.79 34.71
C ASN D 111 -3.51 -34.44 35.11
N PRO D 112 -3.17 -33.15 35.09
CA PRO D 112 -1.83 -32.66 35.44
C PRO D 112 -1.35 -33.08 36.82
N MET D 113 -2.22 -32.97 37.82
CA MET D 113 -1.85 -33.37 39.17
C MET D 113 -1.52 -34.87 39.26
N ASP D 114 -2.26 -35.73 38.55
CA ASP D 114 -1.96 -37.15 38.58
C ASP D 114 -0.68 -37.45 37.83
N LEU D 115 -0.46 -36.77 36.70
CA LEU D 115 0.73 -36.97 35.92
C LEU D 115 1.94 -36.70 36.77
N LYS D 116 1.87 -35.60 37.52
CA LYS D 116 2.96 -35.19 38.40
C LYS D 116 3.17 -36.22 39.50
N ARG D 117 2.09 -36.67 40.13
CA ARG D 117 2.20 -37.65 41.19
C ARG D 117 2.89 -38.92 40.70
N GLY D 118 2.56 -39.34 39.48
CA GLY D 118 3.16 -40.51 38.88
C GLY D 118 4.63 -40.30 38.63
N ILE D 119 4.98 -39.14 38.07
CA ILE D 119 6.37 -38.81 37.81
C ILE D 119 7.15 -38.86 39.10
N ASP D 120 6.59 -38.29 40.15
CA ASP D 120 7.27 -38.28 41.43
C ASP D 120 7.45 -39.68 41.97
N LYS D 121 6.41 -40.51 41.86
CA LYS D 121 6.49 -41.88 42.35
C LYS D 121 7.64 -42.63 41.66
N ALA D 122 7.71 -42.48 40.34
CA ALA D 122 8.74 -43.11 39.55
C ALA D 122 10.13 -42.63 39.99
N VAL D 123 10.26 -41.33 40.23
CA VAL D 123 11.53 -40.76 40.66
C VAL D 123 11.93 -41.26 42.03
N THR D 124 10.98 -41.36 42.95
CA THR D 124 11.29 -41.83 44.28
C THR D 124 11.81 -43.26 44.21
N ALA D 125 11.22 -44.05 43.32
CA ALA D 125 11.63 -45.43 43.15
C ALA D 125 13.00 -45.45 42.50
N ALA D 126 13.15 -44.61 41.50
CA ALA D 126 14.40 -44.51 40.77
C ALA D 126 15.54 -44.17 41.72
N VAL D 127 15.30 -43.26 42.64
CA VAL D 127 16.36 -42.88 43.57
C VAL D 127 16.79 -44.03 44.47
N GLU D 128 15.83 -44.86 44.85
CA GLU D 128 16.14 -45.98 45.72
C GLU D 128 16.90 -47.03 44.95
N GLU D 129 16.53 -47.21 43.69
CA GLU D 129 17.17 -48.18 42.82
C GLU D 129 18.60 -47.73 42.57
N LEU D 130 18.80 -46.42 42.58
CA LEU D 130 20.09 -45.81 42.37
C LEU D 130 21.03 -46.10 43.57
N LYS D 131 20.48 -46.11 44.79
CA LYS D 131 21.28 -46.41 45.96
C LYS D 131 21.73 -47.84 45.89
N ALA D 132 20.82 -48.71 45.46
CA ALA D 132 21.12 -50.13 45.34
C ALA D 132 22.17 -50.42 44.26
N LEU D 133 22.15 -49.66 43.18
CA LEU D 133 23.09 -49.84 42.07
C LEU D 133 24.47 -49.39 42.48
N SER D 134 24.47 -48.34 43.30
CA SER D 134 25.65 -47.67 43.83
C SER D 134 26.74 -48.51 44.50
N VAL D 135 27.99 -48.21 44.15
CA VAL D 135 29.20 -48.87 44.69
C VAL D 135 29.80 -47.89 45.68
N PRO D 136 30.15 -48.34 46.89
CA PRO D 136 30.74 -47.50 47.93
C PRO D 136 32.12 -47.01 47.64
N CYS D 137 32.44 -45.84 48.20
CA CYS D 137 33.73 -45.23 48.03
C CYS D 137 34.15 -44.77 49.43
N SER D 138 34.78 -45.67 50.19
CA SER D 138 35.16 -45.35 51.57
C SER D 138 36.63 -45.40 51.93
N ASP D 139 37.33 -46.47 51.59
CA ASP D 139 38.75 -46.54 51.91
C ASP D 139 39.47 -45.50 51.05
N SER D 140 40.61 -44.97 51.51
CA SER D 140 41.31 -43.94 50.75
C SER D 140 41.93 -44.43 49.46
N LYS D 141 41.88 -45.74 49.23
CA LYS D 141 42.40 -46.28 47.98
C LYS D 141 41.35 -45.93 46.91
N ALA D 142 40.08 -46.06 47.28
CA ALA D 142 38.96 -45.76 46.39
C ALA D 142 38.88 -44.26 46.16
N ILE D 143 39.00 -43.50 47.23
CA ILE D 143 38.97 -42.06 47.18
C ILE D 143 40.00 -41.56 46.18
N ALA D 144 41.19 -42.16 46.18
CA ALA D 144 42.22 -41.74 45.25
C ALA D 144 41.84 -42.07 43.80
N GLN D 145 41.21 -43.24 43.61
CA GLN D 145 40.80 -43.66 42.27
C GLN D 145 39.74 -42.74 41.68
N VAL D 146 38.73 -42.41 42.49
CA VAL D 146 37.66 -41.53 42.05
C VAL D 146 38.21 -40.16 41.72
N GLY D 147 39.20 -39.72 42.51
CA GLY D 147 39.82 -38.43 42.28
C GLY D 147 40.65 -38.42 41.01
N THR D 148 41.30 -39.54 40.73
CA THR D 148 42.13 -39.67 39.53
C THR D 148 41.25 -39.64 38.28
N ILE D 149 40.12 -40.35 38.33
CA ILE D 149 39.17 -40.37 37.22
C ILE D 149 38.57 -38.98 37.01
N SER D 150 38.20 -38.30 38.08
CA SER D 150 37.62 -36.97 37.98
C SER D 150 38.62 -35.90 37.57
N ALA D 151 39.90 -36.25 37.57
CA ALA D 151 40.94 -35.29 37.22
C ALA D 151 41.55 -35.67 35.89
N ASN D 152 40.76 -36.37 35.10
CA ASN D 152 41.20 -36.81 33.78
C ASN D 152 42.38 -37.78 33.82
N SER D 153 42.27 -38.79 34.67
CA SER D 153 43.30 -39.80 34.81
C SER D 153 44.64 -39.32 35.35
N ASP D 154 44.60 -38.24 36.12
CA ASP D 154 45.80 -37.70 36.73
C ASP D 154 45.94 -38.31 38.11
N GLU D 155 46.77 -39.34 38.25
CA GLU D 155 46.94 -40.01 39.53
C GLU D 155 47.38 -39.09 40.65
N THR D 156 48.14 -38.06 40.30
CA THR D 156 48.63 -37.07 41.24
C THR D 156 47.49 -36.43 42.03
N VAL D 157 46.47 -35.98 41.29
CA VAL D 157 45.32 -35.34 41.89
C VAL D 157 44.60 -36.28 42.84
N GLY D 158 44.43 -37.52 42.44
CA GLY D 158 43.76 -38.46 43.31
C GLY D 158 44.54 -38.61 44.60
N LYS D 159 45.85 -38.75 44.46
CA LYS D 159 46.76 -38.90 45.60
C LYS D 159 46.62 -37.68 46.51
N LEU D 160 46.66 -36.49 45.93
CA LEU D 160 46.52 -35.26 46.68
C LEU D 160 45.24 -35.22 47.52
N ILE D 161 44.12 -35.50 46.87
CA ILE D 161 42.82 -35.49 47.54
C ILE D 161 42.73 -36.54 48.64
N ALA D 162 43.24 -37.74 48.38
CA ALA D 162 43.22 -38.81 49.36
C ALA D 162 43.99 -38.40 50.60
N GLU D 163 45.16 -37.81 50.39
CA GLU D 163 46.01 -37.35 51.48
C GLU D 163 45.33 -36.27 52.32
N ALA D 164 44.68 -35.32 51.65
CA ALA D 164 44.00 -34.26 52.36
C ALA D 164 42.82 -34.80 53.17
N MET D 165 42.02 -35.67 52.58
CA MET D 165 40.89 -36.25 53.28
C MET D 165 41.34 -37.07 54.47
N ASP D 166 42.53 -37.65 54.34
CA ASP D 166 43.08 -38.46 55.41
C ASP D 166 43.46 -37.56 56.60
N LYS D 167 43.95 -36.35 56.31
CA LYS D 167 44.34 -35.37 57.31
C LYS D 167 43.15 -34.83 58.10
N VAL D 168 42.21 -34.22 57.41
CA VAL D 168 41.05 -33.64 58.07
C VAL D 168 39.83 -34.55 58.18
N GLY D 169 39.92 -35.76 57.67
CA GLY D 169 38.79 -36.69 57.72
C GLY D 169 37.83 -36.48 56.57
N LYS D 170 36.93 -37.44 56.34
CA LYS D 170 35.95 -37.33 55.26
C LYS D 170 34.99 -36.15 55.40
N GLU D 171 34.72 -35.73 56.64
CA GLU D 171 33.84 -34.61 56.90
C GLU D 171 34.64 -33.30 56.90
N GLY D 172 35.96 -33.42 56.97
CA GLY D 172 36.84 -32.26 57.01
C GLY D 172 36.64 -31.23 55.93
N VAL D 173 37.11 -30.01 56.17
CA VAL D 173 37.02 -28.92 55.20
C VAL D 173 38.32 -28.90 54.42
N ILE D 174 38.22 -28.97 53.09
CA ILE D 174 39.40 -28.96 52.25
C ILE D 174 39.34 -27.82 51.26
N THR D 175 40.40 -27.02 51.26
CA THR D 175 40.53 -25.85 50.40
C THR D 175 41.67 -26.05 49.42
N VAL D 176 41.57 -25.40 48.27
CA VAL D 176 42.64 -25.50 47.28
C VAL D 176 43.01 -24.11 46.74
N GLU D 177 44.30 -23.82 46.66
CA GLU D 177 44.78 -22.54 46.15
C GLU D 177 46.06 -22.66 45.34
N ASP D 178 46.45 -21.56 44.67
CA ASP D 178 47.68 -21.55 43.86
C ASP D 178 48.89 -22.01 44.65
N GLY D 179 49.77 -22.75 43.97
CA GLY D 179 50.97 -23.24 44.61
C GLY D 179 52.07 -22.21 44.50
N THR D 180 53.14 -22.42 45.27
CA THR D 180 54.26 -21.51 45.28
C THR D 180 55.34 -21.96 44.29
N GLY D 181 55.06 -23.03 43.57
CA GLY D 181 56.03 -23.49 42.59
C GLY D 181 56.20 -24.98 42.51
N LEU D 182 56.13 -25.49 41.28
CA LEU D 182 56.30 -26.91 40.95
C LEU D 182 56.47 -27.83 42.15
N GLN D 183 55.38 -28.09 42.87
CA GLN D 183 55.37 -28.94 44.06
C GLN D 183 54.18 -28.61 44.93
N ASP D 184 53.42 -29.63 45.26
CA ASP D 184 52.23 -29.47 46.07
C ASP D 184 52.58 -29.38 47.55
N GLU D 185 51.70 -28.74 48.33
CA GLU D 185 51.87 -28.60 49.76
C GLU D 185 50.51 -28.82 50.39
N LEU D 186 50.48 -29.57 51.48
CA LEU D 186 49.23 -29.83 52.18
C LEU D 186 49.41 -29.46 53.64
N ASP D 187 48.60 -28.53 54.12
CA ASP D 187 48.70 -28.11 55.50
C ASP D 187 47.34 -27.87 56.12
N VAL D 188 47.20 -28.19 57.40
CA VAL D 188 45.95 -27.95 58.09
C VAL D 188 46.13 -26.68 58.90
N VAL D 189 45.20 -25.76 58.78
CA VAL D 189 45.30 -24.50 59.48
C VAL D 189 44.02 -24.14 60.23
N GLU D 190 44.05 -23.05 60.96
CA GLU D 190 42.89 -22.61 61.72
C GLU D 190 41.85 -22.12 60.73
N GLY D 191 40.68 -22.73 60.74
CA GLY D 191 39.67 -22.29 59.80
C GLY D 191 38.30 -22.81 60.14
N MET D 192 37.32 -22.45 59.31
CA MET D 192 35.94 -22.85 59.53
C MET D 192 35.07 -22.59 58.30
N GLN D 193 33.96 -23.31 58.18
CA GLN D 193 33.04 -23.12 57.06
C GLN D 193 31.59 -23.24 57.52
N PHE D 194 30.76 -22.24 57.19
CA PHE D 194 29.35 -22.30 57.57
C PHE D 194 28.44 -22.17 56.35
N ASP D 195 27.19 -22.58 56.52
CA ASP D 195 26.23 -22.53 55.41
C ASP D 195 25.52 -21.22 55.19
N ARG D 196 26.26 -20.26 54.64
CA ARG D 196 25.70 -18.95 54.32
C ARG D 196 26.45 -18.50 53.08
N GLY D 197 25.70 -18.05 52.07
CA GLY D 197 26.31 -17.59 50.84
C GLY D 197 26.34 -16.08 50.74
N TYR D 198 26.87 -15.58 49.63
CA TYR D 198 26.93 -14.14 49.44
C TYR D 198 25.51 -13.62 49.50
N LEU D 199 25.33 -12.44 50.09
CA LEU D 199 24.02 -11.84 50.21
C LEU D 199 23.62 -11.20 48.90
N SER D 200 24.48 -11.33 47.90
CA SER D 200 24.20 -10.77 46.59
C SER D 200 25.32 -11.14 45.64
N PRO D 201 24.99 -11.52 44.39
CA PRO D 201 26.09 -11.84 43.48
C PRO D 201 26.86 -10.53 43.33
N TYR D 202 27.46 -10.28 42.19
CA TYR D 202 28.20 -9.02 42.06
C TYR D 202 29.43 -9.09 42.96
N PHE D 203 29.23 -9.48 44.21
CA PHE D 203 30.35 -9.61 45.12
C PHE D 203 31.29 -10.62 44.45
N ILE D 204 30.71 -11.43 43.57
CA ILE D 204 31.47 -12.45 42.85
C ILE D 204 32.61 -11.86 42.05
N ASN D 205 33.83 -12.34 42.29
CA ASN D 205 34.98 -11.85 41.57
C ASN D 205 35.74 -13.02 40.94
N LYS D 206 35.04 -14.14 40.82
CA LYS D 206 35.59 -15.34 40.21
C LYS D 206 34.46 -15.99 39.44
N PRO D 207 33.90 -15.26 38.46
CA PRO D 207 32.79 -15.72 37.60
C PRO D 207 32.90 -17.18 37.16
N GLU D 208 34.13 -17.63 36.98
CA GLU D 208 34.40 -19.01 36.58
C GLU D 208 33.65 -19.92 37.54
N THR D 209 34.11 -19.93 38.79
CA THR D 209 33.54 -20.74 39.87
C THR D 209 32.32 -20.09 40.51
N GLY D 210 32.05 -18.84 40.13
CA GLY D 210 30.91 -18.11 40.66
C GLY D 210 31.04 -17.83 42.14
N ALA D 211 32.28 -17.63 42.59
CA ALA D 211 32.55 -17.38 43.98
C ALA D 211 33.24 -16.07 44.28
N VAL D 212 33.15 -15.64 45.53
CA VAL D 212 33.80 -14.41 45.96
C VAL D 212 35.08 -14.92 46.59
N GLU D 213 36.20 -14.27 46.30
CA GLU D 213 37.47 -14.71 46.85
C GLU D 213 38.26 -13.49 47.33
N LEU D 214 38.39 -13.36 48.65
CA LEU D 214 39.10 -12.23 49.24
C LEU D 214 40.37 -12.73 49.88
N GLU D 215 41.44 -11.94 49.80
CA GLU D 215 42.71 -12.32 50.39
C GLU D 215 43.11 -11.39 51.54
N SER D 216 43.58 -11.97 52.65
CA SER D 216 43.97 -11.20 53.83
C SER D 216 42.91 -10.17 54.22
N PRO D 217 41.61 -10.54 54.13
CA PRO D 217 40.52 -9.63 54.47
C PRO D 217 40.27 -9.43 55.94
N PHE D 218 39.62 -8.32 56.26
CA PHE D 218 39.26 -8.02 57.63
C PHE D 218 37.84 -8.54 57.77
N ILE D 219 37.48 -9.04 58.94
CA ILE D 219 36.15 -9.57 59.10
C ILE D 219 35.38 -8.82 60.16
N LEU D 220 34.26 -8.24 59.77
CA LEU D 220 33.42 -7.51 60.70
C LEU D 220 32.33 -8.45 61.21
N LEU D 221 32.28 -8.63 62.51
CA LEU D 221 31.28 -9.50 63.11
C LEU D 221 30.26 -8.62 63.84
N ALA D 222 29.09 -8.46 63.25
CA ALA D 222 28.08 -7.62 63.85
C ALA D 222 26.79 -8.37 64.17
N ASP D 223 26.51 -8.51 65.45
CA ASP D 223 25.31 -9.19 65.93
C ASP D 223 24.12 -8.23 65.87
N LYS D 224 23.57 -8.08 64.66
CA LYS D 224 22.45 -7.19 64.38
C LYS D 224 22.27 -7.09 62.87
N LYS D 225 21.22 -6.41 62.43
CA LYS D 225 20.98 -6.24 61.01
C LYS D 225 21.48 -4.88 60.58
N ILE D 226 22.17 -4.82 59.44
CA ILE D 226 22.67 -3.57 58.92
C ILE D 226 21.86 -3.16 57.69
N SER D 227 21.15 -2.03 57.81
CA SER D 227 20.31 -1.56 56.71
C SER D 227 20.72 -0.21 56.14
N ASN D 228 21.55 0.51 56.87
CA ASN D 228 22.00 1.81 56.42
C ASN D 228 23.51 1.90 56.57
N ILE D 229 24.19 2.19 55.45
CA ILE D 229 25.64 2.27 55.45
C ILE D 229 26.23 3.39 56.29
N ARG D 230 25.37 4.10 57.01
CA ARG D 230 25.84 5.19 57.84
C ARG D 230 26.62 4.68 59.05
N GLU D 231 26.27 3.51 59.54
CA GLU D 231 26.98 2.93 60.68
C GLU D 231 28.31 2.38 60.22
N MET D 232 28.34 2.01 58.95
CA MET D 232 29.54 1.43 58.34
C MET D 232 30.67 2.41 58.11
N LEU D 233 30.34 3.56 57.55
CA LEU D 233 31.33 4.59 57.22
C LEU D 233 32.62 4.56 58.04
N PRO D 234 32.55 4.70 59.37
CA PRO D 234 33.77 4.69 60.17
C PRO D 234 34.64 3.45 59.97
N VAL D 235 34.01 2.28 59.97
CA VAL D 235 34.73 1.02 59.78
C VAL D 235 35.20 0.84 58.33
N LEU D 236 34.40 1.32 57.38
CA LEU D 236 34.75 1.20 55.98
C LEU D 236 35.96 2.06 55.60
N GLU D 237 36.14 3.17 56.30
CA GLU D 237 37.25 4.08 56.04
C GLU D 237 38.52 3.54 56.67
N ALA D 238 38.37 2.78 57.76
CA ALA D 238 39.51 2.20 58.45
C ALA D 238 40.06 1.10 57.57
N VAL D 239 39.16 0.47 56.83
CA VAL D 239 39.49 -0.63 55.91
C VAL D 239 40.00 -0.05 54.59
N ALA D 240 39.55 1.16 54.25
CA ALA D 240 40.00 1.82 53.02
C ALA D 240 41.50 2.03 53.17
N LYS D 241 41.91 2.48 54.36
CA LYS D 241 43.32 2.66 54.67
C LYS D 241 43.75 1.21 54.83
N ALA D 242 45.01 0.95 55.12
CA ALA D 242 45.45 -0.43 55.26
C ALA D 242 45.37 -1.10 53.90
N GLY D 243 44.31 -0.75 53.16
CA GLY D 243 44.09 -1.27 51.82
C GLY D 243 43.83 -2.76 51.71
N LYS D 244 42.95 -3.27 52.56
CA LYS D 244 42.60 -4.69 52.53
C LYS D 244 41.10 -4.87 52.34
N PRO D 245 40.68 -6.02 51.80
CA PRO D 245 39.23 -6.24 51.61
C PRO D 245 38.50 -6.47 52.94
N LEU D 246 37.18 -6.55 52.88
CA LEU D 246 36.38 -6.72 54.09
C LEU D 246 35.23 -7.69 53.89
N LEU D 247 35.00 -8.52 54.91
CA LEU D 247 33.91 -9.49 54.93
C LEU D 247 32.99 -9.12 56.08
N ILE D 248 31.75 -8.79 55.75
CA ILE D 248 30.76 -8.43 56.77
C ILE D 248 29.92 -9.65 57.08
N ILE D 249 29.92 -10.06 58.35
CA ILE D 249 29.11 -11.19 58.77
C ILE D 249 28.18 -10.63 59.81
N ALA D 250 26.94 -10.36 59.42
CA ALA D 250 25.97 -9.79 60.33
C ALA D 250 24.68 -10.58 60.29
N GLU D 251 23.73 -10.23 61.15
CA GLU D 251 22.44 -10.92 61.20
C GLU D 251 21.83 -10.85 59.82
N ASP D 252 22.17 -9.79 59.11
CA ASP D 252 21.69 -9.59 57.75
C ASP D 252 22.20 -8.25 57.28
N VAL D 253 22.21 -8.05 55.97
CA VAL D 253 22.64 -6.78 55.39
C VAL D 253 21.53 -6.45 54.38
N GLU D 254 20.75 -5.42 54.70
CA GLU D 254 19.62 -5.03 53.86
C GLU D 254 19.70 -3.71 53.10
N GLY D 255 18.70 -3.52 52.25
CA GLY D 255 18.55 -2.32 51.43
C GLY D 255 19.69 -1.36 51.19
N GLU D 256 19.52 -0.12 51.63
CA GLU D 256 20.51 0.93 51.43
C GLU D 256 21.94 0.42 51.61
N ALA D 257 22.22 -0.16 52.78
CA ALA D 257 23.55 -0.69 53.08
C ALA D 257 24.04 -1.71 52.04
N LEU D 258 23.23 -2.74 51.78
CA LEU D 258 23.61 -3.76 50.82
C LEU D 258 23.83 -3.11 49.46
N ALA D 259 22.84 -2.31 49.05
CA ALA D 259 22.90 -1.61 47.77
C ALA D 259 24.25 -0.93 47.64
N THR D 260 24.55 -0.03 48.58
CA THR D 260 25.80 0.71 48.57
C THR D 260 27.02 -0.20 48.47
N LEU D 261 27.03 -1.29 49.24
CA LEU D 261 28.15 -2.20 49.23
C LEU D 261 28.31 -2.84 47.87
N VAL D 262 27.20 -3.33 47.30
CA VAL D 262 27.24 -3.96 45.99
C VAL D 262 27.90 -3.03 44.98
N VAL D 263 27.52 -1.77 45.03
CA VAL D 263 28.05 -0.76 44.11
C VAL D 263 29.54 -0.48 44.34
N ASN D 264 29.87 0.15 45.46
CA ASN D 264 31.25 0.49 45.79
C ASN D 264 32.28 -0.60 45.47
N THR D 265 32.03 -1.83 45.91
CA THR D 265 32.95 -2.93 45.66
C THR D 265 33.02 -3.23 44.16
N MET D 266 31.96 -2.83 43.47
CA MET D 266 31.82 -3.03 42.03
C MET D 266 32.41 -1.83 41.28
N ARG D 267 33.20 -1.04 41.99
CA ARG D 267 33.87 0.13 41.42
C ARG D 267 35.30 0.23 41.95
N GLY D 268 35.79 -0.88 42.50
CA GLY D 268 37.14 -0.90 43.04
C GLY D 268 37.31 -0.07 44.29
N ILE D 269 36.23 0.60 44.71
CA ILE D 269 36.25 1.43 45.89
C ILE D 269 36.16 0.54 47.14
N VAL D 270 37.19 -0.26 47.38
CA VAL D 270 37.23 -1.18 48.52
C VAL D 270 36.43 -2.46 48.24
N LYS D 271 37.11 -3.60 48.22
CA LYS D 271 36.48 -4.91 47.98
C LYS D 271 35.80 -5.44 49.24
N VAL D 272 34.47 -5.51 49.21
CA VAL D 272 33.70 -5.98 50.35
C VAL D 272 32.72 -7.07 49.94
N ALA D 273 32.33 -7.89 50.92
CA ALA D 273 31.37 -8.97 50.69
C ALA D 273 30.64 -9.19 52.01
N ALA D 274 29.32 -9.38 51.93
CA ALA D 274 28.55 -9.59 53.14
C ALA D 274 27.72 -10.86 53.08
N VAL D 275 27.67 -11.57 54.21
CA VAL D 275 26.91 -12.81 54.33
C VAL D 275 26.23 -12.84 55.69
N LYS D 276 25.10 -13.55 55.79
CA LYS D 276 24.38 -13.67 57.04
C LYS D 276 25.16 -14.53 58.03
N ALA D 277 25.05 -14.22 59.33
CA ALA D 277 25.73 -15.04 60.34
C ALA D 277 25.06 -16.40 60.25
N PRO D 278 25.80 -17.46 60.57
CA PRO D 278 25.24 -18.81 60.51
C PRO D 278 24.21 -19.07 61.60
N GLY D 279 23.27 -19.98 61.30
CA GLY D 279 22.24 -20.34 62.27
C GLY D 279 21.30 -19.21 62.63
N PHE D 280 20.49 -19.41 63.66
CA PHE D 280 19.56 -18.37 64.09
C PHE D 280 19.43 -18.41 65.61
N GLY D 281 18.59 -17.53 66.14
CA GLY D 281 18.36 -17.47 67.56
C GLY D 281 19.61 -17.32 68.41
N ASP D 282 19.62 -17.99 69.55
CA ASP D 282 20.76 -17.94 70.46
C ASP D 282 22.00 -18.56 69.87
N ARG D 283 21.91 -19.80 69.43
CA ARG D 283 23.10 -20.44 68.89
C ARG D 283 23.75 -19.59 67.77
N ARG D 284 23.02 -18.62 67.23
CA ARG D 284 23.57 -17.77 66.19
C ARG D 284 24.60 -16.83 66.79
N LYS D 285 24.30 -16.39 68.00
CA LYS D 285 25.17 -15.47 68.72
C LYS D 285 26.40 -16.20 69.23
N ALA D 286 26.23 -17.50 69.48
CA ALA D 286 27.33 -18.32 69.97
C ALA D 286 28.34 -18.52 68.86
N MET D 287 27.84 -18.86 67.66
CA MET D 287 28.69 -19.10 66.53
C MET D 287 29.40 -17.84 66.06
N LEU D 288 28.74 -16.69 66.20
CA LEU D 288 29.39 -15.46 65.80
C LEU D 288 30.63 -15.29 66.65
N GLN D 289 30.54 -15.72 67.91
CA GLN D 289 31.67 -15.62 68.81
C GLN D 289 32.72 -16.63 68.38
N ASP D 290 32.28 -17.82 68.01
CA ASP D 290 33.21 -18.83 67.54
C ASP D 290 34.10 -18.22 66.46
N ILE D 291 33.46 -17.61 65.46
CA ILE D 291 34.17 -17.00 64.35
C ILE D 291 35.10 -15.91 64.84
N ALA D 292 34.60 -15.09 65.75
CA ALA D 292 35.39 -14.00 66.32
C ALA D 292 36.68 -14.57 66.89
N THR D 293 36.55 -15.53 67.79
CA THR D 293 37.70 -16.18 68.40
C THR D 293 38.67 -16.68 67.34
N LEU D 294 38.15 -17.46 66.40
CA LEU D 294 38.93 -18.04 65.33
C LEU D 294 39.70 -16.98 64.53
N THR D 295 39.06 -15.85 64.24
CA THR D 295 39.71 -14.79 63.46
C THR D 295 40.33 -13.67 64.30
N GLY D 296 40.37 -13.87 65.61
CA GLY D 296 40.92 -12.87 66.51
C GLY D 296 40.19 -11.54 66.40
N GLY D 297 38.89 -11.59 66.19
CA GLY D 297 38.12 -10.37 66.08
C GLY D 297 37.23 -10.17 67.29
N THR D 298 36.35 -9.18 67.23
CA THR D 298 35.44 -8.92 68.34
C THR D 298 34.01 -8.72 67.84
N VAL D 299 33.07 -9.43 68.45
CA VAL D 299 31.68 -9.32 68.05
C VAL D 299 31.08 -8.03 68.58
N ILE D 300 30.46 -7.27 67.68
CA ILE D 300 29.84 -6.00 68.02
C ILE D 300 28.35 -6.19 68.18
N SER D 301 27.97 -6.56 69.40
CA SER D 301 26.58 -6.82 69.73
C SER D 301 25.88 -5.63 70.37
N GLU D 302 24.68 -5.32 69.91
CA GLU D 302 23.92 -4.21 70.46
C GLU D 302 23.56 -4.48 71.91
N GLU D 303 23.22 -5.73 72.21
CA GLU D 303 22.87 -6.12 73.58
C GLU D 303 23.82 -5.48 74.58
N ILE D 304 25.11 -5.79 74.48
CA ILE D 304 26.10 -5.21 75.38
C ILE D 304 26.16 -3.69 75.23
N GLY D 305 25.44 -3.16 74.24
CA GLY D 305 25.41 -1.72 74.03
C GLY D 305 26.52 -1.17 73.15
N MET D 306 27.04 -1.99 72.25
CA MET D 306 28.11 -1.56 71.35
C MET D 306 27.56 -0.93 70.09
N GLU D 307 28.35 -0.06 69.48
CA GLU D 307 27.94 0.63 68.26
C GLU D 307 28.95 0.43 67.14
N LEU D 308 28.45 0.17 65.94
CA LEU D 308 29.32 -0.04 64.78
C LEU D 308 30.17 1.19 64.52
N GLU D 309 29.66 2.36 64.86
CA GLU D 309 30.38 3.59 64.65
C GLU D 309 31.65 3.60 65.47
N LYS D 310 31.58 3.01 66.66
CA LYS D 310 32.73 2.99 67.55
C LYS D 310 33.62 1.78 67.33
N ALA D 311 33.43 1.11 66.18
CA ALA D 311 34.22 -0.07 65.85
C ALA D 311 35.53 0.32 65.19
N THR D 312 36.63 -0.22 65.69
CA THR D 312 37.96 0.08 65.16
C THR D 312 38.56 -1.11 64.43
N LEU D 313 39.55 -0.84 63.58
CA LEU D 313 40.22 -1.91 62.83
C LEU D 313 40.63 -3.07 63.70
N GLU D 314 40.84 -2.83 64.98
CA GLU D 314 41.28 -3.91 65.85
C GLU D 314 40.14 -4.83 66.27
N ASP D 315 38.90 -4.33 66.22
CA ASP D 315 37.75 -5.15 66.59
C ASP D 315 37.52 -6.19 65.50
N LEU D 316 37.98 -5.86 64.29
CA LEU D 316 37.85 -6.71 63.12
C LEU D 316 38.67 -7.98 63.22
N GLY D 317 38.13 -9.05 62.62
CA GLY D 317 38.81 -10.33 62.62
C GLY D 317 39.68 -10.38 61.39
N GLN D 318 40.46 -11.45 61.24
CA GLN D 318 41.34 -11.51 60.09
C GLN D 318 41.77 -12.93 59.74
N ALA D 319 41.89 -13.19 58.45
CA ALA D 319 42.30 -14.51 57.96
C ALA D 319 42.96 -14.37 56.59
N LYS D 320 43.85 -15.30 56.27
CA LYS D 320 44.56 -15.25 55.00
C LYS D 320 43.66 -15.29 53.78
N ARG D 321 42.47 -15.87 53.93
CA ARG D 321 41.61 -15.99 52.76
C ARG D 321 40.20 -16.45 53.12
N VAL D 322 39.21 -15.98 52.35
CA VAL D 322 37.83 -16.41 52.55
C VAL D 322 37.23 -16.65 51.17
N VAL D 323 36.37 -17.64 51.06
CA VAL D 323 35.76 -17.97 49.79
C VAL D 323 34.27 -18.10 50.01
N ILE D 324 33.48 -17.42 49.19
CA ILE D 324 32.03 -17.47 49.35
C ILE D 324 31.27 -18.01 48.12
N ASN D 325 30.38 -18.98 48.37
CA ASN D 325 29.56 -19.59 47.35
C ASN D 325 28.23 -18.92 47.33
N LYS D 326 27.32 -19.61 46.65
CA LYS D 326 25.97 -19.18 46.53
C LYS D 326 25.38 -19.45 47.91
N ASP D 327 25.88 -20.51 48.54
CA ASP D 327 25.38 -20.91 49.85
C ASP D 327 26.42 -21.42 50.87
N THR D 328 27.66 -20.97 50.73
CA THR D 328 28.74 -21.38 51.61
C THR D 328 29.79 -20.29 51.81
N THR D 329 30.21 -20.10 53.05
CA THR D 329 31.26 -19.13 53.36
C THR D 329 32.32 -19.90 54.10
N THR D 330 33.55 -19.88 53.60
CA THR D 330 34.59 -20.61 54.27
C THR D 330 35.81 -19.73 54.56
N ILE D 331 36.10 -19.54 55.85
CA ILE D 331 37.22 -18.72 56.31
C ILE D 331 38.47 -19.56 56.46
N ILE D 332 39.50 -19.23 55.68
CA ILE D 332 40.74 -19.98 55.69
C ILE D 332 41.89 -19.30 56.41
N ASP D 333 42.42 -20.01 57.39
CA ASP D 333 43.55 -19.55 58.20
C ASP D 333 43.33 -18.26 59.01
N GLY D 334 42.65 -18.40 60.14
CA GLY D 334 42.37 -17.26 60.99
C GLY D 334 43.57 -16.86 61.83
N VAL D 335 43.57 -15.61 62.29
CA VAL D 335 44.66 -15.09 63.09
C VAL D 335 44.55 -15.38 64.60
N GLY D 336 43.35 -15.74 65.05
CA GLY D 336 43.16 -16.04 66.46
C GLY D 336 44.23 -16.93 67.08
N GLU D 337 44.69 -16.57 68.27
CA GLU D 337 45.72 -17.31 69.00
C GLU D 337 45.28 -18.71 69.36
N GLU D 338 46.19 -19.67 69.27
CA GLU D 338 45.88 -21.05 69.61
C GLU D 338 45.32 -21.07 71.02
N ALA D 339 45.92 -20.24 71.86
CA ALA D 339 45.50 -20.13 73.24
C ALA D 339 43.99 -19.86 73.28
N ALA D 340 43.55 -18.81 72.60
CA ALA D 340 42.14 -18.44 72.56
C ALA D 340 41.29 -19.55 71.94
N ILE D 341 41.58 -19.88 70.69
CA ILE D 341 40.87 -20.92 69.99
C ILE D 341 40.78 -22.21 70.79
N GLN D 342 41.87 -22.59 71.42
CA GLN D 342 41.86 -23.84 72.19
C GLN D 342 41.10 -23.74 73.50
N GLY D 343 40.93 -22.52 74.00
CA GLY D 343 40.20 -22.35 75.24
C GLY D 343 38.73 -22.34 74.95
N ARG D 344 38.39 -21.89 73.75
CA ARG D 344 37.02 -21.83 73.28
C ARG D 344 36.57 -23.27 73.06
N VAL D 345 37.43 -24.06 72.43
CA VAL D 345 37.13 -25.46 72.19
C VAL D 345 36.89 -26.11 73.54
N ALA D 346 37.73 -25.75 74.50
CA ALA D 346 37.63 -26.28 75.85
C ALA D 346 36.27 -25.94 76.45
N GLN D 347 35.81 -24.70 76.28
CA GLN D 347 34.52 -24.30 76.83
C GLN D 347 33.41 -25.18 76.26
N ILE D 348 33.20 -25.06 74.95
CA ILE D 348 32.17 -25.80 74.24
C ILE D 348 32.17 -27.27 74.61
N ARG D 349 33.36 -27.82 74.66
CA ARG D 349 33.54 -29.23 74.96
C ARG D 349 33.04 -29.61 76.34
N GLN D 350 33.06 -28.66 77.28
CA GLN D 350 32.58 -28.93 78.62
C GLN D 350 31.07 -28.76 78.64
N GLN D 351 30.57 -27.82 77.85
CA GLN D 351 29.13 -27.56 77.77
C GLN D 351 28.44 -28.79 77.21
N ILE D 352 29.21 -29.63 76.53
CA ILE D 352 28.69 -30.85 75.96
C ILE D 352 28.43 -31.84 77.09
N GLU D 353 29.12 -31.64 78.21
CA GLU D 353 28.93 -32.49 79.37
C GLU D 353 27.59 -32.09 79.97
N GLU D 354 27.52 -30.82 80.36
CA GLU D 354 26.35 -30.22 80.98
C GLU D 354 25.10 -30.35 80.11
N ALA D 355 25.28 -30.66 78.84
CA ALA D 355 24.17 -30.80 77.90
C ALA D 355 23.07 -31.67 78.46
N THR D 356 21.87 -31.11 78.58
CA THR D 356 20.73 -31.83 79.13
C THR D 356 19.73 -32.24 78.06
N SER D 357 20.19 -32.28 76.82
CA SER D 357 19.32 -32.62 75.70
C SER D 357 20.13 -33.15 74.53
N ASP D 358 19.69 -34.26 73.95
CA ASP D 358 20.42 -34.84 72.82
C ASP D 358 20.63 -33.82 71.72
N TYR D 359 19.60 -33.03 71.46
CA TYR D 359 19.66 -32.00 70.43
C TYR D 359 20.75 -30.98 70.73
N ASP D 360 20.69 -30.40 71.92
CA ASP D 360 21.67 -29.41 72.35
C ASP D 360 23.07 -29.97 72.29
N ARG D 361 23.23 -31.22 72.71
CA ARG D 361 24.53 -31.87 72.72
C ARG D 361 25.08 -31.94 71.30
N GLU D 362 24.24 -32.37 70.36
CA GLU D 362 24.66 -32.49 68.97
C GLU D 362 25.10 -31.16 68.40
N LYS D 363 24.30 -30.13 68.61
CA LYS D 363 24.62 -28.81 68.11
C LYS D 363 25.98 -28.34 68.60
N LEU D 364 26.25 -28.60 69.87
CA LEU D 364 27.52 -28.21 70.44
C LEU D 364 28.61 -28.98 69.75
N GLN D 365 28.40 -30.28 69.57
CA GLN D 365 29.37 -31.15 68.92
C GLN D 365 29.71 -30.64 67.53
N GLU D 366 28.72 -30.08 66.86
CA GLU D 366 28.93 -29.53 65.52
C GLU D 366 29.96 -28.41 65.57
N ARG D 367 29.74 -27.48 66.50
CA ARG D 367 30.62 -26.33 66.65
C ARG D 367 32.06 -26.68 67.00
N VAL D 368 32.27 -27.51 68.01
CA VAL D 368 33.65 -27.84 68.35
C VAL D 368 34.30 -28.48 67.15
N ALA D 369 33.55 -29.30 66.43
CA ALA D 369 34.07 -29.98 65.26
C ALA D 369 34.58 -28.99 64.22
N LYS D 370 33.87 -27.88 64.05
CA LYS D 370 34.28 -26.86 63.09
C LYS D 370 35.52 -26.15 63.58
N LEU D 371 35.48 -25.72 64.84
CA LEU D 371 36.60 -25.01 65.45
C LEU D 371 37.86 -25.86 65.55
N ALA D 372 37.73 -27.02 66.16
CA ALA D 372 38.85 -27.93 66.35
C ALA D 372 39.33 -28.52 65.03
N GLY D 373 38.39 -28.75 64.12
CA GLY D 373 38.73 -29.35 62.86
C GLY D 373 39.69 -28.64 61.94
N GLY D 374 39.49 -27.34 61.77
CA GLY D 374 40.37 -26.60 60.89
C GLY D 374 40.01 -26.79 59.42
N VAL D 375 40.91 -26.35 58.55
CA VAL D 375 40.73 -26.43 57.13
C VAL D 375 41.99 -26.92 56.45
N ALA D 376 41.89 -27.98 55.66
CA ALA D 376 43.05 -28.49 54.95
C ALA D 376 43.28 -27.53 53.79
N VAL D 377 44.55 -27.25 53.49
CA VAL D 377 44.87 -26.34 52.39
C VAL D 377 45.81 -27.00 51.42
N ILE D 378 45.33 -27.16 50.19
CA ILE D 378 46.11 -27.80 49.14
C ILE D 378 46.66 -26.70 48.25
N LYS D 379 47.98 -26.67 48.08
CA LYS D 379 48.62 -25.69 47.20
C LYS D 379 49.12 -26.45 46.00
N VAL D 380 48.54 -26.19 44.84
CA VAL D 380 48.93 -26.90 43.63
C VAL D 380 50.18 -26.36 42.92
N GLY D 381 51.24 -27.16 42.91
CA GLY D 381 52.47 -26.75 42.24
C GLY D 381 52.46 -27.21 40.79
N ALA D 382 53.33 -26.63 39.96
CA ALA D 382 53.35 -27.04 38.57
C ALA D 382 54.52 -26.67 37.63
N ALA D 383 55.23 -25.58 37.90
CA ALA D 383 56.33 -25.17 37.01
C ALA D 383 55.68 -24.57 35.76
N THR D 384 55.44 -23.26 35.81
CA THR D 384 54.80 -22.43 34.78
C THR D 384 53.39 -22.19 35.31
N GLU D 385 53.08 -20.91 35.49
CA GLU D 385 51.80 -20.46 36.00
C GLU D 385 50.62 -21.12 35.29
N VAL D 386 50.73 -21.29 33.98
CA VAL D 386 49.64 -21.88 33.20
C VAL D 386 49.30 -23.30 33.65
N GLU D 387 50.29 -24.18 33.65
CA GLU D 387 50.07 -25.56 34.06
C GLU D 387 49.52 -25.60 35.49
N MET D 388 50.04 -24.71 36.32
CA MET D 388 49.62 -24.60 37.71
C MET D 388 48.14 -24.24 37.78
N LYS D 389 47.76 -23.17 37.10
CA LYS D 389 46.36 -22.74 37.11
C LYS D 389 45.43 -23.82 36.57
N GLU D 390 45.90 -24.51 35.54
CA GLU D 390 45.13 -25.59 34.90
C GLU D 390 44.89 -26.74 35.89
N LYS D 391 45.99 -27.27 36.44
CA LYS D 391 45.91 -28.37 37.39
C LYS D 391 45.08 -28.00 38.62
N LYS D 392 45.23 -26.76 39.09
CA LYS D 392 44.48 -26.28 40.24
C LYS D 392 43.00 -26.45 40.00
N ALA D 393 42.59 -26.16 38.76
CA ALA D 393 41.19 -26.28 38.39
C ALA D 393 40.75 -27.75 38.40
N ARG D 394 41.59 -28.64 37.86
CA ARG D 394 41.27 -30.06 37.85
C ARG D 394 41.16 -30.59 39.27
N VAL D 395 42.01 -30.08 40.16
CA VAL D 395 42.00 -30.49 41.56
C VAL D 395 40.68 -30.07 42.20
N GLU D 396 40.29 -28.81 42.02
CA GLU D 396 39.04 -28.30 42.56
C GLU D 396 37.86 -29.15 42.13
N ASP D 397 37.85 -29.56 40.86
CA ASP D 397 36.78 -30.39 40.32
C ASP D 397 36.79 -31.76 40.94
N ALA D 398 37.93 -32.44 40.82
CA ALA D 398 38.09 -33.78 41.38
C ALA D 398 37.71 -33.77 42.87
N LEU D 399 38.03 -32.69 43.54
CA LEU D 399 37.74 -32.57 44.96
C LEU D 399 36.25 -32.63 45.22
N HIS D 400 35.51 -31.84 44.46
CA HIS D 400 34.06 -31.76 44.59
C HIS D 400 33.42 -33.10 44.22
N ALA D 401 33.99 -33.76 43.21
CA ALA D 401 33.50 -35.05 42.73
C ALA D 401 33.69 -36.12 43.78
N THR D 402 34.90 -36.17 44.34
CA THR D 402 35.25 -37.15 45.36
C THR D 402 34.45 -36.95 46.65
N ARG D 403 34.21 -35.70 46.99
CA ARG D 403 33.44 -35.35 48.16
C ARG D 403 32.12 -36.08 48.03
N ALA D 404 31.49 -35.90 46.88
CA ALA D 404 30.20 -36.51 46.58
C ALA D 404 30.28 -38.03 46.55
N ALA D 405 31.35 -38.56 45.96
CA ALA D 405 31.53 -40.01 45.87
C ALA D 405 31.59 -40.60 47.26
N VAL D 406 32.30 -39.94 48.15
CA VAL D 406 32.43 -40.43 49.52
C VAL D 406 31.09 -40.42 50.25
N GLU D 407 30.24 -39.48 49.88
CA GLU D 407 28.95 -39.35 50.53
C GLU D 407 27.95 -40.42 50.15
N GLU D 408 27.74 -40.60 48.86
CA GLU D 408 26.73 -41.55 48.40
C GLU D 408 27.22 -42.58 47.39
N GLY D 409 28.53 -42.75 47.27
CA GLY D 409 29.07 -43.72 46.35
C GLY D 409 29.09 -43.30 44.90
N VAL D 410 29.36 -44.27 44.02
CA VAL D 410 29.41 -44.03 42.57
C VAL D 410 28.55 -45.04 41.78
N VAL D 411 28.10 -44.61 40.62
CA VAL D 411 27.30 -45.46 39.74
C VAL D 411 27.82 -45.27 38.33
N ALA D 412 27.41 -46.15 37.42
CA ALA D 412 27.83 -46.08 36.03
C ALA D 412 27.52 -44.72 35.44
N GLY D 413 28.47 -44.16 34.71
CA GLY D 413 28.26 -42.87 34.09
C GLY D 413 27.72 -42.98 32.68
N GLY D 414 27.95 -41.95 31.88
CA GLY D 414 27.51 -41.96 30.50
C GLY D 414 26.02 -42.17 30.35
N GLY D 415 25.28 -41.79 31.36
CA GLY D 415 23.85 -41.95 31.31
C GLY D 415 23.33 -43.37 31.47
N VAL D 416 24.18 -44.35 31.76
CA VAL D 416 23.64 -45.71 31.88
C VAL D 416 22.97 -45.99 33.22
N ALA D 417 23.44 -45.38 34.30
CA ALA D 417 22.82 -45.63 35.59
C ALA D 417 21.33 -45.30 35.50
N LEU D 418 21.01 -44.14 34.91
CA LEU D 418 19.63 -43.70 34.77
C LEU D 418 18.80 -44.66 33.92
N ILE D 419 19.40 -45.18 32.86
CA ILE D 419 18.66 -46.08 32.01
C ILE D 419 18.50 -47.43 32.69
N ARG D 420 19.53 -47.85 33.43
CA ARG D 420 19.50 -49.12 34.15
C ARG D 420 18.39 -49.10 35.18
N VAL D 421 18.40 -48.04 35.98
CA VAL D 421 17.42 -47.87 37.01
C VAL D 421 16.02 -47.82 36.44
N ALA D 422 15.87 -47.19 35.28
CA ALA D 422 14.55 -47.10 34.67
C ALA D 422 14.06 -48.48 34.24
N SER D 423 14.96 -49.26 33.65
CA SER D 423 14.59 -50.60 33.18
C SER D 423 14.09 -51.49 34.31
N LYS D 424 14.49 -51.17 35.54
CA LYS D 424 14.07 -51.97 36.68
C LYS D 424 12.69 -51.59 37.23
N LEU D 425 12.13 -50.49 36.77
CA LEU D 425 10.84 -50.05 37.28
C LEU D 425 9.66 -50.25 36.32
N ALA D 426 9.79 -51.17 35.38
CA ALA D 426 8.75 -51.40 34.38
C ALA D 426 7.34 -51.70 34.91
N ASP D 427 7.27 -52.46 36.00
CA ASP D 427 5.97 -52.82 36.57
C ASP D 427 5.43 -51.80 37.56
N LEU D 428 6.20 -50.74 37.82
CA LEU D 428 5.76 -49.72 38.76
C LEU D 428 4.45 -49.07 38.30
N ARG D 429 3.49 -49.00 39.20
CA ARG D 429 2.20 -48.40 38.85
C ARG D 429 1.70 -47.44 39.93
N GLY D 430 0.69 -46.65 39.56
CA GLY D 430 0.13 -45.71 40.51
C GLY D 430 -1.32 -46.03 40.81
N GLN D 431 -2.09 -45.01 41.18
CA GLN D 431 -3.49 -45.20 41.53
C GLN D 431 -4.50 -45.07 40.41
N ASN D 432 -4.06 -44.65 39.24
CA ASN D 432 -4.97 -44.55 38.13
C ASN D 432 -4.18 -44.44 36.85
N GLU D 433 -4.85 -44.55 35.71
CA GLU D 433 -4.14 -44.51 34.45
C GLU D 433 -3.36 -43.24 34.22
N ASP D 434 -3.83 -42.12 34.76
CA ASP D 434 -3.11 -40.86 34.60
C ASP D 434 -1.77 -40.92 35.33
N GLN D 435 -1.77 -41.46 36.54
CA GLN D 435 -0.52 -41.57 37.28
C GLN D 435 0.40 -42.59 36.59
N ASN D 436 -0.19 -43.63 36.01
CA ASN D 436 0.61 -44.64 35.32
C ASN D 436 1.34 -44.05 34.13
N VAL D 437 0.69 -43.10 33.45
CA VAL D 437 1.28 -42.46 32.31
C VAL D 437 2.43 -41.58 32.83
N GLY D 438 2.15 -40.89 33.93
CA GLY D 438 3.16 -40.03 34.52
C GLY D 438 4.40 -40.84 34.80
N ILE D 439 4.20 -42.05 35.31
CA ILE D 439 5.32 -42.93 35.63
C ILE D 439 6.10 -43.25 34.37
N LYS D 440 5.40 -43.62 33.31
CA LYS D 440 6.06 -43.96 32.05
C LYS D 440 6.75 -42.75 31.46
N VAL D 441 6.17 -41.57 31.65
CA VAL D 441 6.79 -40.35 31.14
C VAL D 441 8.16 -40.19 31.78
N ALA D 442 8.22 -40.43 33.09
CA ALA D 442 9.46 -40.32 33.83
C ALA D 442 10.47 -41.39 33.43
N LEU D 443 10.00 -42.64 33.34
CA LEU D 443 10.90 -43.72 32.97
C LEU D 443 11.48 -43.49 31.60
N ARG D 444 10.66 -42.99 30.67
CA ARG D 444 11.16 -42.71 29.32
C ARG D 444 12.21 -41.60 29.36
N ALA D 445 11.89 -40.54 30.09
CA ALA D 445 12.78 -39.40 30.21
C ALA D 445 14.16 -39.80 30.72
N MET D 446 14.22 -40.80 31.59
CA MET D 446 15.49 -41.24 32.14
C MET D 446 16.47 -41.79 31.11
N GLU D 447 16.00 -41.96 29.88
CA GLU D 447 16.85 -42.47 28.80
C GLU D 447 17.45 -41.31 28.03
N ALA D 448 16.89 -40.12 28.23
CA ALA D 448 17.33 -38.94 27.52
C ALA D 448 18.83 -38.73 27.52
N PRO D 449 19.46 -38.64 28.70
CA PRO D 449 20.92 -38.42 28.76
C PRO D 449 21.73 -39.37 27.88
N LEU D 450 21.59 -40.67 28.10
CA LEU D 450 22.36 -41.63 27.32
C LEU D 450 22.10 -41.44 25.85
N ARG D 451 20.82 -41.43 25.48
CA ARG D 451 20.46 -41.27 24.07
C ARG D 451 21.12 -40.06 23.46
N GLN D 452 21.10 -38.92 24.17
CA GLN D 452 21.73 -37.68 23.68
C GLN D 452 23.23 -37.89 23.50
N ILE D 453 23.88 -38.46 24.50
CA ILE D 453 25.30 -38.74 24.41
C ILE D 453 25.58 -39.58 23.15
N VAL D 454 24.82 -40.67 22.99
CA VAL D 454 25.00 -41.53 21.83
C VAL D 454 24.76 -40.73 20.55
N LEU D 455 23.76 -39.87 20.58
CA LEU D 455 23.44 -39.06 19.41
C LEU D 455 24.62 -38.17 19.04
N ASN D 456 25.19 -37.48 20.03
CA ASN D 456 26.31 -36.59 19.77
C ASN D 456 27.47 -37.38 19.19
N CYS D 457 27.52 -38.68 19.46
CA CYS D 457 28.61 -39.52 18.95
C CYS D 457 28.33 -39.99 17.55
N GLY D 458 27.13 -39.74 17.06
CA GLY D 458 26.77 -40.17 15.73
C GLY D 458 26.35 -41.63 15.63
N GLU D 459 25.88 -42.19 16.73
CA GLU D 459 25.44 -43.59 16.73
C GLU D 459 23.92 -43.60 16.86
N GLU D 460 23.29 -44.76 16.65
CA GLU D 460 21.84 -44.86 16.77
C GLU D 460 21.47 -45.02 18.23
N PRO D 461 20.89 -43.98 18.84
CA PRO D 461 20.48 -43.97 20.23
C PRO D 461 19.63 -45.17 20.64
N SER D 462 18.57 -45.41 19.90
CA SER D 462 17.66 -46.51 20.20
C SER D 462 18.38 -47.86 20.23
N VAL D 463 19.40 -48.03 19.40
CA VAL D 463 20.12 -49.30 19.40
C VAL D 463 20.96 -49.44 20.68
N VAL D 464 21.79 -48.45 20.96
CA VAL D 464 22.62 -48.47 22.16
C VAL D 464 21.72 -48.55 23.40
N ALA D 465 20.70 -47.71 23.44
CA ALA D 465 19.77 -47.70 24.58
C ALA D 465 19.25 -49.10 24.80
N ASN D 466 18.77 -49.71 23.72
CA ASN D 466 18.20 -51.05 23.77
C ASN D 466 19.17 -52.08 24.32
N THR D 467 20.41 -52.05 23.84
CA THR D 467 21.42 -52.98 24.31
C THR D 467 21.73 -52.81 25.80
N VAL D 468 22.00 -51.57 26.21
CA VAL D 468 22.30 -51.29 27.61
C VAL D 468 21.18 -51.79 28.52
N LYS D 469 19.93 -51.63 28.09
CA LYS D 469 18.82 -52.09 28.90
C LYS D 469 18.91 -53.60 29.10
N GLY D 470 19.32 -54.27 28.03
CA GLY D 470 19.40 -55.72 28.08
C GLY D 470 20.38 -56.28 29.09
N GLY D 471 21.32 -55.45 29.53
CA GLY D 471 22.32 -55.91 30.48
C GLY D 471 21.92 -55.77 31.92
N ASP D 472 22.90 -55.82 32.82
CA ASP D 472 22.66 -55.68 34.25
C ASP D 472 23.66 -54.81 35.00
N GLY D 473 23.33 -54.50 36.26
CA GLY D 473 24.20 -53.68 37.08
C GLY D 473 24.77 -52.45 36.37
N ASN D 474 26.09 -52.31 36.42
CA ASN D 474 26.75 -51.18 35.77
C ASN D 474 27.29 -51.49 34.38
N TYR D 475 26.61 -52.40 33.69
CA TYR D 475 26.98 -52.77 32.32
C TYR D 475 26.43 -51.63 31.48
N GLY D 476 27.24 -51.12 30.56
CA GLY D 476 26.76 -50.04 29.73
C GLY D 476 27.64 -49.79 28.54
N TYR D 477 27.31 -48.72 27.82
CA TYR D 477 28.03 -48.33 26.62
C TYR D 477 29.03 -47.26 26.96
N ASN D 478 30.28 -47.45 26.53
CA ASN D 478 31.33 -46.47 26.73
C ASN D 478 31.35 -45.66 25.44
N ALA D 479 30.62 -44.54 25.44
CA ALA D 479 30.52 -43.68 24.28
C ALA D 479 31.87 -43.30 23.68
N ALA D 480 32.87 -43.13 24.53
CA ALA D 480 34.21 -42.76 24.09
C ALA D 480 34.87 -43.81 23.20
N THR D 481 34.76 -45.07 23.59
CA THR D 481 35.40 -46.16 22.85
C THR D 481 34.41 -47.04 22.06
N GLU D 482 33.13 -46.74 22.16
CA GLU D 482 32.10 -47.53 21.49
C GLU D 482 32.10 -48.98 21.93
N GLU D 483 32.52 -49.22 23.16
CA GLU D 483 32.57 -50.59 23.68
C GLU D 483 31.64 -50.76 24.86
N TYR D 484 30.94 -51.88 24.90
CA TYR D 484 30.06 -52.15 26.01
C TYR D 484 30.91 -52.85 27.05
N GLY D 485 30.47 -52.81 28.30
CA GLY D 485 31.23 -53.45 29.36
C GLY D 485 30.84 -52.87 30.70
N ASN D 486 31.66 -53.11 31.72
CA ASN D 486 31.36 -52.57 33.04
C ASN D 486 31.82 -51.14 33.08
N MET D 487 30.86 -50.22 33.20
CA MET D 487 31.14 -48.80 33.24
C MET D 487 32.13 -48.38 34.33
N ILE D 488 32.03 -48.98 35.51
CA ILE D 488 32.93 -48.63 36.60
C ILE D 488 34.33 -49.11 36.26
N ASP D 489 34.46 -50.35 35.81
CA ASP D 489 35.76 -50.90 35.45
C ASP D 489 36.40 -50.01 34.39
N MET D 490 35.61 -49.61 33.39
CA MET D 490 36.15 -48.77 32.32
C MET D 490 36.39 -47.34 32.79
N GLY D 491 36.16 -47.10 34.08
CA GLY D 491 36.38 -45.77 34.63
C GLY D 491 35.45 -44.67 34.16
N ILE D 492 34.21 -45.02 33.86
CA ILE D 492 33.23 -44.04 33.42
C ILE D 492 32.11 -44.05 34.45
N LEU D 493 32.25 -43.17 35.46
CA LEU D 493 31.28 -43.11 36.54
C LEU D 493 30.82 -41.72 36.94
N ASP D 494 29.82 -41.67 37.80
CA ASP D 494 29.28 -40.40 38.31
C ASP D 494 28.99 -40.58 39.78
N PRO D 495 29.24 -39.55 40.59
CA PRO D 495 28.92 -39.76 42.00
C PRO D 495 27.39 -39.98 42.04
N THR D 496 26.96 -41.03 42.73
CA THR D 496 25.54 -41.30 42.82
C THR D 496 24.80 -40.03 43.21
N LYS D 497 25.44 -39.19 44.00
CA LYS D 497 24.81 -37.95 44.43
C LYS D 497 24.47 -37.04 43.25
N VAL D 498 25.33 -36.94 42.25
CA VAL D 498 25.02 -36.05 41.15
C VAL D 498 23.89 -36.60 40.27
N THR D 499 23.88 -37.91 40.04
CA THR D 499 22.83 -38.48 39.25
C THR D 499 21.50 -38.35 40.01
N ARG D 500 21.50 -38.67 41.29
CA ARG D 500 20.27 -38.53 42.07
C ARG D 500 19.76 -37.08 42.03
N SER D 501 20.65 -36.12 42.25
CA SER D 501 20.27 -34.70 42.25
C SER D 501 19.72 -34.23 40.92
N ALA D 502 20.43 -34.59 39.86
CA ALA D 502 20.03 -34.21 38.52
C ALA D 502 18.58 -34.65 38.26
N LEU D 503 18.28 -35.88 38.62
CA LEU D 503 16.95 -36.43 38.41
C LEU D 503 15.88 -35.75 39.28
N GLN D 504 16.14 -35.65 40.58
CA GLN D 504 15.16 -35.03 41.47
C GLN D 504 14.86 -33.58 41.12
N TYR D 505 15.90 -32.81 40.79
CA TYR D 505 15.68 -31.42 40.45
C TYR D 505 14.95 -31.29 39.13
N ALA D 506 15.35 -32.08 38.14
CA ALA D 506 14.71 -32.03 36.84
C ALA D 506 13.23 -32.33 37.01
N ALA D 507 12.94 -33.41 37.71
CA ALA D 507 11.57 -33.83 37.95
C ALA D 507 10.79 -32.78 38.71
N SER D 508 11.48 -32.07 39.60
CA SER D 508 10.85 -31.03 40.39
C SER D 508 10.29 -29.88 39.53
N VAL D 509 11.15 -29.29 38.70
CA VAL D 509 10.71 -28.20 37.84
C VAL D 509 9.73 -28.71 36.78
N ALA D 510 9.91 -29.94 36.32
CA ALA D 510 9.02 -30.48 35.31
C ALA D 510 7.63 -30.62 35.91
N GLY D 511 7.60 -31.08 37.15
CA GLY D 511 6.31 -31.24 37.80
C GLY D 511 5.58 -29.92 37.94
N LEU D 512 6.32 -28.87 38.26
CA LEU D 512 5.73 -27.57 38.43
C LEU D 512 5.15 -27.03 37.14
N MET D 513 5.88 -27.19 36.04
CA MET D 513 5.42 -26.70 34.74
C MET D 513 4.21 -27.46 34.24
N ILE D 514 4.24 -28.78 34.39
CA ILE D 514 3.13 -29.61 33.97
C ILE D 514 1.84 -29.15 34.68
N THR D 515 1.98 -28.67 35.90
CA THR D 515 0.83 -28.21 36.67
C THR D 515 0.62 -26.69 36.68
N THR D 516 1.08 -26.01 35.63
CA THR D 516 0.91 -24.57 35.51
C THR D 516 -0.27 -24.28 34.61
N GLU D 517 -1.14 -23.37 35.03
CA GLU D 517 -2.32 -23.02 34.24
C GLU D 517 -2.33 -21.57 33.84
N CYS D 518 -1.54 -20.76 34.52
CA CYS D 518 -1.51 -19.35 34.22
C CYS D 518 -0.12 -18.74 34.36
N MET D 519 0.17 -17.76 33.51
CA MET D 519 1.45 -17.08 33.55
C MET D 519 1.22 -15.58 33.45
N VAL D 520 1.86 -14.82 34.34
CA VAL D 520 1.73 -13.37 34.34
C VAL D 520 3.09 -12.72 34.14
N THR D 521 3.17 -11.77 33.23
CA THR D 521 4.44 -11.10 32.99
C THR D 521 4.19 -9.70 32.46
N ASP D 522 5.25 -8.90 32.39
CA ASP D 522 5.12 -7.54 31.90
C ASP D 522 4.84 -7.44 30.42
N LEU D 523 4.20 -6.35 30.05
CA LEU D 523 3.87 -6.10 28.67
C LEU D 523 5.16 -5.72 27.95
N PRO D 524 5.39 -6.28 26.75
CA PRO D 524 6.61 -5.97 25.99
C PRO D 524 6.84 -4.47 25.72
N ALA E 1 20.76 -10.01 28.65
CA ALA E 1 19.91 -9.40 27.60
C ALA E 1 19.37 -10.50 26.71
N ALA E 2 18.21 -10.27 26.10
CA ALA E 2 17.63 -11.28 25.22
C ALA E 2 18.70 -11.63 24.19
N LYS E 3 18.88 -12.93 23.96
CA LYS E 3 19.88 -13.41 23.02
C LYS E 3 19.24 -13.92 21.74
N ASP E 4 20.08 -14.15 20.75
CA ASP E 4 19.66 -14.69 19.46
C ASP E 4 20.44 -15.99 19.39
N VAL E 5 19.73 -17.13 19.36
CA VAL E 5 20.41 -18.41 19.34
C VAL E 5 20.24 -19.15 18.02
N LYS E 6 21.35 -19.61 17.44
CA LYS E 6 21.27 -20.36 16.21
C LYS E 6 21.89 -21.74 16.39
N PHE E 7 21.30 -22.72 15.71
CA PHE E 7 21.75 -24.09 15.82
C PHE E 7 22.20 -24.69 14.52
N GLY E 8 22.90 -25.82 14.65
CA GLY E 8 23.40 -26.56 13.52
C GLY E 8 23.81 -25.79 12.29
N ASN E 9 23.35 -26.30 11.15
CA ASN E 9 23.66 -25.72 9.87
C ASN E 9 23.42 -24.22 9.73
N ASP E 10 22.28 -23.77 10.23
CA ASP E 10 21.97 -22.35 10.16
C ASP E 10 23.10 -21.52 10.78
N ALA E 11 23.64 -21.99 11.89
CA ALA E 11 24.72 -21.30 12.58
C ALA E 11 26.01 -21.38 11.77
N ARG E 12 26.31 -22.58 11.29
CA ARG E 12 27.53 -22.79 10.52
C ARG E 12 27.66 -22.00 9.23
N VAL E 13 26.57 -21.84 8.47
CA VAL E 13 26.69 -21.04 7.25
C VAL E 13 27.04 -19.60 7.64
N LYS E 14 26.45 -19.10 8.72
CA LYS E 14 26.74 -17.75 9.19
C LYS E 14 28.22 -17.60 9.49
N MET E 15 28.77 -18.56 10.22
CA MET E 15 30.18 -18.51 10.54
C MET E 15 31.04 -18.50 9.28
N LEU E 16 30.78 -19.45 8.39
CA LEU E 16 31.52 -19.58 7.15
C LEU E 16 31.47 -18.27 6.38
N ARG E 17 30.26 -17.77 6.22
CA ARG E 17 30.02 -16.52 5.51
C ARG E 17 30.92 -15.45 6.10
N GLY E 18 30.99 -15.40 7.41
CA GLY E 18 31.81 -14.42 8.09
C GLY E 18 33.30 -14.63 7.88
N VAL E 19 33.79 -15.86 7.93
CA VAL E 19 35.24 -16.04 7.72
C VAL E 19 35.58 -15.83 6.25
N ASN E 20 34.59 -15.97 5.36
CA ASN E 20 34.85 -15.76 3.96
C ASN E 20 35.15 -14.30 3.67
N VAL E 21 34.46 -13.39 4.35
CA VAL E 21 34.72 -11.97 4.15
C VAL E 21 36.15 -11.69 4.61
N LEU E 22 36.46 -12.16 5.81
CA LEU E 22 37.80 -11.97 6.35
C LEU E 22 38.85 -12.56 5.42
N ALA E 23 38.73 -13.84 5.10
CA ALA E 23 39.70 -14.49 4.24
C ALA E 23 39.82 -13.85 2.85
N ASP E 24 38.69 -13.57 2.20
CA ASP E 24 38.73 -12.97 0.87
C ASP E 24 39.41 -11.60 0.87
N ALA E 25 39.19 -10.82 1.92
CA ALA E 25 39.80 -9.49 2.02
C ALA E 25 41.30 -9.61 2.23
N VAL E 26 41.70 -10.58 3.02
CA VAL E 26 43.11 -10.76 3.32
C VAL E 26 43.94 -11.53 2.28
N LYS E 27 43.37 -12.57 1.70
CA LYS E 27 44.14 -13.37 0.75
C LYS E 27 44.56 -12.70 -0.56
N VAL E 28 43.92 -11.59 -0.90
CA VAL E 28 44.26 -10.91 -2.14
C VAL E 28 45.66 -10.28 -2.03
N THR E 29 46.16 -10.15 -0.81
CA THR E 29 47.48 -9.56 -0.62
C THR E 29 48.59 -10.61 -0.66
N LEU E 30 48.21 -11.87 -0.55
CA LEU E 30 49.18 -12.96 -0.52
C LEU E 30 50.06 -13.11 -1.73
N GLY E 31 51.33 -13.37 -1.46
CA GLY E 31 52.31 -13.55 -2.52
C GLY E 31 52.96 -12.26 -2.96
N PRO E 32 53.90 -12.33 -3.91
CA PRO E 32 54.64 -11.20 -4.48
C PRO E 32 53.83 -10.36 -5.46
N LYS E 33 52.77 -10.93 -6.03
CA LYS E 33 51.90 -10.18 -6.95
C LYS E 33 50.60 -9.83 -6.24
N GLY E 34 50.68 -9.75 -4.91
CA GLY E 34 49.53 -9.43 -4.08
C GLY E 34 48.93 -8.10 -4.43
N ARG E 35 47.62 -7.96 -4.26
CA ARG E 35 46.93 -6.72 -4.57
C ARG E 35 46.87 -5.74 -3.40
N ASN E 36 46.36 -4.54 -3.67
CA ASN E 36 46.21 -3.51 -2.66
C ASN E 36 44.82 -3.55 -2.07
N VAL E 37 44.71 -3.30 -0.77
CA VAL E 37 43.43 -3.23 -0.10
C VAL E 37 43.37 -1.81 0.42
N VAL E 38 42.26 -1.13 0.16
CA VAL E 38 42.12 0.25 0.61
C VAL E 38 41.30 0.29 1.89
N LEU E 39 41.93 0.76 2.95
CA LEU E 39 41.29 0.84 4.26
C LEU E 39 40.93 2.30 4.56
N ASP E 40 39.65 2.56 4.72
CA ASP E 40 39.17 3.90 4.97
C ASP E 40 39.35 4.38 6.40
N LYS E 41 39.79 5.62 6.55
CA LYS E 41 40.01 6.27 7.85
C LYS E 41 39.05 7.46 7.87
N SER E 42 38.30 7.62 8.95
CA SER E 42 37.36 8.73 9.04
C SER E 42 38.02 10.06 8.70
N PHE E 43 39.30 10.19 9.03
CA PHE E 43 40.04 11.43 8.78
C PHE E 43 41.05 11.35 7.63
N GLY E 44 40.86 12.22 6.63
CA GLY E 44 41.78 12.28 5.51
C GLY E 44 41.62 11.29 4.39
N ALA E 45 42.76 10.92 3.78
CA ALA E 45 42.78 9.97 2.68
C ALA E 45 42.86 8.56 3.17
N PRO E 46 42.32 7.61 2.40
CA PRO E 46 42.34 6.21 2.77
C PRO E 46 43.77 5.71 2.80
N THR E 47 43.94 4.53 3.39
CA THR E 47 45.24 3.89 3.50
C THR E 47 45.26 2.78 2.47
N ILE E 48 46.32 2.74 1.66
CA ILE E 48 46.41 1.66 0.69
C ILE E 48 47.47 0.72 1.26
N THR E 49 47.17 -0.58 1.30
CA THR E 49 48.13 -1.50 1.90
C THR E 49 48.09 -2.89 1.27
N LYS E 50 49.17 -3.62 1.46
CA LYS E 50 49.26 -4.99 0.96
C LYS E 50 49.56 -5.88 2.16
N ASP E 51 49.40 -5.31 3.35
CA ASP E 51 49.65 -6.02 4.60
C ASP E 51 48.40 -6.70 5.13
N GLY E 52 48.38 -8.03 5.04
CA GLY E 52 47.25 -8.80 5.51
C GLY E 52 46.89 -8.56 6.97
N VAL E 53 47.89 -8.26 7.79
CA VAL E 53 47.62 -8.02 9.19
C VAL E 53 46.83 -6.72 9.38
N SER E 54 47.17 -5.70 8.60
CA SER E 54 46.48 -4.41 8.70
C SER E 54 45.03 -4.60 8.29
N VAL E 55 44.84 -5.27 7.15
CA VAL E 55 43.51 -5.53 6.65
C VAL E 55 42.67 -6.31 7.66
N ALA E 56 43.22 -7.39 8.19
CA ALA E 56 42.49 -8.20 9.15
C ALA E 56 42.04 -7.39 10.35
N ARG E 57 42.90 -6.50 10.83
CA ARG E 57 42.58 -5.68 11.99
C ARG E 57 41.27 -4.92 11.80
N GLU E 58 41.07 -4.42 10.59
CA GLU E 58 39.89 -3.64 10.23
C GLU E 58 38.59 -4.40 10.02
N ILE E 59 38.67 -5.71 9.88
CA ILE E 59 37.47 -6.49 9.60
C ILE E 59 36.55 -6.79 10.77
N GLU E 60 35.34 -6.25 10.67
CA GLU E 60 34.28 -6.45 11.67
C GLU E 60 32.97 -6.43 10.88
N LEU E 61 32.16 -7.47 11.03
CA LEU E 61 30.92 -7.56 10.26
C LEU E 61 29.65 -7.15 11.05
N GLU E 62 28.68 -6.61 10.33
CA GLU E 62 27.45 -6.17 10.98
C GLU E 62 26.62 -7.31 11.53
N ASP E 63 26.47 -8.39 10.78
CA ASP E 63 25.68 -9.54 11.24
C ASP E 63 26.44 -10.15 12.42
N LYS E 64 25.78 -10.23 13.57
CA LYS E 64 26.44 -10.75 14.77
C LYS E 64 27.07 -12.13 14.60
N PHE E 65 26.34 -13.05 13.98
CA PHE E 65 26.85 -14.41 13.77
C PHE E 65 28.03 -14.44 12.83
N GLU E 66 27.87 -13.83 11.65
CA GLU E 66 28.95 -13.76 10.68
C GLU E 66 30.18 -13.14 11.34
N ASN E 67 29.96 -12.11 12.14
CA ASN E 67 31.06 -11.45 12.81
C ASN E 67 31.80 -12.40 13.77
N MET E 68 31.07 -13.26 14.46
CA MET E 68 31.68 -14.22 15.39
C MET E 68 32.63 -15.12 14.63
N GLY E 69 32.23 -15.50 13.42
CA GLY E 69 33.08 -16.36 12.62
C GLY E 69 34.37 -15.65 12.26
N ALA E 70 34.26 -14.42 11.78
CA ALA E 70 35.43 -13.66 11.41
C ALA E 70 36.33 -13.45 12.61
N GLN E 71 35.77 -12.99 13.72
CA GLN E 71 36.57 -12.73 14.91
C GLN E 71 37.29 -13.98 15.42
N MET E 72 36.68 -15.14 15.22
CA MET E 72 37.29 -16.38 15.69
C MET E 72 38.58 -16.74 14.97
N VAL E 73 38.57 -16.75 13.63
CA VAL E 73 39.81 -17.10 12.93
C VAL E 73 40.80 -15.95 13.04
N LYS E 74 40.25 -14.74 13.08
CA LYS E 74 41.05 -13.53 13.21
C LYS E 74 41.90 -13.62 14.48
N GLU E 75 41.31 -14.04 15.59
CA GLU E 75 42.03 -14.15 16.84
C GLU E 75 43.11 -15.21 16.82
N VAL E 76 42.77 -16.39 16.34
CA VAL E 76 43.74 -17.49 16.28
C VAL E 76 44.85 -17.20 15.28
N ALA E 77 44.52 -16.68 14.11
CA ALA E 77 45.55 -16.38 13.13
C ALA E 77 46.52 -15.35 13.65
N SER E 78 46.03 -14.42 14.45
CA SER E 78 46.91 -13.38 14.98
C SER E 78 48.01 -14.03 15.82
N LYS E 79 47.68 -15.12 16.49
CA LYS E 79 48.66 -15.81 17.32
C LYS E 79 49.86 -16.32 16.51
N ALA E 80 49.62 -16.70 15.25
CA ALA E 80 50.70 -17.19 14.42
C ALA E 80 51.74 -16.09 14.29
N ASN E 81 51.27 -14.88 14.02
CA ASN E 81 52.16 -13.74 13.86
C ASN E 81 52.91 -13.46 15.16
N ASP E 82 52.19 -13.50 16.27
CA ASP E 82 52.80 -13.26 17.58
C ASP E 82 53.91 -14.28 17.82
N ALA E 83 53.62 -15.55 17.51
CA ALA E 83 54.57 -16.62 17.72
C ALA E 83 55.83 -16.61 16.84
N ALA E 84 55.66 -16.40 15.54
CA ALA E 84 56.83 -16.42 14.65
C ALA E 84 57.11 -15.12 13.87
N GLY E 85 56.32 -14.08 14.11
CA GLY E 85 56.52 -12.82 13.42
C GLY E 85 55.98 -12.81 12.00
N ASP E 86 55.15 -13.80 11.65
CA ASP E 86 54.59 -13.88 10.31
C ASP E 86 53.63 -15.08 10.20
N GLY E 87 52.91 -15.14 9.08
CA GLY E 87 51.99 -16.25 8.87
C GLY E 87 50.52 -16.01 9.18
N THR E 88 50.16 -14.80 9.58
CA THR E 88 48.75 -14.53 9.88
C THR E 88 47.85 -14.73 8.66
N THR E 89 48.18 -14.10 7.54
CA THR E 89 47.39 -14.24 6.33
C THR E 89 47.31 -15.72 5.91
N THR E 90 48.45 -16.39 5.91
CA THR E 90 48.51 -17.79 5.56
C THR E 90 47.56 -18.61 6.42
N ALA E 91 47.68 -18.47 7.74
CA ALA E 91 46.82 -19.20 8.67
C ALA E 91 45.36 -18.93 8.32
N THR E 92 45.08 -17.68 7.94
CA THR E 92 43.73 -17.31 7.57
C THR E 92 43.28 -18.04 6.30
N VAL E 93 44.07 -18.00 5.22
CA VAL E 93 43.59 -18.71 4.02
C VAL E 93 43.51 -20.23 4.27
N LEU E 94 44.40 -20.75 5.11
CA LEU E 94 44.37 -22.18 5.43
C LEU E 94 43.08 -22.47 6.18
N ALA E 95 42.78 -21.63 7.18
CA ALA E 95 41.60 -21.83 7.96
C ALA E 95 40.35 -21.84 7.06
N GLN E 96 40.29 -20.91 6.11
CA GLN E 96 39.14 -20.85 5.20
C GLN E 96 39.01 -22.16 4.43
N ALA E 97 40.13 -22.64 3.90
CA ALA E 97 40.17 -23.88 3.14
C ALA E 97 39.69 -25.05 3.97
N ILE E 98 40.19 -25.18 5.19
CA ILE E 98 39.79 -26.30 6.03
C ILE E 98 38.33 -26.19 6.40
N ILE E 99 37.90 -25.01 6.82
CA ILE E 99 36.52 -24.80 7.23
C ILE E 99 35.52 -25.05 6.11
N THR E 100 35.83 -24.57 4.93
CA THR E 100 34.93 -24.75 3.81
C THR E 100 34.64 -26.22 3.51
N GLU E 101 35.69 -26.99 3.27
CA GLU E 101 35.52 -28.39 2.96
C GLU E 101 34.99 -29.13 4.16
N GLY E 102 35.49 -28.77 5.34
CA GLY E 102 35.04 -29.44 6.54
C GLY E 102 33.53 -29.37 6.69
N LEU E 103 32.99 -28.17 6.50
CA LEU E 103 31.57 -27.98 6.64
C LEU E 103 30.80 -28.75 5.57
N LYS E 104 31.33 -28.83 4.34
CA LYS E 104 30.64 -29.58 3.29
C LYS E 104 30.48 -31.02 3.76
N ALA E 105 31.57 -31.56 4.28
CA ALA E 105 31.57 -32.93 4.76
C ALA E 105 30.50 -33.08 5.82
N VAL E 106 30.42 -32.11 6.71
CA VAL E 106 29.43 -32.16 7.80
C VAL E 106 28.02 -32.18 7.26
N ALA E 107 27.76 -31.36 6.25
CA ALA E 107 26.45 -31.25 5.63
C ALA E 107 26.10 -32.56 4.93
N ALA E 108 27.12 -33.23 4.41
CA ALA E 108 26.93 -34.51 3.74
C ALA E 108 26.57 -35.58 4.77
N GLY E 109 26.68 -35.23 6.04
CA GLY E 109 26.34 -36.18 7.09
C GLY E 109 27.49 -36.87 7.79
N MET E 110 28.71 -36.46 7.51
CA MET E 110 29.86 -37.08 8.18
C MET E 110 30.00 -36.53 9.61
N ASN E 111 30.58 -37.32 10.50
CA ASN E 111 30.71 -36.88 11.88
C ASN E 111 31.74 -35.79 12.14
N PRO E 112 31.31 -34.65 12.68
CA PRO E 112 32.19 -33.53 12.97
C PRO E 112 33.40 -33.93 13.81
N MET E 113 33.17 -34.68 14.87
CA MET E 113 34.27 -35.08 15.74
C MET E 113 35.31 -35.92 14.99
N ASP E 114 34.87 -36.81 14.10
CA ASP E 114 35.81 -37.62 13.35
C ASP E 114 36.55 -36.80 12.29
N LEU E 115 35.85 -35.87 11.66
CA LEU E 115 36.46 -35.00 10.66
C LEU E 115 37.59 -34.22 11.32
N LYS E 116 37.32 -33.71 12.52
CA LYS E 116 38.32 -32.95 13.25
C LYS E 116 39.51 -33.83 13.59
N ARG E 117 39.25 -35.02 14.13
CA ARG E 117 40.32 -35.92 14.50
C ARG E 117 41.23 -36.22 13.30
N GLY E 118 40.61 -36.40 12.12
CA GLY E 118 41.37 -36.67 10.92
C GLY E 118 42.23 -35.48 10.52
N ILE E 119 41.62 -34.30 10.57
CA ILE E 119 42.33 -33.07 10.24
C ILE E 119 43.54 -32.94 11.14
N ASP E 120 43.33 -33.18 12.44
CA ASP E 120 44.42 -33.09 13.39
C ASP E 120 45.51 -34.10 13.09
N LYS E 121 45.12 -35.34 12.79
CA LYS E 121 46.11 -36.35 12.50
C LYS E 121 46.97 -35.93 11.32
N ALA E 122 46.32 -35.43 10.27
CA ALA E 122 47.00 -34.97 9.08
C ALA E 122 47.98 -33.84 9.41
N VAL E 123 47.54 -32.90 10.24
CA VAL E 123 48.39 -31.78 10.64
C VAL E 123 49.59 -32.25 11.45
N THR E 124 49.36 -33.18 12.37
CA THR E 124 50.46 -33.70 13.19
C THR E 124 51.52 -34.33 12.32
N ALA E 125 51.09 -35.05 11.29
CA ALA E 125 52.00 -35.70 10.37
C ALA E 125 52.69 -34.62 9.56
N ALA E 126 51.90 -33.64 9.12
CA ALA E 126 52.43 -32.54 8.31
C ALA E 126 53.52 -31.78 9.05
N VAL E 127 53.32 -31.56 10.34
CA VAL E 127 54.32 -30.85 11.12
C VAL E 127 55.63 -31.63 11.20
N GLU E 128 55.51 -32.95 11.31
CA GLU E 128 56.71 -33.77 11.39
C GLU E 128 57.44 -33.78 10.05
N GLU E 129 56.67 -33.82 8.97
CA GLU E 129 57.21 -33.83 7.62
C GLU E 129 57.93 -32.51 7.40
N LEU E 130 57.40 -31.46 8.01
CA LEU E 130 57.94 -30.13 7.90
C LEU E 130 59.33 -30.03 8.54
N LYS E 131 59.51 -30.72 9.68
CA LYS E 131 60.81 -30.71 10.37
C LYS E 131 61.84 -31.42 9.51
N ALA E 132 61.41 -32.50 8.86
CA ALA E 132 62.28 -33.27 8.01
C ALA E 132 62.71 -32.48 6.78
N LEU E 133 61.82 -31.63 6.32
CA LEU E 133 62.06 -30.81 5.13
C LEU E 133 63.01 -29.67 5.46
N SER E 134 62.91 -29.21 6.70
CA SER E 134 63.68 -28.10 7.23
C SER E 134 65.22 -28.14 7.11
N VAL E 135 65.78 -27.01 6.69
CA VAL E 135 67.24 -26.83 6.58
C VAL E 135 67.63 -25.98 7.78
N PRO E 136 68.71 -26.37 8.49
CA PRO E 136 69.19 -25.64 9.67
C PRO E 136 69.79 -24.27 9.42
N CYS E 137 69.67 -23.42 10.43
CA CYS E 137 70.23 -22.08 10.38
C CYS E 137 71.02 -21.87 11.68
N SER E 138 72.31 -22.23 11.66
CA SER E 138 73.11 -22.12 12.87
C SER E 138 74.38 -21.25 12.81
N ASP E 139 75.24 -21.46 11.83
CA ASP E 139 76.45 -20.65 11.74
C ASP E 139 76.02 -19.20 11.43
N SER E 140 76.80 -18.24 11.89
CA SER E 140 76.43 -16.85 11.66
C SER E 140 76.47 -16.47 10.19
N LYS E 141 76.94 -17.37 9.34
CA LYS E 141 76.97 -17.05 7.92
C LYS E 141 75.53 -17.20 7.43
N ALA E 142 74.88 -18.28 7.88
CA ALA E 142 73.50 -18.57 7.52
C ALA E 142 72.57 -17.52 8.13
N ILE E 143 72.81 -17.20 9.41
CA ILE E 143 72.03 -16.22 10.14
C ILE E 143 72.00 -14.92 9.34
N ALA E 144 73.15 -14.52 8.82
CA ALA E 144 73.23 -13.28 8.04
C ALA E 144 72.41 -13.39 6.77
N GLN E 145 72.45 -14.57 6.15
CA GLN E 145 71.72 -14.79 4.91
C GLN E 145 70.23 -14.67 5.14
N VAL E 146 69.72 -15.37 6.15
CA VAL E 146 68.30 -15.33 6.47
C VAL E 146 67.89 -13.89 6.81
N GLY E 147 68.75 -13.18 7.55
CA GLY E 147 68.46 -11.81 7.91
C GLY E 147 68.42 -10.91 6.67
N THR E 148 69.29 -11.17 5.72
CA THR E 148 69.33 -10.37 4.50
C THR E 148 68.06 -10.58 3.68
N ILE E 149 67.61 -11.82 3.58
CA ILE E 149 66.40 -12.14 2.81
C ILE E 149 65.17 -11.52 3.47
N SER E 150 65.11 -11.62 4.79
CA SER E 150 63.98 -11.07 5.52
C SER E 150 64.00 -9.55 5.47
N ALA E 151 65.15 -8.98 5.11
CA ALA E 151 65.26 -7.52 5.06
C ALA E 151 65.19 -7.03 3.63
N ASN E 152 64.56 -7.81 2.78
CA ASN E 152 64.40 -7.46 1.38
C ASN E 152 65.73 -7.35 0.65
N SER E 153 66.60 -8.34 0.87
CA SER E 153 67.91 -8.39 0.23
C SER E 153 68.89 -7.31 0.67
N ASP E 154 68.72 -6.81 1.88
CA ASP E 154 69.60 -5.79 2.44
C ASP E 154 70.68 -6.50 3.24
N GLU E 155 71.84 -6.70 2.62
CA GLU E 155 72.94 -7.39 3.29
C GLU E 155 73.34 -6.75 4.62
N THR E 156 73.19 -5.44 4.70
CA THR E 156 73.52 -4.66 5.88
C THR E 156 72.77 -5.17 7.11
N VAL E 157 71.45 -5.33 6.96
CA VAL E 157 70.61 -5.82 8.05
C VAL E 157 71.05 -7.22 8.48
N GLY E 158 71.33 -8.08 7.50
CA GLY E 158 71.78 -9.43 7.81
C GLY E 158 73.04 -9.36 8.65
N LYS E 159 73.98 -8.55 8.19
CA LYS E 159 75.26 -8.34 8.88
C LYS E 159 75.01 -7.87 10.32
N LEU E 160 74.18 -6.84 10.45
CA LEU E 160 73.84 -6.29 11.77
C LEU E 160 73.32 -7.34 12.75
N ILE E 161 72.36 -8.13 12.29
CA ILE E 161 71.75 -9.17 13.10
C ILE E 161 72.75 -10.25 13.47
N ALA E 162 73.55 -10.70 12.51
CA ALA E 162 74.55 -11.73 12.77
C ALA E 162 75.55 -11.23 13.83
N GLU E 163 75.96 -9.98 13.72
CA GLU E 163 76.88 -9.39 14.68
C GLU E 163 76.25 -9.35 16.07
N ALA E 164 75.02 -8.89 16.16
CA ALA E 164 74.34 -8.81 17.45
C ALA E 164 74.20 -10.19 18.09
N MET E 165 73.74 -11.17 17.32
CA MET E 165 73.57 -12.53 17.82
C MET E 165 74.89 -13.12 18.29
N ASP E 166 75.96 -12.72 17.62
CA ASP E 166 77.29 -13.21 17.98
C ASP E 166 77.69 -12.64 19.35
N LYS E 167 77.32 -11.39 19.58
CA LYS E 167 77.61 -10.70 20.84
C LYS E 167 76.93 -11.32 22.04
N VAL E 168 75.60 -11.35 22.00
CA VAL E 168 74.80 -11.89 23.09
C VAL E 168 74.39 -13.36 22.98
N GLY E 169 74.81 -14.03 21.91
CA GLY E 169 74.45 -15.41 21.74
C GLY E 169 73.09 -15.59 21.09
N LYS E 170 72.81 -16.80 20.59
CA LYS E 170 71.53 -17.08 19.93
C LYS E 170 70.35 -16.91 20.86
N GLU E 171 70.55 -17.19 22.15
CA GLU E 171 69.50 -17.05 23.14
C GLU E 171 69.43 -15.62 23.67
N GLY E 172 70.51 -14.86 23.45
CA GLY E 172 70.58 -13.49 23.94
C GLY E 172 69.41 -12.58 23.60
N VAL E 173 69.25 -11.51 24.37
CA VAL E 173 68.18 -10.55 24.15
C VAL E 173 68.69 -9.46 23.18
N ILE E 174 67.97 -9.23 22.08
CA ILE E 174 68.37 -8.20 21.14
C ILE E 174 67.26 -7.18 20.94
N THR E 175 67.61 -5.91 21.16
CA THR E 175 66.70 -4.77 21.04
C THR E 175 67.12 -3.86 19.88
N VAL E 176 66.16 -3.21 19.23
CA VAL E 176 66.48 -2.29 18.14
C VAL E 176 65.78 -0.96 18.33
N GLU E 177 66.54 0.14 18.19
CA GLU E 177 66.00 1.49 18.34
C GLU E 177 66.55 2.49 17.31
N ASP E 178 65.98 3.69 17.29
CA ASP E 178 66.41 4.72 16.35
C ASP E 178 67.88 5.04 16.49
N GLY E 179 68.54 5.30 15.37
CA GLY E 179 69.94 5.61 15.39
C GLY E 179 70.13 7.10 15.62
N THR E 180 71.35 7.50 15.97
CA THR E 180 71.65 8.90 16.21
C THR E 180 72.14 9.56 14.93
N GLY E 181 72.21 8.78 13.84
CA GLY E 181 72.64 9.33 12.57
C GLY E 181 73.48 8.44 11.67
N LEU E 182 73.10 8.40 10.39
CA LEU E 182 73.80 7.62 9.36
C LEU E 182 74.97 6.80 9.87
N GLN E 183 74.67 5.71 10.56
CA GLN E 183 75.68 4.79 11.11
C GLN E 183 75.11 3.98 12.24
N ASP E 184 75.15 2.66 12.08
CA ASP E 184 74.63 1.77 13.09
C ASP E 184 75.56 1.68 14.30
N GLU E 185 75.02 1.23 15.41
CA GLU E 185 75.79 1.06 16.63
C GLU E 185 75.26 -0.19 17.32
N LEU E 186 76.17 -0.98 17.87
CA LEU E 186 75.79 -2.19 18.57
C LEU E 186 76.48 -2.16 19.92
N ASP E 187 75.69 -2.24 20.99
CA ASP E 187 76.25 -2.22 22.34
C ASP E 187 75.47 -3.14 23.26
N VAL E 188 76.16 -3.82 24.16
CA VAL E 188 75.48 -4.69 25.12
C VAL E 188 75.41 -3.91 26.43
N VAL E 189 74.25 -3.85 27.07
CA VAL E 189 74.13 -3.08 28.30
C VAL E 189 73.56 -3.88 29.48
N GLU E 190 73.92 -3.49 30.72
CA GLU E 190 73.39 -4.17 31.92
C GLU E 190 71.90 -4.14 31.63
N GLY E 191 71.25 -5.29 31.59
CA GLY E 191 69.83 -5.29 31.30
C GLY E 191 69.20 -6.66 31.45
N MET E 192 67.89 -6.72 31.24
CA MET E 192 67.18 -7.98 31.39
C MET E 192 65.83 -7.94 30.70
N GLN E 193 65.24 -9.10 30.45
CA GLN E 193 63.93 -9.17 29.81
C GLN E 193 63.08 -10.34 30.29
N PHE E 194 61.86 -10.05 30.71
CA PHE E 194 60.96 -11.11 31.18
C PHE E 194 59.65 -11.16 30.38
N ASP E 195 58.95 -12.29 30.49
CA ASP E 195 57.72 -12.48 29.72
C ASP E 195 56.43 -11.93 30.30
N ARG E 196 56.40 -10.62 30.49
CA ARG E 196 55.21 -9.95 31.00
C ARG E 196 55.05 -8.72 30.15
N GLY E 197 53.80 -8.44 29.75
CA GLY E 197 53.53 -7.27 28.94
C GLY E 197 52.78 -6.18 29.70
N TYR E 198 52.45 -5.11 29.00
CA TYR E 198 51.71 -4.03 29.63
C TYR E 198 50.43 -4.62 30.21
N LEU E 199 50.02 -4.14 31.37
CA LEU E 199 48.80 -4.64 32.00
C LEU E 199 47.58 -4.02 31.34
N SER E 200 47.83 -3.21 30.33
CA SER E 200 46.76 -2.54 29.60
C SER E 200 47.34 -1.75 28.43
N PRO E 201 46.65 -1.74 27.27
CA PRO E 201 47.20 -0.97 26.15
C PRO E 201 47.15 0.46 26.68
N TYR E 202 46.90 1.45 25.83
CA TYR E 202 46.84 2.81 26.35
C TYR E 202 48.21 3.24 26.90
N PHE E 203 48.83 2.39 27.71
CA PHE E 203 50.16 2.70 28.24
C PHE E 203 51.03 2.84 27.00
N ILE E 204 50.56 2.26 25.90
CA ILE E 204 51.25 2.28 24.63
C ILE E 204 51.49 3.70 24.14
N ASN E 205 52.75 4.05 23.92
CA ASN E 205 53.07 5.39 23.43
C ASN E 205 53.84 5.32 22.12
N LYS E 206 53.87 4.13 21.53
CA LYS E 206 54.53 3.90 20.27
C LYS E 206 53.60 3.04 19.43
N PRO E 207 52.41 3.58 19.12
CA PRO E 207 51.40 2.89 18.33
C PRO E 207 51.96 2.09 17.16
N GLU E 208 53.01 2.63 16.53
CA GLU E 208 53.67 1.99 15.40
C GLU E 208 54.01 0.54 15.76
N THR E 209 54.90 0.39 16.73
CA THR E 209 55.33 -0.91 17.21
C THR E 209 54.44 -1.45 18.34
N GLY E 210 53.41 -0.68 18.69
CA GLY E 210 52.49 -1.09 19.74
C GLY E 210 53.19 -1.40 21.04
N ALA E 211 54.17 -0.58 21.38
CA ALA E 211 54.92 -0.79 22.61
C ALA E 211 54.98 0.45 23.48
N VAL E 212 55.30 0.24 24.76
CA VAL E 212 55.45 1.31 25.75
C VAL E 212 56.95 1.59 25.82
N GLU E 213 57.33 2.86 25.75
CA GLU E 213 58.73 3.18 25.78
C GLU E 213 58.97 4.31 26.74
N LEU E 214 59.56 3.98 27.89
CA LEU E 214 59.86 4.96 28.93
C LEU E 214 61.36 5.20 28.99
N GLU E 215 61.76 6.47 29.14
CA GLU E 215 63.17 6.83 29.20
C GLU E 215 63.55 7.34 30.58
N SER E 216 64.68 6.85 31.08
CA SER E 216 65.18 7.20 32.42
C SER E 216 64.06 7.14 33.46
N PRO E 217 63.28 6.04 33.43
CA PRO E 217 62.16 5.85 34.37
C PRO E 217 62.59 5.23 35.69
N PHE E 218 61.80 5.47 36.71
CA PHE E 218 62.02 4.90 38.03
C PHE E 218 61.27 3.59 37.97
N ILE E 219 61.72 2.61 38.74
CA ILE E 219 61.05 1.34 38.73
C ILE E 219 60.55 0.96 40.11
N LEU E 220 59.24 0.83 40.26
CA LEU E 220 58.67 0.42 41.53
C LEU E 220 58.53 -1.11 41.60
N LEU E 221 59.18 -1.71 42.58
CA LEU E 221 59.13 -3.16 42.76
C LEU E 221 58.31 -3.48 44.01
N ALA E 222 57.07 -3.91 43.81
CA ALA E 222 56.17 -4.23 44.91
C ALA E 222 55.66 -5.67 44.88
N ASP E 223 56.15 -6.46 45.83
CA ASP E 223 55.77 -7.87 45.97
C ASP E 223 54.38 -7.96 46.61
N LYS E 224 53.35 -7.71 45.80
CA LYS E 224 51.95 -7.76 46.22
C LYS E 224 51.07 -7.27 45.07
N LYS E 225 49.76 -7.32 45.26
CA LYS E 225 48.84 -6.85 44.22
C LYS E 225 48.36 -5.45 44.60
N ILE E 226 48.35 -4.55 43.63
CA ILE E 226 47.90 -3.19 43.88
C ILE E 226 46.52 -2.99 43.26
N SER E 227 45.51 -2.76 44.11
CA SER E 227 44.13 -2.60 43.68
C SER E 227 43.57 -1.20 43.84
N ASN E 228 44.21 -0.42 44.72
CA ASN E 228 43.76 0.95 45.01
C ASN E 228 44.93 1.91 44.97
N ILE E 229 44.78 2.99 44.20
CA ILE E 229 45.83 3.96 44.04
C ILE E 229 46.12 4.78 45.27
N ARG E 230 45.47 4.44 46.37
CA ARG E 230 45.68 5.18 47.61
C ARG E 230 47.10 4.95 48.16
N GLU E 231 47.63 3.74 47.96
CA GLU E 231 48.97 3.39 48.42
C GLU E 231 50.01 4.06 47.54
N MET E 232 49.65 4.22 46.27
CA MET E 232 50.50 4.82 45.27
C MET E 232 50.82 6.29 45.49
N LEU E 233 49.78 7.09 45.67
CA LEU E 233 49.92 8.54 45.87
C LEU E 233 51.25 9.05 46.39
N PRO E 234 51.68 8.63 47.61
CA PRO E 234 52.97 9.13 48.12
C PRO E 234 54.13 8.96 47.14
N VAL E 235 54.25 7.77 46.55
CA VAL E 235 55.30 7.45 45.58
C VAL E 235 55.08 8.12 44.23
N LEU E 236 53.82 8.24 43.81
CA LEU E 236 53.48 8.88 42.54
C LEU E 236 53.83 10.35 42.55
N GLU E 237 53.74 10.98 43.72
CA GLU E 237 54.04 12.40 43.85
C GLU E 237 55.54 12.67 43.85
N ALA E 238 56.32 11.72 44.36
CA ALA E 238 57.77 11.85 44.39
C ALA E 238 58.27 11.71 42.96
N VAL E 239 57.55 10.90 42.18
CA VAL E 239 57.87 10.67 40.78
C VAL E 239 57.34 11.87 39.97
N ALA E 240 56.31 12.53 40.49
CA ALA E 240 55.74 13.71 39.83
C ALA E 240 56.87 14.76 39.83
N LYS E 241 57.51 14.94 40.98
CA LYS E 241 58.65 15.84 41.08
C LYS E 241 59.73 15.03 40.38
N ALA E 242 60.93 15.59 40.22
CA ALA E 242 62.01 14.87 39.53
C ALA E 242 61.65 14.73 38.04
N GLY E 243 60.34 14.75 37.76
CA GLY E 243 59.82 14.67 36.40
C GLY E 243 60.27 13.51 35.53
N LYS E 244 60.17 12.30 36.07
CA LYS E 244 60.55 11.09 35.35
C LYS E 244 59.39 10.10 35.31
N PRO E 245 59.30 9.29 34.24
CA PRO E 245 58.21 8.30 34.15
C PRO E 245 58.37 7.23 35.23
N LEU E 246 57.43 6.29 35.27
CA LEU E 246 57.48 5.22 36.27
C LEU E 246 57.05 3.88 35.75
N LEU E 247 57.81 2.86 36.13
CA LEU E 247 57.47 1.50 35.76
C LEU E 247 57.02 0.81 37.05
N ILE E 248 55.84 0.20 37.04
CA ILE E 248 55.33 -0.51 38.22
C ILE E 248 55.38 -2.02 37.96
N ILE E 249 56.27 -2.72 38.67
CA ILE E 249 56.35 -4.17 38.54
C ILE E 249 55.85 -4.74 39.88
N ALA E 250 54.59 -5.20 39.90
CA ALA E 250 54.00 -5.78 41.11
C ALA E 250 53.43 -7.15 40.79
N GLU E 251 52.85 -7.80 41.80
CA GLU E 251 52.26 -9.13 41.59
C GLU E 251 51.12 -8.97 40.59
N ASP E 252 50.53 -7.79 40.57
CA ASP E 252 49.44 -7.46 39.66
C ASP E 252 48.91 -6.07 40.03
N VAL E 253 48.28 -5.40 39.08
CA VAL E 253 47.70 -4.08 39.28
C VAL E 253 46.27 -4.19 38.76
N GLU E 254 45.31 -4.14 39.69
CA GLU E 254 43.90 -4.29 39.36
C GLU E 254 42.99 -3.08 39.59
N GLY E 255 41.74 -3.27 39.16
CA GLY E 255 40.69 -2.29 39.30
C GLY E 255 41.01 -0.82 39.42
N GLU E 256 40.52 -0.21 40.49
CA GLU E 256 40.69 1.21 40.75
C GLU E 256 42.08 1.78 40.52
N ALA E 257 43.11 1.04 40.92
CA ALA E 257 44.49 1.48 40.74
C ALA E 257 44.92 1.49 39.28
N LEU E 258 44.61 0.42 38.55
CA LEU E 258 44.98 0.32 37.14
C LEU E 258 44.19 1.33 36.36
N ALA E 259 42.89 1.37 36.61
CA ALA E 259 42.01 2.31 35.92
C ALA E 259 42.57 3.71 36.06
N THR E 260 42.90 4.11 37.29
CA THR E 260 43.43 5.43 37.56
C THR E 260 44.76 5.67 36.84
N LEU E 261 45.61 4.64 36.79
CA LEU E 261 46.91 4.75 36.12
C LEU E 261 46.75 4.86 34.60
N VAL E 262 45.79 4.13 34.04
CA VAL E 262 45.53 4.17 32.59
C VAL E 262 45.10 5.58 32.19
N VAL E 263 44.28 6.20 33.02
CA VAL E 263 43.80 7.55 32.76
C VAL E 263 44.91 8.61 32.90
N ASN E 264 45.37 8.85 34.12
CA ASN E 264 46.40 9.85 34.36
C ASN E 264 47.55 9.90 33.36
N THR E 265 48.19 8.76 33.07
CA THR E 265 49.30 8.74 32.11
C THR E 265 48.78 9.11 30.71
N MET E 266 47.48 8.94 30.53
CA MET E 266 46.80 9.23 29.26
C MET E 266 46.34 10.70 29.26
N ARG E 267 46.88 11.47 30.19
CA ARG E 267 46.58 12.89 30.34
C ARG E 267 47.86 13.65 30.65
N GLY E 268 49.00 13.02 30.39
CA GLY E 268 50.28 13.66 30.65
C GLY E 268 50.56 13.97 32.10
N ILE E 269 49.68 13.50 32.97
CA ILE E 269 49.83 13.69 34.42
C ILE E 269 50.74 12.55 34.91
N VAL E 270 52.00 12.59 34.50
CA VAL E 270 52.99 11.57 34.86
C VAL E 270 52.86 10.31 34.00
N LYS E 271 53.94 9.96 33.31
CA LYS E 271 53.99 8.77 32.44
C LYS E 271 54.29 7.54 33.31
N VAL E 272 53.35 6.60 33.31
CA VAL E 272 53.47 5.38 34.10
C VAL E 272 53.06 4.15 33.32
N ALA E 273 53.71 3.03 33.62
CA ALA E 273 53.40 1.78 32.97
C ALA E 273 53.50 0.69 34.02
N ALA E 274 52.53 -0.21 34.03
CA ALA E 274 52.51 -1.30 34.98
C ALA E 274 52.48 -2.68 34.31
N VAL E 275 53.24 -3.61 34.86
CA VAL E 275 53.32 -4.98 34.35
C VAL E 275 53.45 -5.94 35.54
N LYS E 276 52.91 -7.15 35.38
CA LYS E 276 52.99 -8.17 36.43
C LYS E 276 54.45 -8.55 36.62
N ALA E 277 54.78 -9.07 37.78
CA ALA E 277 56.15 -9.50 38.01
C ALA E 277 56.28 -10.80 37.22
N PRO E 278 57.51 -11.21 36.90
CA PRO E 278 57.69 -12.45 36.14
C PRO E 278 57.51 -13.71 36.99
N GLY E 279 56.95 -14.74 36.37
CA GLY E 279 56.77 -16.00 37.08
C GLY E 279 55.74 -15.92 38.18
N PHE E 280 55.71 -16.94 39.02
CA PHE E 280 54.75 -17.00 40.12
C PHE E 280 55.40 -17.67 41.32
N GLY E 281 54.63 -17.82 42.39
CA GLY E 281 55.14 -18.47 43.58
C GLY E 281 56.40 -17.87 44.17
N ASP E 282 57.26 -18.74 44.71
CA ASP E 282 58.49 -18.29 45.31
C ASP E 282 59.45 -17.68 44.30
N ARG E 283 59.75 -18.41 43.24
CA ARG E 283 60.69 -17.90 42.26
C ARG E 283 60.29 -16.52 41.72
N ARG E 284 59.02 -16.14 41.86
CA ARG E 284 58.57 -14.82 41.41
C ARG E 284 59.15 -13.73 42.31
N LYS E 285 59.33 -14.06 43.58
CA LYS E 285 59.88 -13.13 44.54
C LYS E 285 61.38 -13.04 44.35
N ALA E 286 61.97 -14.15 43.92
CA ALA E 286 63.41 -14.16 43.71
C ALA E 286 63.74 -13.27 42.52
N MET E 287 62.88 -13.30 41.50
CA MET E 287 63.10 -12.51 40.29
C MET E 287 62.86 -11.02 40.51
N LEU E 288 61.92 -10.68 41.39
CA LEU E 288 61.67 -9.28 41.69
C LEU E 288 62.95 -8.73 42.29
N GLN E 289 63.63 -9.55 43.09
CA GLN E 289 64.87 -9.17 43.72
C GLN E 289 65.94 -9.01 42.63
N ASP E 290 66.01 -9.96 41.72
CA ASP E 290 66.98 -9.87 40.62
C ASP E 290 66.84 -8.51 39.94
N ILE E 291 65.60 -8.17 39.56
CA ILE E 291 65.35 -6.89 38.91
C ILE E 291 65.84 -5.75 39.80
N ALA E 292 65.54 -5.87 41.09
CA ALA E 292 65.95 -4.89 42.08
C ALA E 292 67.44 -4.62 41.96
N THR E 293 68.23 -5.66 42.23
CA THR E 293 69.68 -5.58 42.15
C THR E 293 70.13 -4.91 40.86
N LEU E 294 69.62 -5.40 39.75
CA LEU E 294 69.93 -4.90 38.42
C LEU E 294 69.61 -3.40 38.29
N THR E 295 68.50 -2.96 38.84
CA THR E 295 68.10 -1.55 38.75
C THR E 295 68.40 -0.73 40.00
N GLY E 296 69.18 -1.32 40.90
CA GLY E 296 69.53 -0.63 42.14
C GLY E 296 68.33 -0.19 42.93
N GLY E 297 67.25 -0.98 42.87
CA GLY E 297 66.06 -0.64 43.61
C GLY E 297 65.89 -1.52 44.84
N THR E 298 64.78 -1.33 45.54
CA THR E 298 64.47 -2.12 46.73
C THR E 298 63.05 -2.67 46.59
N VAL E 299 62.91 -3.98 46.78
CA VAL E 299 61.60 -4.62 46.67
C VAL E 299 60.78 -4.30 47.90
N ILE E 300 59.55 -3.86 47.70
CA ILE E 300 58.67 -3.54 48.81
C ILE E 300 57.68 -4.67 49.08
N SER E 301 58.11 -5.64 49.87
CA SER E 301 57.30 -6.80 50.20
C SER E 301 56.56 -6.69 51.53
N GLU E 302 55.29 -7.05 51.52
CA GLU E 302 54.47 -7.00 52.73
C GLU E 302 54.99 -7.96 53.78
N GLU E 303 55.45 -9.13 53.34
CA GLU E 303 55.98 -10.13 54.25
C GLU E 303 56.87 -9.45 55.29
N ILE E 304 57.93 -8.80 54.84
CA ILE E 304 58.86 -8.11 55.73
C ILE E 304 58.15 -6.97 56.49
N GLY E 305 56.90 -6.70 56.11
CA GLY E 305 56.13 -5.66 56.77
C GLY E 305 56.27 -4.26 56.19
N MET E 306 56.70 -4.15 54.94
CA MET E 306 56.87 -2.85 54.31
C MET E 306 55.58 -2.31 53.73
N GLU E 307 55.46 -1.00 53.69
CA GLU E 307 54.28 -0.34 53.15
C GLU E 307 54.62 0.55 51.98
N LEU E 308 53.76 0.56 50.96
CA LEU E 308 53.96 1.38 49.78
C LEU E 308 53.88 2.87 50.08
N GLU E 309 53.18 3.22 51.15
CA GLU E 309 53.04 4.63 51.52
C GLU E 309 54.38 5.17 52.02
N LYS E 310 55.12 4.30 52.70
CA LYS E 310 56.42 4.67 53.25
C LYS E 310 57.55 4.56 52.23
N ALA E 311 57.20 4.20 51.00
CA ALA E 311 58.19 4.04 49.93
C ALA E 311 58.69 5.40 49.48
N THR E 312 60.01 5.53 49.34
CA THR E 312 60.62 6.78 48.92
C THR E 312 61.33 6.65 47.58
N LEU E 313 61.58 7.78 46.92
CA LEU E 313 62.25 7.76 45.62
C LEU E 313 63.52 6.91 45.62
N GLU E 314 64.12 6.72 46.78
CA GLU E 314 65.34 5.93 46.83
C GLU E 314 65.11 4.42 46.73
N ASP E 315 63.93 3.97 47.14
CA ASP E 315 63.60 2.55 47.07
C ASP E 315 63.42 2.18 45.60
N LEU E 316 63.09 3.18 44.80
CA LEU E 316 62.87 3.00 43.37
C LEU E 316 64.13 2.62 42.60
N GLY E 317 63.97 1.69 41.67
CA GLY E 317 65.06 1.25 40.84
C GLY E 317 65.20 2.23 39.68
N GLN E 318 66.14 1.99 38.78
CA GLN E 318 66.32 2.94 37.69
C GLN E 318 67.15 2.38 36.53
N ALA E 319 66.73 2.71 35.31
CA ALA E 319 67.40 2.26 34.09
C ALA E 319 67.17 3.29 33.00
N LYS E 320 68.13 3.36 32.07
CA LYS E 320 68.04 4.32 30.98
C LYS E 320 66.80 4.19 30.11
N ARG E 321 66.27 2.97 30.02
CA ARG E 321 65.13 2.80 29.15
C ARG E 321 64.45 1.46 29.41
N VAL E 322 63.16 1.41 29.08
CA VAL E 322 62.36 0.19 29.22
C VAL E 322 61.41 0.16 28.04
N VAL E 323 61.14 -1.04 27.54
CA VAL E 323 60.24 -1.22 26.42
C VAL E 323 59.28 -2.34 26.76
N ILE E 324 57.99 -2.09 26.56
CA ILE E 324 56.97 -3.08 26.88
C ILE E 324 56.04 -3.50 25.74
N ASN E 325 56.04 -4.80 25.44
CA ASN E 325 55.20 -5.37 24.41
C ASN E 325 53.86 -5.73 24.98
N LYS E 326 53.14 -6.52 24.20
CA LYS E 326 51.84 -7.02 24.57
C LYS E 326 52.14 -8.10 25.62
N ASP E 327 53.32 -8.73 25.48
CA ASP E 327 53.73 -9.80 26.39
C ASP E 327 55.22 -9.84 26.70
N THR E 328 55.88 -8.70 26.62
CA THR E 328 57.30 -8.63 26.91
C THR E 328 57.71 -7.31 27.54
N THR E 329 58.57 -7.39 28.54
CA THR E 329 59.06 -6.19 29.18
C THR E 329 60.55 -6.36 29.23
N THR E 330 61.26 -5.39 28.67
CA THR E 330 62.71 -5.46 28.67
C THR E 330 63.33 -4.20 29.25
N ILE E 331 64.09 -4.37 30.33
CA ILE E 331 64.75 -3.27 31.01
C ILE E 331 66.14 -3.07 30.41
N ILE E 332 66.40 -1.85 29.93
CA ILE E 332 67.67 -1.53 29.31
C ILE E 332 68.58 -0.59 30.11
N ASP E 333 69.74 -1.12 30.49
CA ASP E 333 70.76 -0.41 31.25
C ASP E 333 70.35 0.02 32.66
N GLY E 334 70.53 -0.91 33.60
CA GLY E 334 70.18 -0.65 34.99
C GLY E 334 71.27 0.13 35.70
N VAL E 335 70.89 0.74 36.82
CA VAL E 335 71.82 1.54 37.60
C VAL E 335 72.61 0.71 38.62
N GLY E 336 72.09 -0.45 38.96
CA GLY E 336 72.77 -1.30 39.93
C GLY E 336 74.28 -1.33 39.76
N GLU E 337 74.99 -1.37 40.88
CA GLU E 337 76.45 -1.42 40.88
C GLU E 337 76.93 -2.80 40.47
N GLU E 338 77.95 -2.86 39.62
CA GLU E 338 78.48 -4.14 39.19
C GLU E 338 78.75 -4.99 40.41
N ALA E 339 79.20 -4.34 41.47
CA ALA E 339 79.50 -5.05 42.73
C ALA E 339 78.26 -5.86 43.11
N ALA E 340 77.12 -5.16 43.20
CA ALA E 340 75.85 -5.76 43.58
C ALA E 340 75.44 -6.86 42.60
N ILE E 341 75.22 -6.45 41.35
CA ILE E 341 74.80 -7.36 40.30
C ILE E 341 75.70 -8.57 40.21
N GLN E 342 77.00 -8.37 40.32
CA GLN E 342 77.95 -9.46 40.23
C GLN E 342 77.92 -10.40 41.45
N GLY E 343 77.55 -9.86 42.61
CA GLY E 343 77.47 -10.66 43.81
C GLY E 343 76.19 -11.48 43.78
N ARG E 344 75.16 -10.89 43.17
CA ARG E 344 73.86 -11.52 43.02
C ARG E 344 74.08 -12.76 42.13
N VAL E 345 74.74 -12.56 40.99
CA VAL E 345 75.05 -13.65 40.07
C VAL E 345 75.81 -14.72 40.84
N ALA E 346 76.78 -14.28 41.62
CA ALA E 346 77.59 -15.17 42.44
C ALA E 346 76.72 -16.07 43.32
N GLN E 347 75.72 -15.47 43.99
CA GLN E 347 74.81 -16.20 44.87
C GLN E 347 74.09 -17.31 44.09
N ILE E 348 73.28 -16.88 43.13
CA ILE E 348 72.50 -17.77 42.29
C ILE E 348 73.39 -18.88 41.76
N ARG E 349 74.57 -18.47 41.28
CA ARG E 349 75.54 -19.38 40.70
C ARG E 349 75.96 -20.49 41.67
N GLN E 350 75.95 -20.18 42.97
CA GLN E 350 76.33 -21.15 43.97
C GLN E 350 75.13 -22.01 44.36
N GLN E 351 73.94 -21.43 44.29
CA GLN E 351 72.72 -22.19 44.61
C GLN E 351 72.59 -23.29 43.58
N ILE E 352 73.12 -23.05 42.38
CA ILE E 352 73.07 -24.04 41.31
C ILE E 352 73.84 -25.30 41.71
N GLU E 353 74.75 -25.14 42.65
CA GLU E 353 75.55 -26.27 43.14
C GLU E 353 74.67 -27.08 44.08
N GLU E 354 74.15 -26.41 45.10
CA GLU E 354 73.29 -27.01 46.09
C GLU E 354 71.99 -27.56 45.47
N ALA E 355 71.79 -27.25 44.19
CA ALA E 355 70.60 -27.70 43.47
C ALA E 355 70.41 -29.21 43.60
N THR E 356 69.30 -29.61 44.19
CA THR E 356 68.99 -31.02 44.39
C THR E 356 67.95 -31.45 43.38
N SER E 357 67.87 -30.74 42.27
CA SER E 357 66.86 -31.06 41.25
C SER E 357 67.28 -30.48 39.89
N ASP E 358 67.06 -31.25 38.82
CA ASP E 358 67.38 -30.77 37.49
C ASP E 358 66.54 -29.52 37.21
N TYR E 359 65.24 -29.63 37.47
CA TYR E 359 64.33 -28.51 37.25
C TYR E 359 64.85 -27.28 37.98
N ASP E 360 65.08 -27.41 39.29
CA ASP E 360 65.58 -26.31 40.12
C ASP E 360 66.90 -25.74 39.61
N ARG E 361 67.74 -26.61 39.09
CA ARG E 361 69.02 -26.19 38.57
C ARG E 361 68.82 -25.34 37.32
N GLU E 362 67.97 -25.82 36.40
CA GLU E 362 67.70 -25.10 35.15
C GLU E 362 67.15 -23.71 35.42
N LYS E 363 66.13 -23.62 36.27
CA LYS E 363 65.50 -22.34 36.62
C LYS E 363 66.51 -21.32 37.13
N LEU E 364 67.49 -21.80 37.90
CA LEU E 364 68.55 -20.94 38.45
C LEU E 364 69.45 -20.46 37.33
N GLN E 365 69.84 -21.40 36.46
CA GLN E 365 70.67 -21.06 35.32
C GLN E 365 69.98 -19.98 34.49
N GLU E 366 68.65 -20.09 34.39
CA GLU E 366 67.83 -19.13 33.65
C GLU E 366 68.06 -17.73 34.17
N ARG E 367 67.99 -17.61 35.49
CA ARG E 367 68.16 -16.33 36.15
C ARG E 367 69.57 -15.73 36.03
N VAL E 368 70.61 -16.54 36.20
CA VAL E 368 71.95 -15.98 36.06
C VAL E 368 72.10 -15.51 34.64
N ALA E 369 71.56 -16.29 33.71
CA ALA E 369 71.63 -15.96 32.31
C ALA E 369 71.05 -14.58 32.06
N LYS E 370 69.95 -14.26 32.71
CA LYS E 370 69.33 -12.95 32.52
C LYS E 370 70.16 -11.81 33.08
N LEU E 371 70.62 -11.98 34.31
CA LEU E 371 71.42 -10.96 34.99
C LEU E 371 72.79 -10.78 34.32
N ALA E 372 73.50 -11.89 34.17
CA ALA E 372 74.83 -11.91 33.58
C ALA E 372 74.87 -11.65 32.08
N GLY E 373 73.83 -12.08 31.38
CA GLY E 373 73.80 -11.92 29.93
C GLY E 373 73.76 -10.49 29.42
N GLY E 374 72.92 -9.66 30.03
CA GLY E 374 72.82 -8.29 29.56
C GLY E 374 71.82 -8.10 28.42
N VAL E 375 72.04 -7.06 27.61
CA VAL E 375 71.15 -6.73 26.51
C VAL E 375 71.82 -6.07 25.31
N ALA E 376 71.63 -6.66 24.12
CA ALA E 376 72.20 -6.11 22.90
C ALA E 376 71.28 -5.00 22.39
N VAL E 377 71.86 -3.89 21.98
CA VAL E 377 71.09 -2.75 21.48
C VAL E 377 71.57 -2.31 20.12
N ILE E 378 70.72 -2.47 19.11
CA ILE E 378 71.06 -2.09 17.75
C ILE E 378 70.47 -0.72 17.45
N LYS E 379 71.32 0.24 17.10
CA LYS E 379 70.84 1.57 16.74
C LYS E 379 70.97 1.67 15.23
N VAL E 380 69.85 1.87 14.53
CA VAL E 380 69.88 1.94 13.07
C VAL E 380 70.12 3.33 12.50
N GLY E 381 71.29 3.54 11.89
CA GLY E 381 71.62 4.83 11.30
C GLY E 381 71.13 4.90 9.86
N ALA E 382 71.07 6.09 9.28
CA ALA E 382 70.59 6.18 7.91
C ALA E 382 70.75 7.48 7.12
N ALA E 383 70.86 8.63 7.78
CA ALA E 383 70.98 9.91 7.05
C ALA E 383 69.62 10.22 6.41
N THR E 384 68.79 10.94 7.17
CA THR E 384 67.41 11.36 6.88
C THR E 384 66.53 10.46 7.73
N GLU E 385 65.80 11.08 8.65
CA GLU E 385 64.93 10.37 9.56
C GLU E 385 64.07 9.31 8.89
N VAL E 386 63.60 9.60 7.68
CA VAL E 386 62.74 8.67 6.95
C VAL E 386 63.41 7.34 6.65
N GLU E 387 64.53 7.40 5.94
CA GLU E 387 65.26 6.18 5.62
C GLU E 387 65.60 5.43 6.91
N MET E 388 65.93 6.18 7.95
CA MET E 388 66.27 5.60 9.24
C MET E 388 65.09 4.85 9.82
N LYS E 389 63.94 5.50 9.90
CA LYS E 389 62.73 4.86 10.43
C LYS E 389 62.33 3.65 9.60
N GLU E 390 62.54 3.74 8.30
CA GLU E 390 62.21 2.66 7.36
C GLU E 390 63.09 1.44 7.60
N LYS E 391 64.41 1.65 7.57
CA LYS E 391 65.37 0.56 7.79
C LYS E 391 65.19 -0.05 9.18
N LYS E 392 64.91 0.79 10.19
CA LYS E 392 64.72 0.31 11.55
C LYS E 392 63.62 -0.73 11.56
N ALA E 393 62.58 -0.49 10.76
CA ALA E 393 61.47 -1.42 10.65
C ALA E 393 61.97 -2.72 10.03
N ARG E 394 62.65 -2.61 8.89
CA ARG E 394 63.15 -3.79 8.23
C ARG E 394 64.06 -4.61 9.15
N VAL E 395 64.79 -3.92 10.02
CA VAL E 395 65.69 -4.61 10.96
C VAL E 395 64.87 -5.39 11.98
N GLU E 396 63.86 -4.74 12.55
CA GLU E 396 62.99 -5.37 13.54
C GLU E 396 62.35 -6.62 12.97
N ASP E 397 61.91 -6.55 11.72
CA ASP E 397 61.30 -7.69 11.07
C ASP E 397 62.29 -8.82 10.85
N ALA E 398 63.39 -8.50 10.18
CA ALA E 398 64.43 -9.47 9.89
C ALA E 398 64.95 -10.09 11.18
N LEU E 399 64.94 -9.32 12.26
CA LEU E 399 65.40 -9.84 13.53
C LEU E 399 64.48 -10.96 14.01
N HIS E 400 63.17 -10.69 14.00
CA HIS E 400 62.15 -11.63 14.44
C HIS E 400 62.15 -12.87 13.55
N ALA E 401 62.38 -12.67 12.25
CA ALA E 401 62.43 -13.77 11.31
C ALA E 401 63.63 -14.64 11.61
N THR E 402 64.80 -14.03 11.68
CA THR E 402 66.05 -14.73 11.97
C THR E 402 65.99 -15.49 13.28
N ARG E 403 65.34 -14.88 14.27
CA ARG E 403 65.19 -15.49 15.59
C ARG E 403 64.54 -16.85 15.41
N ALA E 404 63.46 -16.85 14.64
CA ALA E 404 62.69 -18.07 14.35
C ALA E 404 63.48 -19.09 13.50
N ALA E 405 64.24 -18.59 12.54
CA ALA E 405 65.04 -19.45 11.68
C ALA E 405 66.04 -20.19 12.56
N VAL E 406 66.72 -19.45 13.42
CA VAL E 406 67.71 -20.05 14.30
C VAL E 406 67.08 -21.13 15.18
N GLU E 407 65.81 -20.99 15.47
CA GLU E 407 65.15 -21.97 16.34
C GLU E 407 64.75 -23.25 15.65
N GLU E 408 63.99 -23.14 14.55
CA GLU E 408 63.48 -24.30 13.84
C GLU E 408 63.88 -24.46 12.38
N GLY E 409 64.86 -23.68 11.94
CA GLY E 409 65.31 -23.79 10.56
C GLY E 409 64.41 -23.11 9.55
N VAL E 410 64.66 -23.37 8.27
CA VAL E 410 63.88 -22.79 7.20
C VAL E 410 63.40 -23.85 6.20
N VAL E 411 62.32 -23.53 5.49
CA VAL E 411 61.75 -24.41 4.48
C VAL E 411 61.39 -23.56 3.27
N ALA E 412 61.08 -24.20 2.15
CA ALA E 412 60.73 -23.48 0.93
C ALA E 412 59.54 -22.58 1.21
N GLY E 413 59.58 -21.37 0.65
CA GLY E 413 58.50 -20.42 0.86
C GLY E 413 57.52 -20.48 -0.28
N GLY E 414 56.79 -19.39 -0.49
CA GLY E 414 55.83 -19.33 -1.58
C GLY E 414 54.80 -20.42 -1.55
N GLY E 415 54.53 -20.93 -0.35
CA GLY E 415 53.54 -21.98 -0.20
C GLY E 415 53.94 -23.36 -0.66
N VAL E 416 55.18 -23.56 -1.11
CA VAL E 416 55.53 -24.90 -1.57
C VAL E 416 55.83 -25.90 -0.47
N ALA E 417 56.35 -25.44 0.66
CA ALA E 417 56.64 -26.38 1.76
C ALA E 417 55.35 -27.13 2.16
N LEU E 418 54.26 -26.37 2.28
CA LEU E 418 52.98 -26.94 2.66
C LEU E 418 52.46 -27.90 1.62
N ILE E 419 52.64 -27.57 0.36
CA ILE E 419 52.15 -28.46 -0.68
C ILE E 419 53.05 -29.70 -0.78
N ARG E 420 54.35 -29.50 -0.54
CA ARG E 420 55.32 -30.59 -0.58
C ARG E 420 54.97 -31.61 0.50
N VAL E 421 54.85 -31.11 1.71
CA VAL E 421 54.53 -31.91 2.86
C VAL E 421 53.21 -32.67 2.68
N ALA E 422 52.22 -32.01 2.08
CA ALA E 422 50.92 -32.64 1.86
C ALA E 422 51.05 -33.78 0.84
N SER E 423 51.84 -33.57 -0.20
CA SER E 423 52.01 -34.60 -1.21
C SER E 423 52.63 -35.87 -0.60
N LYS E 424 53.37 -35.71 0.49
CA LYS E 424 53.99 -36.85 1.13
C LYS E 424 53.08 -37.66 2.03
N LEU E 425 51.89 -37.15 2.34
CA LEU E 425 50.96 -37.85 3.24
C LEU E 425 49.74 -38.48 2.56
N ALA E 426 49.88 -38.80 1.28
CA ALA E 426 48.76 -39.38 0.53
C ALA E 426 48.17 -40.65 1.13
N ASP E 427 49.03 -41.54 1.64
CA ASP E 427 48.53 -42.79 2.20
C ASP E 427 48.10 -42.71 3.66
N LEU E 428 48.26 -41.54 4.27
CA LEU E 428 47.87 -41.38 5.67
C LEU E 428 46.38 -41.67 5.83
N ARG E 429 46.05 -42.52 6.79
CA ARG E 429 44.64 -42.86 7.05
C ARG E 429 44.30 -42.82 8.55
N GLY E 430 43.01 -42.81 8.85
CA GLY E 430 42.56 -42.76 10.22
C GLY E 430 41.80 -44.01 10.62
N GLN E 431 40.94 -43.91 11.61
CA GLN E 431 40.18 -45.06 12.08
C GLN E 431 38.85 -45.34 11.41
N ASN E 432 38.39 -44.45 10.54
CA ASN E 432 37.15 -44.67 9.83
C ASN E 432 37.09 -43.72 8.64
N GLU E 433 36.14 -43.94 7.75
CA GLU E 433 36.04 -43.11 6.57
C GLU E 433 35.86 -41.63 6.87
N ASP E 434 35.18 -41.31 7.98
CA ASP E 434 35.00 -39.92 8.33
C ASP E 434 36.36 -39.29 8.63
N GLN E 435 37.19 -39.99 9.40
CA GLN E 435 38.49 -39.43 9.73
C GLN E 435 39.35 -39.35 8.47
N ASN E 436 39.14 -40.28 7.56
CA ASN E 436 39.91 -40.28 6.32
C ASN E 436 39.59 -39.05 5.48
N VAL E 437 38.33 -38.64 5.49
CA VAL E 437 37.89 -37.47 4.76
C VAL E 437 38.51 -36.25 5.45
N GLY E 438 38.48 -36.26 6.77
CA GLY E 438 39.06 -35.16 7.53
C GLY E 438 40.50 -35.00 7.12
N ILE E 439 41.21 -36.13 7.00
CA ILE E 439 42.60 -36.08 6.59
C ILE E 439 42.74 -35.43 5.21
N LYS E 440 41.93 -35.87 4.26
CA LYS E 440 41.98 -35.32 2.91
C LYS E 440 41.59 -33.84 2.90
N VAL E 441 40.65 -33.46 3.75
CA VAL E 441 40.25 -32.05 3.81
C VAL E 441 41.48 -31.21 4.15
N ALA E 442 42.25 -31.69 5.14
CA ALA E 442 43.45 -31.00 5.57
C ALA E 442 44.54 -30.98 4.48
N LEU E 443 44.78 -32.12 3.85
CA LEU E 443 45.80 -32.20 2.81
C LEU E 443 45.47 -31.26 1.65
N ARG E 444 44.19 -31.19 1.29
CA ARG E 444 43.75 -30.31 0.21
C ARG E 444 43.96 -28.85 0.62
N ALA E 445 43.57 -28.54 1.85
CA ALA E 445 43.71 -27.19 2.36
C ALA E 445 45.14 -26.71 2.32
N MET E 446 46.10 -27.63 2.50
CA MET E 446 47.50 -27.24 2.48
C MET E 446 47.99 -26.70 1.15
N GLU E 447 47.14 -26.78 0.13
CA GLU E 447 47.48 -26.29 -1.19
C GLU E 447 46.94 -24.88 -1.38
N ALA E 448 46.09 -24.45 -0.45
CA ALA E 448 45.49 -23.13 -0.53
C ALA E 448 46.49 -21.99 -0.74
N PRO E 449 47.46 -21.83 0.18
CA PRO E 449 48.45 -20.76 0.07
C PRO E 449 49.08 -20.64 -1.31
N LEU E 450 49.76 -21.70 -1.76
CA LEU E 450 50.42 -21.64 -3.07
C LEU E 450 49.42 -21.28 -4.15
N ARG E 451 48.31 -22.00 -4.21
CA ARG E 451 47.30 -21.75 -5.22
C ARG E 451 46.89 -20.29 -5.24
N GLN E 452 46.66 -19.71 -4.07
CA GLN E 452 46.26 -18.30 -3.99
C GLN E 452 47.34 -17.41 -4.58
N ILE E 453 48.59 -17.66 -4.19
CA ILE E 453 49.73 -16.88 -4.69
C ILE E 453 49.75 -16.96 -6.22
N VAL E 454 49.70 -18.17 -6.75
CA VAL E 454 49.70 -18.34 -8.19
C VAL E 454 48.51 -17.60 -8.78
N LEU E 455 47.37 -17.65 -8.10
CA LEU E 455 46.18 -16.99 -8.61
C LEU E 455 46.40 -15.50 -8.71
N ASN E 456 46.95 -14.91 -7.65
CA ASN E 456 47.21 -13.48 -7.64
C ASN E 456 48.16 -13.10 -8.76
N CYS E 457 48.98 -14.06 -9.19
CA CYS E 457 49.94 -13.81 -10.26
C CYS E 457 49.31 -13.94 -11.64
N GLY E 458 48.07 -14.41 -11.67
CA GLY E 458 47.38 -14.58 -12.92
C GLY E 458 47.78 -15.85 -13.66
N GLU E 459 48.23 -16.86 -12.93
CA GLU E 459 48.62 -18.13 -13.57
C GLU E 459 47.61 -19.20 -13.17
N GLU E 460 47.64 -20.35 -13.81
CA GLU E 460 46.69 -21.41 -13.46
C GLU E 460 47.18 -22.16 -12.23
N PRO E 461 46.50 -21.98 -11.10
CA PRO E 461 46.85 -22.64 -9.83
C PRO E 461 47.04 -24.13 -9.94
N SER E 462 46.03 -24.82 -10.49
CA SER E 462 46.08 -26.27 -10.62
C SER E 462 47.30 -26.75 -11.43
N VAL E 463 47.73 -25.99 -12.41
CA VAL E 463 48.89 -26.40 -13.18
C VAL E 463 50.16 -26.26 -12.36
N VAL E 464 50.39 -25.09 -11.76
CA VAL E 464 51.59 -24.87 -10.94
C VAL E 464 51.59 -25.84 -9.77
N ALA E 465 50.44 -25.96 -9.12
CA ALA E 465 50.32 -26.85 -7.98
C ALA E 465 50.74 -28.25 -8.40
N ASN E 466 50.16 -28.70 -9.51
CA ASN E 466 50.44 -30.02 -10.03
C ASN E 466 51.93 -30.23 -10.26
N THR E 467 52.59 -29.27 -10.91
CA THR E 467 54.02 -29.38 -11.19
C THR E 467 54.85 -29.46 -9.92
N VAL E 468 54.63 -28.53 -9.01
CA VAL E 468 55.38 -28.52 -7.75
C VAL E 468 55.25 -29.87 -7.03
N LYS E 469 54.05 -30.45 -7.03
CA LYS E 469 53.85 -31.73 -6.37
C LYS E 469 54.73 -32.80 -7.01
N GLY E 470 54.89 -32.70 -8.31
CA GLY E 470 55.67 -33.67 -9.04
C GLY E 470 57.13 -33.68 -8.66
N GLY E 471 57.61 -32.59 -8.06
CA GLY E 471 59.01 -32.50 -7.66
C GLY E 471 59.31 -33.06 -6.28
N ASP E 472 60.47 -32.68 -5.73
CA ASP E 472 60.89 -33.14 -4.42
C ASP E 472 61.53 -32.07 -3.54
N GLY E 473 61.76 -32.41 -2.29
CA GLY E 473 62.39 -31.48 -1.36
C GLY E 473 61.86 -30.06 -1.43
N ASN E 474 62.75 -29.09 -1.58
CA ASN E 474 62.33 -27.71 -1.67
C ASN E 474 62.24 -27.21 -3.11
N TYR E 475 61.86 -28.12 -4.01
CA TYR E 475 61.68 -27.76 -5.41
C TYR E 475 60.33 -27.10 -5.46
N GLY E 476 60.24 -25.95 -6.13
CA GLY E 476 58.96 -25.28 -6.19
C GLY E 476 58.91 -24.20 -7.25
N TYR E 477 57.80 -23.46 -7.23
CA TYR E 477 57.55 -22.39 -8.17
C TYR E 477 57.91 -21.06 -7.55
N ASN E 478 58.71 -20.27 -8.25
CA ASN E 478 59.08 -18.94 -7.79
C ASN E 478 58.08 -18.00 -8.43
N ALA E 479 56.99 -17.71 -7.73
CA ALA E 479 55.92 -16.85 -8.25
C ALA E 479 56.41 -15.52 -8.82
N ALA E 480 57.47 -14.98 -8.22
CA ALA E 480 58.04 -13.72 -8.65
C ALA E 480 58.62 -13.79 -10.07
N THR E 481 59.38 -14.84 -10.34
CA THR E 481 60.03 -15.01 -11.64
C THR E 481 59.40 -16.04 -12.58
N GLU E 482 58.35 -16.72 -12.09
CA GLU E 482 57.67 -17.75 -12.87
C GLU E 482 58.61 -18.90 -13.22
N GLU E 483 59.66 -19.08 -12.41
CA GLU E 483 60.62 -20.16 -12.67
C GLU E 483 60.59 -21.23 -11.59
N TYR E 484 60.64 -22.49 -12.00
CA TYR E 484 60.67 -23.55 -11.01
C TYR E 484 62.13 -23.76 -10.64
N GLY E 485 62.38 -24.39 -9.51
CA GLY E 485 63.75 -24.63 -9.10
C GLY E 485 63.79 -24.84 -7.60
N ASN E 486 64.99 -24.75 -7.02
CA ASN E 486 65.11 -24.92 -5.59
C ASN E 486 64.74 -23.62 -4.90
N MET E 487 63.64 -23.65 -4.15
CA MET E 487 63.15 -22.48 -3.46
C MET E 487 64.18 -21.81 -2.54
N ILE E 488 64.95 -22.63 -1.81
CA ILE E 488 65.95 -22.07 -0.90
C ILE E 488 67.04 -21.40 -1.70
N ASP E 489 67.54 -22.08 -2.72
CA ASP E 489 68.58 -21.51 -3.56
C ASP E 489 68.11 -20.19 -4.14
N MET E 490 66.87 -20.15 -4.63
CA MET E 490 66.33 -18.92 -5.18
C MET E 490 66.04 -17.87 -4.11
N GLY E 491 66.34 -18.21 -2.86
CA GLY E 491 66.12 -17.28 -1.75
C GLY E 491 64.68 -16.99 -1.35
N ILE E 492 63.78 -17.94 -1.61
CA ILE E 492 62.38 -17.78 -1.27
C ILE E 492 62.06 -18.81 -0.19
N LEU E 493 62.18 -18.38 1.05
CA LEU E 493 61.95 -19.29 2.17
C LEU E 493 61.11 -18.71 3.29
N ASP E 494 60.77 -19.56 4.25
CA ASP E 494 59.99 -19.17 5.43
C ASP E 494 60.58 -19.86 6.63
N PRO E 495 60.58 -19.21 7.79
CA PRO E 495 61.14 -19.95 8.92
C PRO E 495 60.17 -21.13 9.13
N THR E 496 60.72 -22.31 9.31
CA THR E 496 59.89 -23.49 9.49
C THR E 496 58.87 -23.22 10.59
N LYS E 497 59.26 -22.41 11.57
CA LYS E 497 58.38 -22.08 12.68
C LYS E 497 57.11 -21.31 12.25
N VAL E 498 57.22 -20.42 11.27
CA VAL E 498 56.02 -19.70 10.86
C VAL E 498 55.06 -20.59 10.07
N THR E 499 55.60 -21.45 9.21
CA THR E 499 54.74 -22.34 8.45
C THR E 499 54.07 -23.32 9.42
N ARG E 500 54.84 -23.85 10.37
CA ARG E 500 54.28 -24.79 11.33
C ARG E 500 53.16 -24.12 12.13
N SER E 501 53.43 -22.92 12.62
CA SER E 501 52.45 -22.20 13.42
C SER E 501 51.19 -21.87 12.61
N ALA E 502 51.37 -21.33 11.41
CA ALA E 502 50.25 -20.97 10.56
C ALA E 502 49.32 -22.17 10.38
N LEU E 503 49.90 -23.35 10.11
CA LEU E 503 49.10 -24.55 9.91
C LEU E 503 48.41 -24.99 11.18
N GLN E 504 49.16 -25.10 12.28
CA GLN E 504 48.57 -25.56 13.53
C GLN E 504 47.45 -24.65 14.02
N TYR E 505 47.67 -23.34 13.99
CA TYR E 505 46.63 -22.44 14.44
C TYR E 505 45.40 -22.50 13.54
N ALA E 506 45.63 -22.51 12.22
CA ALA E 506 44.53 -22.55 11.28
C ALA E 506 43.70 -23.79 11.56
N ALA E 507 44.38 -24.92 11.65
CA ALA E 507 43.69 -26.19 11.90
C ALA E 507 42.94 -26.13 13.21
N SER E 508 43.52 -25.44 14.19
CA SER E 508 42.90 -25.35 15.49
C SER E 508 41.51 -24.70 15.43
N VAL E 509 41.44 -23.49 14.89
CA VAL E 509 40.17 -22.78 14.82
C VAL E 509 39.21 -23.49 13.85
N ALA E 510 39.74 -24.11 12.80
CA ALA E 510 38.89 -24.81 11.86
C ALA E 510 38.24 -26.00 12.57
N GLY E 511 39.04 -26.69 13.39
CA GLY E 511 38.51 -27.83 14.11
C GLY E 511 37.37 -27.43 15.01
N LEU E 512 37.54 -26.30 15.70
CA LEU E 512 36.52 -25.80 16.62
C LEU E 512 35.22 -25.43 15.93
N MET E 513 35.33 -24.78 14.78
CA MET E 513 34.14 -24.38 14.02
C MET E 513 33.41 -25.58 13.45
N ILE E 514 34.14 -26.52 12.87
CA ILE E 514 33.53 -27.72 12.31
C ILE E 514 32.71 -28.46 13.39
N THR E 515 33.13 -28.33 14.64
CA THR E 515 32.45 -29.01 15.72
C THR E 515 31.56 -28.07 16.54
N THR E 516 31.04 -27.03 15.90
CA THR E 516 30.15 -26.10 16.58
C THR E 516 28.71 -26.42 16.21
N GLU E 517 27.83 -26.49 17.21
CA GLU E 517 26.42 -26.79 16.98
C GLU E 517 25.49 -25.68 17.38
N CYS E 518 25.98 -24.76 18.20
CA CYS E 518 25.14 -23.68 18.66
C CYS E 518 25.92 -22.39 18.80
N MET E 519 25.24 -21.27 18.56
CA MET E 519 25.86 -19.96 18.69
C MET E 519 24.90 -19.03 19.41
N VAL E 520 25.41 -18.30 20.38
CA VAL E 520 24.59 -17.38 21.17
C VAL E 520 25.16 -15.98 21.08
N THR E 521 24.30 -15.00 20.77
CA THR E 521 24.76 -13.63 20.68
C THR E 521 23.63 -12.68 21.03
N ASP E 522 23.95 -11.40 21.11
CA ASP E 522 22.94 -10.41 21.41
C ASP E 522 21.99 -10.11 20.26
N LEU E 523 20.80 -9.67 20.64
CA LEU E 523 19.78 -9.33 19.67
C LEU E 523 20.21 -8.03 18.99
N PRO E 524 20.06 -7.94 17.66
CA PRO E 524 20.45 -6.72 16.95
C PRO E 524 19.78 -5.42 17.44
N ALA F 1 34.13 -0.74 14.38
CA ALA F 1 32.69 -0.63 14.00
C ALA F 1 32.44 -1.55 12.82
N ALA F 2 31.20 -2.00 12.66
CA ALA F 2 30.88 -2.87 11.54
C ALA F 2 31.32 -2.15 10.27
N LYS F 3 31.99 -2.89 9.40
CA LYS F 3 32.48 -2.34 8.15
C LYS F 3 31.68 -2.81 6.95
N ASP F 4 31.88 -2.14 5.84
CA ASP F 4 31.22 -2.49 4.59
C ASP F 4 32.41 -2.86 3.70
N VAL F 5 32.47 -4.12 3.27
CA VAL F 5 33.60 -4.54 2.44
C VAL F 5 33.20 -4.85 1.01
N LYS F 6 33.95 -4.29 0.05
CA LYS F 6 33.66 -4.56 -1.35
C LYS F 6 34.87 -5.16 -2.03
N PHE F 7 34.61 -6.05 -2.97
CA PHE F 7 35.68 -6.73 -3.67
C PHE F 7 35.68 -6.52 -5.17
N GLY F 8 36.83 -6.85 -5.76
CA GLY F 8 37.04 -6.73 -7.19
C GLY F 8 36.27 -5.64 -7.92
N ASN F 9 35.68 -6.03 -9.03
CA ASN F 9 34.95 -5.10 -9.88
C ASN F 9 33.95 -4.20 -9.19
N ASP F 10 33.16 -4.76 -8.28
CA ASP F 10 32.18 -3.95 -7.58
C ASP F 10 32.89 -2.78 -6.90
N ALA F 11 34.05 -3.04 -6.31
CA ALA F 11 34.81 -2.01 -5.63
C ALA F 11 35.37 -1.00 -6.63
N ARG F 12 35.97 -1.51 -7.70
CA ARG F 12 36.56 -0.64 -8.70
C ARG F 12 35.61 0.33 -9.40
N VAL F 13 34.38 -0.10 -9.72
CA VAL F 13 33.47 0.85 -10.36
C VAL F 13 33.15 1.97 -9.39
N LYS F 14 32.99 1.66 -8.11
CA LYS F 14 32.73 2.67 -7.11
C LYS F 14 33.85 3.71 -7.10
N MET F 15 35.10 3.24 -7.10
CA MET F 15 36.22 4.15 -7.10
C MET F 15 36.19 5.02 -8.32
N LEU F 16 36.11 4.39 -9.49
CA LEU F 16 36.08 5.11 -10.74
C LEU F 16 35.01 6.18 -10.71
N ARG F 17 33.81 5.75 -10.34
CA ARG F 17 32.67 6.64 -10.25
C ARG F 17 33.03 7.88 -9.42
N GLY F 18 33.74 7.65 -8.32
CA GLY F 18 34.16 8.74 -7.46
C GLY F 18 35.20 9.63 -8.10
N VAL F 19 36.23 9.09 -8.72
CA VAL F 19 37.22 9.96 -9.32
C VAL F 19 36.63 10.70 -10.51
N ASN F 20 35.57 10.15 -11.10
CA ASN F 20 34.93 10.82 -12.23
C ASN F 20 34.25 12.10 -11.80
N VAL F 21 33.67 12.10 -10.61
CA VAL F 21 33.02 13.31 -10.11
C VAL F 21 34.11 14.36 -9.92
N LEU F 22 35.18 13.96 -9.24
CA LEU F 22 36.28 14.87 -8.99
C LEU F 22 36.89 15.40 -10.28
N ALA F 23 37.29 14.50 -11.16
CA ALA F 23 37.88 14.91 -12.42
C ALA F 23 36.96 15.77 -13.27
N ASP F 24 35.70 15.38 -13.39
CA ASP F 24 34.78 16.15 -14.21
C ASP F 24 34.57 17.56 -13.67
N ALA F 25 34.54 17.69 -12.35
CA ALA F 25 34.34 18.99 -11.71
C ALA F 25 35.57 19.87 -11.90
N VAL F 26 36.72 19.26 -11.85
CA VAL F 26 37.96 20.01 -12.01
C VAL F 26 38.40 20.31 -13.45
N LYS F 27 38.28 19.34 -14.34
CA LYS F 27 38.73 19.54 -15.72
C LYS F 27 38.04 20.60 -16.58
N VAL F 28 36.86 21.06 -16.19
CA VAL F 28 36.21 22.08 -17.01
C VAL F 28 36.96 23.41 -16.90
N THR F 29 37.78 23.56 -15.87
CA THR F 29 38.51 24.81 -15.71
C THR F 29 39.78 24.84 -16.55
N LEU F 30 40.19 23.67 -17.04
CA LEU F 30 41.44 23.53 -17.79
C LEU F 30 41.59 24.39 -19.04
N GLY F 31 42.79 24.93 -19.22
CA GLY F 31 43.08 25.76 -20.38
C GLY F 31 42.64 27.20 -20.31
N PRO F 32 42.95 27.99 -21.36
CA PRO F 32 42.57 29.40 -21.41
C PRO F 32 41.06 29.65 -21.54
N LYS F 33 40.33 28.68 -22.09
CA LYS F 33 38.88 28.84 -22.24
C LYS F 33 38.13 28.02 -21.19
N GLY F 34 38.78 27.82 -20.05
CA GLY F 34 38.19 27.06 -18.97
C GLY F 34 36.92 27.72 -18.44
N ARG F 35 36.00 26.90 -17.95
CA ARG F 35 34.73 27.37 -17.43
C ARG F 35 34.78 27.72 -15.94
N ASN F 36 33.68 28.27 -15.44
CA ASN F 36 33.56 28.63 -14.04
C ASN F 36 32.88 27.53 -13.26
N VAL F 37 33.33 27.31 -12.02
CA VAL F 37 32.70 26.34 -11.14
C VAL F 37 32.21 27.18 -9.96
N VAL F 38 30.94 26.99 -9.58
CA VAL F 38 30.38 27.75 -8.48
C VAL F 38 30.43 26.90 -7.23
N LEU F 39 31.14 27.40 -6.23
CA LEU F 39 31.27 26.69 -4.98
C LEU F 39 30.43 27.39 -3.90
N ASP F 40 29.47 26.65 -3.37
CA ASP F 40 28.58 27.21 -2.36
C ASP F 40 29.19 27.32 -0.97
N LYS F 41 28.92 28.44 -0.32
CA LYS F 41 29.37 28.71 1.05
C LYS F 41 28.10 28.89 1.84
N SER F 42 28.03 28.26 3.01
CA SER F 42 26.84 28.37 3.86
C SER F 42 26.47 29.84 4.10
N PHE F 43 27.48 30.70 4.17
CA PHE F 43 27.26 32.13 4.41
C PHE F 43 27.45 33.04 3.19
N GLY F 44 26.38 33.76 2.84
CA GLY F 44 26.48 34.69 1.73
C GLY F 44 26.31 34.16 0.33
N ALA F 45 27.00 34.80 -0.61
CA ALA F 45 26.93 34.44 -2.03
C ALA F 45 27.93 33.38 -2.34
N PRO F 46 27.66 32.57 -3.36
CA PRO F 46 28.57 31.50 -3.76
C PRO F 46 29.86 32.10 -4.27
N THR F 47 30.87 31.25 -4.41
CA THR F 47 32.16 31.65 -4.92
C THR F 47 32.24 31.16 -6.36
N ILE F 48 32.59 32.02 -7.29
CA ILE F 48 32.71 31.56 -8.67
C ILE F 48 34.21 31.48 -8.90
N THR F 49 34.68 30.37 -9.44
CA THR F 49 36.12 30.20 -9.65
C THR F 49 36.49 29.37 -10.86
N LYS F 50 37.74 29.54 -11.31
CA LYS F 50 38.26 28.77 -12.43
C LYS F 50 39.50 28.03 -11.93
N ASP F 51 39.67 28.05 -10.61
CA ASP F 51 40.81 27.40 -9.99
C ASP F 51 40.53 25.95 -9.62
N GLY F 52 41.13 25.03 -10.37
CA GLY F 52 40.95 23.62 -10.12
C GLY F 52 41.29 23.21 -8.69
N VAL F 53 42.28 23.84 -8.08
CA VAL F 53 42.66 23.49 -6.71
C VAL F 53 41.55 23.81 -5.70
N SER F 54 40.90 24.96 -5.88
CA SER F 54 39.82 25.36 -5.01
C SER F 54 38.68 24.37 -5.16
N VAL F 55 38.31 24.07 -6.41
CA VAL F 55 37.22 23.14 -6.68
C VAL F 55 37.52 21.79 -6.05
N ALA F 56 38.70 21.24 -6.30
CA ALA F 56 39.06 19.94 -5.75
C ALA F 56 38.96 19.88 -4.24
N ARG F 57 39.34 20.96 -3.57
CA ARG F 57 39.29 21.03 -2.11
C ARG F 57 37.87 20.72 -1.61
N GLU F 58 36.88 21.28 -2.29
CA GLU F 58 35.48 21.13 -1.92
C GLU F 58 34.83 19.78 -2.23
N ILE F 59 35.50 18.94 -3.01
CA ILE F 59 34.90 17.67 -3.38
C ILE F 59 34.96 16.55 -2.36
N GLU F 60 33.77 16.15 -1.91
CA GLU F 60 33.61 15.05 -0.96
C GLU F 60 32.29 14.39 -1.33
N LEU F 61 32.31 13.08 -1.54
CA LEU F 61 31.11 12.36 -1.95
C LEU F 61 30.40 11.62 -0.82
N GLU F 62 29.07 11.51 -0.92
CA GLU F 62 28.30 10.83 0.11
C GLU F 62 28.53 9.32 0.18
N ASP F 63 28.61 8.66 -0.97
CA ASP F 63 28.86 7.21 -0.99
C ASP F 63 30.29 6.98 -0.48
N LYS F 64 30.43 6.20 0.57
CA LYS F 64 31.75 5.99 1.15
C LYS F 64 32.81 5.49 0.18
N PHE F 65 32.46 4.52 -0.65
CA PHE F 65 33.40 3.96 -1.61
C PHE F 65 33.80 4.98 -2.69
N GLU F 66 32.80 5.60 -3.30
CA GLU F 66 33.06 6.60 -4.33
C GLU F 66 33.94 7.70 -3.74
N ASN F 67 33.67 8.07 -2.49
CA ASN F 67 34.45 9.10 -1.85
C ASN F 67 35.90 8.70 -1.67
N MET F 68 36.15 7.43 -1.35
CA MET F 68 37.52 6.97 -1.18
C MET F 68 38.26 7.16 -2.49
N GLY F 69 37.57 6.90 -3.59
CA GLY F 69 38.20 7.07 -4.89
C GLY F 69 38.60 8.52 -5.13
N ALA F 70 37.68 9.43 -4.87
CA ALA F 70 37.95 10.84 -5.06
C ALA F 70 39.07 11.30 -4.13
N GLN F 71 38.99 10.93 -2.86
CA GLN F 71 40.01 11.34 -1.92
C GLN F 71 41.40 10.83 -2.26
N MET F 72 41.47 9.64 -2.84
CA MET F 72 42.76 9.09 -3.22
C MET F 72 43.48 9.88 -4.30
N VAL F 73 42.80 10.22 -5.41
CA VAL F 73 43.53 10.96 -6.45
C VAL F 73 43.69 12.40 -5.99
N LYS F 74 42.71 12.85 -5.22
CA LYS F 74 42.73 14.20 -4.70
C LYS F 74 44.01 14.43 -3.88
N GLU F 75 44.35 13.44 -3.04
CA GLU F 75 45.54 13.55 -2.19
C GLU F 75 46.84 13.52 -2.96
N VAL F 76 46.94 12.61 -3.92
CA VAL F 76 48.16 12.50 -4.74
C VAL F 76 48.34 13.71 -5.67
N ALA F 77 47.27 14.14 -6.32
CA ALA F 77 47.36 15.28 -7.22
C ALA F 77 47.78 16.54 -6.47
N SER F 78 47.36 16.66 -5.22
CA SER F 78 47.70 17.85 -4.43
C SER F 78 49.22 17.93 -4.31
N LYS F 79 49.88 16.77 -4.24
CA LYS F 79 51.33 16.72 -4.13
C LYS F 79 52.04 17.35 -5.32
N ALA F 80 51.44 17.27 -6.50
CA ALA F 80 52.04 17.87 -7.68
C ALA F 80 52.17 19.37 -7.46
N ASN F 81 51.08 19.98 -6.99
CA ASN F 81 51.06 21.42 -6.73
C ASN F 81 52.07 21.78 -5.64
N ASP F 82 52.14 20.98 -4.59
CA ASP F 82 53.08 21.24 -3.51
C ASP F 82 54.51 21.21 -4.06
N ALA F 83 54.80 20.21 -4.86
CA ALA F 83 56.13 20.05 -5.44
C ALA F 83 56.57 21.11 -6.45
N ALA F 84 55.71 21.47 -7.40
CA ALA F 84 56.10 22.45 -8.42
C ALA F 84 55.26 23.72 -8.48
N GLY F 85 54.33 23.87 -7.57
CA GLY F 85 53.49 25.06 -7.58
C GLY F 85 52.40 25.06 -8.64
N ASP F 86 52.13 23.91 -9.25
CA ASP F 86 51.10 23.81 -10.27
C ASP F 86 50.98 22.37 -10.74
N GLY F 87 49.94 22.10 -11.54
CA GLY F 87 49.75 20.76 -12.09
C GLY F 87 48.76 19.85 -11.41
N THR F 88 48.09 20.32 -10.37
CA THR F 88 47.12 19.48 -9.70
C THR F 88 45.96 19.06 -10.61
N THR F 89 45.35 20.01 -11.29
CA THR F 89 44.26 19.70 -12.18
C THR F 89 44.74 18.71 -13.25
N THR F 90 45.89 19.01 -13.86
CA THR F 90 46.45 18.15 -14.89
C THR F 90 46.60 16.73 -14.38
N ALA F 91 47.27 16.58 -13.23
CA ALA F 91 47.49 15.28 -12.63
C ALA F 91 46.14 14.59 -12.48
N THR F 92 45.12 15.34 -12.07
CA THR F 92 43.78 14.79 -11.90
C THR F 92 43.18 14.30 -13.23
N VAL F 93 43.21 15.10 -14.29
CA VAL F 93 42.66 14.60 -15.55
C VAL F 93 43.50 13.44 -16.10
N LEU F 94 44.80 13.45 -15.85
CA LEU F 94 45.65 12.36 -16.31
C LEU F 94 45.25 11.11 -15.55
N ALA F 95 45.10 11.25 -14.24
CA ALA F 95 44.73 10.11 -13.41
C ALA F 95 43.41 9.52 -13.89
N GLN F 96 42.43 10.36 -14.20
CA GLN F 96 41.14 9.86 -14.66
C GLN F 96 41.34 9.03 -15.93
N ALA F 97 42.13 9.57 -16.86
CA ALA F 97 42.41 8.90 -18.14
C ALA F 97 43.06 7.55 -17.94
N ILE F 98 44.11 7.50 -17.12
CA ILE F 98 44.80 6.25 -16.89
C ILE F 98 43.88 5.24 -16.21
N ILE F 99 43.20 5.68 -15.15
CA ILE F 99 42.31 4.78 -14.40
C ILE F 99 41.18 4.21 -15.24
N THR F 100 40.56 5.05 -16.06
CA THR F 100 39.46 4.62 -16.90
C THR F 100 39.85 3.50 -17.84
N GLU F 101 40.90 3.71 -18.63
CA GLU F 101 41.34 2.69 -19.57
C GLU F 101 41.94 1.50 -18.84
N GLY F 102 42.68 1.78 -17.77
CA GLY F 102 43.29 0.72 -17.01
C GLY F 102 42.24 -0.26 -16.52
N LEU F 103 41.16 0.26 -15.96
CA LEU F 103 40.10 -0.59 -15.46
C LEU F 103 39.44 -1.39 -16.60
N LYS F 104 39.23 -0.78 -17.75
CA LYS F 104 38.64 -1.49 -18.88
C LYS F 104 39.48 -2.72 -19.19
N ALA F 105 40.79 -2.51 -19.25
CA ALA F 105 41.72 -3.59 -19.53
C ALA F 105 41.58 -4.68 -18.46
N VAL F 106 41.46 -4.28 -17.20
CA VAL F 106 41.31 -5.23 -16.11
C VAL F 106 40.03 -6.04 -16.28
N ALA F 107 38.94 -5.37 -16.65
CA ALA F 107 37.65 -6.04 -16.84
C ALA F 107 37.72 -7.02 -18.00
N ALA F 108 38.54 -6.68 -18.99
CA ALA F 108 38.71 -7.52 -20.17
C ALA F 108 39.52 -8.76 -19.77
N GLY F 109 40.04 -8.77 -18.55
CA GLY F 109 40.77 -9.92 -18.07
C GLY F 109 42.29 -9.83 -18.08
N MET F 110 42.83 -8.65 -18.38
CA MET F 110 44.27 -8.49 -18.38
C MET F 110 44.78 -8.38 -16.94
N ASN F 111 46.04 -8.74 -16.71
CA ASN F 111 46.58 -8.71 -15.35
C ASN F 111 46.90 -7.32 -14.83
N PRO F 112 46.28 -6.93 -13.70
CA PRO F 112 46.49 -5.62 -13.08
C PRO F 112 47.94 -5.29 -12.81
N MET F 113 48.69 -6.26 -12.28
CA MET F 113 50.10 -5.98 -11.99
C MET F 113 50.89 -5.70 -13.26
N ASP F 114 50.56 -6.39 -14.36
CA ASP F 114 51.29 -6.15 -15.60
C ASP F 114 50.89 -4.81 -16.19
N LEU F 115 49.60 -4.49 -16.11
CA LEU F 115 49.10 -3.22 -16.64
C LEU F 115 49.84 -2.10 -15.95
N LYS F 116 49.98 -2.22 -14.64
CA LYS F 116 50.66 -1.20 -13.88
C LYS F 116 52.13 -1.10 -14.29
N ARG F 117 52.80 -2.24 -14.38
CA ARG F 117 54.20 -2.23 -14.76
C ARG F 117 54.40 -1.55 -16.13
N GLY F 118 53.48 -1.78 -17.05
CA GLY F 118 53.56 -1.19 -18.37
C GLY F 118 53.37 0.29 -18.30
N ILE F 119 52.39 0.72 -17.50
CA ILE F 119 52.10 2.14 -17.32
C ILE F 119 53.35 2.84 -16.77
N ASP F 120 53.97 2.20 -15.79
CA ASP F 120 55.15 2.76 -15.17
C ASP F 120 56.31 2.87 -16.15
N LYS F 121 56.50 1.84 -16.97
CA LYS F 121 57.58 1.85 -17.94
C LYS F 121 57.39 3.01 -18.92
N ALA F 122 56.15 3.18 -19.37
CA ALA F 122 55.81 4.25 -20.29
C ALA F 122 56.10 5.61 -19.66
N VAL F 123 55.71 5.77 -18.40
CA VAL F 123 55.93 7.02 -17.68
C VAL F 123 57.42 7.29 -17.51
N THR F 124 58.19 6.26 -17.18
CA THR F 124 59.63 6.46 -16.99
C THR F 124 60.28 6.94 -18.27
N ALA F 125 59.81 6.40 -19.39
CA ALA F 125 60.33 6.79 -20.69
C ALA F 125 59.85 8.21 -20.98
N ALA F 126 58.59 8.47 -20.67
CA ALA F 126 58.02 9.80 -20.91
C ALA F 126 58.78 10.88 -20.15
N VAL F 127 59.16 10.60 -18.90
CA VAL F 127 59.89 11.57 -18.12
C VAL F 127 61.26 11.88 -18.72
N GLU F 128 61.91 10.86 -19.27
CA GLU F 128 63.22 11.07 -19.86
C GLU F 128 63.09 11.86 -21.15
N GLU F 129 62.02 11.58 -21.88
CA GLU F 129 61.76 12.26 -23.14
C GLU F 129 61.46 13.71 -22.84
N LEU F 130 60.88 13.95 -21.66
CA LEU F 130 60.52 15.29 -21.20
C LEU F 130 61.77 16.11 -20.89
N LYS F 131 62.80 15.46 -20.36
CA LYS F 131 64.06 16.15 -20.06
C LYS F 131 64.72 16.56 -21.37
N ALA F 132 64.62 15.70 -22.37
CA ALA F 132 65.21 15.95 -23.67
C ALA F 132 64.56 17.11 -24.42
N LEU F 133 63.24 17.26 -24.24
CA LEU F 133 62.44 18.30 -24.89
C LEU F 133 62.67 19.68 -24.25
N SER F 134 62.94 19.63 -22.96
CA SER F 134 63.16 20.78 -22.11
C SER F 134 64.24 21.79 -22.51
N VAL F 135 63.91 23.07 -22.35
CA VAL F 135 64.83 24.17 -22.64
C VAL F 135 65.28 24.71 -21.28
N PRO F 136 66.60 24.93 -21.11
CA PRO F 136 67.14 25.43 -19.84
C PRO F 136 66.77 26.86 -19.49
N CYS F 137 66.71 27.13 -18.20
CA CYS F 137 66.40 28.46 -17.71
C CYS F 137 67.46 28.74 -16.66
N SER F 138 68.58 29.32 -17.08
CA SER F 138 69.69 29.57 -16.16
C SER F 138 70.19 31.00 -15.98
N ASP F 139 70.47 31.71 -17.07
CA ASP F 139 70.92 33.09 -16.95
C ASP F 139 69.77 33.92 -16.40
N SER F 140 70.06 35.01 -15.71
CA SER F 140 68.96 35.80 -15.15
C SER F 140 68.12 36.52 -16.20
N LYS F 141 68.51 36.40 -17.46
CA LYS F 141 67.72 37.05 -18.50
C LYS F 141 66.50 36.16 -18.72
N ALA F 142 66.76 34.85 -18.74
CA ALA F 142 65.72 33.86 -18.93
C ALA F 142 64.83 33.83 -17.69
N ILE F 143 65.45 33.87 -16.53
CA ILE F 143 64.70 33.85 -15.28
C ILE F 143 63.66 34.96 -15.30
N ALA F 144 64.04 36.13 -15.77
CA ALA F 144 63.13 37.26 -15.83
C ALA F 144 62.00 36.99 -16.82
N GLN F 145 62.32 36.38 -17.95
CA GLN F 145 61.32 36.09 -18.97
C GLN F 145 60.26 35.12 -18.45
N VAL F 146 60.71 34.05 -17.81
CA VAL F 146 59.82 33.03 -17.25
C VAL F 146 58.95 33.64 -16.17
N GLY F 147 59.53 34.55 -15.38
CA GLY F 147 58.76 35.19 -14.34
C GLY F 147 57.74 36.15 -14.91
N THR F 148 58.10 36.74 -16.04
CA THR F 148 57.21 37.68 -16.72
C THR F 148 56.00 36.95 -17.26
N ILE F 149 56.25 35.79 -17.86
CA ILE F 149 55.18 34.98 -18.43
C ILE F 149 54.28 34.44 -17.34
N SER F 150 54.89 34.02 -16.23
CA SER F 150 54.13 33.47 -15.12
C SER F 150 53.36 34.54 -14.38
N ALA F 151 53.67 35.80 -14.65
CA ALA F 151 52.99 36.91 -13.99
C ALA F 151 52.05 37.62 -14.95
N ASN F 152 51.62 36.88 -15.97
CA ASN F 152 50.69 37.38 -16.97
C ASN F 152 51.28 38.53 -17.78
N SER F 153 52.52 38.36 -18.22
CA SER F 153 53.21 39.34 -19.03
C SER F 153 53.58 40.63 -18.31
N ASP F 154 53.77 40.54 -17.00
CA ASP F 154 54.14 41.71 -16.22
C ASP F 154 55.67 41.70 -16.10
N GLU F 155 56.35 42.47 -16.94
CA GLU F 155 57.80 42.52 -16.92
C GLU F 155 58.37 42.89 -15.57
N THR F 156 57.62 43.70 -14.81
CA THR F 156 58.03 44.12 -13.48
C THR F 156 58.30 42.94 -12.57
N VAL F 157 57.35 42.01 -12.52
CA VAL F 157 57.46 40.82 -11.69
C VAL F 157 58.67 39.98 -12.09
N GLY F 158 58.89 39.83 -13.40
CA GLY F 158 60.03 39.07 -13.87
C GLY F 158 61.32 39.71 -13.40
N LYS F 159 61.37 41.04 -13.50
CA LYS F 159 62.53 41.82 -13.07
C LYS F 159 62.75 41.63 -11.58
N LEU F 160 61.68 41.74 -10.82
CA LEU F 160 61.76 41.56 -9.37
C LEU F 160 62.35 40.22 -8.98
N ILE F 161 61.80 39.16 -9.54
CA ILE F 161 62.27 37.81 -9.23
C ILE F 161 63.72 37.58 -9.65
N ALA F 162 64.09 38.10 -10.82
CA ALA F 162 65.45 37.92 -11.29
C ALA F 162 66.43 38.60 -10.33
N GLU F 163 66.08 39.81 -9.88
CA GLU F 163 66.90 40.57 -8.95
C GLU F 163 67.06 39.81 -7.63
N ALA F 164 65.96 39.27 -7.11
CA ALA F 164 66.00 38.54 -5.85
C ALA F 164 66.86 37.30 -5.97
N MET F 165 66.64 36.52 -7.04
CA MET F 165 67.43 35.32 -7.25
C MET F 165 68.89 35.62 -7.39
N ASP F 166 69.19 36.81 -7.90
CA ASP F 166 70.57 37.23 -8.08
C ASP F 166 71.19 37.49 -6.71
N LYS F 167 70.42 38.10 -5.81
CA LYS F 167 70.87 38.42 -4.46
C LYS F 167 71.21 37.17 -3.65
N VAL F 168 70.22 36.32 -3.44
CA VAL F 168 70.42 35.12 -2.64
C VAL F 168 70.85 33.86 -3.39
N GLY F 169 70.97 33.96 -4.70
CA GLY F 169 71.38 32.79 -5.47
C GLY F 169 70.21 31.90 -5.84
N LYS F 170 70.39 31.04 -6.82
CA LYS F 170 69.31 30.15 -7.26
C LYS F 170 68.78 29.26 -6.15
N GLU F 171 69.65 28.89 -5.23
CA GLU F 171 69.26 28.03 -4.12
C GLU F 171 68.74 28.84 -2.94
N GLY F 172 68.95 30.15 -2.98
CA GLY F 172 68.50 30.99 -1.90
C GLY F 172 67.02 30.90 -1.51
N VAL F 173 66.70 31.46 -0.35
CA VAL F 173 65.34 31.49 0.14
C VAL F 173 64.73 32.84 -0.25
N ILE F 174 63.59 32.84 -0.93
CA ILE F 174 62.95 34.08 -1.33
C ILE F 174 61.54 34.17 -0.77
N THR F 175 61.26 35.26 -0.07
CA THR F 175 59.97 35.49 0.57
C THR F 175 59.31 36.72 -0.04
N VAL F 176 57.98 36.76 -0.01
CA VAL F 176 57.28 37.93 -0.53
C VAL F 176 56.18 38.35 0.44
N GLU F 177 56.07 39.65 0.67
CA GLU F 177 55.06 40.19 1.57
C GLU F 177 54.55 41.55 1.13
N ASP F 178 53.44 41.98 1.72
CA ASP F 178 52.84 43.28 1.37
C ASP F 178 53.86 44.40 1.38
N GLY F 179 53.70 45.33 0.46
CA GLY F 179 54.59 46.48 0.40
C GLY F 179 54.10 47.61 1.29
N THR F 180 54.96 48.59 1.52
CA THR F 180 54.62 49.73 2.34
C THR F 180 54.10 50.88 1.48
N GLY F 181 53.96 50.65 0.17
CA GLY F 181 53.43 51.68 -0.70
C GLY F 181 54.08 51.83 -2.07
N LEU F 182 53.25 51.90 -3.11
CA LEU F 182 53.69 52.06 -4.49
C LEU F 182 55.20 52.09 -4.70
N GLN F 183 55.84 50.93 -4.61
CA GLN F 183 57.28 50.79 -4.78
C GLN F 183 57.80 49.55 -4.10
N ASP F 184 58.44 48.70 -4.87
CA ASP F 184 58.96 47.45 -4.36
C ASP F 184 60.24 47.65 -3.56
N GLU F 185 60.53 46.69 -2.69
CA GLU F 185 61.75 46.74 -1.91
C GLU F 185 62.29 45.32 -1.88
N LEU F 186 63.61 45.19 -1.93
CA LEU F 186 64.22 43.87 -1.89
C LEU F 186 65.33 43.93 -0.87
N ASP F 187 65.25 43.09 0.16
CA ASP F 187 66.28 43.08 1.21
C ASP F 187 66.55 41.69 1.68
N VAL F 188 67.81 41.41 2.03
CA VAL F 188 68.16 40.09 2.55
C VAL F 188 68.28 40.27 4.05
N VAL F 189 67.65 39.39 4.82
CA VAL F 189 67.66 39.51 6.28
C VAL F 189 68.00 38.22 6.99
N GLU F 190 68.13 38.31 8.33
CA GLU F 190 68.45 37.14 9.14
C GLU F 190 67.28 36.20 9.04
N GLY F 191 67.52 34.96 8.63
CA GLY F 191 66.42 34.05 8.51
C GLY F 191 66.87 32.66 8.14
N MET F 192 65.90 31.76 8.03
CA MET F 192 66.22 30.39 7.72
C MET F 192 64.97 29.64 7.27
N GLN F 193 65.17 28.48 6.66
CA GLN F 193 64.07 27.64 6.22
C GLN F 193 64.46 26.18 6.40
N PHE F 194 63.56 25.35 6.92
CA PHE F 194 63.85 23.94 7.09
C PHE F 194 62.68 23.09 6.59
N ASP F 195 62.98 21.83 6.33
CA ASP F 195 61.98 20.91 5.78
C ASP F 195 61.03 20.24 6.74
N ARG F 196 60.11 21.03 7.29
CA ARG F 196 59.09 20.54 8.20
C ARG F 196 57.86 21.41 7.98
N GLY F 197 56.71 20.78 7.76
CA GLY F 197 55.48 21.51 7.53
C GLY F 197 54.60 21.47 8.75
N TYR F 198 53.42 22.08 8.67
CA TYR F 198 52.49 22.08 9.79
C TYR F 198 52.16 20.67 10.24
N LEU F 199 52.09 20.47 11.55
CA LEU F 199 51.78 19.17 12.12
C LEU F 199 50.31 18.86 11.95
N SER F 200 49.59 19.79 11.34
CA SER F 200 48.17 19.63 11.13
C SER F 200 47.64 20.79 10.31
N PRO F 201 46.70 20.53 9.38
CA PRO F 201 46.20 21.68 8.63
C PRO F 201 45.40 22.44 9.69
N TYR F 202 44.39 23.20 9.31
CA TYR F 202 43.64 23.94 10.34
C TYR F 202 44.50 25.09 10.82
N PHE F 203 45.78 24.81 11.07
CA PHE F 203 46.71 25.85 11.50
C PHE F 203 46.79 26.82 10.33
N ILE F 204 46.35 26.33 9.17
CA ILE F 204 46.34 27.10 7.94
C ILE F 204 45.44 28.30 8.10
N ASN F 205 45.95 29.50 7.81
CA ASN F 205 45.15 30.72 7.90
C ASN F 205 45.23 31.50 6.59
N LYS F 206 45.67 30.82 5.55
CA LYS F 206 45.78 31.41 4.22
C LYS F 206 45.37 30.31 3.25
N PRO F 207 44.13 29.80 3.37
CA PRO F 207 43.60 28.73 2.51
C PRO F 207 44.04 28.85 1.05
N GLU F 208 44.14 30.08 0.57
CA GLU F 208 44.58 30.34 -0.81
C GLU F 208 45.85 29.55 -1.07
N THR F 209 46.92 29.94 -0.38
CA THR F 209 48.24 29.30 -0.51
C THR F 209 48.38 28.06 0.38
N GLY F 210 47.33 27.74 1.12
CA GLY F 210 47.36 26.59 2.01
C GLY F 210 48.51 26.66 3.00
N ALA F 211 48.82 27.86 3.45
CA ALA F 211 49.92 28.08 4.40
C ALA F 211 49.49 28.73 5.70
N VAL F 212 50.34 28.60 6.71
CA VAL F 212 50.09 29.22 8.00
C VAL F 212 51.01 30.42 7.96
N GLU F 213 50.48 31.60 8.23
CA GLU F 213 51.30 32.81 8.18
C GLU F 213 51.18 33.57 9.50
N LEU F 214 52.23 33.57 10.31
CA LEU F 214 52.21 34.25 11.59
C LEU F 214 53.08 35.50 11.54
N GLU F 215 52.63 36.57 12.20
CA GLU F 215 53.36 37.83 12.23
C GLU F 215 53.87 38.15 13.62
N SER F 216 55.15 38.51 13.71
CA SER F 216 55.79 38.84 14.98
C SER F 216 55.50 37.79 16.05
N PRO F 217 55.58 36.50 15.69
CA PRO F 217 55.31 35.43 16.63
C PRO F 217 56.49 35.09 17.55
N PHE F 218 56.17 34.37 18.62
CA PHE F 218 57.13 33.92 19.59
C PHE F 218 57.43 32.49 19.16
N ILE F 219 58.67 32.06 19.33
CA ILE F 219 59.03 30.71 18.93
C ILE F 219 59.49 29.85 20.11
N LEU F 220 58.76 28.78 20.38
CA LEU F 220 59.12 27.87 21.47
C LEU F 220 59.95 26.73 20.91
N LEU F 221 61.18 26.62 21.39
CA LEU F 221 62.09 25.58 20.95
C LEU F 221 62.24 24.52 22.03
N ALA F 222 61.46 23.44 21.93
CA ALA F 222 61.50 22.37 22.92
C ALA F 222 62.07 21.07 22.38
N ASP F 223 63.21 20.67 22.95
CA ASP F 223 63.89 19.45 22.56
C ASP F 223 63.24 18.30 23.31
N LYS F 224 62.16 17.79 22.73
CA LYS F 224 61.38 16.69 23.30
C LYS F 224 60.04 16.61 22.60
N LYS F 225 59.23 15.63 22.96
CA LYS F 225 57.92 15.47 22.35
C LYS F 225 56.86 15.98 23.29
N ILE F 226 55.96 16.81 22.78
CA ILE F 226 54.88 17.37 23.60
C ILE F 226 53.58 16.63 23.30
N SER F 227 53.09 15.88 24.28
CA SER F 227 51.86 15.11 24.07
C SER F 227 50.69 15.56 24.92
N ASN F 228 50.97 16.39 25.92
CA ASN F 228 49.93 16.90 26.80
C ASN F 228 50.07 18.39 27.02
N ILE F 229 49.01 19.13 26.68
CA ILE F 229 49.03 20.59 26.80
C ILE F 229 49.16 21.09 28.23
N ARG F 230 49.33 20.17 29.18
CA ARG F 230 49.49 20.58 30.56
C ARG F 230 50.82 21.32 30.77
N GLU F 231 51.86 20.92 30.04
CA GLU F 231 53.18 21.56 30.16
C GLU F 231 53.18 22.93 29.51
N MET F 232 52.31 23.08 28.51
CA MET F 232 52.17 24.30 27.72
C MET F 232 51.54 25.47 28.47
N LEU F 233 50.44 25.20 29.16
CA LEU F 233 49.70 26.20 29.90
C LEU F 233 50.50 27.41 30.38
N PRO F 234 51.56 27.20 31.18
CA PRO F 234 52.31 28.38 31.63
C PRO F 234 52.80 29.26 30.47
N VAL F 235 53.39 28.63 29.45
CA VAL F 235 53.90 29.36 28.30
C VAL F 235 52.80 29.91 27.42
N LEU F 236 51.72 29.16 27.26
CA LEU F 236 50.58 29.59 26.45
C LEU F 236 49.87 30.80 27.04
N GLU F 237 49.95 30.99 28.35
CA GLU F 237 49.30 32.12 29.01
C GLU F 237 50.19 33.36 28.93
N ALA F 238 51.49 33.15 28.85
CA ALA F 238 52.45 34.25 28.74
C ALA F 238 52.32 34.86 27.34
N VAL F 239 52.00 33.99 26.39
CA VAL F 239 51.81 34.36 25.00
C VAL F 239 50.41 34.96 24.85
N ALA F 240 49.48 34.57 25.72
CA ALA F 240 48.12 35.10 25.67
C ALA F 240 48.21 36.59 25.99
N LYS F 241 49.06 36.93 26.97
CA LYS F 241 49.31 38.33 27.30
C LYS F 241 50.28 38.70 26.17
N ALA F 242 50.65 39.97 26.04
CA ALA F 242 51.55 40.37 24.97
C ALA F 242 50.75 40.37 23.67
N GLY F 243 49.87 39.38 23.55
CA GLY F 243 48.99 39.23 22.40
C GLY F 243 49.61 38.88 21.06
N LYS F 244 50.57 37.96 21.05
CA LYS F 244 51.23 37.56 19.81
C LYS F 244 51.05 36.07 19.52
N PRO F 245 51.17 35.67 18.25
CA PRO F 245 51.01 34.25 17.93
C PRO F 245 52.22 33.44 18.39
N LEU F 246 52.13 32.13 18.31
CA LEU F 246 53.22 31.27 18.76
C LEU F 246 53.53 30.11 17.85
N LEU F 247 54.82 29.90 17.61
CA LEU F 247 55.25 28.79 16.80
C LEU F 247 55.90 27.76 17.70
N ILE F 248 55.41 26.53 17.66
CA ILE F 248 55.99 25.48 18.46
C ILE F 248 56.88 24.60 17.59
N ILE F 249 58.17 24.53 17.93
CA ILE F 249 59.12 23.70 17.22
C ILE F 249 59.66 22.69 18.24
N ALA F 250 59.05 21.52 18.27
CA ALA F 250 59.44 20.47 19.18
C ALA F 250 59.81 19.20 18.42
N GLU F 251 60.26 18.17 19.13
CA GLU F 251 60.63 16.92 18.50
C GLU F 251 59.39 16.42 17.79
N ASP F 252 58.25 16.73 18.39
CA ASP F 252 56.94 16.37 17.85
C ASP F 252 55.88 16.91 18.80
N VAL F 253 54.66 17.05 18.28
CA VAL F 253 53.53 17.50 19.10
C VAL F 253 52.42 16.49 18.78
N GLU F 254 52.08 15.68 19.78
CA GLU F 254 51.09 14.61 19.61
C GLU F 254 49.76 14.74 20.35
N GLY F 255 48.88 13.82 20.00
CA GLY F 255 47.55 13.71 20.59
C GLY F 255 46.92 14.87 21.32
N GLU F 256 46.69 14.69 22.62
CA GLU F 256 46.06 15.71 23.44
C GLU F 256 46.55 17.14 23.17
N ALA F 257 47.87 17.35 23.31
CA ALA F 257 48.45 18.68 23.07
C ALA F 257 48.12 19.22 21.68
N LEU F 258 48.42 18.45 20.64
CA LEU F 258 48.14 18.88 19.27
C LEU F 258 46.65 19.16 19.13
N ALA F 259 45.83 18.19 19.53
CA ALA F 259 44.39 18.31 19.46
C ALA F 259 43.92 19.63 20.09
N THR F 260 44.42 19.93 21.28
CA THR F 260 44.03 21.16 21.95
C THR F 260 44.49 22.39 21.17
N LEU F 261 45.72 22.36 20.66
CA LEU F 261 46.24 23.48 19.89
C LEU F 261 45.39 23.72 18.65
N VAL F 262 45.13 22.65 17.90
CA VAL F 262 44.30 22.74 16.69
C VAL F 262 42.97 23.41 16.99
N VAL F 263 42.42 23.14 18.16
CA VAL F 263 41.14 23.72 18.52
C VAL F 263 41.26 25.19 18.94
N ASN F 264 41.98 25.45 20.02
CA ASN F 264 42.14 26.81 20.51
C ASN F 264 42.46 27.83 19.43
N THR F 265 43.46 27.55 18.59
CA THR F 265 43.84 28.49 17.54
C THR F 265 42.75 28.56 16.47
N MET F 266 41.84 27.61 16.51
CA MET F 266 40.74 27.55 15.56
C MET F 266 39.50 28.22 16.18
N ARG F 267 39.75 28.98 17.25
CA ARG F 267 38.70 29.70 17.96
C ARG F 267 39.22 31.06 18.37
N GLY F 268 40.25 31.55 17.69
CA GLY F 268 40.81 32.85 18.00
C GLY F 268 41.40 32.97 19.40
N ILE F 269 41.44 31.85 20.14
CA ILE F 269 41.98 31.84 21.49
C ILE F 269 43.50 31.65 21.39
N VAL F 270 44.18 32.62 20.79
CA VAL F 270 45.63 32.57 20.60
C VAL F 270 46.00 31.79 19.33
N LYS F 271 46.66 32.47 18.40
CA LYS F 271 47.08 31.87 17.14
C LYS F 271 48.34 31.07 17.40
N VAL F 272 48.29 29.76 17.15
CA VAL F 272 49.44 28.89 17.36
C VAL F 272 49.61 27.91 16.21
N ALA F 273 50.84 27.45 16.03
CA ALA F 273 51.17 26.49 14.99
C ALA F 273 52.36 25.68 15.49
N ALA F 274 52.36 24.38 15.23
CA ALA F 274 53.46 23.55 15.68
C ALA F 274 54.05 22.73 14.54
N VAL F 275 55.36 22.55 14.58
CA VAL F 275 56.06 21.79 13.55
C VAL F 275 57.22 21.04 14.20
N LYS F 276 57.55 19.89 13.63
CA LYS F 276 58.66 19.08 14.14
C LYS F 276 59.97 19.81 13.95
N ALA F 277 60.94 19.54 14.84
CA ALA F 277 62.25 20.15 14.70
C ALA F 277 62.83 19.54 13.44
N PRO F 278 63.74 20.25 12.76
CA PRO F 278 64.34 19.72 11.54
C PRO F 278 65.34 18.60 11.80
N GLY F 279 65.33 17.60 10.91
CA GLY F 279 66.24 16.47 11.03
C GLY F 279 65.95 15.48 12.14
N PHE F 280 66.94 14.68 12.50
CA PHE F 280 66.77 13.70 13.56
C PHE F 280 68.09 13.46 14.25
N GLY F 281 68.08 12.60 15.26
CA GLY F 281 69.30 12.30 15.98
C GLY F 281 69.98 13.49 16.61
N ASP F 282 71.30 13.44 16.64
CA ASP F 282 72.11 14.48 17.25
C ASP F 282 72.04 15.78 16.49
N ARG F 283 72.17 15.69 15.17
CA ARG F 283 72.14 16.88 14.35
C ARG F 283 70.81 17.64 14.48
N ARG F 284 69.77 16.98 14.97
CA ARG F 284 68.47 17.63 15.15
C ARG F 284 68.56 18.58 16.34
N LYS F 285 69.41 18.22 17.29
CA LYS F 285 69.60 19.02 18.48
C LYS F 285 70.51 20.20 18.20
N ALA F 286 71.38 20.05 17.21
CA ALA F 286 72.29 21.13 16.84
C ALA F 286 71.52 22.18 16.04
N MET F 287 70.58 21.72 15.21
CA MET F 287 69.79 22.63 14.41
C MET F 287 68.81 23.41 15.28
N LEU F 288 68.23 22.75 16.28
CA LEU F 288 67.31 23.44 17.18
C LEU F 288 68.01 24.66 17.75
N GLN F 289 69.28 24.49 18.07
CA GLN F 289 70.06 25.58 18.62
C GLN F 289 70.28 26.65 17.59
N ASP F 290 70.57 26.26 16.35
CA ASP F 290 70.80 27.25 15.29
C ASP F 290 69.59 28.17 15.22
N ILE F 291 68.39 27.57 15.22
CA ILE F 291 67.17 28.33 15.16
C ILE F 291 67.13 29.27 16.35
N ALA F 292 67.36 28.71 17.54
CA ALA F 292 67.37 29.48 18.78
C ALA F 292 68.24 30.72 18.60
N THR F 293 69.51 30.51 18.28
CA THR F 293 70.43 31.62 18.08
C THR F 293 69.84 32.66 17.12
N LEU F 294 69.35 32.18 15.99
CA LEU F 294 68.76 33.00 14.94
C LEU F 294 67.55 33.81 15.43
N THR F 295 66.76 33.23 16.31
CA THR F 295 65.57 33.88 16.83
C THR F 295 65.75 34.48 18.23
N GLY F 296 66.97 34.37 18.76
CA GLY F 296 67.26 34.89 20.08
C GLY F 296 66.45 34.18 21.17
N GLY F 297 66.21 32.89 20.97
CA GLY F 297 65.45 32.16 21.95
C GLY F 297 66.35 31.20 22.69
N THR F 298 65.75 30.36 23.52
CA THR F 298 66.51 29.38 24.29
C THR F 298 65.86 28.01 24.17
N VAL F 299 66.66 27.00 23.83
CA VAL F 299 66.12 25.65 23.68
C VAL F 299 65.82 25.05 25.04
N ILE F 300 64.66 24.43 25.14
CA ILE F 300 64.23 23.80 26.38
C ILE F 300 64.42 22.30 26.29
N SER F 301 65.63 21.86 26.57
CA SER F 301 66.00 20.44 26.52
C SER F 301 65.91 19.74 27.87
N GLU F 302 65.26 18.58 27.87
CA GLU F 302 65.11 17.79 29.09
C GLU F 302 66.46 17.31 29.58
N GLU F 303 67.35 17.00 28.65
CA GLU F 303 68.69 16.54 29.00
C GLU F 303 69.33 17.43 30.07
N ILE F 304 69.40 18.72 29.81
CA ILE F 304 69.98 19.65 30.78
C ILE F 304 69.08 19.76 32.03
N GLY F 305 67.91 19.12 31.96
CA GLY F 305 66.98 19.15 33.07
C GLY F 305 65.99 20.30 33.09
N MET F 306 65.65 20.84 31.91
CA MET F 306 64.73 21.95 31.80
C MET F 306 63.28 21.49 31.64
N GLU F 307 62.36 22.27 32.21
CA GLU F 307 60.94 21.95 32.13
C GLU F 307 60.15 23.04 31.39
N LEU F 308 59.17 22.62 30.60
CA LEU F 308 58.35 23.57 29.85
C LEU F 308 57.55 24.48 30.77
N GLU F 309 57.18 23.95 31.93
CA GLU F 309 56.42 24.73 32.90
C GLU F 309 57.22 25.93 33.36
N LYS F 310 58.52 25.74 33.53
CA LYS F 310 59.38 26.82 33.98
C LYS F 310 59.92 27.67 32.83
N ALA F 311 59.23 27.63 31.69
CA ALA F 311 59.63 28.40 30.53
C ALA F 311 58.94 29.76 30.52
N THR F 312 59.74 30.83 30.45
CA THR F 312 59.22 32.20 30.44
C THR F 312 59.25 32.83 29.04
N LEU F 313 58.50 33.91 28.86
CA LEU F 313 58.45 34.59 27.58
C LEU F 313 59.83 34.92 27.04
N GLU F 314 60.80 35.07 27.94
CA GLU F 314 62.15 35.39 27.50
C GLU F 314 62.89 34.22 26.87
N ASP F 315 62.48 33.00 27.20
CA ASP F 315 63.10 31.81 26.63
C ASP F 315 62.68 31.67 25.18
N LEU F 316 61.50 32.20 24.85
CA LEU F 316 60.95 32.14 23.51
C LEU F 316 61.75 32.95 22.50
N GLY F 317 61.76 32.48 21.26
CA GLY F 317 62.48 33.17 20.21
C GLY F 317 61.51 34.12 19.56
N GLN F 318 61.98 34.87 18.57
CA GLN F 318 61.10 35.81 17.94
C GLN F 318 61.59 36.20 16.55
N ALA F 319 60.65 36.44 15.64
CA ALA F 319 60.96 36.83 14.26
C ALA F 319 59.78 37.62 13.73
N LYS F 320 60.03 38.50 12.77
CA LYS F 320 58.94 39.31 12.22
C LYS F 320 57.87 38.49 11.53
N ARG F 321 58.25 37.35 10.97
CA ARG F 321 57.28 36.56 10.24
C ARG F 321 57.73 35.11 10.05
N VAL F 322 56.77 34.19 9.97
CA VAL F 322 57.06 32.78 9.71
C VAL F 322 55.95 32.25 8.79
N VAL F 323 56.34 31.49 7.78
CA VAL F 323 55.40 30.92 6.82
C VAL F 323 55.53 29.42 6.86
N ILE F 324 54.40 28.71 6.98
CA ILE F 324 54.45 27.25 7.05
C ILE F 324 53.64 26.52 5.98
N ASN F 325 54.34 25.67 5.24
CA ASN F 325 53.75 24.84 4.18
C ASN F 325 53.24 23.51 4.71
N LYS F 326 52.99 22.63 3.75
CA LYS F 326 52.56 21.27 4.02
C LYS F 326 53.82 20.55 4.41
N ASP F 327 54.96 21.06 3.92
CA ASP F 327 56.25 20.46 4.21
C ASP F 327 57.44 21.43 4.32
N THR F 328 57.16 22.67 4.67
CA THR F 328 58.20 23.67 4.81
C THR F 328 57.91 24.75 5.83
N THR F 329 58.89 25.02 6.70
CA THR F 329 58.75 26.09 7.70
C THR F 329 59.84 27.10 7.44
N THR F 330 59.47 28.35 7.28
CA THR F 330 60.46 29.36 7.02
C THR F 330 60.35 30.56 7.96
N ILE F 331 61.43 30.80 8.70
CA ILE F 331 61.53 31.87 9.67
C ILE F 331 62.15 33.12 9.05
N ILE F 332 61.37 34.18 8.94
CA ILE F 332 61.82 35.43 8.32
C ILE F 332 62.14 36.56 9.29
N ASP F 333 63.40 36.99 9.26
CA ASP F 333 63.89 38.08 10.11
C ASP F 333 63.89 37.79 11.60
N GLY F 334 64.90 37.05 12.04
CA GLY F 334 65.01 36.71 13.45
C GLY F 334 65.58 37.84 14.27
N VAL F 335 65.30 37.80 15.58
CA VAL F 335 65.77 38.83 16.48
C VAL F 335 67.19 38.61 16.97
N GLY F 336 67.68 37.39 16.85
CA GLY F 336 69.04 37.09 17.30
C GLY F 336 70.06 38.13 16.91
N GLU F 337 70.91 38.50 17.86
CA GLU F 337 71.95 39.50 17.65
C GLU F 337 73.02 39.02 16.68
N GLU F 338 73.42 39.88 15.74
CA GLU F 338 74.46 39.54 14.77
C GLU F 338 75.63 38.90 15.51
N ALA F 339 75.93 39.47 16.67
CA ALA F 339 77.01 38.98 17.51
C ALA F 339 76.84 37.47 17.67
N ALA F 340 75.70 37.08 18.24
CA ALA F 340 75.39 35.68 18.48
C ALA F 340 75.38 34.84 17.21
N ILE F 341 74.54 35.24 16.27
CA ILE F 341 74.42 34.54 15.01
C ILE F 341 75.76 34.36 14.32
N GLN F 342 76.53 35.44 14.25
CA GLN F 342 77.84 35.36 13.59
C GLN F 342 78.79 34.46 14.38
N GLY F 343 78.66 34.46 15.70
CA GLY F 343 79.53 33.63 16.51
C GLY F 343 79.19 32.18 16.29
N ARG F 344 77.90 31.92 16.10
CA ARG F 344 77.41 30.56 15.86
C ARG F 344 78.00 30.09 14.55
N VAL F 345 77.91 30.92 13.51
CA VAL F 345 78.45 30.58 12.20
C VAL F 345 79.93 30.27 12.37
N ALA F 346 80.60 31.04 13.20
CA ALA F 346 82.02 30.84 13.46
C ALA F 346 82.27 29.41 13.97
N GLN F 347 81.52 29.00 15.01
CA GLN F 347 81.64 27.66 15.58
C GLN F 347 81.55 26.59 14.51
N ILE F 348 80.36 26.45 13.95
CA ILE F 348 80.08 25.47 12.89
C ILE F 348 81.17 25.48 11.83
N ARG F 349 81.53 26.68 11.39
CA ARG F 349 82.54 26.88 10.36
C ARG F 349 83.88 26.25 10.76
N GLN F 350 84.18 26.27 12.05
CA GLN F 350 85.43 25.68 12.52
C GLN F 350 85.25 24.18 12.58
N GLN F 351 84.09 23.73 13.06
CA GLN F 351 83.80 22.30 13.14
C GLN F 351 84.05 21.63 11.79
N ILE F 352 83.84 22.39 10.72
CA ILE F 352 84.02 21.89 9.36
C ILE F 352 85.49 21.54 9.11
N GLU F 353 86.38 22.11 9.92
CA GLU F 353 87.82 21.84 9.81
C GLU F 353 88.07 20.50 10.45
N GLU F 354 87.61 20.38 11.69
CA GLU F 354 87.74 19.17 12.48
C GLU F 354 86.91 18.00 11.92
N ALA F 355 86.16 18.30 10.86
CA ALA F 355 85.35 17.28 10.22
C ALA F 355 86.21 16.12 9.75
N THR F 356 85.94 14.93 10.29
CA THR F 356 86.67 13.72 9.93
C THR F 356 85.83 12.86 9.01
N SER F 357 84.98 13.48 8.20
CA SER F 357 84.11 12.73 7.30
C SER F 357 83.45 13.64 6.28
N ASP F 358 83.46 13.24 5.01
CA ASP F 358 82.84 14.05 3.96
C ASP F 358 81.38 14.35 4.32
N TYR F 359 80.66 13.31 4.71
CA TYR F 359 79.26 13.45 5.08
C TYR F 359 79.13 14.50 6.17
N ASP F 360 79.84 14.32 7.28
CA ASP F 360 79.79 15.26 8.39
C ASP F 360 80.15 16.67 7.95
N ARG F 361 81.08 16.77 7.01
CA ARG F 361 81.51 18.06 6.50
C ARG F 361 80.39 18.75 5.74
N GLU F 362 79.69 17.97 4.90
CA GLU F 362 78.58 18.48 4.10
C GLU F 362 77.42 18.96 4.95
N LYS F 363 77.03 18.17 5.95
CA LYS F 363 75.93 18.52 6.83
C LYS F 363 76.22 19.86 7.53
N LEU F 364 77.45 20.04 8.01
CA LEU F 364 77.82 21.28 8.67
C LEU F 364 77.69 22.43 7.67
N GLN F 365 78.26 22.25 6.49
CA GLN F 365 78.18 23.28 5.45
C GLN F 365 76.73 23.67 5.19
N GLU F 366 75.83 22.69 5.25
CA GLU F 366 74.41 22.96 5.05
C GLU F 366 73.96 23.98 6.08
N ARG F 367 74.25 23.68 7.34
CA ARG F 367 73.85 24.54 8.43
C ARG F 367 74.41 25.96 8.33
N VAL F 368 75.70 26.11 8.05
CA VAL F 368 76.24 27.46 7.94
C VAL F 368 75.54 28.20 6.82
N ALA F 369 75.33 27.51 5.70
CA ALA F 369 74.67 28.11 4.56
C ALA F 369 73.32 28.67 4.94
N LYS F 370 72.55 27.92 5.72
CA LYS F 370 71.24 28.38 6.14
C LYS F 370 71.36 29.63 6.99
N LEU F 371 72.10 29.52 8.10
CA LEU F 371 72.34 30.63 9.02
C LEU F 371 72.91 31.85 8.31
N ALA F 372 74.09 31.70 7.74
CA ALA F 372 74.78 32.79 7.05
C ALA F 372 74.05 33.35 5.83
N GLY F 373 73.35 32.51 5.10
CA GLY F 373 72.66 32.95 3.89
C GLY F 373 71.50 33.90 4.05
N GLY F 374 70.73 33.75 5.13
CA GLY F 374 69.59 34.63 5.34
C GLY F 374 68.42 34.32 4.43
N VAL F 375 67.55 35.31 4.25
CA VAL F 375 66.36 35.16 3.43
C VAL F 375 66.08 36.43 2.65
N ALA F 376 65.76 36.31 1.36
CA ALA F 376 65.45 37.47 0.55
C ALA F 376 64.00 37.81 0.85
N VAL F 377 63.69 39.10 0.91
CA VAL F 377 62.32 39.54 1.19
C VAL F 377 61.87 40.56 0.16
N ILE F 378 60.85 40.19 -0.61
CA ILE F 378 60.30 41.06 -1.64
C ILE F 378 59.06 41.76 -1.10
N LYS F 379 59.05 43.09 -1.10
CA LYS F 379 57.87 43.81 -0.65
C LYS F 379 57.24 44.39 -1.89
N VAL F 380 56.02 43.97 -2.20
CA VAL F 380 55.36 44.45 -3.41
C VAL F 380 54.59 45.75 -3.23
N GLY F 381 55.04 46.81 -3.91
CA GLY F 381 54.37 48.10 -3.81
C GLY F 381 53.33 48.25 -4.89
N ALA F 382 52.42 49.22 -4.78
CA ALA F 382 51.41 49.36 -5.80
C ALA F 382 50.54 50.61 -5.91
N ALA F 383 50.30 51.31 -4.80
CA ALA F 383 49.42 52.49 -4.83
C ALA F 383 47.98 52.00 -4.94
N THR F 384 47.38 51.75 -3.78
CA THR F 384 46.02 51.22 -3.56
C THR F 384 46.24 49.79 -3.09
N GLU F 385 45.70 49.49 -1.91
CA GLU F 385 45.84 48.20 -1.29
C GLU F 385 45.44 47.11 -2.26
N VAL F 386 44.37 47.33 -3.00
CA VAL F 386 43.88 46.31 -3.94
C VAL F 386 44.91 45.89 -4.98
N GLU F 387 45.42 46.84 -5.74
CA GLU F 387 46.41 46.52 -6.75
C GLU F 387 47.61 45.82 -6.11
N MET F 388 47.98 46.28 -4.92
CA MET F 388 49.12 45.73 -4.19
C MET F 388 48.90 44.26 -3.84
N LYS F 389 47.76 43.96 -3.22
CA LYS F 389 47.42 42.59 -2.86
C LYS F 389 47.36 41.69 -4.08
N GLU F 390 46.87 42.25 -5.19
CA GLU F 390 46.74 41.53 -6.45
C GLU F 390 48.12 41.18 -7.01
N LYS F 391 48.94 42.20 -7.20
CA LYS F 391 50.29 42.01 -7.72
C LYS F 391 51.12 41.09 -6.81
N LYS F 392 50.94 41.21 -5.50
CA LYS F 392 51.66 40.38 -4.55
C LYS F 392 51.37 38.92 -4.84
N ALA F 393 50.13 38.63 -5.21
CA ALA F 393 49.73 37.26 -5.54
C ALA F 393 50.44 36.84 -6.84
N ARG F 394 50.37 37.69 -7.86
CA ARG F 394 51.04 37.36 -9.10
C ARG F 394 52.54 37.13 -8.90
N VAL F 395 53.14 37.84 -7.95
CA VAL F 395 54.57 37.68 -7.68
C VAL F 395 54.83 36.33 -7.01
N GLU F 396 53.99 35.96 -6.06
CA GLU F 396 54.15 34.68 -5.37
C GLU F 396 54.06 33.53 -6.37
N ASP F 397 53.12 33.62 -7.30
CA ASP F 397 52.96 32.59 -8.30
C ASP F 397 54.14 32.50 -9.24
N ALA F 398 54.49 33.63 -9.84
CA ALA F 398 55.61 33.69 -10.76
C ALA F 398 56.88 33.20 -10.07
N LEU F 399 56.99 33.47 -8.77
CA LEU F 399 58.15 33.06 -8.02
C LEU F 399 58.24 31.56 -7.97
N HIS F 400 57.15 30.92 -7.58
CA HIS F 400 57.09 29.45 -7.49
C HIS F 400 57.36 28.81 -8.86
N ALA F 401 56.82 29.42 -9.90
CA ALA F 401 56.97 28.93 -11.28
C ALA F 401 58.41 29.01 -11.71
N THR F 402 59.02 30.18 -11.53
CA THR F 402 60.41 30.43 -11.90
C THR F 402 61.35 29.54 -11.11
N ARG F 403 61.01 29.27 -9.88
CA ARG F 403 61.82 28.43 -9.04
C ARG F 403 61.97 27.09 -9.76
N ALA F 404 60.82 26.57 -10.21
CA ALA F 404 60.71 25.29 -10.92
C ALA F 404 61.37 25.33 -12.28
N ALA F 405 61.24 26.46 -12.97
CA ALA F 405 61.84 26.62 -14.28
C ALA F 405 63.36 26.51 -14.13
N VAL F 406 63.92 27.19 -13.13
CA VAL F 406 65.36 27.16 -12.87
C VAL F 406 65.86 25.77 -12.53
N GLU F 407 65.02 24.97 -11.89
CA GLU F 407 65.42 23.63 -11.51
C GLU F 407 65.48 22.61 -12.64
N GLU F 408 64.44 22.55 -13.45
CA GLU F 408 64.37 21.57 -14.52
C GLU F 408 64.05 22.11 -15.91
N GLY F 409 64.09 23.42 -16.07
CA GLY F 409 63.82 24.00 -17.38
C GLY F 409 62.35 24.14 -17.71
N VAL F 410 62.05 24.46 -18.96
CA VAL F 410 60.67 24.61 -19.40
C VAL F 410 60.35 23.80 -20.66
N VAL F 411 59.08 23.46 -20.85
CA VAL F 411 58.65 22.70 -22.02
C VAL F 411 57.37 23.34 -22.50
N ALA F 412 56.93 22.99 -23.70
CA ALA F 412 55.72 23.55 -24.27
C ALA F 412 54.55 23.29 -23.34
N GLY F 413 53.72 24.30 -23.16
CA GLY F 413 52.55 24.16 -22.30
C GLY F 413 51.30 23.74 -23.07
N GLY F 414 50.13 24.09 -22.55
CA GLY F 414 48.89 23.75 -23.24
C GLY F 414 48.72 22.27 -23.53
N GLY F 415 49.37 21.43 -22.75
CA GLY F 415 49.26 20.00 -22.94
C GLY F 415 50.03 19.43 -24.10
N VAL F 416 50.77 20.24 -24.83
CA VAL F 416 51.51 19.68 -25.96
C VAL F 416 52.78 18.90 -25.59
N ALA F 417 53.49 19.28 -24.53
CA ALA F 417 54.68 18.53 -24.15
C ALA F 417 54.33 17.06 -23.91
N LEU F 418 53.25 16.83 -23.17
CA LEU F 418 52.82 15.47 -22.88
C LEU F 418 52.42 14.69 -24.13
N ILE F 419 51.75 15.34 -25.07
CA ILE F 419 51.35 14.66 -26.27
C ILE F 419 52.59 14.44 -27.16
N ARG F 420 53.52 15.40 -27.14
CA ARG F 420 54.74 15.30 -27.94
C ARG F 420 55.54 14.10 -27.47
N VAL F 421 55.77 14.07 -26.17
CA VAL F 421 56.52 13.00 -25.57
C VAL F 421 55.88 11.64 -25.81
N ALA F 422 54.57 11.59 -25.78
CA ALA F 422 53.88 10.33 -26.00
C ALA F 422 54.06 9.86 -27.44
N SER F 423 54.00 10.79 -28.39
CA SER F 423 54.15 10.42 -29.78
C SER F 423 55.52 9.79 -30.05
N LYS F 424 56.50 10.11 -29.23
CA LYS F 424 57.83 9.56 -29.43
C LYS F 424 58.03 8.15 -28.88
N LEU F 425 57.07 7.67 -28.09
CA LEU F 425 57.19 6.36 -27.47
C LEU F 425 56.32 5.27 -28.06
N ALA F 426 55.94 5.43 -29.33
CA ALA F 426 55.06 4.45 -30.00
C ALA F 426 55.56 3.00 -30.04
N ASP F 427 56.86 2.82 -30.24
CA ASP F 427 57.43 1.48 -30.31
C ASP F 427 57.80 0.89 -28.95
N LEU F 428 57.63 1.66 -27.89
CA LEU F 428 57.96 1.17 -26.55
C LEU F 428 57.14 -0.06 -26.20
N ARG F 429 57.81 -1.13 -25.81
CA ARG F 429 57.11 -2.35 -25.43
C ARG F 429 57.59 -2.91 -24.08
N GLY F 430 56.83 -3.85 -23.54
CA GLY F 430 57.20 -4.45 -22.27
C GLY F 430 57.46 -5.93 -22.44
N GLN F 431 57.28 -6.69 -21.37
CA GLN F 431 57.54 -8.12 -21.39
C GLN F 431 56.41 -9.04 -21.80
N ASN F 432 55.21 -8.50 -21.97
CA ASN F 432 54.08 -9.32 -22.42
C ASN F 432 52.97 -8.40 -22.90
N GLU F 433 51.96 -8.98 -23.55
CA GLU F 433 50.89 -8.16 -24.08
C GLU F 433 50.19 -7.32 -23.03
N ASP F 434 50.07 -7.85 -21.82
CA ASP F 434 49.43 -7.08 -20.77
C ASP F 434 50.19 -5.80 -20.48
N GLN F 435 51.52 -5.89 -20.38
CA GLN F 435 52.33 -4.70 -20.13
C GLN F 435 52.29 -3.77 -21.33
N ASN F 436 52.17 -4.35 -22.52
CA ASN F 436 52.11 -3.54 -23.71
C ASN F 436 50.84 -2.69 -23.73
N VAL F 437 49.75 -3.27 -23.24
CA VAL F 437 48.48 -2.55 -23.17
C VAL F 437 48.62 -1.44 -22.13
N GLY F 438 49.25 -1.77 -21.01
CA GLY F 438 49.47 -0.80 -19.96
C GLY F 438 50.23 0.39 -20.53
N ILE F 439 51.22 0.12 -21.37
CA ILE F 439 51.99 1.19 -21.98
C ILE F 439 51.09 2.07 -22.84
N LYS F 440 50.28 1.43 -23.67
CA LYS F 440 49.38 2.18 -24.53
C LYS F 440 48.35 2.96 -23.72
N VAL F 441 47.91 2.38 -22.61
CA VAL F 441 46.95 3.07 -21.75
C VAL F 441 47.58 4.40 -21.31
N ALA F 442 48.83 4.35 -20.89
CA ALA F 442 49.54 5.54 -20.43
C ALA F 442 49.79 6.53 -21.56
N LEU F 443 50.24 6.05 -22.71
CA LEU F 443 50.50 6.96 -23.83
C LEU F 443 49.23 7.67 -24.27
N ARG F 444 48.11 6.95 -24.27
CA ARG F 444 46.84 7.55 -24.65
C ARG F 444 46.44 8.60 -23.62
N ALA F 445 46.57 8.26 -22.35
CA ALA F 445 46.22 9.16 -21.27
C ALA F 445 46.99 10.48 -21.38
N MET F 446 48.21 10.41 -21.89
CA MET F 446 49.01 11.62 -22.01
C MET F 446 48.42 12.68 -22.93
N GLU F 447 47.37 12.31 -23.66
CA GLU F 447 46.71 13.23 -24.59
C GLU F 447 45.54 13.92 -23.91
N ALA F 448 45.12 13.36 -22.78
CA ALA F 448 43.99 13.90 -22.05
C ALA F 448 44.03 15.41 -21.84
N PRO F 449 45.09 15.95 -21.21
CA PRO F 449 45.18 17.39 -20.98
C PRO F 449 44.89 18.23 -22.21
N LEU F 450 45.70 18.07 -23.26
CA LEU F 450 45.49 18.86 -24.47
C LEU F 450 44.06 18.72 -24.95
N ARG F 451 43.63 17.48 -25.16
CA ARG F 451 42.28 17.24 -25.64
C ARG F 451 41.25 18.00 -24.83
N GLN F 452 41.36 17.94 -23.49
CA GLN F 452 40.42 18.66 -22.63
C GLN F 452 40.47 20.16 -22.90
N ILE F 453 41.69 20.71 -22.96
CA ILE F 453 41.86 22.13 -23.24
C ILE F 453 41.15 22.49 -24.56
N VAL F 454 41.42 21.72 -25.60
CA VAL F 454 40.81 21.95 -26.89
C VAL F 454 39.30 21.81 -26.82
N LEU F 455 38.83 20.85 -26.02
CA LEU F 455 37.40 20.65 -25.84
C LEU F 455 36.77 21.88 -25.18
N ASN F 456 37.38 22.39 -24.12
CA ASN F 456 36.85 23.56 -23.44
C ASN F 456 36.80 24.75 -24.40
N CYS F 457 37.65 24.74 -25.43
CA CYS F 457 37.68 25.83 -26.39
C CYS F 457 36.64 25.66 -27.48
N GLY F 458 35.98 24.51 -27.47
CA GLY F 458 34.97 24.26 -28.47
C GLY F 458 35.51 23.81 -29.81
N GLU F 459 36.71 23.24 -29.82
CA GLU F 459 37.30 22.75 -31.06
C GLU F 459 37.29 21.22 -31.05
N GLU F 460 37.62 20.60 -32.17
CA GLU F 460 37.64 19.14 -32.21
C GLU F 460 38.98 18.60 -31.67
N PRO F 461 38.95 18.02 -30.46
CA PRO F 461 40.15 17.49 -29.83
C PRO F 461 41.00 16.59 -30.70
N SER F 462 40.38 15.60 -31.31
CA SER F 462 41.06 14.64 -32.16
C SER F 462 41.77 15.32 -33.34
N VAL F 463 41.21 16.39 -33.86
CA VAL F 463 41.86 17.06 -34.97
C VAL F 463 43.10 17.81 -34.50
N VAL F 464 42.96 18.65 -33.46
CA VAL F 464 44.12 19.38 -32.94
C VAL F 464 45.18 18.38 -32.47
N ALA F 465 44.76 17.39 -31.68
CA ALA F 465 45.65 16.39 -31.17
C ALA F 465 46.46 15.80 -32.32
N ASN F 466 45.75 15.40 -33.35
CA ASN F 466 46.34 14.79 -34.52
C ASN F 466 47.39 15.68 -35.19
N THR F 467 47.07 16.95 -35.34
CA THR F 467 48.00 17.88 -35.95
C THR F 467 49.25 18.07 -35.10
N VAL F 468 49.07 18.35 -33.81
CA VAL F 468 50.19 18.55 -32.91
C VAL F 468 51.14 17.34 -32.95
N LYS F 469 50.59 16.13 -32.97
CA LYS F 469 51.42 14.93 -33.03
C LYS F 469 52.28 14.94 -34.29
N GLY F 470 51.70 15.40 -35.39
CA GLY F 470 52.41 15.44 -36.65
C GLY F 470 53.65 16.33 -36.66
N GLY F 471 53.73 17.28 -35.74
CA GLY F 471 54.87 18.19 -35.67
C GLY F 471 56.04 17.65 -34.87
N ASP F 472 56.93 18.56 -34.45
CA ASP F 472 58.11 18.20 -33.67
C ASP F 472 58.44 19.16 -32.55
N GLY F 473 59.38 18.74 -31.70
CA GLY F 473 59.79 19.60 -30.60
C GLY F 473 58.67 20.26 -29.84
N ASN F 474 58.76 21.58 -29.65
CA ASN F 474 57.73 22.30 -28.95
C ASN F 474 56.69 22.94 -29.87
N TYR F 475 56.45 22.30 -31.00
CA TYR F 475 55.45 22.77 -31.96
C TYR F 475 54.13 22.32 -31.36
N GLY F 476 53.14 23.21 -31.34
CA GLY F 476 51.87 22.82 -30.79
C GLY F 476 50.77 23.80 -31.07
N TYR F 477 49.63 23.57 -30.46
CA TYR F 477 48.46 24.41 -30.64
C TYR F 477 48.34 25.43 -29.51
N ASN F 478 48.16 26.68 -29.87
CA ASN F 478 47.98 27.74 -28.90
C ASN F 478 46.48 27.89 -28.75
N ALA F 479 45.89 27.17 -27.81
CA ALA F 479 44.45 27.21 -27.58
C ALA F 479 43.84 28.60 -27.49
N ALA F 480 44.62 29.54 -26.97
CA ALA F 480 44.17 30.92 -26.80
C ALA F 480 43.93 31.64 -28.13
N THR F 481 44.85 31.44 -29.07
CA THR F 481 44.78 32.09 -30.37
C THR F 481 44.41 31.16 -31.53
N GLU F 482 44.22 29.88 -31.24
CA GLU F 482 43.88 28.90 -32.26
C GLU F 482 44.97 28.82 -33.33
N GLU F 483 46.19 29.18 -32.98
CA GLU F 483 47.28 29.13 -33.94
C GLU F 483 48.34 28.11 -33.57
N TYR F 484 48.81 27.36 -34.55
CA TYR F 484 49.86 26.39 -34.28
C TYR F 484 51.19 27.13 -34.42
N GLY F 485 52.24 26.57 -33.82
CA GLY F 485 53.52 27.22 -33.91
C GLY F 485 54.40 26.74 -32.77
N ASN F 486 55.47 27.47 -32.49
CA ASN F 486 56.36 27.08 -31.40
C ASN F 486 55.78 27.54 -30.07
N MET F 487 55.38 26.58 -29.23
CA MET F 487 54.78 26.92 -27.96
C MET F 487 55.63 27.84 -27.08
N ILE F 488 56.94 27.62 -27.03
CA ILE F 488 57.82 28.46 -26.20
C ILE F 488 57.87 29.88 -26.78
N ASP F 489 58.06 29.99 -28.09
CA ASP F 489 58.10 31.30 -28.71
C ASP F 489 56.80 32.04 -28.42
N MET F 490 55.67 31.36 -28.54
CA MET F 490 54.39 31.98 -28.29
C MET F 490 54.15 32.24 -26.80
N GLY F 491 55.15 31.91 -25.99
CA GLY F 491 55.03 32.16 -24.57
C GLY F 491 54.06 31.28 -23.79
N ILE F 492 53.82 30.08 -24.28
CA ILE F 492 52.92 29.15 -23.60
C ILE F 492 53.72 27.94 -23.16
N LEU F 493 54.21 28.01 -21.93
CA LEU F 493 55.05 26.96 -21.39
C LEU F 493 54.70 26.51 -19.98
N ASP F 494 55.38 25.46 -19.53
CA ASP F 494 55.21 24.92 -18.19
C ASP F 494 56.57 24.51 -17.67
N PRO F 495 56.83 24.73 -16.37
CA PRO F 495 58.15 24.29 -15.92
C PRO F 495 58.15 22.77 -16.14
N THR F 496 59.23 22.24 -16.71
CA THR F 496 59.31 20.81 -16.96
C THR F 496 58.99 20.06 -15.68
N LYS F 497 59.35 20.65 -14.53
CA LYS F 497 59.10 20.04 -13.25
C LYS F 497 57.62 19.79 -12.95
N VAL F 498 56.75 20.74 -13.31
CA VAL F 498 55.33 20.53 -13.04
C VAL F 498 54.72 19.48 -13.98
N THR F 499 55.12 19.47 -15.24
CA THR F 499 54.59 18.45 -16.13
C THR F 499 55.10 17.07 -15.68
N ARG F 500 56.38 16.97 -15.35
CA ARG F 500 56.91 15.71 -14.89
C ARG F 500 56.17 15.23 -13.63
N SER F 501 55.96 16.15 -12.68
CA SER F 501 55.29 15.80 -11.43
C SER F 501 53.86 15.37 -11.64
N ALA F 502 53.13 16.14 -12.44
CA ALA F 502 51.72 15.83 -12.71
C ALA F 502 51.59 14.42 -13.27
N LEU F 503 52.46 14.07 -14.21
CA LEU F 503 52.43 12.75 -14.81
C LEU F 503 52.77 11.63 -13.81
N GLN F 504 53.90 11.75 -13.13
CA GLN F 504 54.31 10.74 -12.15
C GLN F 504 53.30 10.53 -11.01
N TYR F 505 52.74 11.60 -10.47
CA TYR F 505 51.78 11.47 -9.40
C TYR F 505 50.50 10.85 -9.88
N ALA F 506 50.03 11.29 -11.04
CA ALA F 506 48.81 10.73 -11.62
C ALA F 506 49.01 9.24 -11.82
N ALA F 507 50.09 8.87 -12.48
CA ALA F 507 50.38 7.48 -12.76
C ALA F 507 50.46 6.69 -11.47
N SER F 508 51.01 7.31 -10.45
CA SER F 508 51.16 6.65 -9.16
C SER F 508 49.82 6.17 -8.58
N VAL F 509 48.90 7.11 -8.40
CA VAL F 509 47.59 6.76 -7.83
C VAL F 509 46.80 5.86 -8.79
N ALA F 510 46.97 6.05 -10.09
CA ALA F 510 46.26 5.23 -11.08
C ALA F 510 46.73 3.79 -10.96
N GLY F 511 48.04 3.63 -10.83
CA GLY F 511 48.59 2.30 -10.68
C GLY F 511 48.05 1.60 -9.43
N LEU F 512 47.92 2.34 -8.32
CA LEU F 512 47.42 1.77 -7.08
C LEU F 512 45.98 1.32 -7.20
N MET F 513 45.17 2.15 -7.84
CA MET F 513 43.76 1.80 -8.01
C MET F 513 43.57 0.61 -8.94
N ILE F 514 44.29 0.59 -10.05
CA ILE F 514 44.18 -0.50 -10.99
C ILE F 514 44.48 -1.82 -10.28
N THR F 515 45.37 -1.78 -9.30
CA THR F 515 45.73 -2.99 -8.57
C THR F 515 45.03 -3.14 -7.21
N THR F 516 43.82 -2.58 -7.09
CA THR F 516 43.05 -2.69 -5.85
C THR F 516 42.01 -3.78 -6.04
N GLU F 517 41.90 -4.67 -5.06
CA GLU F 517 40.94 -5.78 -5.11
C GLU F 517 39.91 -5.70 -3.99
N CYS F 518 40.22 -4.95 -2.94
CA CYS F 518 39.31 -4.85 -1.82
C CYS F 518 39.28 -3.46 -1.20
N MET F 519 38.11 -3.08 -0.70
CA MET F 519 37.92 -1.77 -0.07
C MET F 519 37.12 -1.96 1.20
N VAL F 520 37.59 -1.37 2.28
CA VAL F 520 36.91 -1.48 3.57
C VAL F 520 36.57 -0.11 4.10
N THR F 521 35.32 0.08 4.49
CA THR F 521 34.90 1.37 5.01
C THR F 521 33.78 1.22 6.01
N ASP F 522 33.42 2.31 6.67
CA ASP F 522 32.36 2.25 7.65
C ASP F 522 30.98 2.08 7.04
N LEU F 523 30.08 1.52 7.84
CA LEU F 523 28.72 1.31 7.43
C LEU F 523 28.02 2.66 7.43
N PRO F 524 27.23 2.97 6.39
CA PRO F 524 26.53 4.27 6.33
C PRO F 524 25.63 4.56 7.54
N ALA G 1 32.19 18.24 4.19
CA ALA G 1 30.90 17.49 4.24
C ALA G 1 30.55 16.98 2.85
N ALA G 2 29.85 15.85 2.78
CA ALA G 2 29.48 15.31 1.48
C ALA G 2 28.82 16.43 0.70
N LYS G 3 29.20 16.57 -0.55
CA LYS G 3 28.65 17.60 -1.40
C LYS G 3 27.69 17.03 -2.43
N ASP G 4 26.95 17.92 -3.08
CA ASP G 4 26.04 17.55 -4.14
C ASP G 4 26.63 18.32 -5.33
N VAL G 5 27.07 17.60 -6.35
CA VAL G 5 27.66 18.26 -7.52
C VAL G 5 26.80 18.12 -8.79
N LYS G 6 26.58 19.24 -9.46
CA LYS G 6 25.80 19.23 -10.70
C LYS G 6 26.63 19.79 -11.84
N PHE G 7 26.40 19.24 -13.02
CA PHE G 7 27.15 19.63 -14.20
C PHE G 7 26.31 20.18 -15.32
N GLY G 8 26.99 20.85 -16.24
CA GLY G 8 26.35 21.43 -17.40
C GLY G 8 24.90 21.89 -17.28
N ASN G 9 24.13 21.51 -18.28
CA ASN G 9 22.73 21.88 -18.33
C ASN G 9 21.94 21.68 -17.05
N ASP G 10 22.09 20.53 -16.42
CA ASP G 10 21.36 20.27 -15.19
C ASP G 10 21.64 21.37 -14.16
N ALA G 11 22.88 21.83 -14.09
CA ALA G 11 23.24 22.88 -13.15
C ALA G 11 22.65 24.23 -13.60
N ARG G 12 22.78 24.54 -14.89
CA ARG G 12 22.27 25.81 -15.40
C ARG G 12 20.76 26.02 -15.27
N VAL G 13 19.94 24.98 -15.47
CA VAL G 13 18.51 25.20 -15.31
C VAL G 13 18.23 25.55 -13.86
N LYS G 14 18.94 24.90 -12.94
CA LYS G 14 18.76 25.19 -11.53
C LYS G 14 19.05 26.66 -11.24
N MET G 15 20.16 27.16 -11.77
CA MET G 15 20.52 28.55 -11.55
C MET G 15 19.46 29.47 -12.10
N LEU G 16 19.12 29.27 -13.37
CA LEU G 16 18.10 30.10 -14.04
C LEU G 16 16.83 30.12 -13.22
N ARG G 17 16.36 28.92 -12.87
CA ARG G 17 15.16 28.74 -12.07
C ARG G 17 15.24 29.63 -10.84
N GLY G 18 16.41 29.65 -10.21
CA GLY G 18 16.61 30.47 -9.03
C GLY G 18 16.61 31.97 -9.30
N VAL G 19 17.24 32.42 -10.38
CA VAL G 19 17.24 33.86 -10.60
C VAL G 19 15.87 34.27 -11.08
N ASN G 20 15.08 33.32 -11.60
CA ASN G 20 13.74 33.68 -12.06
C ASN G 20 12.84 34.02 -10.88
N VAL G 21 13.01 33.34 -9.75
CA VAL G 21 12.21 33.64 -8.59
C VAL G 21 12.59 35.05 -8.14
N LEU G 22 13.89 35.29 -8.01
CA LEU G 22 14.38 36.60 -7.60
C LEU G 22 13.90 37.69 -8.52
N ALA G 23 14.11 37.53 -9.83
CA ALA G 23 13.73 38.54 -10.78
C ALA G 23 12.23 38.77 -10.83
N ASP G 24 11.45 37.69 -10.85
CA ASP G 24 10.00 37.83 -10.93
C ASP G 24 9.43 38.54 -9.72
N ALA G 25 10.00 38.28 -8.55
CA ALA G 25 9.54 38.92 -7.32
C ALA G 25 9.89 40.40 -7.29
N VAL G 26 11.04 40.73 -7.82
CA VAL G 26 11.49 42.10 -7.83
C VAL G 26 10.95 42.97 -8.97
N LYS G 27 10.89 42.41 -10.19
CA LYS G 27 10.45 43.21 -11.32
C LYS G 27 9.00 43.72 -11.31
N VAL G 28 8.16 43.16 -10.45
CA VAL G 28 6.76 43.61 -10.40
C VAL G 28 6.66 45.00 -9.81
N THR G 29 7.76 45.46 -9.22
CA THR G 29 7.78 46.77 -8.58
C THR G 29 8.38 47.85 -9.47
N LEU G 30 8.74 47.48 -10.68
CA LEU G 30 9.40 48.43 -11.57
C LEU G 30 8.52 49.43 -12.29
N GLY G 31 8.99 50.67 -12.33
CA GLY G 31 8.26 51.72 -12.99
C GLY G 31 7.27 52.45 -12.08
N PRO G 32 6.47 53.37 -12.63
CA PRO G 32 5.50 54.12 -11.84
C PRO G 32 4.25 53.33 -11.49
N LYS G 33 3.91 52.31 -12.26
CA LYS G 33 2.71 51.52 -11.96
C LYS G 33 3.10 50.20 -11.34
N GLY G 34 4.24 50.21 -10.65
CA GLY G 34 4.74 49.03 -9.98
C GLY G 34 3.77 48.49 -8.94
N ARG G 35 3.78 47.18 -8.75
CA ARG G 35 2.91 46.52 -7.79
C ARG G 35 3.52 46.42 -6.41
N ASN G 36 2.72 45.94 -5.45
CA ASN G 36 3.15 45.77 -4.08
C ASN G 36 3.59 44.34 -3.85
N VAL G 37 4.62 44.17 -3.03
CA VAL G 37 5.08 42.84 -2.67
C VAL G 37 4.90 42.80 -1.16
N VAL G 38 4.30 41.74 -0.66
CA VAL G 38 4.08 41.63 0.77
C VAL G 38 5.15 40.72 1.36
N LEU G 39 5.92 41.29 2.29
CA LEU G 39 7.00 40.58 2.96
C LEU G 39 6.59 40.26 4.37
N ASP G 40 6.53 38.98 4.68
CA ASP G 40 6.12 38.52 5.99
C ASP G 40 7.22 38.64 7.05
N LYS G 41 6.81 39.07 8.24
CA LYS G 41 7.68 39.21 9.40
C LYS G 41 7.09 38.29 10.44
N SER G 42 7.93 37.50 11.08
CA SER G 42 7.45 36.58 12.10
C SER G 42 6.60 37.30 13.15
N PHE G 43 6.92 38.56 13.41
CA PHE G 43 6.19 39.35 14.39
C PHE G 43 5.28 40.43 13.82
N GLY G 44 3.99 40.32 14.13
CA GLY G 44 3.03 41.32 13.69
C GLY G 44 2.47 41.20 12.30
N ALA G 45 2.18 42.35 11.70
CA ALA G 45 1.61 42.41 10.37
C ALA G 45 2.70 42.39 9.32
N PRO G 46 2.37 41.92 8.12
CA PRO G 46 3.34 41.86 7.04
C PRO G 46 3.70 43.25 6.60
N THR G 47 4.77 43.35 5.83
CA THR G 47 5.24 44.61 5.30
C THR G 47 4.81 44.68 3.85
N ILE G 48 4.20 45.77 3.44
CA ILE G 48 3.81 45.89 2.05
C ILE G 48 4.82 46.87 1.49
N THR G 49 5.41 46.57 0.35
CA THR G 49 6.41 47.45 -0.21
C THR G 49 6.49 47.42 -1.72
N LYS G 50 7.04 48.48 -2.31
CA LYS G 50 7.23 48.56 -3.75
C LYS G 50 8.72 48.75 -4.01
N ASP G 51 9.52 48.54 -2.95
CA ASP G 51 10.95 48.70 -3.01
C ASP G 51 11.67 47.40 -3.37
N GLY G 52 12.16 47.35 -4.61
CA GLY G 52 12.85 46.17 -5.10
C GLY G 52 14.01 45.72 -4.21
N VAL G 53 14.69 46.67 -3.59
CA VAL G 53 15.81 46.32 -2.74
C VAL G 53 15.34 45.57 -1.48
N SER G 54 14.21 45.97 -0.93
CA SER G 54 13.68 45.31 0.26
C SER G 54 13.29 43.90 -0.13
N VAL G 55 12.53 43.77 -1.20
CA VAL G 55 12.11 42.47 -1.67
C VAL G 55 13.32 41.55 -1.90
N ALA G 56 14.30 42.03 -2.64
CA ALA G 56 15.48 41.22 -2.93
C ALA G 56 16.18 40.73 -1.66
N ARG G 57 16.28 41.58 -0.66
CA ARG G 57 16.92 41.19 0.60
C ARG G 57 16.31 39.93 1.19
N GLU G 58 14.99 39.80 1.07
CA GLU G 58 14.24 38.67 1.62
C GLU G 58 14.28 37.36 0.82
N ILE G 59 14.79 37.40 -0.40
CA ILE G 59 14.79 36.21 -1.23
C ILE G 59 15.90 35.20 -0.96
N GLU G 60 15.49 34.02 -0.54
CA GLU G 60 16.39 32.90 -0.28
C GLU G 60 15.56 31.67 -0.61
N LEU G 61 16.11 30.80 -1.45
CA LEU G 61 15.39 29.60 -1.90
C LEU G 61 15.82 28.33 -1.17
N GLU G 62 14.89 27.39 -1.05
CA GLU G 62 15.17 26.14 -0.37
C GLU G 62 16.10 25.23 -1.15
N ASP G 63 15.90 25.10 -2.45
CA ASP G 63 16.78 24.26 -3.25
C ASP G 63 18.17 24.91 -3.25
N LYS G 64 19.19 24.18 -2.82
CA LYS G 64 20.53 24.75 -2.74
C LYS G 64 21.05 25.36 -4.04
N PHE G 65 20.84 24.67 -5.16
CA PHE G 65 21.31 25.15 -6.45
C PHE G 65 20.57 26.40 -6.91
N GLU G 66 19.24 26.32 -6.89
CA GLU G 66 18.43 27.46 -7.28
C GLU G 66 18.83 28.65 -6.43
N ASN G 67 19.08 28.41 -5.16
CA ASN G 67 19.45 29.49 -4.26
C ASN G 67 20.76 30.14 -4.65
N MET G 68 21.73 29.34 -5.09
CA MET G 68 23.03 29.88 -5.50
C MET G 68 22.81 30.84 -6.67
N GLY G 69 21.89 30.49 -7.56
CA GLY G 69 21.61 31.36 -8.69
C GLY G 69 21.04 32.69 -8.23
N ALA G 70 20.06 32.65 -7.32
CA ALA G 70 19.48 33.89 -6.83
C ALA G 70 20.52 34.71 -6.06
N GLN G 71 21.26 34.07 -5.17
CA GLN G 71 22.26 34.81 -4.40
C GLN G 71 23.33 35.45 -5.28
N MET G 72 23.64 34.82 -6.41
CA MET G 72 24.66 35.37 -7.31
C MET G 72 24.24 36.69 -7.96
N VAL G 73 23.07 36.76 -8.58
CA VAL G 73 22.70 38.02 -9.21
C VAL G 73 22.36 39.01 -8.11
N LYS G 74 21.83 38.48 -7.01
CA LYS G 74 21.44 39.32 -5.88
C LYS G 74 22.66 40.12 -5.40
N GLU G 75 23.79 39.45 -5.28
CA GLU G 75 25.01 40.09 -4.80
C GLU G 75 25.58 41.14 -5.73
N VAL G 76 25.57 40.84 -7.03
CA VAL G 76 26.11 41.76 -8.01
C VAL G 76 25.15 42.94 -8.20
N ALA G 77 23.86 42.68 -8.25
CA ALA G 77 22.91 43.75 -8.42
C ALA G 77 22.97 44.73 -7.26
N SER G 78 23.25 44.21 -6.07
CA SER G 78 23.32 45.10 -4.92
C SER G 78 24.42 46.14 -5.11
N LYS G 79 25.50 45.75 -5.78
CA LYS G 79 26.60 46.65 -6.05
C LYS G 79 26.17 47.87 -6.87
N ALA G 80 25.22 47.69 -7.78
CA ALA G 80 24.78 48.81 -8.58
C ALA G 80 24.24 49.89 -7.66
N ASN G 81 23.42 49.48 -6.69
CA ASN G 81 22.83 50.41 -5.75
C ASN G 81 23.91 51.07 -4.90
N ASP G 82 24.88 50.29 -4.46
CA ASP G 82 25.97 50.82 -3.65
C ASP G 82 26.72 51.88 -4.43
N ALA G 83 26.99 51.58 -5.69
CA ALA G 83 27.73 52.50 -6.56
C ALA G 83 27.04 53.80 -6.94
N ALA G 84 25.76 53.73 -7.34
CA ALA G 84 25.06 54.93 -7.77
C ALA G 84 23.83 55.31 -6.97
N GLY G 85 23.51 54.54 -5.93
CA GLY G 85 22.33 54.82 -5.12
C GLY G 85 21.02 54.37 -5.75
N ASP G 86 21.10 53.53 -6.78
CA ASP G 86 19.91 53.04 -7.46
C ASP G 86 20.29 52.06 -8.59
N GLY G 87 19.28 51.40 -9.16
CA GLY G 87 19.52 50.48 -10.24
C GLY G 87 19.59 49.00 -9.91
N THR G 88 19.38 48.65 -8.65
CA THR G 88 19.43 47.23 -8.27
C THR G 88 18.38 46.41 -9.00
N THR G 89 17.12 46.83 -8.91
CA THR G 89 16.05 46.10 -9.59
C THR G 89 16.36 46.01 -11.09
N THR G 90 16.74 47.14 -11.68
CA THR G 90 17.05 47.17 -13.10
C THR G 90 18.10 46.14 -13.45
N ALA G 91 19.22 46.19 -12.73
CA ALA G 91 20.32 45.25 -12.93
C ALA G 91 19.77 43.84 -12.87
N THR G 92 18.86 43.60 -11.92
CA THR G 92 18.28 42.28 -11.76
C THR G 92 17.45 41.88 -12.97
N VAL G 93 16.53 42.72 -13.44
CA VAL G 93 15.75 42.32 -14.61
C VAL G 93 16.63 42.20 -15.86
N LEU G 94 17.68 43.00 -15.96
CA LEU G 94 18.60 42.92 -17.09
C LEU G 94 19.31 41.57 -17.03
N ALA G 95 19.78 41.23 -15.83
CA ALA G 95 20.48 39.98 -15.61
C ALA G 95 19.60 38.80 -16.02
N GLN G 96 18.33 38.84 -15.66
CA GLN G 96 17.43 37.76 -16.01
C GLN G 96 17.33 37.62 -17.54
N ALA G 97 17.18 38.77 -18.19
CA ALA G 97 17.04 38.80 -19.63
C ALA G 97 18.27 38.23 -20.32
N ILE G 98 19.46 38.67 -19.91
CA ILE G 98 20.67 38.19 -20.53
C ILE G 98 20.86 36.71 -20.27
N ILE G 99 20.69 36.28 -19.02
CA ILE G 99 20.87 34.89 -18.65
C ILE G 99 19.93 33.94 -19.39
N THR G 100 18.67 34.33 -19.49
CA THR G 100 17.68 33.50 -20.16
C THR G 100 18.03 33.22 -21.63
N GLU G 101 18.23 34.26 -22.42
CA GLU G 101 18.57 34.07 -23.81
C GLU G 101 19.96 33.45 -23.94
N GLY G 102 20.87 33.88 -23.07
CA GLY G 102 22.21 33.34 -23.12
C GLY G 102 22.20 31.84 -22.97
N LEU G 103 21.46 31.34 -21.98
CA LEU G 103 21.39 29.90 -21.76
C LEU G 103 20.73 29.18 -22.94
N LYS G 104 19.73 29.80 -23.57
CA LYS G 104 19.09 29.17 -24.71
C LYS G 104 20.14 28.94 -25.77
N ALA G 105 20.93 29.97 -26.03
CA ALA G 105 21.97 29.89 -27.03
C ALA G 105 22.90 28.74 -26.69
N VAL G 106 23.28 28.65 -25.42
CA VAL G 106 24.18 27.60 -24.97
C VAL G 106 23.61 26.23 -25.24
N ALA G 107 22.32 26.06 -24.97
CA ALA G 107 21.65 24.78 -25.16
C ALA G 107 21.57 24.44 -26.64
N ALA G 108 21.50 25.48 -27.48
CA ALA G 108 21.44 25.28 -28.92
C ALA G 108 22.81 24.83 -29.42
N GLY G 109 23.80 24.86 -28.53
CA GLY G 109 25.13 24.42 -28.90
C GLY G 109 26.16 25.50 -29.17
N MET G 110 25.81 26.76 -28.95
CA MET G 110 26.77 27.84 -29.20
C MET G 110 27.79 27.88 -28.08
N ASN G 111 28.99 28.41 -28.36
CA ASN G 111 30.04 28.45 -27.34
C ASN G 111 29.85 29.51 -26.27
N PRO G 112 29.81 29.08 -24.99
CA PRO G 112 29.63 29.98 -23.85
C PRO G 112 30.63 31.13 -23.79
N MET G 113 31.89 30.83 -24.02
CA MET G 113 32.91 31.86 -23.98
C MET G 113 32.70 32.90 -25.08
N ASP G 114 32.24 32.47 -26.26
CA ASP G 114 32.01 33.45 -27.33
C ASP G 114 30.77 34.28 -27.05
N LEU G 115 29.74 33.64 -26.51
CA LEU G 115 28.50 34.33 -26.18
C LEU G 115 28.82 35.44 -25.19
N LYS G 116 29.63 35.09 -24.19
CA LYS G 116 30.01 36.06 -23.17
C LYS G 116 30.80 37.20 -23.80
N ARG G 117 31.77 36.87 -24.64
CA ARG G 117 32.58 37.90 -25.28
C ARG G 117 31.71 38.87 -26.08
N GLY G 118 30.70 38.33 -26.78
CA GLY G 118 29.81 39.15 -27.57
C GLY G 118 28.97 40.05 -26.69
N ILE G 119 28.46 39.48 -25.60
CA ILE G 119 27.66 40.26 -24.64
C ILE G 119 28.50 41.44 -24.13
N ASP G 120 29.73 41.14 -23.75
CA ASP G 120 30.63 42.16 -23.25
C ASP G 120 30.91 43.24 -24.28
N LYS G 121 31.16 42.83 -25.52
CA LYS G 121 31.43 43.82 -26.55
C LYS G 121 30.23 44.76 -26.69
N ALA G 122 29.03 44.19 -26.72
CA ALA G 122 27.81 44.96 -26.86
C ALA G 122 27.67 45.94 -25.70
N VAL G 123 27.94 45.47 -24.48
CA VAL G 123 27.85 46.33 -23.31
C VAL G 123 28.87 47.47 -23.37
N THR G 124 30.10 47.15 -23.78
CA THR G 124 31.12 48.18 -23.85
C THR G 124 30.67 49.27 -24.82
N ALA G 125 30.07 48.87 -25.92
CA ALA G 125 29.57 49.81 -26.92
C ALA G 125 28.41 50.58 -26.31
N ALA G 126 27.54 49.86 -25.61
CA ALA G 126 26.37 50.47 -24.98
C ALA G 126 26.75 51.55 -23.98
N VAL G 127 27.80 51.29 -23.20
CA VAL G 127 28.25 52.27 -22.22
C VAL G 127 28.77 53.53 -22.88
N GLU G 128 29.45 53.38 -24.01
CA GLU G 128 29.98 54.54 -24.72
C GLU G 128 28.84 55.33 -25.34
N GLU G 129 27.85 54.62 -25.86
CA GLU G 129 26.70 55.26 -26.48
C GLU G 129 25.93 56.03 -25.41
N LEU G 130 25.97 55.48 -24.19
CA LEU G 130 25.30 56.07 -23.04
C LEU G 130 25.93 57.41 -22.64
N LYS G 131 27.25 57.50 -22.79
CA LYS G 131 27.96 58.74 -22.46
C LYS G 131 27.55 59.80 -23.46
N ALA G 132 27.42 59.38 -24.72
CA ALA G 132 27.05 60.28 -25.79
C ALA G 132 25.62 60.83 -25.66
N LEU G 133 24.70 60.01 -25.17
CA LEU G 133 23.27 60.37 -24.99
C LEU G 133 23.10 61.33 -23.81
N SER G 134 23.99 61.15 -22.84
CA SER G 134 23.99 61.90 -21.61
C SER G 134 24.04 63.43 -21.68
N VAL G 135 23.22 64.06 -20.84
CA VAL G 135 23.16 65.52 -20.73
C VAL G 135 23.87 65.88 -19.43
N PRO G 136 24.74 66.90 -19.44
CA PRO G 136 25.50 67.34 -18.28
C PRO G 136 24.70 67.98 -17.16
N CYS G 137 25.19 67.82 -15.94
CA CYS G 137 24.56 68.41 -14.78
C CYS G 137 25.70 69.08 -13.98
N SER G 138 26.01 70.34 -14.30
CA SER G 138 27.10 71.05 -13.64
C SER G 138 26.79 72.34 -12.89
N ASP G 139 26.05 73.25 -13.51
CA ASP G 139 25.71 74.50 -12.84
C ASP G 139 24.72 74.16 -11.72
N SER G 140 24.75 74.92 -10.62
CA SER G 140 23.88 74.61 -9.50
C SER G 140 22.42 74.80 -9.82
N LYS G 141 22.11 75.32 -10.99
CA LYS G 141 20.71 75.45 -11.34
C LYS G 141 20.22 74.05 -11.70
N ALA G 142 21.03 73.35 -12.47
CA ALA G 142 20.74 71.98 -12.89
C ALA G 142 20.73 71.06 -11.67
N ILE G 143 21.75 71.19 -10.85
CA ILE G 143 21.85 70.38 -9.64
C ILE G 143 20.55 70.48 -8.84
N ALA G 144 20.02 71.69 -8.68
CA ALA G 144 18.78 71.85 -7.94
C ALA G 144 17.62 71.16 -8.63
N GLN G 145 17.60 71.18 -9.96
CA GLN G 145 16.51 70.54 -10.71
C GLN G 145 16.53 69.03 -10.53
N VAL G 146 17.73 68.43 -10.66
CA VAL G 146 17.90 66.99 -10.50
C VAL G 146 17.55 66.55 -9.09
N GLY G 147 17.86 67.40 -8.11
CA GLY G 147 17.55 67.09 -6.73
C GLY G 147 16.06 67.17 -6.48
N THR G 148 15.41 68.11 -7.16
CA THR G 148 13.97 68.30 -7.02
C THR G 148 13.24 67.10 -7.59
N ILE G 149 13.64 66.69 -8.79
CA ILE G 149 13.03 65.53 -9.43
C ILE G 149 13.26 64.28 -8.59
N SER G 150 14.46 64.14 -8.05
CA SER G 150 14.77 62.97 -7.24
C SER G 150 14.06 63.00 -5.91
N ALA G 151 13.51 64.16 -5.55
CA ALA G 151 12.82 64.30 -4.27
C ALA G 151 11.30 64.35 -4.46
N ASN G 152 10.87 63.82 -5.59
CA ASN G 152 9.47 63.77 -5.95
C ASN G 152 8.90 65.18 -6.12
N SER G 153 9.60 65.96 -6.93
CA SER G 153 9.20 67.32 -7.24
C SER G 153 9.17 68.30 -6.07
N ASP G 154 9.96 68.02 -5.04
CA ASP G 154 10.04 68.92 -3.90
C ASP G 154 11.16 69.91 -4.16
N GLU G 155 10.81 71.11 -4.64
CA GLU G 155 11.84 72.11 -4.92
C GLU G 155 12.74 72.41 -3.75
N THR G 156 12.19 72.32 -2.54
CA THR G 156 12.93 72.57 -1.31
C THR G 156 14.19 71.71 -1.22
N VAL G 157 14.02 70.41 -1.43
CA VAL G 157 15.11 69.48 -1.39
C VAL G 157 16.18 69.82 -2.43
N GLY G 158 15.74 70.15 -3.64
CA GLY G 158 16.69 70.51 -4.67
C GLY G 158 17.51 71.72 -4.24
N LYS G 159 16.82 72.70 -3.67
CA LYS G 159 17.45 73.92 -3.20
C LYS G 159 18.48 73.59 -2.11
N LEU G 160 18.06 72.79 -1.15
CA LEU G 160 18.93 72.37 -0.06
C LEU G 160 20.23 71.77 -0.58
N ILE G 161 20.10 70.77 -1.45
CA ILE G 161 21.24 70.06 -2.01
C ILE G 161 22.16 70.98 -2.82
N ALA G 162 21.57 71.87 -3.60
CA ALA G 162 22.34 72.81 -4.40
C ALA G 162 23.15 73.72 -3.48
N GLU G 163 22.53 74.17 -2.40
CA GLU G 163 23.19 75.04 -1.43
C GLU G 163 24.36 74.32 -0.76
N ALA G 164 24.13 73.08 -0.34
CA ALA G 164 25.15 72.28 0.31
C ALA G 164 26.32 72.04 -0.62
N MET G 165 26.03 71.63 -1.86
CA MET G 165 27.10 71.36 -2.82
C MET G 165 27.89 72.62 -3.12
N ASP G 166 27.22 73.75 -3.06
CA ASP G 166 27.88 75.02 -3.31
C ASP G 166 28.88 75.34 -2.18
N LYS G 167 28.52 74.95 -0.96
CA LYS G 167 29.35 75.17 0.22
C LYS G 167 30.62 74.36 0.20
N VAL G 168 30.47 73.04 0.15
CA VAL G 168 31.61 72.14 0.17
C VAL G 168 32.16 71.71 -1.19
N GLY G 169 31.55 72.18 -2.26
CA GLY G 169 32.03 71.82 -3.60
C GLY G 169 31.44 70.51 -4.09
N LYS G 170 31.51 70.24 -5.39
CA LYS G 170 30.94 69.01 -5.94
C LYS G 170 31.59 67.76 -5.38
N GLU G 171 32.86 67.87 -5.01
CA GLU G 171 33.62 66.75 -4.43
C GLU G 171 33.46 66.68 -2.92
N GLY G 172 32.91 67.73 -2.33
CA GLY G 172 32.72 67.79 -0.89
C GLY G 172 31.89 66.67 -0.27
N VAL G 173 32.05 66.48 1.02
CA VAL G 173 31.32 65.47 1.78
C VAL G 173 30.05 66.11 2.33
N ILE G 174 28.90 65.51 2.00
CA ILE G 174 27.61 66.04 2.46
C ILE G 174 26.84 65.01 3.28
N THR G 175 26.51 65.38 4.52
CA THR G 175 25.80 64.53 5.45
C THR G 175 24.41 65.07 5.71
N VAL G 176 23.47 64.19 6.07
CA VAL G 176 22.12 64.64 6.37
C VAL G 176 21.60 63.94 7.64
N GLU G 177 21.02 64.72 8.53
CA GLU G 177 20.50 64.20 9.80
C GLU G 177 19.22 64.89 10.24
N ASP G 178 18.56 64.33 11.25
CA ASP G 178 17.32 64.90 11.76
C ASP G 178 17.46 66.38 12.09
N GLY G 179 16.40 67.14 11.85
CA GLY G 179 16.41 68.55 12.14
C GLY G 179 15.97 68.80 13.57
N THR G 180 16.18 70.02 14.06
CA THR G 180 15.79 70.36 15.42
C THR G 180 14.41 71.00 15.43
N GLY G 181 13.79 71.11 14.25
CA GLY G 181 12.45 71.67 14.20
C GLY G 181 12.11 72.57 13.03
N LEU G 182 11.00 72.24 12.36
CA LEU G 182 10.49 72.99 11.20
C LEU G 182 11.40 74.08 10.67
N GLN G 183 12.50 73.69 10.06
CA GLN G 183 13.47 74.61 9.48
C GLN G 183 14.80 73.92 9.29
N ASP G 184 15.28 73.99 8.06
CA ASP G 184 16.52 73.34 7.71
C ASP G 184 17.72 74.15 8.21
N GLU G 185 18.86 73.49 8.32
CA GLU G 185 20.08 74.14 8.74
C GLU G 185 21.22 73.53 7.94
N LEU G 186 22.12 74.35 7.46
CA LEU G 186 23.25 73.86 6.69
C LEU G 186 24.50 74.42 7.33
N ASP G 187 25.41 73.54 7.73
CA ASP G 187 26.64 73.99 8.37
C ASP G 187 27.80 73.09 7.98
N VAL G 188 28.97 73.68 7.82
CA VAL G 188 30.15 72.88 7.48
C VAL G 188 30.91 72.71 8.77
N VAL G 189 31.28 71.47 9.09
CA VAL G 189 31.98 71.21 10.33
C VAL G 189 33.23 70.40 10.14
N GLU G 190 34.00 70.29 11.21
CA GLU G 190 35.23 69.51 11.18
C GLU G 190 34.80 68.08 10.95
N GLY G 191 35.28 67.48 9.87
CA GLY G 191 34.88 66.12 9.60
C GLY G 191 35.75 65.50 8.55
N MET G 192 35.47 64.24 8.23
CA MET G 192 36.24 63.50 7.25
C MET G 192 35.52 62.24 6.86
N GLN G 193 35.90 61.69 5.71
CA GLN G 193 35.32 60.44 5.22
C GLN G 193 36.35 59.62 4.45
N PHE G 194 36.48 58.34 4.78
CA PHE G 194 37.42 57.47 4.10
C PHE G 194 36.72 56.24 3.55
N ASP G 195 37.40 55.48 2.70
CA ASP G 195 36.84 54.29 2.09
C ASP G 195 37.05 52.99 2.84
N ARG G 196 36.28 52.80 3.90
CA ARG G 196 36.34 51.59 4.69
C ARG G 196 34.98 51.46 5.31
N GLY G 197 34.39 50.28 5.19
CA GLY G 197 33.07 50.07 5.76
C GLY G 197 33.14 49.23 7.01
N TYR G 198 31.97 48.90 7.54
CA TYR G 198 31.91 48.09 8.74
C TYR G 198 32.65 46.78 8.51
N LEU G 199 33.35 46.29 9.52
CA LEU G 199 34.07 45.04 9.39
C LEU G 199 33.13 43.85 9.58
N SER G 200 31.83 44.15 9.63
CA SER G 200 30.81 43.12 9.81
C SER G 200 29.43 43.75 9.86
N PRO G 201 28.44 43.14 9.19
CA PRO G 201 27.13 43.79 9.29
C PRO G 201 26.80 43.65 10.77
N TYR G 202 25.53 43.49 11.13
CA TYR G 202 25.22 43.34 12.56
C TYR G 202 25.51 44.66 13.27
N PHE G 203 26.67 45.25 12.98
CA PHE G 203 27.00 46.53 13.57
C PHE G 203 25.92 47.49 13.08
N ILE G 204 25.30 47.12 11.97
CA ILE G 204 24.25 47.91 11.36
C ILE G 204 23.08 48.14 12.30
N ASN G 205 22.74 49.39 12.54
CA ASN G 205 21.61 49.71 13.41
C ASN G 205 20.56 50.54 12.67
N LYS G 206 20.71 50.63 11.35
CA LYS G 206 19.78 51.37 10.51
C LYS G 206 19.51 50.52 9.27
N PRO G 207 18.91 49.32 9.46
CA PRO G 207 18.57 48.37 8.39
C PRO G 207 17.95 48.99 7.15
N GLU G 208 17.33 50.15 7.33
CA GLU G 208 16.72 50.86 6.21
C GLU G 208 17.83 51.21 5.22
N THR G 209 18.76 52.03 5.68
CA THR G 209 19.90 52.48 4.88
C THR G 209 21.09 51.51 4.93
N GLY G 210 20.94 50.46 5.73
CA GLY G 210 22.00 49.47 5.87
C GLY G 210 23.32 50.02 6.39
N ALA G 211 23.22 51.04 7.25
CA ALA G 211 24.37 51.70 7.81
C ALA G 211 24.47 51.61 9.33
N VAL G 212 25.64 51.97 9.84
CA VAL G 212 25.87 51.99 11.28
C VAL G 212 25.87 53.47 11.61
N GLU G 213 25.11 53.84 12.62
CA GLU G 213 25.03 55.25 12.99
C GLU G 213 25.22 55.36 14.49
N LEU G 214 26.31 55.99 14.90
CA LEU G 214 26.63 56.15 16.31
C LEU G 214 26.59 57.63 16.67
N GLU G 215 26.06 57.95 17.84
CA GLU G 215 25.99 59.34 18.25
C GLU G 215 26.93 59.68 19.41
N SER G 216 27.65 60.80 19.26
CA SER G 216 28.63 61.23 20.26
C SER G 216 29.51 60.06 20.70
N PRO G 217 30.06 59.29 19.73
CA PRO G 217 30.90 58.15 20.05
C PRO G 217 32.36 58.50 20.36
N PHE G 218 33.04 57.54 20.95
CA PHE G 218 34.45 57.68 21.25
C PHE G 218 35.11 56.94 20.09
N ILE G 219 36.30 57.35 19.70
CA ILE G 219 36.96 56.70 18.59
C ILE G 219 38.31 56.19 19.04
N LEU G 220 38.51 54.88 18.93
CA LEU G 220 39.79 54.29 19.30
C LEU G 220 40.63 54.17 18.04
N LEU G 221 41.83 54.75 18.08
CA LEU G 221 42.72 54.71 16.94
C LEU G 221 43.90 53.81 17.31
N ALA G 222 43.90 52.59 16.76
CA ALA G 222 44.96 51.63 17.06
C ALA G 222 45.73 51.20 15.84
N ASP G 223 47.01 51.55 15.78
CA ASP G 223 47.87 51.18 14.66
C ASP G 223 48.39 49.77 14.89
N LYS G 224 47.54 48.80 14.59
CA LYS G 224 47.86 47.39 14.76
C LYS G 224 46.61 46.56 14.52
N LYS G 225 46.77 45.24 14.47
CA LYS G 225 45.63 44.35 14.26
C LYS G 225 45.16 43.82 15.59
N ILE G 226 43.87 43.96 15.86
CA ILE G 226 43.31 43.49 17.12
C ILE G 226 42.59 42.16 16.88
N SER G 227 43.10 41.08 17.47
CA SER G 227 42.53 39.76 17.27
C SER G 227 41.94 39.10 18.51
N ASN G 228 42.23 39.67 19.67
CA ASN G 228 41.73 39.13 20.93
C ASN G 228 41.17 40.28 21.75
N ILE G 229 39.96 40.12 22.27
CA ILE G 229 39.34 41.19 23.03
C ILE G 229 39.93 41.41 24.41
N ARG G 230 41.03 40.73 24.71
CA ARG G 230 41.68 40.89 26.00
C ARG G 230 42.30 42.29 26.15
N GLU G 231 42.95 42.75 25.09
CA GLU G 231 43.58 44.06 25.10
C GLU G 231 42.52 45.16 25.24
N MET G 232 41.35 44.88 24.68
CA MET G 232 40.23 45.81 24.68
C MET G 232 39.59 46.08 26.03
N LEU G 233 39.42 45.04 26.84
CA LEU G 233 38.78 45.14 28.15
C LEU G 233 38.94 46.45 28.91
N PRO G 234 40.17 46.90 29.15
CA PRO G 234 40.34 48.15 29.88
C PRO G 234 39.64 49.33 29.19
N VAL G 235 39.79 49.43 27.88
CA VAL G 235 39.18 50.51 27.12
C VAL G 235 37.67 50.34 27.01
N LEU G 236 37.21 49.10 26.84
CA LEU G 236 35.78 48.86 26.72
C LEU G 236 35.02 49.21 28.00
N GLU G 237 35.65 49.00 29.14
CA GLU G 237 34.99 49.29 30.39
C GLU G 237 34.92 50.79 30.63
N ALA G 238 35.89 51.51 30.11
CA ALA G 238 35.91 52.97 30.25
C ALA G 238 34.78 53.54 29.42
N VAL G 239 34.49 52.88 28.31
CA VAL G 239 33.42 53.27 27.41
C VAL G 239 32.09 52.76 27.95
N ALA G 240 32.14 51.73 28.80
CA ALA G 240 30.92 51.21 29.40
C ALA G 240 30.39 52.31 30.32
N LYS G 241 31.28 52.88 31.12
CA LYS G 241 30.92 54.01 31.98
C LYS G 241 30.81 55.11 30.94
N ALA G 242 30.44 56.32 31.34
CA ALA G 242 30.30 57.40 30.36
C ALA G 242 29.10 57.10 29.47
N GLY G 243 28.87 55.81 29.23
CA GLY G 243 27.75 55.34 28.44
C GLY G 243 27.61 55.85 27.02
N LYS G 244 28.72 55.87 26.30
CA LYS G 244 28.73 56.32 24.92
C LYS G 244 29.21 55.22 24.00
N PRO G 245 28.77 55.22 22.73
CA PRO G 245 29.20 54.20 21.78
C PRO G 245 30.68 54.32 21.44
N LEU G 246 31.23 53.32 20.75
CA LEU G 246 32.65 53.32 20.40
C LEU G 246 32.91 52.88 18.97
N LEU G 247 33.82 53.59 18.32
CA LEU G 247 34.20 53.25 16.97
C LEU G 247 35.67 52.84 17.02
N ILE G 248 35.95 51.61 16.60
CA ILE G 248 37.32 51.12 16.59
C ILE G 248 37.88 51.25 15.20
N ILE G 249 38.96 52.02 15.05
CA ILE G 249 39.60 52.14 13.75
C ILE G 249 40.98 51.56 13.98
N ALA G 250 41.23 50.35 13.48
CA ALA G 250 42.52 49.72 13.65
C ALA G 250 43.03 49.20 12.31
N GLU G 251 44.22 48.60 12.29
CA GLU G 251 44.75 48.05 11.05
C GLU G 251 43.77 46.98 10.58
N ASP G 252 43.13 46.33 11.54
CA ASP G 252 42.15 45.29 11.28
C ASP G 252 41.62 44.77 12.62
N VAL G 253 40.44 44.17 12.60
CA VAL G 253 39.84 43.59 13.80
C VAL G 253 39.38 42.19 13.36
N GLU G 254 40.06 41.17 13.86
CA GLU G 254 39.78 39.79 13.47
C GLU G 254 39.25 38.89 14.57
N GLY G 255 39.00 37.65 14.16
CA GLY G 255 38.52 36.59 15.03
C GLY G 255 37.85 36.88 16.35
N GLU G 256 38.37 36.25 17.40
CA GLU G 256 37.80 36.40 18.74
C GLU G 256 37.34 37.81 19.09
N ALA G 257 38.16 38.79 18.75
CA ALA G 257 37.85 40.20 19.04
C ALA G 257 36.61 40.67 18.29
N LEU G 258 36.64 40.56 16.96
CA LEU G 258 35.52 40.97 16.14
C LEU G 258 34.29 40.22 16.57
N ALA G 259 34.45 38.91 16.74
CA ALA G 259 33.34 38.07 17.14
C ALA G 259 32.70 38.60 18.42
N THR G 260 33.52 38.84 19.43
CA THR G 260 32.99 39.34 20.69
C THR G 260 32.29 40.69 20.54
N LEU G 261 32.86 41.57 19.71
CA LEU G 261 32.25 42.88 19.52
C LEU G 261 30.89 42.72 18.85
N VAL G 262 30.85 41.97 17.76
CA VAL G 262 29.62 41.74 17.03
C VAL G 262 28.53 41.27 17.99
N VAL G 263 28.90 40.38 18.91
CA VAL G 263 27.94 39.88 19.87
C VAL G 263 27.50 40.95 20.85
N ASN G 264 28.41 41.35 21.73
CA ASN G 264 28.11 42.37 22.73
C ASN G 264 27.26 43.55 22.26
N THR G 265 27.64 44.18 21.14
CA THR G 265 26.87 45.33 20.64
C THR G 265 25.50 44.89 20.19
N MET G 266 25.39 43.61 19.87
CA MET G 266 24.15 43.01 19.40
C MET G 266 23.31 42.58 20.59
N ARG G 267 23.72 42.99 21.79
CA ARG G 267 23.01 42.66 23.01
C ARG G 267 22.93 43.88 23.90
N GLY G 268 23.01 45.06 23.29
CA GLY G 268 22.91 46.29 24.06
C GLY G 268 23.98 46.45 25.11
N ILE G 269 24.97 45.57 25.11
CA ILE G 269 26.06 45.65 26.07
C ILE G 269 27.14 46.52 25.43
N VAL G 270 26.85 47.81 25.27
CA VAL G 270 27.78 48.75 24.66
C VAL G 270 27.71 48.71 23.13
N LYS G 271 27.34 49.83 22.53
CA LYS G 271 27.25 49.97 21.07
C LYS G 271 28.63 50.22 20.51
N VAL G 272 29.12 49.29 19.70
CA VAL G 272 30.44 49.43 19.12
C VAL G 272 30.40 49.16 17.63
N ALA G 273 31.44 49.57 16.93
CA ALA G 273 31.56 49.36 15.50
C ALA G 273 33.03 49.46 15.18
N ALA G 274 33.53 48.57 14.33
CA ALA G 274 34.93 48.60 13.98
C ALA G 274 35.12 48.62 12.47
N VAL G 275 36.14 49.33 12.00
CA VAL G 275 36.45 49.43 10.59
C VAL G 275 37.95 49.51 10.41
N LYS G 276 38.46 49.09 9.25
CA LYS G 276 39.88 49.14 8.97
C LYS G 276 40.32 50.58 8.81
N ALA G 277 41.57 50.88 9.18
CA ALA G 277 42.07 52.23 9.01
C ALA G 277 42.19 52.39 7.49
N PRO G 278 42.09 53.62 6.99
CA PRO G 278 42.19 53.89 5.55
C PRO G 278 43.60 53.67 4.99
N GLY G 279 43.65 53.30 3.71
CA GLY G 279 44.93 53.05 3.05
C GLY G 279 45.70 51.87 3.61
N PHE G 280 46.96 51.77 3.22
CA PHE G 280 47.83 50.70 3.71
C PHE G 280 49.24 51.26 3.81
N GLY G 281 50.18 50.43 4.24
CA GLY G 281 51.55 50.88 4.35
C GLY G 281 51.77 52.10 5.21
N ASP G 282 52.76 52.91 4.84
CA ASP G 282 53.11 54.10 5.59
C ASP G 282 52.03 55.16 5.58
N ARG G 283 51.43 55.39 4.42
CA ARG G 283 50.42 56.42 4.35
C ARG G 283 49.21 56.07 5.21
N ARG G 284 49.09 54.81 5.61
CA ARG G 284 47.98 54.40 6.44
C ARG G 284 48.20 54.96 7.85
N LYS G 285 49.46 54.97 8.27
CA LYS G 285 49.81 55.46 9.59
C LYS G 285 49.64 56.96 9.67
N ALA G 286 49.87 57.62 8.54
CA ALA G 286 49.74 59.07 8.48
C ALA G 286 48.29 59.47 8.62
N MET G 287 47.42 58.73 7.96
CA MET G 287 46.00 59.00 7.98
C MET G 287 45.38 58.71 9.34
N LEU G 288 45.93 57.72 10.03
CA LEU G 288 45.41 57.39 11.35
C LEU G 288 45.64 58.61 12.23
N GLN G 289 46.76 59.30 11.98
CA GLN G 289 47.10 60.50 12.72
C GLN G 289 46.17 61.62 12.32
N ASP G 290 45.92 61.75 11.02
CA ASP G 290 45.00 62.78 10.53
C ASP G 290 43.68 62.65 11.30
N ILE G 291 43.14 61.44 11.33
CA ILE G 291 41.88 61.19 12.04
C ILE G 291 42.02 61.59 13.49
N ALA G 292 43.14 61.19 14.12
CA ALA G 292 43.38 61.51 15.51
C ALA G 292 43.24 63.00 15.74
N THR G 293 43.99 63.78 14.98
CA THR G 293 43.94 65.23 15.09
C THR G 293 42.52 65.80 15.00
N LEU G 294 41.83 65.41 13.95
CA LEU G 294 40.48 65.83 13.69
C LEU G 294 39.51 65.48 14.84
N THR G 295 39.77 64.37 15.54
CA THR G 295 38.88 63.96 16.64
C THR G 295 39.47 64.19 18.02
N GLY G 296 40.62 64.84 18.07
CA GLY G 296 41.26 65.10 19.36
C GLY G 296 41.59 63.82 20.08
N GLY G 297 42.01 62.80 19.35
CA GLY G 297 42.36 61.53 19.97
C GLY G 297 43.84 61.25 19.82
N THR G 298 44.31 60.15 20.39
CA THR G 298 45.72 59.78 20.33
C THR G 298 45.87 58.38 19.70
N VAL G 299 46.70 58.28 18.68
CA VAL G 299 46.90 57.00 18.02
C VAL G 299 47.70 56.12 18.95
N ILE G 300 47.30 54.86 19.08
CA ILE G 300 47.98 53.92 19.94
C ILE G 300 48.81 52.95 19.11
N SER G 301 50.02 53.36 18.77
CA SER G 301 50.89 52.54 17.94
C SER G 301 51.90 51.71 18.73
N GLU G 302 52.03 50.44 18.33
CA GLU G 302 52.96 49.54 18.98
C GLU G 302 54.38 50.02 18.77
N GLU G 303 54.67 50.53 17.57
CA GLU G 303 56.01 51.03 17.28
C GLU G 303 56.56 51.83 18.45
N ILE G 304 55.87 52.92 18.79
CA ILE G 304 56.29 53.76 19.89
C ILE G 304 56.29 53.00 21.22
N GLY G 305 55.77 51.77 21.19
CA GLY G 305 55.74 50.95 22.38
C GLY G 305 54.50 51.10 23.23
N MET G 306 53.40 51.52 22.64
CA MET G 306 52.16 51.69 23.38
C MET G 306 51.32 50.42 23.44
N GLU G 307 50.56 50.27 24.52
CA GLU G 307 49.69 49.11 24.69
C GLU G 307 48.25 49.53 24.85
N LEU G 308 47.32 48.77 24.26
CA LEU G 308 45.91 49.07 24.35
C LEU G 308 45.37 48.96 25.77
N GLU G 309 46.03 48.14 26.59
CA GLU G 309 45.59 47.97 27.96
C GLU G 309 45.82 49.24 28.76
N LYS G 310 46.79 50.05 28.32
CA LYS G 310 47.11 51.29 29.01
C LYS G 310 46.43 52.48 28.36
N ALA G 311 45.41 52.20 27.54
CA ALA G 311 44.69 53.26 26.86
C ALA G 311 43.58 53.79 27.75
N THR G 312 43.53 55.11 27.89
CA THR G 312 42.52 55.75 28.72
C THR G 312 41.50 56.54 27.88
N LEU G 313 40.32 56.76 28.46
CA LEU G 313 39.27 57.48 27.77
C LEU G 313 39.78 58.74 27.09
N GLU G 314 40.87 59.30 27.60
CA GLU G 314 41.38 60.52 27.03
C GLU G 314 42.11 60.32 25.72
N ASP G 315 42.67 59.13 25.53
CA ASP G 315 43.39 58.83 24.30
C ASP G 315 42.39 58.70 23.18
N LEU G 316 41.14 58.42 23.55
CA LEU G 316 40.06 58.27 22.58
C LEU G 316 39.66 59.57 21.90
N GLY G 317 39.33 59.47 20.62
CA GLY G 317 38.93 60.63 19.85
C GLY G 317 37.45 60.82 20.07
N GLN G 318 36.87 61.87 19.49
CA GLN G 318 35.46 62.11 19.70
C GLN G 318 34.83 62.94 18.59
N ALA G 319 33.58 62.63 18.27
CA ALA G 319 32.85 63.34 17.23
C ALA G 319 31.35 63.27 17.51
N LYS G 320 30.59 64.22 17.00
CA LYS G 320 29.16 64.24 17.24
C LYS G 320 28.43 63.07 16.62
N ARG G 321 28.93 62.62 15.48
CA ARG G 321 28.26 61.53 14.79
C ARG G 321 29.15 60.84 13.77
N VAL G 322 28.98 59.54 13.62
CA VAL G 322 29.73 58.79 12.61
C VAL G 322 28.76 57.87 11.88
N VAL G 323 28.95 57.74 10.56
CA VAL G 323 28.08 56.88 9.77
C VAL G 323 28.94 55.91 8.99
N ILE G 324 28.57 54.64 9.02
CA ILE G 324 29.34 53.61 8.34
C ILE G 324 28.54 52.75 7.37
N ASN G 325 29.00 52.73 6.12
CA ASN G 325 28.40 51.97 5.03
C ASN G 325 28.99 50.60 4.99
N LYS G 326 28.84 50.01 3.81
CA LYS G 326 29.36 48.69 3.52
C LYS G 326 30.81 48.94 3.13
N ASP G 327 31.08 50.16 2.67
CA ASP G 327 32.42 50.54 2.26
C ASP G 327 32.82 52.00 2.49
N THR G 328 32.12 52.66 3.40
CA THR G 328 32.40 54.06 3.71
C THR G 328 32.20 54.44 5.17
N THR G 329 33.23 55.03 5.76
CA THR G 329 33.13 55.50 7.13
C THR G 329 33.27 57.00 7.08
N THR G 330 32.31 57.69 7.65
CA THR G 330 32.35 59.14 7.64
C THR G 330 32.17 59.72 9.04
N ILE G 331 33.19 60.45 9.51
CA ILE G 331 33.20 61.06 10.83
C ILE G 331 32.68 62.50 10.76
N ILE G 332 31.60 62.77 11.48
CA ILE G 332 30.98 64.08 11.46
C ILE G 332 31.15 64.91 12.72
N ASP G 333 31.80 66.05 12.55
CA ASP G 333 32.06 67.00 13.62
C ASP G 333 32.99 66.50 14.71
N GLY G 334 34.28 66.56 14.43
CA GLY G 334 35.30 66.12 15.37
C GLY G 334 35.59 67.19 16.39
N VAL G 335 36.09 66.74 17.55
CA VAL G 335 36.38 67.64 18.65
C VAL G 335 37.73 68.33 18.56
N GLY G 336 38.64 67.77 17.77
CA GLY G 336 39.96 68.36 17.62
C GLY G 336 39.94 69.87 17.50
N GLU G 337 40.83 70.55 18.23
CA GLU G 337 40.91 72.01 18.23
C GLU G 337 41.35 72.54 16.87
N GLU G 338 40.74 73.64 16.44
CA GLU G 338 41.10 74.23 15.16
C GLU G 338 42.59 74.42 15.12
N ALA G 339 43.14 74.79 16.27
CA ALA G 339 44.58 75.01 16.41
C ALA G 339 45.33 73.80 15.89
N ALA G 340 44.99 72.62 16.41
CA ALA G 340 45.63 71.38 16.01
C ALA G 340 45.37 71.03 14.55
N ILE G 341 44.10 70.86 14.22
CA ILE G 341 43.68 70.54 12.86
C ILE G 341 44.31 71.45 11.83
N GLN G 342 44.38 72.74 12.14
CA GLN G 342 44.94 73.71 11.21
C GLN G 342 46.45 73.63 11.06
N GLY G 343 47.11 73.21 12.13
CA GLY G 343 48.57 73.08 12.09
C GLY G 343 48.95 71.82 11.35
N ARG G 344 48.07 70.81 11.44
CA ARG G 344 48.27 69.53 10.76
C ARG G 344 48.22 69.83 9.26
N VAL G 345 47.17 70.54 8.83
CA VAL G 345 47.00 70.90 7.44
C VAL G 345 48.26 71.66 7.04
N ALA G 346 48.75 72.49 7.94
CA ALA G 346 49.96 73.26 7.68
C ALA G 346 51.11 72.33 7.34
N GLN G 347 51.33 71.32 8.18
CA GLN G 347 52.39 70.35 7.96
C GLN G 347 52.28 69.72 6.58
N ILE G 348 51.22 68.94 6.41
CA ILE G 348 50.97 68.26 5.15
C ILE G 348 51.17 69.21 3.98
N ARG G 349 50.57 70.38 4.11
CA ARG G 349 50.63 71.40 3.08
C ARG G 349 52.06 71.74 2.70
N GLN G 350 52.97 71.74 3.67
CA GLN G 350 54.35 72.04 3.37
C GLN G 350 55.06 70.84 2.77
N GLN G 351 54.66 69.65 3.21
CA GLN G 351 55.25 68.42 2.70
C GLN G 351 55.00 68.34 1.20
N ILE G 352 53.90 68.94 0.77
CA ILE G 352 53.52 68.96 -0.63
C ILE G 352 54.57 69.72 -1.43
N GLU G 353 55.34 70.56 -0.74
CA GLU G 353 56.39 71.35 -1.37
C GLU G 353 57.55 70.40 -1.59
N GLU G 354 58.08 69.92 -0.47
CA GLU G 354 59.19 68.99 -0.48
C GLU G 354 58.87 67.74 -1.29
N ALA G 355 57.63 67.63 -1.76
CA ALA G 355 57.23 66.47 -2.56
C ALA G 355 58.16 66.31 -3.76
N THR G 356 58.80 65.15 -3.85
CA THR G 356 59.73 64.85 -4.94
C THR G 356 59.12 63.85 -5.93
N SER G 357 57.80 63.78 -5.96
CA SER G 357 57.09 62.85 -6.85
C SER G 357 55.68 63.35 -7.12
N ASP G 358 55.18 63.15 -8.33
CA ASP G 358 53.83 63.60 -8.65
C ASP G 358 52.83 62.80 -7.84
N TYR G 359 53.06 61.50 -7.74
CA TYR G 359 52.20 60.60 -6.99
C TYR G 359 52.12 61.04 -5.52
N ASP G 360 53.28 61.18 -4.89
CA ASP G 360 53.37 61.59 -3.49
C ASP G 360 52.72 62.94 -3.23
N ARG G 361 52.80 63.82 -4.21
CA ARG G 361 52.23 65.16 -4.08
C ARG G 361 50.71 65.06 -4.13
N GLU G 362 50.19 64.23 -5.03
CA GLU G 362 48.74 64.06 -5.16
C GLU G 362 48.14 63.42 -3.92
N LYS G 363 48.82 62.41 -3.39
CA LYS G 363 48.37 61.71 -2.19
C LYS G 363 48.28 62.69 -1.02
N LEU G 364 49.28 63.55 -0.88
CA LEU G 364 49.30 64.55 0.19
C LEU G 364 48.13 65.51 0.02
N GLN G 365 47.93 65.97 -1.22
CA GLN G 365 46.85 66.89 -1.52
C GLN G 365 45.51 66.27 -1.18
N GLU G 366 45.41 64.94 -1.32
CA GLU G 366 44.18 64.23 -1.00
C GLU G 366 43.87 64.45 0.48
N ARG G 367 44.88 64.20 1.32
CA ARG G 367 44.74 64.34 2.75
C ARG G 367 44.37 65.74 3.22
N VAL G 368 45.08 66.77 2.75
CA VAL G 368 44.73 68.10 3.19
C VAL G 368 43.28 68.38 2.80
N ALA G 369 42.90 67.96 1.59
CA ALA G 369 41.55 68.15 1.10
C ALA G 369 40.51 67.60 2.07
N LYS G 370 40.73 66.39 2.57
CA LYS G 370 39.80 65.76 3.52
C LYS G 370 39.75 66.57 4.83
N LEU G 371 40.93 66.80 5.40
CA LEU G 371 41.09 67.55 6.64
C LEU G 371 40.55 68.98 6.58
N ALA G 372 41.03 69.72 5.58
CA ALA G 372 40.63 71.10 5.37
C ALA G 372 39.18 71.24 4.88
N GLY G 373 38.75 70.31 4.05
CA GLY G 373 37.41 70.38 3.48
C GLY G 373 36.27 70.36 4.49
N GLY G 374 36.35 69.49 5.48
CA GLY G 374 35.28 69.38 6.45
C GLY G 374 34.13 68.55 5.90
N VAL G 375 32.95 68.73 6.47
CA VAL G 375 31.77 67.99 6.06
C VAL G 375 30.53 68.86 6.15
N ALA G 376 29.76 68.93 5.07
CA ALA G 376 28.53 69.70 5.08
C ALA G 376 27.52 68.92 5.89
N VAL G 377 26.69 69.60 6.67
CA VAL G 377 25.70 68.91 7.47
C VAL G 377 24.33 69.53 7.24
N ILE G 378 23.43 68.73 6.69
CA ILE G 378 22.07 69.18 6.41
C ILE G 378 21.14 68.67 7.51
N LYS G 379 20.46 69.57 8.21
CA LYS G 379 19.52 69.14 9.23
C LYS G 379 18.15 69.41 8.66
N VAL G 380 17.36 68.37 8.42
CA VAL G 380 16.03 68.53 7.82
C VAL G 380 14.93 68.87 8.82
N GLY G 381 14.39 70.08 8.71
CA GLY G 381 13.32 70.52 9.61
C GLY G 381 11.97 70.18 9.03
N ALA G 382 10.91 70.15 9.83
CA ALA G 382 9.60 69.80 9.27
C ALA G 382 8.31 70.09 10.05
N ALA G 383 8.37 70.16 11.37
CA ALA G 383 7.15 70.40 12.17
C ALA G 383 6.34 69.11 12.15
N THR G 384 6.61 68.27 13.15
CA THR G 384 6.04 66.94 13.39
C THR G 384 7.15 65.99 12.99
N GLU G 385 7.52 65.15 13.93
CA GLU G 385 8.58 64.19 13.73
C GLU G 385 8.41 63.36 12.46
N VAL G 386 7.17 62.96 12.18
CA VAL G 386 6.87 62.16 10.99
C VAL G 386 7.27 62.83 9.68
N GLU G 387 6.72 64.02 9.42
CA GLU G 387 7.06 64.73 8.21
C GLU G 387 8.57 64.91 8.10
N MET G 388 9.20 65.19 9.24
CA MET G 388 10.65 65.39 9.32
C MET G 388 11.41 64.16 8.90
N LYS G 389 11.06 63.02 9.48
CA LYS G 389 11.71 61.74 9.14
C LYS G 389 11.50 61.38 7.68
N GLU G 390 10.31 61.68 7.18
CA GLU G 390 9.94 61.40 5.80
C GLU G 390 10.80 62.24 4.84
N LYS G 391 10.79 63.55 5.04
CA LYS G 391 11.55 64.46 4.20
C LYS G 391 13.05 64.15 4.29
N LYS G 392 13.52 63.80 5.48
CA LYS G 392 14.93 63.47 5.67
C LYS G 392 15.31 62.36 4.71
N ALA G 393 14.44 61.37 4.58
CA ALA G 393 14.69 60.25 3.68
C ALA G 393 14.76 60.75 2.23
N ARG G 394 13.77 61.54 1.81
CA ARG G 394 13.75 62.06 0.46
C ARG G 394 15.02 62.85 0.18
N VAL G 395 15.52 63.56 1.18
CA VAL G 395 16.73 64.36 1.00
C VAL G 395 17.92 63.43 0.77
N GLU G 396 18.03 62.39 1.59
CA GLU G 396 19.13 61.43 1.48
C GLU G 396 19.18 60.82 0.11
N ASP G 397 18.00 60.48 -0.41
CA ASP G 397 17.88 59.88 -1.73
C ASP G 397 18.28 60.86 -2.81
N ALA G 398 17.61 62.00 -2.83
CA ALA G 398 17.89 63.04 -3.81
C ALA G 398 19.38 63.39 -3.81
N LEU G 399 19.98 63.37 -2.64
CA LEU G 399 21.40 63.69 -2.52
C LEU G 399 22.24 62.68 -3.29
N HIS G 400 21.99 61.40 -3.05
CA HIS G 400 22.73 60.31 -3.71
C HIS G 400 22.52 60.37 -5.23
N ALA G 401 21.30 60.68 -5.64
CA ALA G 401 20.97 60.76 -7.04
C ALA G 401 21.71 61.90 -7.69
N THR G 402 21.62 63.06 -7.06
CA THR G 402 22.29 64.28 -7.55
C THR G 402 23.80 64.10 -7.60
N ARG G 403 24.34 63.43 -6.60
CA ARG G 403 25.76 63.17 -6.53
C ARG G 403 26.18 62.52 -7.83
N ALA G 404 25.42 61.49 -8.20
CA ALA G 404 25.65 60.70 -9.41
C ALA G 404 25.43 61.53 -10.67
N ALA G 405 24.39 62.35 -10.67
CA ALA G 405 24.10 63.18 -11.82
C ALA G 405 25.28 64.12 -12.10
N VAL G 406 25.80 64.71 -11.03
CA VAL G 406 26.93 65.61 -11.14
C VAL G 406 28.16 64.92 -11.71
N GLU G 407 28.30 63.62 -11.45
CA GLU G 407 29.46 62.86 -11.91
C GLU G 407 29.46 62.49 -13.38
N GLU G 408 28.42 61.81 -13.82
CA GLU G 408 28.33 61.35 -15.19
C GLU G 408 27.12 61.85 -15.97
N GLY G 409 26.45 62.88 -15.45
CA GLY G 409 25.29 63.41 -16.15
C GLY G 409 24.02 62.60 -16.01
N VAL G 410 23.02 62.97 -16.80
CA VAL G 410 21.72 62.28 -16.79
C VAL G 410 21.27 61.83 -18.18
N VAL G 411 20.44 60.79 -18.21
CA VAL G 411 19.91 60.26 -19.48
C VAL G 411 18.44 59.97 -19.25
N ALA G 412 17.72 59.74 -20.33
CA ALA G 412 16.30 59.45 -20.26
C ALA G 412 16.07 58.27 -19.33
N GLY G 413 15.03 58.38 -18.49
CA GLY G 413 14.71 57.32 -17.55
C GLY G 413 13.65 56.40 -18.11
N GLY G 414 12.92 55.71 -17.22
CA GLY G 414 11.87 54.81 -17.65
C GLY G 414 12.33 53.75 -18.63
N GLY G 415 13.61 53.40 -18.54
CA GLY G 415 14.15 52.40 -19.43
C GLY G 415 14.39 52.80 -20.87
N VAL G 416 14.14 54.05 -21.22
CA VAL G 416 14.35 54.41 -22.62
C VAL G 416 15.80 54.62 -23.02
N ALA G 417 16.64 55.09 -22.11
CA ALA G 417 18.06 55.27 -22.46
C ALA G 417 18.62 53.93 -22.95
N LEU G 418 18.33 52.86 -22.21
CA LEU G 418 18.86 51.54 -22.57
C LEU G 418 18.34 51.06 -23.90
N ILE G 419 17.07 51.32 -24.18
CA ILE G 419 16.50 50.88 -25.44
C ILE G 419 17.05 51.75 -26.56
N ARG G 420 17.25 53.04 -26.29
CA ARG G 420 17.78 53.98 -27.29
C ARG G 420 19.16 53.54 -27.71
N VAL G 421 20.02 53.36 -26.72
CA VAL G 421 21.39 52.95 -26.93
C VAL G 421 21.45 51.62 -27.66
N ALA G 422 20.52 50.72 -27.35
CA ALA G 422 20.52 49.43 -28.01
C ALA G 422 20.17 49.57 -29.48
N SER G 423 19.22 50.43 -29.79
CA SER G 423 18.81 50.63 -31.17
C SER G 423 19.96 51.17 -32.02
N LYS G 424 20.92 51.82 -31.37
CA LYS G 424 22.05 52.37 -32.10
C LYS G 424 23.16 51.37 -32.40
N LEU G 425 23.10 50.19 -31.82
CA LEU G 425 24.15 49.19 -32.03
C LEU G 425 23.74 48.01 -32.92
N ALA G 426 22.74 48.21 -33.79
CA ALA G 426 22.27 47.14 -34.66
C ALA G 426 23.33 46.47 -35.54
N ASP G 427 24.27 47.26 -36.07
CA ASP G 427 25.28 46.67 -36.93
C ASP G 427 26.51 46.12 -36.23
N LEU G 428 26.57 46.31 -34.91
CA LEU G 428 27.71 45.83 -34.14
C LEU G 428 27.89 44.33 -34.31
N ARG G 429 29.10 43.91 -34.65
CA ARG G 429 29.39 42.49 -34.83
C ARG G 429 30.67 42.07 -34.10
N GLY G 430 30.83 40.76 -33.95
CA GLY G 430 31.99 40.21 -33.27
C GLY G 430 32.85 39.41 -34.21
N GLN G 431 33.63 38.48 -33.68
CA GLN G 431 34.51 37.67 -34.51
C GLN G 431 33.94 36.40 -35.08
N ASN G 432 32.75 36.01 -34.65
CA ASN G 432 32.13 34.82 -35.20
C ASN G 432 30.64 34.84 -34.89
N GLU G 433 29.89 33.93 -35.49
CA GLU G 433 28.47 33.93 -35.28
C GLU G 433 28.07 33.78 -33.83
N ASP G 434 28.85 33.03 -33.04
CA ASP G 434 28.53 32.87 -31.64
C ASP G 434 28.62 34.22 -30.91
N GLN G 435 29.65 35.01 -31.21
CA GLN G 435 29.79 36.32 -30.57
C GLN G 435 28.70 37.25 -31.08
N ASN G 436 28.31 37.06 -32.31
CA ASN G 436 27.24 37.90 -32.86
C ASN G 436 25.90 37.66 -32.15
N VAL G 437 25.67 36.41 -31.76
CA VAL G 437 24.44 36.04 -31.05
C VAL G 437 24.54 36.65 -29.67
N GLY G 438 25.71 36.54 -29.07
CA GLY G 438 25.91 37.10 -27.75
C GLY G 438 25.56 38.57 -27.78
N ILE G 439 26.02 39.27 -28.82
CA ILE G 439 25.75 40.69 -28.96
C ILE G 439 24.25 40.95 -29.01
N LYS G 440 23.54 40.16 -29.82
CA LYS G 440 22.09 40.32 -29.95
C LYS G 440 21.39 40.00 -28.63
N VAL G 441 21.91 39.01 -27.91
CA VAL G 441 21.33 38.64 -26.63
C VAL G 441 21.35 39.88 -25.72
N ALA G 442 22.49 40.56 -25.70
CA ALA G 442 22.64 41.76 -24.88
C ALA G 442 21.74 42.90 -25.36
N LEU G 443 21.73 43.16 -26.66
CA LEU G 443 20.90 44.24 -27.19
C LEU G 443 19.42 44.01 -26.88
N ARG G 444 18.98 42.76 -26.98
CA ARG G 444 17.59 42.43 -26.71
C ARG G 444 17.30 42.66 -25.24
N ALA G 445 18.21 42.18 -24.39
CA ALA G 445 18.07 42.31 -22.95
C ALA G 445 17.92 43.77 -22.53
N MET G 446 18.56 44.68 -23.27
CA MET G 446 18.47 46.08 -22.92
C MET G 446 17.07 46.67 -23.01
N GLU G 447 16.14 45.91 -23.57
CA GLU G 447 14.75 46.35 -23.71
C GLU G 447 13.92 45.85 -22.55
N ALA G 448 14.49 44.95 -21.78
CA ALA G 448 13.78 44.37 -20.63
C ALA G 448 13.16 45.40 -19.71
N PRO G 449 13.97 46.32 -19.16
CA PRO G 449 13.44 47.34 -18.25
C PRO G 449 12.21 48.07 -18.78
N LEU G 450 12.33 48.74 -19.91
CA LEU G 450 11.20 49.48 -20.46
C LEU G 450 10.00 48.58 -20.61
N ARG G 451 10.19 47.46 -21.31
CA ARG G 451 9.11 46.51 -21.53
C ARG G 451 8.41 46.12 -20.23
N GLN G 452 9.18 45.89 -19.17
CA GLN G 452 8.60 45.51 -17.88
C GLN G 452 7.74 46.66 -17.33
N ILE G 453 8.30 47.86 -17.36
CA ILE G 453 7.59 49.03 -16.89
C ILE G 453 6.27 49.13 -17.65
N VAL G 454 6.32 49.10 -18.97
CA VAL G 454 5.12 49.18 -19.77
C VAL G 454 4.16 48.06 -19.40
N LEU G 455 4.71 46.87 -19.16
CA LEU G 455 3.88 45.73 -18.80
C LEU G 455 3.14 46.02 -17.50
N ASN G 456 3.86 46.49 -16.49
CA ASN G 456 3.24 46.80 -15.21
C ASN G 456 2.12 47.84 -15.36
N CYS G 457 2.21 48.65 -16.41
CA CYS G 457 1.22 49.69 -16.67
C CYS G 457 0.00 49.15 -17.39
N GLY G 458 0.10 47.90 -17.85
CA GLY G 458 -0.99 47.29 -18.57
C GLY G 458 -1.04 47.69 -20.03
N GLU G 459 0.10 48.07 -20.60
CA GLU G 459 0.15 48.45 -22.01
C GLU G 459 0.93 47.39 -22.78
N GLU G 460 0.87 47.45 -24.10
CA GLU G 460 1.59 46.46 -24.91
C GLU G 460 3.06 46.84 -25.04
N PRO G 461 3.94 46.13 -24.33
CA PRO G 461 5.38 46.38 -24.36
C PRO G 461 5.99 46.52 -25.75
N SER G 462 5.71 45.53 -26.61
CA SER G 462 6.25 45.53 -27.96
C SER G 462 5.85 46.78 -28.75
N VAL G 463 4.66 47.30 -28.49
CA VAL G 463 4.21 48.48 -29.20
C VAL G 463 4.96 49.71 -28.72
N VAL G 464 5.01 49.92 -27.41
CA VAL G 464 5.73 51.07 -26.86
C VAL G 464 7.20 50.95 -27.20
N ALA G 465 7.77 49.76 -26.99
CA ALA G 465 9.17 49.54 -27.30
C ALA G 465 9.45 49.96 -28.73
N ASN G 466 8.64 49.43 -29.63
CA ASN G 466 8.76 49.72 -31.05
C ASN G 466 8.74 51.20 -31.38
N THR G 467 7.82 51.92 -30.78
CA THR G 467 7.71 53.36 -31.02
C THR G 467 8.93 54.10 -30.51
N VAL G 468 9.33 53.84 -29.27
CA VAL G 468 10.47 54.51 -28.67
C VAL G 468 11.71 54.30 -29.53
N LYS G 469 11.87 53.10 -30.08
CA LYS G 469 13.03 52.82 -30.93
C LYS G 469 12.99 53.71 -32.16
N GLY G 470 11.80 53.92 -32.71
CA GLY G 470 11.65 54.75 -33.88
C GLY G 470 12.11 56.19 -33.71
N GLY G 471 12.17 56.66 -32.45
CA GLY G 471 12.58 58.03 -32.20
C GLY G 471 14.08 58.23 -32.08
N ASP G 472 14.48 59.36 -31.48
CA ASP G 472 15.89 59.70 -31.29
C ASP G 472 16.22 60.32 -29.93
N GLY G 473 17.50 60.47 -29.67
CA GLY G 473 17.94 61.05 -28.42
C GLY G 473 17.16 60.57 -27.21
N ASN G 474 16.71 61.51 -26.40
CA ASN G 474 15.97 61.14 -25.21
C ASN G 474 14.47 61.15 -25.41
N TYR G 475 14.05 60.82 -26.62
CA TYR G 475 12.63 60.73 -26.94
C TYR G 475 12.19 59.39 -26.36
N GLY G 476 11.08 59.37 -25.64
CA GLY G 476 10.64 58.09 -25.09
C GLY G 476 9.22 58.12 -24.59
N TYR G 477 8.83 57.05 -23.92
CA TYR G 477 7.49 56.91 -23.38
C TYR G 477 7.46 57.26 -21.90
N ASN G 478 6.53 58.13 -21.51
CA ASN G 478 6.38 58.51 -20.12
C ASN G 478 5.30 57.56 -19.59
N ALA G 479 5.72 56.45 -19.00
CA ALA G 479 4.79 55.45 -18.46
C ALA G 479 3.73 56.02 -17.54
N ALA G 480 4.11 57.05 -16.79
CA ALA G 480 3.18 57.69 -15.85
C ALA G 480 2.00 58.36 -16.54
N THR G 481 2.26 59.08 -17.62
CA THR G 481 1.22 59.81 -18.34
C THR G 481 0.84 59.20 -19.70
N GLU G 482 1.50 58.11 -20.08
CA GLU G 482 1.22 57.45 -21.37
C GLU G 482 1.47 58.39 -22.54
N GLU G 483 2.37 59.35 -22.36
CA GLU G 483 2.68 60.28 -23.42
C GLU G 483 4.13 60.17 -23.88
N TYR G 484 4.35 60.22 -25.19
CA TYR G 484 5.70 60.14 -25.72
C TYR G 484 6.23 61.57 -25.76
N GLY G 485 7.54 61.74 -25.81
CA GLY G 485 8.10 63.08 -25.84
C GLY G 485 9.51 63.04 -25.32
N ASN G 486 10.06 64.18 -24.96
CA ASN G 486 11.42 64.22 -24.44
C ASN G 486 11.43 63.84 -22.96
N MET G 487 12.02 62.70 -22.65
CA MET G 487 12.09 62.21 -21.30
C MET G 487 12.70 63.19 -20.31
N ILE G 488 13.76 63.89 -20.71
CA ILE G 488 14.39 64.84 -19.81
C ILE G 488 13.43 65.99 -19.55
N ASP G 489 12.86 66.54 -20.62
CA ASP G 489 11.92 67.64 -20.50
C ASP G 489 10.78 67.24 -19.58
N MET G 490 10.27 66.02 -19.76
CA MET G 490 9.17 65.56 -18.92
C MET G 490 9.63 65.23 -17.51
N GLY G 491 10.92 65.42 -17.25
CA GLY G 491 11.46 65.18 -15.93
C GLY G 491 11.55 63.72 -15.51
N ILE G 492 11.76 62.84 -16.48
CA ILE G 492 11.89 61.42 -16.20
C ILE G 492 13.28 61.00 -16.63
N LEU G 493 14.19 61.05 -15.67
CA LEU G 493 15.59 60.74 -15.96
C LEU G 493 16.26 59.82 -14.94
N ASP G 494 17.49 59.43 -15.27
CA ASP G 494 18.30 58.59 -14.40
C ASP G 494 19.74 59.07 -14.45
N PRO G 495 20.44 59.04 -13.32
CA PRO G 495 21.83 59.50 -13.48
C PRO G 495 22.49 58.48 -14.44
N THR G 496 23.20 58.97 -15.45
CA THR G 496 23.84 58.08 -16.39
C THR G 496 24.62 57.01 -15.64
N LYS G 497 25.18 57.39 -14.48
CA LYS G 497 25.95 56.46 -13.69
C LYS G 497 25.14 55.24 -13.24
N VAL G 498 23.89 55.43 -12.85
CA VAL G 498 23.10 54.28 -12.41
C VAL G 498 22.70 53.36 -13.56
N THR G 499 22.40 53.93 -14.72
CA THR G 499 22.06 53.07 -15.83
C THR G 499 23.33 52.34 -16.28
N ARG G 500 24.46 53.02 -16.33
CA ARG G 500 25.68 52.34 -16.75
C ARG G 500 26.01 51.20 -15.79
N SER G 501 25.93 51.48 -14.49
CA SER G 501 26.23 50.47 -13.51
C SER G 501 25.29 49.28 -13.55
N ALA G 502 24.00 49.55 -13.63
CA ALA G 502 23.02 48.47 -13.70
C ALA G 502 23.35 47.54 -14.86
N LEU G 503 23.67 48.11 -16.03
CA LEU G 503 23.98 47.30 -17.19
C LEU G 503 25.27 46.51 -16.99
N GLN G 504 26.35 47.19 -16.63
CA GLN G 504 27.62 46.49 -16.44
C GLN G 504 27.58 45.36 -15.41
N TYR G 505 26.94 45.62 -14.26
CA TYR G 505 26.88 44.59 -13.26
C TYR G 505 26.03 43.43 -13.71
N ALA G 506 24.89 43.72 -14.30
CA ALA G 506 23.99 42.66 -14.80
C ALA G 506 24.77 41.77 -15.77
N ALA G 507 25.37 42.41 -16.77
CA ALA G 507 26.14 41.71 -17.78
C ALA G 507 27.22 40.87 -17.13
N SER G 508 27.83 41.41 -16.08
CA SER G 508 28.90 40.70 -15.39
C SER G 508 28.47 39.35 -14.81
N VAL G 509 27.42 39.36 -13.99
CA VAL G 509 26.97 38.12 -13.40
C VAL G 509 26.37 37.21 -14.47
N ALA G 510 25.76 37.79 -15.50
CA ALA G 510 25.16 36.98 -16.56
C ALA G 510 26.25 36.23 -17.29
N GLY G 511 27.34 36.94 -17.55
CA GLY G 511 28.45 36.32 -18.25
C GLY G 511 29.01 35.14 -17.50
N LEU G 512 29.15 35.30 -16.18
CA LEU G 512 29.67 34.25 -15.30
C LEU G 512 28.79 33.02 -15.28
N MET G 513 27.48 33.24 -15.22
CA MET G 513 26.55 32.11 -15.21
C MET G 513 26.54 31.40 -16.54
N ILE G 514 26.53 32.16 -17.63
CA ILE G 514 26.52 31.54 -18.95
C ILE G 514 27.74 30.64 -19.13
N THR G 515 28.83 30.99 -18.46
CA THR G 515 30.05 30.20 -18.57
C THR G 515 30.32 29.27 -17.37
N THR G 516 29.25 28.82 -16.72
CA THR G 516 29.36 27.92 -15.59
C THR G 516 29.05 26.52 -16.04
N GLU G 517 29.92 25.57 -15.68
CA GLU G 517 29.73 24.18 -16.07
C GLU G 517 29.50 23.28 -14.89
N CYS G 518 29.90 23.73 -13.71
CA CYS G 518 29.75 22.90 -12.53
C CYS G 518 29.37 23.68 -11.28
N MET G 519 28.56 23.07 -10.43
CA MET G 519 28.12 23.69 -9.19
C MET G 519 28.27 22.70 -8.05
N VAL G 520 28.88 23.16 -6.95
CA VAL G 520 29.09 22.31 -5.80
C VAL G 520 28.44 22.91 -4.58
N THR G 521 27.67 22.11 -3.85
CA THR G 521 27.00 22.62 -2.66
C THR G 521 26.77 21.52 -1.65
N ASP G 522 26.32 21.87 -0.46
CA ASP G 522 26.08 20.87 0.56
C ASP G 522 24.89 20.00 0.28
N LEU G 523 24.90 18.83 0.87
CA LEU G 523 23.82 17.86 0.72
C LEU G 523 22.65 18.34 1.59
N PRO G 524 21.43 18.30 1.06
CA PRO G 524 20.27 18.75 1.84
C PRO G 524 20.08 18.07 3.21
N ALA H 1 3.73 -4.49 -36.38
CA ALA H 1 3.37 -4.26 -34.95
C ALA H 1 4.46 -3.46 -34.25
N ALA H 2 4.11 -2.81 -33.14
CA ALA H 2 5.09 -2.03 -32.41
C ALA H 2 6.22 -2.97 -32.05
N LYS H 3 7.44 -2.55 -32.36
CA LYS H 3 8.62 -3.35 -32.09
C LYS H 3 9.34 -2.84 -30.86
N ASP H 4 10.28 -3.65 -30.40
CA ASP H 4 11.11 -3.33 -29.26
C ASP H 4 12.50 -3.38 -29.88
N VAL H 5 13.17 -2.23 -29.92
CA VAL H 5 14.48 -2.17 -30.53
C VAL H 5 15.58 -1.93 -29.51
N LYS H 6 16.59 -2.81 -29.52
CA LYS H 6 17.72 -2.65 -28.62
C LYS H 6 18.99 -2.39 -29.41
N PHE H 7 19.90 -1.63 -28.81
CA PHE H 7 21.13 -1.27 -29.48
C PHE H 7 22.39 -1.70 -28.76
N GLY H 8 23.49 -1.61 -29.51
CA GLY H 8 24.79 -1.96 -29.00
C GLY H 8 24.92 -2.95 -27.87
N ASN H 9 25.54 -2.52 -26.80
CA ASN H 9 25.78 -3.37 -25.66
C ASN H 9 24.55 -3.99 -25.03
N ASP H 10 23.50 -3.20 -24.87
CA ASP H 10 22.28 -3.71 -24.29
C ASP H 10 21.84 -4.93 -25.09
N ALA H 11 21.92 -4.83 -26.42
CA ALA H 11 21.51 -5.91 -27.31
C ALA H 11 22.45 -7.13 -27.23
N ARG H 12 23.74 -6.89 -27.17
CA ARG H 12 24.69 -8.00 -27.11
C ARG H 12 24.65 -8.81 -25.80
N VAL H 13 24.40 -8.20 -24.65
CA VAL H 13 24.35 -8.98 -23.43
C VAL H 13 23.13 -9.88 -23.50
N LYS H 14 22.04 -9.36 -24.04
CA LYS H 14 20.82 -10.15 -24.18
C LYS H 14 21.12 -11.41 -24.98
N MET H 15 21.74 -11.24 -26.15
CA MET H 15 22.08 -12.38 -26.99
C MET H 15 22.96 -13.34 -26.27
N LEU H 16 24.00 -12.83 -25.62
CA LEU H 16 24.92 -13.68 -24.90
C LEU H 16 24.18 -14.49 -23.85
N ARG H 17 23.41 -13.78 -23.03
CA ARG H 17 22.62 -14.38 -21.98
C ARG H 17 21.78 -15.53 -22.57
N GLY H 18 21.27 -15.32 -23.78
CA GLY H 18 20.48 -16.31 -24.44
C GLY H 18 21.29 -17.51 -24.90
N VAL H 19 22.43 -17.30 -25.56
CA VAL H 19 23.22 -18.46 -26.01
C VAL H 19 23.80 -19.20 -24.80
N ASN H 20 23.99 -18.51 -23.69
CA ASN H 20 24.50 -19.19 -22.51
C ASN H 20 23.50 -20.25 -22.03
N VAL H 21 22.21 -19.91 -21.99
CA VAL H 21 21.22 -20.87 -21.56
C VAL H 21 21.31 -22.10 -22.47
N LEU H 22 21.31 -21.85 -23.78
CA LEU H 22 21.39 -22.92 -24.75
C LEU H 22 22.66 -23.76 -24.54
N ALA H 23 23.81 -23.09 -24.56
CA ALA H 23 25.09 -23.76 -24.41
C ALA H 23 25.24 -24.53 -23.11
N ASP H 24 24.90 -23.92 -21.97
CA ASP H 24 25.02 -24.62 -20.70
C ASP H 24 24.10 -25.84 -20.57
N ALA H 25 22.94 -25.80 -21.22
CA ALA H 25 22.03 -26.91 -21.16
C ALA H 25 22.55 -28.06 -21.99
N VAL H 26 23.15 -27.72 -23.12
CA VAL H 26 23.67 -28.70 -24.08
C VAL H 26 25.02 -29.32 -23.72
N LYS H 27 25.97 -28.48 -23.31
CA LYS H 27 27.32 -28.93 -22.99
C LYS H 27 27.51 -29.89 -21.81
N VAL H 28 26.50 -30.04 -20.97
CA VAL H 28 26.65 -30.96 -19.85
C VAL H 28 26.61 -32.40 -20.33
N THR H 29 26.26 -32.60 -21.61
CA THR H 29 26.17 -33.92 -22.20
C THR H 29 27.46 -34.36 -22.90
N LEU H 30 28.28 -33.39 -23.23
CA LEU H 30 29.52 -33.59 -23.98
C LEU H 30 30.43 -34.80 -23.76
N GLY H 31 31.18 -34.83 -22.67
CA GLY H 31 32.10 -35.93 -22.46
C GLY H 31 31.55 -37.35 -22.54
N PRO H 32 32.40 -38.37 -22.32
CA PRO H 32 31.86 -39.72 -22.37
C PRO H 32 31.33 -39.93 -20.94
N LYS H 33 31.53 -38.91 -20.10
CA LYS H 33 31.04 -38.89 -18.73
C LYS H 33 29.94 -37.81 -18.69
N GLY H 34 29.32 -37.60 -19.84
CA GLY H 34 28.25 -36.62 -19.98
C GLY H 34 27.06 -36.90 -19.06
N ARG H 35 26.40 -35.82 -18.62
CA ARG H 35 25.27 -35.92 -17.72
C ARG H 35 23.93 -36.02 -18.45
N ASN H 36 22.86 -36.25 -17.69
CA ASN H 36 21.53 -36.37 -18.26
C ASN H 36 20.81 -35.04 -18.15
N VAL H 37 19.96 -34.79 -19.14
CA VAL H 37 19.14 -33.59 -19.17
C VAL H 37 17.74 -34.14 -19.20
N VAL H 38 16.84 -33.62 -18.36
CA VAL H 38 15.47 -34.11 -18.35
C VAL H 38 14.55 -33.15 -19.10
N LEU H 39 13.93 -33.64 -20.16
CA LEU H 39 13.02 -32.84 -20.97
C LEU H 39 11.58 -33.24 -20.68
N ASP H 40 10.82 -32.29 -20.15
CA ASP H 40 9.43 -32.52 -19.79
C ASP H 40 8.53 -32.62 -21.01
N LYS H 41 7.50 -33.45 -20.89
CA LYS H 41 6.52 -33.65 -21.95
C LYS H 41 5.15 -33.47 -21.30
N SER H 42 4.31 -32.66 -21.93
CA SER H 42 2.97 -32.40 -21.40
C SER H 42 2.27 -33.69 -20.92
N PHE H 43 2.42 -34.77 -21.70
CA PHE H 43 1.78 -36.04 -21.37
C PHE H 43 2.75 -37.14 -20.97
N GLY H 44 2.61 -37.60 -19.73
CA GLY H 44 3.46 -38.68 -19.24
C GLY H 44 4.68 -38.31 -18.43
N ALA H 45 5.64 -39.24 -18.42
CA ALA H 45 6.88 -39.06 -17.69
C ALA H 45 7.84 -38.26 -18.55
N PRO H 46 8.74 -37.52 -17.90
CA PRO H 46 9.73 -36.70 -18.61
C PRO H 46 10.67 -37.59 -19.39
N THR H 47 11.38 -37.01 -20.34
CA THR H 47 12.36 -37.73 -21.14
C THR H 47 13.74 -37.46 -20.57
N ILE H 48 14.51 -38.51 -20.32
CA ILE H 48 15.85 -38.32 -19.80
C ILE H 48 16.77 -38.62 -20.97
N THR H 49 17.68 -37.70 -21.27
CA THR H 49 18.56 -37.88 -22.42
C THR H 49 19.95 -37.33 -22.24
N LYS H 50 20.88 -37.80 -23.05
CA LYS H 50 22.25 -37.31 -23.05
C LYS H 50 22.57 -36.79 -24.44
N ASP H 51 21.54 -36.74 -25.28
CA ASP H 51 21.68 -36.26 -26.65
C ASP H 51 21.53 -34.74 -26.77
N GLY H 52 22.65 -34.07 -27.00
CA GLY H 52 22.64 -32.62 -27.13
C GLY H 52 21.70 -32.06 -28.18
N VAL H 53 21.43 -32.84 -29.22
CA VAL H 53 20.54 -32.37 -30.28
C VAL H 53 19.09 -32.31 -29.78
N SER H 54 18.69 -33.33 -29.01
CA SER H 54 17.34 -33.39 -28.46
C SER H 54 17.16 -32.20 -27.53
N VAL H 55 18.16 -31.96 -26.68
CA VAL H 55 18.11 -30.87 -25.74
C VAL H 55 17.97 -29.55 -26.47
N ALA H 56 18.90 -29.28 -27.39
CA ALA H 56 18.87 -28.03 -28.12
C ALA H 56 17.52 -27.75 -28.76
N ARG H 57 16.91 -28.79 -29.30
CA ARG H 57 15.60 -28.69 -29.94
C ARG H 57 14.55 -28.07 -29.03
N GLU H 58 14.59 -28.44 -27.74
CA GLU H 58 13.66 -27.95 -26.74
C GLU H 58 13.89 -26.54 -26.22
N ILE H 59 15.07 -25.98 -26.42
CA ILE H 59 15.38 -24.67 -25.91
C ILE H 59 14.72 -23.51 -26.64
N GLU H 60 13.96 -22.72 -25.86
CA GLU H 60 13.30 -21.52 -26.35
C GLU H 60 13.09 -20.65 -25.12
N LEU H 61 13.60 -19.42 -25.17
CA LEU H 61 13.53 -18.53 -24.02
C LEU H 61 12.40 -17.51 -24.08
N GLU H 62 11.92 -17.10 -22.91
CA GLU H 62 10.82 -16.16 -22.81
C GLU H 62 11.19 -14.75 -23.25
N ASP H 63 12.36 -14.28 -22.85
CA ASP H 63 12.80 -12.94 -23.24
C ASP H 63 13.09 -12.96 -24.75
N LYS H 64 12.34 -12.17 -25.52
CA LYS H 64 12.49 -12.16 -26.97
C LYS H 64 13.92 -12.01 -27.48
N PHE H 65 14.70 -11.12 -26.85
CA PHE H 65 16.07 -10.88 -27.26
C PHE H 65 16.98 -12.08 -26.93
N GLU H 66 16.88 -12.57 -25.71
CA GLU H 66 17.68 -13.72 -25.31
C GLU H 66 17.38 -14.87 -26.24
N ASN H 67 16.10 -15.02 -26.56
CA ASN H 67 15.68 -16.10 -27.43
C ASN H 67 16.31 -16.02 -28.82
N MET H 68 16.38 -14.81 -29.38
CA MET H 68 16.96 -14.64 -30.69
C MET H 68 18.40 -15.13 -30.65
N GLY H 69 19.08 -14.85 -29.53
CA GLY H 69 20.46 -15.27 -29.38
C GLY H 69 20.55 -16.77 -29.43
N ALA H 70 19.72 -17.44 -28.64
CA ALA H 70 19.72 -18.88 -28.59
C ALA H 70 19.33 -19.47 -29.94
N GLN H 71 18.28 -18.95 -30.55
CA GLN H 71 17.84 -19.45 -31.84
C GLN H 71 18.90 -19.30 -32.92
N MET H 72 19.67 -18.21 -32.87
CA MET H 72 20.70 -18.01 -33.87
C MET H 72 21.77 -19.09 -33.87
N VAL H 73 22.39 -19.37 -32.71
CA VAL H 73 23.44 -20.39 -32.72
C VAL H 73 22.80 -21.77 -32.88
N LYS H 74 21.59 -21.90 -32.36
CA LYS H 74 20.84 -23.16 -32.46
C LYS H 74 20.73 -23.53 -33.93
N GLU H 75 20.45 -22.55 -34.76
CA GLU H 75 20.29 -22.77 -36.20
C GLU H 75 21.56 -23.20 -36.92
N VAL H 76 22.62 -22.40 -36.89
CA VAL H 76 23.84 -22.79 -37.59
C VAL H 76 24.49 -24.01 -36.94
N ALA H 77 24.29 -24.22 -35.65
CA ALA H 77 24.88 -25.38 -35.02
C ALA H 77 24.28 -26.65 -35.62
N SER H 78 22.98 -26.61 -35.91
CA SER H 78 22.33 -27.78 -36.47
C SER H 78 22.90 -28.10 -37.84
N LYS H 79 23.25 -27.07 -38.61
CA LYS H 79 23.82 -27.27 -39.94
C LYS H 79 25.06 -28.17 -39.88
N ALA H 80 25.75 -28.17 -38.74
CA ALA H 80 26.92 -29.01 -38.58
C ALA H 80 26.47 -30.47 -38.57
N ASN H 81 25.43 -30.76 -37.81
CA ASN H 81 24.90 -32.11 -37.74
C ASN H 81 24.37 -32.57 -39.10
N ASP H 82 23.72 -31.67 -39.82
CA ASP H 82 23.18 -31.98 -41.13
C ASP H 82 24.29 -32.35 -42.11
N ALA H 83 25.41 -31.65 -42.03
CA ALA H 83 26.53 -31.88 -42.92
C ALA H 83 27.38 -33.09 -42.62
N ALA H 84 27.62 -33.38 -41.34
CA ALA H 84 28.48 -34.51 -40.96
C ALA H 84 27.84 -35.56 -40.04
N GLY H 85 26.57 -35.36 -39.69
CA GLY H 85 25.89 -36.31 -38.83
C GLY H 85 26.29 -36.22 -37.38
N ASP H 86 27.06 -35.18 -37.05
CA ASP H 86 27.54 -34.98 -35.69
C ASP H 86 28.24 -33.64 -35.53
N GLY H 87 28.43 -33.21 -34.28
CA GLY H 87 29.13 -31.96 -34.04
C GLY H 87 28.27 -30.76 -33.68
N THR H 88 26.98 -30.98 -33.49
CA THR H 88 26.10 -29.87 -33.15
C THR H 88 26.38 -29.33 -31.75
N THR H 89 26.62 -30.23 -30.81
CA THR H 89 26.90 -29.80 -29.45
C THR H 89 28.27 -29.12 -29.44
N THR H 90 29.23 -29.71 -30.14
CA THR H 90 30.56 -29.12 -30.20
C THR H 90 30.48 -27.69 -30.75
N ALA H 91 29.79 -27.55 -31.88
CA ALA H 91 29.64 -26.25 -32.52
C ALA H 91 29.05 -25.25 -31.54
N THR H 92 28.12 -25.72 -30.71
CA THR H 92 27.49 -24.85 -29.73
C THR H 92 28.47 -24.38 -28.66
N VAL H 93 29.20 -25.29 -28.02
CA VAL H 93 30.12 -24.83 -27.00
C VAL H 93 31.21 -23.96 -27.64
N LEU H 94 31.56 -24.25 -28.88
CA LEU H 94 32.57 -23.43 -29.55
C LEU H 94 32.02 -22.02 -29.74
N ALA H 95 30.79 -21.94 -30.22
CA ALA H 95 30.17 -20.63 -30.44
C ALA H 95 30.12 -19.85 -29.13
N GLN H 96 29.76 -20.53 -28.04
CA GLN H 96 29.68 -19.86 -26.75
C GLN H 96 31.01 -19.25 -26.37
N ALA H 97 32.08 -20.04 -26.53
CA ALA H 97 33.42 -19.61 -26.20
C ALA H 97 33.83 -18.39 -27.02
N ILE H 98 33.64 -18.47 -28.33
CA ILE H 98 34.01 -17.36 -29.20
C ILE H 98 33.19 -16.13 -28.84
N ILE H 99 31.88 -16.29 -28.76
CA ILE H 99 31.00 -15.15 -28.47
C ILE H 99 31.32 -14.45 -27.15
N THR H 100 31.59 -15.24 -26.11
CA THR H 100 31.92 -14.68 -24.82
C THR H 100 33.19 -13.83 -24.83
N GLU H 101 34.30 -14.40 -25.24
CA GLU H 101 35.54 -13.63 -25.28
C GLU H 101 35.46 -12.50 -26.30
N GLY H 102 34.77 -12.74 -27.41
CA GLY H 102 34.65 -11.71 -28.42
C GLY H 102 33.93 -10.49 -27.89
N LEU H 103 32.81 -10.71 -27.19
CA LEU H 103 32.04 -9.60 -26.66
C LEU H 103 32.84 -8.85 -25.59
N LYS H 104 33.69 -9.59 -24.86
CA LYS H 104 34.52 -8.97 -23.85
C LYS H 104 35.38 -7.94 -24.57
N ALA H 105 36.00 -8.38 -25.66
CA ALA H 105 36.86 -7.52 -26.45
C ALA H 105 36.10 -6.31 -26.97
N VAL H 106 34.90 -6.54 -27.49
CA VAL H 106 34.10 -5.44 -28.01
C VAL H 106 33.85 -4.40 -26.93
N ALA H 107 33.54 -4.90 -25.73
CA ALA H 107 33.28 -4.01 -24.60
C ALA H 107 34.53 -3.26 -24.19
N ALA H 108 35.69 -3.91 -24.35
CA ALA H 108 36.95 -3.27 -24.03
C ALA H 108 37.24 -2.21 -25.07
N GLY H 109 36.33 -2.05 -26.03
CA GLY H 109 36.52 -1.05 -27.06
C GLY H 109 37.26 -1.48 -28.33
N MET H 110 37.49 -2.78 -28.52
CA MET H 110 38.17 -3.23 -29.72
C MET H 110 37.18 -3.26 -30.85
N ASN H 111 37.68 -3.12 -32.08
CA ASN H 111 36.81 -3.11 -33.25
C ASN H 111 36.17 -4.44 -33.61
N PRO H 112 34.83 -4.50 -33.61
CA PRO H 112 34.06 -5.71 -33.93
C PRO H 112 34.45 -6.36 -35.27
N MET H 113 34.50 -5.57 -36.33
CA MET H 113 34.85 -6.08 -37.64
C MET H 113 36.25 -6.69 -37.65
N ASP H 114 37.19 -6.08 -36.93
CA ASP H 114 38.54 -6.63 -36.89
C ASP H 114 38.59 -7.92 -36.10
N LEU H 115 37.85 -7.96 -34.99
CA LEU H 115 37.79 -9.15 -34.15
C LEU H 115 37.28 -10.31 -34.99
N LYS H 116 36.29 -10.03 -35.84
CA LYS H 116 35.73 -11.04 -36.70
C LYS H 116 36.77 -11.52 -37.70
N ARG H 117 37.44 -10.58 -38.35
CA ARG H 117 38.45 -10.94 -39.34
C ARG H 117 39.57 -11.80 -38.73
N GLY H 118 39.97 -11.47 -37.50
CA GLY H 118 41.00 -12.24 -36.83
C GLY H 118 40.51 -13.64 -36.53
N ILE H 119 39.25 -13.75 -36.10
CA ILE H 119 38.66 -15.04 -35.78
C ILE H 119 38.59 -15.88 -37.06
N ASP H 120 38.14 -15.27 -38.14
CA ASP H 120 38.05 -15.98 -39.41
C ASP H 120 39.41 -16.48 -39.86
N LYS H 121 40.41 -15.62 -39.77
CA LYS H 121 41.75 -16.02 -40.18
C LYS H 121 42.17 -17.25 -39.41
N ALA H 122 42.01 -17.18 -38.09
CA ALA H 122 42.40 -18.29 -37.21
C ALA H 122 41.69 -19.57 -37.61
N VAL H 123 40.40 -19.48 -37.93
CA VAL H 123 39.64 -20.64 -38.33
C VAL H 123 40.13 -21.20 -39.64
N THR H 124 40.33 -20.33 -40.63
CA THR H 124 40.81 -20.78 -41.93
C THR H 124 42.11 -21.56 -41.74
N ALA H 125 43.04 -20.95 -41.00
CA ALA H 125 44.32 -21.59 -40.72
C ALA H 125 44.12 -22.89 -39.97
N ALA H 126 43.13 -22.91 -39.06
CA ALA H 126 42.87 -24.10 -38.26
C ALA H 126 42.37 -25.24 -39.13
N VAL H 127 41.55 -24.92 -40.11
CA VAL H 127 41.01 -25.93 -41.00
C VAL H 127 42.11 -26.57 -41.84
N GLU H 128 43.10 -25.79 -42.25
CA GLU H 128 44.19 -26.36 -43.03
C GLU H 128 44.98 -27.28 -42.12
N GLU H 129 45.31 -26.77 -40.93
CA GLU H 129 46.06 -27.54 -39.97
C GLU H 129 45.33 -28.84 -39.66
N LEU H 130 44.01 -28.78 -39.79
CA LEU H 130 43.15 -29.94 -39.53
C LEU H 130 43.24 -31.01 -40.62
N LYS H 131 43.41 -30.58 -41.88
CA LYS H 131 43.55 -31.53 -43.00
C LYS H 131 44.89 -32.24 -42.86
N ALA H 132 45.89 -31.51 -42.40
CA ALA H 132 47.21 -32.07 -42.22
C ALA H 132 47.19 -33.11 -41.12
N LEU H 133 46.44 -32.86 -40.05
CA LEU H 133 46.38 -33.77 -38.91
C LEU H 133 45.59 -35.03 -39.29
N SER H 134 44.69 -34.87 -40.25
CA SER H 134 43.83 -35.93 -40.72
C SER H 134 44.49 -37.18 -41.29
N VAL H 135 43.89 -38.33 -40.98
CA VAL H 135 44.33 -39.64 -41.45
C VAL H 135 43.23 -40.15 -42.40
N PRO H 136 43.61 -40.66 -43.58
CA PRO H 136 42.65 -41.17 -44.56
C PRO H 136 41.89 -42.43 -44.17
N CYS H 137 40.71 -42.57 -44.78
CA CYS H 137 39.85 -43.73 -44.58
C CYS H 137 39.33 -44.13 -45.96
N SER H 138 40.09 -44.95 -46.68
CA SER H 138 39.71 -45.36 -48.02
C SER H 138 39.49 -46.85 -48.24
N ASP H 139 40.50 -47.67 -47.99
CA ASP H 139 40.35 -49.12 -48.16
C ASP H 139 39.22 -49.60 -47.27
N SER H 140 38.45 -50.56 -47.75
CA SER H 140 37.32 -51.04 -46.97
C SER H 140 37.72 -51.60 -45.61
N LYS H 141 39.01 -51.87 -45.40
CA LYS H 141 39.40 -52.40 -44.09
C LYS H 141 39.22 -51.27 -43.08
N ALA H 142 39.57 -50.07 -43.50
CA ALA H 142 39.46 -48.87 -42.67
C ALA H 142 37.99 -48.51 -42.52
N ILE H 143 37.26 -48.53 -43.62
CA ILE H 143 35.83 -48.23 -43.62
C ILE H 143 35.13 -49.08 -42.55
N ALA H 144 35.53 -50.34 -42.46
CA ALA H 144 34.92 -51.22 -41.48
C ALA H 144 35.27 -50.79 -40.05
N GLN H 145 36.55 -50.47 -39.81
CA GLN H 145 36.99 -50.08 -38.47
C GLN H 145 36.27 -48.82 -37.98
N VAL H 146 36.16 -47.84 -38.86
CA VAL H 146 35.48 -46.59 -38.52
C VAL H 146 34.03 -46.89 -38.18
N GLY H 147 33.35 -47.61 -39.09
CA GLY H 147 31.96 -47.98 -38.88
C GLY H 147 31.77 -48.77 -37.59
N THR H 148 32.73 -49.62 -37.25
CA THR H 148 32.67 -50.42 -36.03
C THR H 148 32.81 -49.53 -34.79
N ILE H 149 33.74 -48.57 -34.83
CA ILE H 149 33.95 -47.67 -33.71
C ILE H 149 32.70 -46.80 -33.51
N SER H 150 32.11 -46.35 -34.61
CA SER H 150 30.91 -45.52 -34.55
C SER H 150 29.70 -46.32 -34.11
N ALA H 151 29.69 -47.61 -34.41
CA ALA H 151 28.58 -48.46 -34.04
C ALA H 151 28.75 -48.92 -32.61
N ASN H 152 29.68 -48.29 -31.89
CA ASN H 152 29.94 -48.64 -30.51
C ASN H 152 30.65 -49.98 -30.38
N SER H 153 31.66 -50.19 -31.22
CA SER H 153 32.46 -51.42 -31.23
C SER H 153 31.75 -52.67 -31.74
N ASP H 154 30.74 -52.49 -32.57
CA ASP H 154 30.01 -53.59 -33.16
C ASP H 154 30.65 -53.90 -34.52
N GLU H 155 31.52 -54.91 -34.57
CA GLU H 155 32.18 -55.26 -35.82
C GLU H 155 31.19 -55.56 -36.93
N THR H 156 30.03 -56.09 -36.55
CA THR H 156 28.97 -56.44 -37.49
C THR H 156 28.55 -55.23 -38.32
N VAL H 157 28.35 -54.11 -37.63
CA VAL H 157 27.94 -52.89 -38.31
C VAL H 157 29.04 -52.42 -39.26
N GLY H 158 30.29 -52.52 -38.80
CA GLY H 158 31.39 -52.10 -39.63
C GLY H 158 31.38 -52.91 -40.89
N LYS H 159 31.26 -54.23 -40.74
CA LYS H 159 31.23 -55.15 -41.86
C LYS H 159 30.09 -54.77 -42.79
N LEU H 160 28.88 -54.67 -42.24
CA LEU H 160 27.68 -54.30 -43.00
C LEU H 160 27.91 -53.09 -43.88
N ILE H 161 28.36 -52.00 -43.26
CA ILE H 161 28.61 -50.77 -43.96
C ILE H 161 29.68 -50.94 -45.03
N ALA H 162 30.74 -51.67 -44.70
CA ALA H 162 31.83 -51.90 -45.64
C ALA H 162 31.32 -52.64 -46.87
N GLU H 163 30.54 -53.70 -46.64
CA GLU H 163 30.01 -54.49 -47.74
C GLU H 163 29.08 -53.64 -48.60
N ALA H 164 28.25 -52.82 -47.95
CA ALA H 164 27.30 -51.98 -48.67
C ALA H 164 28.01 -50.94 -49.53
N MET H 165 29.08 -50.35 -49.00
CA MET H 165 29.81 -49.35 -49.77
C MET H 165 30.55 -50.01 -50.93
N ASP H 166 30.91 -51.27 -50.73
CA ASP H 166 31.60 -52.01 -51.77
C ASP H 166 30.66 -52.24 -52.95
N LYS H 167 29.39 -52.50 -52.65
CA LYS H 167 28.37 -52.74 -53.66
C LYS H 167 28.08 -51.52 -54.54
N VAL H 168 27.77 -50.38 -53.91
CA VAL H 168 27.42 -49.17 -54.66
C VAL H 168 28.52 -48.15 -54.83
N GLY H 169 29.67 -48.37 -54.18
CA GLY H 169 30.78 -47.45 -54.30
C GLY H 169 30.83 -46.37 -53.22
N LYS H 170 31.94 -45.63 -53.14
CA LYS H 170 32.07 -44.58 -52.14
C LYS H 170 30.97 -43.53 -52.31
N GLU H 171 30.62 -43.26 -53.56
CA GLU H 171 29.61 -42.27 -53.91
C GLU H 171 28.18 -42.81 -53.99
N GLY H 172 28.04 -44.10 -53.75
CA GLY H 172 26.72 -44.70 -53.84
C GLY H 172 25.72 -44.25 -52.79
N VAL H 173 24.46 -44.60 -53.01
CA VAL H 173 23.40 -44.25 -52.08
C VAL H 173 23.08 -45.46 -51.21
N ILE H 174 23.26 -45.33 -49.90
CA ILE H 174 22.97 -46.43 -48.99
C ILE H 174 21.78 -46.11 -48.08
N THR H 175 20.89 -47.08 -47.91
CA THR H 175 19.68 -46.93 -47.11
C THR H 175 19.62 -47.98 -46.01
N VAL H 176 18.91 -47.68 -44.93
CA VAL H 176 18.76 -48.64 -43.83
C VAL H 176 17.28 -48.80 -43.50
N GLU H 177 16.82 -50.04 -43.40
CA GLU H 177 15.42 -50.36 -43.07
C GLU H 177 15.32 -51.51 -42.09
N ASP H 178 14.15 -51.66 -41.48
CA ASP H 178 13.92 -52.74 -40.52
C ASP H 178 14.15 -54.08 -41.20
N GLY H 179 14.63 -55.05 -40.44
CA GLY H 179 14.88 -56.36 -41.00
C GLY H 179 13.64 -57.23 -41.00
N THR H 180 13.66 -58.26 -41.85
CA THR H 180 12.54 -59.17 -41.98
C THR H 180 12.56 -60.20 -40.87
N GLY H 181 13.73 -60.39 -40.27
CA GLY H 181 13.88 -61.34 -39.18
C GLY H 181 15.29 -61.29 -38.67
N LEU H 182 15.79 -62.42 -38.18
CA LEU H 182 17.17 -62.46 -37.70
C LEU H 182 18.01 -62.56 -38.96
N GLN H 183 19.16 -61.90 -38.95
CA GLN H 183 20.08 -61.90 -40.11
C GLN H 183 19.84 -60.76 -41.07
N ASP H 184 20.89 -59.95 -41.23
CA ASP H 184 20.85 -58.78 -42.10
C ASP H 184 20.65 -59.14 -43.58
N GLU H 185 20.43 -58.13 -44.40
CA GLU H 185 20.23 -58.31 -45.83
C GLU H 185 20.73 -57.09 -46.57
N LEU H 186 21.39 -57.30 -47.70
CA LEU H 186 21.91 -56.20 -48.49
C LEU H 186 21.54 -56.48 -49.94
N ASP H 187 21.09 -55.45 -50.65
CA ASP H 187 20.73 -55.62 -52.05
C ASP H 187 20.46 -54.29 -52.73
N VAL H 188 21.00 -54.14 -53.93
CA VAL H 188 20.84 -52.91 -54.69
C VAL H 188 19.56 -52.92 -55.51
N VAL H 189 18.73 -51.89 -55.34
CA VAL H 189 17.47 -51.79 -56.05
C VAL H 189 17.33 -50.53 -56.91
N GLU H 190 16.26 -50.46 -57.69
CA GLU H 190 16.01 -49.30 -58.52
C GLU H 190 15.78 -48.16 -57.56
N GLY H 191 16.45 -47.04 -57.76
CA GLY H 191 16.25 -45.93 -56.87
C GLY H 191 17.13 -44.77 -57.22
N MET H 192 16.90 -43.65 -56.55
CA MET H 192 17.66 -42.44 -56.80
C MET H 192 17.64 -41.49 -55.60
N GLN H 193 18.50 -40.49 -55.62
CA GLN H 193 18.54 -39.49 -54.55
C GLN H 193 18.96 -38.14 -55.08
N PHE H 194 18.20 -37.10 -54.76
CA PHE H 194 18.54 -35.75 -55.22
C PHE H 194 18.69 -34.79 -54.05
N ASP H 195 19.37 -33.68 -54.28
CA ASP H 195 19.63 -32.68 -53.24
C ASP H 195 18.53 -31.65 -53.03
N ARG H 196 17.48 -32.06 -52.32
CA ARG H 196 16.34 -31.20 -52.00
C ARG H 196 15.78 -31.74 -50.70
N GLY H 197 15.42 -30.86 -49.79
CA GLY H 197 14.88 -31.31 -48.52
C GLY H 197 13.41 -31.00 -48.42
N TYR H 198 12.81 -31.30 -47.27
CA TYR H 198 11.39 -31.02 -47.07
C TYR H 198 11.15 -29.52 -47.25
N LEU H 199 10.02 -29.17 -47.85
CA LEU H 199 9.69 -27.77 -48.07
C LEU H 199 9.15 -27.13 -46.80
N SER H 200 9.29 -27.86 -45.69
CA SER H 200 8.85 -27.41 -44.38
C SER H 200 8.96 -28.53 -43.39
N PRO H 201 9.36 -28.23 -42.15
CA PRO H 201 9.45 -29.33 -41.17
C PRO H 201 8.01 -29.78 -40.99
N TYR H 202 7.69 -30.35 -39.85
CA TYR H 202 6.31 -30.80 -39.65
C TYR H 202 6.08 -32.05 -40.49
N PHE H 203 6.53 -32.04 -41.74
CA PHE H 203 6.37 -33.21 -42.60
C PHE H 203 7.17 -34.34 -41.95
N ILE H 204 8.02 -33.96 -41.01
CA ILE H 204 8.87 -34.89 -40.28
C ILE H 204 8.05 -35.82 -39.41
N ASN H 205 8.24 -37.13 -39.58
CA ASN H 205 7.52 -38.12 -38.79
C ASN H 205 8.50 -39.02 -38.05
N LYS H 206 9.79 -38.69 -38.20
CA LYS H 206 10.87 -39.42 -37.52
C LYS H 206 11.75 -38.36 -36.88
N PRO H 207 11.23 -37.69 -35.83
CA PRO H 207 11.91 -36.63 -35.09
C PRO H 207 13.33 -36.94 -34.60
N GLU H 208 13.62 -38.22 -34.40
CA GLU H 208 14.94 -38.63 -33.94
C GLU H 208 15.94 -38.39 -35.07
N THR H 209 15.54 -38.74 -36.28
CA THR H 209 16.37 -38.58 -37.47
C THR H 209 16.09 -37.21 -38.09
N GLY H 210 15.01 -36.58 -37.63
CA GLY H 210 14.63 -35.29 -38.16
C GLY H 210 14.33 -35.40 -39.63
N ALA H 211 13.80 -36.55 -40.03
CA ALA H 211 13.51 -36.80 -41.42
C ALA H 211 12.07 -37.24 -41.63
N VAL H 212 11.67 -37.27 -42.89
CA VAL H 212 10.33 -37.70 -43.27
C VAL H 212 10.53 -39.09 -43.83
N GLU H 213 9.60 -39.98 -43.54
CA GLU H 213 9.68 -41.36 -44.00
C GLU H 213 8.30 -41.86 -44.42
N LEU H 214 8.12 -42.08 -45.71
CA LEU H 214 6.86 -42.55 -46.25
C LEU H 214 7.04 -43.94 -46.83
N GLU H 215 6.10 -44.83 -46.57
CA GLU H 215 6.18 -46.20 -47.09
C GLU H 215 5.14 -46.45 -48.17
N SER H 216 5.57 -47.04 -49.28
CA SER H 216 4.70 -47.32 -50.42
C SER H 216 3.89 -46.10 -50.83
N PRO H 217 4.54 -44.94 -50.93
CA PRO H 217 3.84 -43.71 -51.31
C PRO H 217 3.67 -43.51 -52.81
N PHE H 218 2.74 -42.62 -53.15
CA PHE H 218 2.48 -42.26 -54.53
C PHE H 218 3.33 -41.02 -54.72
N ILE H 219 3.81 -40.79 -55.94
CA ILE H 219 4.65 -39.64 -56.17
C ILE H 219 4.08 -38.74 -57.26
N LEU H 220 3.79 -37.49 -56.89
CA LEU H 220 3.26 -36.55 -57.85
C LEU H 220 4.38 -35.72 -58.46
N LEU H 221 4.54 -35.85 -59.78
CA LEU H 221 5.58 -35.13 -60.50
C LEU H 221 4.94 -33.98 -61.29
N ALA H 222 5.09 -32.77 -60.78
CA ALA H 222 4.50 -31.61 -61.44
C ALA H 222 5.53 -30.57 -61.81
N ASP H 223 5.67 -30.34 -63.11
CA ASP H 223 6.62 -29.36 -63.63
C ASP H 223 6.02 -27.95 -63.60
N LYS H 224 5.93 -27.38 -62.40
CA LYS H 224 5.40 -26.04 -62.20
C LYS H 224 5.16 -25.78 -60.73
N LYS H 225 5.08 -24.50 -60.36
CA LYS H 225 4.86 -24.13 -58.97
C LYS H 225 3.41 -24.36 -58.56
N ILE H 226 3.22 -24.81 -57.32
CA ILE H 226 1.89 -25.06 -56.79
C ILE H 226 1.67 -24.12 -55.61
N SER H 227 0.74 -23.16 -55.78
CA SER H 227 0.46 -22.20 -54.73
C SER H 227 -0.93 -22.35 -54.12
N ASN H 228 -1.83 -22.99 -54.84
CA ASN H 228 -3.20 -23.18 -54.36
C ASN H 228 -3.59 -24.65 -54.32
N ILE H 229 -3.99 -25.11 -53.14
CA ILE H 229 -4.35 -26.50 -52.96
C ILE H 229 -5.67 -26.85 -53.62
N ARG H 230 -6.11 -26.00 -54.53
CA ARG H 230 -7.36 -26.23 -55.23
C ARG H 230 -7.15 -27.28 -56.32
N GLU H 231 -5.98 -27.25 -56.94
CA GLU H 231 -5.63 -28.17 -58.02
C GLU H 231 -5.36 -29.55 -57.47
N MET H 232 -4.89 -29.57 -56.22
CA MET H 232 -4.55 -30.80 -55.53
C MET H 232 -5.75 -31.69 -55.22
N LEU H 233 -6.82 -31.09 -54.71
CA LEU H 233 -8.02 -31.82 -54.33
C LEU H 233 -8.33 -33.09 -55.13
N PRO H 234 -8.46 -32.98 -56.46
CA PRO H 234 -8.75 -34.19 -57.25
C PRO H 234 -7.74 -35.33 -57.09
N VAL H 235 -6.47 -34.97 -56.86
CA VAL H 235 -5.42 -35.97 -56.68
C VAL H 235 -5.22 -36.34 -55.22
N LEU H 236 -5.53 -35.40 -54.32
CA LEU H 236 -5.39 -35.66 -52.88
C LEU H 236 -6.45 -36.62 -52.38
N GLU H 237 -7.62 -36.61 -53.01
CA GLU H 237 -8.71 -37.50 -52.62
C GLU H 237 -8.45 -38.88 -53.19
N ALA H 238 -7.92 -38.92 -54.41
CA ALA H 238 -7.61 -40.18 -55.06
C ALA H 238 -6.59 -40.92 -54.18
N VAL H 239 -5.77 -40.14 -53.48
CA VAL H 239 -4.75 -40.68 -52.58
C VAL H 239 -5.35 -40.97 -51.21
N ALA H 240 -6.45 -40.29 -50.88
CA ALA H 240 -7.11 -40.53 -49.59
C ALA H 240 -7.69 -41.93 -49.69
N LYS H 241 -8.01 -42.33 -50.92
CA LYS H 241 -8.49 -43.68 -51.20
C LYS H 241 -7.23 -44.51 -51.35
N ALA H 242 -7.30 -45.80 -51.03
CA ALA H 242 -6.12 -46.65 -51.13
C ALA H 242 -5.21 -46.31 -49.94
N GLY H 243 -5.63 -45.31 -49.16
CA GLY H 243 -4.91 -44.88 -47.98
C GLY H 243 -3.40 -44.97 -47.99
N LYS H 244 -2.77 -44.31 -48.96
CA LYS H 244 -1.32 -44.32 -49.05
C LYS H 244 -0.80 -42.89 -48.98
N PRO H 245 0.42 -42.71 -48.48
CA PRO H 245 0.99 -41.37 -48.38
C PRO H 245 1.29 -40.78 -49.76
N LEU H 246 1.67 -39.50 -49.80
CA LEU H 246 1.97 -38.84 -51.06
C LEU H 246 3.17 -37.91 -51.00
N LEU H 247 4.04 -38.02 -52.00
CA LEU H 247 5.21 -37.17 -52.10
C LEU H 247 4.99 -36.22 -53.28
N ILE H 248 5.02 -34.92 -53.02
CA ILE H 248 4.81 -33.93 -54.08
C ILE H 248 6.15 -33.36 -54.54
N ILE H 249 6.55 -33.68 -55.77
CA ILE H 249 7.81 -33.14 -56.29
C ILE H 249 7.44 -32.14 -57.39
N ALA H 250 7.41 -30.87 -57.02
CA ALA H 250 7.06 -29.83 -57.97
C ALA H 250 8.13 -28.75 -58.04
N GLU H 251 7.95 -27.80 -58.95
CA GLU H 251 8.90 -26.70 -59.10
C GLU H 251 9.04 -26.01 -57.76
N ASP H 252 7.96 -26.06 -57.00
CA ASP H 252 7.92 -25.47 -55.67
C ASP H 252 6.48 -25.52 -55.15
N VAL H 253 6.33 -25.50 -53.83
CA VAL H 253 5.02 -25.50 -53.21
C VAL H 253 4.98 -24.33 -52.23
N GLU H 254 4.14 -23.35 -52.53
CA GLU H 254 4.05 -22.13 -51.73
C GLU H 254 2.80 -21.93 -50.89
N GLY H 255 2.92 -21.01 -49.95
CA GLY H 255 1.85 -20.64 -49.04
C GLY H 255 0.54 -21.41 -48.95
N GLU H 256 -0.51 -20.88 -49.56
CA GLU H 256 -1.83 -21.51 -49.55
C GLU H 256 -1.80 -23.04 -49.60
N ALA H 257 -1.16 -23.59 -50.63
CA ALA H 257 -1.07 -25.05 -50.78
C ALA H 257 -0.15 -25.67 -49.72
N LEU H 258 1.04 -25.10 -49.57
CA LEU H 258 2.03 -25.58 -48.61
C LEU H 258 1.50 -25.59 -47.19
N ALA H 259 0.84 -24.51 -46.78
CA ALA H 259 0.29 -24.43 -45.44
C ALA H 259 -0.81 -25.48 -45.26
N THR H 260 -1.65 -25.65 -46.27
CA THR H 260 -2.74 -26.63 -46.18
C THR H 260 -2.24 -28.06 -46.06
N LEU H 261 -1.11 -28.35 -46.70
CA LEU H 261 -0.53 -29.69 -46.64
C LEU H 261 0.06 -29.89 -45.25
N VAL H 262 0.82 -28.90 -44.78
CA VAL H 262 1.43 -28.98 -43.47
C VAL H 262 0.40 -29.22 -42.38
N VAL H 263 -0.83 -28.76 -42.62
CA VAL H 263 -1.88 -28.97 -41.62
C VAL H 263 -2.50 -30.35 -41.77
N ASN H 264 -3.20 -30.58 -42.88
CA ASN H 264 -3.86 -31.86 -43.13
C ASN H 264 -3.03 -33.09 -42.78
N THR H 265 -1.73 -33.06 -43.07
CA THR H 265 -0.88 -34.21 -42.76
C THR H 265 -0.52 -34.20 -41.28
N MET H 266 -0.51 -33.01 -40.70
CA MET H 266 -0.18 -32.86 -39.30
C MET H 266 -1.40 -33.21 -38.46
N ARG H 267 -2.46 -33.62 -39.15
CA ARG H 267 -3.72 -34.02 -38.50
C ARG H 267 -4.08 -35.45 -38.84
N GLY H 268 -3.18 -36.14 -39.53
CA GLY H 268 -3.43 -37.52 -39.90
C GLY H 268 -4.37 -37.67 -41.08
N ILE H 269 -4.84 -36.54 -41.62
CA ILE H 269 -5.75 -36.56 -42.74
C ILE H 269 -4.94 -36.79 -44.01
N VAL H 270 -4.27 -37.93 -44.09
CA VAL H 270 -3.42 -38.30 -45.23
C VAL H 270 -1.99 -37.78 -45.07
N LYS H 271 -1.02 -38.68 -45.18
CA LYS H 271 0.41 -38.35 -45.07
C LYS H 271 0.94 -37.76 -46.36
N VAL H 272 1.43 -36.53 -46.30
CA VAL H 272 1.97 -35.87 -47.49
C VAL H 272 3.28 -35.17 -47.13
N ALA H 273 4.12 -34.99 -48.15
CA ALA H 273 5.40 -34.34 -48.00
C ALA H 273 5.75 -33.74 -49.35
N ALA H 274 6.17 -32.47 -49.35
CA ALA H 274 6.51 -31.81 -50.60
C ALA H 274 7.97 -31.38 -50.63
N VAL H 275 8.60 -31.46 -51.80
CA VAL H 275 10.00 -31.07 -51.97
C VAL H 275 10.16 -30.52 -53.37
N LYS H 276 11.10 -29.60 -53.56
CA LYS H 276 11.33 -29.01 -54.87
C LYS H 276 11.95 -30.02 -55.82
N ALA H 277 11.72 -29.84 -57.13
CA ALA H 277 12.29 -30.75 -58.11
C ALA H 277 13.78 -30.41 -58.12
N PRO H 278 14.63 -31.40 -58.40
CA PRO H 278 16.07 -31.18 -58.44
C PRO H 278 16.51 -30.24 -59.55
N GLY H 279 17.54 -29.45 -59.28
CA GLY H 279 18.08 -28.52 -60.26
C GLY H 279 17.16 -27.37 -60.62
N PHE H 280 17.54 -26.62 -61.66
CA PHE H 280 16.74 -25.51 -62.13
C PHE H 280 16.79 -25.46 -63.65
N GLY H 281 15.93 -24.63 -64.24
CA GLY H 281 15.90 -24.51 -65.69
C GLY H 281 15.56 -25.77 -66.46
N ASP H 282 16.22 -25.95 -67.59
CA ASP H 282 15.99 -27.09 -68.47
C ASP H 282 16.35 -28.40 -67.82
N ARG H 283 17.56 -28.50 -67.29
CA ARG H 283 17.98 -29.74 -66.66
C ARG H 283 17.03 -30.15 -65.53
N ARG H 284 16.24 -29.21 -65.02
CA ARG H 284 15.30 -29.54 -63.95
C ARG H 284 14.18 -30.39 -64.53
N LYS H 285 13.73 -30.01 -65.72
CA LYS H 285 12.66 -30.72 -66.40
C LYS H 285 13.15 -32.10 -66.79
N ALA H 286 14.39 -32.16 -67.27
CA ALA H 286 15.00 -33.42 -67.68
C ALA H 286 15.00 -34.40 -66.54
N MET H 287 15.42 -33.93 -65.37
CA MET H 287 15.49 -34.76 -64.18
C MET H 287 14.12 -35.15 -63.64
N LEU H 288 13.12 -34.29 -63.82
CA LEU H 288 11.79 -34.61 -63.35
C LEU H 288 11.30 -35.81 -64.13
N GLN H 289 11.73 -35.90 -65.39
CA GLN H 289 11.34 -37.04 -66.22
C GLN H 289 12.08 -38.29 -65.77
N ASP H 290 13.33 -38.11 -65.37
CA ASP H 290 14.12 -39.24 -64.89
C ASP H 290 13.37 -39.87 -63.72
N ILE H 291 13.00 -39.04 -62.75
CA ILE H 291 12.29 -39.53 -61.58
C ILE H 291 11.01 -40.23 -62.00
N ALA H 292 10.33 -39.67 -63.00
CA ALA H 292 9.11 -40.26 -63.51
C ALA H 292 9.37 -41.67 -64.01
N THR H 293 10.31 -41.82 -64.93
CA THR H 293 10.64 -43.12 -65.46
C THR H 293 10.98 -44.11 -64.34
N LEU H 294 11.78 -43.64 -63.39
CA LEU H 294 12.22 -44.47 -62.27
C LEU H 294 11.08 -44.93 -61.36
N THR H 295 10.09 -44.06 -61.18
CA THR H 295 8.95 -44.38 -60.33
C THR H 295 7.70 -44.82 -61.11
N GLY H 296 7.80 -44.86 -62.43
CA GLY H 296 6.66 -45.25 -63.24
C GLY H 296 5.47 -44.31 -63.10
N GLY H 297 5.74 -43.01 -63.23
CA GLY H 297 4.67 -42.04 -63.11
C GLY H 297 4.68 -41.15 -64.34
N THR H 298 3.79 -40.17 -64.37
CA THR H 298 3.71 -39.25 -65.50
C THR H 298 3.92 -37.82 -65.03
N VAL H 299 4.82 -37.10 -65.72
CA VAL H 299 5.12 -35.73 -65.37
C VAL H 299 4.01 -34.82 -65.83
N ILE H 300 3.42 -34.07 -64.91
CA ILE H 300 2.36 -33.17 -65.26
C ILE H 300 2.92 -31.78 -65.51
N SER H 301 3.17 -31.45 -66.78
CA SER H 301 3.72 -30.15 -67.15
C SER H 301 2.67 -29.26 -67.83
N GLU H 302 2.62 -27.99 -67.44
CA GLU H 302 1.67 -27.06 -68.04
C GLU H 302 1.99 -26.82 -69.50
N GLU H 303 3.25 -26.98 -69.87
CA GLU H 303 3.68 -26.79 -71.26
C GLU H 303 2.83 -27.61 -72.22
N ILE H 304 2.88 -28.93 -72.09
CA ILE H 304 2.09 -29.82 -72.93
C ILE H 304 0.60 -29.60 -72.69
N GLY H 305 0.26 -28.66 -71.81
CA GLY H 305 -1.12 -28.36 -71.52
C GLY H 305 -1.84 -29.38 -70.64
N MET H 306 -1.21 -29.76 -69.53
CA MET H 306 -1.81 -30.73 -68.63
C MET H 306 -2.29 -30.02 -67.37
N GLU H 307 -3.17 -30.67 -66.62
CA GLU H 307 -3.70 -30.07 -65.40
C GLU H 307 -3.73 -31.04 -64.21
N LEU H 308 -3.40 -30.53 -63.04
CA LEU H 308 -3.40 -31.34 -61.82
C LEU H 308 -4.80 -31.82 -61.47
N GLU H 309 -5.81 -31.07 -61.92
CA GLU H 309 -7.18 -31.44 -61.64
C GLU H 309 -7.56 -32.68 -62.44
N LYS H 310 -6.89 -32.87 -63.57
CA LYS H 310 -7.18 -34.03 -64.41
C LYS H 310 -6.15 -35.15 -64.25
N ALA H 311 -5.43 -35.15 -63.13
CA ALA H 311 -4.43 -36.17 -62.87
C ALA H 311 -5.02 -37.26 -61.99
N THR H 312 -4.84 -38.51 -62.38
CA THR H 312 -5.37 -39.64 -61.62
C THR H 312 -4.23 -40.43 -60.99
N LEU H 313 -4.57 -41.36 -60.10
CA LEU H 313 -3.55 -42.19 -59.44
C LEU H 313 -2.62 -42.80 -60.48
N GLU H 314 -3.18 -43.10 -61.65
CA GLU H 314 -2.43 -43.69 -62.75
C GLU H 314 -1.22 -42.87 -63.19
N ASP H 315 -1.33 -41.54 -63.09
CA ASP H 315 -0.23 -40.64 -63.47
C ASP H 315 0.82 -40.58 -62.39
N LEU H 316 0.44 -40.94 -61.17
CA LEU H 316 1.34 -40.92 -60.03
C LEU H 316 2.43 -41.99 -60.07
N GLY H 317 3.61 -41.61 -59.59
CA GLY H 317 4.73 -42.53 -59.54
C GLY H 317 4.60 -43.33 -58.27
N GLN H 318 5.52 -44.24 -58.03
CA GLN H 318 5.41 -45.05 -56.84
C GLN H 318 6.73 -45.73 -56.45
N ALA H 319 6.93 -45.92 -55.16
CA ALA H 319 8.14 -46.53 -54.64
C ALA H 319 7.83 -47.14 -53.27
N LYS H 320 8.63 -48.13 -52.87
CA LYS H 320 8.43 -48.80 -51.60
C LYS H 320 8.69 -47.92 -50.41
N ARG H 321 9.56 -46.94 -50.57
CA ARG H 321 9.89 -46.05 -49.46
C ARG H 321 10.70 -44.85 -49.92
N VAL H 322 10.42 -43.69 -49.33
CA VAL H 322 11.16 -42.46 -49.64
C VAL H 322 11.55 -41.81 -48.32
N VAL H 323 12.71 -41.16 -48.29
CA VAL H 323 13.20 -40.51 -47.08
C VAL H 323 13.66 -39.10 -47.37
N ILE H 324 13.13 -38.14 -46.62
CA ILE H 324 13.48 -36.75 -46.85
C ILE H 324 14.21 -36.09 -45.67
N ASN H 325 15.29 -35.37 -45.97
CA ASN H 325 16.09 -34.66 -44.97
C ASN H 325 15.84 -33.18 -45.07
N LYS H 326 16.72 -32.44 -44.40
CA LYS H 326 16.65 -31.00 -44.42
C LYS H 326 17.08 -30.61 -45.82
N ASP H 327 17.96 -31.43 -46.42
CA ASP H 327 18.46 -31.15 -47.75
C ASP H 327 18.63 -32.36 -48.68
N THR H 328 17.91 -33.45 -48.42
CA THR H 328 18.03 -34.62 -49.28
C THR H 328 16.77 -35.45 -49.38
N THR H 329 16.39 -35.78 -50.61
CA THR H 329 15.23 -36.61 -50.85
C THR H 329 15.76 -37.84 -51.57
N THR H 330 15.40 -39.01 -51.07
CA THR H 330 15.86 -40.24 -51.68
C THR H 330 14.73 -41.24 -51.88
N ILE H 331 14.53 -41.63 -53.14
CA ILE H 331 13.50 -42.58 -53.55
C ILE H 331 14.02 -44.02 -53.62
N ILE H 332 13.53 -44.86 -52.71
CA ILE H 332 13.96 -46.25 -52.61
C ILE H 332 13.03 -47.28 -53.26
N ASP H 333 13.53 -47.93 -54.30
CA ASP H 333 12.82 -48.96 -55.05
C ASP H 333 11.60 -48.45 -55.78
N GLY H 334 11.82 -47.83 -56.94
CA GLY H 334 10.73 -47.31 -57.73
C GLY H 334 10.10 -48.40 -58.59
N VAL H 335 8.79 -48.30 -58.79
CA VAL H 335 8.06 -49.29 -59.56
C VAL H 335 8.37 -49.26 -61.06
N GLY H 336 9.14 -48.29 -61.49
CA GLY H 336 9.49 -48.21 -62.90
C GLY H 336 9.90 -49.54 -63.49
N GLU H 337 9.56 -49.73 -64.76
CA GLU H 337 9.89 -50.98 -65.46
C GLU H 337 11.34 -51.00 -65.92
N GLU H 338 12.03 -52.11 -65.65
CA GLU H 338 13.43 -52.26 -66.04
C GLU H 338 13.64 -51.87 -67.50
N ALA H 339 12.58 -51.99 -68.28
CA ALA H 339 12.62 -51.65 -69.70
C ALA H 339 12.61 -50.14 -69.87
N ALA H 340 11.67 -49.48 -69.20
CA ALA H 340 11.52 -48.03 -69.26
C ALA H 340 12.78 -47.35 -68.73
N ILE H 341 13.17 -47.74 -67.52
CA ILE H 341 14.36 -47.20 -66.88
C ILE H 341 15.57 -47.37 -67.76
N GLN H 342 15.89 -48.62 -68.08
CA GLN H 342 17.05 -48.93 -68.91
C GLN H 342 16.97 -48.21 -70.26
N GLY H 343 15.74 -47.96 -70.71
CA GLY H 343 15.55 -47.28 -71.97
C GLY H 343 15.93 -45.83 -71.86
N ARG H 344 15.61 -45.23 -70.71
CA ARG H 344 15.92 -43.82 -70.43
C ARG H 344 17.43 -43.66 -70.33
N VAL H 345 18.09 -44.62 -69.67
CA VAL H 345 19.53 -44.60 -69.52
C VAL H 345 20.20 -44.56 -70.88
N ALA H 346 19.54 -45.16 -71.87
CA ALA H 346 20.04 -45.19 -73.24
C ALA H 346 20.04 -43.81 -73.88
N GLN H 347 18.90 -43.10 -73.81
CA GLN H 347 18.81 -41.75 -74.35
C GLN H 347 19.92 -40.91 -73.77
N ILE H 348 19.89 -40.80 -72.44
CA ILE H 348 20.86 -40.01 -71.70
C ILE H 348 22.30 -40.39 -72.04
N ARG H 349 22.53 -41.67 -72.29
CA ARG H 349 23.86 -42.14 -72.63
C ARG H 349 24.17 -41.79 -74.09
N GLN H 350 23.12 -41.50 -74.85
CA GLN H 350 23.27 -41.13 -76.25
C GLN H 350 23.59 -39.64 -76.29
N GLN H 351 22.88 -38.87 -75.46
CA GLN H 351 23.09 -37.43 -75.39
C GLN H 351 24.55 -37.17 -75.15
N ILE H 352 25.16 -38.01 -74.29
CA ILE H 352 26.57 -37.88 -73.94
C ILE H 352 27.47 -37.88 -75.17
N GLU H 353 27.06 -38.61 -76.20
CA GLU H 353 27.84 -38.66 -77.43
C GLU H 353 27.66 -37.36 -78.20
N GLU H 354 26.41 -36.98 -78.40
CA GLU H 354 26.07 -35.77 -79.12
C GLU H 354 26.39 -34.52 -78.30
N ALA H 355 27.16 -34.69 -77.23
CA ALA H 355 27.52 -33.57 -76.37
C ALA H 355 28.63 -32.76 -77.02
N THR H 356 28.38 -31.47 -77.23
CA THR H 356 29.37 -30.60 -77.85
C THR H 356 30.21 -29.90 -76.79
N SER H 357 29.89 -30.11 -75.52
CA SER H 357 30.64 -29.48 -74.43
C SER H 357 30.85 -30.44 -73.27
N ASP H 358 31.77 -30.11 -72.38
CA ASP H 358 32.03 -30.96 -71.23
C ASP H 358 30.99 -30.77 -70.15
N TYR H 359 30.79 -29.53 -69.74
CA TYR H 359 29.81 -29.25 -68.71
C TYR H 359 28.55 -30.07 -68.99
N ASP H 360 28.06 -29.99 -70.22
CA ASP H 360 26.86 -30.71 -70.62
C ASP H 360 27.05 -32.22 -70.50
N ARG H 361 28.26 -32.67 -70.76
CA ARG H 361 28.60 -34.08 -70.69
C ARG H 361 28.62 -34.53 -69.23
N GLU H 362 29.23 -33.73 -68.37
CA GLU H 362 29.32 -34.03 -66.95
C GLU H 362 27.90 -34.17 -66.39
N LYS H 363 27.10 -33.15 -66.61
CA LYS H 363 25.74 -33.13 -66.12
C LYS H 363 24.93 -34.33 -66.56
N LEU H 364 25.18 -34.82 -67.76
CA LEU H 364 24.47 -36.00 -68.28
C LEU H 364 24.95 -37.25 -67.55
N GLN H 365 26.25 -37.34 -67.36
CA GLN H 365 26.83 -38.48 -66.67
C GLN H 365 26.23 -38.59 -65.27
N GLU H 366 26.06 -37.45 -64.60
CA GLU H 366 25.50 -37.46 -63.26
C GLU H 366 24.15 -38.16 -63.28
N ARG H 367 23.32 -37.79 -64.24
CA ARG H 367 21.99 -38.39 -64.35
C ARG H 367 21.99 -39.90 -64.60
N VAL H 368 22.82 -40.40 -65.50
CA VAL H 368 22.82 -41.84 -65.72
C VAL H 368 23.35 -42.55 -64.48
N ALA H 369 24.24 -41.86 -63.77
CA ALA H 369 24.82 -42.42 -62.55
C ALA H 369 23.72 -42.65 -61.54
N LYS H 370 22.88 -41.64 -61.35
CA LYS H 370 21.78 -41.76 -60.40
C LYS H 370 20.86 -42.89 -60.85
N LEU H 371 20.36 -42.79 -62.08
CA LEU H 371 19.46 -43.78 -62.65
C LEU H 371 20.03 -45.20 -62.63
N ALA H 372 21.08 -45.41 -63.42
CA ALA H 372 21.71 -46.72 -63.52
C ALA H 372 22.32 -47.24 -62.23
N GLY H 373 22.71 -46.31 -61.35
CA GLY H 373 23.36 -46.71 -60.11
C GLY H 373 22.50 -47.44 -59.10
N GLY H 374 21.27 -46.96 -58.90
CA GLY H 374 20.39 -47.59 -57.96
C GLY H 374 20.64 -47.16 -56.53
N VAL H 375 20.11 -47.92 -55.59
CA VAL H 375 20.24 -47.63 -54.17
C VAL H 375 20.45 -48.91 -53.36
N ALA H 376 21.50 -48.93 -52.55
CA ALA H 376 21.75 -50.09 -51.72
C ALA H 376 20.78 -50.06 -50.54
N VAL H 377 20.24 -51.21 -50.19
CA VAL H 377 19.31 -51.28 -49.06
C VAL H 377 19.77 -52.29 -48.02
N ILE H 378 20.09 -51.78 -46.85
CA ILE H 378 20.54 -52.61 -45.75
C ILE H 378 19.38 -52.88 -44.80
N LYS H 379 18.98 -54.14 -44.69
CA LYS H 379 17.91 -54.52 -43.78
C LYS H 379 18.58 -55.10 -42.54
N VAL H 380 18.39 -54.45 -41.40
CA VAL H 380 19.03 -54.89 -40.17
C VAL H 380 18.29 -56.02 -39.47
N GLY H 381 19.00 -57.11 -39.19
CA GLY H 381 18.37 -58.24 -38.53
C GLY H 381 18.67 -58.32 -37.05
N ALA H 382 17.83 -59.08 -36.34
CA ALA H 382 17.99 -59.24 -34.90
C ALA H 382 17.04 -60.32 -34.37
N ALA H 383 17.27 -60.74 -33.14
CA ALA H 383 16.46 -61.77 -32.50
C ALA H 383 15.10 -61.27 -32.03
N THR H 384 15.05 -60.01 -31.61
CA THR H 384 13.81 -59.41 -31.12
C THR H 384 13.58 -58.08 -31.83
N GLU H 385 12.34 -57.61 -31.87
CA GLU H 385 12.07 -56.33 -32.52
C GLU H 385 12.83 -55.21 -31.84
N VAL H 386 12.93 -55.28 -30.52
CA VAL H 386 13.64 -54.27 -29.75
C VAL H 386 15.10 -54.15 -30.17
N GLU H 387 15.79 -55.28 -30.19
CA GLU H 387 17.19 -55.32 -30.56
C GLU H 387 17.36 -54.83 -31.99
N MET H 388 16.47 -55.29 -32.87
CA MET H 388 16.48 -54.91 -34.28
C MET H 388 16.42 -53.41 -34.45
N LYS H 389 15.38 -52.79 -33.89
CA LYS H 389 15.21 -51.34 -33.97
C LYS H 389 16.42 -50.59 -33.39
N GLU H 390 17.02 -51.16 -32.35
CA GLU H 390 18.17 -50.57 -31.69
C GLU H 390 19.37 -50.60 -32.64
N LYS H 391 19.70 -51.79 -33.13
CA LYS H 391 20.81 -51.96 -34.05
C LYS H 391 20.61 -51.12 -35.31
N LYS H 392 19.36 -50.99 -35.76
CA LYS H 392 19.09 -50.20 -36.95
C LYS H 392 19.58 -48.78 -36.72
N ALA H 393 19.32 -48.26 -35.53
CA ALA H 393 19.74 -46.91 -35.19
C ALA H 393 21.26 -46.79 -35.18
N ARG H 394 21.95 -47.80 -34.63
CA ARG H 394 23.40 -47.77 -34.59
C ARG H 394 23.99 -47.89 -36.00
N VAL H 395 23.31 -48.61 -36.87
CA VAL H 395 23.79 -48.76 -38.23
C VAL H 395 23.63 -47.43 -38.94
N GLU H 396 22.48 -46.78 -38.74
CA GLU H 396 22.21 -45.49 -39.36
C GLU H 396 23.24 -44.44 -38.97
N ASP H 397 23.62 -44.44 -37.69
CA ASP H 397 24.61 -43.50 -37.19
C ASP H 397 25.99 -43.81 -37.77
N ALA H 398 26.46 -45.02 -37.52
CA ALA H 398 27.76 -45.46 -38.01
C ALA H 398 27.87 -45.19 -39.50
N LEU H 399 26.75 -45.25 -40.20
CA LEU H 399 26.77 -45.00 -41.63
C LEU H 399 27.16 -43.55 -41.94
N HIS H 400 26.46 -42.58 -41.34
CA HIS H 400 26.78 -41.17 -41.57
C HIS H 400 28.24 -40.90 -41.20
N ALA H 401 28.66 -41.46 -40.07
CA ALA H 401 30.02 -41.30 -39.57
C ALA H 401 31.04 -41.75 -40.60
N THR H 402 30.88 -42.98 -41.07
CA THR H 402 31.78 -43.58 -42.06
C THR H 402 31.74 -42.83 -43.38
N ARG H 403 30.55 -42.38 -43.74
CA ARG H 403 30.35 -41.62 -44.96
C ARG H 403 31.25 -40.38 -44.94
N ALA H 404 31.23 -39.69 -43.80
CA ALA H 404 32.01 -38.47 -43.60
C ALA H 404 33.49 -38.77 -43.51
N ALA H 405 33.81 -39.92 -42.91
CA ALA H 405 35.20 -40.34 -42.75
C ALA H 405 35.80 -40.62 -44.13
N VAL H 406 35.03 -41.27 -45.00
CA VAL H 406 35.51 -41.56 -46.33
C VAL H 406 35.79 -40.27 -47.09
N GLU H 407 34.99 -39.26 -46.80
CA GLU H 407 35.14 -37.98 -47.46
C GLU H 407 36.35 -37.15 -47.11
N GLU H 408 36.66 -37.04 -45.82
CA GLU H 408 37.80 -36.22 -45.38
C GLU H 408 38.70 -36.84 -44.32
N GLY H 409 38.56 -38.14 -44.10
CA GLY H 409 39.41 -38.79 -43.12
C GLY H 409 38.98 -38.59 -41.68
N VAL H 410 39.86 -38.97 -40.75
CA VAL H 410 39.59 -38.86 -39.33
C VAL H 410 40.73 -38.17 -38.59
N VAL H 411 40.42 -37.62 -37.41
CA VAL H 411 41.40 -36.96 -36.56
C VAL H 411 41.08 -37.39 -35.14
N ALA H 412 41.94 -37.01 -34.19
CA ALA H 412 41.71 -37.39 -32.80
C ALA H 412 40.39 -36.81 -32.30
N GLY H 413 39.65 -37.63 -31.57
CA GLY H 413 38.38 -37.18 -31.04
C GLY H 413 38.59 -36.66 -29.64
N GLY H 414 37.54 -36.68 -28.82
CA GLY H 414 37.66 -36.22 -27.45
C GLY H 414 38.03 -34.75 -27.38
N GLY H 415 37.88 -34.07 -28.50
CA GLY H 415 38.19 -32.67 -28.56
C GLY H 415 39.66 -32.34 -28.60
N VAL H 416 40.51 -33.33 -28.78
CA VAL H 416 41.94 -33.04 -28.81
C VAL H 416 42.42 -32.54 -30.18
N ALA H 417 41.71 -32.89 -31.25
CA ALA H 417 42.12 -32.43 -32.57
C ALA H 417 42.10 -30.89 -32.58
N LEU H 418 41.03 -30.30 -32.04
CA LEU H 418 40.92 -28.85 -32.02
C LEU H 418 42.00 -28.19 -31.16
N ILE H 419 42.28 -28.79 -30.02
CA ILE H 419 43.29 -28.21 -29.14
C ILE H 419 44.66 -28.32 -29.78
N ARG H 420 44.92 -29.43 -30.49
CA ARG H 420 46.20 -29.66 -31.19
C ARG H 420 46.39 -28.62 -32.29
N VAL H 421 45.35 -28.46 -33.10
CA VAL H 421 45.39 -27.52 -34.19
C VAL H 421 45.66 -26.11 -33.66
N ALA H 422 45.01 -25.75 -32.55
CA ALA H 422 45.19 -24.42 -31.98
C ALA H 422 46.63 -24.22 -31.51
N SER H 423 47.20 -25.22 -30.85
CA SER H 423 48.57 -25.11 -30.33
C SER H 423 49.57 -24.85 -31.46
N LYS H 424 49.21 -25.19 -32.69
CA LYS H 424 50.11 -24.97 -33.80
C LYS H 424 50.00 -23.57 -34.38
N LEU H 425 48.94 -22.84 -34.04
CA LEU H 425 48.76 -21.51 -34.60
C LEU H 425 49.14 -20.36 -33.68
N ALA H 426 49.99 -20.65 -32.70
CA ALA H 426 50.44 -19.65 -31.73
C ALA H 426 51.01 -18.37 -32.33
N ASP H 427 51.78 -18.50 -33.40
CA ASP H 427 52.38 -17.33 -34.02
C ASP H 427 51.55 -16.68 -35.12
N LEU H 428 50.32 -17.13 -35.31
CA LEU H 428 49.46 -16.56 -36.34
C LEU H 428 49.10 -15.13 -35.95
N ARG H 429 49.27 -14.19 -36.88
CA ARG H 429 48.95 -12.78 -36.61
C ARG H 429 48.10 -12.18 -37.73
N GLY H 430 47.49 -11.03 -37.46
CA GLY H 430 46.66 -10.37 -38.47
C GLY H 430 47.24 -9.02 -38.85
N GLN H 431 46.41 -8.15 -39.43
CA GLN H 431 46.84 -6.83 -39.87
C GLN H 431 46.97 -5.79 -38.76
N ASN H 432 46.28 -5.98 -37.64
CA ASN H 432 46.37 -5.02 -36.54
C ASN H 432 46.14 -5.72 -35.20
N GLU H 433 46.29 -4.98 -34.11
CA GLU H 433 46.15 -5.60 -32.81
C GLU H 433 44.77 -6.20 -32.55
N ASP H 434 43.71 -5.52 -32.99
CA ASP H 434 42.36 -6.04 -32.79
C ASP H 434 42.22 -7.41 -33.46
N GLN H 435 42.71 -7.54 -34.68
CA GLN H 435 42.64 -8.81 -35.37
C GLN H 435 43.46 -9.86 -34.63
N ASN H 436 44.58 -9.44 -34.06
CA ASN H 436 45.43 -10.35 -33.32
C ASN H 436 44.65 -10.90 -32.14
N VAL H 437 43.89 -10.03 -31.49
CA VAL H 437 43.07 -10.43 -30.34
C VAL H 437 42.03 -11.43 -30.84
N GLY H 438 41.43 -11.11 -31.98
CA GLY H 438 40.44 -11.99 -32.56
C GLY H 438 41.00 -13.38 -32.79
N ILE H 439 42.23 -13.46 -33.30
CA ILE H 439 42.85 -14.75 -33.53
C ILE H 439 43.00 -15.50 -32.20
N LYS H 440 43.42 -14.79 -31.17
CA LYS H 440 43.58 -15.42 -29.87
C LYS H 440 42.25 -15.86 -29.28
N VAL H 441 41.20 -15.09 -29.54
CA VAL H 441 39.87 -15.44 -29.04
C VAL H 441 39.49 -16.80 -29.62
N ALA H 442 39.72 -16.97 -30.91
CA ALA H 442 39.38 -18.21 -31.59
C ALA H 442 40.22 -19.40 -31.12
N LEU H 443 41.54 -19.22 -31.07
CA LEU H 443 42.42 -20.30 -30.63
C LEU H 443 42.11 -20.74 -29.21
N ARG H 444 41.74 -19.78 -28.39
CA ARG H 444 41.40 -20.06 -27.00
C ARG H 444 40.12 -20.89 -26.96
N ALA H 445 39.16 -20.52 -27.81
CA ALA H 445 37.87 -21.19 -27.89
C ALA H 445 38.00 -22.63 -28.33
N MET H 446 38.98 -22.91 -29.19
CA MET H 446 39.19 -24.26 -29.68
C MET H 446 39.50 -25.25 -28.56
N GLU H 447 39.75 -24.72 -27.36
CA GLU H 447 40.05 -25.56 -26.20
C GLU H 447 38.76 -25.91 -25.44
N ALA H 448 37.69 -25.16 -25.70
CA ALA H 448 36.42 -25.34 -25.01
C ALA H 448 35.95 -26.79 -24.95
N PRO H 449 35.81 -27.45 -26.12
CA PRO H 449 35.36 -28.84 -26.16
C PRO H 449 36.12 -29.76 -25.22
N LEU H 450 37.42 -29.92 -25.43
CA LEU H 450 38.19 -30.80 -24.56
C LEU H 450 37.98 -30.44 -23.09
N ARG H 451 38.15 -29.16 -22.76
CA ARG H 451 37.98 -28.69 -21.39
C ARG H 451 36.63 -29.08 -20.82
N GLN H 452 35.57 -28.88 -21.59
CA GLN H 452 34.23 -29.25 -21.11
C GLN H 452 34.17 -30.76 -20.83
N ILE H 453 34.68 -31.55 -21.77
CA ILE H 453 34.69 -33.01 -21.62
C ILE H 453 35.40 -33.40 -20.32
N VAL H 454 36.56 -32.82 -20.09
CA VAL H 454 37.32 -33.12 -18.87
C VAL H 454 36.56 -32.67 -17.64
N LEU H 455 35.91 -31.51 -17.74
CA LEU H 455 35.13 -30.99 -16.64
C LEU H 455 34.01 -31.95 -16.28
N ASN H 456 33.31 -32.46 -17.30
CA ASN H 456 32.22 -33.40 -17.06
C ASN H 456 32.75 -34.67 -16.39
N CYS H 457 34.00 -35.00 -16.66
CA CYS H 457 34.63 -36.19 -16.08
C CYS H 457 35.07 -35.95 -14.65
N GLY H 458 35.00 -34.69 -14.22
CA GLY H 458 35.40 -34.34 -12.86
C GLY H 458 36.91 -34.23 -12.70
N GLU H 459 37.62 -33.85 -13.76
CA GLU H 459 39.07 -33.69 -13.72
C GLU H 459 39.41 -32.22 -13.92
N GLU H 460 40.68 -31.84 -13.77
CA GLU H 460 41.08 -30.44 -13.95
C GLU H 460 41.38 -30.11 -15.40
N PRO H 461 40.46 -29.39 -16.05
CA PRO H 461 40.60 -29.00 -17.45
C PRO H 461 41.96 -28.42 -17.82
N SER H 462 42.44 -27.49 -17.01
CA SER H 462 43.72 -26.84 -17.24
C SER H 462 44.88 -27.83 -17.31
N VAL H 463 44.91 -28.78 -16.38
CA VAL H 463 46.00 -29.74 -16.37
C VAL H 463 45.97 -30.63 -17.62
N VAL H 464 44.82 -31.24 -17.90
CA VAL H 464 44.69 -32.12 -19.07
C VAL H 464 44.94 -31.32 -20.35
N ALA H 465 44.32 -30.15 -20.46
CA ALA H 465 44.49 -29.30 -21.63
C ALA H 465 45.97 -29.03 -21.86
N ASN H 466 46.63 -28.72 -20.76
CA ASN H 466 48.05 -28.42 -20.77
C ASN H 466 48.86 -29.61 -21.27
N THR H 467 48.65 -30.76 -20.65
CA THR H 467 49.36 -31.96 -21.03
C THR H 467 49.15 -32.30 -22.49
N VAL H 468 47.90 -32.21 -22.95
CA VAL H 468 47.61 -32.54 -24.34
C VAL H 468 48.35 -31.62 -25.29
N LYS H 469 48.36 -30.32 -24.97
CA LYS H 469 49.04 -29.34 -25.81
C LYS H 469 50.53 -29.63 -25.94
N GLY H 470 51.11 -30.21 -24.89
CA GLY H 470 52.53 -30.56 -24.90
C GLY H 470 52.89 -31.64 -25.89
N GLY H 471 51.98 -32.57 -26.13
CA GLY H 471 52.24 -33.64 -27.07
C GLY H 471 52.17 -33.22 -28.53
N ASP H 472 52.12 -34.19 -29.43
CA ASP H 472 52.06 -33.90 -30.85
C ASP H 472 51.10 -34.83 -31.61
N GLY H 473 50.84 -34.50 -32.88
CA GLY H 473 49.96 -35.29 -33.70
C GLY H 473 48.67 -35.61 -33.01
N ASN H 474 48.23 -36.87 -33.11
CA ASN H 474 47.00 -37.27 -32.49
C ASN H 474 47.15 -37.82 -31.08
N TYR H 475 48.16 -37.32 -30.37
CA TYR H 475 48.38 -37.73 -28.98
C TYR H 475 47.39 -36.92 -28.17
N GLY H 476 46.57 -37.59 -27.36
CA GLY H 476 45.61 -36.86 -26.56
C GLY H 476 45.23 -37.52 -25.25
N TYR H 477 44.09 -37.12 -24.71
CA TYR H 477 43.60 -37.65 -23.45
C TYR H 477 42.32 -38.45 -23.66
N ASN H 478 42.36 -39.73 -23.30
CA ASN H 478 41.19 -40.59 -23.41
C ASN H 478 40.38 -40.30 -22.14
N ALA H 479 39.40 -39.40 -22.26
CA ALA H 479 38.58 -39.01 -21.12
C ALA H 479 37.91 -40.21 -20.47
N ALA H 480 37.59 -41.21 -21.29
CA ALA H 480 36.94 -42.41 -20.81
C ALA H 480 37.79 -43.28 -19.89
N THR H 481 39.10 -43.34 -20.14
CA THR H 481 39.99 -44.18 -19.34
C THR H 481 41.06 -43.40 -18.59
N GLU H 482 41.06 -42.08 -18.74
CA GLU H 482 42.05 -41.21 -18.08
C GLU H 482 43.48 -41.55 -18.52
N GLU H 483 43.63 -42.09 -19.72
CA GLU H 483 44.94 -42.47 -20.24
C GLU H 483 45.34 -41.58 -21.39
N TYR H 484 46.59 -41.13 -21.39
CA TYR H 484 47.03 -40.31 -22.51
C TYR H 484 47.64 -41.27 -23.51
N GLY H 485 47.58 -40.93 -24.78
CA GLY H 485 48.15 -41.80 -25.79
C GLY H 485 47.69 -41.35 -27.15
N ASN H 486 47.85 -42.20 -28.16
CA ASN H 486 47.40 -41.84 -29.50
C ASN H 486 45.89 -42.04 -29.54
N MET H 487 45.17 -40.95 -29.72
CA MET H 487 43.72 -40.99 -29.78
C MET H 487 43.18 -41.97 -30.82
N ILE H 488 43.74 -41.96 -32.02
CA ILE H 488 43.28 -42.86 -33.07
C ILE H 488 43.48 -44.32 -32.65
N ASP H 489 44.66 -44.63 -32.15
CA ASP H 489 44.92 -45.99 -31.72
C ASP H 489 43.95 -46.43 -30.65
N MET H 490 43.63 -45.54 -29.70
CA MET H 490 42.71 -45.90 -28.64
C MET H 490 41.28 -45.89 -29.14
N GLY H 491 41.13 -45.69 -30.46
CA GLY H 491 39.81 -45.69 -31.08
C GLY H 491 38.89 -44.55 -30.71
N ILE H 492 39.47 -43.39 -30.38
CA ILE H 492 38.67 -42.22 -30.05
C ILE H 492 38.93 -41.17 -31.11
N LEU H 493 38.09 -41.17 -32.14
CA LEU H 493 38.27 -40.25 -33.26
C LEU H 493 36.99 -39.58 -33.74
N ASP H 494 37.14 -38.65 -34.67
CA ASP H 494 36.01 -37.91 -35.24
C ASP H 494 36.26 -37.73 -36.73
N PRO H 495 35.20 -37.79 -37.54
CA PRO H 495 35.46 -37.58 -38.96
C PRO H 495 36.00 -36.15 -39.09
N THR H 496 37.13 -35.99 -39.76
CA THR H 496 37.69 -34.65 -39.93
C THR H 496 36.57 -33.69 -40.36
N LYS H 497 35.61 -34.20 -41.11
CA LYS H 497 34.52 -33.37 -41.59
C LYS H 497 33.64 -32.81 -40.46
N VAL H 498 33.39 -33.58 -39.41
CA VAL H 498 32.54 -33.05 -38.35
C VAL H 498 33.26 -31.96 -37.56
N THR H 499 34.53 -32.19 -37.24
CA THR H 499 35.28 -31.18 -36.50
C THR H 499 35.39 -29.90 -37.33
N ARG H 500 35.77 -30.02 -38.60
CA ARG H 500 35.87 -28.85 -39.45
C ARG H 500 34.54 -28.10 -39.50
N SER H 501 33.46 -28.84 -39.73
CA SER H 501 32.13 -28.24 -39.80
C SER H 501 31.75 -27.52 -38.52
N ALA H 502 31.86 -28.23 -37.40
CA ALA H 502 31.52 -27.65 -36.10
C ALA H 502 32.23 -26.33 -35.87
N LEU H 503 33.53 -26.29 -36.15
CA LEU H 503 34.32 -25.08 -35.96
C LEU H 503 33.88 -23.96 -36.89
N GLN H 504 33.83 -24.23 -38.19
CA GLN H 504 33.45 -23.22 -39.16
C GLN H 504 32.07 -22.65 -38.88
N TYR H 505 31.10 -23.51 -38.56
CA TYR H 505 29.76 -23.06 -38.28
C TYR H 505 29.68 -22.22 -37.02
N ALA H 506 30.39 -22.65 -35.98
CA ALA H 506 30.40 -21.93 -34.72
C ALA H 506 31.00 -20.55 -34.99
N ALA H 507 32.18 -20.53 -35.58
CA ALA H 507 32.85 -19.27 -35.87
C ALA H 507 31.98 -18.35 -36.73
N SER H 508 31.14 -18.95 -37.55
CA SER H 508 30.26 -18.19 -38.42
C SER H 508 29.23 -17.36 -37.68
N VAL H 509 28.42 -18.04 -36.87
CA VAL H 509 27.38 -17.37 -36.10
C VAL H 509 28.03 -16.47 -35.04
N ALA H 510 29.16 -16.89 -34.46
CA ALA H 510 29.83 -16.08 -33.44
C ALA H 510 30.30 -14.77 -34.06
N GLY H 511 30.80 -14.86 -35.29
CA GLY H 511 31.27 -13.68 -35.98
C GLY H 511 30.13 -12.72 -36.23
N LEU H 512 28.96 -13.27 -36.55
CA LEU H 512 27.80 -12.44 -36.82
C LEU H 512 27.31 -11.70 -35.60
N MET H 513 27.27 -12.37 -34.46
CA MET H 513 26.82 -11.75 -33.23
C MET H 513 27.78 -10.65 -32.76
N ILE H 514 29.07 -10.94 -32.81
CA ILE H 514 30.06 -9.96 -32.41
C ILE H 514 29.92 -8.69 -33.24
N THR H 515 29.43 -8.82 -34.45
CA THR H 515 29.25 -7.66 -35.32
C THR H 515 27.81 -7.19 -35.42
N THR H 516 27.03 -7.42 -34.36
CA THR H 516 25.64 -6.99 -34.36
C THR H 516 25.50 -5.75 -33.49
N GLU H 517 24.84 -4.72 -34.02
CA GLU H 517 24.66 -3.46 -33.30
C GLU H 517 23.21 -3.17 -32.95
N CYS H 518 22.28 -3.84 -33.62
CA CYS H 518 20.88 -3.59 -33.36
C CYS H 518 20.03 -4.84 -33.47
N MET H 519 18.99 -4.93 -32.64
CA MET H 519 18.08 -6.06 -32.64
C MET H 519 16.65 -5.55 -32.60
N VAL H 520 15.82 -6.09 -33.48
CA VAL H 520 14.42 -5.69 -33.55
C VAL H 520 13.54 -6.90 -33.32
N THR H 521 12.66 -6.83 -32.35
CA THR H 521 11.75 -7.94 -32.06
C THR H 521 10.40 -7.39 -31.66
N ASP H 522 9.41 -8.26 -31.52
CA ASP H 522 8.07 -7.82 -31.16
C ASP H 522 7.96 -7.44 -29.70
N LEU H 523 6.95 -6.65 -29.39
CA LEU H 523 6.71 -6.20 -28.03
C LEU H 523 6.08 -7.33 -27.24
N PRO H 524 6.61 -7.62 -26.04
CA PRO H 524 6.06 -8.70 -25.20
C PRO H 524 4.54 -8.64 -25.01
N ALA I 1 7.44 -23.64 -27.24
CA ALA I 1 6.98 -22.58 -26.32
C ALA I 1 8.12 -22.17 -25.41
N ALA I 2 8.09 -20.95 -24.88
CA ALA I 2 9.16 -20.51 -23.99
C ALA I 2 9.28 -21.52 -22.88
N LYS I 3 10.50 -22.02 -22.65
CA LYS I 3 10.74 -23.02 -21.62
C LYS I 3 11.32 -22.39 -20.37
N ASP I 4 11.35 -23.18 -19.32
CA ASP I 4 11.92 -22.76 -18.06
C ASP I 4 13.02 -23.79 -17.88
N VAL I 5 14.27 -23.34 -17.89
CA VAL I 5 15.39 -24.26 -17.75
C VAL I 5 16.11 -24.13 -16.41
N LYS I 6 16.28 -25.25 -15.70
CA LYS I 6 16.99 -25.21 -14.43
C LYS I 6 18.24 -26.06 -14.51
N PHE I 7 19.27 -25.65 -13.79
CA PHE I 7 20.52 -26.37 -13.83
C PHE I 7 20.98 -26.93 -12.51
N GLY I 8 21.98 -27.79 -12.60
CA GLY I 8 22.56 -28.43 -11.44
C GLY I 8 21.75 -28.59 -10.17
N ASN I 9 22.28 -28.04 -9.10
CA ASN I 9 21.65 -28.16 -7.81
C ASN I 9 20.22 -27.65 -7.71
N ASP I 10 19.95 -26.52 -8.33
CA ASP I 10 18.60 -25.97 -8.32
C ASP I 10 17.64 -27.01 -8.90
N ALA I 11 18.05 -27.67 -9.98
CA ALA I 11 17.25 -28.70 -10.65
C ALA I 11 17.09 -29.94 -9.79
N ARG I 12 18.17 -30.36 -9.15
CA ARG I 12 18.10 -31.55 -8.33
C ARG I 12 17.22 -31.45 -7.07
N VAL I 13 17.23 -30.30 -6.39
CA VAL I 13 16.38 -30.22 -5.20
C VAL I 13 14.94 -30.29 -5.61
N LYS I 14 14.61 -29.71 -6.75
CA LYS I 14 13.23 -29.73 -7.24
C LYS I 14 12.81 -31.18 -7.43
N MET I 15 13.62 -31.96 -8.16
CA MET I 15 13.29 -33.36 -8.38
C MET I 15 13.13 -34.11 -7.08
N LEU I 16 14.09 -33.93 -6.17
CA LEU I 16 14.03 -34.61 -4.88
C LEU I 16 12.73 -34.26 -4.18
N ARG I 17 12.47 -32.96 -4.09
CA ARG I 17 11.28 -32.44 -3.44
C ARG I 17 10.05 -33.13 -4.03
N GLY I 18 10.08 -33.35 -5.33
CA GLY I 18 8.98 -34.03 -6.00
C GLY I 18 8.88 -35.51 -5.68
N VAL I 19 9.99 -36.26 -5.71
CA VAL I 19 9.87 -37.69 -5.40
C VAL I 19 9.52 -37.88 -3.92
N ASN I 20 9.83 -36.89 -3.09
CA ASN I 20 9.52 -37.00 -1.68
C ASN I 20 8.01 -37.01 -1.48
N VAL I 21 7.30 -36.13 -2.18
CA VAL I 21 5.85 -36.08 -2.06
C VAL I 21 5.30 -37.44 -2.49
N LEU I 22 5.78 -37.94 -3.62
CA LEU I 22 5.34 -39.25 -4.10
C LEU I 22 5.64 -40.34 -3.09
N ALA I 23 6.92 -40.45 -2.72
CA ALA I 23 7.33 -41.47 -1.76
C ALA I 23 6.60 -41.40 -0.42
N ASP I 24 6.58 -40.23 0.20
CA ASP I 24 5.92 -40.11 1.50
C ASP I 24 4.43 -40.46 1.47
N ALA I 25 3.76 -40.21 0.35
CA ALA I 25 2.34 -40.52 0.24
C ALA I 25 2.14 -42.02 0.10
N VAL I 26 3.05 -42.66 -0.62
CA VAL I 26 2.97 -44.08 -0.88
C VAL I 26 3.48 -44.99 0.25
N LYS I 27 4.62 -44.64 0.84
CA LYS I 27 5.21 -45.48 1.88
C LYS I 27 4.45 -45.66 3.18
N VAL I 28 3.45 -44.82 3.43
CA VAL I 28 2.71 -44.98 4.67
C VAL I 28 1.81 -46.22 4.59
N THR I 29 1.68 -46.82 3.41
CA THR I 29 0.84 -48.00 3.25
C THR I 29 1.62 -49.30 3.32
N LEU I 30 2.95 -49.18 3.34
CA LEU I 30 3.85 -50.33 3.31
C LEU I 30 3.74 -51.54 4.24
N GLY I 31 3.94 -51.37 5.54
CA GLY I 31 3.87 -52.54 6.40
C GLY I 31 2.51 -53.22 6.57
N PRO I 32 2.44 -54.32 7.35
CA PRO I 32 1.15 -54.96 7.54
C PRO I 32 0.32 -53.99 8.40
N LYS I 33 1.02 -53.07 9.04
CA LYS I 33 0.37 -52.07 9.87
C LYS I 33 0.29 -50.78 9.08
N GLY I 34 0.23 -50.92 7.75
CA GLY I 34 0.15 -49.77 6.87
C GLY I 34 -1.09 -48.92 7.15
N ARG I 35 -0.96 -47.62 6.91
CA ARG I 35 -2.05 -46.68 7.13
C ARG I 35 -2.91 -46.46 5.88
N ASN I 36 -3.98 -45.70 6.04
CA ASN I 36 -4.88 -45.40 4.94
C ASN I 36 -4.55 -44.06 4.30
N VAL I 37 -4.76 -43.98 3.00
CA VAL I 37 -4.55 -42.75 2.26
C VAL I 37 -5.94 -42.47 1.67
N VAL I 38 -6.40 -41.22 1.77
CA VAL I 38 -7.72 -40.89 1.25
C VAL I 38 -7.57 -40.16 -0.06
N LEU I 39 -8.15 -40.73 -1.11
CA LEU I 39 -8.08 -40.16 -2.46
C LEU I 39 -9.42 -39.57 -2.84
N ASP I 40 -9.44 -38.25 -3.02
CA ASP I 40 -10.66 -37.55 -3.36
C ASP I 40 -11.12 -37.80 -4.78
N LYS I 41 -12.43 -37.82 -4.97
CA LYS I 41 -13.06 -38.03 -6.26
C LYS I 41 -14.06 -36.89 -6.45
N SER I 42 -13.99 -36.22 -7.59
CA SER I 42 -14.90 -35.10 -7.88
C SER I 42 -16.34 -35.43 -7.50
N PHE I 43 -16.77 -36.66 -7.78
CA PHE I 43 -18.13 -37.06 -7.48
C PHE I 43 -18.25 -38.09 -6.36
N GLY I 44 -18.97 -37.72 -5.31
CA GLY I 44 -19.20 -38.64 -4.21
C GLY I 44 -18.25 -38.57 -3.03
N ALA I 45 -18.16 -39.68 -2.29
CA ALA I 45 -17.30 -39.79 -1.13
C ALA I 45 -15.90 -40.16 -1.57
N PRO I 46 -14.89 -39.71 -0.81
CA PRO I 46 -13.48 -39.99 -1.12
C PRO I 46 -13.22 -41.48 -1.07
N THR I 47 -12.12 -41.91 -1.65
CA THR I 47 -11.74 -43.32 -1.64
C THR I 47 -10.69 -43.53 -0.55
N ILE I 48 -10.90 -44.50 0.33
CA ILE I 48 -9.91 -44.75 1.36
C ILE I 48 -9.20 -46.01 0.93
N THR I 49 -7.87 -45.97 0.88
CA THR I 49 -7.12 -47.14 0.42
C THR I 49 -5.77 -47.34 1.11
N LYS I 50 -5.26 -48.55 1.01
CA LYS I 50 -3.95 -48.89 1.56
C LYS I 50 -3.09 -49.42 0.42
N ASP I 51 -3.59 -49.26 -0.80
CA ASP I 51 -2.89 -49.70 -2.00
C ASP I 51 -1.98 -48.61 -2.54
N GLY I 52 -0.67 -48.80 -2.39
CA GLY I 52 0.29 -47.83 -2.89
C GLY I 52 0.22 -47.56 -4.37
N VAL I 53 -0.27 -48.52 -5.15
CA VAL I 53 -0.36 -48.32 -6.59
C VAL I 53 -1.48 -47.34 -6.89
N SER I 54 -2.58 -47.45 -6.16
CA SER I 54 -3.70 -46.54 -6.34
C SER I 54 -3.24 -45.13 -6.01
N VAL I 55 -2.58 -44.99 -4.86
CA VAL I 55 -2.09 -43.70 -4.41
C VAL I 55 -1.13 -43.11 -5.43
N ALA I 56 -0.11 -43.87 -5.81
CA ALA I 56 0.87 -43.34 -6.76
C ALA I 56 0.21 -42.78 -8.02
N ARG I 57 -0.79 -43.50 -8.51
CA ARG I 57 -1.53 -43.13 -9.71
C ARG I 57 -2.07 -41.71 -9.63
N GLU I 58 -2.51 -41.32 -8.44
CA GLU I 58 -3.09 -40.00 -8.20
C GLU I 58 -2.10 -38.86 -8.04
N ILE I 59 -0.84 -39.18 -7.76
CA ILE I 59 0.13 -38.13 -7.54
C ILE I 59 0.59 -37.35 -8.76
N GLU I 60 0.39 -36.04 -8.69
CA GLU I 60 0.80 -35.12 -9.75
C GLU I 60 0.99 -33.77 -9.03
N LEU I 61 2.16 -33.18 -9.16
CA LEU I 61 2.46 -31.92 -8.49
C LEU I 61 2.33 -30.70 -9.38
N GLU I 62 1.99 -29.57 -8.76
CA GLU I 62 1.81 -28.32 -9.49
C GLU I 62 3.10 -27.73 -10.04
N ASP I 63 4.17 -27.73 -9.23
CA ASP I 63 5.45 -27.23 -9.69
C ASP I 63 5.94 -28.19 -10.77
N LYS I 64 6.12 -27.68 -11.99
CA LYS I 64 6.54 -28.51 -13.12
C LYS I 64 7.80 -29.36 -12.87
N PHE I 65 8.80 -28.77 -12.22
CA PHE I 65 10.04 -29.48 -11.93
C PHE I 65 9.84 -30.59 -10.92
N GLU I 66 9.19 -30.27 -9.80
CA GLU I 66 8.89 -31.28 -8.78
C GLU I 66 8.09 -32.43 -9.40
N ASN I 67 7.15 -32.06 -10.26
CA ASN I 67 6.32 -33.06 -10.91
C ASN I 67 7.13 -34.03 -11.77
N MET I 68 8.09 -33.49 -12.52
CA MET I 68 8.91 -34.33 -13.36
C MET I 68 9.60 -35.37 -12.49
N GLY I 69 10.06 -34.94 -11.33
CA GLY I 69 10.72 -35.85 -10.43
C GLY I 69 9.79 -36.97 -10.03
N ALA I 70 8.60 -36.62 -9.57
CA ALA I 70 7.64 -37.60 -9.15
C ALA I 70 7.26 -38.51 -10.31
N GLN I 71 6.99 -37.94 -11.47
CA GLN I 71 6.61 -38.74 -12.61
C GLN I 71 7.69 -39.72 -13.04
N MET I 72 8.95 -39.32 -12.89
CA MET I 72 10.06 -40.19 -13.26
C MET I 72 10.09 -41.47 -12.45
N VAL I 73 10.13 -41.37 -11.12
CA VAL I 73 10.18 -42.61 -10.33
C VAL I 73 8.85 -43.32 -10.45
N LYS I 74 7.77 -42.54 -10.55
CA LYS I 74 6.44 -43.11 -10.67
C LYS I 74 6.42 -44.07 -11.85
N GLU I 75 7.07 -43.68 -12.94
CA GLU I 75 7.11 -44.50 -14.14
C GLU I 75 7.89 -45.80 -14.00
N VAL I 76 9.16 -45.74 -13.63
CA VAL I 76 9.95 -46.98 -13.50
C VAL I 76 9.48 -47.83 -12.33
N ALA I 77 8.86 -47.22 -11.33
CA ALA I 77 8.40 -48.02 -10.21
C ALA I 77 7.28 -48.93 -10.68
N SER I 78 6.41 -48.40 -11.53
CA SER I 78 5.30 -49.19 -12.03
C SER I 78 5.80 -50.40 -12.79
N LYS I 79 6.89 -50.23 -13.54
CA LYS I 79 7.47 -51.33 -14.31
C LYS I 79 7.72 -52.53 -13.41
N ALA I 80 8.01 -52.30 -12.14
CA ALA I 80 8.24 -53.38 -11.22
C ALA I 80 6.95 -54.20 -11.05
N ASN I 81 5.85 -53.49 -10.85
CA ASN I 81 4.56 -54.14 -10.68
C ASN I 81 4.18 -54.92 -11.95
N ASP I 82 4.47 -54.32 -13.11
CA ASP I 82 4.14 -54.94 -14.39
C ASP I 82 4.91 -56.26 -14.53
N ALA I 83 6.15 -56.26 -14.11
CA ALA I 83 7.00 -57.44 -14.23
C ALA I 83 6.74 -58.57 -13.24
N ALA I 84 6.40 -58.23 -11.99
CA ALA I 84 6.20 -59.26 -10.98
C ALA I 84 4.85 -59.20 -10.24
N GLY I 85 3.99 -58.27 -10.65
CA GLY I 85 2.71 -58.14 -10.00
C GLY I 85 2.75 -57.51 -8.62
N ASP I 86 3.91 -56.98 -8.25
CA ASP I 86 4.07 -56.35 -6.94
C ASP I 86 5.44 -55.68 -6.83
N GLY I 87 5.62 -54.85 -5.79
CA GLY I 87 6.89 -54.20 -5.57
C GLY I 87 7.01 -52.75 -6.01
N THR I 88 5.90 -52.18 -6.45
CA THR I 88 5.91 -50.80 -6.89
C THR I 88 6.20 -49.83 -5.74
N THR I 89 5.54 -50.05 -4.60
CA THR I 89 5.75 -49.19 -3.44
C THR I 89 7.18 -49.38 -2.94
N THR I 90 7.62 -50.62 -2.86
CA THR I 90 8.98 -50.91 -2.42
C THR I 90 9.97 -50.17 -3.29
N ALA I 91 9.82 -50.30 -4.61
CA ALA I 91 10.70 -49.64 -5.56
C ALA I 91 10.74 -48.15 -5.30
N THR I 92 9.58 -47.59 -4.96
CA THR I 92 9.49 -46.17 -4.67
C THR I 92 10.28 -45.76 -3.42
N VAL I 93 10.06 -46.44 -2.30
CA VAL I 93 10.81 -46.05 -1.11
C VAL I 93 12.30 -46.31 -1.35
N LEU I 94 12.64 -47.32 -2.13
CA LEU I 94 14.04 -47.59 -2.42
C LEU I 94 14.63 -46.44 -3.21
N ALA I 95 13.91 -46.02 -4.24
CA ALA I 95 14.40 -44.93 -5.08
C ALA I 95 14.57 -43.66 -4.24
N GLN I 96 13.65 -43.42 -3.31
CA GLN I 96 13.74 -42.23 -2.47
C GLN I 96 15.02 -42.27 -1.64
N ALA I 97 15.27 -43.44 -1.05
CA ALA I 97 16.45 -43.61 -0.22
C ALA I 97 17.73 -43.38 -1.02
N ILE I 98 17.85 -44.02 -2.18
CA ILE I 98 19.04 -43.87 -3.00
C ILE I 98 19.19 -42.42 -3.44
N ILE I 99 18.12 -41.84 -3.98
CA ILE I 99 18.18 -40.45 -4.46
C ILE I 99 18.58 -39.46 -3.38
N THR I 100 18.00 -39.60 -2.19
CA THR I 100 18.34 -38.69 -1.11
C THR I 100 19.82 -38.72 -0.75
N GLU I 101 20.34 -39.88 -0.36
CA GLU I 101 21.75 -39.97 -0.01
C GLU I 101 22.64 -39.64 -1.18
N GLY I 102 22.26 -40.09 -2.38
CA GLY I 102 23.06 -39.82 -3.54
C GLY I 102 23.23 -38.33 -3.79
N LEU I 103 22.14 -37.58 -3.72
CA LEU I 103 22.20 -36.16 -3.95
C LEU I 103 23.01 -35.49 -2.85
N LYS I 104 22.97 -36.04 -1.64
CA LYS I 104 23.77 -35.48 -0.54
C LYS I 104 25.22 -35.56 -0.99
N ALA I 105 25.62 -36.73 -1.47
CA ALA I 105 26.98 -36.95 -1.91
C ALA I 105 27.36 -35.99 -3.06
N VAL I 106 26.45 -35.82 -4.01
CA VAL I 106 26.71 -34.94 -5.13
C VAL I 106 26.98 -33.54 -4.64
N ALA I 107 26.19 -33.11 -3.65
CA ALA I 107 26.35 -31.77 -3.10
C ALA I 107 27.66 -31.64 -2.34
N ALA I 108 28.11 -32.75 -1.74
CA ALA I 108 29.35 -32.75 -0.99
C ALA I 108 30.50 -32.68 -1.98
N GLY I 109 30.16 -32.66 -3.27
CA GLY I 109 31.18 -32.57 -4.29
C GLY I 109 31.70 -33.87 -4.86
N MET I 110 31.05 -34.99 -4.57
CA MET I 110 31.49 -36.28 -5.12
C MET I 110 31.00 -36.42 -6.56
N ASN I 111 31.72 -37.20 -7.36
CA ASN I 111 31.35 -37.35 -8.76
C ASN I 111 30.06 -38.16 -9.01
N PRO I 112 29.07 -37.54 -9.66
CA PRO I 112 27.79 -38.18 -9.97
C PRO I 112 27.95 -39.51 -10.71
N MET I 113 28.73 -39.51 -11.77
CA MET I 113 28.93 -40.72 -12.55
C MET I 113 29.53 -41.85 -11.69
N ASP I 114 30.46 -41.52 -10.81
CA ASP I 114 31.05 -42.55 -9.95
C ASP I 114 30.06 -43.06 -8.94
N LEU I 115 29.28 -42.15 -8.36
CA LEU I 115 28.27 -42.54 -7.39
C LEU I 115 27.30 -43.53 -8.04
N LYS I 116 26.94 -43.26 -9.29
CA LYS I 116 26.05 -44.16 -10.01
C LYS I 116 26.71 -45.52 -10.21
N ARG I 117 27.95 -45.52 -10.69
CA ARG I 117 28.64 -46.79 -10.93
C ARG I 117 28.75 -47.62 -9.65
N GLY I 118 28.98 -46.95 -8.52
CA GLY I 118 29.08 -47.65 -7.26
C GLY I 118 27.74 -48.24 -6.88
N ILE I 119 26.67 -47.47 -7.08
CA ILE I 119 25.32 -47.92 -6.78
C ILE I 119 25.02 -49.14 -7.64
N ASP I 120 25.32 -49.03 -8.93
CA ASP I 120 25.06 -50.13 -9.84
C ASP I 120 25.82 -51.39 -9.45
N LYS I 121 27.07 -51.23 -9.04
CA LYS I 121 27.86 -52.39 -8.65
C LYS I 121 27.20 -53.07 -7.45
N ALA I 122 26.83 -52.26 -6.46
CA ALA I 122 26.19 -52.78 -5.27
C ALA I 122 24.92 -53.57 -5.62
N VAL I 123 24.10 -53.00 -6.50
CA VAL I 123 22.87 -53.64 -6.94
C VAL I 123 23.13 -54.97 -7.66
N THR I 124 24.06 -54.97 -8.60
CA THR I 124 24.41 -56.19 -9.32
C THR I 124 24.78 -57.27 -8.31
N ALA I 125 25.66 -56.91 -7.37
CA ALA I 125 26.11 -57.82 -6.34
C ALA I 125 24.94 -58.26 -5.47
N ALA I 126 24.03 -57.34 -5.16
CA ALA I 126 22.88 -57.64 -4.33
C ALA I 126 21.97 -58.65 -5.01
N VAL I 127 21.78 -58.50 -6.32
CA VAL I 127 20.92 -59.40 -7.05
C VAL I 127 21.47 -60.83 -7.04
N GLU I 128 22.79 -60.98 -7.09
CA GLU I 128 23.35 -62.32 -7.05
C GLU I 128 23.12 -62.88 -5.67
N GLU I 129 23.42 -62.08 -4.67
CA GLU I 129 23.26 -62.48 -3.29
C GLU I 129 21.80 -62.87 -3.05
N LEU I 130 20.92 -62.27 -3.84
CA LEU I 130 19.49 -62.51 -3.73
C LEU I 130 19.10 -63.88 -4.31
N LYS I 131 19.77 -64.30 -5.38
CA LYS I 131 19.47 -65.61 -5.98
C LYS I 131 19.93 -66.70 -5.03
N ALA I 132 21.02 -66.43 -4.33
CA ALA I 132 21.56 -67.37 -3.38
C ALA I 132 20.62 -67.52 -2.19
N LEU I 133 20.07 -66.41 -1.71
CA LEU I 133 19.16 -66.38 -0.56
C LEU I 133 17.86 -67.07 -0.93
N SER I 134 17.53 -67.02 -2.21
CA SER I 134 16.28 -67.58 -2.74
C SER I 134 16.05 -69.07 -2.54
N VAL I 135 14.80 -69.42 -2.22
CA VAL I 135 14.36 -70.80 -2.04
C VAL I 135 13.42 -71.13 -3.20
N PRO I 136 13.63 -72.29 -3.85
CA PRO I 136 12.82 -72.74 -5.00
C PRO I 136 11.37 -73.04 -4.72
N CYS I 137 10.57 -72.91 -5.76
CA CYS I 137 9.14 -73.19 -5.69
C CYS I 137 8.78 -73.91 -6.98
N SER I 138 8.95 -75.23 -6.99
CA SER I 138 8.70 -76.04 -8.18
C SER I 138 7.62 -77.13 -8.05
N ASP I 139 7.76 -78.03 -7.10
CA ASP I 139 6.76 -79.08 -6.91
C ASP I 139 5.45 -78.40 -6.61
N SER I 140 4.36 -78.98 -7.10
CA SER I 140 3.05 -78.39 -6.90
C SER I 140 2.63 -78.27 -5.43
N LYS I 141 3.36 -78.92 -4.54
CA LYS I 141 3.04 -78.82 -3.12
C LYS I 141 3.44 -77.43 -2.66
N ALA I 142 4.55 -76.95 -3.21
CA ALA I 142 5.08 -75.61 -2.89
C ALA I 142 4.22 -74.58 -3.60
N ILE I 143 3.91 -74.83 -4.87
CA ILE I 143 3.09 -73.92 -5.65
C ILE I 143 1.78 -73.64 -4.92
N ALA I 144 1.23 -74.68 -4.27
CA ALA I 144 -0.01 -74.53 -3.53
C ALA I 144 0.20 -73.64 -2.30
N GLN I 145 1.27 -73.90 -1.55
CA GLN I 145 1.56 -73.12 -0.33
C GLN I 145 1.75 -71.64 -0.64
N VAL I 146 2.48 -71.34 -1.71
CA VAL I 146 2.73 -69.96 -2.11
C VAL I 146 1.40 -69.32 -2.47
N GLY I 147 0.65 -69.97 -3.35
CA GLY I 147 -0.63 -69.44 -3.74
C GLY I 147 -1.51 -69.22 -2.52
N THR I 148 -1.45 -70.12 -1.55
CA THR I 148 -2.27 -70.02 -0.33
C THR I 148 -1.87 -68.81 0.52
N ILE I 149 -0.56 -68.60 0.68
CA ILE I 149 -0.04 -67.46 1.46
C ILE I 149 -0.41 -66.15 0.76
N SER I 150 -0.34 -66.14 -0.56
CA SER I 150 -0.66 -64.95 -1.33
C SER I 150 -2.18 -64.72 -1.34
N ALA I 151 -2.94 -65.80 -1.22
CA ALA I 151 -4.40 -65.71 -1.21
C ALA I 151 -4.91 -65.34 0.16
N ASN I 152 -3.98 -65.00 1.05
CA ASN I 152 -4.32 -64.60 2.42
C ASN I 152 -4.70 -65.81 3.26
N SER I 153 -3.95 -66.88 3.09
CA SER I 153 -4.16 -68.12 3.84
C SER I 153 -5.36 -68.95 3.41
N ASP I 154 -5.80 -68.78 2.17
CA ASP I 154 -6.92 -69.53 1.64
C ASP I 154 -6.34 -70.72 0.92
N GLU I 155 -6.40 -71.90 1.55
CA GLU I 155 -5.86 -73.11 0.94
C GLU I 155 -6.53 -73.42 -0.40
N THR I 156 -7.80 -73.06 -0.51
CA THR I 156 -8.58 -73.29 -1.73
C THR I 156 -7.91 -72.67 -2.95
N VAL I 157 -7.50 -71.41 -2.80
CA VAL I 157 -6.85 -70.70 -3.88
C VAL I 157 -5.54 -71.40 -4.24
N GLY I 158 -4.81 -71.82 -3.21
CA GLY I 158 -3.55 -72.51 -3.45
C GLY I 158 -3.79 -73.74 -4.30
N LYS I 159 -4.78 -74.53 -3.88
CA LYS I 159 -5.17 -75.74 -4.57
C LYS I 159 -5.52 -75.42 -6.01
N LEU I 160 -6.48 -74.50 -6.18
CA LEU I 160 -6.93 -74.05 -7.49
C LEU I 160 -5.78 -73.74 -8.43
N ILE I 161 -4.90 -72.87 -7.99
CA ILE I 161 -3.74 -72.48 -8.78
C ILE I 161 -2.86 -73.68 -9.09
N ALA I 162 -2.60 -74.51 -8.08
CA ALA I 162 -1.76 -75.68 -8.27
C ALA I 162 -2.33 -76.58 -9.34
N GLU I 163 -3.64 -76.85 -9.24
CA GLU I 163 -4.31 -77.72 -10.20
C GLU I 163 -4.27 -77.13 -11.60
N ALA I 164 -4.48 -75.83 -11.71
CA ALA I 164 -4.48 -75.17 -12.99
C ALA I 164 -3.09 -75.22 -13.64
N MET I 165 -2.05 -75.03 -12.84
CA MET I 165 -0.69 -75.06 -13.39
C MET I 165 -0.34 -76.46 -13.82
N ASP I 166 -0.94 -77.42 -13.14
CA ASP I 166 -0.71 -78.82 -13.45
C ASP I 166 -1.30 -79.15 -14.82
N LYS I 167 -2.44 -78.55 -15.13
CA LYS I 167 -3.13 -78.76 -16.38
C LYS I 167 -2.37 -78.21 -17.59
N VAL I 168 -1.96 -76.94 -17.52
CA VAL I 168 -1.26 -76.30 -18.62
C VAL I 168 0.25 -76.22 -18.51
N GLY I 169 0.80 -76.58 -17.36
CA GLY I 169 2.24 -76.53 -17.17
C GLY I 169 2.73 -75.22 -16.56
N LYS I 170 3.99 -75.17 -16.15
CA LYS I 170 4.58 -73.97 -15.54
C LYS I 170 4.48 -72.78 -16.50
N GLU I 171 4.72 -73.05 -17.78
CA GLU I 171 4.68 -72.04 -18.81
C GLU I 171 3.28 -71.81 -19.42
N GLY I 172 2.29 -72.54 -18.93
CA GLY I 172 0.95 -72.40 -19.46
C GLY I 172 0.25 -71.08 -19.23
N VAL I 173 -0.80 -70.82 -20.00
CA VAL I 173 -1.57 -69.59 -19.85
C VAL I 173 -2.76 -69.85 -18.93
N ILE I 174 -2.83 -69.14 -17.82
CA ILE I 174 -3.94 -69.31 -16.88
C ILE I 174 -4.79 -68.04 -16.78
N THR I 175 -6.11 -68.20 -16.86
CA THR I 175 -7.05 -67.10 -16.82
C THR I 175 -8.00 -67.25 -15.64
N VAL I 176 -8.62 -66.14 -15.23
CA VAL I 176 -9.59 -66.17 -14.13
C VAL I 176 -10.85 -65.41 -14.53
N GLU I 177 -12.00 -66.03 -14.31
CA GLU I 177 -13.28 -65.41 -14.65
C GLU I 177 -14.31 -65.64 -13.55
N ASP I 178 -15.43 -64.91 -13.65
CA ASP I 178 -16.50 -65.03 -12.67
C ASP I 178 -17.06 -66.44 -12.74
N GLY I 179 -17.49 -66.95 -11.60
CA GLY I 179 -18.04 -68.29 -11.57
C GLY I 179 -19.50 -68.32 -11.95
N THR I 180 -19.98 -69.48 -12.37
CA THR I 180 -21.37 -69.64 -12.77
C THR I 180 -22.26 -69.85 -11.54
N GLY I 181 -21.64 -70.22 -10.42
CA GLY I 181 -22.39 -70.42 -9.20
C GLY I 181 -21.43 -70.80 -8.10
N LEU I 182 -21.91 -71.54 -7.11
CA LEU I 182 -21.04 -71.98 -6.01
C LEU I 182 -20.22 -73.12 -6.59
N GLN I 183 -18.94 -73.18 -6.23
CA GLN I 183 -18.04 -74.22 -6.73
C GLN I 183 -17.26 -73.80 -7.95
N ASP I 184 -15.95 -73.84 -7.81
CA ASP I 184 -15.03 -73.46 -8.86
C ASP I 184 -15.08 -74.39 -10.06
N GLU I 185 -14.40 -73.98 -11.13
CA GLU I 185 -14.33 -74.76 -12.38
C GLU I 185 -13.00 -74.51 -13.04
N LEU I 186 -12.45 -75.55 -13.64
CA LEU I 186 -11.19 -75.44 -14.35
C LEU I 186 -11.33 -76.22 -15.65
N ASP I 187 -10.83 -75.67 -16.74
CA ASP I 187 -10.90 -76.34 -18.02
C ASP I 187 -10.08 -75.60 -19.06
N VAL I 188 -9.32 -76.35 -19.84
CA VAL I 188 -8.47 -75.79 -20.87
C VAL I 188 -9.23 -75.62 -22.19
N VAL I 189 -9.24 -74.42 -22.72
CA VAL I 189 -9.94 -74.15 -23.96
C VAL I 189 -8.98 -73.66 -25.02
N GLU I 190 -9.49 -73.46 -26.22
CA GLU I 190 -8.65 -72.98 -27.30
C GLU I 190 -8.29 -71.55 -26.95
N GLY I 191 -7.01 -71.23 -27.05
CA GLY I 191 -6.61 -69.87 -26.71
C GLY I 191 -5.14 -69.62 -26.88
N MET I 192 -4.77 -68.34 -26.80
CA MET I 192 -3.40 -67.96 -26.97
C MET I 192 -3.11 -66.63 -26.31
N GLN I 193 -1.83 -66.30 -26.17
CA GLN I 193 -1.40 -65.04 -25.56
C GLN I 193 -0.10 -64.52 -26.12
N PHE I 194 -0.12 -63.31 -26.67
CA PHE I 194 1.10 -62.73 -27.21
C PHE I 194 1.51 -61.48 -26.45
N ASP I 195 2.79 -61.14 -26.55
CA ASP I 195 3.35 -59.98 -25.86
C ASP I 195 3.13 -58.66 -26.56
N ARG I 196 1.92 -58.10 -26.39
CA ARG I 196 1.56 -56.81 -26.97
C ARG I 196 0.44 -56.29 -26.10
N GLY I 197 0.52 -55.02 -25.71
CA GLY I 197 -0.52 -54.46 -24.89
C GLY I 197 -1.40 -53.49 -25.66
N TYR I 198 -2.26 -52.77 -24.94
CA TYR I 198 -3.13 -51.80 -25.58
C TYR I 198 -2.32 -50.72 -26.27
N LEU I 199 -2.80 -50.29 -27.43
CA LEU I 199 -2.12 -49.25 -28.18
C LEU I 199 -2.40 -47.88 -27.59
N SER I 200 -3.01 -47.86 -26.41
CA SER I 200 -3.34 -46.63 -25.72
C SER I 200 -4.22 -46.94 -24.54
N PRO I 201 -4.00 -46.26 -23.40
CA PRO I 201 -4.87 -46.57 -22.26
C PRO I 201 -6.25 -46.14 -22.72
N TYR I 202 -7.14 -45.83 -21.81
CA TYR I 202 -8.48 -45.41 -22.23
C TYR I 202 -9.26 -46.63 -22.70
N PHE I 203 -8.62 -47.52 -23.46
CA PHE I 203 -9.29 -48.73 -23.92
C PHE I 203 -9.56 -49.56 -22.66
N ILE I 204 -8.97 -49.12 -21.56
CA ILE I 204 -9.10 -49.78 -20.28
C ILE I 204 -10.50 -49.64 -19.72
N ASN I 205 -11.14 -50.77 -19.41
CA ASN I 205 -12.49 -50.75 -18.85
C ASN I 205 -12.49 -51.41 -17.48
N LYS I 206 -11.31 -51.83 -17.04
CA LYS I 206 -11.12 -52.45 -15.74
C LYS I 206 -9.96 -51.72 -15.08
N PRO I 207 -10.19 -50.46 -14.66
CA PRO I 207 -9.19 -49.60 -14.01
C PRO I 207 -8.48 -50.21 -12.80
N GLU I 208 -9.13 -51.17 -12.14
CA GLU I 208 -8.53 -51.82 -10.99
C GLU I 208 -7.36 -52.67 -11.47
N THR I 209 -7.62 -53.41 -12.55
CA THR I 209 -6.64 -54.30 -13.16
C THR I 209 -5.75 -53.50 -14.13
N GLY I 210 -6.23 -52.33 -14.53
CA GLY I 210 -5.50 -51.50 -15.46
C GLY I 210 -5.44 -52.21 -16.80
N ALA I 211 -6.46 -53.02 -17.07
CA ALA I 211 -6.54 -53.80 -18.29
C ALA I 211 -7.86 -53.64 -19.05
N VAL I 212 -7.87 -54.11 -20.29
CA VAL I 212 -9.06 -54.06 -21.12
C VAL I 212 -9.66 -55.45 -21.05
N GLU I 213 -10.98 -55.53 -21.06
CA GLU I 213 -11.65 -56.82 -20.97
C GLU I 213 -12.87 -56.82 -21.88
N LEU I 214 -12.81 -57.59 -22.96
CA LEU I 214 -13.93 -57.67 -23.91
C LEU I 214 -14.54 -59.06 -23.91
N GLU I 215 -15.86 -59.12 -23.96
CA GLU I 215 -16.56 -60.40 -23.96
C GLU I 215 -17.25 -60.70 -25.29
N SER I 216 -17.04 -61.91 -25.81
CA SER I 216 -17.61 -62.32 -27.08
C SER I 216 -17.34 -61.28 -28.16
N PRO I 217 -16.09 -60.80 -28.23
CA PRO I 217 -15.73 -59.80 -29.23
C PRO I 217 -15.35 -60.39 -30.59
N PHE I 218 -15.37 -59.53 -31.60
CA PHE I 218 -14.97 -59.91 -32.94
C PHE I 218 -13.50 -59.52 -32.99
N ILE I 219 -12.72 -60.20 -33.81
CA ILE I 219 -11.31 -59.88 -33.89
C ILE I 219 -10.88 -59.56 -35.31
N LEU I 220 -10.45 -58.33 -35.54
CA LEU I 220 -9.99 -57.94 -36.87
C LEU I 220 -8.50 -58.19 -37.02
N LEU I 221 -8.12 -59.02 -37.98
CA LEU I 221 -6.72 -59.30 -38.21
C LEU I 221 -6.30 -58.64 -39.52
N ALA I 222 -5.54 -57.56 -39.43
CA ALA I 222 -5.10 -56.84 -40.61
C ALA I 222 -3.58 -56.73 -40.67
N ASP I 223 -3.00 -57.31 -41.72
CA ASP I 223 -1.56 -57.27 -41.89
C ASP I 223 -1.12 -56.00 -42.59
N LYS I 224 -1.07 -54.91 -41.83
CA LYS I 224 -0.67 -53.61 -42.35
C LYS I 224 -1.01 -52.52 -41.34
N LYS I 225 -0.37 -51.36 -41.47
CA LYS I 225 -0.62 -50.26 -40.55
C LYS I 225 -1.91 -49.53 -40.87
N ILE I 226 -2.66 -49.19 -39.84
CA ILE I 226 -3.92 -48.46 -40.01
C ILE I 226 -3.74 -47.04 -39.46
N SER I 227 -3.82 -46.05 -40.35
CA SER I 227 -3.64 -44.67 -39.92
C SER I 227 -4.89 -43.82 -40.08
N ASN I 228 -5.83 -44.28 -40.88
CA ASN I 228 -7.06 -43.52 -41.10
C ASN I 228 -8.27 -44.40 -40.86
N ILE I 229 -9.19 -43.93 -40.02
CA ILE I 229 -10.38 -44.69 -39.70
C ILE I 229 -11.39 -44.68 -40.82
N ARG I 230 -10.95 -44.34 -42.02
CA ARG I 230 -11.84 -44.32 -43.16
C ARG I 230 -12.10 -45.75 -43.61
N GLU I 231 -11.05 -46.57 -43.60
CA GLU I 231 -11.18 -47.97 -44.02
C GLU I 231 -11.98 -48.77 -43.02
N MET I 232 -11.95 -48.34 -41.77
CA MET I 232 -12.64 -49.05 -40.71
C MET I 232 -14.16 -48.99 -40.78
N LEU I 233 -14.69 -47.82 -41.12
CA LEU I 233 -16.13 -47.62 -41.20
C LEU I 233 -16.97 -48.84 -41.59
N PRO I 234 -16.77 -49.39 -42.80
CA PRO I 234 -17.57 -50.54 -43.20
C PRO I 234 -17.59 -51.68 -42.17
N VAL I 235 -16.42 -51.96 -41.59
CA VAL I 235 -16.29 -53.03 -40.60
C VAL I 235 -16.67 -52.59 -39.18
N LEU I 236 -16.59 -51.29 -38.91
CA LEU I 236 -16.94 -50.79 -37.59
C LEU I 236 -18.45 -50.74 -37.44
N GLU I 237 -19.15 -50.49 -38.54
CA GLU I 237 -20.60 -50.42 -38.53
C GLU I 237 -21.20 -51.81 -38.47
N ALA I 238 -20.54 -52.76 -39.11
CA ALA I 238 -21.00 -54.14 -39.09
C ALA I 238 -20.89 -54.64 -37.66
N VAL I 239 -19.95 -54.05 -36.92
CA VAL I 239 -19.73 -54.41 -35.54
C VAL I 239 -20.68 -53.63 -34.64
N ALA I 240 -21.12 -52.47 -35.09
CA ALA I 240 -22.06 -51.69 -34.31
C ALA I 240 -23.33 -52.52 -34.25
N LYS I 241 -23.63 -53.20 -35.35
CA LYS I 241 -24.78 -54.09 -35.42
C LYS I 241 -24.32 -55.33 -34.65
N ALA I 242 -25.25 -56.06 -34.06
CA ALA I 242 -24.90 -57.25 -33.29
C ALA I 242 -24.32 -56.78 -31.96
N GLY I 243 -24.22 -55.47 -31.81
CA GLY I 243 -23.72 -54.87 -30.59
C GLY I 243 -22.65 -55.65 -29.84
N LYS I 244 -21.55 -55.94 -30.52
CA LYS I 244 -20.45 -56.66 -29.90
C LYS I 244 -19.15 -55.83 -29.97
N PRO I 245 -18.23 -56.04 -29.02
CA PRO I 245 -16.96 -55.32 -29.00
C PRO I 245 -16.06 -55.77 -30.14
N LEU I 246 -14.96 -55.03 -30.35
CA LEU I 246 -14.03 -55.36 -31.43
C LEU I 246 -12.59 -55.22 -31.05
N LEU I 247 -11.79 -56.23 -31.36
CA LEU I 247 -10.36 -56.18 -31.09
C LEU I 247 -9.63 -56.05 -32.41
N ILE I 248 -8.87 -54.97 -32.58
CA ILE I 248 -8.12 -54.75 -33.81
C ILE I 248 -6.69 -55.22 -33.63
N ILE I 249 -6.28 -56.23 -34.39
CA ILE I 249 -4.89 -56.70 -34.30
C ILE I 249 -4.21 -56.40 -35.64
N ALA I 250 -3.61 -55.23 -35.75
CA ALA I 250 -2.95 -54.84 -36.99
C ALA I 250 -1.46 -54.64 -36.78
N GLU I 251 -0.76 -54.32 -37.86
CA GLU I 251 0.68 -54.10 -37.79
C GLU I 251 0.91 -52.96 -36.82
N ASP I 252 -0.03 -52.03 -36.80
CA ASP I 252 -0.02 -50.87 -35.93
C ASP I 252 -1.24 -49.99 -36.22
N VAL I 253 -1.67 -49.21 -35.24
CA VAL I 253 -2.80 -48.30 -35.39
C VAL I 253 -2.29 -46.90 -34.99
N GLU I 254 -2.32 -45.98 -35.94
CA GLU I 254 -1.80 -44.64 -35.71
C GLU I 254 -2.78 -43.48 -35.74
N GLY I 255 -2.30 -42.35 -35.23
CA GLY I 255 -3.04 -41.11 -35.18
C GLY I 255 -4.52 -41.08 -35.49
N GLU I 256 -4.85 -40.56 -36.67
CA GLU I 256 -6.22 -40.43 -37.10
C GLU I 256 -7.12 -41.57 -36.66
N ALA I 257 -6.76 -42.79 -37.03
CA ALA I 257 -7.55 -43.96 -36.66
C ALA I 257 -7.52 -44.23 -35.17
N LEU I 258 -6.33 -44.34 -34.60
CA LEU I 258 -6.18 -44.60 -33.17
C LEU I 258 -6.93 -43.59 -32.32
N ALA I 259 -6.78 -42.31 -32.65
CA ALA I 259 -7.45 -41.25 -31.91
C ALA I 259 -8.97 -41.39 -32.00
N THR I 260 -9.46 -41.74 -33.19
CA THR I 260 -10.90 -41.89 -33.40
C THR I 260 -11.46 -43.06 -32.61
N LEU I 261 -10.66 -44.11 -32.43
CA LEU I 261 -11.10 -45.28 -31.70
C LEU I 261 -11.11 -44.96 -30.22
N VAL I 262 -10.06 -44.32 -29.74
CA VAL I 262 -9.97 -43.97 -28.33
C VAL I 262 -11.15 -43.11 -27.91
N VAL I 263 -11.69 -42.33 -28.84
CA VAL I 263 -12.83 -41.47 -28.55
C VAL I 263 -14.14 -42.24 -28.60
N ASN I 264 -14.48 -42.73 -29.78
CA ASN I 264 -15.72 -43.48 -29.98
C ASN I 264 -16.00 -44.55 -28.93
N THR I 265 -14.98 -45.29 -28.51
CA THR I 265 -15.19 -46.33 -27.52
C THR I 265 -15.31 -45.71 -26.14
N MET I 266 -14.68 -44.56 -25.97
CA MET I 266 -14.70 -43.84 -24.70
C MET I 266 -15.99 -43.04 -24.56
N ARG I 267 -16.93 -43.30 -25.47
CA ARG I 267 -18.22 -42.62 -25.46
C ARG I 267 -19.33 -43.63 -25.58
N GLY I 268 -19.00 -44.90 -25.42
CA GLY I 268 -19.99 -45.96 -25.52
C GLY I 268 -20.45 -46.28 -26.93
N ILE I 269 -19.89 -45.57 -27.91
CA ILE I 269 -20.25 -45.81 -29.31
C ILE I 269 -19.46 -47.00 -29.83
N VAL I 270 -19.67 -48.17 -29.24
CA VAL I 270 -18.97 -49.40 -29.64
C VAL I 270 -17.64 -49.59 -28.92
N LYS I 271 -17.51 -50.70 -28.21
CA LYS I 271 -16.28 -51.05 -27.48
C LYS I 271 -15.22 -51.57 -28.44
N VAL I 272 -14.10 -50.88 -28.52
CA VAL I 272 -13.01 -51.30 -29.40
C VAL I 272 -11.68 -51.19 -28.69
N ALA I 273 -10.73 -52.04 -29.08
CA ALA I 273 -9.41 -52.05 -28.49
C ALA I 273 -8.45 -52.50 -29.58
N ALA I 274 -7.31 -51.81 -29.72
CA ALA I 274 -6.35 -52.17 -30.73
C ALA I 274 -5.00 -52.52 -30.12
N VAL I 275 -4.30 -53.47 -30.73
CA VAL I 275 -2.97 -53.88 -30.28
C VAL I 275 -2.17 -54.26 -31.52
N LYS I 276 -0.86 -54.16 -31.45
CA LYS I 276 0.00 -54.52 -32.59
C LYS I 276 0.04 -56.04 -32.73
N ALA I 277 0.27 -56.52 -33.95
CA ALA I 277 0.38 -57.95 -34.16
C ALA I 277 1.67 -58.34 -33.48
N PRO I 278 1.76 -59.56 -32.97
CA PRO I 278 2.96 -60.03 -32.28
C PRO I 278 4.16 -60.18 -33.22
N GLY I 279 5.35 -59.96 -32.68
CA GLY I 279 6.60 -60.08 -33.44
C GLY I 279 6.75 -59.07 -34.55
N PHE I 280 7.75 -59.28 -35.41
CA PHE I 280 7.99 -58.39 -36.53
C PHE I 280 8.43 -59.17 -37.76
N GLY I 281 8.43 -58.50 -38.91
CA GLY I 281 8.84 -59.17 -40.14
C GLY I 281 7.98 -60.33 -40.58
N ASP I 282 8.64 -61.36 -41.10
CA ASP I 282 7.95 -62.55 -41.58
C ASP I 282 7.21 -63.26 -40.47
N ARG I 283 7.93 -63.64 -39.42
CA ARG I 283 7.30 -64.34 -38.31
C ARG I 283 6.08 -63.58 -37.78
N ARG I 284 5.95 -62.31 -38.15
CA ARG I 284 4.80 -61.52 -37.71
C ARG I 284 3.58 -61.93 -38.51
N LYS I 285 3.78 -62.07 -39.81
CA LYS I 285 2.71 -62.47 -40.72
C LYS I 285 2.29 -63.90 -40.46
N ALA I 286 3.24 -64.70 -40.01
CA ALA I 286 2.97 -66.09 -39.70
C ALA I 286 2.05 -66.18 -38.48
N MET I 287 2.41 -65.45 -37.43
CA MET I 287 1.63 -65.44 -36.19
C MET I 287 0.25 -64.84 -36.35
N LEU I 288 0.10 -63.90 -37.29
CA LEU I 288 -1.21 -63.29 -37.50
C LEU I 288 -2.17 -64.35 -38.04
N GLN I 289 -1.64 -65.28 -38.81
CA GLN I 289 -2.46 -66.35 -39.36
C GLN I 289 -2.77 -67.34 -38.24
N ASP I 290 -1.78 -67.57 -37.38
CA ASP I 290 -1.97 -68.46 -36.25
C ASP I 290 -3.18 -67.99 -35.49
N ILE I 291 -3.24 -66.68 -35.22
CA ILE I 291 -4.34 -66.06 -34.48
C ILE I 291 -5.66 -66.17 -35.26
N ALA I 292 -5.56 -66.08 -36.57
CA ALA I 292 -6.73 -66.18 -37.43
C ALA I 292 -7.31 -67.58 -37.36
N THR I 293 -6.45 -68.58 -37.45
CA THR I 293 -6.88 -69.97 -37.38
C THR I 293 -7.53 -70.26 -36.04
N LEU I 294 -6.90 -69.76 -34.98
CA LEU I 294 -7.36 -69.97 -33.62
C LEU I 294 -8.71 -69.31 -33.39
N THR I 295 -8.90 -68.13 -33.96
CA THR I 295 -10.15 -67.42 -33.75
C THR I 295 -11.15 -67.65 -34.87
N GLY I 296 -10.72 -68.34 -35.92
CA GLY I 296 -11.59 -68.61 -37.05
C GLY I 296 -11.88 -67.36 -37.84
N GLY I 297 -10.85 -66.56 -38.07
CA GLY I 297 -11.01 -65.33 -38.81
C GLY I 297 -10.12 -65.36 -40.02
N THR I 298 -10.21 -64.33 -40.84
CA THR I 298 -9.41 -64.24 -42.04
C THR I 298 -8.49 -63.03 -41.95
N VAL I 299 -7.21 -63.23 -42.25
CA VAL I 299 -6.23 -62.15 -42.20
C VAL I 299 -6.37 -61.29 -43.45
N ILE I 300 -6.61 -60.00 -43.25
CA ILE I 300 -6.74 -59.08 -44.37
C ILE I 300 -5.40 -58.49 -44.70
N SER I 301 -4.72 -59.05 -45.69
CA SER I 301 -3.42 -58.55 -46.09
C SER I 301 -3.49 -57.81 -47.42
N GLU I 302 -2.79 -56.68 -47.51
CA GLU I 302 -2.78 -55.89 -48.73
C GLU I 302 -2.02 -56.64 -49.81
N GLU I 303 -1.11 -57.52 -49.39
CA GLU I 303 -0.31 -58.30 -50.33
C GLU I 303 -1.20 -59.02 -51.32
N ILE I 304 -2.06 -59.90 -50.81
CA ILE I 304 -2.98 -60.65 -51.65
C ILE I 304 -4.02 -59.71 -52.26
N GLY I 305 -3.86 -58.41 -52.01
CA GLY I 305 -4.78 -57.42 -52.56
C GLY I 305 -6.14 -57.34 -51.89
N MET I 306 -6.18 -57.39 -50.57
CA MET I 306 -7.44 -57.30 -49.85
C MET I 306 -7.64 -55.90 -49.28
N GLU I 307 -8.88 -55.56 -48.98
CA GLU I 307 -9.20 -54.23 -48.45
C GLU I 307 -10.13 -54.28 -47.25
N LEU I 308 -9.81 -53.48 -46.23
CA LEU I 308 -10.62 -53.43 -45.03
C LEU I 308 -12.03 -52.95 -45.38
N GLU I 309 -12.14 -52.17 -46.44
CA GLU I 309 -13.45 -51.65 -46.84
C GLU I 309 -14.35 -52.79 -47.29
N LYS I 310 -13.75 -53.85 -47.78
CA LYS I 310 -14.50 -55.00 -48.28
C LYS I 310 -14.55 -56.15 -47.28
N ALA I 311 -14.21 -55.88 -46.02
CA ALA I 311 -14.21 -56.91 -44.99
C ALA I 311 -15.55 -56.95 -44.26
N THR I 312 -16.14 -58.13 -44.16
CA THR I 312 -17.42 -58.27 -43.50
C THR I 312 -17.25 -59.03 -42.19
N LEU I 313 -18.29 -59.08 -41.37
CA LEU I 313 -18.22 -59.79 -40.10
C LEU I 313 -17.70 -61.19 -40.28
N GLU I 314 -17.87 -61.71 -41.49
CA GLU I 314 -17.46 -63.06 -41.83
C GLU I 314 -15.94 -63.27 -41.81
N ASP I 315 -15.19 -62.19 -42.04
CA ASP I 315 -13.72 -62.24 -42.02
C ASP I 315 -13.19 -62.12 -40.60
N LEU I 316 -13.99 -61.52 -39.74
CA LEU I 316 -13.62 -61.31 -38.35
C LEU I 316 -13.52 -62.61 -37.57
N GLY I 317 -12.56 -62.65 -36.66
CA GLY I 317 -12.38 -63.82 -35.82
C GLY I 317 -13.30 -63.66 -34.64
N GLN I 318 -13.27 -64.62 -33.72
CA GLN I 318 -14.16 -64.53 -32.56
C GLN I 318 -13.69 -65.37 -31.36
N ALA I 319 -13.92 -64.83 -30.17
CA ALA I 319 -13.54 -65.51 -28.94
C ALA I 319 -14.48 -65.08 -27.83
N LYS I 320 -14.57 -65.91 -26.79
CA LYS I 320 -15.45 -65.61 -25.68
C LYS I 320 -14.96 -64.45 -24.85
N ARG I 321 -13.65 -64.26 -24.80
CA ARG I 321 -13.12 -63.18 -23.98
C ARG I 321 -11.65 -62.93 -24.26
N VAL I 322 -11.26 -61.66 -24.33
CA VAL I 322 -9.86 -61.27 -24.54
C VAL I 322 -9.52 -60.25 -23.46
N VAL I 323 -8.28 -60.31 -22.97
CA VAL I 323 -7.84 -59.39 -21.93
C VAL I 323 -6.52 -58.75 -22.34
N ILE I 324 -6.46 -57.43 -22.29
CA ILE I 324 -5.25 -56.72 -22.69
C ILE I 324 -4.58 -55.96 -21.55
N ASN I 325 -3.26 -56.10 -21.42
CA ASN I 325 -2.48 -55.41 -20.40
C ASN I 325 -1.73 -54.26 -21.00
N LYS I 326 -0.74 -53.80 -20.26
CA LYS I 326 0.12 -52.71 -20.71
C LYS I 326 1.02 -53.36 -21.76
N ASP I 327 1.28 -54.66 -21.58
CA ASP I 327 2.13 -55.39 -22.50
C ASP I 327 1.76 -56.87 -22.76
N THR I 328 0.48 -57.19 -22.70
CA THR I 328 0.04 -58.56 -22.94
C THR I 328 -1.39 -58.68 -23.43
N THR I 329 -1.56 -59.34 -24.58
CA THR I 329 -2.90 -59.56 -25.12
C THR I 329 -3.15 -61.05 -25.01
N THR I 330 -4.30 -61.42 -24.45
CA THR I 330 -4.61 -62.82 -24.31
C THR I 330 -6.05 -63.17 -24.75
N ILE I 331 -6.15 -64.02 -25.78
CA ILE I 331 -7.42 -64.45 -26.37
C ILE I 331 -7.89 -65.76 -25.76
N ILE I 332 -9.04 -65.73 -25.10
CA ILE I 332 -9.59 -66.90 -24.44
C ILE I 332 -10.78 -67.56 -25.14
N ASP I 333 -10.60 -68.82 -25.50
CA ASP I 333 -11.63 -69.63 -26.17
C ASP I 333 -12.00 -69.10 -27.55
N GLY I 334 -11.11 -69.29 -28.51
CA GLY I 334 -11.38 -68.83 -29.85
C GLY I 334 -12.33 -69.78 -30.55
N VAL I 335 -13.15 -69.25 -31.45
CA VAL I 335 -14.12 -70.06 -32.17
C VAL I 335 -13.52 -70.98 -33.24
N GLY I 336 -12.20 -70.93 -33.39
CA GLY I 336 -11.55 -71.77 -34.38
C GLY I 336 -11.94 -73.23 -34.27
N GLU I 337 -12.05 -73.90 -35.41
CA GLU I 337 -12.42 -75.31 -35.46
C GLU I 337 -11.26 -76.21 -35.04
N GLU I 338 -11.56 -77.24 -34.26
CA GLU I 338 -10.52 -78.16 -33.80
C GLU I 338 -9.78 -78.75 -35.00
N ALA I 339 -10.46 -78.77 -36.14
CA ALA I 339 -9.89 -79.29 -37.38
C ALA I 339 -8.85 -78.30 -37.91
N ALA I 340 -9.30 -77.08 -38.17
CA ALA I 340 -8.43 -76.02 -38.68
C ALA I 340 -7.20 -75.82 -37.80
N ILE I 341 -7.44 -75.54 -36.51
CA ILE I 341 -6.39 -75.32 -35.53
C ILE I 341 -5.36 -76.44 -35.50
N GLN I 342 -5.83 -77.66 -35.27
CA GLN I 342 -4.96 -78.83 -35.22
C GLN I 342 -4.25 -79.05 -36.55
N GLY I 343 -4.87 -78.58 -37.64
CA GLY I 343 -4.26 -78.74 -38.94
C GLY I 343 -3.10 -77.78 -39.09
N ARG I 344 -3.24 -76.60 -38.50
CA ARG I 344 -2.21 -75.55 -38.54
C ARG I 344 -1.03 -76.03 -37.71
N VAL I 345 -1.33 -76.61 -36.54
CA VAL I 345 -0.29 -77.12 -35.66
C VAL I 345 0.57 -78.12 -36.43
N ALA I 346 -0.07 -78.85 -37.34
CA ALA I 346 0.61 -79.84 -38.16
C ALA I 346 1.64 -79.16 -39.05
N GLN I 347 1.20 -78.20 -39.85
CA GLN I 347 2.13 -77.48 -40.72
C GLN I 347 3.32 -77.02 -39.90
N ILE I 348 3.04 -76.22 -38.88
CA ILE I 348 4.09 -75.68 -38.02
C ILE I 348 4.99 -76.77 -37.48
N ARG I 349 4.40 -77.91 -37.16
CA ARG I 349 5.18 -79.03 -36.63
C ARG I 349 5.97 -79.70 -37.75
N GLN I 350 5.63 -79.37 -38.99
CA GLN I 350 6.32 -79.90 -40.16
C GLN I 350 7.48 -78.97 -40.48
N GLN I 351 7.23 -77.68 -40.33
CA GLN I 351 8.24 -76.65 -40.58
C GLN I 351 9.46 -77.00 -39.72
N ILE I 352 9.19 -77.40 -38.49
CA ILE I 352 10.24 -77.76 -37.53
C ILE I 352 11.18 -78.83 -38.06
N GLU I 353 10.67 -79.72 -38.91
CA GLU I 353 11.50 -80.77 -39.48
C GLU I 353 12.36 -80.15 -40.55
N GLU I 354 11.72 -79.46 -41.49
CA GLU I 354 12.41 -78.80 -42.59
C GLU I 354 13.22 -77.60 -42.09
N ALA I 355 13.43 -77.55 -40.77
CA ALA I 355 14.18 -76.47 -40.15
C ALA I 355 15.68 -76.69 -40.32
N THR I 356 16.32 -75.79 -41.05
CA THR I 356 17.75 -75.88 -41.31
C THR I 356 18.61 -75.21 -40.23
N SER I 357 17.96 -74.56 -39.28
CA SER I 357 18.67 -73.87 -38.21
C SER I 357 17.99 -74.07 -36.86
N ASP I 358 18.67 -73.71 -35.79
CA ASP I 358 18.09 -73.84 -34.45
C ASP I 358 17.15 -72.70 -34.13
N TYR I 359 17.61 -71.47 -34.33
CA TYR I 359 16.78 -70.30 -34.08
C TYR I 359 15.41 -70.49 -34.73
N ASP I 360 15.41 -70.83 -36.01
CA ASP I 360 14.15 -71.03 -36.75
C ASP I 360 13.34 -72.17 -36.13
N ARG I 361 14.01 -73.10 -35.48
CA ARG I 361 13.35 -74.24 -34.85
C ARG I 361 12.72 -73.78 -33.54
N GLU I 362 13.47 -73.00 -32.77
CA GLU I 362 13.00 -72.48 -31.48
C GLU I 362 11.70 -71.70 -31.70
N LYS I 363 11.74 -70.74 -32.62
CA LYS I 363 10.61 -69.90 -32.92
C LYS I 363 9.36 -70.67 -33.32
N LEU I 364 9.54 -71.75 -34.09
CA LEU I 364 8.42 -72.57 -34.53
C LEU I 364 7.81 -73.29 -33.35
N GLN I 365 8.65 -73.82 -32.47
CA GLN I 365 8.16 -74.54 -31.29
C GLN I 365 7.34 -73.59 -30.44
N GLU I 366 7.77 -72.33 -30.38
CA GLU I 366 7.05 -71.33 -29.60
C GLU I 366 5.62 -71.23 -30.10
N ARG I 367 5.47 -71.16 -31.42
CA ARG I 367 4.15 -71.04 -32.03
C ARG I 367 3.22 -72.21 -31.79
N VAL I 368 3.71 -73.45 -31.89
CA VAL I 368 2.83 -74.59 -31.65
C VAL I 368 2.50 -74.64 -30.16
N ALA I 369 3.45 -74.26 -29.34
CA ALA I 369 3.26 -74.24 -27.90
C ALA I 369 2.04 -73.38 -27.57
N LYS I 370 1.99 -72.19 -28.15
CA LYS I 370 0.86 -71.28 -27.92
C LYS I 370 -0.43 -71.90 -28.43
N LEU I 371 -0.42 -72.27 -29.70
CA LEU I 371 -1.58 -72.87 -30.38
C LEU I 371 -2.10 -74.12 -29.69
N ALA I 372 -1.24 -75.14 -29.63
CA ALA I 372 -1.60 -76.42 -29.03
C ALA I 372 -1.76 -76.39 -27.51
N GLY I 373 -1.06 -75.47 -26.85
CA GLY I 373 -1.13 -75.38 -25.42
C GLY I 373 -2.50 -75.00 -24.89
N GLY I 374 -3.09 -73.97 -25.49
CA GLY I 374 -4.40 -73.53 -25.07
C GLY I 374 -4.32 -72.51 -23.95
N VAL I 375 -5.42 -72.39 -23.20
CA VAL I 375 -5.49 -71.45 -22.11
C VAL I 375 -6.36 -72.01 -21.00
N ALA I 376 -5.79 -72.20 -19.83
CA ALA I 376 -6.56 -72.71 -18.71
C ALA I 376 -7.54 -71.64 -18.23
N VAL I 377 -8.76 -72.02 -17.89
CA VAL I 377 -9.74 -71.05 -17.44
C VAL I 377 -10.27 -71.41 -16.07
N ILE I 378 -9.94 -70.60 -15.08
CA ILE I 378 -10.40 -70.80 -13.72
C ILE I 378 -11.63 -69.94 -13.45
N LYS I 379 -12.76 -70.58 -13.19
CA LYS I 379 -13.99 -69.87 -12.88
C LYS I 379 -14.17 -69.98 -11.37
N VAL I 380 -14.11 -68.85 -10.67
CA VAL I 380 -14.23 -68.83 -9.23
C VAL I 380 -15.68 -68.94 -8.71
N GLY I 381 -15.95 -69.92 -7.86
CA GLY I 381 -17.28 -70.09 -7.31
C GLY I 381 -17.41 -69.50 -5.93
N ALA I 382 -18.65 -69.20 -5.53
CA ALA I 382 -18.94 -68.63 -4.22
C ALA I 382 -20.44 -68.67 -3.93
N ALA I 383 -20.82 -68.41 -2.69
CA ALA I 383 -22.23 -68.45 -2.29
C ALA I 383 -23.00 -67.21 -2.74
N THR I 384 -22.33 -66.06 -2.72
CA THR I 384 -22.96 -64.82 -3.13
C THR I 384 -22.07 -64.15 -4.18
N GLU I 385 -22.64 -63.23 -4.95
CA GLU I 385 -21.86 -62.53 -5.97
C GLU I 385 -20.72 -61.76 -5.33
N VAL I 386 -21.01 -61.13 -4.20
CA VAL I 386 -19.99 -60.35 -3.49
C VAL I 386 -18.78 -61.20 -3.16
N GLU I 387 -19.00 -62.33 -2.51
CA GLU I 387 -17.91 -63.23 -2.14
C GLU I 387 -17.17 -63.72 -3.37
N MET I 388 -17.95 -64.07 -4.39
CA MET I 388 -17.39 -64.56 -5.63
C MET I 388 -16.41 -63.55 -6.22
N LYS I 389 -16.89 -62.32 -6.42
CA LYS I 389 -16.06 -61.25 -6.97
C LYS I 389 -14.82 -60.99 -6.11
N GLU I 390 -14.96 -61.14 -4.81
CA GLU I 390 -13.88 -60.93 -3.87
C GLU I 390 -12.82 -62.03 -4.04
N LYS I 391 -13.25 -63.29 -3.96
CA LYS I 391 -12.34 -64.41 -4.12
C LYS I 391 -11.65 -64.40 -5.49
N LYS I 392 -12.38 -63.95 -6.50
CA LYS I 392 -11.83 -63.87 -7.85
C LYS I 392 -10.61 -62.97 -7.82
N ALA I 393 -10.71 -61.86 -7.09
CA ALA I 393 -9.62 -60.93 -6.97
C ALA I 393 -8.44 -61.58 -6.23
N ARG I 394 -8.71 -62.32 -5.17
CA ARG I 394 -7.65 -62.97 -4.43
C ARG I 394 -6.96 -64.05 -5.25
N VAL I 395 -7.72 -64.68 -6.13
CA VAL I 395 -7.17 -65.73 -6.99
C VAL I 395 -6.24 -65.09 -8.02
N GLU I 396 -6.71 -64.00 -8.63
CA GLU I 396 -5.93 -63.28 -9.63
C GLU I 396 -4.59 -62.82 -9.05
N ASP I 397 -4.60 -62.33 -7.82
CA ASP I 397 -3.39 -61.89 -7.17
C ASP I 397 -2.47 -63.06 -6.88
N ALA I 398 -3.00 -64.01 -6.11
CA ALA I 398 -2.24 -65.19 -5.76
C ALA I 398 -1.64 -65.84 -7.02
N LEU I 399 -2.35 -65.75 -8.13
CA LEU I 399 -1.85 -66.32 -9.37
C LEU I 399 -0.56 -65.62 -9.82
N HIS I 400 -0.57 -64.29 -9.89
CA HIS I 400 0.62 -63.53 -10.31
C HIS I 400 1.77 -63.82 -9.37
N ALA I 401 1.46 -63.87 -8.07
CA ALA I 401 2.47 -64.13 -7.08
C ALA I 401 3.15 -65.48 -7.32
N THR I 402 2.32 -66.52 -7.42
CA THR I 402 2.81 -67.87 -7.64
C THR I 402 3.55 -68.00 -8.96
N ARG I 403 3.06 -67.28 -9.96
CA ARG I 403 3.66 -67.28 -11.29
C ARG I 403 5.11 -66.81 -11.19
N ALA I 404 5.32 -65.77 -10.39
CA ALA I 404 6.64 -65.18 -10.18
C ALA I 404 7.50 -66.08 -9.30
N ALA I 405 6.85 -66.75 -8.36
CA ALA I 405 7.54 -67.63 -7.44
C ALA I 405 8.12 -68.82 -8.20
N VAL I 406 7.34 -69.34 -9.13
CA VAL I 406 7.76 -70.47 -9.94
C VAL I 406 8.94 -70.09 -10.82
N GLU I 407 9.01 -68.83 -11.21
CA GLU I 407 10.09 -68.35 -12.07
C GLU I 407 11.43 -68.18 -11.39
N GLU I 408 11.46 -67.56 -10.22
CA GLU I 408 12.73 -67.29 -9.54
C GLU I 408 12.77 -67.64 -8.05
N GLY I 409 11.78 -68.39 -7.60
CA GLY I 409 11.75 -68.77 -6.21
C GLY I 409 11.23 -67.69 -5.30
N VAL I 410 11.43 -67.88 -4.00
CA VAL I 410 10.99 -66.94 -2.98
C VAL I 410 12.11 -66.61 -1.97
N VAL I 411 11.98 -65.46 -1.31
CA VAL I 411 12.93 -65.02 -0.28
C VAL I 411 12.12 -64.42 0.84
N ALA I 412 12.77 -64.14 1.96
CA ALA I 412 12.08 -63.56 3.11
C ALA I 412 11.40 -62.26 2.71
N GLY I 413 10.16 -62.09 3.16
CA GLY I 413 9.43 -60.88 2.85
C GLY I 413 9.61 -59.88 3.98
N GLY I 414 8.66 -58.96 4.11
CA GLY I 414 8.74 -57.97 5.17
C GLY I 414 9.96 -57.09 5.04
N GLY I 415 10.57 -57.09 3.86
CA GLY I 415 11.74 -56.28 3.61
C GLY I 415 13.02 -56.81 4.25
N VAL I 416 13.04 -58.05 4.73
CA VAL I 416 14.25 -58.57 5.35
C VAL I 416 15.21 -59.16 4.33
N ALA I 417 14.70 -59.59 3.19
CA ALA I 417 15.59 -60.15 2.18
C ALA I 417 16.59 -59.07 1.76
N LEU I 418 16.09 -57.86 1.50
CA LEU I 418 16.98 -56.77 1.08
C LEU I 418 18.00 -56.41 2.14
N ILE I 419 17.58 -56.37 3.40
CA ILE I 419 18.50 -56.02 4.47
C ILE I 419 19.55 -57.11 4.65
N ARG I 420 19.15 -58.37 4.47
CA ARG I 420 20.04 -59.51 4.59
C ARG I 420 21.11 -59.44 3.51
N VAL I 421 20.65 -59.25 2.28
CA VAL I 421 21.54 -59.14 1.15
C VAL I 421 22.55 -58.01 1.34
N ALA I 422 22.09 -56.89 1.88
CA ALA I 422 22.97 -55.75 2.09
C ALA I 422 24.02 -56.05 3.14
N SER I 423 23.63 -56.71 4.22
CA SER I 423 24.57 -57.03 5.28
C SER I 423 25.72 -57.89 4.78
N LYS I 424 25.47 -58.64 3.70
CA LYS I 424 26.50 -59.50 3.14
C LYS I 424 27.51 -58.76 2.24
N LEU I 425 27.16 -57.58 1.78
CA LEU I 425 28.05 -56.84 0.88
C LEU I 425 28.91 -55.77 1.54
N ALA I 426 29.07 -55.85 2.85
CA ALA I 426 29.84 -54.86 3.62
C ALA I 426 31.23 -54.56 3.09
N ASP I 427 31.92 -55.58 2.57
CA ASP I 427 33.27 -55.36 2.07
C ASP I 427 33.35 -55.05 0.59
N LEU I 428 32.20 -54.87 -0.07
CA LEU I 428 32.19 -54.57 -1.49
C LEU I 428 32.78 -53.18 -1.72
N ARG I 429 33.71 -53.10 -2.66
CA ARG I 429 34.36 -51.83 -2.98
C ARG I 429 34.42 -51.56 -4.48
N GLY I 430 34.66 -50.30 -4.85
CA GLY I 430 34.74 -49.95 -6.26
C GLY I 430 36.14 -49.47 -6.66
N GLN I 431 36.23 -48.77 -7.79
CA GLN I 431 37.50 -48.29 -8.28
C GLN I 431 38.05 -47.07 -7.56
N ASN I 432 37.17 -46.28 -6.96
CA ASN I 432 37.65 -45.09 -6.25
C ASN I 432 36.75 -44.80 -5.07
N GLU I 433 37.09 -43.78 -4.30
CA GLU I 433 36.30 -43.46 -3.11
C GLU I 433 34.85 -43.07 -3.40
N ASP I 434 34.64 -42.28 -4.44
CA ASP I 434 33.28 -41.88 -4.81
C ASP I 434 32.42 -43.13 -5.08
N GLN I 435 32.96 -44.08 -5.84
CA GLN I 435 32.21 -45.29 -6.11
C GLN I 435 31.94 -46.05 -4.82
N ASN I 436 32.90 -46.00 -3.90
CA ASN I 436 32.72 -46.68 -2.62
C ASN I 436 31.55 -46.07 -1.90
N VAL I 437 31.45 -44.75 -1.95
CA VAL I 437 30.35 -44.03 -1.31
C VAL I 437 29.05 -44.48 -1.98
N GLY I 438 29.09 -44.57 -3.31
CA GLY I 438 27.93 -45.00 -4.06
C GLY I 438 27.45 -46.37 -3.61
N ILE I 439 28.40 -47.29 -3.40
CA ILE I 439 28.05 -48.63 -2.93
C ILE I 439 27.37 -48.55 -1.55
N LYS I 440 27.91 -47.72 -0.67
CA LYS I 440 27.33 -47.57 0.66
C LYS I 440 25.94 -46.94 0.59
N VAL I 441 25.77 -45.98 -0.34
CA VAL I 441 24.47 -45.33 -0.48
C VAL I 441 23.42 -46.37 -0.81
N ALA I 442 23.74 -47.28 -1.73
CA ALA I 442 22.82 -48.34 -2.14
C ALA I 442 22.54 -49.33 -1.00
N LEU I 443 23.59 -49.82 -0.36
CA LEU I 443 23.42 -50.79 0.74
C LEU I 443 22.59 -50.19 1.87
N ARG I 444 22.77 -48.91 2.10
CA ARG I 444 22.06 -48.23 3.16
C ARG I 444 20.59 -48.18 2.78
N ALA I 445 20.33 -47.89 1.50
CA ALA I 445 18.98 -47.77 0.98
C ALA I 445 18.19 -49.06 1.07
N MET I 446 18.90 -50.18 0.92
CA MET I 446 18.27 -51.48 0.97
C MET I 446 17.63 -51.77 2.32
N GLU I 447 17.85 -50.88 3.28
CA GLU I 447 17.26 -51.01 4.62
C GLU I 447 15.96 -50.22 4.72
N ALA I 448 15.74 -49.32 3.76
CA ALA I 448 14.57 -48.47 3.76
C ALA I 448 13.26 -49.22 3.93
N PRO I 449 12.99 -50.24 3.09
CA PRO I 449 11.75 -51.01 3.21
C PRO I 449 11.44 -51.54 4.60
N LEU I 450 12.33 -52.37 5.15
CA LEU I 450 12.11 -52.94 6.48
C LEU I 450 11.88 -51.82 7.48
N ARG I 451 12.81 -50.86 7.51
CA ARG I 451 12.69 -49.73 8.41
C ARG I 451 11.34 -49.05 8.33
N GLN I 452 10.87 -48.77 7.12
CA GLN I 452 9.56 -48.13 6.96
C GLN I 452 8.47 -49.04 7.56
N ILE I 453 8.49 -50.32 7.21
CA ILE I 453 7.53 -51.26 7.73
C ILE I 453 7.48 -51.23 9.26
N VAL I 454 8.65 -51.27 9.88
CA VAL I 454 8.73 -51.22 11.35
C VAL I 454 8.21 -49.88 11.88
N LEU I 455 8.53 -48.80 11.16
CA LEU I 455 8.09 -47.48 11.57
C LEU I 455 6.57 -47.42 11.54
N ASN I 456 5.96 -47.98 10.50
CA ASN I 456 4.50 -47.99 10.40
C ASN I 456 3.89 -48.80 11.54
N CYS I 457 4.63 -49.77 12.04
CA CYS I 457 4.15 -50.60 13.15
C CYS I 457 4.33 -49.91 14.47
N GLY I 458 5.02 -48.77 14.46
CA GLY I 458 5.25 -48.03 15.68
C GLY I 458 6.37 -48.58 16.54
N GLU I 459 7.33 -49.24 15.92
CA GLU I 459 8.48 -49.81 16.63
C GLU I 459 9.75 -49.04 16.25
N GLU I 460 10.87 -49.35 16.90
CA GLU I 460 12.11 -48.67 16.58
C GLU I 460 12.84 -49.34 15.43
N PRO I 461 12.83 -48.69 14.24
CA PRO I 461 13.48 -49.21 13.04
C PRO I 461 14.91 -49.67 13.27
N SER I 462 15.73 -48.82 13.89
CA SER I 462 17.13 -49.13 14.16
C SER I 462 17.32 -50.43 14.94
N VAL I 463 16.51 -50.63 15.97
CA VAL I 463 16.64 -51.83 16.78
C VAL I 463 16.29 -53.07 15.96
N VAL I 464 15.13 -53.06 15.31
CA VAL I 464 14.72 -54.22 14.50
C VAL I 464 15.69 -54.45 13.36
N ALA I 465 16.07 -53.38 12.67
CA ALA I 465 17.00 -53.50 11.56
C ALA I 465 18.29 -54.13 12.04
N ASN I 466 18.71 -53.69 13.21
CA ASN I 466 19.94 -54.18 13.81
C ASN I 466 19.86 -55.67 14.12
N THR I 467 18.81 -56.06 14.82
CA THR I 467 18.61 -57.45 15.17
C THR I 467 18.57 -58.33 13.92
N VAL I 468 17.79 -57.91 12.93
CA VAL I 468 17.69 -58.68 11.71
C VAL I 468 19.04 -58.87 11.06
N LYS I 469 19.82 -57.80 10.97
CA LYS I 469 21.14 -57.90 10.37
C LYS I 469 22.03 -58.90 11.08
N GLY I 470 21.84 -59.05 12.39
CA GLY I 470 22.62 -59.99 13.17
C GLY I 470 22.39 -61.44 12.79
N GLY I 471 21.15 -61.77 12.41
CA GLY I 471 20.84 -63.15 12.05
C GLY I 471 21.41 -63.55 10.70
N ASP I 472 20.95 -64.69 10.19
CA ASP I 472 21.38 -65.21 8.89
C ASP I 472 20.26 -65.77 8.05
N GLY I 473 20.57 -66.02 6.77
CA GLY I 473 19.58 -66.57 5.85
C GLY I 473 18.27 -65.83 5.89
N ASN I 474 17.16 -66.57 5.92
CA ASN I 474 15.86 -65.92 5.93
C ASN I 474 15.33 -65.63 7.30
N TYR I 475 16.23 -65.43 8.26
CA TYR I 475 15.81 -65.08 9.62
C TYR I 475 15.46 -63.61 9.60
N GLY I 476 14.26 -63.25 10.04
CA GLY I 476 13.88 -61.85 10.04
C GLY I 476 12.90 -61.46 11.12
N TYR I 477 12.20 -60.35 10.90
CA TYR I 477 11.22 -59.86 11.86
C TYR I 477 9.84 -59.87 11.28
N ASN I 478 8.93 -60.61 11.92
CA ASN I 478 7.54 -60.69 11.47
C ASN I 478 6.87 -59.44 12.03
N ALA I 479 6.81 -58.39 11.22
CA ALA I 479 6.21 -57.13 11.67
C ALA I 479 4.80 -57.31 12.18
N ALA I 480 4.09 -58.29 11.64
CA ALA I 480 2.71 -58.55 12.02
C ALA I 480 2.57 -59.10 13.44
N THR I 481 3.52 -59.91 13.88
CA THR I 481 3.44 -60.53 15.20
C THR I 481 4.57 -60.12 16.15
N GLU I 482 5.46 -59.27 15.69
CA GLU I 482 6.60 -58.81 16.49
C GLU I 482 7.47 -59.98 16.92
N GLU I 483 7.48 -61.03 16.12
CA GLU I 483 8.29 -62.21 16.43
C GLU I 483 9.44 -62.36 15.44
N TYR I 484 10.62 -62.67 15.94
CA TYR I 484 11.72 -62.90 15.03
C TYR I 484 11.74 -64.41 14.77
N GLY I 485 12.19 -64.80 13.58
CA GLY I 485 12.25 -66.21 13.25
C GLY I 485 12.51 -66.37 11.77
N ASN I 486 12.28 -67.56 11.24
CA ASN I 486 12.48 -67.78 9.83
C ASN I 486 11.28 -67.21 9.09
N MET I 487 11.50 -66.16 8.31
CA MET I 487 10.44 -65.52 7.55
C MET I 487 9.65 -66.47 6.69
N ILE I 488 10.34 -67.36 5.96
CA ILE I 488 9.66 -68.31 5.10
C ILE I 488 8.74 -69.23 5.89
N ASP I 489 9.23 -69.74 7.01
CA ASP I 489 8.44 -70.62 7.85
C ASP I 489 7.22 -69.89 8.38
N MET I 490 7.37 -68.62 8.72
CA MET I 490 6.25 -67.84 9.24
C MET I 490 5.32 -67.40 8.12
N GLY I 491 5.61 -67.87 6.91
CA GLY I 491 4.78 -67.54 5.77
C GLY I 491 4.83 -66.09 5.31
N ILE I 492 5.95 -65.42 5.57
CA ILE I 492 6.09 -64.03 5.15
C ILE I 492 7.19 -63.97 4.12
N LEU I 493 6.81 -64.11 2.85
CA LEU I 493 7.77 -64.13 1.76
C LEU I 493 7.41 -63.27 0.56
N ASP I 494 8.35 -63.15 -0.36
CA ASP I 494 8.15 -62.38 -1.59
C ASP I 494 8.78 -63.14 -2.75
N PRO I 495 8.14 -63.11 -3.92
CA PRO I 495 8.78 -63.83 -5.03
C PRO I 495 10.14 -63.13 -5.26
N THR I 496 11.22 -63.91 -5.30
CA THR I 496 12.54 -63.33 -5.52
C THR I 496 12.47 -62.34 -6.67
N LYS I 497 11.58 -62.61 -7.63
CA LYS I 497 11.46 -61.73 -8.78
C LYS I 497 10.97 -60.32 -8.45
N VAL I 498 10.05 -60.19 -7.50
CA VAL I 498 9.55 -58.85 -7.20
C VAL I 498 10.61 -58.04 -6.45
N THR I 499 11.32 -58.67 -5.52
CA THR I 499 12.34 -57.95 -4.79
C THR I 499 13.44 -57.53 -5.76
N ARG I 500 13.89 -58.45 -6.60
CA ARG I 500 14.92 -58.12 -7.59
C ARG I 500 14.49 -56.97 -8.49
N SER I 501 13.28 -57.05 -9.02
CA SER I 501 12.75 -56.02 -9.90
C SER I 501 12.67 -54.66 -9.19
N ALA I 502 12.06 -54.66 -8.01
CA ALA I 502 11.91 -53.42 -7.24
C ALA I 502 13.28 -52.73 -7.09
N LEU I 503 14.28 -53.50 -6.64
CA LEU I 503 15.60 -52.95 -6.44
C LEU I 503 16.23 -52.41 -7.72
N GLN I 504 16.29 -53.26 -8.74
CA GLN I 504 16.88 -52.84 -10.01
C GLN I 504 16.21 -51.60 -10.60
N TYR I 505 14.87 -51.59 -10.60
CA TYR I 505 14.16 -50.44 -11.15
C TYR I 505 14.41 -49.19 -10.35
N ALA I 506 14.39 -49.32 -9.02
CA ALA I 506 14.62 -48.19 -8.13
C ALA I 506 16.01 -47.63 -8.43
N ALA I 507 17.01 -48.51 -8.35
CA ALA I 507 18.39 -48.12 -8.61
C ALA I 507 18.53 -47.47 -9.97
N SER I 508 17.75 -47.93 -10.93
CA SER I 508 17.81 -47.39 -12.27
C SER I 508 17.45 -45.90 -12.36
N VAL I 509 16.23 -45.57 -11.92
CA VAL I 509 15.78 -44.20 -11.97
C VAL I 509 16.61 -43.32 -11.03
N ALA I 510 17.00 -43.86 -9.87
CA ALA I 510 17.80 -43.12 -8.91
C ALA I 510 19.14 -42.75 -9.55
N GLY I 511 19.70 -43.70 -10.28
CA GLY I 511 20.97 -43.43 -10.93
C GLY I 511 20.83 -42.32 -11.94
N LEU I 512 19.73 -42.32 -12.69
CA LEU I 512 19.51 -41.30 -13.68
C LEU I 512 19.42 -39.90 -13.08
N MET I 513 18.65 -39.78 -12.01
CA MET I 513 18.46 -38.48 -11.36
C MET I 513 19.76 -37.94 -10.80
N ILE I 514 20.52 -38.80 -10.13
CA ILE I 514 21.79 -38.38 -9.56
C ILE I 514 22.70 -37.84 -10.65
N THR I 515 22.55 -38.33 -11.86
CA THR I 515 23.39 -37.86 -12.96
C THR I 515 22.67 -36.87 -13.87
N THR I 516 21.74 -36.13 -13.32
CA THR I 516 21.02 -35.13 -14.11
C THR I 516 21.56 -33.75 -13.79
N GLU I 517 21.86 -32.97 -14.84
CA GLU I 517 22.39 -31.61 -14.67
C GLU I 517 21.47 -30.52 -15.15
N CYS I 518 20.51 -30.87 -16.00
CA CYS I 518 19.61 -29.86 -16.54
C CYS I 518 18.20 -30.40 -16.72
N MET I 519 17.23 -29.52 -16.50
CA MET I 519 15.82 -29.85 -16.65
C MET I 519 15.13 -28.77 -17.46
N VAL I 520 14.35 -29.19 -18.46
CA VAL I 520 13.64 -28.26 -19.31
C VAL I 520 12.15 -28.56 -19.24
N THR I 521 11.35 -27.55 -18.93
CA THR I 521 9.92 -27.74 -18.85
C THR I 521 9.21 -26.49 -19.33
N ASP I 522 7.89 -26.56 -19.47
CA ASP I 522 7.16 -25.40 -19.96
C ASP I 522 7.03 -24.34 -18.91
N LEU I 523 6.73 -23.12 -19.35
CA LEU I 523 6.58 -21.99 -18.45
C LEU I 523 5.21 -22.05 -17.80
N PRO I 524 5.15 -21.89 -16.47
CA PRO I 524 3.86 -21.94 -15.75
C PRO I 524 2.75 -21.08 -16.35
N ALA J 1 -4.76 -34.18 -12.81
CA ALA J 1 -4.50 -32.73 -12.55
C ALA J 1 -3.61 -32.54 -11.33
N ALA J 2 -2.96 -31.39 -11.22
CA ALA J 2 -2.08 -31.14 -10.08
C ALA J 2 -2.92 -31.36 -8.84
N LYS J 3 -2.40 -32.16 -7.92
CA LYS J 3 -3.11 -32.46 -6.68
C LYS J 3 -2.55 -31.67 -5.53
N ASP J 4 -3.26 -31.71 -4.42
CA ASP J 4 -2.86 -31.03 -3.20
C ASP J 4 -2.79 -32.19 -2.22
N VAL J 5 -1.58 -32.51 -1.77
CA VAL J 5 -1.39 -33.63 -0.87
C VAL J 5 -1.06 -33.22 0.56
N LYS J 6 -1.86 -33.71 1.51
CA LYS J 6 -1.60 -33.39 2.91
C LYS J 6 -1.25 -34.66 3.65
N PHE J 7 -0.39 -34.50 4.66
CA PHE J 7 0.07 -35.64 5.44
C PHE J 7 -0.24 -35.56 6.93
N GLY J 8 -0.06 -36.71 7.57
CA GLY J 8 -0.28 -36.83 8.99
C GLY J 8 -1.26 -35.92 9.68
N ASN J 9 -0.74 -35.23 10.68
CA ASN J 9 -1.55 -34.35 11.48
C ASN J 9 -2.27 -33.24 10.74
N ASP J 10 -1.59 -32.66 9.76
CA ASP J 10 -2.18 -31.59 8.98
C ASP J 10 -3.45 -32.15 8.31
N ALA J 11 -3.35 -33.34 7.75
CA ALA J 11 -4.48 -33.98 7.11
C ALA J 11 -5.62 -34.31 8.09
N ARG J 12 -5.26 -34.86 9.25
CA ARG J 12 -6.25 -35.24 10.23
C ARG J 12 -7.07 -34.11 10.85
N VAL J 13 -6.47 -32.95 11.09
CA VAL J 13 -7.25 -31.85 11.65
C VAL J 13 -8.26 -31.39 10.63
N LYS J 14 -7.87 -31.38 9.35
CA LYS J 14 -8.77 -30.99 8.28
C LYS J 14 -9.98 -31.91 8.29
N MET J 15 -9.75 -33.23 8.30
CA MET J 15 -10.87 -34.15 8.32
C MET J 15 -11.76 -33.93 9.52
N LEU J 16 -11.14 -33.79 10.69
CA LEU J 16 -11.91 -33.59 11.92
C LEU J 16 -12.78 -32.35 11.76
N ARG J 17 -12.13 -31.24 11.41
CA ARG J 17 -12.80 -29.97 11.22
C ARG J 17 -14.00 -30.14 10.29
N GLY J 18 -13.84 -31.01 9.30
CA GLY J 18 -14.92 -31.29 8.37
C GLY J 18 -16.03 -32.10 8.98
N VAL J 19 -15.73 -33.18 9.71
CA VAL J 19 -16.83 -33.95 10.28
C VAL J 19 -17.49 -33.18 11.42
N ASN J 20 -16.80 -32.19 11.99
CA ASN J 20 -17.41 -31.39 13.05
C ASN J 20 -18.53 -30.55 12.48
N VAL J 21 -18.32 -29.94 11.33
CA VAL J 21 -19.38 -29.15 10.69
C VAL J 21 -20.59 -30.06 10.43
N LEU J 22 -20.34 -31.22 9.85
CA LEU J 22 -21.40 -32.17 9.58
C LEU J 22 -22.13 -32.58 10.86
N ALA J 23 -21.39 -33.07 11.83
CA ALA J 23 -21.97 -33.51 13.10
C ALA J 23 -22.71 -32.41 13.87
N ASP J 24 -22.08 -31.26 14.03
CA ASP J 24 -22.75 -30.18 14.76
C ASP J 24 -24.05 -29.72 14.10
N ALA J 25 -24.11 -29.76 12.77
CA ALA J 25 -25.32 -29.33 12.07
C ALA J 25 -26.42 -30.37 12.25
N VAL J 26 -26.03 -31.63 12.26
CA VAL J 26 -26.98 -32.73 12.39
C VAL J 26 -27.44 -33.02 13.82
N LYS J 27 -26.52 -33.04 14.78
CA LYS J 27 -26.88 -33.37 16.16
C LYS J 27 -27.80 -32.41 16.90
N VAL J 28 -27.99 -31.20 16.37
CA VAL J 28 -28.89 -30.24 17.05
C VAL J 28 -30.32 -30.75 17.02
N THR J 29 -30.63 -31.64 16.08
CA THR J 29 -31.98 -32.15 15.98
C THR J 29 -32.19 -33.49 16.68
N LEU J 30 -31.18 -33.97 17.37
CA LEU J 30 -31.26 -35.29 17.99
C LEU J 30 -32.40 -35.69 18.94
N GLY J 31 -32.49 -35.05 20.10
CA GLY J 31 -33.53 -35.45 21.04
C GLY J 31 -34.98 -35.14 20.71
N PRO J 32 -35.92 -35.45 21.63
CA PRO J 32 -37.32 -35.15 21.34
C PRO J 32 -37.46 -33.63 21.43
N LYS J 33 -36.47 -32.98 22.05
CA LYS J 33 -36.44 -31.53 22.18
C LYS J 33 -35.47 -30.99 21.14
N GLY J 34 -35.32 -31.73 20.05
CA GLY J 34 -34.42 -31.32 18.98
C GLY J 34 -34.79 -30.00 18.36
N ARG J 35 -33.78 -29.26 17.90
CA ARG J 35 -33.98 -27.94 17.29
C ARG J 35 -34.19 -28.00 15.77
N ASN J 36 -34.52 -26.85 15.19
CA ASN J 36 -34.73 -26.76 13.76
C ASN J 36 -33.47 -26.31 13.02
N VAL J 37 -33.32 -26.83 11.81
CA VAL J 37 -32.20 -26.46 10.95
C VAL J 37 -32.89 -25.90 9.72
N VAL J 38 -32.43 -24.75 9.25
CA VAL J 38 -33.01 -24.13 8.08
C VAL J 38 -32.14 -24.35 6.87
N LEU J 39 -32.69 -25.05 5.88
CA LEU J 39 -31.99 -25.35 4.65
C LEU J 39 -32.50 -24.45 3.53
N ASP J 40 -31.63 -23.58 3.03
CA ASP J 40 -31.99 -22.65 1.97
C ASP J 40 -32.17 -23.35 0.62
N LYS J 41 -33.09 -22.82 -0.18
CA LYS J 41 -33.39 -23.33 -1.50
C LYS J 41 -33.33 -22.14 -2.46
N SER J 42 -32.59 -22.28 -3.55
CA SER J 42 -32.44 -21.20 -4.52
C SER J 42 -33.79 -20.51 -4.84
N PHE J 43 -34.84 -21.30 -4.95
CA PHE J 43 -36.16 -20.77 -5.26
C PHE J 43 -37.15 -20.88 -4.11
N GLY J 44 -37.63 -19.72 -3.67
CA GLY J 44 -38.63 -19.69 -2.62
C GLY J 44 -38.13 -19.49 -1.21
N ALA J 45 -38.96 -19.92 -0.26
CA ALA J 45 -38.65 -19.81 1.14
C ALA J 45 -37.81 -21.00 1.56
N PRO J 46 -36.95 -20.80 2.56
CA PRO J 46 -36.08 -21.86 3.06
C PRO J 46 -36.90 -23.00 3.64
N THR J 47 -36.26 -24.16 3.81
CA THR J 47 -36.92 -25.31 4.39
C THR J 47 -36.52 -25.40 5.88
N ILE J 48 -37.50 -25.55 6.76
CA ILE J 48 -37.20 -25.68 8.17
C ILE J 48 -37.41 -27.15 8.49
N THR J 49 -36.41 -27.80 9.05
CA THR J 49 -36.53 -29.21 9.35
C THR J 49 -35.82 -29.63 10.63
N LYS J 50 -36.21 -30.81 11.12
CA LYS J 50 -35.60 -31.41 12.31
C LYS J 50 -35.11 -32.80 11.93
N ASP J 51 -35.11 -33.07 10.63
CA ASP J 51 -34.68 -34.36 10.09
C ASP J 51 -33.19 -34.37 9.77
N GLY J 52 -32.43 -35.06 10.61
CA GLY J 52 -30.99 -35.14 10.43
C GLY J 52 -30.54 -35.66 9.09
N VAL J 53 -31.37 -36.46 8.44
CA VAL J 53 -30.97 -37.00 7.15
C VAL J 53 -31.04 -35.90 6.10
N SER J 54 -32.08 -35.08 6.17
CA SER J 54 -32.25 -33.97 5.24
C SER J 54 -31.08 -33.02 5.40
N VAL J 55 -30.72 -32.72 6.63
CA VAL J 55 -29.63 -31.81 6.90
C VAL J 55 -28.32 -32.35 6.36
N ALA J 56 -27.99 -33.59 6.71
CA ALA J 56 -26.74 -34.19 6.25
C ALA J 56 -26.61 -34.13 4.74
N ARG J 57 -27.70 -34.38 4.04
CA ARG J 57 -27.72 -34.37 2.58
C ARG J 57 -27.18 -33.06 2.01
N GLU J 58 -27.50 -31.96 2.68
CA GLU J 58 -27.09 -30.62 2.25
C GLU J 58 -25.65 -30.23 2.57
N ILE J 59 -25.02 -30.94 3.49
CA ILE J 59 -23.67 -30.57 3.88
C ILE J 59 -22.57 -30.88 2.87
N GLU J 60 -21.87 -29.82 2.47
CA GLU J 60 -20.75 -29.92 1.55
C GLU J 60 -19.88 -28.71 1.86
N LEU J 61 -18.61 -28.95 2.18
CA LEU J 61 -17.73 -27.86 2.54
C LEU J 61 -16.83 -27.38 1.41
N GLU J 62 -16.44 -26.11 1.47
CA GLU J 62 -15.59 -25.51 0.44
C GLU J 62 -14.16 -26.02 0.47
N ASP J 63 -13.57 -26.15 1.65
CA ASP J 63 -12.21 -26.68 1.77
C ASP J 63 -12.25 -28.15 1.36
N LYS J 64 -11.52 -28.51 0.30
CA LYS J 64 -11.52 -29.87 -0.22
C LYS J 64 -11.23 -30.97 0.82
N PHE J 65 -10.28 -30.70 1.71
CA PHE J 65 -9.92 -31.66 2.75
C PHE J 65 -11.01 -31.82 3.81
N GLU J 66 -11.50 -30.70 4.32
CA GLU J 66 -12.57 -30.73 5.30
C GLU J 66 -13.77 -31.45 4.69
N ASN J 67 -14.04 -31.17 3.43
CA ASN J 67 -15.16 -31.80 2.74
C ASN J 67 -15.03 -33.30 2.67
N MET J 68 -13.83 -33.79 2.41
CA MET J 68 -13.62 -35.23 2.32
C MET J 68 -13.98 -35.84 3.67
N GLY J 69 -13.64 -35.13 4.73
CA GLY J 69 -13.94 -35.63 6.04
C GLY J 69 -15.44 -35.78 6.21
N ALA J 70 -16.16 -34.71 5.91
CA ALA J 70 -17.61 -34.70 6.03
C ALA J 70 -18.25 -35.76 5.14
N GLN J 71 -17.80 -35.84 3.90
CA GLN J 71 -18.35 -36.82 2.96
C GLN J 71 -18.13 -38.27 3.39
N MET J 72 -17.00 -38.55 4.02
CA MET J 72 -16.70 -39.90 4.50
C MET J 72 -17.69 -40.40 5.54
N VAL J 73 -17.89 -39.65 6.62
CA VAL J 73 -18.82 -40.11 7.64
C VAL J 73 -20.24 -40.01 7.10
N LYS J 74 -20.45 -39.01 6.25
CA LYS J 74 -21.77 -38.81 5.65
C LYS J 74 -22.18 -40.09 4.93
N GLU J 75 -21.23 -40.69 4.23
CA GLU J 75 -21.49 -41.90 3.47
C GLU J 75 -21.84 -43.12 4.32
N VAL J 76 -20.94 -43.53 5.21
CA VAL J 76 -21.23 -44.71 6.02
C VAL J 76 -22.38 -44.48 6.98
N ALA J 77 -22.60 -43.23 7.40
CA ALA J 77 -23.70 -42.98 8.32
C ALA J 77 -25.02 -43.30 7.61
N SER J 78 -25.12 -42.94 6.33
CA SER J 78 -26.34 -43.19 5.60
C SER J 78 -26.62 -44.68 5.52
N LYS J 79 -25.56 -45.48 5.40
CA LYS J 79 -25.71 -46.94 5.33
C LYS J 79 -26.52 -47.44 6.53
N ALA J 80 -26.42 -46.76 7.66
CA ALA J 80 -27.16 -47.18 8.84
C ALA J 80 -28.65 -47.04 8.55
N ASN J 81 -29.02 -45.89 7.99
CA ASN J 81 -30.42 -45.62 7.67
C ASN J 81 -30.95 -46.60 6.63
N ASP J 82 -30.10 -46.93 5.66
CA ASP J 82 -30.48 -47.87 4.60
C ASP J 82 -30.78 -49.24 5.20
N ALA J 83 -29.96 -49.66 6.16
CA ALA J 83 -30.10 -50.97 6.80
C ALA J 83 -31.23 -51.13 7.81
N ALA J 84 -31.52 -50.08 8.59
CA ALA J 84 -32.58 -50.17 9.60
C ALA J 84 -33.65 -49.09 9.53
N GLY J 85 -33.54 -48.21 8.55
CA GLY J 85 -34.52 -47.14 8.40
C GLY J 85 -34.38 -46.03 9.41
N ASP J 86 -33.28 -46.05 10.16
CA ASP J 86 -33.02 -45.03 11.17
C ASP J 86 -31.63 -45.17 11.76
N GLY J 87 -31.17 -44.12 12.45
CA GLY J 87 -29.86 -44.17 13.09
C GLY J 87 -28.74 -43.43 12.39
N THR J 88 -29.08 -42.68 11.35
CA THR J 88 -28.06 -41.95 10.62
C THR J 88 -27.46 -40.83 11.45
N THR J 89 -28.32 -40.08 12.13
CA THR J 89 -27.84 -39.00 12.96
C THR J 89 -27.01 -39.58 14.12
N THR J 90 -27.54 -40.62 14.75
CA THR J 90 -26.84 -41.27 15.87
C THR J 90 -25.44 -41.70 15.42
N ALA J 91 -25.39 -42.39 14.29
CA ALA J 91 -24.12 -42.87 13.75
C ALA J 91 -23.16 -41.68 13.58
N THR J 92 -23.70 -40.54 13.16
CA THR J 92 -22.88 -39.36 12.96
C THR J 92 -22.32 -38.80 14.27
N VAL J 93 -23.16 -38.62 15.29
CA VAL J 93 -22.61 -38.12 16.53
C VAL J 93 -21.64 -39.14 17.12
N LEU J 94 -21.92 -40.43 16.94
CA LEU J 94 -21.02 -41.45 17.45
C LEU J 94 -19.66 -41.34 16.76
N ALA J 95 -19.66 -41.24 15.44
CA ALA J 95 -18.43 -41.11 14.70
C ALA J 95 -17.66 -39.87 15.14
N GLN J 96 -18.36 -38.77 15.38
CA GLN J 96 -17.68 -37.56 15.80
C GLN J 96 -16.96 -37.78 17.13
N ALA J 97 -17.65 -38.44 18.05
CA ALA J 97 -17.10 -38.72 19.38
C ALA J 97 -15.86 -39.60 19.26
N ILE J 98 -15.98 -40.69 18.53
CA ILE J 98 -14.83 -41.58 18.39
C ILE J 98 -13.67 -40.88 17.71
N ILE J 99 -13.94 -40.24 16.58
CA ILE J 99 -12.88 -39.56 15.85
C ILE J 99 -12.16 -38.50 16.67
N THR J 100 -12.90 -37.71 17.43
CA THR J 100 -12.28 -36.66 18.23
C THR J 100 -11.31 -37.21 19.28
N GLU J 101 -11.78 -38.09 20.17
CA GLU J 101 -10.90 -38.65 21.17
C GLU J 101 -9.80 -39.48 20.52
N GLY J 102 -10.13 -40.23 19.48
CA GLY J 102 -9.12 -41.04 18.83
C GLY J 102 -7.97 -40.22 18.29
N LEU J 103 -8.28 -39.10 17.64
CA LEU J 103 -7.23 -38.24 17.09
C LEU J 103 -6.42 -37.59 18.21
N LYS J 104 -7.06 -37.34 19.36
CA LYS J 104 -6.36 -36.77 20.51
C LYS J 104 -5.29 -37.79 20.87
N ALA J 105 -5.69 -39.05 20.97
CA ALA J 105 -4.77 -40.11 21.32
C ALA J 105 -3.64 -40.21 20.31
N VAL J 106 -3.97 -40.17 19.02
CA VAL J 106 -2.95 -40.25 18.00
C VAL J 106 -1.94 -39.13 18.17
N ALA J 107 -2.43 -37.94 18.51
CA ALA J 107 -1.58 -36.77 18.69
C ALA J 107 -0.71 -36.92 19.93
N ALA J 108 -1.24 -37.62 20.92
CA ALA J 108 -0.49 -37.86 22.15
C ALA J 108 0.59 -38.90 21.87
N GLY J 109 0.67 -39.37 20.63
CA GLY J 109 1.68 -40.35 20.28
C GLY J 109 1.30 -41.83 20.40
N MET J 110 0.02 -42.12 20.57
CA MET J 110 -0.40 -43.51 20.68
C MET J 110 -0.55 -44.10 19.28
N ASN J 111 -0.38 -45.42 19.16
CA ASN J 111 -0.45 -46.08 17.87
C ASN J 111 -1.84 -46.15 17.25
N PRO J 112 -2.02 -45.55 16.06
CA PRO J 112 -3.30 -45.53 15.35
C PRO J 112 -3.91 -46.92 15.14
N MET J 113 -3.11 -47.86 14.66
CA MET J 113 -3.60 -49.21 14.41
C MET J 113 -4.09 -49.88 15.70
N ASP J 114 -3.42 -49.61 16.82
CA ASP J 114 -3.84 -50.20 18.09
C ASP J 114 -5.12 -49.53 18.60
N LEU J 115 -5.20 -48.20 18.44
CA LEU J 115 -6.38 -47.47 18.87
C LEU J 115 -7.59 -48.04 18.15
N LYS J 116 -7.41 -48.33 16.87
CA LYS J 116 -8.49 -48.89 16.06
C LYS J 116 -8.88 -50.27 16.55
N ARG J 117 -7.90 -51.13 16.78
CA ARG J 117 -8.19 -52.47 17.24
C ARG J 117 -8.94 -52.43 18.57
N GLY J 118 -8.54 -51.51 19.46
CA GLY J 118 -9.22 -51.40 20.75
C GLY J 118 -10.66 -50.94 20.59
N ILE J 119 -10.88 -50.00 19.68
CA ILE J 119 -12.21 -49.49 19.39
C ILE J 119 -13.06 -50.63 18.85
N ASP J 120 -12.50 -51.37 17.90
CA ASP J 120 -13.20 -52.50 17.30
C ASP J 120 -13.57 -53.54 18.33
N LYS J 121 -12.64 -53.86 19.22
CA LYS J 121 -12.93 -54.85 20.23
C LYS J 121 -14.09 -54.38 21.09
N ALA J 122 -14.04 -53.12 21.52
CA ALA J 122 -15.10 -52.53 22.34
C ALA J 122 -16.44 -52.63 21.63
N VAL J 123 -16.46 -52.31 20.34
CA VAL J 123 -17.68 -52.37 19.57
C VAL J 123 -18.21 -53.80 19.46
N THR J 124 -17.33 -54.74 19.16
CA THR J 124 -17.75 -56.14 19.06
C THR J 124 -18.43 -56.58 20.34
N ALA J 125 -17.77 -56.28 21.46
CA ALA J 125 -18.28 -56.60 22.78
C ALA J 125 -19.60 -55.88 23.02
N ALA J 126 -19.68 -54.63 22.61
CA ALA J 126 -20.89 -53.84 22.81
C ALA J 126 -22.07 -54.44 22.06
N VAL J 127 -21.81 -54.96 20.87
CA VAL J 127 -22.88 -55.53 20.07
C VAL J 127 -23.44 -56.79 20.73
N GLU J 128 -22.59 -57.56 21.40
CA GLU J 128 -23.06 -58.77 22.05
C GLU J 128 -23.90 -58.33 23.24
N GLU J 129 -23.36 -57.39 24.01
CA GLU J 129 -24.04 -56.88 25.17
C GLU J 129 -25.39 -56.32 24.75
N LEU J 130 -25.46 -55.86 23.51
CA LEU J 130 -26.67 -55.27 22.98
C LEU J 130 -27.73 -56.32 22.67
N LYS J 131 -27.30 -57.51 22.25
CA LYS J 131 -28.23 -58.58 21.94
C LYS J 131 -28.84 -59.07 23.23
N ALA J 132 -28.03 -59.05 24.28
CA ALA J 132 -28.48 -59.49 25.60
C ALA J 132 -29.49 -58.50 26.19
N LEU J 133 -29.22 -57.20 26.07
CA LEU J 133 -30.08 -56.13 26.60
C LEU J 133 -31.42 -56.13 25.86
N SER J 134 -31.39 -56.66 24.64
CA SER J 134 -32.56 -56.73 23.76
C SER J 134 -33.75 -57.57 24.22
N VAL J 135 -34.95 -57.04 23.95
CA VAL J 135 -36.21 -57.69 24.29
C VAL J 135 -36.88 -58.06 22.96
N PRO J 136 -37.32 -59.32 22.82
CA PRO J 136 -37.97 -59.85 21.62
C PRO J 136 -39.27 -59.20 21.24
N CYS J 137 -39.57 -59.25 19.94
CA CYS J 137 -40.80 -58.71 19.40
C CYS J 137 -41.29 -59.75 18.39
N SER J 138 -42.02 -60.75 18.87
CA SER J 138 -42.49 -61.82 18.00
C SER J 138 -44.00 -61.95 17.86
N ASP J 139 -44.71 -62.17 18.96
CA ASP J 139 -46.16 -62.30 18.90
C ASP J 139 -46.75 -61.02 18.28
N SER J 140 -47.83 -61.16 17.53
CA SER J 140 -48.42 -60.00 16.89
C SER J 140 -48.94 -58.95 17.86
N LYS J 141 -48.97 -59.28 19.14
CA LYS J 141 -49.43 -58.30 20.12
C LYS J 141 -48.31 -57.28 20.28
N ALA J 142 -47.08 -57.79 20.31
CA ALA J 142 -45.89 -56.96 20.43
C ALA J 142 -45.69 -56.19 19.13
N ILE J 143 -45.84 -56.90 18.00
CA ILE J 143 -45.69 -56.30 16.68
C ILE J 143 -46.59 -55.07 16.54
N ALA J 144 -47.80 -55.16 17.11
CA ALA J 144 -48.74 -54.05 17.06
C ALA J 144 -48.26 -52.88 17.91
N GLN J 145 -47.75 -53.17 19.10
CA GLN J 145 -47.28 -52.15 20.02
C GLN J 145 -46.11 -51.38 19.44
N VAL J 146 -45.17 -52.10 18.84
CA VAL J 146 -44.01 -51.47 18.23
C VAL J 146 -44.48 -50.58 17.10
N GLY J 147 -45.30 -51.14 16.21
CA GLY J 147 -45.80 -50.36 15.10
C GLY J 147 -46.52 -49.13 15.60
N THR J 148 -47.28 -49.28 16.68
CA THR J 148 -48.03 -48.16 17.25
C THR J 148 -47.11 -47.06 17.79
N ILE J 149 -46.05 -47.47 18.46
CA ILE J 149 -45.09 -46.52 19.01
C ILE J 149 -44.37 -45.80 17.88
N SER J 150 -44.04 -46.54 16.83
CA SER J 150 -43.35 -45.99 15.68
C SER J 150 -44.27 -45.08 14.87
N ALA J 151 -45.56 -45.37 14.92
CA ALA J 151 -46.54 -44.60 14.18
C ALA J 151 -46.95 -43.37 14.97
N ASN J 152 -46.21 -43.08 16.03
CA ASN J 152 -46.49 -41.92 16.86
C ASN J 152 -47.74 -42.13 17.72
N SER J 153 -47.89 -43.34 18.26
CA SER J 153 -49.00 -43.69 19.13
C SER J 153 -50.33 -43.91 18.42
N ASP J 154 -50.25 -44.25 17.14
CA ASP J 154 -51.45 -44.51 16.35
C ASP J 154 -51.71 -46.01 16.38
N GLU J 155 -52.62 -46.45 17.25
CA GLU J 155 -52.94 -47.87 17.37
C GLU J 155 -53.36 -48.46 16.05
N THR J 156 -53.99 -47.65 15.21
CA THR J 156 -54.47 -48.08 13.91
C THR J 156 -53.34 -48.63 13.05
N VAL J 157 -52.23 -47.89 13.02
CA VAL J 157 -51.07 -48.30 12.24
C VAL J 157 -50.50 -49.60 12.77
N GLY J 158 -50.45 -49.72 14.09
CA GLY J 158 -49.95 -50.94 14.69
C GLY J 158 -50.79 -52.12 14.28
N LYS J 159 -52.11 -51.93 14.35
CA LYS J 159 -53.07 -52.97 13.98
C LYS J 159 -52.85 -53.35 12.51
N LEU J 160 -52.86 -52.34 11.65
CA LEU J 160 -52.65 -52.51 10.22
C LEU J 160 -51.42 -53.35 9.92
N ILE J 161 -50.28 -52.94 10.48
CA ILE J 161 -49.02 -53.65 10.28
C ILE J 161 -49.08 -55.07 10.82
N ALA J 162 -49.68 -55.24 11.99
CA ALA J 162 -49.80 -56.55 12.61
C ALA J 162 -50.63 -57.47 11.72
N GLU J 163 -51.74 -56.96 11.22
CA GLU J 163 -52.60 -57.76 10.36
C GLU J 163 -51.89 -58.14 9.06
N ALA J 164 -51.22 -57.18 8.46
CA ALA J 164 -50.50 -57.44 7.22
C ALA J 164 -49.43 -58.51 7.42
N MET J 165 -48.67 -58.39 8.50
CA MET J 165 -47.61 -59.37 8.76
C MET J 165 -48.18 -60.74 9.02
N ASP J 166 -49.41 -60.77 9.51
CA ASP J 166 -50.08 -62.03 9.80
C ASP J 166 -50.45 -62.69 8.49
N LYS J 167 -50.78 -61.88 7.50
CA LYS J 167 -51.16 -62.38 6.18
C LYS J 167 -49.99 -63.02 5.42
N VAL J 168 -48.91 -62.27 5.25
CA VAL J 168 -47.75 -62.77 4.52
C VAL J 168 -46.62 -63.37 5.35
N GLY J 169 -46.72 -63.26 6.67
CA GLY J 169 -45.70 -63.81 7.54
C GLY J 169 -44.60 -62.84 7.90
N LYS J 170 -43.76 -63.21 8.85
CA LYS J 170 -42.66 -62.35 9.29
C LYS J 170 -41.75 -61.99 8.11
N GLU J 171 -41.49 -62.98 7.26
CA GLU J 171 -40.62 -62.83 6.09
C GLU J 171 -41.34 -62.30 4.85
N GLY J 172 -42.65 -62.10 4.94
CA GLY J 172 -43.40 -61.63 3.80
C GLY J 172 -43.04 -60.26 3.27
N VAL J 173 -43.52 -59.94 2.07
CA VAL J 173 -43.26 -58.64 1.47
C VAL J 173 -44.49 -57.77 1.72
N ILE J 174 -44.29 -56.61 2.34
CA ILE J 174 -45.41 -55.73 2.61
C ILE J 174 -45.21 -54.42 1.88
N THR J 175 -46.27 -53.91 1.27
CA THR J 175 -46.25 -52.68 0.50
C THR J 175 -47.27 -51.69 1.03
N VAL J 176 -47.06 -50.41 0.76
CA VAL J 176 -47.99 -49.38 1.19
C VAL J 176 -48.31 -48.45 0.01
N GLU J 177 -49.59 -48.20 -0.22
CA GLU J 177 -50.02 -47.31 -1.31
C GLU J 177 -51.14 -46.38 -0.85
N ASP J 178 -51.42 -45.36 -1.66
CA ASP J 178 -52.49 -44.43 -1.33
C ASP J 178 -53.81 -45.19 -1.24
N GLY J 179 -54.71 -44.72 -0.40
CA GLY J 179 -55.99 -45.37 -0.25
C GLY J 179 -57.00 -44.89 -1.27
N THR J 180 -58.02 -45.70 -1.53
CA THR J 180 -59.06 -45.37 -2.49
C THR J 180 -60.05 -44.38 -1.89
N GLY J 181 -60.10 -44.33 -0.56
CA GLY J 181 -60.99 -43.43 0.13
C GLY J 181 -60.77 -43.56 1.62
N LEU J 182 -61.82 -43.34 2.41
CA LEU J 182 -61.71 -43.48 3.85
C LEU J 182 -61.75 -44.98 4.12
N GLN J 183 -60.97 -45.44 5.09
CA GLN J 183 -60.91 -46.87 5.41
C GLN J 183 -59.81 -47.59 4.65
N ASP J 184 -58.90 -48.18 5.41
CA ASP J 184 -57.77 -48.91 4.87
C ASP J 184 -58.18 -50.17 4.13
N GLU J 185 -57.21 -50.79 3.46
CA GLU J 185 -57.43 -52.02 2.72
C GLU J 185 -56.17 -52.87 2.76
N LEU J 186 -56.36 -54.17 2.86
CA LEU J 186 -55.24 -55.12 2.89
C LEU J 186 -55.62 -56.28 1.99
N ASP J 187 -54.66 -56.74 1.19
CA ASP J 187 -54.90 -57.86 0.29
C ASP J 187 -53.61 -58.31 -0.38
N VAL J 188 -53.41 -59.62 -0.43
CA VAL J 188 -52.22 -60.22 -1.02
C VAL J 188 -52.36 -60.45 -2.52
N VAL J 189 -51.44 -59.89 -3.28
CA VAL J 189 -51.49 -60.03 -4.72
C VAL J 189 -50.25 -60.73 -5.24
N GLU J 190 -50.26 -61.10 -6.51
CA GLU J 190 -49.11 -61.77 -7.12
C GLU J 190 -47.97 -60.75 -7.12
N GLY J 191 -46.83 -61.12 -6.56
CA GLY J 191 -45.73 -60.18 -6.53
C GLY J 191 -44.46 -60.80 -6.03
N MET J 192 -43.37 -60.06 -6.15
CA MET J 192 -42.07 -60.56 -5.73
C MET J 192 -41.15 -59.40 -5.41
N GLN J 193 -40.03 -59.72 -4.76
CA GLN J 193 -39.04 -58.71 -4.41
C GLN J 193 -37.64 -59.27 -4.39
N PHE J 194 -36.74 -58.68 -5.17
CA PHE J 194 -35.35 -59.13 -5.18
C PHE J 194 -34.41 -58.03 -4.73
N ASP J 195 -33.20 -58.44 -4.35
CA ASP J 195 -32.20 -57.51 -3.83
C ASP J 195 -31.34 -56.85 -4.89
N ARG J 196 -31.88 -55.80 -5.48
CA ARG J 196 -31.20 -55.02 -6.51
C ARG J 196 -31.85 -53.64 -6.49
N GLY J 197 -31.02 -52.60 -6.56
CA GLY J 197 -31.56 -51.26 -6.54
C GLY J 197 -31.43 -50.61 -7.89
N TYR J 198 -31.74 -49.31 -7.96
CA TYR J 198 -31.65 -48.59 -9.21
C TYR J 198 -30.21 -48.54 -9.69
N LEU J 199 -30.00 -48.74 -10.99
CA LEU J 199 -28.67 -48.73 -11.57
C LEU J 199 -28.13 -47.31 -11.66
N SER J 200 -28.84 -46.39 -11.03
CA SER J 200 -28.45 -44.99 -11.00
C SER J 200 -29.56 -44.17 -10.38
N PRO J 201 -29.21 -43.16 -9.57
CA PRO J 201 -30.31 -42.37 -9.00
C PRO J 201 -30.95 -41.68 -10.19
N TYR J 202 -31.58 -40.53 -9.98
CA TYR J 202 -32.22 -39.85 -11.11
C TYR J 202 -33.48 -40.60 -11.48
N PHE J 203 -33.40 -41.92 -11.57
CA PHE J 203 -34.58 -42.72 -11.89
C PHE J 203 -35.57 -42.48 -10.77
N ILE J 204 -35.09 -41.89 -9.68
CA ILE J 204 -35.91 -41.60 -8.49
C ILE J 204 -36.95 -40.51 -8.76
N ASN J 205 -38.22 -40.84 -8.53
CA ASN J 205 -39.31 -39.89 -8.73
C ASN J 205 -40.02 -39.60 -7.41
N LYS J 206 -39.54 -40.22 -6.35
CA LYS J 206 -40.08 -40.05 -5.01
C LYS J 206 -38.89 -39.71 -4.11
N PRO J 207 -38.34 -38.49 -4.25
CA PRO J 207 -37.19 -37.99 -3.48
C PRO J 207 -37.29 -38.07 -1.95
N GLU J 208 -38.52 -38.13 -1.45
CA GLU J 208 -38.77 -38.24 -0.02
C GLU J 208 -38.36 -39.64 0.41
N THR J 209 -38.89 -40.63 -0.30
CA THR J 209 -38.59 -42.04 -0.03
C THR J 209 -37.25 -42.40 -0.68
N GLY J 210 -36.78 -41.53 -1.57
CA GLY J 210 -35.53 -41.77 -2.27
C GLY J 210 -35.63 -43.05 -3.09
N ALA J 211 -36.81 -43.27 -3.65
CA ALA J 211 -37.07 -44.47 -4.44
C ALA J 211 -37.74 -44.15 -5.77
N VAL J 212 -37.84 -45.17 -6.62
CA VAL J 212 -38.46 -45.04 -7.92
C VAL J 212 -39.82 -45.68 -7.75
N GLU J 213 -40.84 -45.11 -8.38
CA GLU J 213 -42.19 -45.67 -8.27
C GLU J 213 -42.88 -45.57 -9.62
N LEU J 214 -43.09 -46.72 -10.25
CA LEU J 214 -43.72 -46.77 -11.56
C LEU J 214 -45.06 -47.48 -11.46
N GLU J 215 -46.06 -46.95 -12.16
CA GLU J 215 -47.40 -47.54 -12.13
C GLU J 215 -47.84 -48.15 -13.46
N SER J 216 -48.35 -49.38 -13.38
CA SER J 216 -48.80 -50.11 -14.55
C SER J 216 -47.72 -50.12 -15.61
N PRO J 217 -46.46 -50.29 -15.20
CA PRO J 217 -45.36 -50.30 -16.17
C PRO J 217 -45.20 -51.63 -16.90
N PHE J 218 -44.37 -51.59 -17.94
CA PHE J 218 -44.05 -52.76 -18.74
C PHE J 218 -42.70 -53.19 -18.21
N ILE J 219 -42.44 -54.49 -18.21
CA ILE J 219 -41.17 -54.97 -17.70
C ILE J 219 -40.36 -55.71 -18.76
N LEU J 220 -39.17 -55.20 -19.05
CA LEU J 220 -38.29 -55.83 -20.04
C LEU J 220 -37.33 -56.80 -19.36
N LEU J 221 -37.41 -58.07 -19.74
CA LEU J 221 -36.55 -59.09 -19.16
C LEU J 221 -35.51 -59.55 -20.17
N ALA J 222 -34.32 -58.96 -20.13
CA ALA J 222 -33.26 -59.32 -21.06
C ALA J 222 -32.05 -59.97 -20.40
N ASP J 223 -31.83 -61.24 -20.69
CA ASP J 223 -30.70 -61.98 -20.13
C ASP J 223 -29.43 -61.63 -20.91
N LYS J 224 -28.81 -60.53 -20.51
CA LYS J 224 -27.59 -60.03 -21.14
C LYS J 224 -27.41 -58.55 -20.84
N LYS J 225 -26.17 -58.11 -20.80
CA LYS J 225 -25.84 -56.72 -20.51
C LYS J 225 -26.24 -55.80 -21.67
N ILE J 226 -26.72 -54.60 -21.34
CA ILE J 226 -27.13 -53.63 -22.35
C ILE J 226 -26.23 -52.43 -22.26
N SER J 227 -25.43 -52.19 -23.29
CA SER J 227 -24.51 -51.08 -23.31
C SER J 227 -24.83 -49.99 -24.32
N ASN J 228 -25.61 -50.34 -25.34
CA ASN J 228 -25.98 -49.37 -26.36
C ASN J 228 -27.49 -49.31 -26.50
N ILE J 229 -28.03 -48.10 -26.41
CA ILE J 229 -29.46 -47.90 -26.50
C ILE J 229 -29.99 -48.04 -27.92
N ARG J 230 -29.18 -48.62 -28.79
CA ARG J 230 -29.61 -48.81 -30.18
C ARG J 230 -30.60 -49.97 -30.26
N GLU J 231 -30.40 -50.98 -29.40
CA GLU J 231 -31.26 -52.15 -29.36
C GLU J 231 -32.56 -51.82 -28.65
N MET J 232 -32.53 -50.76 -27.86
CA MET J 232 -33.70 -50.36 -27.10
C MET J 232 -34.77 -49.67 -27.93
N LEU J 233 -34.35 -48.78 -28.81
CA LEU J 233 -35.26 -48.01 -29.66
C LEU J 233 -36.57 -48.69 -30.03
N PRO J 234 -36.52 -49.85 -30.72
CA PRO J 234 -37.77 -50.52 -31.10
C PRO J 234 -38.71 -50.77 -29.93
N VAL J 235 -38.15 -51.19 -28.79
CA VAL J 235 -38.96 -51.46 -27.60
C VAL J 235 -39.25 -50.18 -26.81
N LEU J 236 -38.36 -49.20 -26.90
CA LEU J 236 -38.58 -47.96 -26.20
C LEU J 236 -39.72 -47.18 -26.83
N GLU J 237 -39.82 -47.25 -28.15
CA GLU J 237 -40.87 -46.54 -28.87
C GLU J 237 -42.21 -47.22 -28.69
N ALA J 238 -42.20 -48.54 -28.59
CA ALA J 238 -43.43 -49.30 -28.40
C ALA J 238 -44.01 -48.94 -27.04
N VAL J 239 -43.13 -48.51 -26.14
CA VAL J 239 -43.52 -48.12 -24.79
C VAL J 239 -43.91 -46.63 -24.75
N ALA J 240 -43.36 -45.85 -25.68
CA ALA J 240 -43.70 -44.43 -25.76
C ALA J 240 -45.17 -44.41 -26.16
N LYS J 241 -45.57 -45.41 -26.94
CA LYS J 241 -46.96 -45.56 -27.35
C LYS J 241 -47.60 -46.24 -26.15
N ALA J 242 -48.88 -45.98 -25.93
CA ALA J 242 -49.58 -46.54 -24.78
C ALA J 242 -49.18 -45.73 -23.56
N GLY J 243 -48.23 -44.81 -23.76
CA GLY J 243 -47.73 -43.94 -22.71
C GLY J 243 -47.56 -44.54 -21.32
N LYS J 244 -46.88 -45.69 -21.24
CA LYS J 244 -46.65 -46.34 -19.96
C LYS J 244 -45.16 -46.35 -19.63
N PRO J 245 -44.82 -46.50 -18.34
CA PRO J 245 -43.42 -46.54 -17.89
C PRO J 245 -42.77 -47.90 -18.16
N LEU J 246 -41.44 -47.96 -18.07
CA LEU J 246 -40.74 -49.20 -18.34
C LEU J 246 -39.67 -49.53 -17.31
N LEU J 247 -39.65 -50.78 -16.90
CA LEU J 247 -38.67 -51.28 -15.95
C LEU J 247 -37.76 -52.26 -16.68
N ILE J 248 -36.49 -51.92 -16.80
CA ILE J 248 -35.54 -52.80 -17.48
C ILE J 248 -34.84 -53.69 -16.45
N ILE J 249 -34.97 -55.00 -16.63
CA ILE J 249 -34.30 -55.95 -15.74
C ILE J 249 -33.38 -56.77 -16.62
N ALA J 250 -32.14 -56.34 -16.75
CA ALA J 250 -31.16 -57.03 -17.56
C ALA J 250 -29.96 -57.43 -16.72
N GLU J 251 -29.02 -58.16 -17.33
CA GLU J 251 -27.82 -58.58 -16.61
C GLU J 251 -27.15 -57.33 -16.06
N ASP J 252 -27.25 -56.24 -16.81
CA ASP J 252 -26.67 -54.96 -16.42
C ASP J 252 -26.94 -53.93 -17.51
N VAL J 253 -26.93 -52.64 -17.15
CA VAL J 253 -27.13 -51.57 -18.12
C VAL J 253 -25.96 -50.59 -17.98
N GLU J 254 -25.11 -50.54 -19.00
CA GLU J 254 -23.90 -49.72 -18.99
C GLU J 254 -23.84 -48.47 -19.86
N GLY J 255 -22.94 -47.59 -19.46
CA GLY J 255 -22.68 -46.33 -20.13
C GLY J 255 -23.66 -45.79 -21.15
N GLU J 256 -23.31 -45.92 -22.42
CA GLU J 256 -24.14 -45.42 -23.51
C GLU J 256 -25.63 -45.57 -23.25
N ALA J 257 -26.08 -46.80 -23.00
CA ALA J 257 -27.49 -47.07 -22.76
C ALA J 257 -28.00 -46.45 -21.47
N LEU J 258 -27.27 -46.67 -20.39
CA LEU J 258 -27.64 -46.15 -19.08
C LEU J 258 -27.69 -44.63 -19.03
N ALA J 259 -26.73 -43.98 -19.66
CA ALA J 259 -26.69 -42.52 -19.68
C ALA J 259 -27.87 -41.98 -20.47
N THR J 260 -28.20 -42.63 -21.57
CA THR J 260 -29.32 -42.21 -22.41
C THR J 260 -30.66 -42.38 -21.70
N LEU J 261 -30.77 -43.43 -20.87
CA LEU J 261 -32.01 -43.68 -20.13
C LEU J 261 -32.15 -42.66 -19.00
N VAL J 262 -31.04 -42.39 -18.31
CA VAL J 262 -31.04 -41.43 -17.21
C VAL J 262 -31.50 -40.06 -17.72
N VAL J 263 -31.15 -39.76 -18.96
CA VAL J 263 -31.51 -38.49 -19.57
C VAL J 263 -32.96 -38.45 -20.03
N ASN J 264 -33.29 -39.27 -21.03
CA ASN J 264 -34.67 -39.29 -21.55
C ASN J 264 -35.76 -39.35 -20.49
N THR J 265 -35.57 -40.15 -19.44
CA THR J 265 -36.58 -40.27 -18.39
C THR J 265 -36.56 -39.03 -17.51
N MET J 266 -35.39 -38.41 -17.43
CA MET J 266 -35.18 -37.21 -16.63
C MET J 266 -35.66 -35.98 -17.40
N ARG J 267 -36.29 -36.22 -18.55
CA ARG J 267 -36.82 -35.16 -19.39
C ARG J 267 -38.28 -35.43 -19.74
N GLY J 268 -38.87 -36.39 -19.05
CA GLY J 268 -40.26 -36.72 -19.28
C GLY J 268 -40.52 -37.48 -20.56
N ILE J 269 -39.47 -37.70 -21.34
CA ILE J 269 -39.59 -38.43 -22.60
C ILE J 269 -39.67 -39.93 -22.28
N VAL J 270 -40.72 -40.32 -21.56
CA VAL J 270 -40.95 -41.71 -21.16
C VAL J 270 -40.23 -42.06 -19.86
N LYS J 271 -40.99 -42.57 -18.89
CA LYS J 271 -40.44 -42.98 -17.60
C LYS J 271 -39.83 -44.37 -17.67
N VAL J 272 -38.54 -44.46 -17.36
CA VAL J 272 -37.84 -45.74 -17.38
C VAL J 272 -36.92 -45.89 -16.17
N ALA J 273 -36.72 -47.15 -15.76
CA ALA J 273 -35.86 -47.46 -14.63
C ALA J 273 -35.19 -48.78 -14.93
N ALA J 274 -33.89 -48.88 -14.65
CA ALA J 274 -33.17 -50.12 -14.89
C ALA J 274 -32.53 -50.65 -13.64
N VAL J 275 -32.52 -51.98 -13.50
CA VAL J 275 -31.94 -52.64 -12.35
C VAL J 275 -31.34 -53.97 -12.81
N LYS J 276 -30.28 -54.42 -12.15
CA LYS J 276 -29.68 -55.69 -12.53
C LYS J 276 -30.61 -56.84 -12.20
N ALA J 277 -30.47 -57.94 -12.92
CA ALA J 277 -31.29 -59.12 -12.65
C ALA J 277 -30.72 -59.70 -11.36
N PRO J 278 -31.58 -60.27 -10.51
CA PRO J 278 -31.14 -60.84 -9.24
C PRO J 278 -30.15 -62.00 -9.37
N GLY J 279 -29.25 -62.10 -8.39
CA GLY J 279 -28.27 -63.18 -8.38
C GLY J 279 -27.27 -63.10 -9.51
N PHE J 280 -26.50 -64.17 -9.70
CA PHE J 280 -25.50 -64.24 -10.76
C PHE J 280 -25.45 -65.64 -11.32
N GLY J 281 -24.76 -65.81 -12.43
CA GLY J 281 -24.63 -67.11 -13.05
C GLY J 281 -25.92 -67.79 -13.45
N ASP J 282 -25.99 -69.10 -13.22
CA ASP J 282 -27.15 -69.89 -13.58
C ASP J 282 -28.40 -69.45 -12.84
N ARG J 283 -28.34 -69.48 -11.50
CA ARG J 283 -29.48 -69.07 -10.71
C ARG J 283 -30.00 -67.69 -11.09
N ARG J 284 -29.21 -66.91 -11.84
CA ARG J 284 -29.65 -65.59 -12.26
C ARG J 284 -30.59 -65.74 -13.45
N LYS J 285 -30.31 -66.74 -14.29
CA LYS J 285 -31.13 -66.97 -15.46
C LYS J 285 -32.43 -67.62 -15.03
N ALA J 286 -32.35 -68.44 -13.99
CA ALA J 286 -33.52 -69.12 -13.46
C ALA J 286 -34.50 -68.10 -12.92
N MET J 287 -34.01 -67.20 -12.06
CA MET J 287 -34.84 -66.16 -11.47
C MET J 287 -35.41 -65.18 -12.48
N LEU J 288 -34.65 -64.87 -13.53
CA LEU J 288 -35.15 -63.94 -14.53
C LEU J 288 -36.41 -64.52 -15.13
N GLN J 289 -36.46 -65.84 -15.22
CA GLN J 289 -37.62 -66.53 -15.76
C GLN J 289 -38.75 -66.45 -14.73
N ASP J 290 -38.40 -66.66 -13.46
CA ASP J 290 -39.38 -66.58 -12.38
C ASP J 290 -40.11 -65.25 -12.53
N ILE J 291 -39.34 -64.17 -12.66
CA ILE J 291 -39.92 -62.84 -12.82
C ILE J 291 -40.81 -62.79 -14.05
N ALA J 292 -40.38 -63.44 -15.12
CA ALA J 292 -41.15 -63.47 -16.35
C ALA J 292 -42.51 -64.12 -16.16
N THR J 293 -42.51 -65.31 -15.56
CA THR J 293 -43.75 -66.03 -15.31
C THR J 293 -44.71 -65.19 -14.48
N LEU J 294 -44.15 -64.58 -13.44
CA LEU J 294 -44.91 -63.74 -12.52
C LEU J 294 -45.53 -62.53 -13.19
N THR J 295 -44.77 -61.88 -14.07
CA THR J 295 -45.25 -60.69 -14.77
C THR J 295 -45.89 -60.97 -16.13
N GLY J 296 -45.82 -62.22 -16.58
CA GLY J 296 -46.40 -62.58 -17.85
C GLY J 296 -45.61 -62.01 -19.01
N GLY J 297 -44.28 -62.07 -18.90
CA GLY J 297 -43.43 -61.54 -19.95
C GLY J 297 -42.54 -62.63 -20.52
N THR J 298 -41.75 -62.27 -21.53
CA THR J 298 -40.87 -63.23 -22.15
C THR J 298 -39.41 -62.81 -22.00
N VAL J 299 -38.59 -63.70 -21.44
CA VAL J 299 -37.18 -63.40 -21.24
C VAL J 299 -36.48 -63.41 -22.58
N ILE J 300 -35.80 -62.32 -22.91
CA ILE J 300 -35.08 -62.21 -24.16
C ILE J 300 -33.61 -62.56 -23.98
N SER J 301 -33.28 -63.82 -24.18
CA SER J 301 -31.90 -64.27 -24.03
C SER J 301 -31.20 -64.42 -25.38
N GLU J 302 -29.93 -64.02 -25.42
CA GLU J 302 -29.16 -64.12 -26.65
C GLU J 302 -28.88 -65.59 -26.94
N GLU J 303 -28.81 -66.39 -25.88
CA GLU J 303 -28.55 -67.83 -26.02
C GLU J 303 -29.49 -68.43 -27.07
N ILE J 304 -30.80 -68.35 -26.82
CA ILE J 304 -31.78 -68.89 -27.75
C ILE J 304 -31.76 -68.10 -29.08
N GLY J 305 -30.89 -67.10 -29.15
CA GLY J 305 -30.79 -66.31 -30.36
C GLY J 305 -31.89 -65.28 -30.54
N MET J 306 -32.23 -64.57 -29.48
CA MET J 306 -33.27 -63.55 -29.54
C MET J 306 -32.64 -62.18 -29.59
N GLU J 307 -33.41 -61.19 -30.04
CA GLU J 307 -32.90 -59.83 -30.13
C GLU J 307 -33.87 -58.78 -29.59
N LEU J 308 -33.32 -57.79 -28.90
CA LEU J 308 -34.13 -56.72 -28.35
C LEU J 308 -34.82 -55.93 -29.45
N GLU J 309 -34.16 -55.83 -30.61
CA GLU J 309 -34.71 -55.08 -31.73
C GLU J 309 -35.97 -55.75 -32.24
N LYS J 310 -36.08 -57.06 -32.00
CA LYS J 310 -37.24 -57.78 -32.46
C LYS J 310 -38.24 -58.07 -31.34
N ALA J 311 -38.14 -57.30 -30.26
CA ALA J 311 -39.05 -57.47 -29.13
C ALA J 311 -40.21 -56.49 -29.21
N THR J 312 -41.43 -56.99 -29.02
CA THR J 312 -42.63 -56.16 -29.06
C THR J 312 -43.25 -56.07 -27.68
N LEU J 313 -44.20 -55.16 -27.50
CA LEU J 313 -44.84 -55.01 -26.20
C LEU J 313 -45.28 -56.35 -25.66
N GLU J 314 -45.67 -57.23 -26.57
CA GLU J 314 -46.15 -58.54 -26.22
C GLU J 314 -45.18 -59.34 -25.35
N ASP J 315 -43.89 -59.15 -25.58
CA ASP J 315 -42.86 -59.86 -24.82
C ASP J 315 -42.68 -59.28 -23.44
N LEU J 316 -43.01 -58.00 -23.32
CA LEU J 316 -42.88 -57.29 -22.06
C LEU J 316 -43.80 -57.82 -20.98
N GLY J 317 -43.31 -57.81 -19.75
CA GLY J 317 -44.11 -58.25 -18.62
C GLY J 317 -44.92 -57.08 -18.12
N GLN J 318 -45.78 -57.31 -17.14
CA GLN J 318 -46.60 -56.21 -16.66
C GLN J 318 -47.00 -56.36 -15.19
N ALA J 319 -47.09 -55.23 -14.51
CA ALA J 319 -47.46 -55.20 -13.09
C ALA J 319 -48.11 -53.87 -12.74
N LYS J 320 -48.98 -53.88 -11.73
CA LYS J 320 -49.69 -52.66 -11.30
C LYS J 320 -48.79 -51.59 -10.75
N ARG J 321 -47.70 -52.01 -10.11
CA ARG J 321 -46.77 -51.06 -9.50
C ARG J 321 -45.47 -51.73 -9.10
N VAL J 322 -44.35 -51.05 -9.32
CA VAL J 322 -43.04 -51.56 -8.94
C VAL J 322 -42.35 -50.45 -8.15
N VAL J 323 -41.53 -50.84 -7.18
CA VAL J 323 -40.83 -49.86 -6.36
C VAL J 323 -39.37 -50.23 -6.24
N ILE J 324 -38.50 -49.26 -6.51
CA ILE J 324 -37.06 -49.51 -6.47
C ILE J 324 -36.31 -48.64 -5.46
N ASN J 325 -35.49 -49.28 -4.63
CA ASN J 325 -34.68 -48.60 -3.61
C ASN J 325 -33.24 -48.47 -4.07
N LYS J 326 -32.38 -48.22 -3.11
CA LYS J 326 -30.96 -48.10 -3.36
C LYS J 326 -30.49 -49.53 -3.55
N ASP J 327 -31.20 -50.47 -2.93
CA ASP J 327 -30.83 -51.87 -3.04
C ASP J 327 -32.00 -52.88 -3.04
N THR J 328 -33.18 -52.44 -3.48
CA THR J 328 -34.33 -53.32 -3.53
C THR J 328 -35.34 -53.01 -4.62
N THR J 329 -35.70 -54.04 -5.38
CA THR J 329 -36.70 -53.89 -6.44
C THR J 329 -37.87 -54.79 -6.09
N THR J 330 -39.05 -54.21 -5.97
CA THR J 330 -40.21 -55.00 -5.62
C THR J 330 -41.33 -54.79 -6.63
N ILE J 331 -41.80 -55.88 -7.22
CA ILE J 331 -42.85 -55.88 -8.23
C ILE J 331 -44.19 -56.23 -7.60
N ILE J 332 -45.14 -55.32 -7.70
CA ILE J 332 -46.46 -55.50 -7.10
C ILE J 332 -47.59 -55.82 -8.07
N ASP J 333 -48.19 -56.99 -7.86
CA ASP J 333 -49.31 -57.47 -8.68
C ASP J 333 -48.94 -57.64 -10.15
N GLY J 334 -48.33 -58.78 -10.46
CA GLY J 334 -47.94 -59.08 -11.83
C GLY J 334 -49.09 -59.71 -12.57
N VAL J 335 -49.21 -59.41 -13.85
CA VAL J 335 -50.27 -59.91 -14.71
C VAL J 335 -50.18 -61.41 -14.98
N GLY J 336 -49.17 -62.06 -14.41
CA GLY J 336 -49.02 -63.49 -14.61
C GLY J 336 -50.28 -64.29 -14.37
N GLU J 337 -50.47 -65.33 -15.19
CA GLU J 337 -51.64 -66.20 -15.08
C GLU J 337 -51.49 -67.19 -13.93
N GLU J 338 -52.51 -67.28 -13.09
CA GLU J 338 -52.51 -68.16 -11.93
C GLU J 338 -52.06 -69.56 -12.31
N ALA J 339 -52.30 -69.91 -13.57
CA ALA J 339 -51.91 -71.22 -14.08
C ALA J 339 -50.39 -71.24 -14.29
N ALA J 340 -49.91 -70.29 -15.08
CA ALA J 340 -48.49 -70.17 -15.39
C ALA J 340 -47.66 -70.13 -14.10
N ILE J 341 -47.98 -69.17 -13.24
CA ILE J 341 -47.29 -68.98 -11.97
C ILE J 341 -47.33 -70.24 -11.11
N GLN J 342 -48.51 -70.76 -10.85
CA GLN J 342 -48.63 -71.96 -10.03
C GLN J 342 -47.88 -73.11 -10.69
N GLY J 343 -47.82 -73.07 -12.01
CA GLY J 343 -47.13 -74.11 -12.74
C GLY J 343 -45.64 -74.03 -12.47
N ARG J 344 -45.10 -72.81 -12.55
CA ARG J 344 -43.68 -72.58 -12.31
C ARG J 344 -43.29 -73.03 -10.90
N VAL J 345 -44.18 -72.80 -9.93
CA VAL J 345 -43.91 -73.19 -8.55
C VAL J 345 -43.75 -74.70 -8.49
N ALA J 346 -44.50 -75.39 -9.35
CA ALA J 346 -44.46 -76.84 -9.41
C ALA J 346 -43.07 -77.34 -9.79
N GLN J 347 -42.55 -76.85 -10.93
CA GLN J 347 -41.21 -77.23 -11.40
C GLN J 347 -40.19 -77.04 -10.29
N ILE J 348 -40.14 -75.82 -9.78
CA ILE J 348 -39.21 -75.45 -8.73
C ILE J 348 -39.36 -76.33 -7.49
N ARG J 349 -40.60 -76.71 -7.20
CA ARG J 349 -40.86 -77.55 -6.04
C ARG J 349 -40.43 -78.99 -6.35
N GLN J 350 -40.31 -79.28 -7.65
CA GLN J 350 -39.88 -80.59 -8.13
C GLN J 350 -38.36 -80.66 -8.03
N GLN J 351 -37.71 -79.58 -8.43
CA GLN J 351 -36.25 -79.48 -8.39
C GLN J 351 -35.77 -79.76 -6.97
N ILE J 352 -36.54 -79.32 -5.98
CA ILE J 352 -36.20 -79.51 -4.58
C ILE J 352 -36.10 -81.00 -4.23
N GLU J 353 -36.87 -81.83 -4.93
CA GLU J 353 -36.84 -83.27 -4.71
C GLU J 353 -35.59 -83.86 -5.34
N GLU J 354 -35.39 -83.54 -6.62
CA GLU J 354 -34.24 -84.02 -7.38
C GLU J 354 -32.96 -83.30 -6.93
N ALA J 355 -33.04 -82.58 -5.80
CA ALA J 355 -31.89 -81.85 -5.27
C ALA J 355 -30.91 -82.80 -4.58
N THR J 356 -29.70 -82.85 -5.09
CA THR J 356 -28.67 -83.72 -4.54
C THR J 356 -27.85 -83.06 -3.44
N SER J 357 -28.10 -81.78 -3.20
CA SER J 357 -27.37 -81.04 -2.16
C SER J 357 -28.28 -80.11 -1.38
N ASP J 358 -27.81 -79.67 -0.22
CA ASP J 358 -28.59 -78.75 0.62
C ASP J 358 -28.61 -77.34 0.05
N TYR J 359 -27.42 -76.80 -0.21
CA TYR J 359 -27.32 -75.46 -0.77
C TYR J 359 -28.32 -75.32 -1.91
N ASP J 360 -28.28 -76.27 -2.84
CA ASP J 360 -29.16 -76.27 -4.00
C ASP J 360 -30.62 -76.30 -3.58
N ARG J 361 -30.88 -76.93 -2.44
CA ARG J 361 -32.23 -77.06 -1.92
C ARG J 361 -32.68 -75.73 -1.31
N GLU J 362 -31.80 -75.10 -0.54
CA GLU J 362 -32.09 -73.82 0.10
C GLU J 362 -32.48 -72.78 -0.97
N LYS J 363 -31.60 -72.62 -1.95
CA LYS J 363 -31.80 -71.68 -3.05
C LYS J 363 -33.12 -71.87 -3.78
N LEU J 364 -33.50 -73.12 -4.02
CA LEU J 364 -34.75 -73.41 -4.70
C LEU J 364 -35.94 -72.99 -3.84
N GLN J 365 -35.85 -73.24 -2.53
CA GLN J 365 -36.90 -72.88 -1.58
C GLN J 365 -37.09 -71.37 -1.57
N GLU J 366 -35.99 -70.64 -1.64
CA GLU J 366 -36.06 -69.20 -1.65
C GLU J 366 -36.91 -68.74 -2.82
N ARG J 367 -36.68 -69.34 -3.98
CA ARG J 367 -37.44 -68.95 -5.16
C ARG J 367 -38.93 -69.24 -5.07
N VAL J 368 -39.31 -70.40 -4.53
CA VAL J 368 -40.73 -70.69 -4.43
C VAL J 368 -41.36 -69.75 -3.41
N ALA J 369 -40.60 -69.47 -2.35
CA ALA J 369 -41.05 -68.57 -1.32
C ALA J 369 -41.45 -67.23 -1.93
N LYS J 370 -40.60 -66.72 -2.83
CA LYS J 370 -40.85 -65.45 -3.50
C LYS J 370 -42.08 -65.53 -4.40
N LEU J 371 -42.09 -66.56 -5.24
CA LEU J 371 -43.19 -66.78 -6.18
C LEU J 371 -44.52 -67.01 -5.49
N ALA J 372 -44.60 -68.11 -4.75
CA ALA J 372 -45.81 -68.50 -4.04
C ALA J 372 -46.19 -67.58 -2.88
N GLY J 373 -45.21 -66.87 -2.31
CA GLY J 373 -45.50 -65.98 -1.19
C GLY J 373 -46.36 -64.77 -1.52
N GLY J 374 -46.04 -64.11 -2.62
CA GLY J 374 -46.82 -62.96 -3.01
C GLY J 374 -46.37 -61.67 -2.36
N VAL J 375 -47.29 -60.70 -2.30
CA VAL J 375 -47.01 -59.40 -1.73
C VAL J 375 -48.26 -58.74 -1.14
N ALA J 376 -48.21 -58.49 0.16
CA ALA J 376 -49.32 -57.84 0.82
C ALA J 376 -49.35 -56.37 0.40
N VAL J 377 -50.55 -55.84 0.18
CA VAL J 377 -50.68 -54.44 -0.21
C VAL J 377 -51.59 -53.70 0.75
N ILE J 378 -51.01 -52.77 1.49
CA ILE J 378 -51.74 -51.96 2.45
C ILE J 378 -52.12 -50.61 1.82
N LYS J 379 -53.43 -50.38 1.66
CA LYS J 379 -53.90 -49.11 1.11
C LYS J 379 -54.38 -48.28 2.31
N VAL J 380 -53.73 -47.14 2.53
CA VAL J 380 -54.08 -46.30 3.66
C VAL J 380 -55.28 -45.37 3.41
N GLY J 381 -56.32 -45.54 4.23
CA GLY J 381 -57.50 -44.70 4.09
C GLY J 381 -57.48 -43.46 4.99
N ALA J 382 -58.31 -42.48 4.65
CA ALA J 382 -58.40 -41.24 5.41
C ALA J 382 -59.58 -40.42 4.91
N ALA J 383 -59.91 -39.35 5.63
CA ALA J 383 -61.02 -38.46 5.28
C ALA J 383 -60.66 -37.44 4.21
N THR J 384 -59.41 -37.00 4.19
CA THR J 384 -58.96 -36.04 3.20
C THR J 384 -57.67 -36.56 2.59
N GLU J 385 -57.33 -36.08 1.40
CA GLU J 385 -56.12 -36.51 0.73
C GLU J 385 -54.91 -36.18 1.60
N VAL J 386 -54.92 -35.00 2.21
CA VAL J 386 -53.81 -34.58 3.06
C VAL J 386 -53.55 -35.57 4.18
N GLU J 387 -54.59 -35.87 4.96
CA GLU J 387 -54.48 -36.82 6.06
C GLU J 387 -54.01 -38.19 5.56
N MET J 388 -54.60 -38.63 4.45
CA MET J 388 -54.27 -39.91 3.84
C MET J 388 -52.77 -39.99 3.54
N LYS J 389 -52.28 -39.03 2.77
CA LYS J 389 -50.87 -38.98 2.41
C LYS J 389 -49.97 -38.94 3.64
N GLU J 390 -50.45 -38.28 4.70
CA GLU J 390 -49.70 -38.16 5.93
C GLU J 390 -49.65 -39.52 6.62
N LYS J 391 -50.81 -40.13 6.84
CA LYS J 391 -50.88 -41.42 7.50
C LYS J 391 -50.07 -42.46 6.73
N LYS J 392 -50.09 -42.35 5.39
CA LYS J 392 -49.35 -43.27 4.54
C LYS J 392 -47.88 -43.23 4.93
N ALA J 393 -47.36 -42.02 5.15
CA ALA J 393 -45.97 -41.85 5.53
C ALA J 393 -45.67 -42.47 6.89
N ARG J 394 -46.58 -42.31 7.84
CA ARG J 394 -46.39 -42.88 9.18
C ARG J 394 -46.48 -44.39 9.13
N VAL J 395 -47.28 -44.91 8.22
CA VAL J 395 -47.41 -46.35 8.10
C VAL J 395 -46.10 -46.89 7.54
N GLU J 396 -45.59 -46.23 6.50
CA GLU J 396 -44.34 -46.65 5.85
C GLU J 396 -43.18 -46.70 6.84
N ASP J 397 -43.11 -45.69 7.69
CA ASP J 397 -42.06 -45.64 8.68
C ASP J 397 -42.25 -46.75 9.70
N ALA J 398 -43.40 -46.73 10.37
CA ALA J 398 -43.72 -47.74 11.37
C ALA J 398 -43.48 -49.14 10.83
N LEU J 399 -43.64 -49.31 9.52
CA LEU J 399 -43.44 -50.61 8.93
C LEU J 399 -41.96 -51.00 9.01
N HIS J 400 -41.07 -50.14 8.53
CA HIS J 400 -39.63 -50.44 8.57
C HIS J 400 -39.20 -50.72 10.01
N ALA J 401 -39.65 -49.87 10.92
CA ALA J 401 -39.31 -50.01 12.33
C ALA J 401 -39.68 -51.40 12.84
N THR J 402 -40.94 -51.75 12.69
CA THR J 402 -41.47 -53.04 13.13
C THR J 402 -40.75 -54.20 12.45
N ARG J 403 -40.42 -54.01 11.19
CA ARG J 403 -39.72 -55.01 10.40
C ARG J 403 -38.38 -55.32 11.07
N ALA J 404 -37.69 -54.26 11.49
CA ALA J 404 -36.40 -54.37 12.16
C ALA J 404 -36.57 -54.92 13.57
N ALA J 405 -37.67 -54.55 14.23
CA ALA J 405 -37.94 -55.03 15.58
C ALA J 405 -38.16 -56.56 15.55
N VAL J 406 -38.92 -57.01 14.57
CA VAL J 406 -39.19 -58.44 14.42
C VAL J 406 -37.88 -59.22 14.17
N GLU J 407 -36.93 -58.57 13.53
CA GLU J 407 -35.66 -59.19 13.21
C GLU J 407 -34.69 -59.34 14.38
N GLU J 408 -34.41 -58.25 15.06
CA GLU J 408 -33.46 -58.31 16.15
C GLU J 408 -33.97 -57.78 17.47
N GLY J 409 -35.28 -57.57 17.55
CA GLY J 409 -35.87 -57.09 18.79
C GLY J 409 -35.71 -55.60 19.00
N VAL J 410 -35.98 -55.18 20.24
CA VAL J 410 -35.88 -53.78 20.63
C VAL J 410 -35.08 -53.60 21.93
N VAL J 411 -34.54 -52.40 22.12
CA VAL J 411 -33.77 -52.05 23.32
C VAL J 411 -34.22 -50.65 23.70
N ALA J 412 -33.76 -50.18 24.86
CA ALA J 412 -34.13 -48.85 25.32
C ALA J 412 -33.66 -47.79 24.34
N GLY J 413 -34.54 -46.84 24.03
CA GLY J 413 -34.19 -45.79 23.10
C GLY J 413 -33.64 -44.61 23.85
N GLY J 414 -33.76 -43.42 23.26
CA GLY J 414 -33.25 -42.22 23.91
C GLY J 414 -31.77 -42.28 24.18
N GLY J 415 -31.10 -43.19 23.50
CA GLY J 415 -29.67 -43.33 23.66
C GLY J 415 -29.22 -44.01 24.92
N VAL J 416 -30.15 -44.59 25.70
CA VAL J 416 -29.72 -45.24 26.94
C VAL J 416 -29.20 -46.65 26.71
N ALA J 417 -29.65 -47.30 25.63
CA ALA J 417 -29.15 -48.66 25.35
C ALA J 417 -27.64 -48.61 25.21
N LEU J 418 -27.13 -47.66 24.43
CA LEU J 418 -25.70 -47.55 24.23
C LEU J 418 -24.92 -47.22 25.49
N ILE J 419 -25.49 -46.38 26.35
CA ILE J 419 -24.80 -46.03 27.59
C ILE J 419 -24.83 -47.22 28.56
N ARG J 420 -25.91 -47.99 28.54
CA ARG J 420 -26.04 -49.18 29.39
C ARG J 420 -24.99 -50.19 28.97
N VAL J 421 -24.95 -50.47 27.67
CA VAL J 421 -24.00 -51.41 27.13
C VAL J 421 -22.56 -51.01 27.48
N ALA J 422 -22.26 -49.71 27.40
CA ALA J 422 -20.90 -49.24 27.70
C ALA J 422 -20.56 -49.43 29.17
N SER J 423 -21.53 -49.16 30.05
CA SER J 423 -21.29 -49.31 31.49
C SER J 423 -20.94 -50.76 31.85
N LYS J 424 -21.37 -51.70 31.02
CA LYS J 424 -21.08 -53.10 31.28
C LYS J 424 -19.69 -53.55 30.80
N LEU J 425 -19.03 -52.75 29.97
CA LEU J 425 -17.73 -53.13 29.45
C LEU J 425 -16.54 -52.44 30.12
N ALA J 426 -16.74 -51.93 31.33
CA ALA J 426 -15.70 -51.23 32.07
C ALA J 426 -14.40 -52.00 32.23
N ASP J 427 -14.48 -53.31 32.39
CA ASP J 427 -13.26 -54.09 32.57
C ASP J 427 -12.68 -54.67 31.31
N LEU J 428 -13.24 -54.31 30.16
CA LEU J 428 -12.74 -54.83 28.89
C LEU J 428 -11.36 -54.26 28.60
N ARG J 429 -10.41 -55.14 28.30
CA ARG J 429 -9.03 -54.73 28.00
C ARG J 429 -8.51 -55.34 26.68
N GLY J 430 -7.44 -54.76 26.14
CA GLY J 430 -6.87 -55.30 24.92
C GLY J 430 -5.49 -55.88 25.14
N GLN J 431 -4.71 -56.00 24.07
CA GLN J 431 -3.35 -56.55 24.15
C GLN J 431 -2.29 -55.58 24.68
N ASN J 432 -2.53 -54.29 24.59
CA ASN J 432 -1.55 -53.33 25.08
C ASN J 432 -2.25 -52.07 25.56
N GLU J 433 -1.49 -51.12 26.09
CA GLU J 433 -2.10 -49.91 26.59
C GLU J 433 -2.81 -49.07 25.54
N ASP J 434 -2.24 -48.98 24.34
CA ASP J 434 -2.88 -48.20 23.29
C ASP J 434 -4.27 -48.78 23.01
N GLN J 435 -4.36 -50.09 22.85
CA GLN J 435 -5.65 -50.71 22.60
C GLN J 435 -6.61 -50.46 23.76
N ASN J 436 -6.08 -50.39 24.97
CA ASN J 436 -6.91 -50.14 26.13
C ASN J 436 -7.50 -48.76 26.03
N VAL J 437 -6.69 -47.82 25.55
CA VAL J 437 -7.12 -46.44 25.35
C VAL J 437 -8.22 -46.45 24.30
N GLY J 438 -8.00 -47.23 23.25
CA GLY J 438 -8.96 -47.34 22.17
C GLY J 438 -10.30 -47.82 22.67
N ILE J 439 -10.28 -48.81 23.56
CA ILE J 439 -11.53 -49.33 24.11
C ILE J 439 -12.23 -48.25 24.93
N LYS J 440 -11.48 -47.48 25.68
CA LYS J 440 -12.06 -46.40 26.48
C LYS J 440 -12.63 -45.31 25.56
N VAL J 441 -11.93 -45.01 24.48
CA VAL J 441 -12.41 -44.01 23.54
C VAL J 441 -13.81 -44.40 23.05
N ALA J 442 -13.96 -45.66 22.65
CA ALA J 442 -15.24 -46.15 22.15
C ALA J 442 -16.32 -46.16 23.23
N LEU J 443 -15.99 -46.66 24.41
CA LEU J 443 -17.00 -46.71 25.48
C LEU J 443 -17.45 -45.32 25.88
N ARG J 444 -16.53 -44.37 25.81
CA ARG J 444 -16.83 -42.99 26.16
C ARG J 444 -17.77 -42.41 25.10
N ALA J 445 -17.49 -42.75 23.83
CA ALA J 445 -18.28 -42.26 22.71
C ALA J 445 -19.70 -42.74 22.74
N MET J 446 -19.92 -43.94 23.26
CA MET J 446 -21.26 -44.51 23.32
C MET J 446 -22.19 -43.69 24.20
N GLU J 447 -21.63 -42.70 24.89
CA GLU J 447 -22.43 -41.83 25.76
C GLU J 447 -22.85 -40.56 25.00
N ALA J 448 -22.23 -40.31 23.86
CA ALA J 448 -22.51 -39.13 23.06
C ALA J 448 -23.98 -38.93 22.77
N PRO J 449 -24.65 -39.95 22.20
CA PRO J 449 -26.08 -39.81 21.89
C PRO J 449 -26.94 -39.32 23.07
N LEU J 450 -26.98 -40.09 24.15
CA LEU J 450 -27.79 -39.69 25.31
C LEU J 450 -27.44 -38.27 25.74
N ARG J 451 -26.15 -38.03 25.94
CA ARG J 451 -25.69 -36.72 26.36
C ARG J 451 -26.21 -35.61 25.44
N GLN J 452 -26.10 -35.80 24.14
CA GLN J 452 -26.58 -34.80 23.19
C GLN J 452 -28.07 -34.59 23.38
N ILE J 453 -28.82 -35.69 23.48
CA ILE J 453 -30.26 -35.60 23.68
C ILE J 453 -30.56 -34.73 24.90
N VAL J 454 -29.93 -35.05 26.03
CA VAL J 454 -30.14 -34.30 27.26
C VAL J 454 -29.75 -32.83 27.11
N LEU J 455 -28.65 -32.59 26.40
CA LEU J 455 -28.17 -31.23 26.17
C LEU J 455 -29.22 -30.45 25.37
N ASN J 456 -29.80 -31.09 24.35
CA ASN J 456 -30.81 -30.42 23.55
C ASN J 456 -32.02 -30.07 24.42
N CYS J 457 -32.26 -30.88 25.45
CA CYS J 457 -33.37 -30.66 26.38
C CYS J 457 -33.06 -29.59 27.39
N GLY J 458 -31.82 -29.11 27.39
CA GLY J 458 -31.44 -28.08 28.33
C GLY J 458 -31.22 -28.60 29.73
N GLU J 459 -30.76 -29.83 29.86
CA GLU J 459 -30.48 -30.44 31.17
C GLU J 459 -29.00 -30.73 31.26
N GLU J 460 -28.51 -31.17 32.42
CA GLU J 460 -27.08 -31.47 32.56
C GLU J 460 -26.75 -32.91 32.13
N PRO J 461 -26.09 -33.06 30.99
CA PRO J 461 -25.72 -34.37 30.45
C PRO J 461 -25.04 -35.29 31.45
N SER J 462 -24.05 -34.76 32.15
CA SER J 462 -23.29 -35.52 33.14
C SER J 462 -24.18 -36.12 34.23
N VAL J 463 -25.09 -35.33 34.74
CA VAL J 463 -25.97 -35.81 35.80
C VAL J 463 -26.84 -36.94 35.30
N VAL J 464 -27.55 -36.72 34.20
CA VAL J 464 -28.45 -37.73 33.63
C VAL J 464 -27.66 -38.95 33.21
N ALA J 465 -26.55 -38.75 32.50
CA ALA J 465 -25.71 -39.86 32.06
C ALA J 465 -25.32 -40.71 33.25
N ASN J 466 -24.96 -40.01 34.32
CA ASN J 466 -24.53 -40.64 35.56
C ASN J 466 -25.65 -41.48 36.16
N THR J 467 -26.80 -40.86 36.35
CA THR J 467 -27.94 -41.56 36.91
C THR J 467 -28.30 -42.80 36.10
N VAL J 468 -28.38 -42.65 34.77
CA VAL J 468 -28.72 -43.77 33.92
C VAL J 468 -27.72 -44.89 34.08
N LYS J 469 -26.43 -44.57 34.12
CA LYS J 469 -25.40 -45.60 34.28
C LYS J 469 -25.58 -46.38 35.58
N GLY J 470 -26.11 -45.72 36.60
CA GLY J 470 -26.32 -46.37 37.88
C GLY J 470 -27.36 -47.47 37.82
N GLY J 471 -28.38 -47.27 37.00
CA GLY J 471 -29.45 -48.26 36.90
C GLY J 471 -29.02 -49.52 36.18
N ASP J 472 -29.99 -50.35 35.80
CA ASP J 472 -29.70 -51.59 35.09
C ASP J 472 -30.71 -51.87 33.99
N GLY J 473 -30.39 -52.84 33.15
CA GLY J 473 -31.28 -53.22 32.06
C GLY J 473 -31.75 -52.03 31.26
N ASN J 474 -33.03 -52.01 30.90
CA ASN J 474 -33.55 -50.90 30.12
C ASN J 474 -34.05 -49.71 30.94
N TYR J 475 -33.46 -49.52 32.12
CA TYR J 475 -33.83 -48.39 32.96
C TYR J 475 -33.09 -47.19 32.37
N GLY J 476 -33.82 -46.12 32.09
CA GLY J 476 -33.17 -44.96 31.52
C GLY J 476 -33.84 -43.64 31.85
N TYR J 477 -33.57 -42.64 31.01
CA TYR J 477 -34.13 -41.32 31.19
C TYR J 477 -35.04 -40.96 30.02
N ASN J 478 -36.30 -40.65 30.33
CA ASN J 478 -37.26 -40.27 29.31
C ASN J 478 -37.04 -38.77 29.10
N ALA J 479 -36.19 -38.41 28.15
CA ALA J 479 -35.88 -37.01 27.89
C ALA J 479 -37.14 -36.17 27.68
N ALA J 480 -38.17 -36.79 27.11
CA ALA J 480 -39.43 -36.11 26.83
C ALA J 480 -40.20 -35.70 28.08
N THR J 481 -40.15 -36.51 29.13
CA THR J 481 -40.89 -36.23 30.37
C THR J 481 -40.03 -36.01 31.59
N GLU J 482 -38.71 -36.08 31.40
CA GLU J 482 -37.75 -35.91 32.48
C GLU J 482 -37.97 -36.94 33.59
N GLU J 483 -38.53 -38.10 33.23
CA GLU J 483 -38.78 -39.16 34.19
C GLU J 483 -37.84 -40.34 33.96
N TYR J 484 -37.30 -40.91 35.03
CA TYR J 484 -36.46 -42.07 34.88
C TYR J 484 -37.38 -43.27 35.07
N GLY J 485 -37.06 -44.38 34.41
CA GLY J 485 -37.89 -45.56 34.55
C GLY J 485 -37.50 -46.56 33.49
N ASN J 486 -38.35 -47.54 33.25
CA ASN J 486 -38.04 -48.53 32.22
C ASN J 486 -38.38 -47.92 30.87
N MET J 487 -37.35 -47.71 30.06
CA MET J 487 -37.53 -47.12 28.75
C MET J 487 -38.57 -47.84 27.89
N ILE J 488 -38.52 -49.17 27.87
CA ILE J 488 -39.47 -49.95 27.06
C ILE J 488 -40.89 -49.73 27.53
N ASP J 489 -41.10 -49.75 28.84
CA ASP J 489 -42.42 -49.54 29.39
C ASP J 489 -42.93 -48.15 29.05
N MET J 490 -42.05 -47.15 29.08
CA MET J 490 -42.46 -45.81 28.74
C MET J 490 -42.60 -45.61 27.23
N GLY J 491 -42.46 -46.71 26.49
CA GLY J 491 -42.59 -46.66 25.04
C GLY J 491 -41.51 -45.91 24.29
N ILE J 492 -40.32 -45.84 24.88
CA ILE J 492 -39.20 -45.16 24.23
C ILE J 492 -38.14 -46.21 23.92
N LEU J 493 -38.22 -46.76 22.71
CA LEU J 493 -37.31 -47.82 22.30
C LEU J 493 -36.79 -47.65 20.89
N ASP J 494 -35.80 -48.48 20.54
CA ASP J 494 -35.20 -48.49 19.21
C ASP J 494 -35.00 -49.92 18.76
N PRO J 495 -35.21 -50.20 17.47
CA PRO J 495 -35.00 -51.59 17.04
C PRO J 495 -33.51 -51.89 17.32
N THR J 496 -33.24 -52.98 18.03
CA THR J 496 -31.85 -53.33 18.32
C THR J 496 -30.99 -53.22 17.05
N LYS J 497 -31.60 -53.46 15.90
CA LYS J 497 -30.87 -53.38 14.64
C LYS J 497 -30.36 -51.97 14.32
N VAL J 498 -31.14 -50.94 14.62
CA VAL J 498 -30.67 -49.60 14.29
C VAL J 498 -29.54 -49.18 15.22
N THR J 499 -29.64 -49.53 16.50
CA THR J 499 -28.58 -49.14 17.42
C THR J 499 -27.28 -49.86 17.03
N ARG J 500 -27.38 -51.17 16.79
CA ARG J 500 -26.21 -51.93 16.39
C ARG J 500 -25.59 -51.33 15.13
N SER J 501 -26.40 -51.11 14.11
CA SER J 501 -25.93 -50.56 12.84
C SER J 501 -25.25 -49.23 13.05
N ALA J 502 -25.96 -48.30 13.69
CA ALA J 502 -25.41 -46.98 13.94
C ALA J 502 -24.01 -47.08 14.56
N LEU J 503 -23.86 -47.91 15.59
CA LEU J 503 -22.58 -48.05 16.26
C LEU J 503 -21.51 -48.64 15.37
N GLN J 504 -21.82 -49.77 14.75
CA GLN J 504 -20.86 -50.43 13.89
C GLN J 504 -20.40 -49.53 12.75
N TYR J 505 -21.35 -48.87 12.10
CA TYR J 505 -20.98 -47.99 11.00
C TYR J 505 -20.15 -46.80 11.43
N ALA J 506 -20.49 -46.22 12.58
CA ALA J 506 -19.76 -45.09 13.10
C ALA J 506 -18.34 -45.53 13.41
N ALA J 507 -18.22 -46.60 14.18
CA ALA J 507 -16.91 -47.13 14.53
C ALA J 507 -16.10 -47.47 13.28
N SER J 508 -16.79 -47.85 12.22
CA SER J 508 -16.10 -48.21 11.00
C SER J 508 -15.36 -47.06 10.36
N VAL J 509 -16.09 -46.00 10.03
CA VAL J 509 -15.50 -44.82 9.41
C VAL J 509 -14.52 -44.14 10.37
N ALA J 510 -14.85 -44.13 11.68
CA ALA J 510 -13.97 -43.51 12.67
C ALA J 510 -12.64 -44.26 12.71
N GLY J 511 -12.72 -45.57 12.61
CA GLY J 511 -11.50 -46.37 12.62
C GLY J 511 -10.67 -46.03 11.41
N LEU J 512 -11.30 -45.83 10.26
CA LEU J 512 -10.58 -45.51 9.04
C LEU J 512 -9.84 -44.19 9.11
N MET J 513 -10.53 -43.16 9.60
CA MET J 513 -9.93 -41.84 9.71
C MET J 513 -8.75 -41.82 10.66
N ILE J 514 -8.92 -42.44 11.83
CA ILE J 514 -7.85 -42.49 12.82
C ILE J 514 -6.58 -43.12 12.20
N THR J 515 -6.76 -44.02 11.25
CA THR J 515 -5.64 -44.67 10.61
C THR J 515 -5.29 -44.07 9.25
N THR J 516 -5.60 -42.79 9.06
CA THR J 516 -5.29 -42.16 7.79
C THR J 516 -4.05 -41.28 7.95
N GLU J 517 -3.10 -41.42 7.03
CA GLU J 517 -1.85 -40.66 7.07
C GLU J 517 -1.69 -39.69 5.91
N CYS J 518 -2.45 -39.90 4.84
CA CYS J 518 -2.31 -39.03 3.69
C CYS J 518 -3.64 -38.79 3.00
N MET J 519 -3.80 -37.58 2.45
CA MET J 519 -5.02 -37.22 1.73
C MET J 519 -4.63 -36.53 0.44
N VAL J 520 -5.24 -36.97 -0.66
CA VAL J 520 -4.96 -36.40 -1.97
C VAL J 520 -6.25 -35.86 -2.57
N THR J 521 -6.25 -34.59 -2.92
CA THR J 521 -7.42 -33.97 -3.52
C THR J 521 -6.98 -33.00 -4.61
N ASP J 522 -7.93 -32.45 -5.35
CA ASP J 522 -7.58 -31.52 -6.42
C ASP J 522 -7.22 -30.15 -5.87
N LEU J 523 -6.52 -29.39 -6.70
CA LEU J 523 -6.09 -28.05 -6.33
C LEU J 523 -7.26 -27.08 -6.45
N PRO J 524 -7.47 -26.25 -5.42
CA PRO J 524 -8.58 -25.29 -5.46
C PRO J 524 -8.66 -24.46 -6.75
N ALA K 1 -23.31 -28.18 -3.83
CA ALA K 1 -22.26 -27.12 -3.90
C ALA K 1 -21.76 -26.80 -2.49
N ALA K 2 -20.54 -26.27 -2.39
CA ALA K 2 -20.01 -25.94 -1.08
C ALA K 2 -21.02 -25.02 -0.41
N LYS K 3 -21.38 -25.36 0.82
CA LYS K 3 -22.35 -24.58 1.56
C LYS K 3 -21.66 -23.69 2.57
N ASP K 4 -22.42 -22.78 3.15
CA ASP K 4 -21.93 -21.89 4.18
C ASP K 4 -22.85 -22.25 5.33
N VAL K 5 -22.29 -22.81 6.41
CA VAL K 5 -23.11 -23.21 7.53
C VAL K 5 -22.89 -22.33 8.76
N LYS K 6 -23.98 -21.78 9.29
CA LYS K 6 -23.88 -20.95 10.50
C LYS K 6 -24.63 -21.60 11.64
N PHE K 7 -24.12 -21.40 12.85
CA PHE K 7 -24.70 -22.01 14.03
C PHE K 7 -25.22 -21.03 15.06
N GLY K 8 -25.96 -21.58 16.01
CA GLY K 8 -26.53 -20.84 17.11
C GLY K 8 -26.77 -19.35 16.97
N ASN K 9 -26.15 -18.60 17.85
CA ASN K 9 -26.30 -17.17 17.88
C ASN K 9 -25.95 -16.45 16.59
N ASP K 10 -24.85 -16.84 15.97
CA ASP K 10 -24.42 -16.23 14.73
C ASP K 10 -25.55 -16.33 13.72
N ALA K 11 -26.16 -17.52 13.66
CA ALA K 11 -27.27 -17.76 12.74
C ALA K 11 -28.51 -16.94 13.09
N ARG K 12 -28.87 -16.93 14.36
CA ARG K 12 -30.04 -16.18 14.77
C ARG K 12 -29.99 -14.65 14.54
N VAL K 13 -28.85 -14.01 14.75
CA VAL K 13 -28.82 -12.57 14.51
C VAL K 13 -29.04 -12.29 13.04
N LYS K 14 -28.46 -13.14 12.19
CA LYS K 14 -28.62 -12.99 10.75
C LYS K 14 -30.10 -13.03 10.41
N MET K 15 -30.80 -14.05 10.91
CA MET K 15 -32.22 -14.16 10.64
C MET K 15 -32.96 -12.93 11.13
N LEU K 16 -32.70 -12.53 12.36
CA LEU K 16 -33.37 -11.36 12.93
C LEU K 16 -33.13 -10.14 12.05
N ARG K 17 -31.87 -9.88 11.77
CA ARG K 17 -31.46 -8.76 10.95
C ARG K 17 -32.24 -8.77 9.64
N GLY K 18 -32.51 -9.97 9.15
CA GLY K 18 -33.27 -10.16 7.92
C GLY K 18 -34.75 -9.85 8.09
N VAL K 19 -35.39 -10.38 9.12
CA VAL K 19 -36.81 -10.08 9.27
C VAL K 19 -37.01 -8.60 9.63
N ASN K 20 -35.99 -7.97 10.19
CA ASN K 20 -36.13 -6.57 10.54
C ASN K 20 -36.28 -5.74 9.29
N VAL K 21 -35.47 -6.03 8.27
CA VAL K 21 -35.55 -5.28 7.02
C VAL K 21 -36.96 -5.41 6.46
N LEU K 22 -37.44 -6.65 6.40
CA LEU K 22 -38.78 -6.95 5.91
C LEU K 22 -39.84 -6.21 6.72
N ALA K 23 -39.84 -6.42 8.03
CA ALA K 23 -40.80 -5.80 8.93
C ALA K 23 -40.79 -4.28 8.90
N ASP K 24 -39.60 -3.68 9.02
CA ASP K 24 -39.52 -2.23 9.00
C ASP K 24 -40.02 -1.61 7.71
N ALA K 25 -39.81 -2.29 6.58
CA ALA K 25 -40.26 -1.77 5.30
C ALA K 25 -41.77 -1.86 5.20
N VAL K 26 -42.33 -2.93 5.72
CA VAL K 26 -43.76 -3.17 5.67
C VAL K 26 -44.60 -2.42 6.71
N LYS K 27 -44.14 -2.37 7.95
CA LYS K 27 -44.92 -1.73 9.00
C LYS K 27 -45.13 -0.23 8.91
N VAL K 28 -44.41 0.47 8.04
CA VAL K 28 -44.62 1.91 7.92
C VAL K 28 -45.98 2.23 7.26
N THR K 29 -46.58 1.25 6.60
CA THR K 29 -47.86 1.45 5.94
C THR K 29 -49.05 1.17 6.85
N LEU K 30 -48.83 0.37 7.88
CA LEU K 30 -49.88 -0.02 8.81
C LEU K 30 -50.68 1.11 9.46
N GLY K 31 -52.00 1.07 9.29
CA GLY K 31 -52.83 2.09 9.90
C GLY K 31 -53.37 3.19 9.01
N PRO K 32 -54.28 4.03 9.53
CA PRO K 32 -54.87 5.12 8.75
C PRO K 32 -53.87 6.19 8.33
N LYS K 33 -52.81 6.38 9.12
CA LYS K 33 -51.82 7.38 8.80
C LYS K 33 -50.55 6.74 8.25
N GLY K 34 -50.72 5.59 7.61
CA GLY K 34 -49.59 4.85 7.05
C GLY K 34 -48.83 5.65 6.01
N ARG K 35 -47.53 5.39 5.91
CA ARG K 35 -46.68 6.10 4.95
C ARG K 35 -46.56 5.39 3.59
N ASN K 36 -45.91 6.05 2.65
CA ASN K 36 -45.71 5.48 1.33
C ASN K 36 -44.34 4.81 1.21
N VAL K 37 -44.30 3.73 0.46
CA VAL K 37 -43.06 3.03 0.21
C VAL K 37 -42.92 3.12 -1.31
N VAL K 38 -41.73 3.48 -1.78
CA VAL K 38 -41.52 3.58 -3.22
C VAL K 38 -40.78 2.34 -3.73
N LEU K 39 -41.41 1.64 -4.66
CA LEU K 39 -40.85 0.43 -5.23
C LEU K 39 -40.39 0.70 -6.65
N ASP K 40 -39.09 0.61 -6.87
CA ASP K 40 -38.50 0.88 -8.18
C ASP K 40 -38.82 -0.22 -9.20
N LYS K 41 -38.95 0.19 -10.44
CA LYS K 41 -39.22 -0.72 -11.55
C LYS K 41 -38.19 -0.42 -12.63
N SER K 42 -37.54 -1.46 -13.14
CA SER K 42 -36.51 -1.29 -14.17
C SER K 42 -36.95 -0.32 -15.27
N PHE K 43 -38.22 -0.41 -15.67
CA PHE K 43 -38.76 0.45 -16.72
C PHE K 43 -39.78 1.48 -16.25
N GLY K 44 -39.44 2.75 -16.41
CA GLY K 44 -40.36 3.81 -16.05
C GLY K 44 -40.19 4.46 -14.70
N ALA K 45 -41.28 5.05 -14.21
CA ALA K 45 -41.29 5.73 -12.92
C ALA K 45 -41.54 4.69 -11.84
N PRO K 46 -41.04 4.95 -10.62
CA PRO K 46 -41.20 4.03 -9.49
C PRO K 46 -42.67 3.93 -9.10
N THR K 47 -42.99 2.91 -8.34
CA THR K 47 -44.34 2.69 -7.86
C THR K 47 -44.41 3.21 -6.44
N ILE K 48 -45.41 4.03 -6.13
CA ILE K 48 -45.55 4.52 -4.77
C ILE K 48 -46.74 3.76 -4.23
N THR K 49 -46.58 3.15 -3.06
CA THR K 49 -47.68 2.37 -2.51
C THR K 49 -47.74 2.39 -0.99
N LYS K 50 -48.90 2.03 -0.46
CA LYS K 50 -49.11 1.93 0.98
C LYS K 50 -49.57 0.51 1.30
N ASP K 51 -49.49 -0.36 0.31
CA ASP K 51 -49.90 -1.75 0.44
C ASP K 51 -48.75 -2.63 0.91
N GLY K 52 -48.85 -3.08 2.16
CA GLY K 52 -47.82 -3.91 2.73
C GLY K 52 -47.54 -5.19 1.98
N VAL K 53 -48.55 -5.70 1.28
CA VAL K 53 -48.37 -6.94 0.53
C VAL K 53 -47.47 -6.69 -0.70
N SER K 54 -47.66 -5.54 -1.34
CA SER K 54 -46.87 -5.20 -2.49
C SER K 54 -45.43 -5.03 -2.05
N VAL K 55 -45.24 -4.32 -0.93
CA VAL K 55 -43.91 -4.09 -0.42
C VAL K 55 -43.22 -5.41 -0.09
N ALA K 56 -43.86 -6.22 0.75
CA ALA K 56 -43.27 -7.48 1.14
C ALA K 56 -42.81 -8.31 -0.07
N ARG K 57 -43.62 -8.31 -1.13
CA ARG K 57 -43.33 -9.06 -2.34
C ARG K 57 -41.95 -8.71 -2.91
N GLU K 58 -41.60 -7.43 -2.84
CA GLU K 58 -40.32 -6.91 -3.36
C GLU K 58 -39.09 -7.17 -2.50
N ILE K 59 -39.29 -7.52 -1.23
CA ILE K 59 -38.16 -7.73 -0.34
C ILE K 59 -37.37 -9.02 -0.55
N GLU K 60 -36.08 -8.85 -0.82
CA GLU K 60 -35.13 -9.93 -1.00
C GLU K 60 -33.78 -9.34 -0.65
N LEU K 61 -33.07 -9.96 0.28
CA LEU K 61 -31.80 -9.44 0.74
C LEU K 61 -30.59 -10.11 0.12
N GLU K 62 -29.49 -9.37 0.00
CA GLU K 62 -28.26 -9.90 -0.57
C GLU K 62 -27.56 -10.93 0.29
N ASP K 63 -27.49 -10.71 1.60
CA ASP K 63 -26.87 -11.67 2.51
C ASP K 63 -27.79 -12.90 2.54
N LYS K 64 -27.26 -14.06 2.13
CA LYS K 64 -28.08 -15.28 2.07
C LYS K 64 -28.80 -15.64 3.38
N PHE K 65 -28.13 -15.46 4.51
CA PHE K 65 -28.72 -15.78 5.80
C PHE K 65 -29.84 -14.82 6.17
N GLU K 66 -29.57 -13.52 6.03
CA GLU K 66 -30.57 -12.52 6.34
C GLU K 66 -31.78 -12.74 5.46
N ASN K 67 -31.53 -13.07 4.19
CA ASN K 67 -32.61 -13.30 3.24
C ASN K 67 -33.51 -14.47 3.66
N MET K 68 -32.91 -15.55 4.14
CA MET K 68 -33.69 -16.70 4.57
C MET K 68 -34.63 -16.25 5.68
N GLY K 69 -34.14 -15.38 6.55
CA GLY K 69 -34.95 -14.89 7.64
C GLY K 69 -36.16 -14.17 7.10
N ALA K 70 -35.90 -13.22 6.21
CA ALA K 70 -36.96 -12.44 5.60
C ALA K 70 -37.92 -13.35 4.84
N GLN K 71 -37.39 -14.23 4.01
CA GLN K 71 -38.24 -15.14 3.23
C GLN K 71 -39.14 -16.03 4.09
N MET K 72 -38.62 -16.45 5.24
CA MET K 72 -39.39 -17.30 6.15
C MET K 72 -40.67 -16.64 6.67
N VAL K 73 -40.55 -15.44 7.24
CA VAL K 73 -41.75 -14.80 7.77
C VAL K 73 -42.60 -14.31 6.61
N LYS K 74 -41.94 -13.93 5.53
CA LYS K 74 -42.61 -13.46 4.32
C LYS K 74 -43.59 -14.53 3.87
N GLU K 75 -43.14 -15.78 3.89
CA GLU K 75 -43.98 -16.91 3.48
C GLU K 75 -45.20 -17.16 4.36
N VAL K 76 -45.00 -17.42 5.66
CA VAL K 76 -46.14 -17.67 6.52
C VAL K 76 -47.04 -16.45 6.69
N ALA K 77 -46.48 -15.26 6.60
CA ALA K 77 -47.31 -14.08 6.73
C ALA K 77 -48.31 -14.03 5.57
N SER K 78 -47.85 -14.40 4.39
CA SER K 78 -48.74 -14.37 3.25
C SER K 78 -49.93 -15.32 3.46
N LYS K 79 -49.68 -16.46 4.09
CA LYS K 79 -50.74 -17.43 4.34
C LYS K 79 -51.90 -16.78 5.07
N ALA K 80 -51.62 -15.76 5.87
CA ALA K 80 -52.67 -15.07 6.59
C ALA K 80 -53.60 -14.38 5.60
N ASN K 81 -53.01 -13.69 4.63
CA ASN K 81 -53.77 -12.99 3.59
C ASN K 81 -54.55 -13.97 2.75
N ASP K 82 -53.95 -15.11 2.44
CA ASP K 82 -54.61 -16.15 1.65
C ASP K 82 -55.85 -16.66 2.38
N ALA K 83 -55.74 -16.82 3.69
CA ALA K 83 -56.84 -17.33 4.51
C ALA K 83 -57.97 -16.36 4.81
N ALA K 84 -57.66 -15.09 5.05
CA ALA K 84 -58.69 -14.12 5.39
C ALA K 84 -58.75 -12.87 4.51
N GLY K 85 -57.89 -12.82 3.50
CA GLY K 85 -57.89 -11.67 2.61
C GLY K 85 -57.25 -10.43 3.21
N ASP K 86 -56.62 -10.59 4.37
CA ASP K 86 -55.97 -9.47 5.03
C ASP K 86 -55.18 -9.95 6.23
N GLY K 87 -54.31 -9.08 6.75
CA GLY K 87 -53.54 -9.44 7.93
C GLY K 87 -52.08 -9.83 7.71
N THR K 88 -51.62 -9.72 6.48
CA THR K 88 -50.24 -10.07 6.18
C THR K 88 -49.25 -9.12 6.85
N THR K 89 -49.54 -7.82 6.80
CA THR K 89 -48.66 -6.86 7.43
C THR K 89 -48.70 -7.07 8.94
N THR K 90 -49.91 -7.22 9.48
CA THR K 90 -50.06 -7.43 10.90
C THR K 90 -49.22 -8.62 11.36
N ALA K 91 -49.39 -9.74 10.66
CA ALA K 91 -48.67 -10.96 10.97
C ALA K 91 -47.16 -10.68 10.97
N THR K 92 -46.71 -9.86 10.03
CA THR K 92 -45.31 -9.52 9.95
C THR K 92 -44.82 -8.71 11.15
N VAL K 93 -45.52 -7.66 11.55
CA VAL K 93 -45.04 -6.91 12.70
C VAL K 93 -45.14 -7.78 13.96
N LEU K 94 -46.13 -8.67 14.00
CA LEU K 94 -46.28 -9.55 15.14
C LEU K 94 -45.08 -10.48 15.21
N ALA K 95 -44.75 -11.09 14.07
CA ALA K 95 -43.61 -12.00 14.07
C ALA K 95 -42.35 -11.28 14.51
N GLN K 96 -42.17 -10.04 14.03
CA GLN K 96 -40.97 -9.30 14.38
C GLN K 96 -40.87 -9.12 15.90
N ALA K 97 -42.00 -8.75 16.50
CA ALA K 97 -42.05 -8.53 17.94
C ALA K 97 -41.72 -9.81 18.69
N ILE K 98 -42.38 -10.91 18.35
CA ILE K 98 -42.12 -12.17 19.03
C ILE K 98 -40.66 -12.59 18.84
N ILE K 99 -40.20 -12.61 17.58
CA ILE K 99 -38.83 -13.01 17.31
C ILE K 99 -37.79 -12.19 18.07
N THR K 100 -37.98 -10.88 18.11
CA THR K 100 -37.03 -10.03 18.81
C THR K 100 -36.91 -10.33 20.29
N GLU K 101 -38.02 -10.32 21.00
CA GLU K 101 -37.98 -10.60 22.43
C GLU K 101 -37.59 -12.03 22.70
N GLY K 102 -38.06 -12.95 21.88
CA GLY K 102 -37.72 -14.35 22.07
C GLY K 102 -36.22 -14.61 21.96
N LEU K 103 -35.58 -14.01 20.95
CA LEU K 103 -34.15 -14.18 20.77
C LEU K 103 -33.40 -13.54 21.94
N LYS K 104 -33.92 -12.44 22.48
CA LYS K 104 -33.28 -11.80 23.63
C LYS K 104 -33.23 -12.85 24.74
N ALA K 105 -34.37 -13.48 25.00
CA ALA K 105 -34.48 -14.51 26.03
C ALA K 105 -33.51 -15.66 25.75
N VAL K 106 -33.45 -16.12 24.51
CA VAL K 106 -32.55 -17.21 24.18
C VAL K 106 -31.11 -16.84 24.50
N ALA K 107 -30.75 -15.60 24.20
CA ALA K 107 -29.39 -15.12 24.46
C ALA K 107 -29.15 -15.02 25.96
N ALA K 108 -30.20 -14.69 26.71
CA ALA K 108 -30.09 -14.59 28.16
C ALA K 108 -29.94 -15.99 28.74
N GLY K 109 -29.97 -17.00 27.87
CA GLY K 109 -29.79 -18.37 28.32
C GLY K 109 -31.05 -19.15 28.64
N MET K 110 -32.21 -18.61 28.27
CA MET K 110 -33.45 -19.32 28.54
C MET K 110 -33.67 -20.39 27.47
N ASN K 111 -34.37 -21.46 27.83
CA ASN K 111 -34.58 -22.56 26.90
C ASN K 111 -35.51 -22.27 25.72
N PRO K 112 -34.98 -22.38 24.50
CA PRO K 112 -35.75 -22.12 23.28
C PRO K 112 -37.05 -22.89 23.21
N MET K 113 -36.99 -24.20 23.44
CA MET K 113 -38.19 -25.02 23.37
C MET K 113 -39.24 -24.56 24.38
N ASP K 114 -38.82 -24.15 25.57
CA ASP K 114 -39.78 -23.69 26.56
C ASP K 114 -40.40 -22.34 26.18
N LEU K 115 -39.57 -21.46 25.62
CA LEU K 115 -40.02 -20.15 25.21
C LEU K 115 -41.10 -20.35 24.15
N LYS K 116 -40.88 -21.32 23.26
CA LYS K 116 -41.85 -21.59 22.22
C LYS K 116 -43.15 -22.11 22.81
N ARG K 117 -43.06 -23.08 23.72
CA ARG K 117 -44.26 -23.63 24.35
C ARG K 117 -45.07 -22.55 25.10
N GLY K 118 -44.38 -21.62 25.73
CA GLY K 118 -45.05 -20.54 26.43
C GLY K 118 -45.75 -19.61 25.45
N ILE K 119 -45.07 -19.30 24.35
CA ILE K 119 -45.64 -18.43 23.30
C ILE K 119 -46.91 -19.11 22.74
N ASP K 120 -46.80 -20.40 22.45
CA ASP K 120 -47.92 -21.15 21.93
C ASP K 120 -49.08 -21.16 22.89
N LYS K 121 -48.79 -21.35 24.17
CA LYS K 121 -49.85 -21.38 25.16
C LYS K 121 -50.59 -20.04 25.14
N ALA K 122 -49.82 -18.96 25.22
CA ALA K 122 -50.38 -17.62 25.19
C ALA K 122 -51.28 -17.42 23.96
N VAL K 123 -50.79 -17.81 22.79
CA VAL K 123 -51.55 -17.66 21.57
C VAL K 123 -52.84 -18.47 21.60
N THR K 124 -52.76 -19.72 22.04
CA THR K 124 -53.95 -20.54 22.11
C THR K 124 -55.00 -19.85 22.97
N ALA K 125 -54.55 -19.39 24.14
CA ALA K 125 -55.42 -18.68 25.07
C ALA K 125 -55.96 -17.41 24.42
N ALA K 126 -55.09 -16.69 23.71
CA ALA K 126 -55.49 -15.46 23.05
C ALA K 126 -56.59 -15.70 22.01
N VAL K 127 -56.49 -16.82 21.28
CA VAL K 127 -57.47 -17.12 20.28
C VAL K 127 -58.84 -17.37 20.89
N GLU K 128 -58.87 -18.01 22.06
CA GLU K 128 -60.15 -18.26 22.71
C GLU K 128 -60.70 -16.95 23.16
N GLU K 129 -59.85 -16.15 23.78
CA GLU K 129 -60.24 -14.85 24.28
C GLU K 129 -60.78 -14.00 23.14
N LEU K 130 -60.28 -14.29 21.94
CA LEU K 130 -60.63 -13.58 20.74
C LEU K 130 -62.03 -13.98 20.25
N LYS K 131 -62.41 -15.24 20.43
CA LYS K 131 -63.73 -15.70 20.02
C LYS K 131 -64.78 -15.09 20.93
N ALA K 132 -64.43 -14.95 22.20
CA ALA K 132 -65.33 -14.38 23.19
C ALA K 132 -65.54 -12.91 22.86
N LEU K 133 -64.44 -12.26 22.49
CA LEU K 133 -64.46 -10.84 22.15
C LEU K 133 -65.29 -10.63 20.90
N SER K 134 -65.29 -11.65 20.05
CA SER K 134 -65.99 -11.65 18.77
C SER K 134 -67.50 -11.38 18.80
N VAL K 135 -67.95 -10.61 17.82
CA VAL K 135 -69.36 -10.25 17.63
C VAL K 135 -69.81 -10.86 16.30
N PRO K 136 -70.91 -11.63 16.32
CA PRO K 136 -71.48 -12.29 15.14
C PRO K 136 -71.89 -11.39 13.99
N CYS K 137 -71.90 -11.96 12.79
CA CYS K 137 -72.29 -11.26 11.58
C CYS K 137 -73.11 -12.27 10.76
N SER K 138 -74.39 -12.41 11.09
CA SER K 138 -75.26 -13.36 10.42
C SER K 138 -76.41 -12.81 9.60
N ASP K 139 -77.28 -12.02 10.19
CA ASP K 139 -78.40 -11.44 9.45
C ASP K 139 -77.84 -10.59 8.32
N SER K 140 -78.53 -10.55 7.18
CA SER K 140 -78.03 -9.78 6.05
C SER K 140 -77.93 -8.28 6.32
N LYS K 141 -78.48 -7.81 7.43
CA LYS K 141 -78.38 -6.40 7.76
C LYS K 141 -76.93 -6.14 8.15
N ALA K 142 -76.38 -7.10 8.90
CA ALA K 142 -75.01 -7.04 9.38
C ALA K 142 -74.07 -7.27 8.21
N ILE K 143 -74.38 -8.28 7.40
CA ILE K 143 -73.56 -8.61 6.25
C ILE K 143 -73.36 -7.36 5.38
N ALA K 144 -74.42 -6.55 5.27
CA ALA K 144 -74.36 -5.32 4.48
C ALA K 144 -73.42 -4.31 5.13
N GLN K 145 -73.57 -4.11 6.43
CA GLN K 145 -72.74 -3.16 7.17
C GLN K 145 -71.25 -3.50 7.06
N VAL K 146 -70.92 -4.77 7.26
CA VAL K 146 -69.54 -5.21 7.15
C VAL K 146 -69.04 -4.94 5.73
N GLY K 147 -69.82 -5.39 4.75
CA GLY K 147 -69.43 -5.18 3.37
C GLY K 147 -69.24 -3.70 3.10
N THR K 148 -70.12 -2.87 3.65
CA THR K 148 -70.02 -1.43 3.46
C THR K 148 -68.75 -0.81 4.09
N ILE K 149 -68.40 -1.27 5.28
CA ILE K 149 -67.23 -0.77 5.97
C ILE K 149 -65.97 -1.20 5.23
N SER K 150 -65.99 -2.42 4.70
CA SER K 150 -64.86 -2.96 3.97
C SER K 150 -64.73 -2.32 2.61
N ALA K 151 -65.87 -1.89 2.05
CA ALA K 151 -65.89 -1.26 0.75
C ALA K 151 -65.54 0.22 0.87
N ASN K 152 -65.07 0.61 2.05
CA ASN K 152 -64.70 2.00 2.32
C ASN K 152 -65.92 2.92 2.46
N SER K 153 -66.94 2.42 3.16
CA SER K 153 -68.18 3.15 3.42
C SER K 153 -69.12 3.27 2.23
N ASP K 154 -68.98 2.36 1.28
CA ASP K 154 -69.83 2.36 0.10
C ASP K 154 -71.03 1.46 0.38
N GLU K 155 -72.17 2.04 0.76
CA GLU K 155 -73.36 1.27 1.05
C GLU K 155 -73.76 0.36 -0.10
N THR K 156 -73.50 0.81 -1.31
CA THR K 156 -73.83 0.06 -2.53
C THR K 156 -73.18 -1.32 -2.55
N VAL K 157 -71.90 -1.36 -2.18
CA VAL K 157 -71.17 -2.61 -2.14
C VAL K 157 -71.76 -3.51 -1.07
N GLY K 158 -72.06 -2.92 0.08
CA GLY K 158 -72.64 -3.69 1.16
C GLY K 158 -73.91 -4.36 0.70
N LYS K 159 -74.77 -3.57 0.06
CA LYS K 159 -76.04 -4.03 -0.48
C LYS K 159 -75.79 -5.17 -1.48
N LEU K 160 -74.97 -4.89 -2.50
CA LEU K 160 -74.62 -5.86 -3.52
C LEU K 160 -74.24 -7.20 -2.92
N ILE K 161 -73.27 -7.18 -2.03
CA ILE K 161 -72.79 -8.40 -1.38
C ILE K 161 -73.88 -9.10 -0.58
N ALA K 162 -74.70 -8.32 0.12
CA ALA K 162 -75.78 -8.87 0.91
C ALA K 162 -76.77 -9.56 -0.01
N GLU K 163 -77.14 -8.91 -1.09
CA GLU K 163 -78.11 -9.48 -2.03
C GLU K 163 -77.53 -10.75 -2.66
N ALA K 164 -76.25 -10.71 -3.02
CA ALA K 164 -75.60 -11.87 -3.64
C ALA K 164 -75.57 -13.06 -2.71
N MET K 165 -75.25 -12.82 -1.44
CA MET K 165 -75.20 -13.90 -0.47
C MET K 165 -76.59 -14.46 -0.22
N ASP K 166 -77.60 -13.60 -0.35
CA ASP K 166 -78.96 -14.03 -0.14
C ASP K 166 -79.39 -14.99 -1.25
N LYS K 167 -78.85 -14.77 -2.45
CA LYS K 167 -79.16 -15.59 -3.60
C LYS K 167 -78.58 -17.00 -3.53
N VAL K 168 -77.28 -17.10 -3.22
CA VAL K 168 -76.63 -18.41 -3.15
C VAL K 168 -76.38 -18.95 -1.76
N GLY K 169 -76.59 -18.13 -0.74
CA GLY K 169 -76.38 -18.62 0.62
C GLY K 169 -75.06 -18.23 1.24
N LYS K 170 -74.94 -18.44 2.55
CA LYS K 170 -73.69 -18.11 3.25
C LYS K 170 -72.55 -18.92 2.64
N GLU K 171 -72.85 -20.18 2.30
CA GLU K 171 -71.86 -21.10 1.74
C GLU K 171 -71.75 -21.03 0.22
N GLY K 172 -72.59 -20.21 -0.42
CA GLY K 172 -72.56 -20.12 -1.87
C GLY K 172 -71.29 -19.59 -2.51
N VAL K 173 -71.20 -19.77 -3.83
CA VAL K 173 -70.05 -19.29 -4.59
C VAL K 173 -70.38 -17.96 -5.24
N ILE K 174 -69.66 -16.89 -4.85
CA ILE K 174 -69.89 -15.57 -5.43
C ILE K 174 -68.71 -15.13 -6.28
N THR K 175 -69.01 -14.55 -7.44
CA THR K 175 -68.01 -14.10 -8.40
C THR K 175 -68.19 -12.62 -8.73
N VAL K 176 -67.12 -11.95 -9.14
CA VAL K 176 -67.22 -10.53 -9.51
C VAL K 176 -66.59 -10.30 -10.88
N GLU K 177 -67.32 -9.64 -11.77
CA GLU K 177 -66.84 -9.36 -13.11
C GLU K 177 -67.10 -7.93 -13.52
N ASP K 178 -66.45 -7.50 -14.60
CA ASP K 178 -66.63 -6.15 -15.12
C ASP K 178 -68.07 -5.99 -15.50
N GLY K 179 -68.60 -4.78 -15.37
CA GLY K 179 -69.99 -4.53 -15.72
C GLY K 179 -70.17 -4.20 -17.18
N THR K 180 -71.38 -4.44 -17.67
CA THR K 180 -71.71 -4.17 -19.07
C THR K 180 -71.90 -2.67 -19.32
N GLY K 181 -72.17 -1.93 -18.25
CA GLY K 181 -72.36 -0.51 -18.35
C GLY K 181 -72.63 0.05 -16.97
N LEU K 182 -73.40 1.12 -16.89
CA LEU K 182 -73.73 1.71 -15.60
C LEU K 182 -74.82 0.82 -15.03
N GLN K 183 -74.79 0.59 -13.72
CA GLN K 183 -75.77 -0.28 -13.05
C GLN K 183 -75.29 -1.72 -12.93
N ASP K 184 -75.18 -2.17 -11.69
CA ASP K 184 -74.72 -3.51 -11.38
C ASP K 184 -75.70 -4.58 -11.87
N GLU K 185 -75.26 -5.84 -11.79
CA GLU K 185 -76.08 -6.97 -12.20
C GLU K 185 -75.76 -8.17 -11.31
N LEU K 186 -76.77 -8.96 -11.00
CA LEU K 186 -76.57 -10.13 -10.18
C LEU K 186 -77.39 -11.24 -10.78
N ASP K 187 -76.82 -12.43 -10.87
CA ASP K 187 -77.54 -13.57 -11.45
C ASP K 187 -76.79 -14.88 -11.22
N VAL K 188 -77.54 -15.91 -10.85
CA VAL K 188 -76.99 -17.23 -10.58
C VAL K 188 -76.91 -18.10 -11.83
N VAL K 189 -75.71 -18.53 -12.19
CA VAL K 189 -75.57 -19.36 -13.37
C VAL K 189 -75.16 -20.78 -12.97
N GLU K 190 -75.48 -21.77 -13.81
CA GLU K 190 -75.09 -23.14 -13.51
C GLU K 190 -73.59 -23.06 -13.32
N GLY K 191 -73.09 -23.63 -12.23
CA GLY K 191 -71.66 -23.53 -12.02
C GLY K 191 -71.22 -24.24 -10.77
N MET K 192 -69.91 -24.37 -10.63
CA MET K 192 -69.35 -25.07 -9.50
C MET K 192 -67.96 -24.56 -9.19
N GLN K 193 -67.45 -24.94 -8.02
CA GLN K 193 -66.11 -24.55 -7.59
C GLN K 193 -65.47 -25.61 -6.73
N PHE K 194 -64.27 -26.07 -7.11
CA PHE K 194 -63.57 -27.07 -6.32
C PHE K 194 -62.21 -26.58 -5.86
N ASP K 195 -61.70 -27.20 -4.81
CA ASP K 195 -60.42 -26.83 -4.18
C ASP K 195 -59.18 -27.37 -4.86
N ARG K 196 -58.83 -26.79 -6.00
CA ARG K 196 -57.65 -27.19 -6.75
C ARG K 196 -57.20 -25.95 -7.49
N GLY K 197 -55.91 -25.69 -7.51
CA GLY K 197 -55.41 -24.52 -8.21
C GLY K 197 -54.66 -24.86 -9.48
N TYR K 198 -54.01 -23.87 -10.05
CA TYR K 198 -53.24 -24.08 -11.26
C TYR K 198 -52.07 -25.01 -10.95
N LEU K 199 -51.88 -26.01 -11.82
CA LEU K 199 -50.79 -26.96 -11.64
C LEU K 199 -49.45 -26.31 -11.93
N SER K 200 -49.46 -24.99 -12.04
CA SER K 200 -48.26 -24.21 -12.32
C SER K 200 -48.63 -22.77 -12.62
N PRO K 201 -47.85 -21.80 -12.12
CA PRO K 201 -48.21 -20.41 -12.43
C PRO K 201 -48.09 -20.31 -13.95
N TYR K 202 -47.66 -19.16 -14.45
CA TYR K 202 -47.52 -19.02 -15.90
C TYR K 202 -48.86 -19.14 -16.62
N PHE K 203 -49.73 -20.04 -16.14
CA PHE K 203 -51.04 -20.16 -16.76
C PHE K 203 -51.78 -18.87 -16.39
N ILE K 204 -51.21 -18.15 -15.41
CA ILE K 204 -51.77 -16.89 -14.92
C ILE K 204 -51.79 -15.81 -16.00
N ASN K 205 -52.98 -15.30 -16.30
CA ASN K 205 -53.13 -14.25 -17.30
C ASN K 205 -53.70 -12.98 -16.67
N LYS K 206 -53.86 -13.02 -15.35
CA LYS K 206 -54.36 -11.89 -14.58
C LYS K 206 -53.43 -11.73 -13.39
N PRO K 207 -52.19 -11.25 -13.64
CA PRO K 207 -51.16 -11.04 -12.62
C PRO K 207 -51.57 -10.19 -11.41
N GLU K 208 -52.59 -9.37 -11.59
CA GLU K 208 -53.09 -8.53 -10.50
C GLU K 208 -53.82 -9.42 -9.51
N THR K 209 -54.65 -10.32 -10.05
CA THR K 209 -55.43 -11.28 -9.27
C THR K 209 -54.60 -12.53 -9.05
N GLY K 210 -53.53 -12.67 -9.81
CA GLY K 210 -52.67 -13.82 -9.70
C GLY K 210 -53.47 -15.06 -9.97
N ALA K 211 -54.39 -14.96 -10.92
CA ALA K 211 -55.24 -16.09 -11.27
C ALA K 211 -55.35 -16.28 -12.78
N VAL K 212 -55.93 -17.40 -13.16
CA VAL K 212 -56.14 -17.71 -14.57
C VAL K 212 -57.59 -17.40 -14.90
N GLU K 213 -57.81 -16.81 -16.08
CA GLU K 213 -59.16 -16.44 -16.48
C GLU K 213 -59.37 -16.78 -17.95
N LEU K 214 -60.16 -17.83 -18.21
CA LEU K 214 -60.44 -18.27 -19.57
C LEU K 214 -61.90 -18.02 -19.93
N GLU K 215 -62.15 -17.50 -21.13
CA GLU K 215 -63.51 -17.21 -21.54
C GLU K 215 -64.03 -18.16 -22.61
N SER K 216 -65.22 -18.70 -22.37
CA SER K 216 -65.86 -19.66 -23.27
C SER K 216 -64.90 -20.77 -23.65
N PRO K 217 -64.21 -21.35 -22.66
CA PRO K 217 -63.24 -22.43 -22.90
C PRO K 217 -63.86 -23.81 -22.99
N PHE K 218 -63.06 -24.75 -23.48
CA PHE K 218 -63.45 -26.15 -23.58
C PHE K 218 -62.88 -26.78 -22.33
N ILE K 219 -63.52 -27.81 -21.83
CA ILE K 219 -63.02 -28.46 -20.62
C ILE K 219 -62.74 -29.94 -20.85
N LEU K 220 -61.47 -30.32 -20.74
CA LEU K 220 -61.10 -31.72 -20.92
C LEU K 220 -61.13 -32.47 -19.59
N LEU K 221 -62.01 -33.46 -19.49
CA LEU K 221 -62.14 -34.26 -18.28
C LEU K 221 -61.56 -35.63 -18.51
N ALA K 222 -60.32 -35.82 -18.06
CA ALA K 222 -59.60 -37.09 -18.21
C ALA K 222 -59.28 -37.74 -16.87
N ASP K 223 -59.91 -38.88 -16.61
CA ASP K 223 -59.69 -39.60 -15.37
C ASP K 223 -58.41 -40.39 -15.48
N LYS K 224 -57.28 -39.72 -15.26
CA LYS K 224 -55.97 -40.35 -15.31
C LYS K 224 -54.86 -39.31 -15.44
N LYS K 225 -53.66 -39.68 -15.02
CA LYS K 225 -52.51 -38.78 -15.08
C LYS K 225 -52.00 -38.58 -16.50
N ILE K 226 -51.62 -37.34 -16.81
CA ILE K 226 -51.11 -37.00 -18.13
C ILE K 226 -49.66 -36.52 -18.01
N SER K 227 -48.72 -37.32 -18.51
CA SER K 227 -47.31 -36.99 -18.44
C SER K 227 -46.69 -36.65 -19.79
N ASN K 228 -47.32 -37.12 -20.86
CA ASN K 228 -46.81 -36.88 -22.20
C ASN K 228 -47.85 -36.18 -23.09
N ILE K 229 -47.47 -35.03 -23.64
CA ILE K 229 -48.36 -34.25 -24.48
C ILE K 229 -48.57 -34.86 -25.86
N ARG K 230 -48.35 -36.16 -25.97
CA ARG K 230 -48.50 -36.85 -27.24
C ARG K 230 -49.96 -37.22 -27.46
N GLU K 231 -50.64 -37.57 -26.36
CA GLU K 231 -52.05 -37.94 -26.41
C GLU K 231 -52.88 -36.68 -26.60
N MET K 232 -52.30 -35.57 -26.18
CA MET K 232 -52.98 -34.28 -26.27
C MET K 232 -53.15 -33.74 -27.67
N LEU K 233 -52.10 -33.84 -28.47
CA LEU K 233 -52.11 -33.33 -29.85
C LEU K 233 -53.44 -33.36 -30.59
N PRO K 234 -54.08 -34.53 -30.70
CA PRO K 234 -55.36 -34.62 -31.40
C PRO K 234 -56.44 -33.70 -30.83
N VAL K 235 -56.46 -33.55 -29.50
CA VAL K 235 -57.43 -32.70 -28.84
C VAL K 235 -56.95 -31.26 -28.73
N LEU K 236 -55.64 -31.07 -28.65
CA LEU K 236 -55.07 -29.73 -28.57
C LEU K 236 -55.23 -28.99 -29.90
N GLU K 237 -55.24 -29.74 -31.00
CA GLU K 237 -55.38 -29.14 -32.31
C GLU K 237 -56.85 -28.83 -32.56
N ALA K 238 -57.74 -29.73 -32.17
CA ALA K 238 -59.16 -29.51 -32.35
C ALA K 238 -59.56 -28.22 -31.63
N VAL K 239 -58.79 -27.87 -30.59
CA VAL K 239 -59.03 -26.67 -29.82
C VAL K 239 -58.34 -25.46 -30.45
N ALA K 240 -57.23 -25.68 -31.15
CA ALA K 240 -56.53 -24.59 -31.81
C ALA K 240 -57.52 -24.04 -32.84
N LYS K 241 -58.33 -24.94 -33.38
CA LYS K 241 -59.39 -24.59 -34.32
C LYS K 241 -60.49 -24.07 -33.42
N ALA K 242 -61.31 -23.15 -33.93
CA ALA K 242 -62.38 -22.56 -33.13
C ALA K 242 -61.75 -21.53 -32.19
N GLY K 243 -60.41 -21.46 -32.22
CA GLY K 243 -59.66 -20.52 -31.41
C GLY K 243 -60.19 -20.25 -30.01
N LYS K 244 -60.45 -21.32 -29.26
CA LYS K 244 -60.96 -21.22 -27.89
C LYS K 244 -59.98 -21.81 -26.87
N PRO K 245 -59.94 -21.23 -25.66
CA PRO K 245 -59.03 -21.73 -24.63
C PRO K 245 -59.43 -23.14 -24.16
N LEU K 246 -58.55 -23.77 -23.38
CA LEU K 246 -58.80 -25.11 -22.87
C LEU K 246 -58.40 -25.31 -21.41
N LEU K 247 -59.29 -25.92 -20.64
CA LEU K 247 -59.02 -26.23 -19.25
C LEU K 247 -58.88 -27.74 -19.18
N ILE K 248 -57.75 -28.21 -18.68
CA ILE K 248 -57.53 -29.65 -18.54
C ILE K 248 -57.76 -30.07 -17.09
N ILE K 249 -58.74 -30.93 -16.87
CA ILE K 249 -59.03 -31.42 -15.53
C ILE K 249 -58.74 -32.93 -15.49
N ALA K 250 -57.52 -33.29 -15.15
CA ALA K 250 -57.11 -34.69 -15.08
C ALA K 250 -56.63 -35.06 -13.68
N GLU K 251 -56.37 -36.35 -13.46
CA GLU K 251 -55.89 -36.83 -12.17
C GLU K 251 -54.65 -36.03 -11.80
N ASP K 252 -53.90 -35.63 -12.82
CA ASP K 252 -52.69 -34.82 -12.64
C ASP K 252 -52.01 -34.60 -14.00
N VAL K 253 -51.19 -33.56 -14.09
CA VAL K 253 -50.47 -33.25 -15.33
C VAL K 253 -49.00 -33.06 -14.97
N GLU K 254 -48.16 -34.00 -15.41
CA GLU K 254 -46.72 -34.02 -15.12
C GLU K 254 -45.71 -33.64 -16.19
N GLY K 255 -44.54 -33.25 -15.71
CA GLY K 255 -43.40 -32.86 -16.53
C GLY K 255 -43.55 -32.63 -18.02
N GLU K 256 -43.25 -33.68 -18.81
CA GLU K 256 -43.32 -33.60 -20.27
C GLU K 256 -44.55 -32.86 -20.80
N ALA K 257 -45.73 -33.30 -20.39
CA ALA K 257 -46.98 -32.67 -20.82
C ALA K 257 -47.16 -31.28 -20.20
N LEU K 258 -46.99 -31.20 -18.88
CA LEU K 258 -47.15 -29.94 -18.16
C LEU K 258 -46.18 -28.87 -18.63
N ALA K 259 -44.92 -29.25 -18.86
CA ALA K 259 -43.91 -28.31 -19.32
C ALA K 259 -44.26 -27.78 -20.71
N THR K 260 -44.76 -28.67 -21.56
CA THR K 260 -45.13 -28.30 -22.92
C THR K 260 -46.33 -27.34 -22.93
N LEU K 261 -47.25 -27.53 -21.98
CA LEU K 261 -48.41 -26.66 -21.89
C LEU K 261 -47.97 -25.30 -21.38
N VAL K 262 -47.18 -25.29 -20.31
CA VAL K 262 -46.70 -24.04 -19.73
C VAL K 262 -45.96 -23.20 -20.78
N VAL K 263 -45.44 -23.87 -21.81
CA VAL K 263 -44.72 -23.17 -22.87
C VAL K 263 -45.67 -22.68 -23.96
N ASN K 264 -46.26 -23.59 -24.72
CA ASN K 264 -47.17 -23.22 -25.80
C ASN K 264 -48.18 -22.14 -25.46
N THR K 265 -48.77 -22.17 -24.27
CA THR K 265 -49.75 -21.15 -23.89
C THR K 265 -49.02 -19.84 -23.61
N MET K 266 -47.84 -19.96 -23.02
CA MET K 266 -47.03 -18.79 -22.66
C MET K 266 -46.43 -18.17 -23.92
N ARG K 267 -46.80 -18.71 -25.08
CA ARG K 267 -46.34 -18.22 -26.38
C ARG K 267 -47.52 -17.87 -27.25
N GLY K 268 -48.72 -17.90 -26.67
CA GLY K 268 -49.90 -17.56 -27.44
C GLY K 268 -50.34 -18.65 -28.39
N ILE K 269 -49.65 -19.79 -28.34
CA ILE K 269 -50.01 -20.92 -29.21
C ILE K 269 -51.14 -21.71 -28.51
N VAL K 270 -52.29 -21.06 -28.36
CA VAL K 270 -53.48 -21.65 -27.71
C VAL K 270 -53.43 -21.55 -26.17
N LYS K 271 -54.45 -20.91 -25.59
CA LYS K 271 -54.56 -20.74 -24.14
C LYS K 271 -55.00 -22.04 -23.46
N VAL K 272 -54.19 -22.52 -22.53
CA VAL K 272 -54.50 -23.74 -21.81
C VAL K 272 -54.11 -23.60 -20.35
N ALA K 273 -54.85 -24.29 -19.50
CA ALA K 273 -54.60 -24.28 -18.06
C ALA K 273 -54.97 -25.66 -17.55
N ALA K 274 -54.16 -26.22 -16.66
CA ALA K 274 -54.44 -27.54 -16.13
C ALA K 274 -54.50 -27.54 -14.60
N VAL K 275 -55.40 -28.35 -14.05
CA VAL K 275 -55.59 -28.47 -12.61
C VAL K 275 -55.99 -29.90 -12.30
N LYS K 276 -55.67 -30.39 -11.11
CA LYS K 276 -56.01 -31.75 -10.73
C LYS K 276 -57.52 -31.87 -10.52
N ALA K 277 -58.04 -33.08 -10.70
CA ALA K 277 -59.46 -33.29 -10.46
C ALA K 277 -59.62 -33.19 -8.94
N PRO K 278 -60.76 -32.68 -8.47
CA PRO K 278 -61.03 -32.54 -7.04
C PRO K 278 -61.06 -33.86 -6.27
N GLY K 279 -60.54 -33.85 -5.04
CA GLY K 279 -60.54 -35.06 -4.22
C GLY K 279 -59.59 -36.16 -4.64
N PHE K 280 -59.81 -37.37 -4.11
CA PHE K 280 -58.97 -38.51 -4.44
C PHE K 280 -59.75 -39.83 -4.39
N GLY K 281 -59.16 -40.89 -4.94
CA GLY K 281 -59.81 -42.19 -4.94
C GLY K 281 -61.12 -42.24 -5.70
N ASP K 282 -62.08 -43.00 -5.17
CA ASP K 282 -63.38 -43.15 -5.79
C ASP K 282 -64.14 -41.84 -5.94
N ARG K 283 -64.30 -41.11 -4.84
CA ARG K 283 -65.03 -39.85 -4.88
C ARG K 283 -64.46 -38.89 -5.92
N ARG K 284 -63.19 -39.07 -6.27
CA ARG K 284 -62.56 -38.20 -7.27
C ARG K 284 -63.17 -38.49 -8.63
N LYS K 285 -63.48 -39.76 -8.87
CA LYS K 285 -64.08 -40.18 -10.12
C LYS K 285 -65.52 -39.77 -10.18
N ALA K 286 -66.19 -39.80 -9.04
CA ALA K 286 -67.59 -39.40 -8.99
C ALA K 286 -67.73 -37.91 -9.29
N MET K 287 -66.84 -37.10 -8.72
CA MET K 287 -66.85 -35.66 -8.94
C MET K 287 -66.43 -35.23 -10.35
N LEU K 288 -65.55 -36.01 -10.99
CA LEU K 288 -65.14 -35.66 -12.33
C LEU K 288 -66.36 -35.74 -13.23
N GLN K 289 -67.25 -36.70 -12.92
CA GLN K 289 -68.47 -36.88 -13.68
C GLN K 289 -69.41 -35.73 -13.40
N ASP K 290 -69.48 -35.31 -12.14
CA ASP K 290 -70.31 -34.19 -11.74
C ASP K 290 -69.96 -32.97 -12.60
N ILE K 291 -68.67 -32.70 -12.71
CA ILE K 291 -68.21 -31.57 -13.51
C ILE K 291 -68.63 -31.81 -14.95
N ALA K 292 -68.51 -33.05 -15.40
CA ALA K 292 -68.89 -33.42 -16.77
C ALA K 292 -70.34 -33.03 -17.04
N THR K 293 -71.24 -33.54 -16.21
CA THR K 293 -72.66 -33.24 -16.35
C THR K 293 -72.93 -31.74 -16.42
N LEU K 294 -72.26 -31.01 -15.55
CA LEU K 294 -72.41 -29.56 -15.46
C LEU K 294 -71.94 -28.83 -16.71
N THR K 295 -70.82 -29.27 -17.26
CA THR K 295 -70.25 -28.63 -18.44
C THR K 295 -70.66 -29.29 -19.76
N GLY K 296 -71.47 -30.34 -19.68
CA GLY K 296 -71.91 -31.04 -20.88
C GLY K 296 -70.76 -31.70 -21.60
N GLY K 297 -69.90 -32.37 -20.84
CA GLY K 297 -68.76 -33.03 -21.43
C GLY K 297 -68.77 -34.52 -21.12
N THR K 298 -67.78 -35.23 -21.63
CA THR K 298 -67.67 -36.66 -21.42
C THR K 298 -66.33 -36.94 -20.74
N VAL K 299 -66.37 -37.78 -19.72
CA VAL K 299 -65.16 -38.12 -18.96
C VAL K 299 -64.40 -39.22 -19.66
N ILE K 300 -63.15 -38.93 -20.04
CA ILE K 300 -62.30 -39.90 -20.72
C ILE K 300 -61.53 -40.74 -19.71
N SER K 301 -62.09 -41.88 -19.33
CA SER K 301 -61.42 -42.76 -18.38
C SER K 301 -60.79 -43.98 -19.04
N GLU K 302 -59.55 -44.26 -18.67
CA GLU K 302 -58.83 -45.41 -19.21
C GLU K 302 -59.56 -46.69 -18.85
N GLU K 303 -60.27 -46.67 -17.72
CA GLU K 303 -61.02 -47.83 -17.25
C GLU K 303 -61.94 -48.38 -18.33
N ILE K 304 -62.91 -47.58 -18.76
CA ILE K 304 -63.83 -48.01 -19.79
C ILE K 304 -63.09 -48.22 -21.11
N GLY K 305 -61.80 -47.94 -21.11
CA GLY K 305 -60.99 -48.11 -22.29
C GLY K 305 -61.14 -47.00 -23.32
N MET K 306 -60.92 -45.76 -22.87
CA MET K 306 -61.02 -44.61 -23.77
C MET K 306 -59.63 -44.01 -23.93
N GLU K 307 -59.44 -43.26 -25.01
CA GLU K 307 -58.14 -42.65 -25.27
C GLU K 307 -58.23 -41.16 -25.63
N LEU K 308 -57.27 -40.38 -25.12
CA LEU K 308 -57.25 -38.96 -25.41
C LEU K 308 -57.03 -38.70 -26.90
N GLU K 309 -56.39 -39.66 -27.58
CA GLU K 309 -56.11 -39.51 -29.00
C GLU K 309 -57.39 -39.61 -29.82
N LYS K 310 -58.38 -40.29 -29.26
CA LYS K 310 -59.65 -40.47 -29.94
C LYS K 310 -60.74 -39.54 -29.39
N ALA K 311 -60.32 -38.52 -28.64
CA ALA K 311 -61.25 -37.57 -28.07
C ALA K 311 -61.42 -36.37 -29.00
N THR K 312 -62.69 -35.99 -29.23
CA THR K 312 -63.00 -34.87 -30.11
C THR K 312 -63.62 -33.71 -29.33
N LEU K 313 -63.69 -32.54 -29.96
CA LEU K 313 -64.28 -31.37 -29.30
C LEU K 313 -65.63 -31.73 -28.70
N GLU K 314 -66.30 -32.70 -29.32
CA GLU K 314 -67.62 -33.15 -28.87
C GLU K 314 -67.59 -33.70 -27.44
N ASP K 315 -66.48 -34.33 -27.05
CA ASP K 315 -66.34 -34.90 -25.70
C ASP K 315 -66.00 -33.85 -24.67
N LEU K 316 -65.52 -32.70 -25.13
CA LEU K 316 -65.14 -31.60 -24.27
C LEU K 316 -66.34 -30.90 -23.64
N GLY K 317 -66.20 -30.51 -22.38
CA GLY K 317 -67.26 -29.80 -21.69
C GLY K 317 -67.13 -28.34 -22.09
N GLN K 318 -68.00 -27.48 -21.58
CA GLN K 318 -67.93 -26.08 -21.96
C GLN K 318 -68.55 -25.15 -20.93
N ALA K 319 -68.03 -23.93 -20.86
CA ALA K 319 -68.55 -22.93 -19.92
C ALA K 319 -68.14 -21.54 -20.37
N LYS K 320 -68.93 -20.54 -19.96
CA LYS K 320 -68.66 -19.16 -20.33
C LYS K 320 -67.40 -18.54 -19.73
N ARG K 321 -66.94 -19.07 -18.61
CA ARG K 321 -65.76 -18.50 -18.00
C ARG K 321 -65.34 -19.33 -16.80
N VAL K 322 -64.04 -19.55 -16.65
CA VAL K 322 -63.50 -20.32 -15.52
C VAL K 322 -62.39 -19.50 -14.88
N VAL K 323 -62.27 -19.57 -13.56
CA VAL K 323 -61.23 -18.82 -12.87
C VAL K 323 -60.44 -19.72 -11.92
N ILE K 324 -59.12 -19.73 -12.09
CA ILE K 324 -58.24 -20.57 -11.28
C ILE K 324 -57.28 -19.80 -10.38
N ASN K 325 -57.24 -20.18 -9.11
CA ASN K 325 -56.39 -19.56 -8.10
C ASN K 325 -55.18 -20.43 -7.81
N LYS K 326 -54.52 -20.09 -6.71
CA LYS K 326 -53.38 -20.83 -6.24
C LYS K 326 -53.94 -22.14 -5.72
N ASP K 327 -55.19 -22.10 -5.26
CA ASP K 327 -55.85 -23.30 -4.74
C ASP K 327 -57.35 -23.42 -5.00
N THR K 328 -57.86 -22.71 -5.99
CA THR K 328 -59.28 -22.81 -6.31
C THR K 328 -59.60 -22.71 -7.80
N THR K 329 -60.43 -23.64 -8.26
CA THR K 329 -60.86 -23.65 -9.66
C THR K 329 -62.36 -23.46 -9.63
N THR K 330 -62.85 -22.48 -10.38
CA THR K 330 -64.28 -22.22 -10.39
C THR K 330 -64.85 -22.02 -11.79
N ILE K 331 -65.75 -22.94 -12.14
CA ILE K 331 -66.43 -22.97 -13.44
C ILE K 331 -67.73 -22.17 -13.39
N ILE K 332 -67.83 -21.17 -14.26
CA ILE K 332 -69.00 -20.31 -14.31
C ILE K 332 -69.87 -20.49 -15.55
N ASP K 333 -71.12 -20.90 -15.34
CA ASP K 333 -72.07 -21.10 -16.42
C ASP K 333 -71.67 -22.21 -17.39
N GLY K 334 -71.95 -23.44 -17.00
CA GLY K 334 -71.63 -24.59 -17.83
C GLY K 334 -72.77 -24.86 -18.79
N VAL K 335 -72.43 -25.32 -19.99
CA VAL K 335 -73.43 -25.59 -21.02
C VAL K 335 -74.32 -26.78 -20.70
N GLY K 336 -74.04 -27.45 -19.59
CA GLY K 336 -74.84 -28.60 -19.21
C GLY K 336 -76.34 -28.37 -19.31
N GLU K 337 -77.06 -29.40 -19.74
CA GLU K 337 -78.51 -29.36 -19.89
C GLU K 337 -79.26 -29.47 -18.57
N GLU K 338 -80.18 -28.54 -18.33
CA GLU K 338 -80.95 -28.50 -17.09
C GLU K 338 -81.48 -29.89 -16.74
N ALA K 339 -81.69 -30.70 -17.78
CA ALA K 339 -82.18 -32.06 -17.60
C ALA K 339 -81.07 -32.95 -17.06
N ALA K 340 -79.93 -32.96 -17.76
CA ALA K 340 -78.77 -33.77 -17.35
C ALA K 340 -78.34 -33.44 -15.93
N ILE K 341 -78.09 -32.16 -15.69
CA ILE K 341 -77.68 -31.68 -14.38
C ILE K 341 -78.68 -32.09 -13.31
N GLN K 342 -79.91 -31.63 -13.45
CA GLN K 342 -80.94 -31.95 -12.46
C GLN K 342 -81.10 -33.45 -12.32
N GLY K 343 -80.82 -34.18 -13.39
CA GLY K 343 -80.93 -35.63 -13.34
C GLY K 343 -79.83 -36.21 -12.48
N ARG K 344 -78.66 -35.58 -12.56
CA ARG K 344 -77.49 -35.99 -11.80
C ARG K 344 -77.73 -35.75 -10.32
N VAL K 345 -78.34 -34.60 -10.00
CA VAL K 345 -78.65 -34.25 -8.63
C VAL K 345 -79.59 -35.31 -8.03
N ALA K 346 -80.37 -35.94 -8.90
CA ALA K 346 -81.31 -36.98 -8.49
C ALA K 346 -80.59 -38.21 -7.97
N GLN K 347 -79.72 -38.79 -8.77
CA GLN K 347 -78.98 -39.99 -8.34
C GLN K 347 -78.29 -39.69 -7.03
N ILE K 348 -77.47 -38.64 -7.03
CA ILE K 348 -76.72 -38.24 -5.84
C ILE K 348 -77.64 -38.07 -4.64
N ARG K 349 -78.85 -37.56 -4.87
CA ARG K 349 -79.80 -37.36 -3.78
C ARG K 349 -80.43 -38.70 -3.39
N GLN K 350 -80.29 -39.69 -4.29
CA GLN K 350 -80.79 -41.03 -4.07
C GLN K 350 -79.74 -41.76 -3.22
N GLN K 351 -78.48 -41.56 -3.57
CA GLN K 351 -77.36 -42.18 -2.88
C GLN K 351 -77.44 -41.86 -1.39
N ILE K 352 -77.79 -40.61 -1.09
CA ILE K 352 -77.90 -40.14 0.28
C ILE K 352 -78.86 -40.98 1.11
N GLU K 353 -79.86 -41.55 0.44
CA GLU K 353 -80.85 -42.40 1.11
C GLU K 353 -80.24 -43.77 1.39
N GLU K 354 -79.63 -44.33 0.36
CA GLU K 354 -78.99 -45.64 0.45
C GLU K 354 -77.67 -45.54 1.20
N ALA K 355 -77.46 -44.38 1.85
CA ALA K 355 -76.23 -44.15 2.61
C ALA K 355 -76.27 -44.92 3.93
N THR K 356 -75.30 -45.81 4.12
CA THR K 356 -75.21 -46.62 5.32
C THR K 356 -74.38 -45.97 6.43
N SER K 357 -73.72 -44.87 6.08
CA SER K 357 -72.88 -44.14 7.03
C SER K 357 -73.09 -42.63 6.92
N ASP K 358 -72.62 -41.92 7.93
CA ASP K 358 -72.75 -40.46 7.94
C ASP K 358 -71.74 -39.81 7.03
N TYR K 359 -70.47 -40.22 7.18
CA TYR K 359 -69.41 -39.66 6.34
C TYR K 359 -69.84 -39.71 4.88
N ASP K 360 -70.33 -40.87 4.46
CA ASP K 360 -70.78 -41.05 3.09
C ASP K 360 -71.95 -40.13 2.75
N ARG K 361 -72.70 -39.77 3.79
CA ARG K 361 -73.86 -38.90 3.62
C ARG K 361 -73.40 -37.46 3.47
N GLU K 362 -72.49 -37.03 4.35
CA GLU K 362 -71.96 -35.68 4.30
C GLU K 362 -71.38 -35.43 2.92
N LYS K 363 -70.45 -36.28 2.53
CA LYS K 363 -69.77 -36.16 1.24
C LYS K 363 -70.70 -36.06 0.03
N LEU K 364 -71.81 -36.79 0.05
CA LEU K 364 -72.76 -36.74 -1.06
C LEU K 364 -73.51 -35.42 -1.06
N GLN K 365 -73.84 -34.92 0.13
CA GLN K 365 -74.54 -33.65 0.27
C GLN K 365 -73.65 -32.53 -0.27
N GLU K 366 -72.34 -32.65 -0.05
CA GLU K 366 -71.40 -31.65 -0.53
C GLU K 366 -71.49 -31.57 -2.05
N ARG K 367 -71.59 -32.74 -2.69
CA ARG K 367 -71.68 -32.80 -4.13
C ARG K 367 -72.94 -32.22 -4.71
N VAL K 368 -74.10 -32.49 -4.10
CA VAL K 368 -75.34 -31.92 -4.62
C VAL K 368 -75.29 -30.42 -4.40
N ALA K 369 -74.79 -30.01 -3.24
CA ALA K 369 -74.68 -28.60 -2.91
C ALA K 369 -73.95 -27.82 -4.00
N LYS K 370 -72.85 -28.39 -4.50
CA LYS K 370 -72.06 -27.75 -5.56
C LYS K 370 -72.84 -27.66 -6.86
N LEU K 371 -73.37 -28.80 -7.28
CA LEU K 371 -74.13 -28.92 -8.51
C LEU K 371 -75.41 -28.12 -8.52
N ALA K 372 -76.30 -28.42 -7.58
CA ALA K 372 -77.58 -27.72 -7.50
C ALA K 372 -77.42 -26.27 -7.06
N GLY K 373 -76.39 -25.98 -6.29
CA GLY K 373 -76.16 -24.63 -5.79
C GLY K 373 -75.95 -23.55 -6.83
N GLY K 374 -75.08 -23.80 -7.80
CA GLY K 374 -74.83 -22.82 -8.84
C GLY K 374 -73.77 -21.82 -8.45
N VAL K 375 -73.70 -20.72 -9.17
CA VAL K 375 -72.72 -19.67 -8.93
C VAL K 375 -73.28 -18.27 -9.15
N ALA K 376 -73.15 -17.41 -8.14
CA ALA K 376 -73.64 -16.04 -8.25
C ALA K 376 -72.62 -15.19 -8.99
N VAL K 377 -73.09 -14.33 -9.89
CA VAL K 377 -72.20 -13.49 -10.65
C VAL K 377 -72.57 -12.03 -10.49
N ILE K 378 -71.67 -11.28 -9.88
CA ILE K 378 -71.87 -9.85 -9.66
C ILE K 378 -71.12 -9.08 -10.74
N LYS K 379 -71.85 -8.34 -11.56
CA LYS K 379 -71.24 -7.51 -12.59
C LYS K 379 -71.28 -6.08 -12.05
N VAL K 380 -70.11 -5.49 -11.81
CA VAL K 380 -70.05 -4.13 -11.25
C VAL K 380 -70.24 -3.01 -12.28
N GLY K 381 -71.26 -2.18 -12.05
CA GLY K 381 -71.53 -1.09 -12.96
C GLY K 381 -70.92 0.24 -12.55
N ALA K 382 -70.80 1.15 -13.50
CA ALA K 382 -70.23 2.48 -13.25
C ALA K 382 -70.41 3.38 -14.46
N ALA K 383 -70.12 4.66 -14.28
CA ALA K 383 -70.24 5.64 -15.35
C ALA K 383 -69.07 5.61 -16.34
N THR K 384 -67.88 5.32 -15.84
CA THR K 384 -66.69 5.26 -16.69
C THR K 384 -65.97 3.95 -16.43
N GLU K 385 -65.15 3.50 -17.39
CA GLU K 385 -64.41 2.25 -17.22
C GLU K 385 -63.51 2.30 -16.00
N VAL K 386 -62.91 3.47 -15.78
CA VAL K 386 -62.02 3.68 -14.64
C VAL K 386 -62.77 3.42 -13.34
N GLU K 387 -63.87 4.13 -13.14
CA GLU K 387 -64.65 3.96 -11.93
C GLU K 387 -65.10 2.51 -11.77
N MET K 388 -65.56 1.92 -12.86
CA MET K 388 -66.03 0.54 -12.88
C MET K 388 -64.94 -0.39 -12.36
N LYS K 389 -63.78 -0.35 -12.99
CA LYS K 389 -62.66 -1.20 -12.59
C LYS K 389 -62.26 -0.96 -11.12
N GLU K 390 -62.41 0.27 -10.67
CA GLU K 390 -62.06 0.62 -9.30
C GLU K 390 -63.06 -0.04 -8.34
N LYS K 391 -64.35 0.23 -8.55
CA LYS K 391 -65.40 -0.34 -7.73
C LYS K 391 -65.33 -1.87 -7.73
N LYS K 392 -64.96 -2.44 -8.88
CA LYS K 392 -64.86 -3.89 -8.98
C LYS K 392 -63.89 -4.38 -7.94
N ALA K 393 -62.77 -3.69 -7.82
CA ALA K 393 -61.74 -4.06 -6.84
C ALA K 393 -62.29 -3.92 -5.41
N ARG K 394 -63.00 -2.82 -5.12
CA ARG K 394 -63.56 -2.64 -3.79
C ARG K 394 -64.61 -3.69 -3.48
N VAL K 395 -65.33 -4.15 -4.50
CA VAL K 395 -66.34 -5.18 -4.29
C VAL K 395 -65.64 -6.49 -3.98
N GLU K 396 -64.60 -6.80 -4.73
CA GLU K 396 -63.84 -8.04 -4.52
C GLU K 396 -63.24 -8.13 -3.12
N ASP K 397 -62.74 -7.00 -2.62
CA ASP K 397 -62.15 -6.97 -1.30
C ASP K 397 -63.22 -7.13 -0.24
N ALA K 398 -64.20 -6.23 -0.26
CA ALA K 398 -65.33 -6.25 0.68
C ALA K 398 -65.97 -7.64 0.73
N LEU K 399 -65.92 -8.35 -0.39
CA LEU K 399 -66.49 -9.67 -0.47
C LEU K 399 -65.71 -10.64 0.41
N HIS K 400 -64.39 -10.70 0.24
CA HIS K 400 -63.56 -11.60 1.06
C HIS K 400 -63.73 -11.28 2.53
N ALA K 401 -63.75 -9.99 2.84
CA ALA K 401 -63.90 -9.53 4.20
C ALA K 401 -65.20 -10.03 4.82
N THR K 402 -66.31 -9.75 4.14
CA THR K 402 -67.63 -10.16 4.61
C THR K 402 -67.70 -11.68 4.74
N ARG K 403 -67.08 -12.37 3.78
CA ARG K 403 -67.05 -13.82 3.77
C ARG K 403 -66.46 -14.33 5.09
N ALA K 404 -65.34 -13.74 5.48
CA ALA K 404 -64.64 -14.09 6.70
C ALA K 404 -65.43 -13.67 7.93
N ALA K 405 -66.14 -12.55 7.82
CA ALA K 405 -66.94 -12.05 8.93
C ALA K 405 -68.10 -13.01 9.19
N VAL K 406 -68.72 -13.47 8.12
CA VAL K 406 -69.83 -14.41 8.25
C VAL K 406 -69.36 -15.70 8.91
N GLU K 407 -68.10 -16.05 8.67
CA GLU K 407 -67.54 -17.26 9.24
C GLU K 407 -67.19 -17.18 10.73
N GLU K 408 -66.54 -16.10 11.16
CA GLU K 408 -66.12 -15.97 12.56
C GLU K 408 -66.42 -14.65 13.24
N GLY K 409 -67.25 -13.82 12.62
CA GLY K 409 -67.59 -12.55 13.23
C GLY K 409 -66.52 -11.47 13.10
N VAL K 410 -66.71 -10.40 13.87
CA VAL K 410 -65.80 -9.27 13.86
C VAL K 410 -65.40 -8.87 15.27
N VAL K 411 -64.26 -8.18 15.38
CA VAL K 411 -63.73 -7.68 16.65
C VAL K 411 -63.20 -6.30 16.34
N ALA K 412 -62.80 -5.58 17.39
CA ALA K 412 -62.29 -4.24 17.20
C ALA K 412 -61.05 -4.25 16.32
N GLY K 413 -61.00 -3.31 15.38
CA GLY K 413 -59.86 -3.21 14.51
C GLY K 413 -58.83 -2.24 15.08
N GLY K 414 -58.01 -1.65 14.22
CA GLY K 414 -57.00 -0.71 14.68
C GLY K 414 -56.00 -1.33 15.63
N GLY K 415 -55.99 -2.66 15.68
CA GLY K 415 -55.08 -3.36 16.55
C GLY K 415 -55.49 -3.42 18.00
N VAL K 416 -56.69 -2.98 18.34
CA VAL K 416 -57.10 -3.00 19.73
C VAL K 416 -57.60 -4.35 20.18
N ALA K 417 -58.09 -5.16 19.24
CA ALA K 417 -58.56 -6.48 19.63
C ALA K 417 -57.41 -7.27 20.25
N LEU K 418 -56.25 -7.28 19.58
CA LEU K 418 -55.10 -8.02 20.11
C LEU K 418 -54.62 -7.49 21.47
N ILE K 419 -54.63 -6.17 21.65
CA ILE K 419 -54.17 -5.60 22.90
C ILE K 419 -55.17 -5.92 24.02
N ARG K 420 -56.45 -5.94 23.67
CA ARG K 420 -57.53 -6.26 24.63
C ARG K 420 -57.34 -7.70 25.11
N VAL K 421 -57.22 -8.61 24.16
CA VAL K 421 -57.05 -10.01 24.45
C VAL K 421 -55.82 -10.26 25.32
N ALA K 422 -54.74 -9.55 25.04
CA ALA K 422 -53.53 -9.73 25.83
C ALA K 422 -53.74 -9.26 27.26
N SER K 423 -54.40 -8.11 27.45
CA SER K 423 -54.64 -7.58 28.79
C SER K 423 -55.40 -8.58 29.65
N LYS K 424 -56.16 -9.46 29.01
CA LYS K 424 -56.92 -10.43 29.76
C LYS K 424 -56.12 -11.64 30.19
N LEU K 425 -54.98 -11.88 29.56
CA LEU K 425 -54.17 -13.06 29.88
C LEU K 425 -53.00 -12.81 30.85
N ALA K 426 -53.07 -11.70 31.59
CA ALA K 426 -52.01 -11.34 32.54
C ALA K 426 -51.60 -12.43 33.51
N ASP K 427 -52.56 -13.23 33.98
CA ASP K 427 -52.25 -14.27 34.95
C ASP K 427 -51.91 -15.62 34.33
N LEU K 428 -51.87 -15.70 33.01
CA LEU K 428 -51.57 -16.95 32.35
C LEU K 428 -50.13 -17.36 32.66
N ARG K 429 -49.95 -18.61 33.07
CA ARG K 429 -48.63 -19.14 33.41
C ARG K 429 -48.38 -20.52 32.77
N GLY K 430 -47.12 -20.93 32.72
CA GLY K 430 -46.78 -22.21 32.13
C GLY K 430 -46.19 -23.16 33.15
N GLN K 431 -45.51 -24.21 32.68
CA GLN K 431 -44.91 -25.21 33.55
C GLN K 431 -43.62 -24.78 34.25
N ASN K 432 -42.91 -23.81 33.69
CA ASN K 432 -41.68 -23.35 34.32
C ASN K 432 -41.44 -21.88 34.00
N GLU K 433 -40.40 -21.30 34.57
CA GLU K 433 -40.15 -19.89 34.36
C GLU K 433 -39.87 -19.51 32.91
N ASP K 434 -39.16 -20.35 32.18
CA ASP K 434 -38.88 -20.07 30.77
C ASP K 434 -40.19 -19.95 30.00
N GLN K 435 -41.11 -20.89 30.22
CA GLN K 435 -42.39 -20.84 29.54
C GLN K 435 -43.14 -19.58 29.94
N ASN K 436 -42.98 -19.17 31.19
CA ASN K 436 -43.65 -17.98 31.67
C ASN K 436 -43.17 -16.77 30.89
N VAL K 437 -41.86 -16.72 30.67
CA VAL K 437 -41.24 -15.65 29.91
C VAL K 437 -41.80 -15.68 28.49
N GLY K 438 -41.90 -16.89 27.93
CA GLY K 438 -42.44 -17.06 26.59
C GLY K 438 -43.85 -16.49 26.51
N ILE K 439 -44.67 -16.75 27.52
CA ILE K 439 -46.02 -16.22 27.51
C ILE K 439 -46.00 -14.70 27.51
N LYS K 440 -45.11 -14.11 28.30
CA LYS K 440 -45.00 -12.66 28.34
C LYS K 440 -44.51 -12.08 27.03
N VAL K 441 -43.58 -12.78 26.39
CA VAL K 441 -43.04 -12.32 25.13
C VAL K 441 -44.19 -12.19 24.13
N ALA K 442 -45.05 -13.19 24.10
CA ALA K 442 -46.19 -13.20 23.20
C ALA K 442 -47.24 -12.11 23.53
N LEU K 443 -47.60 -11.98 24.81
CA LEU K 443 -48.57 -10.97 25.20
C LEU K 443 -48.06 -9.58 24.92
N ARG K 444 -46.75 -9.39 25.11
CA ARG K 444 -46.11 -8.09 24.85
C ARG K 444 -46.19 -7.78 23.36
N ALA K 445 -45.92 -8.80 22.54
CA ALA K 445 -45.93 -8.68 21.09
C ALA K 445 -47.31 -8.32 20.52
N MET K 446 -48.37 -8.76 21.19
CA MET K 446 -49.72 -8.49 20.74
C MET K 446 -50.03 -7.00 20.77
N GLU K 447 -49.13 -6.23 21.36
CA GLU K 447 -49.32 -4.79 21.43
C GLU K 447 -48.67 -4.11 20.25
N ALA K 448 -47.78 -4.83 19.56
CA ALA K 448 -47.04 -4.29 18.42
C ALA K 448 -47.89 -3.56 17.38
N PRO K 449 -48.94 -4.23 16.86
CA PRO K 449 -49.80 -3.61 15.85
C PRO K 449 -50.36 -2.24 16.26
N LEU K 450 -51.10 -2.18 17.37
CA LEU K 450 -51.66 -0.92 17.83
C LEU K 450 -50.54 0.13 17.97
N ARG K 451 -49.50 -0.23 18.70
CA ARG K 451 -48.40 0.69 18.93
C ARG K 451 -47.86 1.26 17.63
N GLN K 452 -47.66 0.38 16.64
CA GLN K 452 -47.13 0.83 15.36
C GLN K 452 -48.11 1.80 14.71
N ILE K 453 -49.39 1.46 14.75
CA ILE K 453 -50.40 2.32 14.17
C ILE K 453 -50.32 3.70 14.78
N VAL K 454 -50.28 3.76 16.12
CA VAL K 454 -50.20 5.04 16.82
C VAL K 454 -48.91 5.77 16.50
N LEU K 455 -47.83 5.02 16.35
CA LEU K 455 -46.54 5.60 16.02
C LEU K 455 -46.61 6.26 14.64
N ASN K 456 -47.23 5.59 13.69
CA ASN K 456 -47.36 6.13 12.35
C ASN K 456 -48.19 7.41 12.38
N CYS K 457 -49.10 7.49 13.33
CA CYS K 457 -49.96 8.68 13.48
C CYS K 457 -49.23 9.82 14.16
N GLY K 458 -48.04 9.55 14.67
CA GLY K 458 -47.28 10.58 15.35
C GLY K 458 -47.73 10.82 16.79
N GLU K 459 -48.29 9.79 17.42
CA GLU K 459 -48.75 9.92 18.81
C GLU K 459 -47.88 9.03 19.71
N GLU K 460 -48.05 9.12 21.02
CA GLU K 460 -47.26 8.30 21.93
C GLU K 460 -47.88 6.92 22.15
N PRO K 461 -47.27 5.89 21.55
CA PRO K 461 -47.74 4.52 21.65
C PRO K 461 -48.07 4.06 23.07
N SER K 462 -47.16 4.31 24.00
CA SER K 462 -47.33 3.91 25.38
C SER K 462 -48.58 4.50 26.01
N VAL K 463 -48.83 5.78 25.75
CA VAL K 463 -50.00 6.42 26.32
C VAL K 463 -51.28 5.83 25.80
N VAL K 464 -51.40 5.72 24.47
CA VAL K 464 -52.60 5.15 23.84
C VAL K 464 -52.78 3.68 24.21
N ALA K 465 -51.69 2.93 24.16
CA ALA K 465 -51.73 1.51 24.50
C ALA K 465 -52.24 1.36 25.92
N ASN K 466 -51.73 2.23 26.78
CA ASN K 466 -52.09 2.22 28.18
C ASN K 466 -53.59 2.47 28.36
N THR K 467 -54.06 3.56 27.77
CA THR K 467 -55.46 3.93 27.86
C THR K 467 -56.35 2.82 27.34
N VAL K 468 -56.01 2.25 26.19
CA VAL K 468 -56.81 1.19 25.62
C VAL K 468 -56.88 0.00 26.54
N LYS K 469 -55.75 -0.35 27.14
CA LYS K 469 -55.71 -1.50 28.04
C LYS K 469 -56.65 -1.30 29.25
N GLY K 470 -56.80 -0.04 29.67
CA GLY K 470 -57.66 0.26 30.79
C GLY K 470 -59.13 -0.02 30.53
N GLY K 471 -59.57 0.18 29.30
CA GLY K 471 -60.97 -0.05 28.97
C GLY K 471 -61.35 -1.51 28.91
N ASP K 472 -62.53 -1.79 28.34
CA ASP K 472 -63.02 -3.15 28.23
C ASP K 472 -63.70 -3.44 26.90
N GLY K 473 -63.92 -4.72 26.63
CA GLY K 473 -64.57 -5.13 25.39
C GLY K 473 -63.94 -4.51 24.18
N ASN K 474 -64.76 -4.03 23.26
CA ASN K 474 -64.25 -3.41 22.05
C ASN K 474 -63.98 -1.93 22.14
N TYR K 475 -63.71 -1.44 23.35
CA TYR K 475 -63.40 -0.03 23.56
C TYR K 475 -61.95 0.14 23.11
N GLY K 476 -61.69 1.09 22.23
CA GLY K 476 -60.33 1.27 21.77
C GLY K 476 -60.00 2.68 21.34
N TYR K 477 -58.98 2.82 20.50
CA TYR K 477 -58.55 4.11 20.00
C TYR K 477 -58.72 4.20 18.49
N ASN K 478 -59.51 5.16 18.04
CA ASN K 478 -59.74 5.38 16.62
C ASN K 478 -58.56 6.21 16.16
N ALA K 479 -57.52 5.56 15.67
CA ALA K 479 -56.32 6.26 15.23
C ALA K 479 -56.62 7.35 14.22
N ALA K 480 -57.64 7.12 13.41
CA ALA K 480 -58.03 8.07 12.38
C ALA K 480 -58.56 9.40 12.91
N THR K 481 -59.30 9.34 14.02
CA THR K 481 -59.90 10.54 14.60
C THR K 481 -59.37 10.91 15.98
N GLU K 482 -58.45 10.12 16.52
CA GLU K 482 -57.87 10.33 17.84
C GLU K 482 -58.95 10.29 18.93
N GLU K 483 -60.02 9.56 18.68
CA GLU K 483 -61.12 9.46 19.63
C GLU K 483 -61.19 8.07 20.22
N TYR K 484 -61.37 7.97 21.53
CA TYR K 484 -61.53 6.66 22.13
C TYR K 484 -63.03 6.37 22.15
N GLY K 485 -63.40 5.10 22.07
CA GLY K 485 -64.80 4.76 22.08
C GLY K 485 -64.93 3.32 21.67
N ASN K 486 -66.14 2.89 21.34
CA ASN K 486 -66.35 1.52 20.93
C ASN K 486 -65.91 1.39 19.47
N MET K 487 -64.87 0.60 19.24
CA MET K 487 -64.33 0.43 17.91
C MET K 487 -65.37 -0.02 16.88
N ILE K 488 -66.19 -1.00 17.24
CA ILE K 488 -67.20 -1.50 16.32
C ILE K 488 -68.18 -0.41 15.95
N ASP K 489 -68.64 0.35 16.94
CA ASP K 489 -69.58 1.44 16.68
C ASP K 489 -68.97 2.47 15.76
N MET K 490 -67.69 2.79 15.96
CA MET K 490 -67.02 3.77 15.11
C MET K 490 -66.66 3.19 13.76
N GLY K 491 -67.10 1.95 13.53
CA GLY K 491 -66.87 1.29 12.26
C GLY K 491 -65.44 0.89 11.95
N ILE K 492 -64.64 0.66 12.99
CA ILE K 492 -63.26 0.25 12.81
C ILE K 492 -63.12 -1.16 13.34
N LEU K 493 -63.30 -2.13 12.44
CA LEU K 493 -63.25 -3.53 12.84
C LEU K 493 -62.46 -4.43 11.89
N ASP K 494 -62.24 -5.66 12.33
CA ASP K 494 -61.52 -6.66 11.55
C ASP K 494 -62.25 -7.99 11.67
N PRO K 495 -62.29 -8.78 10.58
CA PRO K 495 -62.97 -10.06 10.72
C PRO K 495 -62.16 -10.83 11.76
N THR K 496 -62.83 -11.38 12.77
CA THR K 496 -62.13 -12.15 13.80
C THR K 496 -61.16 -13.14 13.15
N LYS K 497 -61.50 -13.61 11.96
CA LYS K 497 -60.65 -14.56 11.26
C LYS K 497 -59.29 -13.98 10.85
N VAL K 498 -59.24 -12.72 10.45
CA VAL K 498 -57.94 -12.17 10.03
C VAL K 498 -57.04 -11.96 11.23
N THR K 499 -57.59 -11.45 12.33
CA THR K 499 -56.77 -11.25 13.50
C THR K 499 -56.27 -12.60 14.00
N ARG K 500 -57.16 -13.57 14.13
CA ARG K 500 -56.75 -14.90 14.60
C ARG K 500 -55.63 -15.47 13.71
N SER K 501 -55.84 -15.42 12.41
CA SER K 501 -54.85 -15.93 11.45
C SER K 501 -53.51 -15.23 11.61
N ALA K 502 -53.56 -13.90 11.53
CA ALA K 502 -52.35 -13.09 11.65
C ALA K 502 -51.54 -13.50 12.85
N LEU K 503 -52.19 -13.61 14.01
CA LEU K 503 -51.51 -13.99 15.24
C LEU K 503 -50.94 -15.40 15.19
N GLN K 504 -51.77 -16.37 14.83
CA GLN K 504 -51.34 -17.75 14.77
C GLN K 504 -50.17 -17.94 13.80
N TYR K 505 -50.29 -17.37 12.61
CA TYR K 505 -49.22 -17.52 11.65
C TYR K 505 -47.92 -16.86 12.09
N ALA K 506 -48.03 -15.69 12.71
CA ALA K 506 -46.86 -14.97 13.19
C ALA K 506 -46.17 -15.83 14.25
N ALA K 507 -46.94 -16.21 15.26
CA ALA K 507 -46.41 -17.02 16.36
C ALA K 507 -45.79 -18.29 15.82
N SER K 508 -46.32 -18.81 14.72
CA SER K 508 -45.82 -20.04 14.14
C SER K 508 -44.40 -19.93 13.64
N VAL K 509 -44.17 -18.98 12.73
CA VAL K 509 -42.85 -18.78 12.18
C VAL K 509 -41.90 -18.27 13.28
N ALA K 510 -42.39 -17.43 14.18
CA ALA K 510 -41.55 -16.91 15.26
C ALA K 510 -41.07 -18.06 16.13
N GLY K 511 -41.96 -18.99 16.41
CA GLY K 511 -41.60 -20.13 17.22
C GLY K 511 -40.52 -20.94 16.54
N LEU K 512 -40.63 -21.11 15.23
CA LEU K 512 -39.64 -21.88 14.47
C LEU K 512 -38.26 -21.27 14.51
N MET K 513 -38.18 -19.95 14.32
CA MET K 513 -36.91 -19.27 14.34
C MET K 513 -36.25 -19.33 15.71
N ILE K 514 -37.04 -19.08 16.75
CA ILE K 514 -36.51 -19.12 18.10
C ILE K 514 -35.89 -20.48 18.39
N THR K 515 -36.41 -21.51 17.75
CA THR K 515 -35.88 -22.86 17.96
C THR K 515 -34.94 -23.34 16.85
N THR K 516 -34.28 -22.41 16.17
CA THR K 516 -33.36 -22.77 15.10
C THR K 516 -31.93 -22.68 15.60
N GLU K 517 -31.14 -23.72 15.34
CA GLU K 517 -29.75 -23.77 15.78
C GLU K 517 -28.76 -23.78 14.64
N CYS K 518 -29.22 -24.13 13.46
CA CYS K 518 -28.32 -24.21 12.32
C CYS K 518 -28.98 -23.75 11.03
N MET K 519 -28.19 -23.10 10.18
CA MET K 519 -28.66 -22.63 8.90
C MET K 519 -27.65 -23.01 7.84
N VAL K 520 -28.16 -23.56 6.74
CA VAL K 520 -27.31 -23.97 5.64
C VAL K 520 -27.73 -23.26 4.38
N THR K 521 -26.79 -22.60 3.72
CA THR K 521 -27.11 -21.89 2.49
C THR K 521 -25.92 -21.99 1.55
N ASP K 522 -26.10 -21.54 0.30
CA ASP K 522 -25.01 -21.59 -0.66
C ASP K 522 -23.95 -20.54 -0.41
N LEU K 523 -22.77 -20.80 -0.95
CA LEU K 523 -21.66 -19.88 -0.80
C LEU K 523 -21.86 -18.69 -1.74
N PRO K 524 -21.69 -17.45 -1.23
CA PRO K 524 -21.85 -16.25 -2.05
C PRO K 524 -21.08 -16.31 -3.38
N ALA L 1 -34.81 -10.16 -7.33
CA ALA L 1 -33.34 -9.96 -7.18
C ALA L 1 -33.06 -9.26 -5.85
N ALA L 2 -31.86 -9.44 -5.30
CA ALA L 2 -31.51 -8.80 -4.05
C ALA L 2 -31.75 -7.32 -4.19
N LYS L 3 -32.50 -6.74 -3.26
CA LYS L 3 -32.81 -5.33 -3.29
C LYS L 3 -31.91 -4.53 -2.35
N ASP L 4 -31.96 -3.22 -2.50
CA ASP L 4 -31.22 -2.30 -1.65
C ASP L 4 -32.36 -1.48 -1.06
N VAL L 5 -32.56 -1.61 0.25
CA VAL L 5 -33.66 -0.91 0.92
C VAL L 5 -33.19 0.25 1.81
N LYS L 6 -33.72 1.44 1.59
CA LYS L 6 -33.34 2.58 2.42
C LYS L 6 -34.54 3.08 3.17
N PHE L 7 -34.28 3.59 4.38
CA PHE L 7 -35.36 4.07 5.23
C PHE L 7 -35.27 5.54 5.61
N GLY L 8 -36.38 6.02 6.15
CA GLY L 8 -36.51 7.38 6.60
C GLY L 8 -35.66 8.45 5.97
N ASN L 9 -34.91 9.15 6.79
CA ASN L 9 -34.07 10.23 6.33
C ASN L 9 -33.07 9.88 5.25
N ASP L 10 -32.43 8.72 5.37
CA ASP L 10 -31.46 8.31 4.40
C ASP L 10 -32.12 8.28 3.03
N ALA L 11 -33.33 7.75 3.00
CA ALA L 11 -34.09 7.65 1.76
C ALA L 11 -34.51 9.02 1.23
N ARG L 12 -34.98 9.88 2.11
CA ARG L 12 -35.43 11.19 1.68
C ARG L 12 -34.35 12.13 1.12
N VAL L 13 -33.13 12.08 1.66
CA VAL L 13 -32.10 12.96 1.11
C VAL L 13 -31.76 12.48 -0.29
N LYS L 14 -31.77 11.17 -0.49
CA LYS L 14 -31.49 10.62 -1.82
C LYS L 14 -32.49 11.17 -2.81
N MET L 15 -33.76 11.09 -2.46
CA MET L 15 -34.81 11.60 -3.35
C MET L 15 -34.64 13.07 -3.64
N LEU L 16 -34.39 13.84 -2.59
CA LEU L 16 -34.21 15.28 -2.74
C LEU L 16 -33.05 15.55 -3.69
N ARG L 17 -31.92 14.94 -3.38
CA ARG L 17 -30.70 15.08 -4.16
C ARG L 17 -31.01 14.80 -5.63
N GLY L 18 -31.87 13.82 -5.86
CA GLY L 18 -32.27 13.47 -7.21
C GLY L 18 -33.16 14.52 -7.86
N VAL L 19 -34.22 14.99 -7.19
CA VAL L 19 -35.07 15.99 -7.83
C VAL L 19 -34.32 17.31 -7.97
N ASN L 20 -33.26 17.49 -7.20
CA ASN L 20 -32.50 18.73 -7.34
C ASN L 20 -31.77 18.76 -8.68
N VAL L 21 -31.20 17.63 -9.07
CA VAL L 21 -30.50 17.54 -10.36
C VAL L 21 -31.51 17.86 -11.46
N LEU L 22 -32.66 17.20 -11.41
CA LEU L 22 -33.72 17.43 -12.37
C LEU L 22 -34.16 18.90 -12.40
N ALA L 23 -34.59 19.40 -11.26
CA ALA L 23 -35.04 20.78 -11.16
C ALA L 23 -33.99 21.81 -11.59
N ASP L 24 -32.77 21.73 -11.07
CA ASP L 24 -31.74 22.69 -11.44
C ASP L 24 -31.41 22.70 -12.93
N ALA L 25 -31.50 21.54 -13.58
CA ALA L 25 -31.19 21.46 -15.01
C ALA L 25 -32.31 22.10 -15.82
N VAL L 26 -33.53 21.91 -15.34
CA VAL L 26 -34.70 22.44 -16.03
C VAL L 26 -35.01 23.93 -15.79
N LYS L 27 -34.94 24.37 -14.54
CA LYS L 27 -35.27 25.75 -14.19
C LYS L 27 -34.38 26.87 -14.74
N VAL L 28 -33.19 26.56 -15.21
CA VAL L 28 -32.34 27.62 -15.74
C VAL L 28 -32.84 28.04 -17.11
N THR L 29 -33.96 27.45 -17.54
CA THR L 29 -34.53 27.78 -18.85
C THR L 29 -35.90 28.45 -18.69
N LEU L 30 -36.17 28.97 -17.49
CA LEU L 30 -37.46 29.58 -17.22
C LEU L 30 -37.54 31.06 -17.49
N GLY L 31 -38.57 31.47 -18.22
CA GLY L 31 -38.74 32.89 -18.51
C GLY L 31 -37.93 33.45 -19.67
N PRO L 32 -38.38 34.57 -20.23
CA PRO L 32 -37.72 35.23 -21.35
C PRO L 32 -36.19 35.29 -21.30
N LYS L 33 -35.58 35.36 -20.14
CA LYS L 33 -34.12 35.42 -20.11
C LYS L 33 -33.51 34.06 -19.78
N GLY L 34 -34.27 33.00 -20.11
CA GLY L 34 -33.83 31.63 -19.86
C GLY L 34 -32.54 31.27 -20.58
N ARG L 35 -31.74 30.41 -19.94
CA ARG L 35 -30.47 29.99 -20.51
C ARG L 35 -30.58 28.74 -21.37
N ASN L 36 -29.47 28.37 -22.01
CA ASN L 36 -29.42 27.20 -22.87
C ASN L 36 -28.87 25.99 -22.12
N VAL L 37 -29.40 24.83 -22.44
CA VAL L 37 -28.93 23.58 -21.85
C VAL L 37 -28.47 22.81 -23.07
N VAL L 38 -27.30 22.18 -22.97
CA VAL L 38 -26.76 21.42 -24.09
C VAL L 38 -26.98 19.93 -23.86
N LEU L 39 -27.72 19.30 -24.75
CA LEU L 39 -27.99 17.88 -24.63
C LEU L 39 -27.16 17.12 -25.66
N ASP L 40 -26.27 16.27 -25.18
CA ASP L 40 -25.40 15.51 -26.05
C ASP L 40 -26.16 14.38 -26.76
N LYS L 41 -25.71 14.09 -27.99
CA LYS L 41 -26.29 13.03 -28.82
C LYS L 41 -25.12 12.16 -29.29
N SER L 42 -25.25 10.85 -29.10
CA SER L 42 -24.19 9.93 -29.51
C SER L 42 -23.63 10.27 -30.90
N PHE L 43 -24.52 10.58 -31.84
CA PHE L 43 -24.12 10.92 -33.21
C PHE L 43 -24.26 12.39 -33.58
N GLY L 44 -23.12 13.02 -33.88
CA GLY L 44 -23.15 14.41 -34.30
C GLY L 44 -22.90 15.47 -33.25
N ALA L 45 -23.36 16.68 -33.54
CA ALA L 45 -23.21 17.82 -32.65
C ALA L 45 -24.29 17.78 -31.59
N PRO L 46 -24.00 18.33 -30.40
CA PRO L 46 -24.95 18.37 -29.29
C PRO L 46 -26.13 19.23 -29.65
N THR L 47 -27.22 19.07 -28.91
CA THR L 47 -28.42 19.85 -29.12
C THR L 47 -28.44 20.98 -28.10
N ILE L 48 -28.66 22.21 -28.55
CA ILE L 48 -28.71 23.32 -27.64
C ILE L 48 -30.17 23.68 -27.56
N THR L 49 -30.73 23.73 -26.36
CA THR L 49 -32.16 24.04 -26.21
C THR L 49 -32.50 24.87 -24.99
N LYS L 50 -33.69 25.48 -25.02
CA LYS L 50 -34.19 26.27 -23.90
C LYS L 50 -35.51 25.66 -23.47
N ASP L 51 -35.82 24.50 -24.03
CA ASP L 51 -37.06 23.79 -23.75
C ASP L 51 -36.94 22.85 -22.56
N GLY L 52 -37.55 23.25 -21.46
CA GLY L 52 -37.49 22.45 -20.24
C GLY L 52 -38.00 21.03 -20.40
N VAL L 53 -38.93 20.82 -21.33
CA VAL L 53 -39.46 19.48 -21.51
C VAL L 53 -38.42 18.59 -22.18
N SER L 54 -37.65 19.16 -23.11
CA SER L 54 -36.61 18.40 -23.79
C SER L 54 -35.55 17.99 -22.77
N VAL L 55 -35.12 18.97 -21.96
CA VAL L 55 -34.12 18.72 -20.94
C VAL L 55 -34.58 17.63 -19.97
N ALA L 56 -35.76 17.80 -19.39
CA ALA L 56 -36.27 16.83 -18.43
C ALA L 56 -36.25 15.41 -18.98
N ARG L 57 -36.60 15.28 -20.26
CA ARG L 57 -36.65 13.99 -20.93
C ARG L 57 -35.32 13.25 -20.82
N GLU L 58 -34.24 14.01 -20.91
CA GLU L 58 -32.88 13.46 -20.86
C GLU L 58 -32.35 13.12 -19.48
N ILE L 59 -32.98 13.62 -18.42
CA ILE L 59 -32.47 13.38 -17.08
C ILE L 59 -32.72 11.99 -16.51
N GLU L 60 -31.61 11.32 -16.20
CA GLU L 60 -31.64 9.99 -15.58
C GLU L 60 -30.36 9.89 -14.77
N LEU L 61 -30.48 9.61 -13.49
CA LEU L 61 -29.31 9.57 -12.63
C LEU L 61 -28.76 8.17 -12.38
N GLU L 62 -27.45 8.08 -12.14
CA GLU L 62 -26.80 6.81 -11.89
C GLU L 62 -27.18 6.15 -10.56
N ASP L 63 -27.25 6.94 -9.50
CA ASP L 63 -27.65 6.43 -8.18
C ASP L 63 -29.12 6.05 -8.26
N LYS L 64 -29.43 4.77 -8.07
CA LYS L 64 -30.81 4.29 -8.16
C LYS L 64 -31.85 5.07 -7.33
N PHE L 65 -31.49 5.44 -6.11
CA PHE L 65 -32.40 6.19 -5.24
C PHE L 65 -32.60 7.61 -5.73
N GLU L 66 -31.51 8.29 -6.06
CA GLU L 66 -31.59 9.65 -6.56
C GLU L 66 -32.44 9.65 -7.83
N ASN L 67 -32.24 8.64 -8.66
CA ASN L 67 -32.97 8.54 -9.91
C ASN L 67 -34.47 8.41 -9.70
N MET L 68 -34.88 7.60 -8.73
CA MET L 68 -36.30 7.40 -8.44
C MET L 68 -36.90 8.76 -8.10
N GLY L 69 -36.15 9.56 -7.35
CA GLY L 69 -36.63 10.87 -6.99
C GLY L 69 -36.88 11.71 -8.24
N ALA L 70 -35.87 11.79 -9.10
CA ALA L 70 -36.00 12.55 -10.33
C ALA L 70 -37.15 12.01 -11.18
N GLN L 71 -37.20 10.70 -11.37
CA GLN L 71 -38.26 10.09 -12.17
C GLN L 71 -39.66 10.36 -11.65
N MET L 72 -39.80 10.41 -10.33
CA MET L 72 -41.10 10.67 -9.74
C MET L 72 -41.64 12.05 -10.10
N VAL L 73 -40.88 13.11 -9.87
CA VAL L 73 -41.44 14.42 -10.20
C VAL L 73 -41.47 14.58 -11.71
N LYS L 74 -40.51 13.97 -12.37
CA LYS L 74 -40.44 14.01 -13.83
C LYS L 74 -41.77 13.51 -14.40
N GLU L 75 -42.31 12.46 -13.80
CA GLU L 75 -43.56 11.87 -14.25
C GLU L 75 -44.80 12.75 -14.05
N VAL L 76 -45.09 13.16 -12.82
CA VAL L 76 -46.28 13.99 -12.61
C VAL L 76 -46.12 15.37 -13.22
N ALA L 77 -44.90 15.86 -13.34
CA ALA L 77 -44.73 17.16 -13.94
C ALA L 77 -45.18 17.12 -15.41
N SER L 78 -44.86 16.02 -16.09
CA SER L 78 -45.24 15.91 -17.50
C SER L 78 -46.76 15.95 -17.64
N LYS L 79 -47.46 15.35 -16.68
CA LYS L 79 -48.93 15.33 -16.71
C LYS L 79 -49.48 16.74 -16.84
N ALA L 80 -48.75 17.73 -16.32
CA ALA L 80 -49.21 19.11 -16.42
C ALA L 80 -49.19 19.53 -17.90
N ASN L 81 -48.11 19.19 -18.58
CA ASN L 81 -47.96 19.54 -19.99
C ASN L 81 -49.03 18.80 -20.82
N ASP L 82 -49.30 17.56 -20.46
CA ASP L 82 -50.30 16.78 -21.18
C ASP L 82 -51.67 17.42 -21.04
N ALA L 83 -51.97 17.93 -19.85
CA ALA L 83 -53.27 18.54 -19.58
C ALA L 83 -53.50 19.95 -20.13
N ALA L 84 -52.47 20.79 -20.12
CA ALA L 84 -52.64 22.16 -20.60
C ALA L 84 -51.67 22.62 -21.70
N GLY L 85 -50.82 21.70 -22.16
CA GLY L 85 -49.87 22.05 -23.20
C GLY L 85 -48.71 22.90 -22.72
N ASP L 86 -48.59 23.05 -21.41
CA ASP L 86 -47.52 23.84 -20.81
C ASP L 86 -47.52 23.74 -19.29
N GLY L 87 -46.43 24.19 -18.66
CA GLY L 87 -46.34 24.17 -17.21
C GLY L 87 -45.53 23.05 -16.60
N THR L 88 -44.85 22.27 -17.44
CA THR L 88 -44.05 21.19 -16.91
C THR L 88 -42.84 21.68 -16.11
N THR L 89 -42.17 22.70 -16.63
CA THR L 89 -41.02 23.23 -15.93
C THR L 89 -41.48 23.89 -14.64
N THR L 90 -42.57 24.65 -14.73
CA THR L 90 -43.12 25.33 -13.56
C THR L 90 -43.44 24.32 -12.47
N ALA L 91 -44.15 23.26 -12.85
CA ALA L 91 -44.52 22.21 -11.92
C ALA L 91 -43.26 21.64 -11.25
N THR L 92 -42.18 21.52 -12.02
CA THR L 92 -40.93 20.98 -11.50
C THR L 92 -40.32 21.91 -10.46
N VAL L 93 -40.16 23.20 -10.77
CA VAL L 93 -39.57 24.08 -9.77
C VAL L 93 -40.50 24.18 -8.54
N LEU L 94 -41.80 24.13 -8.77
CA LEU L 94 -42.74 24.17 -7.65
C LEU L 94 -42.53 22.95 -6.77
N ALA L 95 -42.39 21.79 -7.38
CA ALA L 95 -42.19 20.55 -6.62
C ALA L 95 -40.89 20.63 -5.82
N GLN L 96 -39.83 21.13 -6.44
CA GLN L 96 -38.55 21.24 -5.76
C GLN L 96 -38.69 22.10 -4.50
N ALA L 97 -39.35 23.24 -4.64
CA ALA L 97 -39.59 24.17 -3.55
C ALA L 97 -40.36 23.50 -2.42
N ILE L 98 -41.51 22.91 -2.73
CA ILE L 98 -42.28 22.26 -1.70
C ILE L 98 -41.49 21.13 -1.06
N ILE L 99 -40.88 20.26 -1.87
CA ILE L 99 -40.13 19.13 -1.33
C ILE L 99 -39.00 19.55 -0.40
N THR L 100 -38.24 20.57 -0.81
CA THR L 100 -37.14 21.04 0.02
C THR L 100 -37.56 21.52 1.41
N GLU L 101 -38.48 22.49 1.47
CA GLU L 101 -38.93 23.00 2.75
C GLU L 101 -39.67 21.93 3.55
N GLY L 102 -40.44 21.11 2.84
CA GLY L 102 -41.19 20.06 3.51
C GLY L 102 -40.27 19.09 4.22
N LEU L 103 -39.20 18.66 3.54
CA LEU L 103 -38.26 17.75 4.13
C LEU L 103 -37.54 18.40 5.30
N LYS L 104 -37.30 19.70 5.22
CA LYS L 104 -36.64 20.40 6.32
C LYS L 104 -37.54 20.21 7.54
N ALA L 105 -38.83 20.49 7.34
CA ALA L 105 -39.80 20.37 8.41
C ALA L 105 -39.81 18.95 8.98
N VAL L 106 -39.81 17.96 8.10
CA VAL L 106 -39.83 16.57 8.56
C VAL L 106 -38.63 16.30 9.43
N ALA L 107 -37.47 16.83 9.02
CA ALA L 107 -36.24 16.64 9.77
C ALA L 107 -36.30 17.34 11.12
N ALA L 108 -37.00 18.47 11.16
CA ALA L 108 -37.12 19.22 12.40
C ALA L 108 -38.06 18.46 13.33
N GLY L 109 -38.57 17.33 12.85
CA GLY L 109 -39.46 16.52 13.65
C GLY L 109 -40.95 16.77 13.53
N MET L 110 -41.38 17.52 12.52
CA MET L 110 -42.81 17.79 12.35
C MET L 110 -43.44 16.59 11.66
N ASN L 111 -44.72 16.40 11.89
CA ASN L 111 -45.42 15.25 11.30
C ASN L 111 -45.63 15.33 9.79
N PRO L 112 -45.11 14.35 9.05
CA PRO L 112 -45.23 14.29 7.59
C PRO L 112 -46.68 14.39 7.08
N MET L 113 -47.56 13.56 7.64
CA MET L 113 -48.95 13.55 7.22
C MET L 113 -49.61 14.92 7.42
N ASP L 114 -49.24 15.61 8.49
CA ASP L 114 -49.81 16.94 8.74
C ASP L 114 -49.25 17.97 7.78
N LEU L 115 -47.96 17.88 7.51
CA LEU L 115 -47.34 18.80 6.58
C LEU L 115 -48.03 18.67 5.22
N LYS L 116 -48.34 17.43 4.85
CA LYS L 116 -49.01 17.20 3.57
C LYS L 116 -50.40 17.81 3.60
N ARG L 117 -51.15 17.53 4.65
CA ARG L 117 -52.50 18.06 4.74
C ARG L 117 -52.52 19.59 4.66
N GLY L 118 -51.56 20.22 5.32
CA GLY L 118 -51.47 21.67 5.28
C GLY L 118 -51.14 22.16 3.89
N ILE L 119 -50.24 21.46 3.19
CA ILE L 119 -49.87 21.84 1.83
C ILE L 119 -51.09 21.72 0.93
N ASP L 120 -51.80 20.61 1.08
CA ASP L 120 -52.98 20.37 0.28
C ASP L 120 -54.04 21.44 0.52
N LYS L 121 -54.23 21.81 1.77
CA LYS L 121 -55.22 22.84 2.08
C LYS L 121 -54.85 24.13 1.37
N ALA L 122 -53.58 24.52 1.49
CA ALA L 122 -53.09 25.75 0.86
C ALA L 122 -53.35 25.69 -0.65
N VAL L 123 -53.01 24.57 -1.27
CA VAL L 123 -53.20 24.41 -2.71
C VAL L 123 -54.68 24.53 -3.09
N THR L 124 -55.55 23.84 -2.37
CA THR L 124 -56.98 23.91 -2.65
C THR L 124 -57.44 25.37 -2.62
N ALA L 125 -57.05 26.06 -1.56
CA ALA L 125 -57.40 27.45 -1.39
C ALA L 125 -56.80 28.25 -2.54
N ALA L 126 -55.56 27.96 -2.89
CA ALA L 126 -54.88 28.68 -3.97
C ALA L 126 -55.59 28.53 -5.30
N VAL L 127 -56.14 27.34 -5.56
CA VAL L 127 -56.82 27.10 -6.81
C VAL L 127 -58.10 27.93 -6.90
N GLU L 128 -58.79 28.13 -5.78
CA GLU L 128 -60.00 28.92 -5.81
C GLU L 128 -59.63 30.36 -6.05
N GLU L 129 -58.63 30.81 -5.31
CA GLU L 129 -58.14 32.17 -5.43
C GLU L 129 -57.70 32.41 -6.87
N LEU L 130 -57.29 31.34 -7.54
CA LEU L 130 -56.82 31.40 -8.91
C LEU L 130 -57.98 31.59 -9.91
N LYS L 131 -59.13 30.98 -9.61
CA LYS L 131 -60.30 31.12 -10.47
C LYS L 131 -60.82 32.54 -10.37
N ALA L 132 -60.73 33.10 -9.17
CA ALA L 132 -61.18 34.46 -8.94
C ALA L 132 -60.32 35.44 -9.70
N LEU L 133 -59.01 35.24 -9.62
CA LEU L 133 -58.03 36.10 -10.27
C LEU L 133 -58.21 36.00 -11.79
N SER L 134 -58.71 34.85 -12.22
CA SER L 134 -58.93 34.54 -13.64
C SER L 134 -59.86 35.45 -14.43
N VAL L 135 -59.44 35.75 -15.65
CA VAL L 135 -60.20 36.57 -16.60
C VAL L 135 -60.68 35.67 -17.73
N PRO L 136 -61.98 35.74 -18.09
CA PRO L 136 -62.60 34.92 -19.15
C PRO L 136 -62.09 35.16 -20.56
N CYS L 137 -62.17 34.11 -21.36
CA CYS L 137 -61.75 34.19 -22.75
C CYS L 137 -62.85 33.45 -23.51
N SER L 138 -63.90 34.18 -23.88
CA SER L 138 -65.03 33.58 -24.58
C SER L 138 -65.31 34.11 -25.98
N ASP L 139 -65.51 35.41 -26.12
CA ASP L 139 -65.77 35.98 -27.43
C ASP L 139 -64.57 35.72 -28.34
N SER L 140 -64.83 35.46 -29.62
CA SER L 140 -63.75 35.17 -30.54
C SER L 140 -62.74 36.32 -30.67
N LYS L 141 -63.08 37.49 -30.15
CA LYS L 141 -62.14 38.61 -30.24
C LYS L 141 -61.02 38.32 -29.26
N ALA L 142 -61.41 37.75 -28.12
CA ALA L 142 -60.46 37.38 -27.08
C ALA L 142 -59.69 36.14 -27.53
N ILE L 143 -60.42 35.16 -28.07
CA ILE L 143 -59.81 33.93 -28.55
C ILE L 143 -58.68 34.25 -29.51
N ALA L 144 -58.88 35.27 -30.33
CA ALA L 144 -57.87 35.69 -31.29
C ALA L 144 -56.64 36.25 -30.59
N GLN L 145 -56.86 37.16 -29.64
CA GLN L 145 -55.77 37.79 -28.89
C GLN L 145 -54.89 36.75 -28.19
N VAL L 146 -55.54 35.83 -27.48
CA VAL L 146 -54.84 34.76 -26.75
C VAL L 146 -54.02 33.96 -27.74
N GLY L 147 -54.66 33.50 -28.82
CA GLY L 147 -53.95 32.73 -29.82
C GLY L 147 -52.77 33.52 -30.38
N THR L 148 -52.96 34.82 -30.55
CA THR L 148 -51.91 35.70 -31.08
C THR L 148 -50.74 35.84 -30.09
N ILE L 149 -51.07 35.95 -28.80
CA ILE L 149 -50.01 36.07 -27.80
C ILE L 149 -49.23 34.75 -27.72
N SER L 150 -49.95 33.63 -27.79
CA SER L 150 -49.33 32.32 -27.72
C SER L 150 -48.52 32.06 -28.98
N ALA L 151 -48.97 32.61 -30.09
CA ALA L 151 -48.30 32.43 -31.38
C ALA L 151 -47.10 33.35 -31.51
N ASN L 152 -46.72 33.98 -30.39
CA ASN L 152 -45.59 34.89 -30.36
C ASN L 152 -45.90 36.20 -31.08
N SER L 153 -47.12 36.70 -30.87
CA SER L 153 -47.57 37.96 -31.47
C SER L 153 -47.89 37.90 -32.96
N ASP L 154 -48.23 36.72 -33.45
CA ASP L 154 -48.61 36.54 -34.85
C ASP L 154 -50.13 36.64 -34.94
N GLU L 155 -50.64 37.80 -35.34
CA GLU L 155 -52.08 37.99 -35.45
C GLU L 155 -52.73 36.95 -36.36
N THR L 156 -51.98 36.49 -37.35
CA THR L 156 -52.46 35.50 -38.31
C THR L 156 -52.92 34.20 -37.63
N VAL L 157 -52.07 33.70 -36.74
CA VAL L 157 -52.39 32.49 -36.03
C VAL L 157 -53.63 32.72 -35.16
N GLY L 158 -53.68 33.88 -34.52
CA GLY L 158 -54.83 34.19 -33.68
C GLY L 158 -56.10 34.12 -34.50
N LYS L 159 -56.05 34.75 -35.67
CA LYS L 159 -57.17 34.79 -36.60
C LYS L 159 -57.54 33.35 -36.96
N LEU L 160 -56.57 32.64 -37.50
CA LEU L 160 -56.75 31.24 -37.89
C LEU L 160 -57.51 30.44 -36.84
N ILE L 161 -56.97 30.40 -35.63
CA ILE L 161 -57.58 29.67 -34.53
C ILE L 161 -58.99 30.16 -34.21
N ALA L 162 -59.19 31.48 -34.25
CA ALA L 162 -60.49 32.07 -33.98
C ALA L 162 -61.49 31.57 -35.02
N GLU L 163 -61.12 31.67 -36.30
CA GLU L 163 -61.99 31.23 -37.38
C GLU L 163 -62.29 29.75 -37.28
N ALA L 164 -61.28 28.94 -36.98
CA ALA L 164 -61.46 27.51 -36.86
C ALA L 164 -62.42 27.15 -35.72
N MET L 165 -62.28 27.83 -34.58
CA MET L 165 -63.15 27.55 -33.45
C MET L 165 -64.57 28.00 -33.72
N ASP L 166 -64.69 29.00 -34.60
CA ASP L 166 -66.00 29.51 -34.97
C ASP L 166 -66.73 28.45 -35.80
N LYS L 167 -65.95 27.75 -36.63
CA LYS L 167 -66.50 26.69 -37.49
C LYS L 167 -67.03 25.48 -36.73
N VAL L 168 -66.21 24.88 -35.88
CA VAL L 168 -66.62 23.69 -35.15
C VAL L 168 -67.11 23.92 -33.72
N GLY L 169 -66.95 25.15 -33.22
CA GLY L 169 -67.38 25.47 -31.88
C GLY L 169 -66.30 25.35 -30.82
N LYS L 170 -66.59 25.83 -29.61
CA LYS L 170 -65.65 25.78 -28.50
C LYS L 170 -65.24 24.34 -28.24
N GLU L 171 -66.21 23.43 -28.30
CA GLU L 171 -66.00 22.01 -28.05
C GLU L 171 -65.57 21.21 -29.28
N GLY L 172 -65.46 21.87 -30.42
CA GLY L 172 -65.09 21.16 -31.64
C GLY L 172 -63.70 20.56 -31.67
N VAL L 173 -63.44 19.73 -32.67
CA VAL L 173 -62.13 19.12 -32.84
C VAL L 173 -61.37 19.88 -33.90
N ILE L 174 -60.20 20.43 -33.54
CA ILE L 174 -59.39 21.18 -34.48
C ILE L 174 -58.06 20.48 -34.72
N THR L 175 -57.68 20.36 -36.00
CA THR L 175 -56.45 19.71 -36.42
C THR L 175 -55.53 20.66 -37.19
N VAL L 176 -54.23 20.38 -37.22
CA VAL L 176 -53.29 21.20 -37.97
C VAL L 176 -52.40 20.32 -38.82
N GLU L 177 -52.28 20.67 -40.11
CA GLU L 177 -51.46 19.89 -41.05
C GLU L 177 -50.64 20.83 -41.92
N ASP L 178 -49.69 20.25 -42.64
CA ASP L 178 -48.83 21.04 -43.53
C ASP L 178 -49.68 21.68 -44.60
N GLY L 179 -49.27 22.84 -45.07
CA GLY L 179 -50.01 23.54 -46.11
C GLY L 179 -49.63 23.07 -47.50
N THR L 180 -50.55 23.27 -48.44
CA THR L 180 -50.33 22.87 -49.81
C THR L 180 -49.40 23.86 -50.50
N GLY L 181 -49.35 25.08 -49.98
CA GLY L 181 -48.51 26.10 -50.55
C GLY L 181 -48.62 27.34 -49.69
N LEU L 182 -48.49 28.51 -50.29
CA LEU L 182 -48.61 29.77 -49.55
C LEU L 182 -50.12 29.97 -49.37
N GLN L 183 -50.51 30.50 -48.21
CA GLN L 183 -51.93 30.73 -47.88
C GLN L 183 -52.56 29.57 -47.15
N ASP L 184 -53.09 29.86 -45.97
CA ASP L 184 -53.70 28.86 -45.11
C ASP L 184 -55.02 28.34 -45.68
N GLU L 185 -55.52 27.27 -45.08
CA GLU L 185 -56.78 26.66 -45.50
C GLU L 185 -57.50 26.11 -44.28
N LEU L 186 -58.82 26.23 -44.28
CA LEU L 186 -59.63 25.72 -43.18
C LEU L 186 -60.84 25.03 -43.80
N ASP L 187 -61.20 23.87 -43.28
CA ASP L 187 -62.35 23.14 -43.80
C ASP L 187 -62.73 21.96 -42.92
N VAL L 188 -64.02 21.84 -42.64
CA VAL L 188 -64.53 20.78 -41.79
C VAL L 188 -64.78 19.50 -42.56
N VAL L 189 -64.16 18.41 -42.12
CA VAL L 189 -64.32 17.13 -42.79
C VAL L 189 -64.93 16.08 -41.87
N GLU L 190 -65.37 14.97 -42.45
CA GLU L 190 -65.93 13.88 -41.66
C GLU L 190 -64.80 13.46 -40.73
N GLY L 191 -65.08 13.39 -39.45
CA GLY L 191 -64.04 13.00 -38.52
C GLY L 191 -64.56 12.82 -37.11
N MET L 192 -63.69 12.31 -36.26
CA MET L 192 -64.07 12.06 -34.88
C MET L 192 -62.81 11.97 -34.04
N GLN L 193 -62.98 12.02 -32.72
CA GLN L 193 -61.88 11.91 -31.79
C GLN L 193 -62.37 11.32 -30.48
N PHE L 194 -61.70 10.27 -30.00
CA PHE L 194 -62.08 9.66 -28.73
C PHE L 194 -60.89 9.66 -27.75
N ASP L 195 -61.20 9.52 -26.47
CA ASP L 195 -60.18 9.54 -25.41
C ASP L 195 -59.41 8.25 -25.18
N ARG L 196 -58.52 7.94 -26.13
CA ARG L 196 -57.69 6.74 -26.03
C ARG L 196 -56.34 7.09 -26.67
N GLY L 197 -55.25 6.77 -25.97
CA GLY L 197 -53.92 7.04 -26.49
C GLY L 197 -53.29 5.79 -27.07
N TYR L 198 -52.00 5.87 -27.42
CA TYR L 198 -51.30 4.71 -27.98
C TYR L 198 -51.14 3.61 -26.93
N LEU L 199 -51.37 2.37 -27.35
CA LEU L 199 -51.24 1.24 -26.43
C LEU L 199 -49.78 0.94 -26.08
N SER L 200 -48.89 1.87 -26.46
CA SER L 200 -47.45 1.75 -26.22
C SER L 200 -46.73 2.85 -27.00
N PRO L 201 -45.66 3.43 -26.42
CA PRO L 201 -44.98 4.47 -27.20
C PRO L 201 -44.37 3.74 -28.40
N TYR L 202 -43.23 4.21 -28.89
CA TYR L 202 -42.61 3.52 -30.03
C TYR L 202 -43.46 3.69 -31.29
N PHE L 203 -44.78 3.57 -31.15
CA PHE L 203 -45.67 3.75 -32.28
C PHE L 203 -45.49 5.20 -32.73
N ILE L 204 -44.91 5.99 -31.83
CA ILE L 204 -44.64 7.41 -32.04
C ILE L 204 -43.66 7.67 -33.19
N ASN L 205 -44.10 8.44 -34.19
CA ASN L 205 -43.24 8.76 -35.33
C ASN L 205 -42.98 10.27 -35.38
N LYS L 206 -43.65 10.99 -34.49
CA LYS L 206 -43.49 12.44 -34.40
C LYS L 206 -43.02 12.72 -32.99
N PRO L 207 -41.77 12.34 -32.66
CA PRO L 207 -41.15 12.53 -31.34
C PRO L 207 -41.25 13.95 -30.77
N GLU L 208 -41.38 14.93 -31.64
CA GLU L 208 -41.50 16.33 -31.22
C GLU L 208 -42.86 16.49 -30.54
N THR L 209 -43.89 16.01 -31.23
CA THR L 209 -45.27 16.06 -30.76
C THR L 209 -45.47 14.89 -29.79
N GLY L 210 -44.59 13.90 -29.91
CA GLY L 210 -44.67 12.72 -29.06
C GLY L 210 -45.92 11.93 -29.44
N ALA L 211 -46.35 12.11 -30.68
CA ALA L 211 -47.56 11.46 -31.13
C ALA L 211 -47.33 10.55 -32.32
N VAL L 212 -48.37 9.83 -32.69
CA VAL L 212 -48.35 8.93 -33.83
C VAL L 212 -49.11 9.69 -34.91
N GLU L 213 -48.65 9.57 -36.15
CA GLU L 213 -49.29 10.24 -37.28
C GLU L 213 -49.28 9.33 -38.51
N LEU L 214 -50.44 8.81 -38.87
CA LEU L 214 -50.51 7.91 -40.01
C LEU L 214 -51.34 8.52 -41.14
N GLU L 215 -50.84 8.46 -42.36
CA GLU L 215 -51.55 9.04 -43.49
C GLU L 215 -52.21 8.00 -44.39
N SER L 216 -53.46 8.30 -44.77
CA SER L 216 -54.28 7.42 -45.60
C SER L 216 -54.25 5.98 -45.09
N PRO L 217 -54.31 5.80 -43.76
CA PRO L 217 -54.27 4.45 -43.19
C PRO L 217 -55.57 3.64 -43.28
N PHE L 218 -55.42 2.35 -43.00
CA PHE L 218 -56.52 1.41 -42.97
C PHE L 218 -56.86 1.27 -41.49
N ILE L 219 -58.14 1.16 -41.16
CA ILE L 219 -58.51 1.04 -39.76
C ILE L 219 -59.18 -0.30 -39.45
N LEU L 220 -58.61 -1.03 -38.49
CA LEU L 220 -59.17 -2.30 -38.08
C LEU L 220 -60.06 -2.13 -36.86
N LEU L 221 -61.32 -2.48 -37.02
CA LEU L 221 -62.29 -2.39 -35.94
C LEU L 221 -62.66 -3.79 -35.45
N ALA L 222 -62.01 -4.22 -34.38
CA ALA L 222 -62.25 -5.54 -33.80
C ALA L 222 -62.81 -5.48 -32.39
N ASP L 223 -64.03 -5.99 -32.23
CA ASP L 223 -64.71 -6.03 -30.94
C ASP L 223 -64.28 -7.27 -30.16
N LYS L 224 -63.15 -7.13 -29.45
CA LYS L 224 -62.58 -8.20 -28.65
C LYS L 224 -61.09 -7.94 -28.45
N LYS L 225 -60.51 -8.57 -27.44
CA LYS L 225 -59.09 -8.38 -27.14
C LYS L 225 -58.18 -9.16 -28.09
N ILE L 226 -57.01 -8.59 -28.39
CA ILE L 226 -56.05 -9.23 -29.27
C ILE L 226 -54.73 -9.44 -28.52
N SER L 227 -54.41 -10.71 -28.29
CA SER L 227 -53.19 -11.06 -27.56
C SER L 227 -52.21 -11.84 -28.42
N ASN L 228 -52.69 -12.39 -29.54
CA ASN L 228 -51.82 -13.16 -30.45
C ASN L 228 -51.86 -12.60 -31.87
N ILE L 229 -50.68 -12.23 -32.36
CA ILE L 229 -50.57 -11.66 -33.71
C ILE L 229 -50.72 -12.73 -34.81
N ARG L 230 -51.30 -13.87 -34.44
CA ARG L 230 -51.53 -14.97 -35.36
C ARG L 230 -52.77 -14.69 -36.20
N GLU L 231 -53.78 -14.07 -35.59
CA GLU L 231 -55.04 -13.73 -36.25
C GLU L 231 -54.82 -12.53 -37.16
N MET L 232 -53.76 -11.78 -36.84
CA MET L 232 -53.39 -10.57 -37.57
C MET L 232 -52.76 -10.79 -38.94
N LEU L 233 -51.91 -11.81 -39.04
CA LEU L 233 -51.22 -12.11 -40.31
C LEU L 233 -52.05 -11.88 -41.59
N PRO L 234 -53.15 -12.64 -41.79
CA PRO L 234 -53.96 -12.46 -43.00
C PRO L 234 -54.34 -11.00 -43.31
N VAL L 235 -54.56 -10.21 -42.27
CA VAL L 235 -54.91 -8.80 -42.45
C VAL L 235 -53.68 -7.91 -42.49
N LEU L 236 -52.64 -8.30 -41.75
CA LEU L 236 -51.40 -7.52 -41.71
C LEU L 236 -50.67 -7.55 -43.05
N GLU L 237 -50.84 -8.65 -43.77
CA GLU L 237 -50.22 -8.83 -45.08
C GLU L 237 -51.03 -8.09 -46.14
N ALA L 238 -52.36 -8.15 -46.03
CA ALA L 238 -53.22 -7.44 -46.98
C ALA L 238 -52.91 -5.94 -46.90
N VAL L 239 -52.35 -5.53 -45.75
CA VAL L 239 -51.96 -4.14 -45.49
C VAL L 239 -50.49 -3.88 -45.88
N ALA L 240 -49.69 -4.95 -45.98
CA ALA L 240 -48.30 -4.80 -46.39
C ALA L 240 -48.40 -4.48 -47.89
N LYS L 241 -49.44 -5.01 -48.52
CA LYS L 241 -49.74 -4.77 -49.93
C LYS L 241 -50.44 -3.40 -49.93
N ALA L 242 -50.32 -2.65 -51.01
CA ALA L 242 -50.93 -1.32 -51.09
C ALA L 242 -50.05 -0.37 -50.26
N GLY L 243 -49.03 -0.94 -49.62
CA GLY L 243 -48.08 -0.19 -48.80
C GLY L 243 -48.67 0.94 -47.98
N LYS L 244 -49.71 0.63 -47.20
CA LYS L 244 -50.39 1.62 -46.35
C LYS L 244 -50.29 1.28 -44.86
N PRO L 245 -50.35 2.31 -44.00
CA PRO L 245 -50.27 2.07 -42.55
C PRO L 245 -51.59 1.46 -42.02
N LEU L 246 -51.58 1.01 -40.77
CA LEU L 246 -52.78 0.41 -40.17
C LEU L 246 -53.00 0.80 -38.71
N LEU L 247 -54.25 1.19 -38.43
CA LEU L 247 -54.64 1.55 -37.08
C LEU L 247 -55.50 0.41 -36.54
N ILE L 248 -55.13 -0.08 -35.35
CA ILE L 248 -55.86 -1.18 -34.72
C ILE L 248 -56.71 -0.64 -33.56
N ILE L 249 -58.03 -0.68 -33.76
CA ILE L 249 -58.96 -0.23 -32.73
C ILE L 249 -59.76 -1.42 -32.22
N ALA L 250 -59.23 -2.07 -31.18
CA ALA L 250 -59.88 -3.24 -30.58
C ALA L 250 -60.11 -3.00 -29.09
N GLU L 251 -60.79 -3.95 -28.44
CA GLU L 251 -61.06 -3.85 -27.01
C GLU L 251 -59.72 -3.63 -26.30
N ASP L 252 -58.70 -4.33 -26.78
CA ASP L 252 -57.34 -4.23 -26.22
C ASP L 252 -56.36 -5.09 -27.03
N VAL L 253 -55.07 -4.74 -26.96
CA VAL L 253 -54.01 -5.48 -27.63
C VAL L 253 -52.95 -5.80 -26.59
N GLU L 254 -52.79 -7.09 -26.29
CA GLU L 254 -51.86 -7.56 -25.26
C GLU L 254 -50.58 -8.31 -25.69
N GLY L 255 -49.59 -8.25 -24.80
CA GLY L 255 -48.30 -8.91 -24.97
C GLY L 255 -47.85 -9.41 -26.33
N GLU L 256 -48.07 -10.70 -26.58
CA GLU L 256 -47.67 -11.36 -27.83
C GLU L 256 -47.91 -10.46 -29.06
N ALA L 257 -49.18 -10.14 -29.33
CA ALA L 257 -49.55 -9.29 -30.47
C ALA L 257 -48.96 -7.88 -30.36
N LEU L 258 -49.12 -7.26 -29.19
CA LEU L 258 -48.62 -5.90 -28.95
C LEU L 258 -47.11 -5.77 -29.13
N ALA L 259 -46.35 -6.69 -28.55
CA ALA L 259 -44.89 -6.69 -28.65
C ALA L 259 -44.46 -6.86 -30.11
N THR L 260 -45.15 -7.76 -30.83
CA THR L 260 -44.87 -8.03 -32.24
C THR L 260 -45.11 -6.80 -33.12
N LEU L 261 -46.16 -6.04 -32.80
CA LEU L 261 -46.48 -4.83 -33.54
C LEU L 261 -45.44 -3.76 -33.24
N VAL L 262 -45.14 -3.58 -31.95
CA VAL L 262 -44.14 -2.59 -31.54
C VAL L 262 -42.80 -2.82 -32.21
N VAL L 263 -42.55 -4.07 -32.58
CA VAL L 263 -41.29 -4.42 -33.25
C VAL L 263 -41.39 -4.19 -34.77
N ASN L 264 -42.21 -5.00 -35.44
CA ASN L 264 -42.38 -4.90 -36.90
C ASN L 264 -42.50 -3.47 -37.43
N THR L 265 -43.29 -2.63 -36.76
CA THR L 265 -43.47 -1.25 -37.19
C THR L 265 -42.22 -0.40 -36.90
N MET L 266 -41.57 -0.71 -35.78
CA MET L 266 -40.37 0.00 -35.35
C MET L 266 -39.18 -0.43 -36.21
N ARG L 267 -39.44 -1.30 -37.18
CA ARG L 267 -38.43 -1.81 -38.11
C ARG L 267 -38.80 -1.44 -39.54
N GLY L 268 -39.87 -0.65 -39.67
CA GLY L 268 -40.33 -0.24 -40.99
C GLY L 268 -41.09 -1.32 -41.73
N ILE L 269 -41.25 -2.50 -41.11
CA ILE L 269 -41.98 -3.60 -41.73
C ILE L 269 -43.48 -3.36 -41.54
N VAL L 270 -43.96 -2.29 -42.17
CA VAL L 270 -45.36 -1.86 -42.11
C VAL L 270 -45.66 -1.00 -40.86
N LYS L 271 -46.16 0.22 -41.09
CA LYS L 271 -46.51 1.15 -40.02
C LYS L 271 -47.84 0.77 -39.38
N VAL L 272 -47.81 0.47 -38.07
CA VAL L 272 -49.02 0.11 -37.35
C VAL L 272 -49.07 0.82 -36.00
N ALA L 273 -50.28 1.03 -35.52
CA ALA L 273 -50.51 1.66 -34.22
C ALA L 273 -51.80 1.06 -33.66
N ALA L 274 -51.82 0.79 -32.37
CA ALA L 274 -53.00 0.21 -31.74
C ALA L 274 -53.48 1.07 -30.54
N VAL L 275 -54.80 1.06 -30.36
CA VAL L 275 -55.46 1.81 -29.29
C VAL L 275 -56.75 1.10 -28.89
N LYS L 276 -57.13 1.21 -27.62
CA LYS L 276 -58.36 0.57 -27.17
C LYS L 276 -59.57 1.31 -27.74
N ALA L 277 -60.67 0.58 -27.92
CA ALA L 277 -61.91 1.17 -28.41
C ALA L 277 -62.40 2.10 -27.31
N PRO L 278 -63.06 3.21 -27.67
CA PRO L 278 -63.55 4.17 -26.68
C PRO L 278 -64.60 3.56 -25.74
N GLY L 279 -64.56 3.98 -24.48
CA GLY L 279 -65.51 3.49 -23.50
C GLY L 279 -65.40 2.02 -23.11
N PHE L 280 -66.43 1.52 -22.42
CA PHE L 280 -66.46 0.12 -22.00
C PHE L 280 -67.88 -0.46 -22.10
N GLY L 281 -67.98 -1.77 -21.97
CA GLY L 281 -69.26 -2.43 -22.03
C GLY L 281 -70.05 -2.32 -23.32
N ASP L 282 -71.34 -2.05 -23.18
CA ASP L 282 -72.24 -1.91 -24.33
C ASP L 282 -71.91 -0.68 -25.15
N ARG L 283 -71.86 0.48 -24.49
CA ARG L 283 -71.55 1.72 -25.18
C ARG L 283 -70.23 1.63 -25.95
N ARG L 284 -69.38 0.69 -25.55
CA ARG L 284 -68.10 0.52 -26.25
C ARG L 284 -68.37 -0.05 -27.62
N LYS L 285 -69.29 -1.01 -27.67
CA LYS L 285 -69.64 -1.64 -28.93
C LYS L 285 -70.36 -0.67 -29.85
N ALA L 286 -71.31 0.09 -29.29
CA ALA L 286 -72.03 1.07 -30.08
C ALA L 286 -71.05 2.04 -30.72
N MET L 287 -70.10 2.54 -29.93
CA MET L 287 -69.13 3.48 -30.45
C MET L 287 -68.21 2.88 -31.51
N LEU L 288 -67.87 1.61 -31.38
CA LEU L 288 -67.00 0.97 -32.37
C LEU L 288 -67.72 1.01 -33.70
N GLN L 289 -69.04 0.90 -33.65
CA GLN L 289 -69.84 0.92 -34.85
C GLN L 289 -69.80 2.33 -35.43
N ASP L 290 -70.00 3.31 -34.56
CA ASP L 290 -69.96 4.72 -34.98
C ASP L 290 -68.69 4.98 -35.79
N ILE L 291 -67.56 4.49 -35.28
CA ILE L 291 -66.28 4.66 -35.95
C ILE L 291 -66.31 3.96 -37.31
N ALA L 292 -66.88 2.75 -37.33
CA ALA L 292 -66.99 1.99 -38.58
C ALA L 292 -67.74 2.80 -39.63
N THR L 293 -68.96 3.22 -39.30
CA THR L 293 -69.78 4.02 -40.20
C THR L 293 -68.98 5.22 -40.71
N LEU L 294 -68.36 5.94 -39.79
CA LEU L 294 -67.57 7.12 -40.14
C LEU L 294 -66.43 6.78 -41.12
N THR L 295 -65.67 5.73 -40.82
CA THR L 295 -64.55 5.35 -41.68
C THR L 295 -64.88 4.38 -42.82
N GLY L 296 -66.17 4.02 -42.94
CA GLY L 296 -66.57 3.10 -43.99
C GLY L 296 -65.92 1.71 -43.88
N GLY L 297 -65.99 1.14 -42.68
CA GLY L 297 -65.42 -0.18 -42.45
C GLY L 297 -66.45 -1.10 -41.84
N THR L 298 -66.02 -2.30 -41.48
CA THR L 298 -66.89 -3.30 -40.85
C THR L 298 -66.30 -3.72 -39.50
N VAL L 299 -67.15 -3.74 -38.48
CA VAL L 299 -66.68 -4.13 -37.15
C VAL L 299 -66.65 -5.67 -37.08
N ILE L 300 -65.49 -6.20 -36.72
CA ILE L 300 -65.32 -7.65 -36.61
C ILE L 300 -65.56 -8.08 -35.15
N SER L 301 -66.78 -8.51 -34.89
CA SER L 301 -67.15 -8.96 -33.54
C SER L 301 -67.27 -10.47 -33.47
N GLU L 302 -66.70 -11.06 -32.41
CA GLU L 302 -66.76 -12.51 -32.21
C GLU L 302 -68.20 -12.94 -32.01
N GLU L 303 -69.01 -12.03 -31.47
CA GLU L 303 -70.42 -12.28 -31.23
C GLU L 303 -71.08 -12.81 -32.49
N ILE L 304 -71.13 -11.99 -33.53
CA ILE L 304 -71.75 -12.42 -34.79
C ILE L 304 -71.00 -13.62 -35.38
N GLY L 305 -69.89 -13.97 -34.74
CA GLY L 305 -69.10 -15.10 -35.20
C GLY L 305 -68.16 -14.77 -36.35
N MET L 306 -67.41 -13.68 -36.21
CA MET L 306 -66.47 -13.26 -37.24
C MET L 306 -65.05 -13.56 -36.79
N GLU L 307 -64.13 -13.64 -37.76
CA GLU L 307 -62.74 -13.93 -37.44
C GLU L 307 -61.78 -12.98 -38.15
N LEU L 308 -60.74 -12.57 -37.44
CA LEU L 308 -59.73 -11.66 -37.99
C LEU L 308 -58.93 -12.30 -39.11
N GLU L 309 -58.90 -13.63 -39.12
CA GLU L 309 -58.17 -14.35 -40.15
C GLU L 309 -58.97 -14.32 -41.46
N LYS L 310 -60.28 -14.08 -41.36
CA LYS L 310 -61.16 -14.01 -42.52
C LYS L 310 -61.51 -12.56 -42.87
N ALA L 311 -60.66 -11.63 -42.41
CA ALA L 311 -60.85 -10.21 -42.64
C ALA L 311 -59.98 -9.70 -43.77
N THR L 312 -60.63 -9.11 -44.77
CA THR L 312 -59.95 -8.57 -45.94
C THR L 312 -59.81 -7.04 -45.84
N LEU L 313 -59.11 -6.44 -46.80
CA LEU L 313 -58.93 -4.99 -46.80
C LEU L 313 -60.31 -4.32 -46.94
N GLU L 314 -61.24 -5.03 -47.57
CA GLU L 314 -62.59 -4.53 -47.78
C GLU L 314 -63.34 -4.21 -46.47
N ASP L 315 -63.05 -4.98 -45.42
CA ASP L 315 -63.69 -4.78 -44.12
C ASP L 315 -63.09 -3.59 -43.36
N LEU L 316 -61.81 -3.31 -43.61
CA LEU L 316 -61.12 -2.21 -42.95
C LEU L 316 -61.74 -0.84 -43.26
N GLY L 317 -61.60 0.07 -42.30
CA GLY L 317 -62.11 1.41 -42.49
C GLY L 317 -61.00 2.23 -43.11
N GLN L 318 -61.28 3.50 -43.39
CA GLN L 318 -60.26 4.33 -44.01
C GLN L 318 -60.44 5.84 -43.80
N ALA L 319 -59.32 6.55 -43.66
CA ALA L 319 -59.31 7.99 -43.46
C ALA L 319 -58.01 8.57 -43.98
N LYS L 320 -58.02 9.86 -44.31
CA LYS L 320 -56.84 10.54 -44.82
C LYS L 320 -55.71 10.67 -43.83
N ARG L 321 -56.04 10.73 -42.55
CA ARG L 321 -55.01 10.90 -41.52
C ARG L 321 -55.60 10.68 -40.12
N VAL L 322 -54.81 10.08 -39.24
CA VAL L 322 -55.21 9.82 -37.85
C VAL L 322 -54.05 10.20 -36.92
N VAL L 323 -54.36 10.83 -35.78
CA VAL L 323 -53.32 11.26 -34.85
C VAL L 323 -53.57 10.72 -33.45
N ILE L 324 -52.57 10.05 -32.88
CA ILE L 324 -52.70 9.48 -31.55
C ILE L 324 -51.74 10.08 -30.53
N ASN L 325 -52.30 10.43 -29.38
CA ASN L 325 -51.54 11.02 -28.27
C ASN L 325 -51.32 10.00 -27.18
N LYS L 326 -50.90 10.52 -26.03
CA LYS L 326 -50.68 9.70 -24.85
C LYS L 326 -52.08 9.25 -24.41
N ASP L 327 -53.09 10.06 -24.73
CA ASP L 327 -54.46 9.74 -24.34
C ASP L 327 -55.56 10.18 -25.33
N THR L 328 -55.18 10.42 -26.57
CA THR L 328 -56.17 10.84 -27.58
C THR L 328 -55.96 10.26 -28.97
N THR L 329 -57.04 9.75 -29.53
CA THR L 329 -57.00 9.21 -30.89
C THR L 329 -57.99 10.03 -31.70
N THR L 330 -57.50 10.61 -32.78
CA THR L 330 -58.37 11.43 -33.62
C THR L 330 -58.27 11.03 -35.10
N ILE L 331 -59.44 10.70 -35.66
CA ILE L 331 -59.59 10.27 -37.06
C ILE L 331 -60.04 11.43 -37.93
N ILE L 332 -59.19 11.82 -38.87
CA ILE L 332 -59.48 12.94 -39.75
C ILE L 332 -59.84 12.53 -41.17
N ASP L 333 -61.06 12.89 -41.56
CA ASP L 333 -61.61 12.61 -42.88
C ASP L 333 -61.77 11.12 -43.19
N GLY L 334 -62.85 10.55 -42.68
CA GLY L 334 -63.14 9.15 -42.92
C GLY L 334 -63.87 8.94 -44.23
N VAL L 335 -63.55 7.85 -44.91
CA VAL L 335 -64.14 7.51 -46.20
C VAL L 335 -65.65 7.23 -46.14
N GLY L 336 -66.21 7.23 -44.95
CA GLY L 336 -67.63 6.97 -44.82
C GLY L 336 -68.53 7.76 -45.76
N GLU L 337 -69.60 7.11 -46.23
CA GLU L 337 -70.55 7.74 -47.14
C GLU L 337 -71.47 8.68 -46.37
N GLU L 338 -71.66 9.88 -46.90
CA GLU L 338 -72.51 10.87 -46.26
C GLU L 338 -73.89 10.28 -45.95
N ALA L 339 -74.26 9.25 -46.71
CA ALA L 339 -75.55 8.58 -46.51
C ALA L 339 -75.47 7.73 -45.25
N ALA L 340 -74.47 6.84 -45.22
CA ALA L 340 -74.22 5.94 -44.09
C ALA L 340 -74.12 6.73 -42.79
N ILE L 341 -73.14 7.66 -42.75
CA ILE L 341 -72.90 8.51 -41.60
C ILE L 341 -74.15 9.26 -41.15
N GLN L 342 -74.75 10.03 -42.06
CA GLN L 342 -75.94 10.78 -41.71
C GLN L 342 -77.09 9.86 -41.25
N GLY L 343 -77.08 8.63 -41.76
CA GLY L 343 -78.11 7.67 -41.39
C GLY L 343 -77.88 7.15 -39.97
N ARG L 344 -76.62 6.93 -39.63
CA ARG L 344 -76.23 6.46 -38.30
C ARG L 344 -76.62 7.55 -37.28
N VAL L 345 -76.45 8.81 -37.68
CA VAL L 345 -76.80 9.96 -36.83
C VAL L 345 -78.30 9.94 -36.55
N ALA L 346 -79.05 9.38 -37.50
CA ALA L 346 -80.50 9.29 -37.38
C ALA L 346 -80.89 8.35 -36.24
N GLN L 347 -80.42 7.10 -36.31
CA GLN L 347 -80.73 6.11 -35.27
C GLN L 347 -80.42 6.72 -33.91
N ILE L 348 -79.17 7.11 -33.72
CA ILE L 348 -78.69 7.68 -32.46
C ILE L 348 -79.55 8.85 -32.01
N ARG L 349 -80.04 9.62 -32.98
CA ARG L 349 -80.88 10.77 -32.65
C ARG L 349 -82.28 10.27 -32.29
N GLN L 350 -82.58 9.05 -32.72
CA GLN L 350 -83.87 8.42 -32.45
C GLN L 350 -83.80 7.83 -31.02
N GLN L 351 -82.66 7.21 -30.72
CA GLN L 351 -82.42 6.61 -29.42
C GLN L 351 -82.69 7.66 -28.34
N ILE L 352 -82.23 8.88 -28.60
CA ILE L 352 -82.40 9.99 -27.67
C ILE L 352 -83.86 10.22 -27.30
N GLU L 353 -84.75 9.88 -28.23
CA GLU L 353 -86.19 10.01 -28.00
C GLU L 353 -86.65 8.90 -27.08
N GLU L 354 -86.35 7.67 -27.49
CA GLU L 354 -86.70 6.47 -26.73
C GLU L 354 -85.86 6.34 -25.45
N ALA L 355 -85.22 7.44 -25.04
CA ALA L 355 -84.37 7.47 -23.85
C ALA L 355 -85.22 7.63 -22.60
N THR L 356 -85.22 6.59 -21.76
CA THR L 356 -86.00 6.58 -20.53
C THR L 356 -85.27 7.25 -19.35
N SER L 357 -84.00 7.59 -19.55
CA SER L 357 -83.22 8.23 -18.52
C SER L 357 -82.39 9.38 -19.06
N ASP L 358 -81.83 10.19 -18.17
CA ASP L 358 -81.01 11.32 -18.58
C ASP L 358 -79.62 10.87 -19.00
N TYR L 359 -78.96 10.14 -18.12
CA TYR L 359 -77.62 9.62 -18.40
C TYR L 359 -77.57 9.02 -19.80
N ASP L 360 -78.55 8.17 -20.11
CA ASP L 360 -78.63 7.50 -21.40
C ASP L 360 -78.83 8.51 -22.53
N ARG L 361 -79.39 9.66 -22.18
CA ARG L 361 -79.65 10.72 -23.14
C ARG L 361 -78.36 11.51 -23.38
N GLU L 362 -77.65 11.81 -22.28
CA GLU L 362 -76.38 12.54 -22.35
C GLU L 362 -75.41 11.77 -23.23
N LYS L 363 -75.20 10.50 -22.88
CA LYS L 363 -74.28 9.63 -23.61
C LYS L 363 -74.58 9.55 -25.09
N LEU L 364 -75.86 9.51 -25.43
CA LEU L 364 -76.26 9.45 -26.83
C LEU L 364 -75.91 10.74 -27.53
N GLN L 365 -76.20 11.86 -26.87
CA GLN L 365 -75.90 13.18 -27.42
C GLN L 365 -74.40 13.31 -27.72
N GLU L 366 -73.59 12.73 -26.84
CA GLU L 366 -72.14 12.78 -27.01
C GLU L 366 -71.73 12.15 -28.33
N ARG L 367 -72.33 11.00 -28.64
CA ARG L 367 -72.01 10.27 -29.86
C ARG L 367 -72.42 10.99 -31.15
N VAL L 368 -73.61 11.59 -31.18
CA VAL L 368 -74.03 12.30 -32.39
C VAL L 368 -73.14 13.51 -32.56
N ALA L 369 -72.79 14.14 -31.45
CA ALA L 369 -71.92 15.31 -31.45
C ALA L 369 -70.61 14.97 -32.18
N LYS L 370 -70.02 13.84 -31.79
CA LYS L 370 -68.77 13.38 -32.38
C LYS L 370 -68.93 13.12 -33.88
N LEU L 371 -69.96 12.34 -34.22
CA LEU L 371 -70.27 11.97 -35.60
C LEU L 371 -70.64 13.17 -36.45
N ALA L 372 -71.77 13.78 -36.11
CA ALA L 372 -72.29 14.93 -36.84
C ALA L 372 -71.39 16.15 -36.80
N GLY L 373 -70.61 16.31 -35.74
CA GLY L 373 -69.73 17.47 -35.59
C GLY L 373 -68.58 17.62 -36.56
N GLY L 374 -67.96 16.50 -36.92
CA GLY L 374 -66.84 16.56 -37.84
C GLY L 374 -65.52 16.96 -37.20
N VAL L 375 -64.58 17.37 -38.03
CA VAL L 375 -63.26 17.76 -37.58
C VAL L 375 -62.72 18.92 -38.41
N ALA L 376 -62.38 20.03 -37.77
CA ALA L 376 -61.84 21.17 -38.51
C ALA L 376 -60.40 20.84 -38.88
N VAL L 377 -59.98 21.22 -40.08
CA VAL L 377 -58.60 20.97 -40.51
C VAL L 377 -57.92 22.25 -40.96
N ILE L 378 -56.91 22.67 -40.21
CA ILE L 378 -56.15 23.87 -40.52
C ILE L 378 -54.87 23.52 -41.26
N LYS L 379 -54.75 23.96 -42.51
CA LYS L 379 -53.54 23.70 -43.27
C LYS L 379 -52.77 25.02 -43.25
N VAL L 380 -51.58 25.00 -42.68
CA VAL L 380 -50.76 26.20 -42.56
C VAL L 380 -49.96 26.52 -43.82
N GLY L 381 -50.14 27.74 -44.34
CA GLY L 381 -49.42 28.13 -45.55
C GLY L 381 -48.19 28.98 -45.26
N ALA L 382 -47.29 29.05 -46.24
CA ALA L 382 -46.06 29.83 -46.10
C ALA L 382 -45.36 29.92 -47.45
N ALA L 383 -44.31 30.74 -47.51
CA ALA L 383 -43.54 30.94 -48.73
C ALA L 383 -42.51 29.82 -48.96
N THR L 384 -41.97 29.29 -47.88
CA THR L 384 -40.99 28.22 -48.00
C THR L 384 -41.39 27.09 -47.06
N GLU L 385 -40.91 25.88 -47.33
CA GLU L 385 -41.25 24.74 -46.49
C GLU L 385 -40.78 24.99 -45.05
N VAL L 386 -39.62 25.60 -44.92
CA VAL L 386 -39.08 25.88 -43.61
C VAL L 386 -40.05 26.75 -42.81
N GLU L 387 -40.44 27.88 -43.37
CA GLU L 387 -41.34 28.79 -42.71
C GLU L 387 -42.66 28.09 -42.39
N MET L 388 -43.16 27.34 -43.36
CA MET L 388 -44.41 26.61 -43.22
C MET L 388 -44.36 25.70 -42.01
N LYS L 389 -43.37 24.82 -41.98
CA LYS L 389 -43.21 23.89 -40.85
C LYS L 389 -43.09 24.63 -39.53
N GLU L 390 -42.40 25.77 -39.55
CA GLU L 390 -42.21 26.58 -38.34
C GLU L 390 -43.55 27.12 -37.86
N LYS L 391 -44.28 27.81 -38.74
CA LYS L 391 -45.57 28.39 -38.40
C LYS L 391 -46.54 27.28 -37.95
N LYS L 392 -46.44 26.11 -38.56
CA LYS L 392 -47.32 25.01 -38.21
C LYS L 392 -47.17 24.72 -36.73
N ALA L 393 -45.93 24.75 -36.27
CA ALA L 393 -45.62 24.48 -34.87
C ALA L 393 -46.21 25.56 -33.98
N ARG L 394 -46.05 26.82 -34.38
CA ARG L 394 -46.60 27.92 -33.58
C ARG L 394 -48.10 27.88 -33.54
N VAL L 395 -48.72 27.38 -34.62
CA VAL L 395 -50.18 27.28 -34.67
C VAL L 395 -50.60 26.18 -33.69
N GLU L 396 -49.95 25.02 -33.78
CA GLU L 396 -50.26 23.90 -32.90
C GLU L 396 -50.19 24.31 -31.43
N ASP L 397 -49.16 25.07 -31.08
CA ASP L 397 -48.99 25.51 -29.72
C ASP L 397 -50.09 26.47 -29.32
N ALA L 398 -50.19 27.56 -30.07
CA ALA L 398 -51.19 28.58 -29.82
C ALA L 398 -52.56 27.95 -29.70
N LEU L 399 -52.76 26.84 -30.39
CA LEU L 399 -54.05 26.16 -30.35
C LEU L 399 -54.32 25.59 -28.96
N HIS L 400 -53.39 24.76 -28.45
CA HIS L 400 -53.55 24.16 -27.12
C HIS L 400 -53.77 25.26 -26.09
N ALA L 401 -52.96 26.31 -26.17
CA ALA L 401 -53.04 27.43 -25.27
C ALA L 401 -54.46 27.99 -25.25
N THR L 402 -54.91 28.43 -26.42
CA THR L 402 -56.24 29.02 -26.59
C THR L 402 -57.35 28.06 -26.12
N ARG L 403 -57.14 26.78 -26.39
CA ARG L 403 -58.09 25.73 -26.01
C ARG L 403 -58.27 25.75 -24.50
N ALA L 404 -57.15 25.88 -23.80
CA ALA L 404 -57.12 25.90 -22.34
C ALA L 404 -57.66 27.23 -21.80
N ALA L 405 -57.42 28.31 -22.54
CA ALA L 405 -57.90 29.62 -22.12
C ALA L 405 -59.42 29.62 -22.21
N VAL L 406 -59.94 29.07 -23.29
CA VAL L 406 -61.39 29.03 -23.46
C VAL L 406 -62.05 28.25 -22.34
N GLU L 407 -61.36 27.23 -21.86
CA GLU L 407 -61.88 26.38 -20.79
C GLU L 407 -61.87 27.02 -19.41
N GLU L 408 -60.76 27.68 -19.06
CA GLU L 408 -60.66 28.28 -17.73
C GLU L 408 -60.15 29.72 -17.65
N GLY L 409 -60.05 30.39 -18.79
CA GLY L 409 -59.59 31.76 -18.79
C GLY L 409 -58.09 31.92 -18.69
N VAL L 410 -57.67 33.14 -18.41
CA VAL L 410 -56.25 33.45 -18.29
C VAL L 410 -55.96 34.26 -17.02
N VAL L 411 -54.71 34.23 -16.58
CA VAL L 411 -54.25 34.96 -15.39
C VAL L 411 -52.88 35.50 -15.74
N ALA L 412 -52.35 36.33 -14.86
CA ALA L 412 -51.04 36.91 -15.11
C ALA L 412 -49.98 35.83 -15.24
N GLY L 413 -49.12 35.96 -16.25
CA GLY L 413 -48.05 35.02 -16.46
C GLY L 413 -46.79 35.49 -15.75
N GLY L 414 -45.64 35.06 -16.22
CA GLY L 414 -44.39 35.46 -15.59
C GLY L 414 -44.31 35.01 -14.15
N GLY L 415 -45.19 34.09 -13.80
CA GLY L 415 -45.20 33.55 -12.45
C GLY L 415 -45.79 34.46 -11.40
N VAL L 416 -46.42 35.56 -11.81
CA VAL L 416 -46.99 36.47 -10.81
C VAL L 416 -48.37 36.01 -10.32
N ALA L 417 -49.08 35.23 -11.13
CA ALA L 417 -50.39 34.76 -10.71
C ALA L 417 -50.22 33.96 -9.42
N LEU L 418 -49.24 33.04 -9.40
CA LEU L 418 -49.00 32.21 -8.21
C LEU L 418 -48.58 33.02 -7.00
N ILE L 419 -47.76 34.03 -7.21
CA ILE L 419 -47.33 34.84 -6.08
C ILE L 419 -48.50 35.67 -5.56
N ARG L 420 -49.36 36.15 -6.46
CA ARG L 420 -50.52 36.93 -6.09
C ARG L 420 -51.46 36.09 -5.23
N VAL L 421 -51.77 34.89 -5.72
CA VAL L 421 -52.65 33.99 -5.02
C VAL L 421 -52.10 33.65 -3.64
N ALA L 422 -50.80 33.46 -3.54
CA ALA L 422 -50.19 33.14 -2.26
C ALA L 422 -50.31 34.32 -1.28
N SER L 423 -50.08 35.54 -1.76
CA SER L 423 -50.19 36.72 -0.90
C SER L 423 -51.57 36.86 -0.27
N LYS L 424 -52.58 36.30 -0.95
CA LYS L 424 -53.93 36.39 -0.43
C LYS L 424 -54.24 35.35 0.65
N LEU L 425 -53.42 34.30 0.74
CA LEU L 425 -53.68 33.24 1.72
C LEU L 425 -52.86 33.32 3.00
N ALA L 426 -52.36 34.50 3.32
CA ALA L 426 -51.55 34.70 4.53
C ALA L 426 -52.18 34.24 5.84
N ASP L 427 -53.49 34.42 5.98
CA ASP L 427 -54.16 34.03 7.20
C ASP L 427 -54.72 32.62 7.21
N LEU L 428 -54.47 31.86 6.14
CA LEU L 428 -54.97 30.49 6.07
C LEU L 428 -54.28 29.63 7.14
N ARG L 429 -55.08 28.86 7.88
CA ARG L 429 -54.53 28.01 8.94
C ARG L 429 -55.15 26.61 8.89
N GLY L 430 -54.49 25.66 9.56
CA GLY L 430 -54.99 24.30 9.57
C GLY L 430 -55.42 23.89 10.97
N GLN L 431 -55.53 22.58 11.19
CA GLN L 431 -55.95 22.05 12.48
C GLN L 431 -54.88 22.05 13.55
N ASN L 432 -53.61 22.07 13.18
CA ASN L 432 -52.54 22.09 14.17
C ASN L 432 -51.32 22.85 13.64
N GLU L 433 -50.30 23.00 14.49
CA GLU L 433 -49.13 23.74 14.06
C GLU L 433 -48.40 23.11 12.88
N ASP L 434 -48.28 21.80 12.86
CA ASP L 434 -47.61 21.15 11.74
C ASP L 434 -48.31 21.49 10.43
N GLN L 435 -49.64 21.42 10.43
CA GLN L 435 -50.38 21.75 9.22
C GLN L 435 -50.16 23.21 8.87
N ASN L 436 -50.07 24.06 9.88
CA ASN L 436 -49.83 25.48 9.63
C ASN L 436 -48.52 25.67 8.90
N VAL L 437 -47.50 24.93 9.33
CA VAL L 437 -46.19 24.98 8.70
C VAL L 437 -46.32 24.51 7.25
N GLY L 438 -47.11 23.43 7.07
CA GLY L 438 -47.34 22.88 5.75
C GLY L 438 -47.91 23.94 4.83
N ILE L 439 -48.90 24.68 5.31
CA ILE L 439 -49.51 25.73 4.53
C ILE L 439 -48.45 26.76 4.15
N LYS L 440 -47.59 27.13 5.09
CA LYS L 440 -46.56 28.12 4.80
C LYS L 440 -45.54 27.59 3.80
N VAL L 441 -45.24 26.30 3.89
CA VAL L 441 -44.29 25.70 2.96
C VAL L 441 -44.83 25.86 1.54
N ALA L 442 -46.12 25.59 1.36
CA ALA L 442 -46.73 25.71 0.04
C ALA L 442 -46.81 27.14 -0.45
N LEU L 443 -47.26 28.07 0.40
CA LEU L 443 -47.36 29.46 -0.01
C LEU L 443 -46.00 30.02 -0.37
N ARG L 444 -44.97 29.58 0.36
CA ARG L 444 -43.61 30.05 0.11
C ARG L 444 -43.14 29.53 -1.25
N ALA L 445 -43.47 28.27 -1.52
CA ALA L 445 -43.07 27.65 -2.77
C ALA L 445 -43.70 28.33 -3.99
N MET L 446 -44.91 28.85 -3.82
CA MET L 446 -45.61 29.49 -4.92
C MET L 446 -44.86 30.70 -5.44
N GLU L 447 -43.82 31.10 -4.72
CA GLU L 447 -42.99 32.23 -5.14
C GLU L 447 -41.80 31.76 -5.98
N ALA L 448 -41.55 30.46 -5.96
CA ALA L 448 -40.42 29.89 -6.68
C ALA L 448 -40.32 30.32 -8.14
N PRO L 449 -41.38 30.06 -8.94
CA PRO L 449 -41.39 30.43 -10.36
C PRO L 449 -40.96 31.87 -10.64
N LEU L 450 -41.68 32.85 -10.09
CA LEU L 450 -41.34 34.24 -10.32
C LEU L 450 -39.88 34.49 -9.94
N ARG L 451 -39.52 34.09 -8.74
CA ARG L 451 -38.16 34.28 -8.25
C ARG L 451 -37.14 33.71 -9.22
N GLN L 452 -37.37 32.49 -9.68
CA GLN L 452 -36.43 31.87 -10.63
C GLN L 452 -36.35 32.73 -11.90
N ILE L 453 -37.50 33.12 -12.45
CA ILE L 453 -37.54 33.95 -13.65
C ILE L 453 -36.68 35.21 -13.47
N VAL L 454 -36.88 35.91 -12.35
CA VAL L 454 -36.11 37.11 -12.05
C VAL L 454 -34.64 36.79 -11.91
N LEU L 455 -34.34 35.66 -11.29
CA LEU L 455 -32.96 35.25 -11.10
C LEU L 455 -32.27 35.03 -12.45
N ASN L 456 -32.99 34.41 -13.38
CA ASN L 456 -32.44 34.16 -14.71
C ASN L 456 -32.19 35.48 -15.42
N CYS L 457 -32.99 36.49 -15.10
CA CYS L 457 -32.84 37.82 -15.69
C CYS L 457 -31.69 38.60 -15.07
N GLY L 458 -31.12 38.07 -14.00
CA GLY L 458 -30.03 38.77 -13.34
C GLY L 458 -30.51 39.90 -12.45
N GLU L 459 -31.73 39.77 -11.90
CA GLU L 459 -32.26 40.79 -11.00
C GLU L 459 -32.44 40.20 -9.59
N GLU L 460 -32.76 41.04 -8.61
CA GLU L 460 -32.94 40.55 -7.24
C GLU L 460 -34.34 40.01 -7.00
N PRO L 461 -34.46 38.67 -6.93
CA PRO L 461 -35.73 38.00 -6.70
C PRO L 461 -36.55 38.58 -5.56
N SER L 462 -35.89 38.77 -4.41
CA SER L 462 -36.55 39.32 -3.22
C SER L 462 -37.20 40.65 -3.47
N VAL L 463 -36.48 41.55 -4.13
CA VAL L 463 -37.01 42.87 -4.41
C VAL L 463 -38.24 42.79 -5.32
N VAL L 464 -38.09 42.11 -6.45
CA VAL L 464 -39.20 41.99 -7.40
C VAL L 464 -40.39 41.24 -6.80
N ALA L 465 -40.10 40.14 -6.10
CA ALA L 465 -41.14 39.35 -5.46
C ALA L 465 -41.89 40.24 -4.49
N ASN L 466 -41.14 41.05 -3.77
CA ASN L 466 -41.68 41.95 -2.78
C ASN L 466 -42.61 42.99 -3.41
N THR L 467 -42.12 43.65 -4.44
CA THR L 467 -42.89 44.66 -5.13
C THR L 467 -44.18 44.08 -5.71
N VAL L 468 -44.06 42.91 -6.34
CA VAL L 468 -45.23 42.27 -6.93
C VAL L 468 -46.27 41.96 -5.87
N LYS L 469 -45.81 41.45 -4.73
CA LYS L 469 -46.74 41.11 -3.66
C LYS L 469 -47.50 42.33 -3.16
N GLY L 470 -46.86 43.50 -3.22
CA GLY L 470 -47.50 44.72 -2.78
C GLY L 470 -48.69 45.14 -3.63
N GLY L 471 -48.63 44.87 -4.94
CA GLY L 471 -49.72 45.25 -5.81
C GLY L 471 -50.95 44.39 -5.65
N ASP L 472 -51.87 44.47 -6.62
CA ASP L 472 -53.10 43.68 -6.58
C ASP L 472 -53.49 43.12 -7.94
N GLY L 473 -54.49 42.23 -7.93
CA GLY L 473 -54.96 41.64 -9.16
C GLY L 473 -53.84 41.15 -10.05
N ASN L 474 -53.95 41.40 -11.35
CA ASN L 474 -52.91 40.96 -12.27
C ASN L 474 -51.74 41.93 -12.46
N TYR L 475 -51.47 42.74 -11.44
CA TYR L 475 -50.34 43.66 -11.50
C TYR L 475 -49.09 42.82 -11.23
N GLY L 476 -48.11 42.89 -12.10
CA GLY L 476 -46.91 42.10 -11.89
C GLY L 476 -45.65 42.72 -12.48
N TYR L 477 -44.64 41.88 -12.67
CA TYR L 477 -43.37 42.32 -13.21
C TYR L 477 -43.14 41.69 -14.58
N ASN L 478 -42.96 42.52 -15.60
CA ASN L 478 -42.70 42.03 -16.94
C ASN L 478 -41.20 41.78 -16.97
N ALA L 479 -40.80 40.54 -16.71
CA ALA L 479 -39.38 40.19 -16.68
C ALA L 479 -38.66 40.59 -17.96
N ALA L 480 -39.39 40.52 -19.07
CA ALA L 480 -38.82 40.84 -20.37
C ALA L 480 -38.44 42.31 -20.53
N THR L 481 -39.22 43.21 -19.93
CA THR L 481 -38.96 44.65 -20.06
C THR L 481 -38.61 45.36 -18.76
N GLU L 482 -38.58 44.61 -17.66
CA GLU L 482 -38.30 45.16 -16.34
C GLU L 482 -39.33 46.23 -15.93
N GLU L 483 -40.53 46.13 -16.50
CA GLU L 483 -41.58 47.10 -16.19
C GLU L 483 -42.69 46.47 -15.38
N TYR L 484 -43.16 47.18 -14.36
CA TYR L 484 -44.25 46.65 -13.57
C TYR L 484 -45.51 47.21 -14.20
N GLY L 485 -46.60 46.46 -14.12
CA GLY L 485 -47.84 46.93 -14.69
C GLY L 485 -48.85 45.79 -14.72
N ASN L 486 -49.91 45.94 -15.49
CA ASN L 486 -50.87 44.88 -15.57
C ASN L 486 -50.34 43.83 -16.51
N MET L 487 -50.07 42.65 -15.98
CA MET L 487 -49.55 41.56 -16.78
C MET L 487 -50.39 41.25 -18.01
N ILE L 488 -51.70 41.16 -17.85
CA ILE L 488 -52.57 40.85 -18.97
C ILE L 488 -52.46 41.92 -20.06
N ASP L 489 -52.48 43.19 -19.65
CA ASP L 489 -52.36 44.28 -20.62
C ASP L 489 -51.05 44.22 -21.38
N MET L 490 -49.97 43.88 -20.68
CA MET L 490 -48.66 43.78 -21.32
C MET L 490 -48.53 42.48 -22.12
N GLY L 491 -49.64 41.75 -22.21
CA GLY L 491 -49.65 40.50 -22.97
C GLY L 491 -48.83 39.36 -22.41
N ILE L 492 -48.63 39.34 -21.10
CA ILE L 492 -47.86 38.28 -20.47
C ILE L 492 -48.80 37.51 -19.58
N LEU L 493 -49.40 36.47 -20.15
CA LEU L 493 -50.37 35.66 -19.42
C LEU L 493 -50.21 34.16 -19.60
N ASP L 494 -50.98 33.41 -18.81
CA ASP L 494 -50.97 31.95 -18.85
C ASP L 494 -52.39 31.46 -18.74
N PRO L 495 -52.72 30.37 -19.44
CA PRO L 495 -54.09 29.86 -19.32
C PRO L 495 -54.25 29.45 -17.85
N THR L 496 -55.31 29.91 -17.20
CA THR L 496 -55.52 29.56 -15.80
C THR L 496 -55.34 28.06 -15.62
N LYS L 497 -55.70 27.30 -16.64
CA LYS L 497 -55.57 25.86 -16.54
C LYS L 497 -54.14 25.37 -16.36
N VAL L 498 -53.16 25.98 -17.03
CA VAL L 498 -51.77 25.51 -16.90
C VAL L 498 -51.20 25.83 -15.53
N THR L 499 -51.49 27.01 -15.00
CA THR L 499 -51.01 27.37 -13.68
C THR L 499 -51.65 26.44 -12.64
N ARG L 500 -52.97 26.29 -12.70
CA ARG L 500 -53.64 25.39 -11.76
C ARG L 500 -53.06 23.97 -11.83
N SER L 501 -52.90 23.44 -13.04
CA SER L 501 -52.35 22.10 -13.22
C SER L 501 -50.95 22.00 -12.65
N ALA L 502 -50.08 22.90 -13.06
CA ALA L 502 -48.70 22.89 -12.58
C ALA L 502 -48.65 22.83 -11.07
N LEU L 503 -49.41 23.68 -10.40
CA LEU L 503 -49.42 23.70 -8.96
C LEU L 503 -49.93 22.40 -8.37
N GLN L 504 -51.13 21.99 -8.79
CA GLN L 504 -51.72 20.76 -8.25
C GLN L 504 -50.84 19.54 -8.44
N TYR L 505 -50.25 19.41 -9.63
CA TYR L 505 -49.40 18.28 -9.88
C TYR L 505 -48.13 18.33 -9.04
N ALA L 506 -47.54 19.51 -8.92
CA ALA L 506 -46.33 19.66 -8.13
C ALA L 506 -46.63 19.28 -6.70
N ALA L 507 -47.64 19.91 -6.13
CA ALA L 507 -48.05 19.63 -4.75
C ALA L 507 -48.34 18.17 -4.53
N SER L 508 -48.85 17.50 -5.58
CA SER L 508 -49.18 16.09 -5.49
C SER L 508 -47.97 15.19 -5.23
N VAL L 509 -46.99 15.27 -6.13
CA VAL L 509 -45.80 14.46 -6.02
C VAL L 509 -45.00 14.89 -4.79
N ALA L 510 -44.98 16.18 -4.49
CA ALA L 510 -44.24 16.69 -3.32
C ALA L 510 -44.84 16.11 -2.05
N GLY L 511 -46.16 16.05 -2.02
CA GLY L 511 -46.84 15.50 -0.86
C GLY L 511 -46.46 14.04 -0.68
N LEU L 512 -46.37 13.30 -1.79
CA LEU L 512 -46.03 11.89 -1.72
C LEU L 512 -44.65 11.64 -1.16
N MET L 513 -43.68 12.41 -1.64
CA MET L 513 -42.30 12.26 -1.19
C MET L 513 -42.14 12.60 0.27
N ILE L 514 -42.77 13.68 0.71
CA ILE L 514 -42.69 14.09 2.10
C ILE L 514 -43.21 12.97 3.01
N THR L 515 -44.16 12.20 2.49
CA THR L 515 -44.71 11.11 3.27
C THR L 515 -44.15 9.73 2.91
N THR L 516 -42.91 9.70 2.43
CA THR L 516 -42.28 8.44 2.08
C THR L 516 -41.28 8.03 3.17
N GLU L 517 -41.40 6.79 3.65
CA GLU L 517 -40.52 6.28 4.69
C GLU L 517 -39.56 5.20 4.23
N CYS L 518 -39.87 4.58 3.11
CA CYS L 518 -39.04 3.50 2.62
C CYS L 518 -38.94 3.46 1.10
N MET L 519 -37.76 3.10 0.60
CA MET L 519 -37.51 2.99 -0.84
C MET L 519 -36.82 1.68 -1.12
N VAL L 520 -37.33 0.96 -2.11
CA VAL L 520 -36.76 -0.32 -2.50
C VAL L 520 -36.34 -0.27 -3.94
N THR L 521 -35.09 -0.58 -4.23
CA THR L 521 -34.59 -0.56 -5.59
C THR L 521 -33.63 -1.71 -5.80
N ASP L 522 -33.19 -1.94 -7.04
CA ASP L 522 -32.28 -3.03 -7.28
C ASP L 522 -30.86 -2.71 -6.82
N LEU L 523 -30.07 -3.76 -6.66
CA LEU L 523 -28.69 -3.61 -6.23
C LEU L 523 -27.83 -3.18 -7.41
N PRO L 524 -26.99 -2.14 -7.22
CA PRO L 524 -26.12 -1.65 -8.30
C PRO L 524 -25.33 -2.76 -9.03
N ALA M 1 -30.07 6.38 -20.36
CA ALA M 1 -28.94 5.88 -19.53
C ALA M 1 -28.57 6.94 -18.49
N ALA M 2 -27.89 6.51 -17.43
CA ALA M 2 -27.49 7.44 -16.38
C ALA M 2 -26.65 8.52 -17.05
N LYS M 3 -26.99 9.77 -16.77
CA LYS M 3 -26.30 10.90 -17.36
C LYS M 3 -25.36 11.54 -16.38
N ASP M 4 -24.49 12.39 -16.88
CA ASP M 4 -23.55 13.12 -16.08
C ASP M 4 -23.97 14.56 -16.37
N VAL M 5 -24.46 15.27 -15.36
CA VAL M 5 -24.92 16.63 -15.56
C VAL M 5 -24.01 17.66 -14.91
N LYS M 6 -23.56 18.64 -15.67
CA LYS M 6 -22.70 19.69 -15.10
C LYS M 6 -23.41 21.01 -15.18
N PHE M 7 -23.12 21.89 -14.22
CA PHE M 7 -23.77 23.19 -14.18
C PHE M 7 -22.83 24.36 -14.24
N GLY M 8 -23.43 25.52 -14.48
CA GLY M 8 -22.70 26.76 -14.57
C GLY M 8 -21.24 26.74 -14.96
N ASN M 9 -20.44 27.31 -14.08
CA ASN M 9 -19.02 27.43 -14.32
C ASN M 9 -18.28 26.15 -14.60
N ASP M 10 -18.62 25.10 -13.88
CA ASP M 10 -18.00 23.81 -14.08
C ASP M 10 -18.24 23.39 -15.54
N ALA M 11 -19.44 23.63 -16.03
CA ALA M 11 -19.81 23.28 -17.39
C ALA M 11 -19.11 24.16 -18.44
N ARG M 12 -19.04 25.45 -18.17
CA ARG M 12 -18.40 26.35 -19.10
C ARG M 12 -16.88 26.16 -19.29
N VAL M 13 -16.14 25.85 -18.22
CA VAL M 13 -14.70 25.66 -18.40
C VAL M 13 -14.48 24.44 -19.28
N LYS M 14 -15.28 23.40 -19.06
CA LYS M 14 -15.18 22.18 -19.85
C LYS M 14 -15.34 22.53 -21.34
N MET M 15 -16.40 23.26 -21.67
CA MET M 15 -16.62 23.65 -23.04
C MET M 15 -15.46 24.44 -23.60
N LEU M 16 -15.00 25.44 -22.84
CA LEU M 16 -13.88 26.27 -23.29
C LEU M 16 -12.66 25.40 -23.57
N ARG M 17 -12.32 24.58 -22.59
CA ARG M 17 -11.18 23.67 -22.66
C ARG M 17 -11.28 22.86 -23.94
N GLY M 18 -12.50 22.47 -24.29
CA GLY M 18 -12.75 21.72 -25.50
C GLY M 18 -12.55 22.55 -26.76
N VAL M 19 -13.15 23.73 -26.87
CA VAL M 19 -12.94 24.52 -28.09
C VAL M 19 -11.50 24.98 -28.21
N ASN M 20 -10.76 25.03 -27.09
CA ASN M 20 -9.38 25.45 -27.18
C ASN M 20 -8.57 24.42 -27.92
N VAL M 21 -8.81 23.15 -27.62
CA VAL M 21 -8.08 22.07 -28.31
C VAL M 21 -8.35 22.20 -29.80
N LEU M 22 -9.63 22.35 -30.15
CA LEU M 22 -10.03 22.50 -31.53
C LEU M 22 -9.38 23.71 -32.18
N ALA M 23 -9.59 24.89 -31.57
CA ALA M 23 -9.02 26.12 -32.12
C ALA M 23 -7.50 26.11 -32.24
N ASP M 24 -6.81 25.71 -31.18
CA ASP M 24 -5.35 25.69 -31.24
C ASP M 24 -4.80 24.76 -32.32
N ALA M 25 -5.47 23.63 -32.56
CA ALA M 25 -5.02 22.69 -33.57
C ALA M 25 -5.20 23.26 -34.96
N VAL M 26 -6.31 23.95 -35.15
CA VAL M 26 -6.67 24.51 -36.44
C VAL M 26 -5.99 25.83 -36.80
N LYS M 27 -5.86 26.74 -35.82
CA LYS M 27 -5.29 28.07 -36.07
C LYS M 27 -3.81 28.15 -36.42
N VAL M 28 -3.06 27.10 -36.15
CA VAL M 28 -1.64 27.13 -36.46
C VAL M 28 -1.44 27.10 -37.98
N THR M 29 -2.47 26.67 -38.72
CA THR M 29 -2.42 26.57 -40.18
C THR M 29 -2.97 27.79 -40.90
N LEU M 30 -3.15 28.91 -40.20
CA LEU M 30 -3.76 30.08 -40.80
C LEU M 30 -3.00 30.96 -41.81
N GLY M 31 -2.05 31.76 -41.38
CA GLY M 31 -1.39 32.61 -42.37
C GLY M 31 -0.67 31.94 -43.53
N PRO M 32 -0.10 32.72 -44.48
CA PRO M 32 0.62 32.15 -45.61
C PRO M 32 1.93 31.55 -45.05
N LYS M 33 2.11 31.71 -43.75
CA LYS M 33 3.26 31.13 -43.08
C LYS M 33 2.71 30.08 -42.13
N GLY M 34 1.52 29.57 -42.45
CA GLY M 34 0.88 28.55 -41.63
C GLY M 34 1.72 27.30 -41.51
N ARG M 35 1.58 26.61 -40.39
CA ARG M 35 2.34 25.40 -40.10
C ARG M 35 1.60 24.13 -40.51
N ASN M 36 2.30 23.00 -40.41
CA ASN M 36 1.73 21.70 -40.77
C ASN M 36 1.17 20.98 -39.55
N VAL M 37 0.08 20.27 -39.75
CA VAL M 37 -0.53 19.49 -38.70
C VAL M 37 -0.44 18.07 -39.26
N VAL M 38 -0.02 17.12 -38.43
CA VAL M 38 0.10 15.74 -38.87
C VAL M 38 -1.08 14.91 -38.36
N LEU M 39 -1.86 14.37 -39.27
CA LEU M 39 -3.02 13.56 -38.93
C LEU M 39 -2.72 12.09 -39.17
N ASP M 40 -2.72 11.31 -38.08
CA ASP M 40 -2.42 9.89 -38.15
C ASP M 40 -3.55 9.10 -38.80
N LYS M 41 -3.18 8.04 -39.50
CA LYS M 41 -4.12 7.15 -40.17
C LYS M 41 -3.74 5.74 -39.75
N SER M 42 -4.73 4.96 -39.30
CA SER M 42 -4.48 3.59 -38.86
C SER M 42 -3.57 2.81 -39.83
N PHE M 43 -3.78 3.00 -41.13
CA PHE M 43 -2.98 2.32 -42.15
C PHE M 43 -2.05 3.23 -42.95
N GLY M 44 -0.75 2.98 -42.82
CA GLY M 44 0.24 3.74 -43.57
C GLY M 44 0.91 4.89 -42.84
N ALA M 45 1.42 5.81 -43.64
CA ALA M 45 2.11 6.99 -43.11
C ALA M 45 1.07 8.04 -42.79
N PRO M 46 1.38 8.90 -41.80
CA PRO M 46 0.48 9.97 -41.39
C PRO M 46 0.26 10.96 -42.51
N THR M 47 -0.79 11.76 -42.40
CA THR M 47 -1.07 12.77 -43.40
C THR M 47 -0.56 14.10 -42.87
N ILE M 48 0.18 14.83 -43.69
CA ILE M 48 0.69 16.13 -43.25
C ILE M 48 -0.13 17.15 -44.02
N THR M 49 -0.75 18.08 -43.31
CA THR M 49 -1.61 19.07 -43.98
C THR M 49 -1.55 20.46 -43.37
N LYS M 50 -2.00 21.44 -44.15
CA LYS M 50 -2.09 22.82 -43.69
C LYS M 50 -3.54 23.27 -43.82
N ASP M 51 -4.41 22.31 -44.15
CA ASP M 51 -5.83 22.58 -44.32
C ASP M 51 -6.61 22.46 -43.01
N GLY M 52 -7.01 23.61 -42.49
CA GLY M 52 -7.77 23.67 -41.26
C GLY M 52 -9.04 22.86 -41.26
N VAL M 53 -9.64 22.65 -42.43
CA VAL M 53 -10.87 21.87 -42.49
C VAL M 53 -10.57 20.38 -42.27
N SER M 54 -9.43 19.93 -42.81
CA SER M 54 -9.03 18.54 -42.65
C SER M 54 -8.76 18.29 -41.19
N VAL M 55 -8.03 19.21 -40.57
CA VAL M 55 -7.69 19.09 -39.16
C VAL M 55 -8.94 19.06 -38.30
N ALA M 56 -9.79 20.07 -38.44
CA ALA M 56 -11.01 20.14 -37.64
C ALA M 56 -11.80 18.83 -37.70
N ARG M 57 -11.88 18.24 -38.89
CA ARG M 57 -12.61 17.00 -39.10
C ARG M 57 -12.16 15.90 -38.14
N GLU M 58 -10.86 15.84 -37.88
CA GLU M 58 -10.25 14.85 -37.01
C GLU M 58 -10.38 15.07 -35.50
N ILE M 59 -10.72 16.28 -35.10
CA ILE M 59 -10.81 16.57 -33.68
C ILE M 59 -12.03 16.01 -32.96
N GLU M 60 -11.76 15.19 -31.95
CA GLU M 60 -12.77 14.59 -31.11
C GLU M 60 -12.06 14.34 -29.78
N LEU M 61 -12.63 14.86 -28.70
CA LEU M 61 -12.01 14.71 -27.39
C LEU M 61 -12.61 13.62 -26.53
N GLU M 62 -11.77 13.03 -25.66
CA GLU M 62 -12.20 11.95 -24.78
C GLU M 62 -13.18 12.39 -23.71
N ASP M 63 -12.91 13.52 -23.07
CA ASP M 63 -13.81 14.04 -22.05
C ASP M 63 -15.12 14.44 -22.75
N LYS M 64 -16.23 13.81 -22.38
CA LYS M 64 -17.52 14.09 -23.02
C LYS M 64 -17.92 15.57 -23.07
N PHE M 65 -17.70 16.30 -21.98
CA PHE M 65 -18.04 17.71 -21.92
C PHE M 65 -17.14 18.55 -22.82
N GLU M 66 -15.83 18.34 -22.74
CA GLU M 66 -14.91 19.08 -23.59
C GLU M 66 -15.25 18.81 -25.04
N ASN M 67 -15.59 17.58 -25.35
CA ASN M 67 -15.93 17.19 -26.70
C ASN M 67 -17.14 17.94 -27.22
N MET M 68 -18.16 18.08 -26.38
CA MET M 68 -19.36 18.79 -26.80
C MET M 68 -18.99 20.21 -27.19
N GLY M 69 -18.04 20.79 -26.44
CA GLY M 69 -17.60 22.14 -26.73
C GLY M 69 -16.97 22.20 -28.11
N ALA M 70 -16.01 21.31 -28.36
CA ALA M 70 -15.34 21.25 -29.65
C ALA M 70 -16.34 20.97 -30.79
N GLN M 71 -17.20 19.99 -30.60
CA GLN M 71 -18.18 19.64 -31.63
C GLN M 71 -19.13 20.81 -31.96
N MET M 72 -19.47 21.60 -30.96
CA MET M 72 -20.39 22.71 -31.16
C MET M 72 -19.84 23.75 -32.10
N VAL M 73 -18.64 24.25 -31.86
CA VAL M 73 -18.09 25.28 -32.75
C VAL M 73 -17.66 24.61 -34.06
N LYS M 74 -17.27 23.35 -33.97
CA LYS M 74 -16.87 22.58 -35.14
C LYS M 74 -18.02 22.58 -36.13
N GLU M 75 -19.23 22.40 -35.63
CA GLU M 75 -20.42 22.36 -36.48
C GLU M 75 -20.75 23.68 -37.15
N VAL M 76 -20.98 24.74 -36.38
CA VAL M 76 -21.32 26.01 -37.02
C VAL M 76 -20.16 26.58 -37.85
N ALA M 77 -18.93 26.26 -37.49
CA ALA M 77 -17.80 26.77 -38.26
C ALA M 77 -17.86 26.18 -39.66
N SER M 78 -18.24 24.92 -39.76
CA SER M 78 -18.29 24.28 -41.06
C SER M 78 -19.34 24.95 -41.93
N LYS M 79 -20.44 25.43 -41.33
CA LYS M 79 -21.49 26.10 -42.08
C LYS M 79 -20.92 27.30 -42.84
N ALA M 80 -19.86 27.88 -42.33
CA ALA M 80 -19.26 29.02 -43.01
C ALA M 80 -18.67 28.53 -44.33
N ASN M 81 -17.94 27.42 -44.27
CA ASN M 81 -17.32 26.85 -45.46
C ASN M 81 -18.38 26.44 -46.47
N ASP M 82 -19.47 25.85 -45.98
CA ASP M 82 -20.56 25.43 -46.85
C ASP M 82 -21.16 26.61 -47.59
N ALA M 83 -21.31 27.74 -46.90
CA ALA M 83 -21.91 28.92 -47.49
C ALA M 83 -21.02 29.73 -48.45
N ALA M 84 -19.72 29.84 -48.16
CA ALA M 84 -18.83 30.62 -49.01
C ALA M 84 -17.59 29.88 -49.55
N GLY M 85 -17.48 28.59 -49.24
CA GLY M 85 -16.36 27.80 -49.73
C GLY M 85 -15.06 28.10 -48.98
N ASP M 86 -15.15 28.86 -47.90
CA ASP M 86 -13.97 29.22 -47.12
C ASP M 86 -14.37 29.94 -45.83
N GLY M 87 -13.43 30.05 -44.89
CA GLY M 87 -13.69 30.75 -43.65
C GLY M 87 -13.97 29.90 -42.43
N THR M 88 -13.83 28.59 -42.57
CA THR M 88 -14.08 27.72 -41.43
C THR M 88 -13.05 27.91 -40.33
N THR M 89 -11.78 28.00 -40.71
CA THR M 89 -10.74 28.18 -39.72
C THR M 89 -10.91 29.54 -39.07
N THR M 90 -11.17 30.56 -39.89
CA THR M 90 -11.36 31.91 -39.39
C THR M 90 -12.50 31.94 -38.37
N ALA M 91 -13.61 31.31 -38.72
CA ALA M 91 -14.78 31.27 -37.83
C ALA M 91 -14.38 30.65 -36.51
N THR M 92 -13.55 29.61 -36.57
CA THR M 92 -13.11 28.92 -35.37
C THR M 92 -12.26 29.83 -34.49
N VAL M 93 -11.22 30.46 -35.03
CA VAL M 93 -10.42 31.31 -34.16
C VAL M 93 -11.29 32.46 -33.62
N LEU M 94 -12.23 32.94 -34.41
CA LEU M 94 -13.11 34.02 -33.97
C LEU M 94 -13.95 33.52 -32.81
N ALA M 95 -14.53 32.33 -32.96
CA ALA M 95 -15.36 31.78 -31.90
C ALA M 95 -14.54 31.63 -30.62
N GLN M 96 -13.30 31.15 -30.75
CA GLN M 96 -12.43 30.97 -29.59
C GLN M 96 -12.24 32.29 -28.86
N ALA M 97 -11.95 33.34 -29.62
CA ALA M 97 -11.72 34.66 -29.06
C ALA M 97 -12.96 35.15 -28.30
N ILE M 98 -14.11 35.15 -28.96
CA ILE M 98 -15.33 35.60 -28.32
C ILE M 98 -15.64 34.76 -27.08
N ILE M 99 -15.60 33.43 -27.22
CA ILE M 99 -15.91 32.56 -26.09
C ILE M 99 -15.01 32.80 -24.89
N THR M 100 -13.71 32.94 -25.12
CA THR M 100 -12.77 33.17 -24.04
C THR M 100 -13.04 34.45 -23.25
N GLU M 101 -13.07 35.60 -23.93
CA GLU M 101 -13.34 36.86 -23.24
C GLU M 101 -14.74 36.90 -22.67
N GLY M 102 -15.70 36.32 -23.39
CA GLY M 102 -17.05 36.31 -22.90
C GLY M 102 -17.19 35.56 -21.57
N LEU M 103 -16.58 34.38 -21.48
CA LEU M 103 -16.65 33.58 -20.27
C LEU M 103 -15.93 34.30 -19.13
N LYS M 104 -14.88 35.05 -19.46
CA LYS M 104 -14.16 35.82 -18.45
C LYS M 104 -15.18 36.78 -17.82
N ALA M 105 -15.93 37.46 -18.68
CA ALA M 105 -16.92 38.41 -18.25
C ALA M 105 -18.00 37.72 -17.41
N VAL M 106 -18.47 36.57 -17.86
CA VAL M 106 -19.51 35.87 -17.12
C VAL M 106 -19.00 35.56 -15.72
N ALA M 107 -17.73 35.14 -15.64
CA ALA M 107 -17.13 34.79 -14.36
C ALA M 107 -16.97 36.04 -13.48
N ALA M 108 -16.75 37.19 -14.11
CA ALA M 108 -16.60 38.43 -13.37
C ALA M 108 -17.97 38.83 -12.86
N GLY M 109 -18.98 38.03 -13.17
CA GLY M 109 -20.33 38.33 -12.72
C GLY M 109 -21.21 39.15 -13.63
N MET M 110 -20.79 39.36 -14.88
CA MET M 110 -21.61 40.12 -15.82
C MET M 110 -22.71 39.24 -16.38
N ASN M 111 -23.82 39.86 -16.77
CA ASN M 111 -24.96 39.10 -17.29
C ASN M 111 -24.75 38.46 -18.65
N PRO M 112 -24.84 37.12 -18.71
CA PRO M 112 -24.65 36.36 -19.96
C PRO M 112 -25.55 36.84 -21.10
N MET M 113 -26.83 37.01 -20.83
CA MET M 113 -27.76 37.45 -21.85
C MET M 113 -27.40 38.82 -22.40
N ASP M 114 -26.89 39.71 -21.55
CA ASP M 114 -26.50 41.03 -22.01
C ASP M 114 -25.22 40.99 -22.82
N LEU M 115 -24.28 40.14 -22.39
CA LEU M 115 -23.01 39.98 -23.08
C LEU M 115 -23.30 39.50 -24.47
N LYS M 116 -24.26 38.60 -24.60
CA LYS M 116 -24.62 38.10 -25.91
C LYS M 116 -25.23 39.21 -26.77
N ARG M 117 -26.16 39.96 -26.20
CA ARG M 117 -26.82 41.04 -26.95
C ARG M 117 -25.81 42.07 -27.44
N GLY M 118 -24.81 42.37 -26.62
CA GLY M 118 -23.78 43.33 -27.00
C GLY M 118 -22.92 42.79 -28.14
N ILE M 119 -22.59 41.51 -28.07
CA ILE M 119 -21.78 40.85 -29.10
C ILE M 119 -22.57 40.88 -30.41
N ASP M 120 -23.85 40.53 -30.33
CA ASP M 120 -24.71 40.52 -31.50
C ASP M 120 -24.81 41.90 -32.12
N LYS M 121 -24.97 42.91 -31.29
CA LYS M 121 -25.07 44.27 -31.81
C LYS M 121 -23.80 44.62 -32.58
N ALA M 122 -22.65 44.34 -31.96
CA ALA M 122 -21.34 44.60 -32.56
C ALA M 122 -21.22 43.90 -33.92
N VAL M 123 -21.59 42.63 -33.97
CA VAL M 123 -21.53 41.86 -35.21
C VAL M 123 -22.45 42.45 -36.29
N THR M 124 -23.69 42.78 -35.94
CA THR M 124 -24.60 43.37 -36.89
C THR M 124 -23.97 44.64 -37.49
N ALA M 125 -23.46 45.48 -36.59
CA ALA M 125 -22.83 46.71 -37.00
C ALA M 125 -21.62 46.42 -37.84
N ALA M 126 -20.88 45.37 -37.48
CA ALA M 126 -19.68 44.99 -38.22
C ALA M 126 -20.01 44.57 -39.64
N VAL M 127 -21.09 43.81 -39.80
CA VAL M 127 -21.51 43.34 -41.11
C VAL M 127 -21.86 44.51 -42.04
N GLU M 128 -22.48 45.55 -41.51
CA GLU M 128 -22.82 46.69 -42.35
C GLU M 128 -21.53 47.37 -42.75
N GLU M 129 -20.68 47.59 -41.77
CA GLU M 129 -19.41 48.24 -42.01
C GLU M 129 -18.63 47.46 -43.05
N LEU M 130 -18.92 46.15 -43.11
CA LEU M 130 -18.25 45.24 -44.03
C LEU M 130 -18.76 45.40 -45.47
N LYS M 131 -20.04 45.72 -45.63
CA LYS M 131 -20.62 45.92 -46.96
C LYS M 131 -20.07 47.23 -47.53
N ALA M 132 -19.88 48.20 -46.64
CA ALA M 132 -19.37 49.50 -47.04
C ALA M 132 -17.93 49.38 -47.50
N LEU M 133 -17.15 48.63 -46.75
CA LEU M 133 -15.74 48.43 -47.06
C LEU M 133 -15.61 47.69 -48.39
N SER M 134 -16.62 46.88 -48.69
CA SER M 134 -16.68 46.05 -49.89
C SER M 134 -16.55 46.73 -51.25
N VAL M 135 -15.86 46.06 -52.16
CA VAL M 135 -15.65 46.51 -53.53
C VAL M 135 -16.36 45.50 -54.44
N PRO M 136 -17.18 45.98 -55.39
CA PRO M 136 -17.93 45.14 -56.32
C PRO M 136 -17.10 44.32 -57.29
N CYS M 137 -17.69 43.23 -57.74
CA CYS M 137 -17.08 42.32 -58.70
C CYS M 137 -18.19 41.94 -59.67
N SER M 138 -18.42 42.78 -60.68
CA SER M 138 -19.49 42.55 -61.65
C SER M 138 -19.06 42.30 -63.08
N ASP M 139 -18.34 43.24 -63.68
CA ASP M 139 -17.87 43.08 -65.06
C ASP M 139 -16.97 41.85 -65.13
N SER M 140 -17.07 41.10 -66.22
CA SER M 140 -16.28 39.89 -66.36
C SER M 140 -14.79 40.12 -66.30
N LYS M 141 -14.35 41.36 -66.36
CA LYS M 141 -12.91 41.62 -66.26
C LYS M 141 -12.50 41.38 -64.81
N ALA M 142 -13.38 41.79 -63.90
CA ALA M 142 -13.18 41.63 -62.47
C ALA M 142 -13.37 40.15 -62.13
N ILE M 143 -14.41 39.54 -62.68
CA ILE M 143 -14.69 38.15 -62.43
C ILE M 143 -13.48 37.29 -62.76
N ALA M 144 -12.74 37.71 -63.78
CA ALA M 144 -11.55 36.99 -64.21
C ALA M 144 -10.42 37.19 -63.20
N GLN M 145 -10.24 38.42 -62.74
CA GLN M 145 -9.19 38.74 -61.78
C GLN M 145 -9.38 37.98 -60.46
N VAL M 146 -10.61 37.97 -59.95
CA VAL M 146 -10.91 37.28 -58.71
C VAL M 146 -10.58 35.80 -58.91
N GLY M 147 -11.18 35.18 -59.93
CA GLY M 147 -10.93 33.79 -60.20
C GLY M 147 -9.45 33.48 -60.33
N THR M 148 -8.70 34.41 -60.91
CA THR M 148 -7.27 34.22 -61.09
C THR M 148 -6.54 34.27 -59.76
N ILE M 149 -6.97 35.16 -58.87
CA ILE M 149 -6.33 35.27 -57.56
C ILE M 149 -6.65 34.03 -56.73
N SER M 150 -7.89 33.56 -56.84
CA SER M 150 -8.33 32.39 -56.10
C SER M 150 -7.69 31.12 -56.66
N ALA M 151 -7.36 31.16 -57.95
CA ALA M 151 -6.74 30.02 -58.63
C ALA M 151 -5.24 30.02 -58.42
N ASN M 152 -4.78 30.86 -57.50
CA ASN M 152 -3.36 30.96 -57.18
C ASN M 152 -2.56 31.64 -58.29
N SER M 153 -3.12 32.70 -58.84
CA SER M 153 -2.49 33.48 -59.91
C SER M 153 -2.51 32.83 -61.28
N ASP M 154 -3.42 31.88 -61.50
CA ASP M 154 -3.54 31.21 -62.78
C ASP M 154 -4.56 31.97 -63.64
N GLU M 155 -4.08 32.80 -64.56
CA GLU M 155 -4.97 33.58 -65.40
C GLU M 155 -5.92 32.70 -66.18
N THR M 156 -5.48 31.49 -66.49
CA THR M 156 -6.27 30.51 -67.24
C THR M 156 -7.58 30.19 -66.54
N VAL M 157 -7.51 29.97 -65.24
CA VAL M 157 -8.70 29.65 -64.47
C VAL M 157 -9.63 30.86 -64.43
N GLY M 158 -9.03 32.04 -64.29
CA GLY M 158 -9.83 33.25 -64.26
C GLY M 158 -10.65 33.36 -65.54
N LYS M 159 -9.95 33.20 -66.65
CA LYS M 159 -10.55 33.25 -67.99
C LYS M 159 -11.66 32.21 -68.09
N LEU M 160 -11.33 30.96 -67.81
CA LEU M 160 -12.30 29.86 -67.85
C LEU M 160 -13.58 30.20 -67.12
N ILE M 161 -13.43 30.60 -65.85
CA ILE M 161 -14.58 30.96 -65.03
C ILE M 161 -15.35 32.14 -65.62
N ALA M 162 -14.63 33.16 -66.09
CA ALA M 162 -15.28 34.33 -66.68
C ALA M 162 -16.11 33.91 -67.89
N GLU M 163 -15.50 33.10 -68.77
CA GLU M 163 -16.19 32.65 -69.96
C GLU M 163 -17.41 31.81 -69.62
N ALA M 164 -17.27 30.93 -68.64
CA ALA M 164 -18.37 30.07 -68.23
C ALA M 164 -19.53 30.89 -67.70
N MET M 165 -19.23 31.89 -66.87
CA MET M 165 -20.28 32.73 -66.30
C MET M 165 -20.95 33.54 -67.38
N ASP M 166 -20.18 33.89 -68.40
CA ASP M 166 -20.71 34.65 -69.51
C ASP M 166 -21.75 33.81 -70.26
N LYS M 167 -21.49 32.52 -70.36
CA LYS M 167 -22.39 31.60 -71.04
C LYS M 167 -23.74 31.41 -70.34
N VAL M 168 -23.71 31.06 -69.06
CA VAL M 168 -24.96 30.82 -68.32
C VAL M 168 -25.44 31.97 -67.43
N GLY M 169 -24.66 33.05 -67.35
CA GLY M 169 -25.07 34.19 -66.53
C GLY M 169 -24.59 34.13 -65.09
N LYS M 170 -24.68 35.25 -64.38
CA LYS M 170 -24.25 35.31 -62.97
C LYS M 170 -24.96 34.24 -62.13
N GLU M 171 -26.24 34.05 -62.39
CA GLU M 171 -27.06 33.08 -61.66
C GLU M 171 -27.01 31.68 -62.26
N GLY M 172 -26.25 31.51 -63.33
CA GLY M 172 -26.18 30.21 -63.98
C GLY M 172 -25.55 29.08 -63.17
N VAL M 173 -25.77 27.85 -63.60
CA VAL M 173 -25.21 26.69 -62.93
C VAL M 173 -23.92 26.29 -63.65
N ILE M 174 -22.81 26.28 -62.92
CA ILE M 174 -21.53 25.91 -63.51
C ILE M 174 -20.97 24.65 -62.86
N THR M 175 -20.52 23.72 -63.69
CA THR M 175 -19.98 22.45 -63.24
C THR M 175 -18.54 22.28 -63.68
N VAL M 176 -17.79 21.42 -63.00
CA VAL M 176 -16.41 21.16 -63.36
C VAL M 176 -16.18 19.66 -63.39
N GLU M 177 -15.59 19.16 -64.48
CA GLU M 177 -15.29 17.73 -64.64
C GLU M 177 -13.89 17.50 -65.20
N ASP M 178 -13.43 16.25 -65.15
CA ASP M 178 -12.11 15.92 -65.67
C ASP M 178 -12.08 16.18 -67.16
N GLY M 179 -10.93 16.58 -67.67
CA GLY M 179 -10.79 16.85 -69.08
C GLY M 179 -10.56 15.60 -69.89
N THR M 180 -10.88 15.68 -71.18
CA THR M 180 -10.70 14.55 -72.10
C THR M 180 -9.22 14.41 -72.50
N GLY M 181 -8.50 15.52 -72.44
CA GLY M 181 -7.09 15.53 -72.78
C GLY M 181 -6.55 16.92 -72.48
N LEU M 182 -5.55 17.35 -73.25
CA LEU M 182 -4.98 18.68 -73.05
C LEU M 182 -5.96 19.66 -73.67
N GLN M 183 -6.11 20.83 -73.06
CA GLN M 183 -7.04 21.86 -73.54
C GLN M 183 -8.41 21.72 -72.92
N ASP M 184 -8.86 22.81 -72.29
CA ASP M 184 -10.15 22.88 -71.63
C ASP M 184 -11.32 22.85 -72.60
N GLU M 185 -12.53 22.70 -72.04
CA GLU M 185 -13.77 22.65 -72.81
C GLU M 185 -14.90 23.27 -72.00
N LEU M 186 -15.77 24.00 -72.69
CA LEU M 186 -16.91 24.63 -72.05
C LEU M 186 -18.08 24.40 -72.95
N ASP M 187 -19.23 24.07 -72.37
CA ASP M 187 -20.43 23.82 -73.15
C ASP M 187 -21.67 23.64 -72.27
N VAL M 188 -22.74 24.33 -72.64
CA VAL M 188 -23.99 24.26 -71.89
C VAL M 188 -24.85 23.08 -72.31
N VAL M 189 -25.22 22.24 -71.35
CA VAL M 189 -26.04 21.08 -71.65
C VAL M 189 -27.39 21.16 -70.96
N GLU M 190 -28.36 20.39 -71.45
CA GLU M 190 -29.68 20.37 -70.84
C GLU M 190 -29.44 19.98 -69.39
N GLY M 191 -30.01 20.74 -68.46
CA GLY M 191 -29.79 20.41 -67.07
C GLY M 191 -30.46 21.33 -66.08
N MET M 192 -30.38 20.94 -64.81
CA MET M 192 -31.00 21.72 -63.75
C MET M 192 -30.35 21.43 -62.40
N GLN M 193 -30.68 22.27 -61.43
CA GLN M 193 -30.14 22.10 -60.08
C GLN M 193 -31.09 22.62 -59.01
N PHE M 194 -31.50 21.75 -58.09
CA PHE M 194 -32.39 22.16 -57.02
C PHE M 194 -31.71 22.05 -55.66
N ASP M 195 -32.31 22.71 -54.67
CA ASP M 195 -31.75 22.74 -53.33
C ASP M 195 -32.20 21.62 -52.39
N ARG M 196 -31.56 20.47 -52.56
CA ARG M 196 -31.83 19.28 -51.76
C ARG M 196 -30.55 18.45 -51.75
N GLY M 197 -30.16 17.96 -50.58
CA GLY M 197 -28.96 17.16 -50.50
C GLY M 197 -29.29 15.68 -50.42
N TYR M 198 -28.28 14.88 -50.10
CA TYR M 198 -28.47 13.43 -49.98
C TYR M 198 -29.29 13.12 -48.73
N LEU M 199 -30.26 12.23 -48.87
CA LEU M 199 -31.10 11.85 -47.73
C LEU M 199 -30.33 11.02 -46.73
N SER M 200 -29.00 11.06 -46.84
CA SER M 200 -28.11 10.31 -45.95
C SER M 200 -26.71 10.24 -46.55
N PRO M 201 -25.65 10.39 -45.72
CA PRO M 201 -24.31 10.29 -46.30
C PRO M 201 -24.20 8.85 -46.80
N TYR M 202 -23.01 8.27 -46.83
CA TYR M 202 -22.88 6.89 -47.30
C TYR M 202 -23.10 6.81 -48.81
N PHE M 203 -24.13 7.51 -49.31
CA PHE M 203 -24.38 7.53 -50.75
C PHE M 203 -23.17 8.22 -51.37
N ILE M 204 -22.42 8.92 -50.53
CA ILE M 204 -21.21 9.64 -50.95
C ILE M 204 -20.19 8.67 -51.51
N ASN M 205 -19.77 8.88 -52.74
CA ASN M 205 -18.76 8.03 -53.37
C ASN M 205 -17.54 8.87 -53.70
N LYS M 206 -17.63 10.16 -53.41
CA LYS M 206 -16.52 11.09 -53.64
C LYS M 206 -16.25 11.78 -52.31
N PRO M 207 -15.68 11.04 -51.34
CA PRO M 207 -15.35 11.53 -50.00
C PRO M 207 -14.48 12.81 -49.94
N GLU M 208 -13.83 13.15 -51.05
CA GLU M 208 -12.99 14.34 -51.10
C GLU M 208 -13.93 15.53 -51.27
N THR M 209 -14.91 15.34 -52.15
CA THR M 209 -15.92 16.34 -52.45
C THR M 209 -17.07 16.17 -51.47
N GLY M 210 -17.09 15.03 -50.77
CA GLY M 210 -18.14 14.76 -49.82
C GLY M 210 -19.47 14.79 -50.54
N ALA M 211 -19.44 14.41 -51.81
CA ALA M 211 -20.64 14.40 -52.63
C ALA M 211 -20.86 13.06 -53.31
N VAL M 212 -22.02 12.93 -53.93
CA VAL M 212 -22.37 11.72 -54.65
C VAL M 212 -22.17 12.05 -56.12
N GLU M 213 -21.78 11.05 -56.90
CA GLU M 213 -21.54 11.26 -58.32
C GLU M 213 -21.93 10.01 -59.09
N LEU M 214 -23.05 10.09 -59.80
CA LEU M 214 -23.53 8.97 -60.57
C LEU M 214 -23.42 9.31 -62.06
N GLU M 215 -23.02 8.32 -62.86
CA GLU M 215 -22.87 8.55 -64.30
C GLU M 215 -23.87 7.72 -65.10
N SER M 216 -24.48 8.36 -66.08
CA SER M 216 -25.50 7.72 -66.93
C SER M 216 -26.55 7.00 -66.07
N PRO M 217 -27.01 7.63 -64.97
CA PRO M 217 -28.01 6.98 -64.12
C PRO M 217 -29.45 7.19 -64.56
N PHE M 218 -30.30 6.34 -64.02
CA PHE M 218 -31.73 6.40 -64.25
C PHE M 218 -32.25 7.29 -63.13
N ILE M 219 -33.37 7.94 -63.36
CA ILE M 219 -33.94 8.79 -62.35
C ILE M 219 -35.38 8.40 -62.07
N LEU M 220 -35.69 8.10 -60.82
CA LEU M 220 -37.05 7.72 -60.42
C LEU M 220 -37.78 8.91 -59.80
N LEU M 221 -38.83 9.35 -60.48
CA LEU M 221 -39.62 10.48 -60.03
C LEU M 221 -40.93 9.97 -59.44
N ALA M 222 -40.99 9.91 -58.11
CA ALA M 222 -42.18 9.43 -57.40
C ALA M 222 -42.78 10.50 -56.48
N ASP M 223 -43.97 10.95 -56.82
CA ASP M 223 -44.67 11.96 -56.04
C ASP M 223 -45.36 11.34 -54.83
N LYS M 224 -44.57 11.04 -53.81
CA LYS M 224 -45.07 10.45 -52.55
C LYS M 224 -43.93 9.86 -51.72
N LYS M 225 -44.18 9.72 -50.43
CA LYS M 225 -43.18 9.20 -49.52
C LYS M 225 -42.96 7.69 -49.66
N ILE M 226 -41.68 7.30 -49.63
CA ILE M 226 -41.30 5.90 -49.75
C ILE M 226 -40.66 5.43 -48.44
N SER M 227 -41.37 4.56 -47.72
CA SER M 227 -40.87 4.05 -46.44
C SER M 227 -40.54 2.57 -46.50
N ASN M 228 -41.08 1.87 -47.49
CA ASN M 228 -40.83 0.44 -47.63
C ASN M 228 -40.22 0.11 -48.99
N ILE M 229 -39.08 -0.56 -48.98
CA ILE M 229 -38.38 -0.92 -50.20
C ILE M 229 -39.02 -2.11 -50.92
N ARG M 230 -40.28 -2.36 -50.60
CA ARG M 230 -41.02 -3.46 -51.19
C ARG M 230 -41.58 -3.05 -52.56
N GLU M 231 -41.92 -1.76 -52.70
CA GLU M 231 -42.45 -1.23 -53.95
C GLU M 231 -41.30 -1.01 -54.91
N MET M 232 -40.11 -0.84 -54.31
CA MET M 232 -38.89 -0.59 -55.07
C MET M 232 -38.43 -1.78 -55.90
N LEU M 233 -38.36 -2.95 -55.27
CA LEU M 233 -37.90 -4.18 -55.92
C LEU M 233 -38.09 -4.29 -57.44
N PRO M 234 -39.34 -4.21 -57.94
CA PRO M 234 -39.57 -4.30 -59.39
C PRO M 234 -38.75 -3.32 -60.22
N VAL M 235 -38.57 -2.10 -59.71
CA VAL M 235 -37.81 -1.07 -60.39
C VAL M 235 -36.31 -1.16 -60.06
N LEU M 236 -35.99 -1.60 -58.85
CA LEU M 236 -34.60 -1.74 -58.44
C LEU M 236 -33.92 -2.86 -59.21
N GLU M 237 -34.71 -3.87 -59.58
CA GLU M 237 -34.18 -5.00 -60.33
C GLU M 237 -34.00 -4.67 -61.81
N ALA M 238 -34.90 -3.83 -62.34
CA ALA M 238 -34.82 -3.42 -63.73
C ALA M 238 -33.55 -2.57 -63.90
N VAL M 239 -33.13 -1.93 -62.80
CA VAL M 239 -31.93 -1.10 -62.79
C VAL M 239 -30.67 -1.92 -62.50
N ALA M 240 -30.84 -3.06 -61.84
CA ALA M 240 -29.72 -3.96 -61.56
C ALA M 240 -29.28 -4.48 -62.94
N LYS M 241 -30.26 -4.65 -63.82
CA LYS M 241 -30.01 -5.06 -65.20
C LYS M 241 -29.63 -3.76 -65.88
N ALA M 242 -28.77 -3.86 -66.90
CA ALA M 242 -28.29 -2.68 -67.62
C ALA M 242 -27.21 -2.04 -66.72
N GLY M 243 -26.95 -2.68 -65.58
CA GLY M 243 -25.95 -2.22 -64.64
C GLY M 243 -25.73 -0.72 -64.56
N LYS M 244 -26.81 0.04 -64.37
CA LYS M 244 -26.71 1.50 -64.27
C LYS M 244 -27.17 1.99 -62.91
N PRO M 245 -26.56 3.09 -62.41
CA PRO M 245 -26.93 3.67 -61.11
C PRO M 245 -28.34 4.28 -61.13
N LEU M 246 -28.87 4.58 -59.94
CA LEU M 246 -30.21 5.12 -59.84
C LEU M 246 -30.30 6.28 -58.85
N LEU M 247 -31.04 7.30 -59.25
CA LEU M 247 -31.26 8.47 -58.40
C LEU M 247 -32.75 8.49 -58.10
N ILE M 248 -33.10 8.43 -56.81
CA ILE M 248 -34.50 8.45 -56.42
C ILE M 248 -34.87 9.86 -55.96
N ILE M 249 -35.87 10.43 -56.62
CA ILE M 249 -36.36 11.75 -56.25
C ILE M 249 -37.82 11.56 -55.89
N ALA M 250 -38.10 11.50 -54.59
CA ALA M 250 -39.46 11.33 -54.10
C ALA M 250 -39.76 12.36 -53.01
N GLU M 251 -41.02 12.38 -52.56
CA GLU M 251 -41.44 13.31 -51.52
C GLU M 251 -40.47 13.15 -50.37
N ASP M 252 -40.08 11.90 -50.12
CA ASP M 252 -39.13 11.58 -49.06
C ASP M 252 -38.91 10.07 -49.00
N VAL M 253 -37.77 9.68 -48.46
CA VAL M 253 -37.43 8.26 -48.32
C VAL M 253 -37.12 8.01 -46.85
N GLU M 254 -37.97 7.20 -46.22
CA GLU M 254 -37.86 6.90 -44.79
C GLU M 254 -37.43 5.49 -44.37
N GLY M 255 -36.81 5.46 -43.18
CA GLY M 255 -36.35 4.24 -42.56
C GLY M 255 -36.17 2.95 -43.36
N GLU M 256 -37.18 2.09 -43.31
CA GLU M 256 -37.15 0.79 -43.98
C GLU M 256 -36.56 0.81 -45.39
N ALA M 257 -37.04 1.71 -46.23
CA ALA M 257 -36.53 1.83 -47.59
C ALA M 257 -35.15 2.51 -47.60
N LEU M 258 -35.03 3.63 -46.88
CA LEU M 258 -33.79 4.39 -46.81
C LEU M 258 -32.63 3.56 -46.26
N ALA M 259 -32.88 2.88 -45.14
CA ALA M 259 -31.86 2.04 -44.53
C ALA M 259 -31.44 0.93 -45.48
N THR M 260 -32.40 0.38 -46.22
CA THR M 260 -32.11 -0.69 -47.16
C THR M 260 -31.25 -0.20 -48.32
N LEU M 261 -31.51 1.03 -48.76
CA LEU M 261 -30.75 1.63 -49.86
C LEU M 261 -29.33 1.97 -49.41
N VAL M 262 -29.21 2.53 -48.20
CA VAL M 262 -27.92 2.89 -47.65
C VAL M 262 -27.02 1.66 -47.53
N VAL M 263 -27.65 0.49 -47.40
CA VAL M 263 -26.92 -0.77 -47.29
C VAL M 263 -26.55 -1.31 -48.66
N ASN M 264 -27.55 -1.77 -49.42
CA ASN M 264 -27.32 -2.34 -50.75
C ASN M 264 -26.33 -1.60 -51.65
N THR M 265 -26.37 -0.27 -51.66
CA THR M 265 -25.46 0.51 -52.50
C THR M 265 -24.07 0.53 -51.86
N MET M 266 -24.06 0.51 -50.52
CA MET M 266 -22.82 0.52 -49.75
C MET M 266 -22.17 -0.87 -49.77
N ARG M 267 -22.74 -1.76 -50.58
CA ARG M 267 -22.25 -3.14 -50.75
C ARG M 267 -22.04 -3.45 -52.22
N GLY M 268 -22.20 -2.44 -53.06
CA GLY M 268 -22.01 -2.64 -54.49
C GLY M 268 -23.14 -3.33 -55.22
N ILE M 269 -24.20 -3.65 -54.48
CA ILE M 269 -25.38 -4.31 -55.06
C ILE M 269 -26.26 -3.24 -55.73
N VAL M 270 -25.67 -2.50 -56.67
CA VAL M 270 -26.33 -1.42 -57.42
C VAL M 270 -26.18 -0.05 -56.73
N LYS M 271 -25.70 0.95 -57.47
CA LYS M 271 -25.51 2.31 -56.96
C LYS M 271 -26.83 3.07 -56.98
N VAL M 272 -27.25 3.55 -55.82
CA VAL M 272 -28.50 4.31 -55.72
C VAL M 272 -28.31 5.49 -54.80
N ALA M 273 -29.02 6.58 -55.11
CA ALA M 273 -28.96 7.80 -54.31
C ALA M 273 -30.36 8.38 -54.25
N ALA M 274 -30.79 8.79 -53.06
CA ALA M 274 -32.12 9.36 -52.90
C ALA M 274 -32.04 10.78 -52.33
N VAL M 275 -32.94 11.63 -52.80
CA VAL M 275 -33.01 13.02 -52.35
C VAL M 275 -34.48 13.45 -52.40
N LYS M 276 -34.84 14.44 -51.60
CA LYS M 276 -36.22 14.92 -51.57
C LYS M 276 -36.53 15.76 -52.80
N ALA M 277 -37.78 15.72 -53.22
CA ALA M 277 -38.21 16.52 -54.36
C ALA M 277 -38.07 17.98 -53.89
N PRO M 278 -37.74 18.88 -54.82
CA PRO M 278 -37.59 20.30 -54.48
C PRO M 278 -38.91 20.95 -54.09
N GLY M 279 -38.86 21.86 -53.13
CA GLY M 279 -40.06 22.57 -52.69
C GLY M 279 -41.05 21.69 -51.95
N PHE M 280 -42.24 22.25 -51.69
CA PHE M 280 -43.27 21.51 -50.98
C PHE M 280 -44.65 21.79 -51.58
N GLY M 281 -45.65 21.09 -51.08
CA GLY M 281 -47.01 21.30 -51.56
C GLY M 281 -47.21 21.14 -53.06
N ASP M 282 -47.88 22.11 -53.68
CA ASP M 282 -48.16 22.08 -55.11
C ASP M 282 -46.90 22.33 -55.93
N ARG M 283 -46.21 23.44 -55.66
CA ARG M 283 -45.00 23.77 -56.41
C ARG M 283 -44.00 22.63 -56.38
N ARG M 284 -44.19 21.67 -55.47
CA ARG M 284 -43.30 20.52 -55.40
C ARG M 284 -43.64 19.56 -56.52
N LYS M 285 -44.94 19.37 -56.74
CA LYS M 285 -45.43 18.47 -57.78
C LYS M 285 -45.08 19.03 -59.13
N ALA M 286 -45.29 20.34 -59.29
CA ALA M 286 -44.98 21.00 -60.55
C ALA M 286 -43.51 20.79 -60.92
N MET M 287 -42.64 20.99 -59.93
CA MET M 287 -41.20 20.83 -60.16
C MET M 287 -40.79 19.39 -60.42
N LEU M 288 -41.52 18.43 -59.85
CA LEU M 288 -41.18 17.04 -60.06
C LEU M 288 -41.44 16.70 -61.53
N GLN M 289 -42.37 17.43 -62.13
CA GLN M 289 -42.70 17.23 -63.54
C GLN M 289 -41.58 17.88 -64.37
N ASP M 290 -41.19 19.10 -63.98
CA ASP M 290 -40.13 19.81 -64.69
C ASP M 290 -38.92 18.88 -64.87
N ILE M 291 -38.53 18.23 -63.78
CA ILE M 291 -37.41 17.30 -63.78
C ILE M 291 -37.67 16.15 -64.75
N ALA M 292 -38.91 15.67 -64.75
CA ALA M 292 -39.33 14.57 -65.61
C ALA M 292 -39.13 14.93 -67.09
N THR M 293 -39.66 16.08 -67.48
CA THR M 293 -39.55 16.55 -68.87
C THR M 293 -38.08 16.74 -69.25
N LEU M 294 -37.29 17.23 -68.29
CA LEU M 294 -35.88 17.49 -68.49
C LEU M 294 -35.10 16.20 -68.64
N THR M 295 -35.48 15.18 -67.87
CA THR M 295 -34.80 13.89 -67.91
C THR M 295 -35.53 12.85 -68.79
N GLY M 296 -36.70 13.23 -69.31
CA GLY M 296 -37.49 12.34 -70.14
C GLY M 296 -38.04 11.14 -69.38
N GLY M 297 -38.52 11.40 -68.17
CA GLY M 297 -39.08 10.33 -67.37
C GLY M 297 -40.53 10.60 -67.09
N THR M 298 -41.18 9.67 -66.39
CA THR M 298 -42.58 9.83 -66.06
C THR M 298 -42.71 9.90 -64.54
N VAL M 299 -43.45 10.90 -64.06
CA VAL M 299 -43.64 11.05 -62.63
C VAL M 299 -44.69 10.05 -62.18
N ILE M 300 -44.36 9.25 -61.17
CA ILE M 300 -45.28 8.26 -60.64
C ILE M 300 -46.03 8.82 -59.44
N SER M 301 -47.21 9.38 -59.68
CA SER M 301 -48.03 9.96 -58.61
C SER M 301 -49.19 9.04 -58.22
N GLU M 302 -49.36 8.85 -56.91
CA GLU M 302 -50.42 8.01 -56.38
C GLU M 302 -51.77 8.60 -56.77
N GLU M 303 -51.79 9.92 -56.94
CA GLU M 303 -53.00 10.63 -57.31
C GLU M 303 -53.63 10.01 -58.54
N ILE M 304 -52.90 10.01 -59.64
CA ILE M 304 -53.41 9.44 -60.89
C ILE M 304 -53.58 7.92 -60.72
N GLY M 305 -53.26 7.43 -59.52
CA GLY M 305 -53.39 6.01 -59.24
C GLY M 305 -52.32 5.15 -59.86
N MET M 306 -51.06 5.53 -59.66
CA MET M 306 -49.94 4.78 -60.20
C MET M 306 -49.22 4.04 -59.08
N GLU M 307 -48.40 3.07 -59.46
CA GLU M 307 -47.65 2.27 -58.50
C GLU M 307 -46.21 2.05 -58.93
N LEU M 308 -45.31 2.05 -57.95
CA LEU M 308 -43.89 1.83 -58.19
C LEU M 308 -43.61 0.37 -58.59
N GLU M 309 -44.52 -0.51 -58.20
CA GLU M 309 -44.39 -1.93 -58.51
C GLU M 309 -44.66 -2.16 -59.99
N LYS M 310 -45.35 -1.22 -60.62
CA LYS M 310 -45.67 -1.34 -62.04
C LYS M 310 -44.87 -0.34 -62.89
N ALA M 311 -43.80 0.21 -62.31
CA ALA M 311 -42.95 1.16 -63.02
C ALA M 311 -41.79 0.42 -63.68
N THR M 312 -41.60 0.67 -64.97
CA THR M 312 -40.53 0.02 -65.74
C THR M 312 -39.43 1.03 -66.07
N LEU M 313 -38.28 0.53 -66.53
CA LEU M 313 -37.17 1.40 -66.88
C LEU M 313 -37.63 2.52 -67.80
N GLU M 314 -38.68 2.23 -68.57
CA GLU M 314 -39.25 3.18 -69.52
C GLU M 314 -39.79 4.45 -68.85
N ASP M 315 -40.25 4.33 -67.61
CA ASP M 315 -40.79 5.46 -66.85
C ASP M 315 -39.67 6.31 -66.24
N LEU M 316 -38.52 5.69 -66.03
CA LEU M 316 -37.36 6.37 -65.45
C LEU M 316 -36.77 7.45 -66.36
N GLY M 317 -36.35 8.54 -65.74
CA GLY M 317 -35.74 9.63 -66.48
C GLY M 317 -34.29 9.23 -66.71
N GLN M 318 -33.49 10.11 -67.32
CA GLN M 318 -32.10 9.75 -67.58
C GLN M 318 -31.22 10.96 -67.87
N ALA M 319 -29.99 10.91 -67.36
CA ALA M 319 -29.03 11.99 -67.55
C ALA M 319 -27.61 11.45 -67.57
N LYS M 320 -26.69 12.18 -68.20
CA LYS M 320 -25.32 11.75 -68.28
C LYS M 320 -24.60 11.73 -66.96
N ARG M 321 -24.99 12.61 -66.05
CA ARG M 321 -24.32 12.68 -64.75
C ARG M 321 -25.07 13.56 -63.75
N VAL M 322 -25.09 13.13 -62.49
CA VAL M 322 -25.76 13.89 -61.45
C VAL M 322 -24.83 13.99 -60.27
N VAL M 323 -24.84 15.14 -59.61
CA VAL M 323 -23.98 15.35 -58.45
C VAL M 323 -24.81 15.85 -57.28
N ILE M 324 -24.65 15.20 -56.14
CA ILE M 324 -25.41 15.57 -54.95
C ILE M 324 -24.50 16.03 -53.81
N ASN M 325 -24.93 17.08 -53.12
CA ASN M 325 -24.17 17.64 -52.00
C ASN M 325 -24.88 17.36 -50.71
N LYS M 326 -24.52 18.18 -49.73
CA LYS M 326 -25.11 18.12 -48.41
C LYS M 326 -26.49 18.76 -48.61
N ASP M 327 -26.54 19.72 -49.55
CA ASP M 327 -27.78 20.44 -49.82
C ASP M 327 -28.03 20.84 -51.27
N THR M 328 -27.50 20.07 -52.20
CA THR M 328 -27.69 20.39 -53.60
C THR M 328 -27.63 19.19 -54.52
N THR M 329 -28.67 19.06 -55.34
CA THR M 329 -28.72 17.99 -56.31
C THR M 329 -28.69 18.70 -57.65
N THR M 330 -27.76 18.32 -58.50
CA THR M 330 -27.66 18.95 -59.82
C THR M 330 -27.55 17.90 -60.94
N ILE M 331 -28.54 17.94 -61.83
CA ILE M 331 -28.67 17.01 -62.96
C ILE M 331 -28.00 17.56 -64.22
N ILE M 332 -27.02 16.83 -64.72
CA ILE M 332 -26.29 17.27 -65.92
C ILE M 332 -26.59 16.47 -67.19
N ASP M 333 -27.05 17.20 -68.20
CA ASP M 333 -27.41 16.63 -69.49
C ASP M 333 -28.47 15.54 -69.40
N GLY M 334 -29.73 15.97 -69.40
CA GLY M 334 -30.86 15.05 -69.33
C GLY M 334 -31.28 14.63 -70.73
N VAL M 335 -31.77 13.41 -70.84
CA VAL M 335 -32.17 12.88 -72.14
C VAL M 335 -33.45 13.52 -72.69
N GLY M 336 -34.00 14.48 -71.95
CA GLY M 336 -35.21 15.14 -72.41
C GLY M 336 -35.14 15.65 -73.84
N GLU M 337 -36.25 15.51 -74.56
CA GLU M 337 -36.33 15.96 -75.94
C GLU M 337 -36.45 17.46 -76.01
N GLU M 338 -35.64 18.09 -76.84
CA GLU M 338 -35.65 19.55 -76.99
C GLU M 338 -37.08 20.03 -77.20
N ALA M 339 -37.89 19.19 -77.86
CA ALA M 339 -39.28 19.53 -78.12
C ALA M 339 -40.03 19.55 -76.79
N ALA M 340 -40.01 18.42 -76.10
CA ALA M 340 -40.69 18.25 -74.81
C ALA M 340 -40.31 19.38 -73.83
N ILE M 341 -39.00 19.52 -73.62
CA ILE M 341 -38.46 20.53 -72.73
C ILE M 341 -38.94 21.93 -73.11
N GLN M 342 -38.63 22.34 -74.34
CA GLN M 342 -39.02 23.67 -74.82
C GLN M 342 -40.53 23.88 -74.78
N GLY M 343 -41.29 22.78 -74.79
CA GLY M 343 -42.73 22.87 -74.73
C GLY M 343 -43.17 23.16 -73.30
N ARG M 344 -42.45 22.57 -72.35
CA ARG M 344 -42.75 22.78 -70.94
C ARG M 344 -42.46 24.25 -70.59
N VAL M 345 -41.36 24.76 -71.14
CA VAL M 345 -40.97 26.15 -70.91
C VAL M 345 -42.11 27.07 -71.35
N ALA M 346 -42.81 26.64 -72.41
CA ALA M 346 -43.93 27.38 -72.97
C ALA M 346 -45.06 27.48 -71.95
N GLN M 347 -45.56 26.33 -71.49
CA GLN M 347 -46.63 26.31 -70.52
C GLN M 347 -46.30 27.26 -69.38
N ILE M 348 -45.16 27.00 -68.73
CA ILE M 348 -44.71 27.80 -67.60
C ILE M 348 -44.62 29.28 -67.96
N ARG M 349 -44.16 29.57 -69.17
CA ARG M 349 -44.02 30.95 -69.61
C ARG M 349 -45.41 31.56 -69.85
N GLN M 350 -46.40 30.68 -70.01
CA GLN M 350 -47.79 31.10 -70.22
C GLN M 350 -48.42 31.37 -68.85
N GLN M 351 -48.08 30.53 -67.87
CA GLN M 351 -48.58 30.66 -66.51
C GLN M 351 -48.23 32.04 -65.98
N ILE M 352 -47.03 32.49 -66.33
CA ILE M 352 -46.54 33.80 -65.90
C ILE M 352 -47.48 34.93 -66.32
N GLU M 353 -48.18 34.74 -67.44
CA GLU M 353 -49.14 35.72 -67.94
C GLU M 353 -50.40 35.67 -67.08
N GLU M 354 -50.97 34.48 -66.99
CA GLU M 354 -52.18 34.23 -66.23
C GLU M 354 -51.93 34.34 -64.72
N ALA M 355 -50.77 34.87 -64.36
CA ALA M 355 -50.38 35.05 -62.96
C ALA M 355 -51.12 36.24 -62.38
N THR M 356 -51.93 35.97 -61.36
CA THR M 356 -52.72 37.02 -60.70
C THR M 356 -51.96 37.67 -59.54
N SER M 357 -50.77 37.17 -59.25
CA SER M 357 -49.96 37.71 -58.17
C SER M 357 -48.48 37.77 -58.55
N ASP M 358 -47.70 38.49 -57.76
CA ASP M 358 -46.27 38.62 -57.99
C ASP M 358 -45.52 37.36 -57.55
N TYR M 359 -45.72 36.96 -56.30
CA TYR M 359 -45.09 35.76 -55.75
C TYR M 359 -45.23 34.59 -56.72
N ASP M 360 -46.45 34.38 -57.22
CA ASP M 360 -46.73 33.29 -58.15
C ASP M 360 -45.95 33.48 -59.44
N ARG M 361 -45.68 34.73 -59.78
CA ARG M 361 -44.93 35.05 -60.98
C ARG M 361 -43.45 34.76 -60.75
N GLU M 362 -42.93 35.21 -59.61
CA GLU M 362 -41.53 35.00 -59.24
C GLU M 362 -41.18 33.52 -59.33
N LYS M 363 -41.98 32.71 -58.66
CA LYS M 363 -41.80 31.26 -58.61
C LYS M 363 -41.82 30.60 -59.98
N LEU M 364 -42.68 31.10 -60.87
CA LEU M 364 -42.75 30.54 -62.21
C LEU M 364 -41.48 30.90 -62.97
N GLN M 365 -41.05 32.15 -62.85
CA GLN M 365 -39.84 32.61 -63.52
C GLN M 365 -38.65 31.76 -63.08
N GLU M 366 -38.66 31.35 -61.81
CA GLU M 366 -37.60 30.52 -61.27
C GLU M 366 -37.53 29.20 -62.05
N ARG M 367 -38.68 28.56 -62.20
CA ARG M 367 -38.74 27.28 -62.90
C ARG M 367 -38.29 27.32 -64.36
N VAL M 368 -38.69 28.34 -65.11
CA VAL M 368 -38.25 28.42 -66.51
C VAL M 368 -36.75 28.66 -66.49
N ALA M 369 -36.29 29.50 -65.56
CA ALA M 369 -34.88 29.81 -65.42
C ALA M 369 -34.05 28.53 -65.32
N LYS M 370 -34.51 27.60 -64.48
CA LYS M 370 -33.82 26.33 -64.31
C LYS M 370 -33.86 25.56 -65.63
N LEU M 371 -35.07 25.26 -66.08
CA LEU M 371 -35.27 24.50 -67.31
C LEU M 371 -34.54 25.09 -68.52
N ALA M 372 -34.95 26.28 -68.94
CA ALA M 372 -34.34 26.96 -70.09
C ALA M 372 -32.86 27.29 -69.90
N GLY M 373 -32.47 27.58 -68.66
CA GLY M 373 -31.09 27.94 -68.36
C GLY M 373 -30.01 26.92 -68.70
N GLY M 374 -30.28 25.65 -68.43
CA GLY M 374 -29.31 24.62 -68.70
C GLY M 374 -28.23 24.54 -67.64
N VAL M 375 -27.09 23.97 -68.02
CA VAL M 375 -25.96 23.80 -67.12
C VAL M 375 -24.65 23.91 -67.88
N ALA M 376 -23.76 24.79 -67.41
CA ALA M 376 -22.46 24.95 -68.06
C ALA M 376 -21.54 23.84 -67.52
N VAL M 377 -20.74 23.26 -68.42
CA VAL M 377 -19.82 22.20 -68.01
C VAL M 377 -18.40 22.54 -68.42
N ILE M 378 -17.55 22.73 -67.42
CA ILE M 378 -16.15 23.05 -67.64
C ILE M 378 -15.30 21.80 -67.48
N LYS M 379 -14.70 21.35 -68.58
CA LYS M 379 -13.82 20.19 -68.56
C LYS M 379 -12.38 20.71 -68.53
N VAL M 380 -11.67 20.45 -67.44
CA VAL M 380 -10.30 20.95 -67.29
C VAL M 380 -9.26 20.14 -68.03
N GLY M 381 -8.50 20.80 -68.90
CA GLY M 381 -7.48 20.12 -69.66
C GLY M 381 -6.08 20.26 -69.08
N ALA M 382 -5.21 19.30 -69.40
CA ALA M 382 -3.83 19.30 -68.92
C ALA M 382 -2.97 18.30 -69.70
N ALA M 383 -1.67 18.38 -69.50
CA ALA M 383 -0.72 17.49 -70.18
C ALA M 383 -0.68 16.09 -69.54
N THR M 384 -0.83 16.03 -68.23
CA THR M 384 -0.81 14.75 -67.52
C THR M 384 -2.03 14.65 -66.62
N GLU M 385 -2.40 13.42 -66.23
CA GLU M 385 -3.57 13.25 -65.38
C GLU M 385 -3.38 13.96 -64.06
N VAL M 386 -2.15 13.92 -63.55
CA VAL M 386 -1.83 14.58 -62.29
C VAL M 386 -2.12 16.07 -62.35
N GLU M 387 -1.53 16.75 -63.33
CA GLU M 387 -1.74 18.17 -63.48
C GLU M 387 -3.23 18.48 -63.69
N MET M 388 -3.88 17.67 -64.52
CA MET M 388 -5.31 17.84 -64.81
C MET M 388 -6.14 17.81 -63.52
N LYS M 389 -6.00 16.73 -62.75
CA LYS M 389 -6.73 16.60 -61.52
C LYS M 389 -6.43 17.76 -60.57
N GLU M 390 -5.19 18.22 -60.59
CA GLU M 390 -4.77 19.33 -59.74
C GLU M 390 -5.47 20.64 -60.14
N LYS M 391 -5.37 20.99 -61.42
CA LYS M 391 -6.00 22.21 -61.94
C LYS M 391 -7.51 22.15 -61.75
N LYS M 392 -8.08 20.94 -61.85
CA LYS M 392 -9.52 20.76 -61.67
C LYS M 392 -9.90 21.27 -60.27
N ALA M 393 -9.09 20.92 -59.29
CA ALA M 393 -9.32 21.34 -57.92
C ALA M 393 -9.23 22.86 -57.79
N ARG M 394 -8.20 23.46 -58.38
CA ARG M 394 -8.05 24.90 -58.32
C ARG M 394 -9.19 25.61 -59.03
N VAL M 395 -9.71 24.98 -60.09
CA VAL M 395 -10.83 25.58 -60.82
C VAL M 395 -12.06 25.54 -59.93
N GLU M 396 -12.31 24.38 -59.32
CA GLU M 396 -13.46 24.21 -58.46
C GLU M 396 -13.45 25.23 -57.32
N ASP M 397 -12.28 25.46 -56.75
CA ASP M 397 -12.16 26.43 -55.66
C ASP M 397 -12.38 27.83 -56.16
N ALA M 398 -11.59 28.23 -57.14
CA ALA M 398 -11.71 29.57 -57.71
C ALA M 398 -13.16 29.84 -58.14
N LEU M 399 -13.89 28.79 -58.48
CA LEU M 399 -15.25 28.97 -58.90
C LEU M 399 -16.11 29.43 -57.73
N HIS M 400 -16.06 28.71 -56.60
CA HIS M 400 -16.84 29.08 -55.41
C HIS M 400 -16.49 30.48 -54.97
N ALA M 401 -15.18 30.78 -54.96
CA ALA M 401 -14.71 32.09 -54.55
C ALA M 401 -15.35 33.18 -55.39
N THR M 402 -15.21 33.05 -56.71
CA THR M 402 -15.73 34.01 -57.67
C THR M 402 -17.25 34.14 -57.57
N ARG M 403 -17.90 32.99 -57.36
CA ARG M 403 -19.34 32.95 -57.20
C ARG M 403 -19.76 33.88 -56.06
N ALA M 404 -19.07 33.75 -54.93
CA ALA M 404 -19.33 34.54 -53.75
C ALA M 404 -18.96 35.99 -53.98
N ALA M 405 -17.89 36.21 -54.73
CA ALA M 405 -17.43 37.56 -55.01
C ALA M 405 -18.49 38.30 -55.83
N VAL M 406 -19.06 37.61 -56.81
CA VAL M 406 -20.09 38.21 -57.65
C VAL M 406 -21.31 38.59 -56.83
N GLU M 407 -21.59 37.79 -55.81
CA GLU M 407 -22.73 38.00 -54.92
C GLU M 407 -22.58 39.16 -53.93
N GLU M 408 -21.40 39.27 -53.31
CA GLU M 408 -21.20 40.32 -52.31
C GLU M 408 -19.90 41.09 -52.39
N GLY M 409 -19.15 40.90 -53.46
CA GLY M 409 -17.90 41.63 -53.61
C GLY M 409 -16.73 41.07 -52.83
N VAL M 410 -15.67 41.86 -52.73
CA VAL M 410 -14.46 41.48 -52.02
C VAL M 410 -13.99 42.57 -51.05
N VAL M 411 -13.21 42.17 -50.05
CA VAL M 411 -12.66 43.08 -49.05
C VAL M 411 -11.23 42.63 -48.80
N ALA M 412 -10.47 43.43 -48.08
CA ALA M 412 -9.09 43.07 -47.80
C ALA M 412 -9.01 41.72 -47.09
N GLY M 413 -8.09 40.87 -47.54
CA GLY M 413 -7.92 39.57 -46.92
C GLY M 413 -6.88 39.65 -45.81
N GLY M 414 -6.27 38.51 -45.50
CA GLY M 414 -5.24 38.49 -44.46
C GLY M 414 -5.77 38.92 -43.11
N GLY M 415 -7.08 38.90 -42.98
CA GLY M 415 -7.71 39.28 -41.72
C GLY M 415 -7.75 40.77 -41.43
N VAL M 416 -7.37 41.61 -42.39
CA VAL M 416 -7.39 43.06 -42.12
C VAL M 416 -8.79 43.66 -42.27
N ALA M 417 -9.65 43.04 -43.06
CA ALA M 417 -11.01 43.57 -43.22
C ALA M 417 -11.69 43.58 -41.85
N LEU M 418 -11.62 42.46 -41.13
CA LEU M 418 -12.23 42.39 -39.80
C LEU M 418 -11.66 43.40 -38.81
N ILE M 419 -10.34 43.59 -38.83
CA ILE M 419 -9.73 44.53 -37.91
C ILE M 419 -10.13 45.96 -38.30
N ARG M 420 -10.27 46.21 -39.60
CA ARG M 420 -10.66 47.54 -40.10
C ARG M 420 -12.06 47.86 -39.61
N VAL M 421 -12.95 46.92 -39.85
CA VAL M 421 -14.32 47.07 -39.47
C VAL M 421 -14.45 47.30 -37.97
N ALA M 422 -13.63 46.61 -37.18
CA ALA M 422 -13.68 46.77 -35.74
C ALA M 422 -13.21 48.16 -35.31
N SER M 423 -12.13 48.65 -35.91
CA SER M 423 -11.62 49.97 -35.55
C SER M 423 -12.68 51.06 -35.78
N LYS M 424 -13.62 50.80 -36.68
CA LYS M 424 -14.64 51.79 -36.95
C LYS M 424 -15.79 51.77 -35.95
N LEU M 425 -15.90 50.70 -35.18
CA LEU M 425 -17.00 50.59 -34.23
C LEU M 425 -16.64 50.93 -32.79
N ALA M 426 -15.55 51.68 -32.61
CA ALA M 426 -15.10 52.05 -31.27
C ALA M 426 -16.14 52.74 -30.38
N ASP M 427 -17.00 53.57 -30.96
CA ASP M 427 -17.99 54.26 -30.15
C ASP M 427 -19.33 53.55 -30.05
N LEU M 428 -19.39 52.32 -30.57
CA LEU M 428 -20.63 51.55 -30.50
C LEU M 428 -20.94 51.19 -29.05
N ARG M 429 -22.17 51.46 -28.62
CA ARG M 429 -22.60 51.18 -27.25
C ARG M 429 -23.94 50.45 -27.18
N GLY M 430 -24.24 49.85 -26.05
CA GLY M 430 -25.49 49.15 -25.88
C GLY M 430 -26.39 49.79 -24.83
N GLN M 431 -27.38 49.04 -24.34
CA GLN M 431 -28.33 49.54 -23.36
C GLN M 431 -27.76 49.61 -21.96
N ASN M 432 -26.76 48.79 -21.65
CA ASN M 432 -26.19 48.82 -20.32
C ASN M 432 -24.72 48.49 -20.35
N GLU M 433 -24.05 48.56 -19.20
CA GLU M 433 -22.63 48.27 -19.18
C GLU M 433 -22.26 46.86 -19.63
N ASP M 434 -23.03 45.86 -19.21
CA ASP M 434 -22.73 44.49 -19.63
C ASP M 434 -22.74 44.38 -21.14
N GLN M 435 -23.74 44.97 -21.79
CA GLN M 435 -23.81 44.92 -23.25
C GLN M 435 -22.60 45.65 -23.85
N ASN M 436 -22.17 46.72 -23.20
CA ASN M 436 -21.02 47.47 -23.69
C ASN M 436 -19.80 46.57 -23.69
N VAL M 437 -19.68 45.78 -22.63
CA VAL M 437 -18.55 44.86 -22.49
C VAL M 437 -18.65 43.85 -23.60
N GLY M 438 -19.88 43.38 -23.85
CA GLY M 438 -20.13 42.41 -24.91
C GLY M 438 -19.66 42.94 -26.26
N ILE M 439 -19.98 44.21 -26.53
CA ILE M 439 -19.56 44.82 -27.78
C ILE M 439 -18.03 44.84 -27.87
N LYS M 440 -17.37 45.18 -26.77
CA LYS M 440 -15.91 45.22 -26.74
C LYS M 440 -15.30 43.83 -26.92
N VAL M 441 -15.95 42.82 -26.34
CA VAL M 441 -15.47 41.45 -26.45
C VAL M 441 -15.42 41.08 -27.94
N ALA M 442 -16.52 41.39 -28.66
CA ALA M 442 -16.61 41.10 -30.10
C ALA M 442 -15.59 41.89 -30.93
N LEU M 443 -15.52 43.19 -30.72
CA LEU M 443 -14.57 44.01 -31.48
C LEU M 443 -13.14 43.54 -31.24
N ARG M 444 -12.85 43.12 -30.03
CA ARG M 444 -11.52 42.65 -29.68
C ARG M 444 -11.25 41.34 -30.43
N ALA M 445 -12.26 40.47 -30.45
CA ALA M 445 -12.12 39.18 -31.12
C ALA M 445 -11.87 39.32 -32.60
N MET M 446 -12.44 40.34 -33.22
CA MET M 446 -12.28 40.57 -34.66
C MET M 446 -10.82 40.78 -35.04
N GLU M 447 -9.95 40.92 -34.04
CA GLU M 447 -8.52 41.11 -34.27
C GLU M 447 -7.78 39.76 -34.25
N ALA M 448 -8.44 38.73 -33.74
CA ALA M 448 -7.85 37.41 -33.62
C ALA M 448 -7.22 36.87 -34.93
N PRO M 449 -7.99 36.85 -36.03
CA PRO M 449 -7.46 36.35 -37.29
C PRO M 449 -6.13 36.98 -37.71
N LEU M 450 -6.11 38.30 -37.91
CA LEU M 450 -4.88 38.97 -38.33
C LEU M 450 -3.76 38.65 -37.37
N ARG M 451 -4.01 38.83 -36.08
CA ARG M 451 -3.01 38.57 -35.06
C ARG M 451 -2.45 37.17 -35.15
N GLN M 452 -3.31 36.18 -35.32
CA GLN M 452 -2.84 34.81 -35.44
C GLN M 452 -1.94 34.68 -36.68
N ILE M 453 -2.40 35.23 -37.81
CA ILE M 453 -1.63 35.20 -39.05
C ILE M 453 -0.24 35.76 -38.81
N VAL M 454 -0.16 36.94 -38.22
CA VAL M 454 1.11 37.57 -37.93
C VAL M 454 1.95 36.72 -36.99
N LEU M 455 1.30 36.07 -36.02
CA LEU M 455 1.98 35.23 -35.05
C LEU M 455 2.62 34.05 -35.76
N ASN M 456 1.87 33.45 -36.69
CA ASN M 456 2.40 32.32 -37.45
C ASN M 456 3.60 32.74 -38.27
N CYS M 457 3.62 34.02 -38.67
CA CYS M 457 4.72 34.59 -39.45
C CYS M 457 5.92 34.94 -38.60
N GLY M 458 5.77 34.80 -37.29
CA GLY M 458 6.87 35.12 -36.41
C GLY M 458 7.11 36.61 -36.24
N GLU M 459 6.05 37.40 -36.30
CA GLU M 459 6.16 38.85 -36.13
C GLU M 459 5.34 39.24 -34.91
N GLU M 460 5.43 40.51 -34.49
CA GLU M 460 4.68 40.96 -33.32
C GLU M 460 3.26 41.37 -33.69
N PRO M 461 2.27 40.56 -33.28
CA PRO M 461 0.85 40.83 -33.57
C PRO M 461 0.40 42.23 -33.17
N SER M 462 0.76 42.64 -31.96
CA SER M 462 0.37 43.94 -31.46
C SER M 462 0.84 45.07 -32.37
N VAL M 463 2.11 45.03 -32.77
CA VAL M 463 2.64 46.07 -33.64
C VAL M 463 1.92 46.12 -34.99
N VAL M 464 1.82 44.97 -35.67
CA VAL M 464 1.15 44.92 -36.96
C VAL M 464 -0.33 45.30 -36.83
N ALA M 465 -0.99 44.76 -35.81
CA ALA M 465 -2.41 45.04 -35.57
C ALA M 465 -2.60 46.54 -35.41
N ASN M 466 -1.70 47.11 -34.63
CA ASN M 466 -1.70 48.53 -34.35
C ASN M 466 -1.56 49.37 -35.63
N THR M 467 -0.53 49.08 -36.41
CA THR M 467 -0.27 49.78 -37.65
C THR M 467 -1.45 49.68 -38.61
N VAL M 468 -2.00 48.49 -38.76
CA VAL M 468 -3.13 48.31 -39.66
C VAL M 468 -4.32 49.14 -39.20
N LYS M 469 -4.57 49.16 -37.90
CA LYS M 469 -5.70 49.93 -37.39
C LYS M 469 -5.53 51.43 -37.69
N GLY M 470 -4.28 51.87 -37.73
CA GLY M 470 -4.02 53.27 -38.02
C GLY M 470 -4.42 53.69 -39.43
N GLY M 471 -4.30 52.78 -40.39
CA GLY M 471 -4.65 53.10 -41.76
C GLY M 471 -6.15 53.16 -42.00
N ASP M 472 -6.54 53.20 -43.28
CA ASP M 472 -7.95 53.27 -43.65
C ASP M 472 -8.31 52.37 -44.83
N GLY M 473 -9.61 52.24 -45.07
CA GLY M 473 -10.07 51.41 -46.17
C GLY M 473 -9.41 50.05 -46.18
N ASN M 474 -9.02 49.59 -47.37
CA ASN M 474 -8.39 48.29 -47.47
C ASN M 474 -6.87 48.28 -47.30
N TYR M 475 -6.35 49.27 -46.56
CA TYR M 475 -4.93 49.34 -46.31
C TYR M 475 -4.63 48.31 -45.23
N GLY M 476 -3.70 47.40 -45.49
CA GLY M 476 -3.41 46.40 -44.48
C GLY M 476 -1.98 45.90 -44.50
N TYR M 477 -1.78 44.70 -43.96
CA TYR M 477 -0.46 44.09 -43.90
C TYR M 477 -0.42 42.82 -44.72
N ASN M 478 0.48 42.79 -45.71
CA ASN M 478 0.65 41.62 -46.56
C ASN M 478 1.58 40.71 -45.77
N ALA M 479 0.99 39.76 -45.03
CA ALA M 479 1.77 38.85 -44.20
C ALA M 479 2.84 38.12 -44.99
N ALA M 480 2.52 37.84 -46.24
CA ALA M 480 3.42 37.11 -47.13
C ALA M 480 4.70 37.86 -47.50
N THR M 481 4.62 39.19 -47.63
CA THR M 481 5.78 39.99 -48.01
C THR M 481 6.22 41.01 -46.96
N GLU M 482 5.51 41.05 -45.84
CA GLU M 482 5.80 41.99 -44.76
C GLU M 482 5.68 43.44 -45.24
N GLU M 483 4.85 43.68 -46.25
CA GLU M 483 4.66 45.01 -46.78
C GLU M 483 3.26 45.53 -46.48
N TYR M 484 3.16 46.79 -46.08
CA TYR M 484 1.85 47.36 -45.82
C TYR M 484 1.46 48.04 -47.11
N GLY M 485 0.18 48.10 -47.38
CA GLY M 485 -0.29 48.75 -48.60
C GLY M 485 -1.75 48.41 -48.78
N ASN M 486 -2.26 48.64 -49.98
CA ASN M 486 -3.65 48.31 -50.24
C ASN M 486 -3.76 46.81 -50.49
N MET M 487 -4.45 46.13 -49.58
CA MET M 487 -4.63 44.69 -49.68
C MET M 487 -5.17 44.23 -51.03
N ILE M 488 -6.21 44.90 -51.52
CA ILE M 488 -6.80 44.51 -52.80
C ILE M 488 -5.81 44.62 -53.94
N ASP M 489 -5.06 45.73 -53.97
CA ASP M 489 -4.06 45.93 -55.01
C ASP M 489 -2.97 44.86 -54.94
N MET M 490 -2.59 44.45 -53.73
CA MET M 490 -1.56 43.44 -53.58
C MET M 490 -2.15 42.05 -53.83
N GLY M 491 -3.40 42.01 -54.24
CA GLY M 491 -4.08 40.76 -54.54
C GLY M 491 -4.37 39.85 -53.37
N ILE M 492 -4.50 40.43 -52.19
CA ILE M 492 -4.78 39.65 -50.98
C ILE M 492 -6.17 40.03 -50.51
N LEU M 493 -7.16 39.28 -50.96
CA LEU M 493 -8.53 39.55 -50.63
C LEU M 493 -9.37 38.34 -50.27
N ASP M 494 -10.58 38.59 -49.81
CA ASP M 494 -11.51 37.54 -49.44
C ASP M 494 -12.90 37.95 -49.91
N PRO M 495 -13.71 36.99 -50.36
CA PRO M 495 -15.05 37.38 -50.79
C PRO M 495 -15.75 37.93 -49.54
N THR M 496 -16.34 39.13 -49.66
CA THR M 496 -17.02 39.72 -48.52
C THR M 496 -17.95 38.70 -47.86
N LYS M 497 -18.47 37.78 -48.67
CA LYS M 497 -19.36 36.76 -48.15
C LYS M 497 -18.70 35.81 -47.14
N VAL M 498 -17.44 35.41 -47.38
CA VAL M 498 -16.79 34.48 -46.46
C VAL M 498 -16.49 35.15 -45.13
N THR M 499 -15.98 36.39 -45.16
CA THR M 499 -15.68 37.11 -43.93
C THR M 499 -16.99 37.31 -43.16
N ARG M 500 -18.03 37.79 -43.83
CA ARG M 500 -19.30 37.98 -43.15
C ARG M 500 -19.78 36.70 -42.51
N SER M 501 -19.76 35.62 -43.29
CA SER M 501 -20.22 34.34 -42.78
C SER M 501 -19.41 33.86 -41.58
N ALA M 502 -18.10 33.85 -41.74
CA ALA M 502 -17.22 33.41 -40.66
C ALA M 502 -17.56 34.16 -39.37
N LEU M 503 -17.69 35.49 -39.45
CA LEU M 503 -17.98 36.27 -38.27
C LEU M 503 -19.33 35.94 -37.66
N GLN M 504 -20.37 35.99 -38.48
CA GLN M 504 -21.72 35.71 -38.00
C GLN M 504 -21.86 34.33 -37.38
N TYR M 505 -21.27 33.32 -38.03
CA TYR M 505 -21.34 31.96 -37.50
C TYR M 505 -20.57 31.82 -36.20
N ALA M 506 -19.39 32.43 -36.13
CA ALA M 506 -18.58 32.35 -34.93
C ALA M 506 -19.36 33.00 -33.78
N ALA M 507 -19.79 34.25 -33.98
CA ALA M 507 -20.54 34.96 -32.96
C ALA M 507 -21.77 34.17 -32.54
N SER M 508 -22.35 33.42 -33.46
CA SER M 508 -23.54 32.65 -33.16
C SER M 508 -23.30 31.57 -32.12
N VAL M 509 -22.37 30.67 -32.40
CA VAL M 509 -22.06 29.60 -31.46
C VAL M 509 -21.46 30.15 -30.18
N ALA M 510 -20.66 31.21 -30.29
CA ALA M 510 -20.03 31.83 -29.12
C ALA M 510 -21.13 32.38 -28.21
N GLY M 511 -22.12 33.03 -28.81
CA GLY M 511 -23.22 33.55 -28.03
C GLY M 511 -23.97 32.44 -27.30
N LEU M 512 -24.15 31.30 -27.95
CA LEU M 512 -24.85 30.18 -27.36
C LEU M 512 -24.14 29.63 -26.14
N MET M 513 -22.83 29.45 -26.25
CA MET M 513 -22.03 28.91 -25.16
C MET M 513 -22.02 29.84 -23.96
N ILE M 514 -21.81 31.13 -24.22
CA ILE M 514 -21.79 32.11 -23.15
C ILE M 514 -23.10 32.06 -22.35
N THR M 515 -24.19 31.70 -23.02
CA THR M 515 -25.48 31.62 -22.37
C THR M 515 -25.90 30.18 -22.03
N THR M 516 -24.93 29.33 -21.77
CA THR M 516 -25.24 27.96 -21.41
C THR M 516 -25.03 27.79 -19.92
N GLU M 517 -26.00 27.19 -19.24
CA GLU M 517 -25.93 26.97 -17.79
C GLU M 517 -25.87 25.50 -17.39
N CYS M 518 -26.25 24.62 -18.31
CA CYS M 518 -26.25 23.20 -17.99
C CYS M 518 -25.86 22.34 -19.18
N MET M 519 -25.17 21.24 -18.90
CA MET M 519 -24.76 20.30 -19.94
C MET M 519 -25.08 18.88 -19.49
N VAL M 520 -25.71 18.12 -20.37
CA VAL M 520 -26.08 16.76 -20.06
C VAL M 520 -25.43 15.83 -21.06
N THR M 521 -24.68 14.86 -20.57
CA THR M 521 -24.02 13.89 -21.44
C THR M 521 -24.03 12.51 -20.81
N ASP M 522 -23.58 11.50 -21.54
CA ASP M 522 -23.58 10.15 -21.00
C ASP M 522 -22.45 9.93 -20.02
N LEU M 523 -22.61 8.91 -19.20
CA LEU M 523 -21.60 8.57 -18.19
C LEU M 523 -20.44 7.84 -18.87
N PRO M 524 -19.21 8.26 -18.57
CA PRO M 524 -18.03 7.62 -19.17
C PRO M 524 -18.03 6.09 -19.10
N ALA N 1 -12.93 8.87 -33.40
CA ALA N 1 -12.64 8.36 -32.03
C ALA N 1 -11.92 9.45 -31.25
N ALA N 2 -11.96 9.39 -29.92
CA ALA N 2 -11.26 10.38 -29.11
C ALA N 2 -9.82 10.39 -29.54
N LYS N 3 -9.28 11.57 -29.82
CA LYS N 3 -7.92 11.70 -30.26
C LYS N 3 -7.05 12.19 -29.14
N ASP N 4 -5.74 12.11 -29.36
CA ASP N 4 -4.77 12.58 -28.41
C ASP N 4 -4.07 13.66 -29.23
N VAL N 5 -4.15 14.91 -28.79
CA VAL N 5 -3.54 16.00 -29.55
C VAL N 5 -2.36 16.62 -28.82
N LYS N 6 -1.22 16.69 -29.49
CA LYS N 6 -0.04 17.29 -28.90
C LYS N 6 0.36 18.52 -29.66
N PHE N 7 0.91 19.50 -28.94
CA PHE N 7 1.32 20.74 -29.57
C PHE N 7 2.79 21.09 -29.47
N GLY N 8 3.17 22.07 -30.28
CA GLY N 8 4.54 22.56 -30.32
C GLY N 8 5.67 21.64 -29.94
N ASN N 9 6.41 22.08 -28.94
CA ASN N 9 7.58 21.35 -28.48
C ASN N 9 7.31 19.92 -28.03
N ASP N 10 6.22 19.73 -27.30
CA ASP N 10 5.87 18.40 -26.83
C ASP N 10 5.78 17.47 -28.04
N ALA N 11 5.10 17.95 -29.08
CA ALA N 11 4.92 17.18 -30.33
C ALA N 11 6.24 16.93 -31.04
N ARG N 12 7.08 17.95 -31.15
CA ARG N 12 8.33 17.77 -31.84
C ARG N 12 9.33 16.82 -31.19
N VAL N 13 9.42 16.79 -29.87
CA VAL N 13 10.38 15.87 -29.25
C VAL N 13 9.93 14.45 -29.53
N LYS N 14 8.61 14.24 -29.52
CA LYS N 14 8.06 12.92 -29.78
C LYS N 14 8.50 12.46 -31.16
N MET N 15 8.32 13.34 -32.15
CA MET N 15 8.72 13.00 -33.51
C MET N 15 10.21 12.71 -33.60
N LEU N 16 11.01 13.57 -33.01
CA LEU N 16 12.45 13.39 -33.06
C LEU N 16 12.82 12.06 -32.46
N ARG N 17 12.28 11.80 -31.27
CA ARG N 17 12.54 10.58 -30.54
C ARG N 17 12.22 9.38 -31.46
N GLY N 18 11.15 9.53 -32.23
CA GLY N 18 10.73 8.50 -33.15
C GLY N 18 11.69 8.31 -34.31
N VAL N 19 12.10 9.38 -34.99
CA VAL N 19 13.01 9.22 -36.11
C VAL N 19 14.39 8.77 -35.62
N ASN N 20 14.71 9.02 -34.36
CA ASN N 20 16.02 8.59 -33.86
C ASN N 20 16.06 7.07 -33.80
N VAL N 21 14.99 6.46 -33.31
CA VAL N 21 14.96 5.00 -33.27
C VAL N 21 15.16 4.46 -34.69
N LEU N 22 14.40 4.98 -35.64
CA LEU N 22 14.51 4.58 -37.03
C LEU N 22 15.94 4.78 -37.55
N ALA N 23 16.43 6.01 -37.46
CA ALA N 23 17.76 6.33 -37.94
C ALA N 23 18.87 5.52 -37.29
N ASP N 24 18.88 5.45 -35.96
CA ASP N 24 19.94 4.70 -35.29
C ASP N 24 19.96 3.22 -35.66
N ALA N 25 18.80 2.63 -35.91
CA ALA N 25 18.73 1.22 -36.27
C ALA N 25 19.26 1.00 -37.68
N VAL N 26 18.94 1.95 -38.56
CA VAL N 26 19.34 1.88 -39.95
C VAL N 26 20.79 2.27 -40.24
N LYS N 27 21.25 3.37 -39.65
CA LYS N 27 22.59 3.85 -39.93
C LYS N 27 23.77 2.99 -39.50
N VAL N 28 23.55 2.00 -38.65
CA VAL N 28 24.66 1.16 -38.23
C VAL N 28 25.09 0.27 -39.38
N THR N 29 24.29 0.24 -40.44
CA THR N 29 24.64 -0.59 -41.58
C THR N 29 25.43 0.17 -42.66
N LEU N 30 25.42 1.49 -42.58
CA LEU N 30 26.07 2.36 -43.55
C LEU N 30 27.54 2.12 -43.89
N GLY N 31 27.85 2.21 -45.18
CA GLY N 31 29.21 2.03 -45.65
C GLY N 31 29.70 0.59 -45.71
N PRO N 32 31.00 0.38 -45.99
CA PRO N 32 31.63 -0.95 -46.08
C PRO N 32 31.87 -1.73 -44.79
N LYS N 33 32.05 -1.04 -43.67
CA LYS N 33 32.27 -1.73 -42.40
C LYS N 33 30.98 -1.74 -41.57
N GLY N 34 29.84 -1.69 -42.29
CA GLY N 34 28.53 -1.70 -41.66
C GLY N 34 28.28 -2.91 -40.79
N ARG N 35 27.49 -2.73 -39.74
CA ARG N 35 27.19 -3.82 -38.81
C ARG N 35 25.91 -4.58 -39.18
N ASN N 36 25.66 -5.66 -38.46
CA ASN N 36 24.46 -6.47 -38.68
C ASN N 36 23.35 -6.07 -37.74
N VAL N 37 22.13 -6.16 -38.25
CA VAL N 37 20.94 -5.86 -37.46
C VAL N 37 20.17 -7.18 -37.50
N VAL N 38 19.67 -7.64 -36.35
CA VAL N 38 18.93 -8.89 -36.32
C VAL N 38 17.44 -8.62 -36.26
N LEU N 39 16.71 -9.12 -37.26
CA LEU N 39 15.28 -8.92 -37.34
C LEU N 39 14.58 -10.22 -36.99
N ASP N 40 13.82 -10.21 -35.90
CA ASP N 40 13.12 -11.40 -35.45
C ASP N 40 11.92 -11.74 -36.32
N LYS N 41 11.66 -13.04 -36.45
CA LYS N 41 10.54 -13.55 -37.23
C LYS N 41 9.78 -14.52 -36.33
N SER N 42 8.46 -14.34 -36.24
CA SER N 42 7.64 -15.20 -35.40
C SER N 42 8.01 -16.69 -35.55
N PHE N 43 8.24 -17.11 -36.79
CA PHE N 43 8.58 -18.50 -37.05
C PHE N 43 10.02 -18.73 -37.49
N GLY N 44 10.76 -19.49 -36.68
CA GLY N 44 12.14 -19.80 -37.03
C GLY N 44 13.22 -18.95 -36.40
N ALA N 45 14.39 -18.98 -37.04
CA ALA N 45 15.54 -18.22 -36.58
C ALA N 45 15.42 -16.80 -37.09
N PRO N 46 15.99 -15.85 -36.36
CA PRO N 46 15.97 -14.43 -36.71
C PRO N 46 16.71 -14.22 -38.01
N THR N 47 16.47 -13.07 -38.63
CA THR N 47 17.14 -12.72 -39.87
C THR N 47 18.27 -11.78 -39.52
N ILE N 48 19.47 -12.06 -40.02
CA ILE N 48 20.58 -11.17 -39.76
C ILE N 48 20.81 -10.44 -41.08
N THR N 49 20.84 -9.11 -41.04
CA THR N 49 21.03 -8.36 -42.27
C THR N 49 21.85 -7.08 -42.12
N LYS N 50 22.33 -6.57 -43.25
CA LYS N 50 23.08 -5.31 -43.28
C LYS N 50 22.38 -4.38 -44.24
N ASP N 51 21.18 -4.77 -44.67
CA ASP N 51 20.39 -3.98 -45.58
C ASP N 51 19.47 -3.00 -44.85
N GLY N 52 19.81 -1.71 -44.91
CA GLY N 52 19.02 -0.70 -44.26
C GLY N 52 17.57 -0.63 -44.69
N VAL N 53 17.25 -1.08 -45.90
CA VAL N 53 15.88 -1.04 -46.35
C VAL N 53 15.05 -2.12 -45.62
N SER N 54 15.67 -3.28 -45.40
CA SER N 54 15.02 -4.37 -44.72
C SER N 54 14.75 -3.93 -43.30
N VAL N 55 15.75 -3.32 -42.67
CA VAL N 55 15.63 -2.86 -41.30
C VAL N 55 14.53 -1.82 -41.17
N ALA N 56 14.59 -0.77 -41.99
CA ALA N 56 13.57 0.28 -41.93
C ALA N 56 12.16 -0.28 -42.04
N ARG N 57 11.98 -1.27 -42.91
CA ARG N 57 10.67 -1.88 -43.13
C ARG N 57 10.09 -2.38 -41.82
N GLU N 58 10.94 -2.94 -40.97
CA GLU N 58 10.51 -3.50 -39.68
C GLU N 58 10.23 -2.51 -38.55
N ILE N 59 10.68 -1.27 -38.70
CA ILE N 59 10.50 -0.30 -37.63
C ILE N 59 9.10 0.26 -37.48
N GLU N 60 8.55 0.09 -36.29
CA GLU N 60 7.24 0.59 -35.92
C GLU N 60 7.28 0.77 -34.41
N LEU N 61 7.00 1.97 -33.94
CA LEU N 61 7.07 2.24 -32.51
C LEU N 61 5.72 2.21 -31.80
N GLU N 62 5.74 1.84 -30.52
CA GLU N 62 4.53 1.74 -29.72
C GLU N 62 3.87 3.07 -29.42
N ASP N 63 4.68 4.07 -29.07
CA ASP N 63 4.15 5.41 -28.78
C ASP N 63 3.64 5.99 -30.10
N LYS N 64 2.33 6.22 -30.19
CA LYS N 64 1.74 6.71 -31.44
C LYS N 64 2.45 7.93 -32.06
N PHE N 65 2.86 8.89 -31.24
CA PHE N 65 3.53 10.09 -31.74
C PHE N 65 4.92 9.77 -32.29
N GLU N 66 5.72 9.05 -31.50
CA GLU N 66 7.05 8.68 -31.93
C GLU N 66 6.94 7.90 -33.23
N ASN N 67 5.96 7.02 -33.31
CA ASN N 67 5.78 6.21 -34.50
C ASN N 67 5.50 7.07 -35.73
N MET N 68 4.66 8.10 -35.59
CA MET N 68 4.35 8.98 -36.70
C MET N 68 5.65 9.61 -37.20
N GLY N 69 6.54 9.93 -36.27
CA GLY N 69 7.80 10.53 -36.66
C GLY N 69 8.60 9.57 -37.52
N ALA N 70 8.70 8.33 -37.05
CA ALA N 70 9.45 7.31 -37.75
C ALA N 70 8.81 7.02 -39.10
N GLN N 71 7.49 6.86 -39.11
CA GLN N 71 6.79 6.56 -40.35
C GLN N 71 6.94 7.64 -41.40
N MET N 72 6.97 8.89 -40.95
CA MET N 72 7.13 10.01 -41.87
C MET N 72 8.44 9.96 -42.65
N VAL N 73 9.58 9.89 -41.97
CA VAL N 73 10.84 9.87 -42.72
C VAL N 73 10.99 8.53 -43.43
N LYS N 74 10.44 7.49 -42.80
CA LYS N 74 10.47 6.15 -43.39
C LYS N 74 9.84 6.21 -44.79
N GLU N 75 8.75 6.96 -44.91
CA GLU N 75 8.05 7.09 -46.17
C GLU N 75 8.83 7.84 -47.25
N VAL N 76 9.23 9.08 -47.00
CA VAL N 76 9.94 9.82 -48.04
C VAL N 76 11.32 9.23 -48.30
N ALA N 77 11.91 8.60 -47.31
CA ALA N 77 13.22 8.01 -47.53
C ALA N 77 13.11 6.89 -48.57
N SER N 78 12.04 6.12 -48.51
CA SER N 78 11.87 5.02 -49.45
C SER N 78 11.77 5.56 -50.89
N LYS N 79 11.16 6.74 -51.04
CA LYS N 79 10.99 7.35 -52.35
C LYS N 79 12.34 7.51 -53.03
N ALA N 80 13.39 7.64 -52.24
CA ALA N 80 14.73 7.80 -52.81
C ALA N 80 15.12 6.48 -53.48
N ASN N 81 14.88 5.38 -52.77
CA ASN N 81 15.22 4.08 -53.31
C ASN N 81 14.40 3.79 -54.55
N ASP N 82 13.13 4.17 -54.53
CA ASP N 82 12.24 3.95 -55.67
C ASP N 82 12.74 4.68 -56.91
N ALA N 83 13.24 5.88 -56.71
CA ALA N 83 13.73 6.71 -57.81
C ALA N 83 15.11 6.37 -58.36
N ALA N 84 16.04 5.94 -57.51
CA ALA N 84 17.39 5.64 -58.01
C ALA N 84 17.90 4.24 -57.65
N GLY N 85 17.06 3.45 -56.99
CA GLY N 85 17.45 2.10 -56.61
C GLY N 85 18.42 2.03 -55.45
N ASP N 86 18.61 3.18 -54.79
CA ASP N 86 19.51 3.27 -53.65
C ASP N 86 19.42 4.63 -52.96
N GLY N 87 19.99 4.73 -51.76
CA GLY N 87 20.00 5.98 -51.03
C GLY N 87 18.97 6.15 -49.93
N THR N 88 18.23 5.09 -49.63
CA THR N 88 17.21 5.17 -48.59
C THR N 88 17.83 5.37 -47.21
N THR N 89 18.89 4.64 -46.91
CA THR N 89 19.55 4.76 -45.62
C THR N 89 20.21 6.13 -45.53
N THR N 90 20.87 6.55 -46.61
CA THR N 90 21.52 7.85 -46.65
C THR N 90 20.50 8.93 -46.36
N ALA N 91 19.37 8.88 -47.06
CA ALA N 91 18.29 9.85 -46.89
C ALA N 91 17.87 9.89 -45.43
N THR N 92 17.80 8.71 -44.81
CA THR N 92 17.40 8.64 -43.42
C THR N 92 18.42 9.31 -42.48
N VAL N 93 19.70 9.02 -42.61
CA VAL N 93 20.63 9.68 -41.70
C VAL N 93 20.68 11.17 -41.99
N LEU N 94 20.44 11.56 -43.24
CA LEU N 94 20.45 12.97 -43.57
C LEU N 94 19.27 13.64 -42.89
N ALA N 95 18.10 13.00 -42.98
CA ALA N 95 16.90 13.57 -42.36
C ALA N 95 17.11 13.72 -40.87
N GLN N 96 17.70 12.70 -40.25
CA GLN N 96 17.95 12.75 -38.81
C GLN N 96 18.82 13.96 -38.46
N ALA N 97 19.88 14.16 -39.24
CA ALA N 97 20.80 15.27 -39.02
C ALA N 97 20.10 16.60 -39.15
N ILE N 98 19.35 16.78 -40.22
CA ILE N 98 18.66 18.04 -40.41
C ILE N 98 17.62 18.26 -39.31
N ILE N 99 16.81 17.25 -39.04
CA ILE N 99 15.77 17.37 -38.04
C ILE N 99 16.33 17.74 -36.67
N THR N 100 17.38 17.06 -36.26
CA THR N 100 17.98 17.32 -34.97
C THR N 100 18.41 18.77 -34.80
N GLU N 101 19.31 19.24 -35.65
CA GLU N 101 19.81 20.60 -35.54
C GLU N 101 18.70 21.62 -35.74
N GLY N 102 17.81 21.33 -36.68
CA GLY N 102 16.69 22.23 -36.94
C GLY N 102 15.82 22.43 -35.72
N LEU N 103 15.45 21.33 -35.05
CA LEU N 103 14.62 21.43 -33.87
C LEU N 103 15.36 22.16 -32.76
N LYS N 104 16.68 22.01 -32.71
CA LYS N 104 17.48 22.72 -31.70
C LYS N 104 17.26 24.21 -31.92
N ALA N 105 17.38 24.63 -33.19
CA ALA N 105 17.19 26.02 -33.55
C ALA N 105 15.78 26.47 -33.20
N VAL N 106 14.78 25.66 -33.52
CA VAL N 106 13.42 26.04 -33.21
C VAL N 106 13.24 26.30 -31.74
N ALA N 107 13.87 25.46 -30.93
CA ALA N 107 13.78 25.59 -29.48
C ALA N 107 14.51 26.83 -29.00
N ALA N 108 15.57 27.20 -29.72
CA ALA N 108 16.35 28.37 -29.36
C ALA N 108 15.54 29.62 -29.71
N GLY N 109 14.37 29.40 -30.28
CA GLY N 109 13.50 30.50 -30.63
C GLY N 109 13.62 31.02 -32.06
N MET N 110 14.30 30.30 -32.93
CA MET N 110 14.41 30.76 -34.31
C MET N 110 13.16 30.38 -35.10
N ASN N 111 12.86 31.15 -36.14
CA ASN N 111 11.65 30.91 -36.91
C ASN N 111 11.67 29.65 -37.76
N PRO N 112 10.72 28.73 -37.51
CA PRO N 112 10.62 27.47 -38.26
C PRO N 112 10.57 27.65 -39.77
N MET N 113 9.68 28.54 -40.23
CA MET N 113 9.55 28.76 -41.66
C MET N 113 10.86 29.26 -42.27
N ASP N 114 11.58 30.12 -41.56
CA ASP N 114 12.85 30.62 -42.09
C ASP N 114 13.91 29.55 -42.11
N LEU N 115 13.94 28.73 -41.07
CA LEU N 115 14.90 27.63 -40.99
C LEU N 115 14.68 26.71 -42.19
N LYS N 116 13.41 26.47 -42.53
CA LYS N 116 13.10 25.62 -43.67
C LYS N 116 13.57 26.25 -44.97
N ARG N 117 13.30 27.54 -45.16
CA ARG N 117 13.71 28.23 -46.38
C ARG N 117 15.22 28.21 -46.55
N GLY N 118 15.95 28.37 -45.45
CA GLY N 118 17.40 28.34 -45.50
C GLY N 118 17.91 26.96 -45.87
N ILE N 119 17.28 25.93 -45.31
CA ILE N 119 17.64 24.54 -45.61
C ILE N 119 17.41 24.28 -47.10
N ASP N 120 16.23 24.68 -47.57
CA ASP N 120 15.89 24.47 -48.97
C ASP N 120 16.87 25.18 -49.88
N LYS N 121 17.23 26.41 -49.55
CA LYS N 121 18.17 27.14 -50.38
C LYS N 121 19.48 26.37 -50.48
N ALA N 122 19.99 25.96 -49.33
CA ALA N 122 21.23 25.20 -49.28
C ALA N 122 21.12 23.96 -50.15
N VAL N 123 20.01 23.23 -50.04
CA VAL N 123 19.83 22.02 -50.82
C VAL N 123 19.83 22.32 -52.32
N THR N 124 19.06 23.33 -52.73
CA THR N 124 18.99 23.71 -54.13
C THR N 124 20.41 23.97 -54.65
N ALA N 125 21.15 24.78 -53.91
CA ALA N 125 22.51 25.12 -54.26
C ALA N 125 23.37 23.85 -54.27
N ALA N 126 23.15 22.96 -53.31
CA ALA N 126 23.92 21.74 -53.24
C ALA N 126 23.70 20.86 -54.47
N VAL N 127 22.46 20.77 -54.93
CA VAL N 127 22.13 19.97 -56.08
C VAL N 127 22.83 20.49 -57.34
N GLU N 128 22.97 21.79 -57.46
CA GLU N 128 23.64 22.34 -58.63
C GLU N 128 25.11 21.98 -58.52
N GLU N 129 25.66 22.20 -57.34
CA GLU N 129 27.05 21.91 -57.08
C GLU N 129 27.32 20.45 -57.36
N LEU N 130 26.28 19.65 -57.20
CA LEU N 130 26.37 18.22 -57.40
C LEU N 130 26.43 17.85 -58.89
N LYS N 131 25.74 18.61 -59.73
CA LYS N 131 25.75 18.35 -61.16
C LYS N 131 27.12 18.71 -61.72
N ALA N 132 27.71 19.75 -61.15
CA ALA N 132 29.01 20.20 -61.58
C ALA N 132 30.07 19.15 -61.26
N LEU N 133 29.94 18.56 -60.08
CA LEU N 133 30.89 17.58 -59.64
C LEU N 133 30.79 16.30 -60.48
N SER N 134 29.59 16.07 -60.99
CA SER N 134 29.25 14.89 -61.78
C SER N 134 30.04 14.58 -63.04
N VAL N 135 30.32 13.29 -63.23
CA VAL N 135 31.02 12.78 -64.40
C VAL N 135 30.03 11.93 -65.19
N PRO N 136 29.91 12.19 -66.51
CA PRO N 136 29.00 11.45 -67.40
C PRO N 136 29.28 9.97 -67.57
N CYS N 137 28.23 9.23 -67.89
CA CYS N 137 28.33 7.81 -68.14
C CYS N 137 27.46 7.57 -69.38
N SER N 138 28.04 7.71 -70.56
CA SER N 138 27.28 7.53 -71.80
C SER N 138 27.73 6.38 -72.69
N ASP N 139 29.00 6.40 -73.13
CA ASP N 139 29.50 5.32 -73.98
C ASP N 139 29.35 3.99 -73.24
N SER N 140 29.08 2.92 -73.98
CA SER N 140 28.88 1.63 -73.35
C SER N 140 30.12 1.12 -72.61
N LYS N 141 31.26 1.74 -72.83
CA LYS N 141 32.44 1.29 -72.11
C LYS N 141 32.27 1.70 -70.65
N ALA N 142 31.72 2.89 -70.46
CA ALA N 142 31.46 3.45 -69.14
C ALA N 142 30.29 2.69 -68.51
N ILE N 143 29.25 2.46 -69.30
CA ILE N 143 28.06 1.74 -68.83
C ILE N 143 28.46 0.40 -68.25
N ALA N 144 29.45 -0.23 -68.87
CA ALA N 144 29.93 -1.52 -68.39
C ALA N 144 30.68 -1.38 -67.06
N GLN N 145 31.55 -0.38 -66.97
CA GLN N 145 32.33 -0.15 -65.76
C GLN N 145 31.44 0.12 -64.54
N VAL N 146 30.42 0.95 -64.73
CA VAL N 146 29.49 1.28 -63.66
C VAL N 146 28.76 0.01 -63.24
N GLY N 147 28.20 -0.69 -64.21
CA GLY N 147 27.50 -1.92 -63.92
C GLY N 147 28.40 -2.91 -63.21
N THR N 148 29.67 -2.94 -63.59
CA THR N 148 30.63 -3.86 -62.97
C THR N 148 30.91 -3.48 -61.51
N ILE N 149 31.04 -2.18 -61.24
CA ILE N 149 31.29 -1.70 -59.89
C ILE N 149 30.05 -1.97 -59.02
N SER N 150 28.87 -1.79 -59.59
CA SER N 150 27.62 -2.02 -58.88
C SER N 150 27.40 -3.50 -58.65
N ALA N 151 27.90 -4.32 -59.57
CA ALA N 151 27.73 -5.75 -59.45
C ALA N 151 28.78 -6.35 -58.53
N ASN N 152 29.48 -5.49 -57.80
CA ASN N 152 30.50 -5.94 -56.88
C ASN N 152 31.75 -6.45 -57.59
N SER N 153 32.13 -5.73 -58.65
CA SER N 153 33.32 -6.05 -59.44
C SER N 153 33.16 -7.24 -60.39
N ASP N 154 31.93 -7.56 -60.74
CA ASP N 154 31.65 -8.67 -61.65
C ASP N 154 31.60 -8.08 -63.06
N GLU N 155 32.68 -8.21 -63.81
CA GLU N 155 32.73 -7.66 -65.16
C GLU N 155 31.62 -8.24 -66.03
N THR N 156 31.23 -9.48 -65.72
CA THR N 156 30.19 -10.18 -66.46
C THR N 156 28.88 -9.39 -66.45
N VAL N 157 28.47 -8.95 -65.26
CA VAL N 157 27.24 -8.19 -65.12
C VAL N 157 27.37 -6.89 -65.91
N GLY N 158 28.52 -6.25 -65.82
CA GLY N 158 28.72 -5.00 -66.54
C GLY N 158 28.50 -5.21 -68.03
N LYS N 159 29.11 -6.28 -68.54
CA LYS N 159 29.01 -6.66 -69.95
C LYS N 159 27.53 -6.89 -70.28
N LEU N 160 26.90 -7.81 -69.56
CA LEU N 160 25.49 -8.12 -69.73
C LEU N 160 24.64 -6.86 -69.86
N ILE N 161 24.74 -5.98 -68.87
CA ILE N 161 23.99 -4.74 -68.85
C ILE N 161 24.33 -3.86 -70.06
N ALA N 162 25.61 -3.74 -70.37
CA ALA N 162 26.03 -2.93 -71.50
C ALA N 162 25.40 -3.47 -72.80
N GLU N 163 25.47 -4.78 -72.98
CA GLU N 163 24.93 -5.40 -74.18
C GLU N 163 23.41 -5.20 -74.26
N ALA N 164 22.73 -5.41 -73.14
CA ALA N 164 21.28 -5.24 -73.10
C ALA N 164 20.86 -3.82 -73.44
N MET N 165 21.59 -2.84 -72.92
CA MET N 165 21.27 -1.44 -73.18
C MET N 165 21.53 -1.09 -74.63
N ASP N 166 22.50 -1.79 -75.22
CA ASP N 166 22.84 -1.58 -76.60
C ASP N 166 21.69 -2.07 -77.49
N LYS N 167 21.04 -3.15 -77.08
CA LYS N 167 19.91 -3.74 -77.81
C LYS N 167 18.67 -2.87 -77.83
N VAL N 168 18.21 -2.41 -76.67
CA VAL N 168 17.00 -1.60 -76.59
C VAL N 168 17.23 -0.09 -76.47
N GLY N 169 18.48 0.32 -76.28
CA GLY N 169 18.78 1.74 -76.15
C GLY N 169 18.82 2.23 -74.70
N LYS N 170 19.28 3.46 -74.50
CA LYS N 170 19.36 4.05 -73.16
C LYS N 170 17.97 4.09 -72.54
N GLU N 171 16.97 4.42 -73.36
CA GLU N 171 15.59 4.52 -72.91
C GLU N 171 14.81 3.20 -72.98
N GLY N 172 15.45 2.13 -73.43
CA GLY N 172 14.76 0.86 -73.53
C GLY N 172 14.34 0.20 -72.23
N VAL N 173 13.48 -0.80 -72.32
CA VAL N 173 13.02 -1.52 -71.14
C VAL N 173 13.82 -2.81 -70.97
N ILE N 174 14.51 -2.95 -69.83
CA ILE N 174 15.31 -4.14 -69.57
C ILE N 174 14.76 -4.93 -68.38
N THR N 175 14.65 -6.24 -68.57
CA THR N 175 14.11 -7.14 -67.55
C THR N 175 15.14 -8.17 -67.15
N VAL N 176 14.98 -8.76 -65.97
CA VAL N 176 15.89 -9.80 -65.53
C VAL N 176 15.08 -10.98 -65.00
N GLU N 177 15.42 -12.19 -65.44
CA GLU N 177 14.72 -13.40 -65.01
C GLU N 177 15.71 -14.53 -64.75
N ASP N 178 15.22 -15.59 -64.12
CA ASP N 178 16.06 -16.74 -63.83
C ASP N 178 16.55 -17.34 -65.14
N GLY N 179 17.75 -17.93 -65.11
CA GLY N 179 18.32 -18.53 -66.29
C GLY N 179 17.88 -19.97 -66.47
N THR N 180 17.94 -20.44 -67.71
CA THR N 180 17.54 -21.80 -68.06
C THR N 180 18.60 -22.80 -67.64
N GLY N 181 19.82 -22.29 -67.47
CA GLY N 181 20.91 -23.14 -67.06
C GLY N 181 22.16 -22.28 -66.97
N LEU N 182 23.32 -22.88 -67.20
CA LEU N 182 24.57 -22.13 -67.17
C LEU N 182 24.61 -21.32 -68.46
N GLN N 183 25.12 -20.09 -68.37
CA GLN N 183 25.21 -19.19 -69.52
C GLN N 183 23.98 -18.30 -69.65
N ASP N 184 24.23 -17.00 -69.63
CA ASP N 184 23.20 -16.00 -69.72
C ASP N 184 22.53 -15.99 -71.10
N GLU N 185 21.46 -15.21 -71.22
CA GLU N 185 20.69 -15.09 -72.45
C GLU N 185 20.09 -13.69 -72.54
N LEU N 186 20.11 -13.11 -73.74
CA LEU N 186 19.55 -11.79 -73.95
C LEU N 186 18.74 -11.85 -75.23
N ASP N 187 17.55 -11.23 -75.21
CA ASP N 187 16.67 -11.22 -76.37
C ASP N 187 15.47 -10.30 -76.19
N VAL N 188 15.19 -9.48 -77.19
CA VAL N 188 14.10 -8.53 -77.16
C VAL N 188 12.77 -9.17 -77.56
N VAL N 189 11.76 -9.08 -76.70
CA VAL N 189 10.47 -9.68 -76.98
C VAL N 189 9.31 -8.71 -76.98
N GLU N 190 8.10 -9.25 -77.16
CA GLU N 190 6.85 -8.48 -77.16
C GLU N 190 6.56 -8.08 -75.73
N GLY N 191 6.54 -6.78 -75.48
CA GLY N 191 6.28 -6.31 -74.12
C GLY N 191 6.13 -4.81 -74.07
N MET N 192 5.71 -4.32 -72.91
CA MET N 192 5.51 -2.90 -72.78
C MET N 192 5.59 -2.51 -71.31
N GLN N 193 5.74 -1.20 -71.07
CA GLN N 193 5.79 -0.68 -69.71
C GLN N 193 5.17 0.71 -69.61
N PHE N 194 4.23 0.87 -68.68
CA PHE N 194 3.60 2.16 -68.44
C PHE N 194 3.87 2.62 -66.99
N ASP N 195 3.68 3.90 -66.75
CA ASP N 195 3.94 4.50 -65.44
C ASP N 195 2.76 4.44 -64.47
N ARG N 196 2.53 3.27 -63.90
CA ARG N 196 1.45 3.08 -62.93
C ARG N 196 1.88 1.99 -61.97
N GLY N 197 1.83 2.28 -60.68
CA GLY N 197 2.25 1.29 -59.70
C GLY N 197 1.09 0.53 -59.10
N TYR N 198 1.40 -0.35 -58.15
CA TYR N 198 0.38 -1.14 -57.48
C TYR N 198 -0.60 -0.21 -56.78
N LEU N 199 -1.90 -0.50 -56.90
CA LEU N 199 -2.91 0.33 -56.27
C LEU N 199 -2.94 0.11 -54.77
N SER N 200 -1.89 -0.53 -54.26
CA SER N 200 -1.75 -0.82 -52.83
C SER N 200 -0.62 -1.81 -52.62
N PRO N 201 0.21 -1.61 -51.58
CA PRO N 201 1.30 -2.59 -51.37
C PRO N 201 0.59 -3.90 -51.06
N TYR N 202 1.18 -4.76 -50.24
CA TYR N 202 0.53 -6.04 -49.93
C TYR N 202 0.53 -6.93 -51.18
N PHE N 203 0.21 -6.33 -52.31
CA PHE N 203 0.21 -7.05 -53.57
C PHE N 203 1.66 -7.47 -53.82
N ILE N 204 2.55 -6.87 -53.03
CA ILE N 204 3.97 -7.14 -53.12
C ILE N 204 4.32 -8.55 -52.64
N ASN N 205 4.99 -9.31 -53.50
CA ASN N 205 5.42 -10.68 -53.17
C ASN N 205 6.95 -10.79 -53.24
N LYS N 206 7.58 -9.70 -53.63
CA LYS N 206 9.04 -9.62 -53.71
C LYS N 206 9.45 -8.45 -52.83
N PRO N 207 9.29 -8.58 -51.50
CA PRO N 207 9.64 -7.53 -50.54
C PRO N 207 11.04 -6.93 -50.70
N GLU N 208 12.00 -7.73 -51.18
CA GLU N 208 13.36 -7.24 -51.38
C GLU N 208 13.36 -6.16 -52.46
N THR N 209 12.59 -6.40 -53.51
CA THR N 209 12.48 -5.47 -54.63
C THR N 209 11.32 -4.50 -54.37
N GLY N 210 10.49 -4.85 -53.40
CA GLY N 210 9.35 -4.03 -53.05
C GLY N 210 8.37 -3.95 -54.22
N ALA N 211 8.39 -4.99 -55.04
CA ALA N 211 7.53 -5.07 -56.22
C ALA N 211 6.64 -6.32 -56.23
N VAL N 212 5.75 -6.37 -57.21
CA VAL N 212 4.86 -7.51 -57.39
C VAL N 212 5.39 -8.24 -58.60
N GLU N 213 5.39 -9.57 -58.54
CA GLU N 213 5.90 -10.38 -59.65
C GLU N 213 4.92 -11.52 -59.93
N LEU N 214 4.26 -11.48 -61.08
CA LEU N 214 3.30 -12.51 -61.44
C LEU N 214 3.77 -13.28 -62.67
N GLU N 215 3.67 -14.61 -62.61
CA GLU N 215 4.12 -15.44 -63.72
C GLU N 215 2.98 -16.08 -64.48
N SER N 216 3.00 -15.91 -65.80
CA SER N 216 1.95 -16.45 -66.66
C SER N 216 0.57 -16.00 -66.19
N PRO N 217 0.42 -14.70 -65.80
CA PRO N 217 -0.87 -14.21 -65.33
C PRO N 217 -1.86 -13.83 -66.43
N PHE N 218 -3.11 -13.69 -66.03
CA PHE N 218 -4.18 -13.27 -66.93
C PHE N 218 -4.30 -11.79 -66.67
N ILE N 219 -4.56 -11.01 -67.70
CA ILE N 219 -4.68 -9.58 -67.54
C ILE N 219 -6.10 -9.11 -67.83
N LEU N 220 -6.72 -8.45 -66.86
CA LEU N 220 -8.07 -7.95 -67.08
C LEU N 220 -8.01 -6.48 -67.52
N LEU N 221 -8.54 -6.19 -68.69
CA LEU N 221 -8.55 -4.83 -69.20
C LEU N 221 -9.96 -4.26 -69.11
N ALA N 222 -10.19 -3.43 -68.10
CA ALA N 222 -11.49 -2.82 -67.88
C ALA N 222 -11.46 -1.28 -67.92
N ASP N 223 -12.18 -0.70 -68.88
CA ASP N 223 -12.25 0.74 -69.05
C ASP N 223 -13.38 1.26 -68.19
N LYS N 224 -13.09 1.46 -66.91
CA LYS N 224 -14.08 1.95 -65.95
C LYS N 224 -13.64 1.62 -64.53
N LYS N 225 -14.08 2.44 -63.57
CA LYS N 225 -13.72 2.25 -62.16
C LYS N 225 -14.42 1.07 -61.50
N ILE N 226 -13.65 0.27 -60.78
CA ILE N 226 -14.18 -0.90 -60.10
C ILE N 226 -14.16 -0.64 -58.59
N SER N 227 -15.35 -0.59 -57.99
CA SER N 227 -15.46 -0.34 -56.56
C SER N 227 -16.06 -1.50 -55.79
N ASN N 228 -16.77 -2.38 -56.49
CA ASN N 228 -17.38 -3.53 -55.83
C ASN N 228 -16.93 -4.83 -56.46
N ILE N 229 -16.37 -5.70 -55.63
CA ILE N 229 -15.86 -6.98 -56.09
C ILE N 229 -16.98 -7.97 -56.43
N ARG N 230 -18.16 -7.43 -56.72
CA ARG N 230 -19.31 -8.26 -57.05
C ARG N 230 -19.25 -8.61 -58.55
N GLU N 231 -18.79 -7.66 -59.35
CA GLU N 231 -18.68 -7.87 -60.79
C GLU N 231 -17.53 -8.82 -61.07
N MET N 232 -16.55 -8.79 -60.17
CA MET N 232 -15.34 -9.62 -60.29
C MET N 232 -15.56 -11.12 -60.14
N LEU N 233 -16.37 -11.52 -59.16
CA LEU N 233 -16.65 -12.93 -58.92
C LEU N 233 -16.61 -13.87 -60.12
N PRO N 234 -17.45 -13.61 -61.15
CA PRO N 234 -17.45 -14.48 -62.33
C PRO N 234 -16.08 -14.62 -63.00
N VAL N 235 -15.31 -13.52 -63.03
CA VAL N 235 -13.98 -13.53 -63.63
C VAL N 235 -12.90 -13.99 -62.65
N LEU N 236 -13.13 -13.76 -61.36
CA LEU N 236 -12.15 -14.17 -60.34
C LEU N 236 -12.20 -15.67 -60.13
N GLU N 237 -13.34 -16.28 -60.40
CA GLU N 237 -13.47 -17.72 -60.24
C GLU N 237 -12.91 -18.42 -61.47
N ALA N 238 -13.06 -17.79 -62.63
CA ALA N 238 -12.54 -18.37 -63.87
C ALA N 238 -11.02 -18.39 -63.80
N VAL N 239 -10.48 -17.48 -62.98
CA VAL N 239 -9.04 -17.37 -62.78
C VAL N 239 -8.59 -18.28 -61.65
N ALA N 240 -9.51 -18.59 -60.74
CA ALA N 240 -9.19 -19.49 -59.63
C ALA N 240 -9.00 -20.88 -60.24
N LYS N 241 -9.67 -21.10 -61.37
CA LYS N 241 -9.51 -22.35 -62.11
C LYS N 241 -8.28 -22.07 -62.96
N ALA N 242 -7.55 -23.13 -63.35
CA ALA N 242 -6.32 -22.97 -64.14
C ALA N 242 -5.25 -22.42 -63.19
N GLY N 243 -5.66 -22.15 -61.95
CA GLY N 243 -4.77 -21.65 -60.93
C GLY N 243 -3.70 -20.69 -61.39
N LYS N 244 -4.09 -19.61 -62.04
CA LYS N 244 -3.13 -18.62 -62.50
C LYS N 244 -3.37 -17.25 -61.86
N PRO N 245 -2.33 -16.41 -61.78
CA PRO N 245 -2.50 -15.08 -61.18
C PRO N 245 -3.29 -14.12 -62.07
N LEU N 246 -3.74 -13.00 -61.50
CA LEU N 246 -4.51 -12.04 -62.26
C LEU N 246 -4.10 -10.59 -62.02
N LEU N 247 -3.87 -9.86 -63.12
CA LEU N 247 -3.50 -8.46 -63.06
C LEU N 247 -4.68 -7.63 -63.57
N ILE N 248 -5.23 -6.80 -62.69
CA ILE N 248 -6.36 -5.95 -63.05
C ILE N 248 -5.89 -4.57 -63.50
N ILE N 249 -6.15 -4.23 -64.77
CA ILE N 249 -5.78 -2.92 -65.31
C ILE N 249 -7.05 -2.16 -65.66
N ALA N 250 -7.63 -1.47 -64.67
CA ALA N 250 -8.86 -0.70 -64.87
C ALA N 250 -8.64 0.81 -64.69
N GLU N 251 -9.70 1.58 -64.84
CA GLU N 251 -9.60 3.03 -64.69
C GLU N 251 -9.12 3.27 -63.27
N ASP N 252 -9.62 2.44 -62.35
CA ASP N 252 -9.23 2.54 -60.94
C ASP N 252 -9.96 1.45 -60.15
N VAL N 253 -9.38 1.04 -59.02
CA VAL N 253 -10.00 0.03 -58.17
C VAL N 253 -10.11 0.62 -56.77
N GLU N 254 -11.34 0.84 -56.33
CA GLU N 254 -11.60 1.46 -55.03
C GLU N 254 -12.18 0.60 -53.92
N GLY N 255 -11.99 1.09 -52.70
CA GLY N 255 -12.47 0.45 -51.49
C GLY N 255 -12.93 -1.00 -51.49
N GLU N 256 -14.25 -1.17 -51.46
CA GLU N 256 -14.85 -2.51 -51.42
C GLU N 256 -14.07 -3.55 -52.24
N ALA N 257 -13.91 -3.31 -53.54
CA ALA N 257 -13.18 -4.25 -54.41
C ALA N 257 -11.70 -4.34 -54.07
N LEU N 258 -11.04 -3.19 -54.00
CA LEU N 258 -9.61 -3.12 -53.69
C LEU N 258 -9.25 -3.79 -52.38
N ALA N 259 -10.06 -3.54 -51.35
CA ALA N 259 -9.80 -4.13 -50.05
C ALA N 259 -9.95 -5.64 -50.12
N THR N 260 -11.02 -6.10 -50.79
CA THR N 260 -11.27 -7.53 -50.92
C THR N 260 -10.15 -8.23 -51.68
N LEU N 261 -9.55 -7.53 -52.63
CA LEU N 261 -8.44 -8.10 -53.40
C LEU N 261 -7.21 -8.15 -52.52
N VAL N 262 -6.93 -7.05 -51.81
CA VAL N 262 -5.77 -6.99 -50.90
C VAL N 262 -5.81 -8.13 -49.89
N VAL N 263 -7.01 -8.55 -49.53
CA VAL N 263 -7.18 -9.64 -48.58
C VAL N 263 -7.04 -11.01 -49.24
N ASN N 264 -8.01 -11.39 -50.08
CA ASN N 264 -7.99 -12.68 -50.75
C ASN N 264 -6.60 -13.12 -51.25
N THR N 265 -5.87 -12.20 -51.88
CA THR N 265 -4.54 -12.53 -52.41
C THR N 265 -3.52 -12.67 -51.28
N MET N 266 -3.74 -11.89 -50.22
CA MET N 266 -2.87 -11.88 -49.06
C MET N 266 -3.16 -13.11 -48.19
N ARG N 267 -3.98 -14.02 -48.73
CA ARG N 267 -4.36 -15.25 -48.05
C ARG N 267 -4.14 -16.47 -48.96
N GLY N 268 -3.48 -16.26 -50.08
CA GLY N 268 -3.22 -17.35 -51.00
C GLY N 268 -4.42 -17.77 -51.82
N ILE N 269 -5.55 -17.11 -51.59
CA ILE N 269 -6.78 -17.42 -52.33
C ILE N 269 -6.73 -16.71 -53.68
N VAL N 270 -5.79 -17.11 -54.53
CA VAL N 270 -5.60 -16.53 -55.86
C VAL N 270 -4.81 -15.22 -55.84
N LYS N 271 -3.67 -15.23 -56.53
CA LYS N 271 -2.79 -14.05 -56.63
C LYS N 271 -3.41 -13.02 -57.57
N VAL N 272 -3.56 -11.79 -57.08
CA VAL N 272 -4.12 -10.70 -57.88
C VAL N 272 -3.42 -9.39 -57.56
N ALA N 273 -3.34 -8.52 -58.55
CA ALA N 273 -2.70 -7.22 -58.39
C ALA N 273 -3.42 -6.26 -59.30
N ALA N 274 -3.70 -5.06 -58.80
CA ALA N 274 -4.39 -4.08 -59.61
C ALA N 274 -3.60 -2.79 -59.77
N VAL N 275 -3.76 -2.16 -60.94
CA VAL N 275 -3.09 -0.91 -61.24
C VAL N 275 -4.00 -0.07 -62.14
N LYS N 276 -3.81 1.24 -62.12
CA LYS N 276 -4.61 2.11 -62.97
C LYS N 276 -4.12 2.01 -64.42
N ALA N 277 -5.02 2.18 -65.37
CA ALA N 277 -4.63 2.14 -66.78
C ALA N 277 -3.78 3.41 -66.97
N PRO N 278 -2.81 3.37 -67.89
CA PRO N 278 -1.94 4.51 -68.17
C PRO N 278 -2.67 5.71 -68.74
N GLY N 279 -2.17 6.91 -68.47
CA GLY N 279 -2.78 8.14 -68.98
C GLY N 279 -4.20 8.41 -68.51
N PHE N 280 -4.83 9.44 -69.06
CA PHE N 280 -6.20 9.77 -68.69
C PHE N 280 -7.01 10.17 -69.91
N GLY N 281 -8.33 10.29 -69.73
CA GLY N 281 -9.20 10.70 -70.81
C GLY N 281 -9.25 9.76 -72.00
N ASP N 282 -9.08 10.32 -73.20
CA ASP N 282 -9.12 9.59 -74.46
C ASP N 282 -7.90 8.72 -74.68
N ARG N 283 -6.72 9.33 -74.54
CA ARG N 283 -5.47 8.60 -74.74
C ARG N 283 -5.39 7.42 -73.77
N ARG N 284 -6.15 7.47 -72.68
CA ARG N 284 -6.16 6.38 -71.71
C ARG N 284 -6.85 5.17 -72.34
N LYS N 285 -7.97 5.43 -72.99
CA LYS N 285 -8.74 4.38 -73.64
C LYS N 285 -7.96 3.83 -74.81
N ALA N 286 -7.27 4.71 -75.53
CA ALA N 286 -6.47 4.28 -76.67
C ALA N 286 -5.38 3.32 -76.22
N MET N 287 -4.69 3.68 -75.14
CA MET N 287 -3.62 2.86 -74.58
C MET N 287 -4.10 1.55 -73.98
N LEU N 288 -5.30 1.54 -73.39
CA LEU N 288 -5.84 0.31 -72.82
C LEU N 288 -6.03 -0.72 -73.93
N GLN N 289 -6.26 -0.23 -75.14
CA GLN N 289 -6.44 -1.10 -76.29
C GLN N 289 -5.07 -1.61 -76.74
N ASP N 290 -4.07 -0.73 -76.68
CA ASP N 290 -2.69 -1.09 -77.03
C ASP N 290 -2.27 -2.30 -76.20
N ILE N 291 -2.57 -2.24 -74.90
CA ILE N 291 -2.26 -3.31 -73.95
C ILE N 291 -3.05 -4.58 -74.30
N ALA N 292 -4.31 -4.39 -74.72
CA ALA N 292 -5.16 -5.52 -75.09
C ALA N 292 -4.55 -6.27 -76.28
N THR N 293 -4.22 -5.53 -77.34
CA THR N 293 -3.63 -6.10 -78.55
C THR N 293 -2.34 -6.86 -78.21
N LEU N 294 -1.49 -6.21 -77.41
CA LEU N 294 -0.21 -6.77 -77.01
C LEU N 294 -0.35 -8.05 -76.19
N THR N 295 -1.35 -8.09 -75.32
CA THR N 295 -1.58 -9.25 -74.46
C THR N 295 -2.62 -10.23 -74.98
N GLY N 296 -3.23 -9.91 -76.12
CA GLY N 296 -4.24 -10.80 -76.68
C GLY N 296 -5.49 -10.89 -75.82
N GLY N 297 -5.96 -9.74 -75.36
CA GLY N 297 -7.16 -9.72 -74.55
C GLY N 297 -8.16 -8.78 -75.17
N THR N 298 -9.31 -8.65 -74.51
CA THR N 298 -10.39 -7.79 -74.97
C THR N 298 -10.70 -6.75 -73.91
N VAL N 299 -10.74 -5.48 -74.31
CA VAL N 299 -11.03 -4.40 -73.37
C VAL N 299 -12.53 -4.36 -73.07
N ILE N 300 -12.87 -4.51 -71.80
CA ILE N 300 -14.26 -4.48 -71.37
C ILE N 300 -14.66 -3.03 -71.05
N SER N 301 -15.29 -2.36 -72.00
CA SER N 301 -15.72 -0.98 -71.80
C SER N 301 -17.23 -0.90 -71.62
N GLU N 302 -17.67 -0.05 -70.70
CA GLU N 302 -19.09 0.13 -70.44
C GLU N 302 -19.75 0.82 -71.61
N GLU N 303 -18.96 1.61 -72.33
CA GLU N 303 -19.45 2.35 -73.49
C GLU N 303 -20.14 1.40 -74.46
N ILE N 304 -19.40 0.45 -75.01
CA ILE N 304 -19.98 -0.51 -75.94
C ILE N 304 -21.04 -1.37 -75.23
N GLY N 305 -21.23 -1.11 -73.94
CA GLY N 305 -22.22 -1.85 -73.17
C GLY N 305 -21.79 -3.25 -72.77
N MET N 306 -20.59 -3.37 -72.21
CA MET N 306 -20.09 -4.68 -71.78
C MET N 306 -20.12 -4.77 -70.27
N GLU N 307 -20.03 -5.99 -69.75
CA GLU N 307 -20.06 -6.22 -68.31
C GLU N 307 -19.00 -7.21 -67.82
N LEU N 308 -18.41 -6.90 -66.67
CA LEU N 308 -17.38 -7.76 -66.08
C LEU N 308 -17.96 -9.10 -65.67
N GLU N 309 -19.27 -9.12 -65.43
CA GLU N 309 -19.94 -10.35 -65.02
C GLU N 309 -19.99 -11.33 -66.19
N LYS N 310 -20.02 -10.77 -67.40
CA LYS N 310 -20.08 -11.59 -68.60
C LYS N 310 -18.72 -11.77 -69.26
N ALA N 311 -17.65 -11.50 -68.52
CA ALA N 311 -16.30 -11.64 -69.06
C ALA N 311 -15.76 -13.02 -68.74
N THR N 312 -15.20 -13.69 -69.73
CA THR N 312 -14.64 -15.02 -69.52
C THR N 312 -13.13 -14.97 -69.71
N LEU N 313 -12.45 -16.06 -69.37
CA LEU N 313 -10.99 -16.13 -69.51
C LEU N 313 -10.58 -15.72 -70.91
N GLU N 314 -11.46 -16.00 -71.87
CA GLU N 314 -11.22 -15.69 -73.27
C GLU N 314 -11.00 -14.20 -73.55
N ASP N 315 -11.57 -13.35 -72.71
CA ASP N 315 -11.43 -11.90 -72.86
C ASP N 315 -10.14 -11.40 -72.22
N LEU N 316 -9.63 -12.18 -71.26
CA LEU N 316 -8.42 -11.84 -70.54
C LEU N 316 -7.16 -11.88 -71.39
N GLY N 317 -6.25 -10.94 -71.12
CA GLY N 317 -4.99 -10.87 -71.83
C GLY N 317 -4.03 -11.82 -71.14
N GLN N 318 -2.84 -12.00 -71.68
CA GLN N 318 -1.91 -12.93 -71.06
C GLN N 318 -0.47 -12.61 -71.39
N ALA N 319 0.44 -12.86 -70.45
CA ALA N 319 1.84 -12.59 -70.67
C ALA N 319 2.65 -13.54 -69.80
N LYS N 320 3.89 -13.81 -70.18
CA LYS N 320 4.72 -14.72 -69.42
C LYS N 320 5.09 -14.22 -68.03
N ARG N 321 5.11 -12.91 -67.86
CA ARG N 321 5.49 -12.33 -66.58
C ARG N 321 5.22 -10.84 -66.57
N VAL N 322 4.78 -10.31 -65.43
CA VAL N 322 4.54 -8.88 -65.28
C VAL N 322 5.15 -8.42 -63.97
N VAL N 323 5.68 -7.21 -63.95
CA VAL N 323 6.31 -6.67 -62.75
C VAL N 323 5.79 -5.27 -62.44
N ILE N 324 5.31 -5.08 -61.20
CA ILE N 324 4.77 -3.79 -60.78
C ILE N 324 5.54 -3.14 -59.62
N ASN N 325 5.87 -1.86 -59.78
CA ASN N 325 6.59 -1.09 -58.76
C ASN N 325 5.66 -0.18 -57.99
N LYS N 326 6.28 0.79 -57.32
CA LYS N 326 5.53 1.79 -56.57
C LYS N 326 4.90 2.66 -57.65
N ASP N 327 5.60 2.77 -58.79
CA ASP N 327 5.12 3.59 -59.89
C ASP N 327 5.39 3.05 -61.29
N THR N 328 5.47 1.73 -61.43
CA THR N 328 5.73 1.15 -62.74
C THR N 328 5.19 -0.24 -62.97
N THR N 329 4.46 -0.40 -64.06
CA THR N 329 3.92 -1.70 -64.44
C THR N 329 4.56 -2.07 -65.76
N THR N 330 5.13 -3.26 -65.82
CA THR N 330 5.78 -3.71 -67.03
C THR N 330 5.35 -5.14 -67.39
N ILE N 331 4.77 -5.27 -68.59
CA ILE N 331 4.28 -6.55 -69.10
C ILE N 331 5.33 -7.18 -70.01
N ILE N 332 5.77 -8.38 -69.64
CA ILE N 332 6.82 -9.07 -70.38
C ILE N 332 6.36 -10.30 -71.16
N ASP N 333 6.46 -10.20 -72.48
CA ASP N 333 6.08 -11.26 -73.39
C ASP N 333 4.58 -11.54 -73.40
N GLY N 334 3.85 -10.69 -74.11
CA GLY N 334 2.41 -10.85 -74.21
C GLY N 334 2.09 -11.81 -75.33
N VAL N 335 1.01 -12.56 -75.16
CA VAL N 335 0.57 -13.56 -76.13
C VAL N 335 0.01 -12.94 -77.41
N GLY N 336 -0.04 -11.61 -77.45
CA GLY N 336 -0.53 -10.93 -78.64
C GLY N 336 0.12 -11.46 -79.90
N GLU N 337 -0.68 -11.59 -80.96
CA GLU N 337 -0.23 -12.09 -82.26
C GLU N 337 0.60 -11.03 -82.98
N GLU N 338 1.70 -11.48 -83.59
CA GLU N 338 2.59 -10.60 -84.33
C GLU N 338 1.77 -9.84 -85.36
N ALA N 339 0.73 -10.49 -85.86
CA ALA N 339 -0.15 -9.90 -86.84
C ALA N 339 -0.91 -8.76 -86.19
N ALA N 340 -1.66 -9.09 -85.14
CA ALA N 340 -2.47 -8.12 -84.41
C ALA N 340 -1.64 -6.92 -83.96
N ILE N 341 -0.56 -7.19 -83.25
CA ILE N 341 0.34 -6.16 -82.74
C ILE N 341 0.90 -5.27 -83.85
N GLN N 342 1.50 -5.88 -84.85
CA GLN N 342 2.06 -5.12 -85.95
C GLN N 342 0.95 -4.36 -86.67
N GLY N 343 -0.27 -4.90 -86.58
CA GLY N 343 -1.42 -4.27 -87.19
C GLY N 343 -1.80 -2.99 -86.47
N ARG N 344 -1.71 -3.05 -85.13
CA ARG N 344 -2.02 -1.89 -84.29
C ARG N 344 -0.96 -0.81 -84.47
N VAL N 345 0.29 -1.24 -84.68
CA VAL N 345 1.39 -0.30 -84.89
C VAL N 345 1.12 0.49 -86.16
N ALA N 346 0.46 -0.17 -87.11
CA ALA N 346 0.13 0.44 -88.38
C ALA N 346 -0.85 1.61 -88.23
N GLN N 347 -1.98 1.37 -87.57
CA GLN N 347 -2.98 2.43 -87.36
C GLN N 347 -2.32 3.63 -86.70
N ILE N 348 -1.71 3.39 -85.54
CA ILE N 348 -1.05 4.42 -84.77
C ILE N 348 -0.03 5.19 -85.57
N ARG N 349 0.65 4.50 -86.49
CA ARG N 349 1.65 5.13 -87.32
C ARG N 349 0.93 5.95 -88.40
N GLN N 350 -0.32 5.59 -88.65
CA GLN N 350 -1.17 6.28 -89.61
C GLN N 350 -1.69 7.56 -88.96
N GLN N 351 -2.10 7.44 -87.69
CA GLN N 351 -2.61 8.56 -86.91
C GLN N 351 -1.58 9.70 -86.96
N ILE N 352 -0.31 9.31 -86.87
CA ILE N 352 0.79 10.26 -86.88
C ILE N 352 0.77 11.14 -88.13
N GLU N 353 0.33 10.55 -89.24
CA GLU N 353 0.24 11.30 -90.49
C GLU N 353 -0.91 12.30 -90.41
N GLU N 354 -2.08 11.78 -90.07
CA GLU N 354 -3.30 12.58 -89.96
C GLU N 354 -3.26 13.51 -88.75
N ALA N 355 -2.09 13.60 -88.11
CA ALA N 355 -1.90 14.45 -86.95
C ALA N 355 -1.85 15.93 -87.35
N THR N 356 -2.81 16.70 -86.87
CA THR N 356 -2.88 18.13 -87.18
C THR N 356 -2.10 18.98 -86.17
N SER N 357 -1.51 18.32 -85.17
CA SER N 357 -0.76 19.02 -84.14
C SER N 357 0.50 18.26 -83.74
N ASP N 358 1.41 18.96 -83.04
CA ASP N 358 2.65 18.35 -82.59
C ASP N 358 2.45 17.49 -81.35
N TYR N 359 1.83 18.06 -80.33
CA TYR N 359 1.56 17.33 -79.11
C TYR N 359 0.93 15.98 -79.44
N ASP N 360 -0.11 16.00 -80.27
CA ASP N 360 -0.82 14.79 -80.67
C ASP N 360 0.11 13.80 -81.37
N ARG N 361 1.12 14.33 -82.06
CA ARG N 361 2.09 13.53 -82.79
C ARG N 361 3.08 12.89 -81.81
N GLU N 362 3.57 13.69 -80.86
CA GLU N 362 4.51 13.21 -79.85
C GLU N 362 3.91 12.00 -79.14
N LYS N 363 2.70 12.19 -78.60
CA LYS N 363 1.96 11.16 -77.87
C LYS N 363 1.74 9.87 -78.67
N LEU N 364 1.48 9.99 -79.96
CA LEU N 364 1.27 8.82 -80.81
C LEU N 364 2.58 8.08 -80.98
N GLN N 365 3.66 8.84 -81.13
CA GLN N 365 5.00 8.26 -81.28
C GLN N 365 5.37 7.50 -80.02
N GLU N 366 4.93 8.01 -78.87
CA GLU N 366 5.22 7.33 -77.62
C GLU N 366 4.60 5.94 -77.63
N ARG N 367 3.36 5.86 -78.09
CA ARG N 367 2.61 4.60 -78.14
C ARG N 367 3.20 3.54 -79.08
N VAL N 368 3.70 3.96 -80.22
CA VAL N 368 4.29 3.00 -81.15
C VAL N 368 5.63 2.54 -80.55
N ALA N 369 6.34 3.49 -79.95
CA ALA N 369 7.63 3.20 -79.33
C ALA N 369 7.48 2.05 -78.32
N LYS N 370 6.48 2.15 -77.46
CA LYS N 370 6.23 1.11 -76.48
C LYS N 370 5.91 -0.21 -77.16
N LEU N 371 4.90 -0.18 -78.03
CA LEU N 371 4.43 -1.36 -78.76
C LEU N 371 5.50 -1.99 -79.63
N ALA N 372 6.04 -1.20 -80.55
CA ALA N 372 7.07 -1.67 -81.47
C ALA N 372 8.40 -1.92 -80.81
N GLY N 373 8.70 -1.18 -79.75
CA GLY N 373 9.97 -1.34 -79.04
C GLY N 373 10.22 -2.67 -78.34
N GLY N 374 9.18 -3.21 -77.70
CA GLY N 374 9.35 -4.47 -77.02
C GLY N 374 9.98 -4.33 -75.65
N VAL N 375 10.62 -5.41 -75.19
CA VAL N 375 11.26 -5.44 -73.87
C VAL N 375 12.47 -6.38 -73.86
N ALA N 376 13.65 -5.87 -73.49
CA ALA N 376 14.84 -6.73 -73.43
C ALA N 376 14.69 -7.68 -72.23
N VAL N 377 15.11 -8.93 -72.40
CA VAL N 377 15.02 -9.90 -71.32
C VAL N 377 16.36 -10.59 -71.09
N ILE N 378 16.93 -10.33 -69.91
CA ILE N 378 18.21 -10.90 -69.51
C ILE N 378 17.97 -12.10 -68.61
N LYS N 379 18.34 -13.28 -69.09
CA LYS N 379 18.19 -14.49 -68.30
C LYS N 379 19.56 -14.79 -67.71
N VAL N 380 19.68 -14.74 -66.39
CA VAL N 380 20.97 -14.98 -65.73
C VAL N 380 21.36 -16.45 -65.57
N GLY N 381 22.52 -16.80 -66.12
CA GLY N 381 22.99 -18.17 -66.03
C GLY N 381 23.94 -18.43 -64.87
N ALA N 382 24.09 -19.69 -64.49
CA ALA N 382 24.98 -20.09 -63.41
C ALA N 382 25.08 -21.61 -63.34
N ALA N 383 26.04 -22.10 -62.55
CA ALA N 383 26.27 -23.54 -62.41
C ALA N 383 25.29 -24.21 -61.45
N THR N 384 24.82 -23.47 -60.47
CA THR N 384 23.88 -24.00 -59.48
C THR N 384 22.75 -23.00 -59.34
N GLU N 385 21.60 -23.47 -58.86
CA GLU N 385 20.45 -22.58 -58.69
C GLU N 385 20.80 -21.47 -57.71
N VAL N 386 21.53 -21.81 -56.66
CA VAL N 386 21.93 -20.85 -55.65
C VAL N 386 22.70 -19.68 -56.27
N GLU N 387 23.77 -20.00 -56.96
CA GLU N 387 24.60 -18.99 -57.61
C GLU N 387 23.77 -18.18 -58.58
N MET N 388 22.94 -18.86 -59.35
CA MET N 388 22.08 -18.22 -60.34
C MET N 388 21.19 -17.17 -59.69
N LYS N 389 20.45 -17.58 -58.67
CA LYS N 389 19.57 -16.66 -57.98
C LYS N 389 20.36 -15.48 -57.40
N GLU N 390 21.56 -15.76 -56.91
CA GLU N 390 22.41 -14.73 -56.33
C GLU N 390 22.82 -13.71 -57.40
N LYS N 391 23.42 -14.19 -58.48
CA LYS N 391 23.85 -13.32 -59.56
C LYS N 391 22.67 -12.55 -60.15
N LYS N 392 21.48 -13.15 -60.13
CA LYS N 392 20.29 -12.50 -60.65
C LYS N 392 20.07 -11.22 -59.86
N ALA N 393 20.19 -11.33 -58.55
CA ALA N 393 20.01 -10.18 -57.65
C ALA N 393 21.05 -9.11 -57.90
N ARG N 394 22.30 -9.51 -58.12
CA ARG N 394 23.37 -8.54 -58.39
C ARG N 394 23.16 -7.86 -59.75
N VAL N 395 22.60 -8.60 -60.72
CA VAL N 395 22.32 -8.04 -62.04
C VAL N 395 21.21 -7.01 -61.91
N GLU N 396 20.16 -7.36 -61.19
CA GLU N 396 19.03 -6.47 -60.98
C GLU N 396 19.47 -5.17 -60.32
N ASP N 397 20.36 -5.27 -59.33
CA ASP N 397 20.85 -4.08 -58.64
C ASP N 397 21.72 -3.24 -59.55
N ALA N 398 22.73 -3.88 -60.14
CA ALA N 398 23.65 -3.20 -61.05
C ALA N 398 22.88 -2.53 -62.18
N LEU N 399 21.74 -3.10 -62.53
CA LEU N 399 20.93 -2.54 -63.59
C LEU N 399 20.36 -1.17 -63.17
N HIS N 400 19.67 -1.11 -62.02
CA HIS N 400 19.10 0.15 -61.54
C HIS N 400 20.19 1.20 -61.41
N ALA N 401 21.32 0.78 -60.86
CA ALA N 401 22.45 1.69 -60.65
C ALA N 401 22.88 2.32 -61.96
N THR N 402 23.20 1.49 -62.94
CA THR N 402 23.64 1.93 -64.27
C THR N 402 22.57 2.78 -64.95
N ARG N 403 21.32 2.40 -64.77
CA ARG N 403 20.18 3.12 -65.32
C ARG N 403 20.22 4.57 -64.85
N ALA N 404 20.51 4.74 -63.57
CA ALA N 404 20.59 6.05 -62.93
C ALA N 404 21.87 6.80 -63.31
N ALA N 405 22.94 6.03 -63.54
CA ALA N 405 24.22 6.60 -63.93
C ALA N 405 24.10 7.18 -65.34
N VAL N 406 23.42 6.44 -66.20
CA VAL N 406 23.22 6.90 -67.57
C VAL N 406 22.39 8.18 -67.60
N GLU N 407 21.50 8.32 -66.63
CA GLU N 407 20.64 9.48 -66.54
C GLU N 407 21.29 10.78 -66.02
N GLU N 408 22.17 10.68 -65.03
CA GLU N 408 22.78 11.88 -64.45
C GLU N 408 24.26 11.77 -64.09
N GLY N 409 24.91 10.71 -64.54
CA GLY N 409 26.32 10.54 -64.23
C GLY N 409 26.60 9.99 -62.86
N VAL N 410 27.86 10.08 -62.44
CA VAL N 410 28.29 9.58 -61.14
C VAL N 410 29.14 10.62 -60.41
N VAL N 411 29.22 10.46 -59.09
CA VAL N 411 30.02 11.34 -58.23
C VAL N 411 30.72 10.45 -57.22
N ALA N 412 31.61 11.03 -56.44
CA ALA N 412 32.32 10.26 -55.42
C ALA N 412 31.35 9.64 -54.44
N GLY N 413 31.53 8.36 -54.15
CA GLY N 413 30.67 7.68 -53.20
C GLY N 413 31.25 7.79 -51.79
N GLY N 414 30.88 6.85 -50.93
CA GLY N 414 31.40 6.86 -49.56
C GLY N 414 31.01 8.13 -48.82
N GLY N 415 30.02 8.81 -49.36
CA GLY N 415 29.54 10.01 -48.73
C GLY N 415 30.42 11.23 -48.89
N VAL N 416 31.44 11.17 -49.74
CA VAL N 416 32.30 12.33 -49.91
C VAL N 416 31.72 13.36 -50.88
N ALA N 417 30.86 12.92 -51.78
CA ALA N 417 30.26 13.86 -52.72
C ALA N 417 29.49 14.93 -51.92
N LEU N 418 28.67 14.49 -50.97
CA LEU N 418 27.89 15.43 -50.17
C LEU N 418 28.77 16.37 -49.34
N ILE N 419 29.85 15.85 -48.78
CA ILE N 419 30.71 16.68 -47.97
C ILE N 419 31.46 17.68 -48.84
N ARG N 420 31.78 17.27 -50.06
CA ARG N 420 32.49 18.12 -51.02
C ARG N 420 31.58 19.28 -51.40
N VAL N 421 30.36 18.94 -51.77
CA VAL N 421 29.39 19.93 -52.17
C VAL N 421 29.15 20.95 -51.05
N ALA N 422 29.04 20.46 -49.82
CA ALA N 422 28.81 21.33 -48.69
C ALA N 422 29.97 22.29 -48.50
N SER N 423 31.20 21.79 -48.58
CA SER N 423 32.39 22.62 -48.39
C SER N 423 32.41 23.80 -49.37
N LYS N 424 31.77 23.64 -50.51
CA LYS N 424 31.74 24.71 -51.50
C LYS N 424 30.68 25.78 -51.21
N LEU N 425 29.70 25.48 -50.36
CA LEU N 425 28.64 26.43 -50.08
C LEU N 425 28.80 27.24 -48.78
N ALA N 426 30.04 27.34 -48.30
CA ALA N 426 30.34 28.06 -47.07
C ALA N 426 29.85 29.50 -47.03
N ASP N 427 29.90 30.18 -48.16
CA ASP N 427 29.46 31.57 -48.18
C ASP N 427 28.01 31.79 -48.55
N LEU N 428 27.26 30.71 -48.73
CA LEU N 428 25.85 30.83 -49.09
C LEU N 428 25.10 31.46 -47.92
N ARG N 429 24.28 32.47 -48.22
CA ARG N 429 23.49 33.17 -47.20
C ARG N 429 22.03 33.37 -47.66
N GLY N 430 21.17 33.66 -46.69
CA GLY N 430 19.77 33.86 -47.00
C GLY N 430 19.31 35.28 -46.73
N GLN N 431 18.00 35.49 -46.60
CA GLN N 431 17.43 36.81 -46.37
C GLN N 431 17.54 37.31 -44.95
N ASN N 432 17.68 36.42 -43.99
CA ASN N 432 17.81 36.84 -42.60
C ASN N 432 18.65 35.84 -41.83
N GLU N 433 18.92 36.14 -40.55
CA GLU N 433 19.76 35.26 -39.77
C GLU N 433 19.21 33.86 -39.59
N ASP N 434 17.90 33.75 -39.36
CA ASP N 434 17.30 32.43 -39.20
C ASP N 434 17.55 31.58 -40.44
N GLN N 435 17.34 32.15 -41.62
CA GLN N 435 17.59 31.40 -42.83
C GLN N 435 19.07 31.01 -42.91
N ASN N 436 19.94 31.91 -42.47
CA ASN N 436 21.38 31.62 -42.50
C ASN N 436 21.66 30.39 -41.66
N VAL N 437 21.03 30.33 -40.49
CA VAL N 437 21.20 29.19 -39.59
C VAL N 437 20.69 27.94 -40.32
N GLY N 438 19.55 28.10 -40.99
CA GLY N 438 18.97 27.00 -41.73
C GLY N 438 19.94 26.45 -42.76
N ILE N 439 20.61 27.35 -43.48
CA ILE N 439 21.59 26.92 -44.46
C ILE N 439 22.71 26.14 -43.80
N LYS N 440 23.19 26.61 -42.65
CA LYS N 440 24.27 25.91 -41.94
C LYS N 440 23.78 24.56 -41.39
N VAL N 441 22.53 24.49 -40.98
CA VAL N 441 22.00 23.25 -40.48
C VAL N 441 22.10 22.20 -41.58
N ALA N 442 21.70 22.56 -42.79
CA ALA N 442 21.74 21.66 -43.94
C ALA N 442 23.17 21.29 -44.35
N LEU N 443 24.05 22.27 -44.47
CA LEU N 443 25.42 22.00 -44.86
C LEU N 443 26.09 21.07 -43.84
N ARG N 444 25.76 21.28 -42.58
CA ARG N 444 26.33 20.50 -41.51
C ARG N 444 25.85 19.05 -41.65
N ALA N 445 24.56 18.91 -41.95
CA ALA N 445 23.95 17.60 -42.09
C ALA N 445 24.54 16.81 -43.25
N MET N 446 24.97 17.51 -44.30
CA MET N 446 25.54 16.84 -45.45
C MET N 446 26.81 16.06 -45.12
N GLU N 447 27.30 16.23 -43.90
CA GLU N 447 28.49 15.54 -43.44
C GLU N 447 28.12 14.24 -42.72
N ALA N 448 26.85 14.12 -42.34
CA ALA N 448 26.39 12.95 -41.61
C ALA N 448 26.78 11.63 -42.24
N PRO N 449 26.44 11.41 -43.52
CA PRO N 449 26.79 10.15 -44.18
C PRO N 449 28.26 9.73 -44.05
N LEU N 450 29.17 10.57 -44.52
CA LEU N 450 30.58 10.22 -44.44
C LEU N 450 30.94 9.91 -42.98
N ARG N 451 30.64 10.84 -42.10
CA ARG N 451 30.94 10.68 -40.69
C ARG N 451 30.46 9.35 -40.13
N GLN N 452 29.22 8.99 -40.43
CA GLN N 452 28.68 7.72 -39.95
C GLN N 452 29.50 6.55 -40.52
N ILE N 453 29.80 6.61 -41.82
CA ILE N 453 30.59 5.56 -42.44
C ILE N 453 31.91 5.40 -41.72
N VAL N 454 32.61 6.50 -41.48
CA VAL N 454 33.90 6.46 -40.79
C VAL N 454 33.73 5.94 -39.36
N LEU N 455 32.62 6.31 -38.72
CA LEU N 455 32.35 5.88 -37.36
C LEU N 455 32.19 4.36 -37.33
N ASN N 456 31.44 3.83 -38.30
CA ASN N 456 31.24 2.39 -38.38
C ASN N 456 32.57 1.68 -38.59
N CYS N 457 33.51 2.35 -39.25
CA CYS N 457 34.81 1.78 -39.50
C CYS N 457 35.70 1.83 -38.28
N GLY N 458 35.26 2.56 -37.26
CA GLY N 458 36.05 2.68 -36.06
C GLY N 458 37.16 3.71 -36.17
N GLU N 459 36.96 4.74 -36.99
CA GLU N 459 37.94 5.81 -37.17
C GLU N 459 37.35 7.12 -36.66
N GLU N 460 38.15 8.18 -36.59
CA GLU N 460 37.66 9.47 -36.09
C GLU N 460 37.00 10.28 -37.19
N PRO N 461 35.66 10.37 -37.16
CA PRO N 461 34.87 11.12 -38.16
C PRO N 461 35.39 12.52 -38.43
N SER N 462 35.68 13.26 -37.36
CA SER N 462 36.16 14.63 -37.48
C SER N 462 37.46 14.72 -38.28
N VAL N 463 38.39 13.82 -38.01
CA VAL N 463 39.66 13.84 -38.72
C VAL N 463 39.47 13.57 -40.20
N VAL N 464 38.80 12.46 -40.53
CA VAL N 464 38.55 12.11 -41.93
C VAL N 464 37.71 13.19 -42.63
N ALA N 465 36.64 13.63 -41.98
CA ALA N 465 35.76 14.65 -42.54
C ALA N 465 36.60 15.88 -42.88
N ASN N 466 37.45 16.23 -41.94
CA ASN N 466 38.32 17.38 -42.08
C ASN N 466 39.25 17.25 -43.28
N THR N 467 39.96 16.13 -43.35
CA THR N 467 40.88 15.86 -44.43
C THR N 467 40.16 15.90 -45.77
N VAL N 468 39.03 15.22 -45.87
CA VAL N 468 38.29 15.19 -47.11
C VAL N 468 37.91 16.60 -47.54
N LYS N 469 37.42 17.39 -46.59
CA LYS N 469 37.04 18.75 -46.91
C LYS N 469 38.20 19.56 -47.47
N GLY N 470 39.41 19.23 -47.03
CA GLY N 470 40.58 19.94 -47.51
C GLY N 470 40.88 19.72 -48.98
N GLY N 471 40.57 18.52 -49.48
CA GLY N 471 40.83 18.22 -50.88
C GLY N 471 39.88 18.89 -51.85
N ASP N 472 39.89 18.42 -53.10
CA ASP N 472 39.01 18.98 -54.13
C ASP N 472 38.41 17.93 -55.04
N GLY N 473 37.41 18.34 -55.82
CA GLY N 473 36.77 17.43 -56.74
C GLY N 473 36.36 16.12 -56.08
N ASN N 474 36.60 15.00 -56.77
CA ASN N 474 36.21 13.73 -56.21
C ASN N 474 37.26 13.07 -55.34
N TYR N 475 38.10 13.88 -54.70
CA TYR N 475 39.13 13.37 -53.82
C TYR N 475 38.43 13.07 -52.52
N GLY N 476 38.58 11.85 -52.00
CA GLY N 476 37.91 11.51 -50.77
C GLY N 476 38.59 10.45 -49.94
N TYR N 477 37.82 9.78 -49.08
CA TYR N 477 38.35 8.74 -48.23
C TYR N 477 37.73 7.40 -48.57
N ASN N 478 38.57 6.43 -48.92
CA ASN N 478 38.12 5.08 -49.23
C ASN N 478 38.01 4.40 -47.86
N ALA N 479 36.80 4.41 -47.29
CA ALA N 479 36.57 3.80 -45.99
C ALA N 479 37.01 2.35 -45.93
N ALA N 480 36.88 1.66 -47.05
CA ALA N 480 37.24 0.26 -47.15
C ALA N 480 38.74 -0.02 -47.01
N THR N 481 39.58 0.87 -47.53
CA THR N 481 41.04 0.69 -47.49
C THR N 481 41.79 1.74 -46.67
N GLU N 482 41.05 2.69 -46.10
CA GLU N 482 41.64 3.77 -45.31
C GLU N 482 42.63 4.59 -46.14
N GLU N 483 42.43 4.62 -47.46
CA GLU N 483 43.29 5.38 -48.35
C GLU N 483 42.59 6.59 -48.91
N TYR N 484 43.26 7.74 -48.94
CA TYR N 484 42.63 8.90 -49.53
C TYR N 484 43.07 8.93 -50.98
N GLY N 485 42.22 9.44 -51.86
CA GLY N 485 42.56 9.51 -53.26
C GLY N 485 41.34 9.91 -54.05
N ASN N 486 41.36 9.69 -55.35
CA ASN N 486 40.22 10.02 -56.17
C ASN N 486 39.21 8.89 -56.03
N MET N 487 38.06 9.23 -55.46
CA MET N 487 37.01 8.25 -55.24
C MET N 487 36.60 7.49 -56.50
N ILE N 488 36.41 8.21 -57.60
CA ILE N 488 36.01 7.57 -58.85
C ILE N 488 37.06 6.57 -59.31
N ASP N 489 38.33 6.97 -59.27
CA ASP N 489 39.41 6.08 -59.69
C ASP N 489 39.46 4.84 -58.82
N MET N 490 39.23 5.00 -57.52
CA MET N 490 39.25 3.85 -56.63
C MET N 490 37.97 3.03 -56.76
N GLY N 491 37.13 3.43 -57.70
CA GLY N 491 35.89 2.71 -57.95
C GLY N 491 34.82 2.80 -56.87
N ILE N 492 34.84 3.91 -56.12
CA ILE N 492 33.87 4.10 -55.07
C ILE N 492 33.03 5.29 -55.45
N LEU N 493 31.92 5.02 -56.13
CA LEU N 493 31.05 6.07 -56.60
C LEU N 493 29.57 5.81 -56.39
N ASP N 494 28.76 6.82 -56.70
CA ASP N 494 27.31 6.73 -56.56
C ASP N 494 26.69 7.43 -57.75
N PRO N 495 25.57 6.91 -58.25
CA PRO N 495 24.96 7.61 -59.37
C PRO N 495 24.56 9.00 -58.84
N THR N 496 24.93 10.05 -59.54
CA THR N 496 24.58 11.40 -59.10
C THR N 496 23.10 11.47 -58.72
N LYS N 497 22.28 10.69 -59.40
CA LYS N 497 20.85 10.66 -59.13
C LYS N 497 20.48 10.16 -57.73
N VAL N 498 21.18 9.15 -57.20
CA VAL N 498 20.82 8.66 -55.86
C VAL N 498 21.21 9.67 -54.80
N THR N 499 22.39 10.28 -54.93
CA THR N 499 22.81 11.28 -53.95
C THR N 499 21.84 12.46 -53.99
N ARG N 500 21.57 12.97 -55.18
CA ARG N 500 20.64 14.09 -55.30
C ARG N 500 19.29 13.74 -54.67
N SER N 501 18.76 12.56 -55.00
CA SER N 501 17.48 12.11 -54.47
C SER N 501 17.47 12.02 -52.96
N ALA N 502 18.47 11.30 -52.44
CA ALA N 502 18.59 11.12 -51.00
C ALA N 502 18.56 12.47 -50.29
N LEU N 503 19.35 13.42 -50.76
CA LEU N 503 19.39 14.73 -50.14
C LEU N 503 18.06 15.46 -50.20
N GLN N 504 17.51 15.60 -51.40
CA GLN N 504 16.25 16.30 -51.59
C GLN N 504 15.12 15.71 -50.78
N TYR N 505 15.00 14.38 -50.81
CA TYR N 505 13.95 13.72 -50.05
C TYR N 505 14.12 13.92 -48.56
N ALA N 506 15.36 13.83 -48.08
CA ALA N 506 15.64 14.00 -46.65
C ALA N 506 15.26 15.42 -46.25
N ALA N 507 15.80 16.40 -46.97
CA ALA N 507 15.53 17.79 -46.68
C ALA N 507 14.03 18.07 -46.72
N SER N 508 13.30 17.31 -47.55
CA SER N 508 11.87 17.52 -47.67
C SER N 508 11.09 17.19 -46.42
N VAL N 509 11.23 15.96 -45.95
CA VAL N 509 10.52 15.53 -44.77
C VAL N 509 11.07 16.29 -43.56
N ALA N 510 12.37 16.58 -43.55
CA ALA N 510 12.95 17.32 -42.43
C ALA N 510 12.32 18.69 -42.36
N GLY N 511 12.15 19.32 -43.52
CA GLY N 511 11.55 20.64 -43.55
C GLY N 511 10.14 20.61 -43.01
N LEU N 512 9.41 19.54 -43.32
CA LEU N 512 8.04 19.40 -42.88
C LEU N 512 7.93 19.29 -41.39
N MET N 513 8.77 18.45 -40.79
CA MET N 513 8.78 18.25 -39.35
C MET N 513 9.12 19.52 -38.60
N ILE N 514 10.19 20.20 -39.03
CA ILE N 514 10.60 21.44 -38.39
C ILE N 514 9.44 22.46 -38.37
N THR N 515 8.55 22.36 -39.35
CA THR N 515 7.42 23.28 -39.44
C THR N 515 6.10 22.67 -38.98
N THR N 516 6.20 21.70 -38.08
CA THR N 516 4.99 21.07 -37.56
C THR N 516 4.70 21.61 -36.17
N GLU N 517 3.46 22.02 -35.95
CA GLU N 517 3.04 22.58 -34.66
C GLU N 517 2.04 21.73 -33.91
N CYS N 518 1.38 20.82 -34.61
CA CYS N 518 0.37 20.01 -33.97
C CYS N 518 0.34 18.61 -34.54
N MET N 519 0.06 17.64 -33.68
CA MET N 519 -0.05 16.22 -34.08
C MET N 519 -1.31 15.61 -33.50
N VAL N 520 -2.07 14.92 -34.34
CA VAL N 520 -3.30 14.30 -33.90
C VAL N 520 -3.25 12.82 -34.17
N THR N 521 -3.44 12.02 -33.13
CA THR N 521 -3.40 10.57 -33.29
C THR N 521 -4.46 9.96 -32.39
N ASP N 522 -4.67 8.65 -32.53
CA ASP N 522 -5.66 7.97 -31.71
C ASP N 522 -5.20 7.75 -30.28
N LEU N 523 -6.16 7.55 -29.40
CA LEU N 523 -5.88 7.33 -28.00
C LEU N 523 -5.38 5.91 -27.81
N PRO N 524 -4.29 5.73 -27.07
CA PRO N 524 -3.74 4.39 -26.82
C PRO N 524 -4.78 3.37 -26.33
S SO4 O . 21.84 65.92 41.06
O1 SO4 O . 20.63 66.66 40.66
O2 SO4 O . 22.87 66.85 41.54
O3 SO4 O . 21.49 64.96 42.12
O4 SO4 O . 22.37 65.18 39.89
S SO4 P . 12.76 70.89 42.68
O1 SO4 P . 12.00 70.97 43.94
O2 SO4 P . 12.33 71.99 41.79
O3 SO4 P . 14.20 71.01 42.95
O4 SO4 P . 12.49 69.59 42.02
S SO4 Q . -28.37 64.89 18.63
O1 SO4 Q . -29.79 64.91 18.24
O2 SO4 Q . -27.51 65.04 17.44
O3 SO4 Q . -28.11 66.02 19.54
O4 SO4 Q . -28.06 63.62 19.30
S SO4 R . -24.45 44.22 -3.74
O1 SO4 R . -23.86 44.66 -5.01
O2 SO4 R . -25.90 44.45 -3.78
O3 SO4 R . -24.18 42.78 -3.55
O4 SO4 R . -23.85 44.98 -2.63
K K S . -23.12 43.59 18.77
C1 MPD T . -5.50 55.44 5.64
C2 MPD T . -5.85 56.88 5.92
O2 MPD T . -4.62 57.52 6.29
CM MPD T . -6.45 57.54 4.71
C3 MPD T . -6.86 57.05 7.12
C4 MPD T . -6.78 58.33 7.98
O4 MPD T . -6.91 59.59 7.36
C5 MPD T . -7.85 58.29 9.08
C1 MPD U . -24.10 34.70 8.76
C2 MPD U . -25.39 34.68 9.56
O2 MPD U . -25.01 34.92 10.93
CM MPD U . -26.33 35.74 9.13
C3 MPD U . -26.11 33.32 9.57
C4 MPD U . -26.65 32.78 8.24
O4 MPD U . -25.75 32.61 7.15
C5 MPD U . -27.34 31.43 8.46
S SO4 V . -39.71 21.48 16.69
O1 SO4 V . -39.67 21.91 15.28
O2 SO4 V . -38.38 21.68 17.30
O3 SO4 V . -40.71 22.28 17.41
O4 SO4 V . -40.10 20.05 16.74
S SO4 W . -22.42 37.25 70.85
O1 SO4 W . -23.58 37.48 69.97
O2 SO4 W . -21.30 36.72 70.05
O3 SO4 W . -22.02 38.53 71.48
O4 SO4 W . -22.78 36.29 71.90
S SO4 X . -54.40 31.43 22.75
O1 SO4 X . -55.04 32.45 21.89
O2 SO4 X . -53.49 30.61 21.94
O3 SO4 X . -53.65 32.11 23.83
O4 SO4 X . -55.44 30.56 23.33
S SO4 Y . -49.78 33.61 38.18
O1 SO4 Y . -50.80 33.88 37.14
O2 SO4 Y . -48.53 33.15 37.55
O3 SO4 Y . -49.52 34.85 38.94
O4 SO4 Y . -50.30 32.58 39.10
S SO4 Z . -38.42 10.80 26.98
O1 SO4 Z . -39.70 10.23 27.43
O2 SO4 Z . -38.61 12.24 26.67
O3 SO4 Z . -37.42 10.66 28.07
O4 SO4 Z . -37.95 10.08 25.78
K K AA . -28.76 10.25 43.26
C1 MPD BA . -27.52 18.15 15.22
C2 MPD BA . -28.84 18.91 15.11
O2 MPD BA . -29.44 18.48 13.88
CM MPD BA . -29.74 18.63 16.26
C3 MPD BA . -28.68 20.44 14.98
C4 MPD BA . -27.61 20.93 14.02
O4 MPD BA . -27.65 20.47 12.69
C5 MPD BA . -27.61 22.46 14.01
C1 MPD CA . -29.00 4.90 30.43
C2 MPD CA . -30.43 5.25 30.78
O2 MPD CA . -30.74 4.56 32.02
CM MPD CA . -30.58 6.72 30.97
C3 MPD CA . -31.45 4.81 29.70
C4 MPD CA . -31.32 3.41 29.13
O4 MPD CA . -31.33 2.30 30.01
C5 MPD CA . -32.40 3.17 28.08
C1 MPD DA . -28.22 33.41 34.10
C2 MPD DA . -29.15 34.07 35.09
O2 MPD DA . -28.60 35.38 35.29
CM MPD DA . -30.55 34.16 34.54
C3 MPD DA . -29.19 33.32 36.46
C4 MPD DA . -29.49 34.12 37.75
O4 MPD DA . -30.68 34.89 37.84
C5 MPD DA . -29.49 33.18 38.97
C1 MPD EA . -43.76 22.84 56.19
C2 MPD EA . -43.03 22.40 54.94
O2 MPD EA . -43.70 23.02 53.84
CM MPD EA . -41.61 22.83 54.98
C3 MPD EA . -43.06 20.86 54.71
C4 MPD EA . -44.43 20.17 54.73
O4 MPD EA . -45.44 20.62 53.85
C5 MPD EA . -44.27 18.66 54.49
S SO4 FA . -14.75 -29.04 65.92
O1 SO4 FA . -15.99 -29.84 66.03
O2 SO4 FA . -13.88 -29.61 64.87
O3 SO4 FA . -15.11 -27.64 65.56
O4 SO4 FA . -14.04 -29.04 67.21
S SO4 GA . -43.50 -20.80 46.40
O1 SO4 GA . -44.72 -20.20 45.81
O2 SO4 GA . -42.31 -20.12 45.87
O3 SO4 GA . -43.53 -20.63 47.86
O4 SO4 GA . -43.45 -22.24 46.07
S SO4 HA . -30.75 -16.03 33.41
O1 SO4 HA . -32.06 -15.67 32.83
O2 SO4 HA . -29.66 -15.49 32.57
O3 SO4 HA . -30.63 -15.46 34.76
O4 SO4 HA . -30.64 -17.51 33.48
S SO4 IA . -25.05 -23.22 37.64
O1 SO4 IA . -26.21 -24.04 37.27
O2 SO4 IA . -25.34 -21.79 37.38
O3 SO4 IA . -24.77 -23.40 39.09
O4 SO4 IA . -23.87 -23.63 36.86
K K JA . -5.19 -23.98 46.97
C1 MPD KA . -9.43 -24.17 35.87
C2 MPD KA . -9.05 -25.36 35.01
O2 MPD KA . -7.68 -25.66 35.30
CM MPD KA . -9.91 -26.55 35.31
C3 MPD KA . -9.13 -25.01 33.51
C4 MPD KA . -8.60 -26.02 32.51
O4 MPD KA . -9.16 -27.34 32.52
C5 MPD KA . -8.75 -25.49 31.09
S SO4 LA . 2.14 -40.46 26.27
O1 SO4 LA . 1.13 -39.52 25.76
O2 SO4 LA . 3.20 -39.70 26.97
O3 SO4 LA . 1.49 -41.38 27.23
O4 SO4 LA . 2.71 -41.24 25.17
S SO4 MA . 36.23 -47.80 42.83
O1 SO4 MA . 35.37 -46.79 43.49
O2 SO4 MA . 36.59 -47.35 41.47
O3 SO4 MA . 37.46 -47.98 43.63
O4 SO4 MA . 35.49 -49.07 42.78
S SO4 NA . 24.50 -50.61 47.49
O1 SO4 NA . 23.07 -50.68 47.86
O2 SO4 NA . 24.91 -49.20 47.32
O3 SO4 NA . 25.30 -51.25 48.56
O4 SO4 NA . 24.73 -51.33 46.23
S SO4 OA . 15.31 -32.41 46.20
O1 SO4 OA . 14.82 -31.10 46.67
O2 SO4 OA . 16.57 -32.23 45.45
O3 SO4 OA . 15.53 -33.30 47.34
O4 SO4 OA . 14.29 -33.00 45.30
S SO4 PA . 11.92 -42.83 24.35
O1 SO4 PA . 12.40 -42.22 23.10
O2 SO4 PA . 12.54 -42.15 25.51
O3 SO4 PA . 10.46 -42.70 24.44
O4 SO4 PA . 12.28 -44.26 24.36
K K QA . 31.43 -32.70 27.53
C1 MPD RA . 45.56 -8.34 67.83
C2 MPD RA . 44.27 -8.37 67.05
O2 MPD RA . 44.14 -9.71 66.54
CM MPD RA . 43.11 -8.03 67.91
C3 MPD RA . 44.30 -7.40 65.83
C4 MPD RA . 43.50 -7.80 64.58
O4 MPD RA . 42.11 -8.07 64.72
C5 MPD RA . 43.65 -6.74 63.50
S SO4 SA . 41.06 -47.38 6.80
O1 SO4 SA . 39.84 -48.19 7.00
O2 SO4 SA . 40.88 -46.07 7.47
O3 SO4 SA . 42.21 -48.08 7.39
O4 SO4 SA . 41.27 -47.17 5.35
S SO4 TA . 42.35 -28.11 -4.12
O1 SO4 TA . 41.10 -28.57 -3.47
O2 SO4 TA . 42.39 -26.63 -4.13
O3 SO4 TA . 43.50 -28.64 -3.36
O4 SO4 TA . 42.38 -28.61 -5.51
K K UA . 52.59 -9.13 0.54
C1 MPD VA . 78.22 -9.38 30.36
C2 MPD VA . 77.73 -7.96 30.45
O2 MPD VA . 78.07 -7.35 29.18
CM MPD VA . 76.25 -7.91 30.65
C3 MPD VA . 78.41 -7.15 31.58
C4 MPD VA . 78.59 -5.65 31.35
O4 MPD VA . 77.44 -4.87 31.07
C5 MPD VA . 79.29 -5.01 32.54
C1 MPD WA . 69.96 -21.44 6.30
C2 MPD WA . 70.56 -21.37 4.91
O2 MPD WA . 71.79 -20.64 5.06
CM MPD WA . 70.84 -22.73 4.38
C3 MPD WA . 69.66 -20.59 3.91
C4 MPD WA . 70.34 -19.99 2.67
O4 MPD WA . 71.10 -20.83 1.80
C5 MPD WA . 69.33 -19.26 1.78
C1 MPD XA . 22.35 -33.25 18.56
C2 MPD XA . 23.34 -33.07 17.42
O2 MPD XA . 24.36 -32.21 17.93
CM MPD XA . 23.97 -34.37 17.00
C3 MPD XA . 22.76 -32.36 16.17
C4 MPD XA . 21.61 -33.05 15.42
O4 MPD XA . 20.43 -33.39 16.13
C5 MPD XA . 21.19 -32.20 14.24
C1 MPD YA . 76.98 -14.68 26.33
C2 MPD YA . 77.66 -15.65 25.38
O2 MPD YA . 78.56 -16.42 26.21
CM MPD YA . 76.66 -16.55 24.71
C3 MPD YA . 78.55 -14.92 24.31
C4 MPD YA . 79.43 -15.76 23.37
O4 MPD YA . 78.82 -16.76 22.55
C5 MPD YA . 80.23 -14.86 22.43
C1 MPD ZA . 41.40 -13.40 -6.14
C2 MPD ZA . 42.09 -12.60 -7.24
O2 MPD ZA . 42.86 -11.61 -6.55
CM MPD ZA . 42.99 -13.43 -8.06
C3 MPD ZA . 41.09 -11.82 -8.13
C4 MPD ZA . 40.41 -12.58 -9.28
O4 MPD ZA . 39.70 -13.77 -8.99
C5 MPD ZA . 39.48 -11.67 -10.05
C1 PEG AB . 35.99 -36.35 -4.37
O1 PEG AB . 35.94 -36.03 -5.77
C2 PEG AB . 35.91 -35.06 -3.56
O2 PEG AB . 35.25 -35.01 -2.25
C3 PEG AB . 35.17 -33.77 -1.47
C4 PEG AB . 34.82 -34.21 -0.06
O4 PEG AB . 34.67 -33.23 0.95
S SO4 BB . 73.01 38.20 6.64
O1 SO4 BB . 73.32 39.60 6.94
O2 SO4 BB . 73.73 37.78 5.42
O3 SO4 BB . 73.42 37.33 7.78
O4 SO4 BB . 71.56 38.06 6.41
S SO4 CB . 42.71 8.67 -26.91
O1 SO4 CB . 42.07 9.97 -26.62
O2 SO4 CB . 42.49 8.31 -28.33
O3 SO4 CB . 44.15 8.76 -26.65
O4 SO4 CB . 42.12 7.62 -26.06
K K DB . 42.69 27.70 -15.98
C1 MPD EB . 65.01 30.63 -22.50
C2 MPD EB . 63.64 31.27 -22.43
O2 MPD EB . 62.72 30.24 -21.99
CM MPD EB . 63.61 32.39 -21.45
C3 MPD EB . 63.18 31.80 -23.80
C4 MPD EB . 61.67 31.85 -24.08
O4 MPD EB . 60.83 32.57 -23.19
C5 MPD EB . 61.40 32.40 -25.49
C1 MPD FB . 31.76 20.03 -20.39
C2 MPD FB . 32.92 20.39 -21.30
O2 MPD FB . 33.03 21.83 -21.28
CM MPD FB . 34.19 19.77 -20.80
C3 MPD FB . 32.74 19.98 -22.79
C4 MPD FB . 31.36 19.54 -23.26
O4 MPD FB . 30.26 20.42 -23.10
C5 MPD FB . 31.40 19.16 -24.74
C1 MPD GB . 35.61 1.00 -17.53
C2 MPD GB . 34.98 -0.31 -17.10
O2 MPD GB . 33.59 -0.02 -16.85
CM MPD GB . 35.10 -1.36 -18.14
C3 MPD GB . 35.61 -0.85 -15.79
C4 MPD GB . 34.66 -1.34 -14.73
O4 MPD GB . 33.73 -2.35 -15.07
C5 MPD GB . 35.45 -1.83 -13.52
S SO4 HB . 36.25 74.33 7.84
O1 SO4 HB . 35.72 74.63 6.49
O2 SO4 HB . 36.53 72.89 7.95
O3 SO4 HB . 37.50 75.08 8.05
O4 SO4 HB . 35.26 74.73 8.86
S SO4 IB . 49.09 56.87 27.50
O1 SO4 IB . 48.60 58.12 26.90
O2 SO4 IB . 50.27 56.40 26.75
O3 SO4 IB . 49.44 57.08 28.91
O4 SO4 IB . 48.02 55.84 27.43
S SO4 JB . 12.69 40.74 -27.38
O1 SO4 JB . 11.40 40.52 -26.72
O2 SO4 JB . 12.48 40.96 -28.83
O3 SO4 JB . 13.35 41.93 -26.80
O4 SO4 JB . 13.55 39.55 -27.19
K K KB . 9.17 51.92 -8.03
C1 MPD LB . 19.03 70.54 -15.64
C2 MPD LB . 18.97 69.17 -16.30
O2 MPD LB . 19.16 69.41 -17.70
CM MPD LB . 20.03 68.28 -15.80
C3 MPD LB . 17.62 68.45 -16.12
C4 MPD LB . 16.37 69.27 -16.47
O4 MPD LB . 16.28 69.87 -17.75
C5 MPD LB . 15.10 68.44 -16.25
C1 MPD MB . -0.13 39.47 -14.22
C2 MPD MB . 0.99 40.10 -15.04
O2 MPD MB . 2.18 39.32 -14.81
CM MPD MB . 0.65 40.11 -16.49
C3 MPD MB . 1.27 41.57 -14.61
C4 MPD MB . 2.43 41.84 -13.65
O4 MPD MB . 3.74 41.43 -14.01
C5 MPD MB . 2.52 43.33 -13.35
S SO4 NB . 20.22 -51.90 -60.84
O1 SO4 NB . 19.80 -51.34 -62.14
O2 SO4 NB . 19.05 -52.39 -60.09
O3 SO4 NB . 21.17 -53.01 -61.07
O4 SO4 NB . 20.90 -50.85 -60.04
S SO4 OB . 41.93 -45.93 -39.26
O1 SO4 OB . 42.10 -47.09 -40.17
O2 SO4 OB . 43.03 -44.97 -39.50
O3 SO4 OB . 40.64 -45.27 -39.55
O4 SO4 OB . 41.95 -46.39 -37.86
S SO4 PB . 40.70 -20.79 -21.90
O1 SO4 PB . 40.65 -19.71 -20.90
O2 SO4 PB . 42.10 -21.03 -22.30
O3 SO4 PB . 40.15 -22.03 -21.32
O4 SO4 PB . 39.92 -20.42 -23.09
K K QB . 27.52 -39.00 -24.08
C1 MPD RB . 30.65 -30.20 -15.70
C2 MPD RB . 29.23 -30.22 -15.16
O2 MPD RB . 28.60 -29.04 -15.68
CM MPD RB . 28.51 -31.45 -15.60
C3 MPD RB . 29.13 -30.14 -13.61
C4 MPD RB . 30.07 -29.18 -12.92
O4 MPD RB . 30.06 -27.81 -13.31
C5 MPD RB . 29.83 -29.21 -11.41
C1 MPD SB . 33.46 -34.48 -82.25
C2 MPD SB . 34.09 -35.29 -83.37
O2 MPD SB . 33.21 -35.14 -84.51
CM MPD SB . 35.44 -34.79 -83.70
C3 MPD SB . 34.21 -36.81 -83.06
C4 MPD SB . 32.93 -37.58 -82.67
O4 MPD SB . 31.82 -37.58 -83.55
C5 MPD SB . 33.26 -39.04 -82.40
S SO4 TB . 7.93 -73.04 0.23
O1 SO4 TB . 7.79 -72.18 -0.98
O2 SO4 TB . 7.54 -72.27 1.43
O3 SO4 TB . 7.05 -74.21 0.08
O4 SO4 TB . 9.32 -73.50 0.35
S SO4 UB . 20.39 -46.19 7.77
O1 SO4 UB . 19.70 -47.34 7.17
O2 SO4 UB . 19.67 -45.78 8.99
O3 SO4 UB . 21.78 -46.57 8.12
O4 SO4 UB . 20.41 -45.07 6.81
K K VB . -0.59 -53.40 2.51
C1 MPD WB . 17.55 -51.45 -16.73
C2 MPD WB . 16.58 -52.52 -16.29
O2 MPD WB . 16.14 -52.11 -14.98
CM MPD WB . 15.43 -52.62 -17.24
C3 MPD WB . 17.25 -53.93 -16.17
C4 MPD WB . 16.60 -54.99 -15.25
O4 MPD WB . 15.24 -55.36 -15.45
C5 MPD WB . 17.41 -56.27 -15.27
C1 MPD XB . -5.80 -80.64 -28.36
C2 MPD XB . -4.88 -79.96 -27.35
O2 MPD XB . -5.06 -80.65 -26.09
CM MPD XB . -3.45 -80.05 -27.76
C3 MPD XB . -5.22 -78.46 -27.11
C4 MPD XB . -6.61 -78.13 -26.56
O4 MPD XB . -7.04 -78.71 -25.35
C5 MPD XB . -6.75 -76.63 -26.39
C1 MPD YB . 3.39 -42.07 8.69
C2 MPD YB . 4.35 -42.88 9.50
O2 MPD YB . 3.59 -44.01 9.97
CM MPD YB . 5.49 -43.35 8.66
C3 MPD YB . 4.90 -42.18 10.77
C4 MPD YB . 5.54 -40.81 10.59
O4 MPD YB . 4.78 -39.77 9.99
C5 MPD YB . 6.04 -40.27 11.93
S SO4 ZB . -7.67 -39.79 26.13
O1 SO4 ZB . -8.37 -39.74 24.84
O2 SO4 ZB . -6.22 -39.90 25.90
O3 SO4 ZB . -7.96 -38.56 26.90
O4 SO4 ZB . -8.13 -40.95 26.91
S SO4 AC . -42.47 -54.85 23.86
O1 SO4 AC . -41.00 -54.78 23.92
O2 SO4 AC . -42.91 -54.71 22.46
O3 SO4 AC . -42.93 -56.14 24.40
O4 SO4 AC . -43.04 -53.74 24.67
S SO4 BC . -31.53 -17.38 -2.99
O1 SO4 BC . -31.02 -16.08 -2.53
O2 SO4 BC . -32.46 -17.15 -4.12
O3 SO4 BC . -30.41 -18.22 -3.44
O4 SO4 BC . -32.24 -18.06 -1.90
S SO4 CC . -17.66 -38.13 28.15
O1 SO4 CC . -16.36 -38.27 27.47
O2 SO4 CC . -18.11 -39.44 28.66
O3 SO4 CC . -17.53 -37.18 29.27
O4 SO4 CC . -18.66 -37.61 27.19
K K DC . -36.00 -35.68 16.21
C1 MPD EC . -27.90 -28.05 20.25
C2 MPD EC . -27.58 -27.21 21.45
O2 MPD EC . -28.41 -26.04 21.35
CM MPD EC . -27.90 -27.93 22.73
C3 MPD EC . -26.11 -26.75 21.50
C4 MPD EC . -25.83 -25.40 22.15
O4 MPD EC . -26.29 -25.17 23.47
C5 MPD EC . -24.34 -25.09 22.12
S SO4 FC . -37.53 -10.41 28.35
O1 SO4 FC . -38.70 -10.64 29.22
O2 SO4 FC . -37.92 -10.46 26.93
O3 SO4 FC . -36.93 -9.10 28.67
O4 SO4 FC . -36.51 -11.46 28.60
S SO4 GC . -43.71 -2.96 25.21
O1 SO4 GC . -44.83 -3.93 25.30
O2 SO4 GC . -42.44 -3.69 25.19
O3 SO4 GC . -43.85 -2.17 23.97
O4 SO4 GC . -43.74 -2.04 26.37
K K HC . -53.11 1.13 5.29
C1 MPD IC . -42.78 3.81 10.89
C2 MPD IC . -42.34 5.10 11.51
O2 MPD IC . -42.33 6.08 10.45
CM MPD IC . -43.28 5.54 12.58
C3 MPD IC . -40.89 4.99 12.10
C4 MPD IC . -40.05 6.26 12.21
O4 MPD IC . -40.58 7.36 12.96
C5 MPD IC . -38.69 5.95 12.80
C1 MPD JC . -53.32 18.45 18.82
C2 MPD JC . -52.27 17.42 18.46
O2 MPD JC . -53.00 16.32 17.87
CM MPD JC . -51.28 17.97 17.48
C3 MPD JC . -51.50 16.88 19.70
C4 MPD JC . -51.10 15.41 19.69
O4 MPD JC . -50.32 14.92 18.60
C5 MPD JC . -50.36 15.05 20.97
S SO4 KC . -58.12 38.98 -22.89
O1 SO4 KC . -59.12 40.06 -22.76
O2 SO4 KC . -58.65 37.76 -22.25
O3 SO4 KC . -57.86 38.72 -24.32
O4 SO4 KC . -56.87 39.39 -22.22
S SO4 LC . -50.57 43.13 -26.33
O1 SO4 LC . -50.53 43.90 -27.59
O2 SO4 LC . -51.84 43.42 -25.63
O3 SO4 LC . -50.50 41.69 -26.64
O4 SO4 LC . -49.42 43.53 -25.50
K K MC . -38.37 30.44 -21.51
C1 MPD NC . -30.15 30.06 -12.07
C2 MPD NC . -29.10 30.76 -12.91
O2 MPD NC . -27.95 29.92 -12.87
CM MPD NC . -29.56 30.93 -14.32
C3 MPD NC . -28.67 32.15 -12.40
C4 MPD NC . -27.74 32.18 -11.18
O4 MPD NC . -26.51 31.46 -11.22
C5 MPD NC . -27.42 33.63 -10.82
S SO4 OC . -10.99 43.43 -58.24
O1 SO4 OC . -9.79 44.25 -58.01
O2 SO4 OC . -12.17 44.04 -57.57
O3 SO4 OC . -11.27 43.35 -59.69
O4 SO4 OC . -10.77 42.07 -57.71
S SO4 PC . -24.72 43.14 -13.10
O1 SO4 PC . -23.51 43.75 -13.68
O2 SO4 PC . -25.78 44.17 -12.98
O3 SO4 PC . -25.18 42.05 -13.97
O4 SO4 PC . -24.41 42.60 -11.76
S SO4 QC . -13.05 42.16 -19.99
O1 SO4 QC . -13.76 42.68 -18.82
O2 SO4 QC . -13.71 42.63 -21.22
O3 SO4 QC . -11.65 42.64 -19.98
O4 SO4 QC . -13.07 40.68 -19.94
K K RC . -2.41 28.60 -45.48
C1 MPD SC . 0.46 29.11 -33.86
C2 MPD SC . 1.75 29.47 -33.19
O2 MPD SC . 2.61 28.33 -33.36
CM MPD SC . 2.38 30.66 -33.80
C3 MPD SC . 1.55 29.71 -31.67
C4 MPD SC . 2.74 29.42 -30.75
O4 MPD SC . 3.96 30.07 -31.02
C5 MPD SC . 2.39 29.71 -29.30
S SO4 TC . 9.80 -6.92 -81.27
O1 SO4 TC . 8.80 -6.65 -82.33
O2 SO4 TC . 10.12 -8.35 -81.23
O3 SO4 TC . 11.05 -6.16 -81.56
O4 SO4 TC . 9.25 -6.49 -79.97
S SO4 UC . 29.17 18.14 -37.45
O1 SO4 UC . 28.23 18.38 -36.34
O2 SO4 UC . 28.54 18.50 -38.73
O3 SO4 UC . 30.38 18.95 -37.24
O4 SO4 UC . 29.53 16.70 -37.46
K K VC . 26.31 -1.77 -46.33
C1 MPD WC . 22.35 25.47 -35.60
C2 MPD WC . 22.53 25.14 -34.14
O2 MPD WC . 22.55 26.41 -33.45
CM MPD WC . 21.42 24.30 -33.65
C3 MPD WC . 23.87 24.39 -33.79
C4 MPD WC . 25.19 25.11 -34.07
O4 MPD WC . 25.43 26.40 -33.50
C5 MPD WC . 26.37 24.22 -33.67
C1 MPD XC . 27.78 1.15 -35.75
C2 MPD XC . 28.40 2.04 -34.71
O2 MPD XC . 28.96 1.15 -33.73
CM MPD XC . 29.48 2.90 -35.27
C3 MPD XC . 27.38 2.97 -34.01
C4 MPD XC . 27.50 3.10 -32.50
O4 MPD XC . 28.75 3.50 -31.95
C5 MPD XC . 26.43 4.05 -31.96
C1 MPD YC . 17.36 5.47 -30.07
C2 MPD YC . 18.32 5.80 -28.95
O2 MPD YC . 19.44 4.90 -29.07
CM MPD YC . 18.79 7.22 -29.05
C3 MPD YC . 17.69 5.61 -27.54
C4 MPD YC . 17.39 4.18 -27.06
O4 MPD YC . 18.45 3.24 -27.02
C5 MPD YC . 16.77 4.21 -25.67
#